data_2C37
#
_entry.id   2C37
#
_cell.length_a   207.020
_cell.length_b   212.940
_cell.length_c   433.090
_cell.angle_alpha   90.00
_cell.angle_beta   90.00
_cell.angle_gamma   90.00
#
_symmetry.space_group_name_H-M   'C 2 2 21'
#
loop_
_entity.id
_entity.type
_entity.pdbx_description
1 polymer 'PROBABLE EXOSOME COMPLEX EXONUCLEASE 2'
2 polymer 'PROBABLE EXOSOME COMPLEX EXONUCLEASE 1'
3 non-polymer "URIDINE-5'-MONOPHOSPHATE"
4 non-polymer 'CHLORIDE ION'
5 non-polymer 5-O-phosphono-beta-D-ribofuranose
6 non-polymer 'SODIUM ION'
#
loop_
_entity_poly.entity_id
_entity_poly.type
_entity_poly.pdbx_seq_one_letter_code
_entity_poly.pdbx_strand_id
1 'polypeptide(L)'
;MSSTPSNQNIIPIIKKESIVSLFEKGIRQDGRKLTDYRPLSITLDYAKKADGSALVKLGTTMVLAGTKLEIDKPYEDTPN
QGNLIVNVELLPLAYETFEPGPPDENAIELARVVDRSLRDSKALDLTKLVIEPGKSVWTVWLDVYVLDYGGNVLDACTLA
SVAALYNTKVYKVEQHSNGISVNKNEVVGKLPLNYPVVTISVAKVDKYLVVDPDLDEESIMDAKISFSYTPDLKIVGIQK
SGKGSMSLQDIDQAENTARSTAVKLLEELKKHLGI
;
A,C,E,G,I,K,M,O,Q,S,U,W
2 'polypeptide(L)'
;MREMLQVERPKLILDDGKRTDGRKPDELRSIKIELGVLKNADGSAIFEMGNTKAIAAVYGPKEMHPRHLSLPDRAVLRVR
YHMTPFSTDERKNPAPSRREIELSKVIREALESAVLVELFPRTAIDVFTEILQADAGSRLVSLMAASLALADAGIPMRDL
IAGVAVGKADGVIILDLNETEDMWGEADMPIAMMPSLNQVTLFQLNGSMTPDEFRQAFDLAVKGINIIYNLEREALKSKY
VEFKEEGV
;
B,D,F,H,J,L,N,P,R,T,V,X
#
# COMPACT_ATOMS: atom_id res chain seq x y z
N MET A 1 -28.54 -6.30 29.08
CA MET A 1 -27.65 -7.05 28.14
C MET A 1 -26.36 -7.56 28.78
N SER A 2 -26.11 -8.86 28.65
CA SER A 2 -24.88 -9.48 29.11
C SER A 2 -24.09 -10.00 27.90
N SER A 3 -22.84 -9.54 27.77
CA SER A 3 -22.00 -9.93 26.65
C SER A 3 -20.63 -10.45 27.05
N THR A 4 -20.05 -11.30 26.20
CA THR A 4 -18.70 -11.86 26.40
C THR A 4 -17.70 -10.72 26.55
N PRO A 5 -16.97 -10.69 27.68
CA PRO A 5 -15.99 -9.63 27.92
C PRO A 5 -14.89 -9.59 26.86
N SER A 6 -14.74 -8.43 26.22
CA SER A 6 -13.78 -8.22 25.13
C SER A 6 -12.38 -7.88 25.63
N ASN A 7 -12.30 -7.48 26.90
CA ASN A 7 -11.02 -7.21 27.54
C ASN A 7 -10.32 -8.50 27.95
N GLN A 8 -11.11 -9.59 28.00
CA GLN A 8 -10.71 -10.90 28.53
C GLN A 8 -9.28 -11.29 28.16
N ASN A 9 -8.46 -11.51 29.17
CA ASN A 9 -7.05 -11.80 28.96
C ASN A 9 -6.82 -13.25 28.47
N ILE A 10 -6.57 -13.37 27.16
CA ILE A 10 -6.33 -14.66 26.49
C ILE A 10 -4.88 -15.09 26.67
N ILE A 11 -4.71 -16.23 27.35
CA ILE A 11 -3.41 -16.69 27.85
C ILE A 11 -2.87 -17.87 27.00
N PRO A 12 -1.71 -17.66 26.34
CA PRO A 12 -1.22 -18.53 25.27
C PRO A 12 -1.18 -20.01 25.64
N ILE A 13 -1.40 -20.85 24.62
CA ILE A 13 -1.47 -22.29 24.79
C ILE A 13 -0.21 -22.82 25.47
N ILE A 14 0.94 -22.25 25.07
CA ILE A 14 2.26 -22.66 25.58
C ILE A 14 2.34 -22.51 27.10
N LYS A 15 1.86 -21.39 27.63
CA LYS A 15 1.85 -21.16 29.06
C LYS A 15 0.85 -22.07 29.76
N LYS A 16 -0.29 -22.32 29.12
CA LYS A 16 -1.29 -23.21 29.69
C LYS A 16 -0.72 -24.60 29.89
N GLU A 17 -0.06 -25.10 28.85
CA GLU A 17 0.53 -26.45 28.88
C GLU A 17 1.56 -26.55 29.98
N SER A 18 2.29 -25.46 30.21
CA SER A 18 3.25 -25.36 31.29
C SER A 18 2.61 -25.68 32.61
N ILE A 19 1.48 -25.04 32.85
CA ILE A 19 0.78 -25.19 34.09
C ILE A 19 0.16 -26.56 34.21
N VAL A 20 -0.43 -27.06 33.12
CA VAL A 20 -1.01 -28.40 33.12
C VAL A 20 0.07 -29.43 33.46
N SER A 21 1.22 -29.31 32.80
CA SER A 21 2.36 -30.19 33.03
C SER A 21 2.74 -30.33 34.50
N LEU A 22 2.51 -29.26 35.25
CA LEU A 22 2.78 -29.23 36.69
C LEU A 22 1.70 -29.96 37.46
N PHE A 23 0.45 -29.76 37.07
CA PHE A 23 -0.71 -30.41 37.67
C PHE A 23 -0.59 -31.91 37.55
N GLU A 24 -0.03 -32.37 36.45
CA GLU A 24 0.21 -33.78 36.19
C GLU A 24 1.15 -34.39 37.22
N LYS A 25 2.01 -33.55 37.78
CA LYS A 25 2.88 -33.96 38.87
C LYS A 25 2.27 -33.58 40.21
N GLY A 26 1.06 -33.02 40.19
CA GLY A 26 0.33 -32.69 41.42
C GLY A 26 0.87 -31.49 42.18
N ILE A 27 1.28 -30.47 41.44
CA ILE A 27 1.86 -29.28 42.04
C ILE A 27 1.56 -28.08 41.16
N ARG A 28 1.62 -26.89 41.76
CA ARG A 28 1.29 -25.66 41.06
C ARG A 28 2.49 -24.74 40.99
N GLN A 29 2.34 -23.64 40.26
CA GLN A 29 3.39 -22.64 40.08
C GLN A 29 3.92 -22.15 41.43
N ASP A 30 3.01 -21.79 42.33
CA ASP A 30 3.38 -21.28 43.66
C ASP A 30 3.86 -22.39 44.60
N GLY A 31 3.71 -23.64 44.16
CA GLY A 31 4.26 -24.79 44.86
C GLY A 31 3.30 -25.52 45.76
N ARG A 32 2.04 -25.11 45.78
CA ARG A 32 1.06 -25.79 46.60
C ARG A 32 0.44 -26.96 45.86
N LYS A 33 -0.25 -27.82 46.61
CA LYS A 33 -0.92 -28.99 46.05
C LYS A 33 -2.25 -28.57 45.41
N LEU A 34 -2.85 -29.51 44.70
CA LEU A 34 -4.08 -29.22 43.98
C LEU A 34 -5.22 -28.89 44.92
N THR A 35 -5.10 -29.32 46.17
CA THR A 35 -6.19 -29.11 47.15
C THR A 35 -5.87 -28.06 48.21
N ASP A 36 -4.73 -27.37 48.08
CA ASP A 36 -4.31 -26.38 49.06
C ASP A 36 -4.92 -25.01 48.84
N TYR A 37 -5.17 -24.31 49.94
CA TYR A 37 -5.50 -22.89 49.90
C TYR A 37 -4.25 -22.03 49.89
N ARG A 38 -4.39 -20.80 49.42
CA ARG A 38 -3.32 -19.81 49.53
C ARG A 38 -3.21 -19.32 50.98
N PRO A 39 -2.08 -18.67 51.34
CA PRO A 39 -1.92 -18.13 52.69
C PRO A 39 -3.01 -17.12 52.99
N LEU A 40 -3.55 -17.19 54.21
CA LEU A 40 -4.66 -16.32 54.62
C LEU A 40 -4.32 -15.35 55.77
N SER A 41 -4.49 -14.06 55.51
CA SER A 41 -4.40 -13.01 56.51
C SER A 41 -5.76 -12.43 56.71
N ILE A 42 -6.11 -12.18 57.98
CA ILE A 42 -7.28 -11.40 58.29
C ILE A 42 -6.93 -10.35 59.35
N THR A 43 -7.19 -9.10 59.01
CA THR A 43 -7.06 -7.97 59.91
C THR A 43 -8.44 -7.39 60.21
N LEU A 44 -8.82 -7.47 61.49
CA LEU A 44 -10.11 -6.99 61.93
C LEU A 44 -10.07 -5.51 62.27
N ASP A 45 -11.21 -4.86 62.14
CA ASP A 45 -11.37 -3.44 62.48
C ASP A 45 -10.36 -2.56 61.72
N TYR A 46 -10.13 -2.92 60.45
CA TYR A 46 -9.21 -2.17 59.60
C TYR A 46 -9.77 -0.77 59.26
N ALA A 47 -11.08 -0.71 58.99
CA ALA A 47 -11.76 0.53 58.67
C ALA A 47 -12.44 1.06 59.90
N LYS A 48 -11.81 2.05 60.54
CA LYS A 48 -12.18 2.46 61.91
C LYS A 48 -13.58 3.04 62.02
N LYS A 49 -14.00 3.80 61.02
CA LYS A 49 -15.34 4.41 61.05
C LYS A 49 -16.46 3.46 60.63
N ALA A 50 -16.12 2.19 60.40
CA ALA A 50 -17.10 1.16 60.15
C ALA A 50 -17.54 0.56 61.47
N ASP A 51 -18.76 0.04 61.52
CA ASP A 51 -19.28 -0.63 62.70
C ASP A 51 -18.54 -1.94 62.98
N GLY A 52 -18.12 -2.60 61.90
CA GLY A 52 -17.27 -3.78 61.94
C GLY A 52 -16.64 -3.89 60.58
N SER A 53 -15.41 -4.38 60.52
CA SER A 53 -14.68 -4.47 59.26
C SER A 53 -13.56 -5.51 59.31
N ALA A 54 -13.11 -5.92 58.12
CA ALA A 54 -12.08 -6.94 57.96
C ALA A 54 -11.31 -6.75 56.66
N LEU A 55 -9.99 -6.82 56.75
CA LEU A 55 -9.12 -6.85 55.58
C LEU A 55 -8.61 -8.26 55.38
N VAL A 56 -8.95 -8.86 54.25
CA VAL A 56 -8.59 -10.24 53.94
C VAL A 56 -7.55 -10.29 52.83
N LYS A 57 -6.41 -10.94 53.11
CA LYS A 57 -5.44 -11.21 52.08
C LYS A 57 -5.43 -12.72 51.88
N LEU A 58 -5.82 -13.14 50.69
CA LEU A 58 -5.78 -14.53 50.27
C LEU A 58 -4.92 -14.60 49.04
N GLY A 59 -3.68 -15.04 49.21
CA GLY A 59 -2.69 -14.95 48.15
C GLY A 59 -2.52 -13.46 47.88
N THR A 60 -2.60 -13.11 46.61
CA THR A 60 -2.50 -11.70 46.19
C THR A 60 -3.86 -10.98 46.13
N THR A 61 -4.95 -11.69 46.41
CA THR A 61 -6.26 -11.08 46.44
C THR A 61 -6.48 -10.33 47.76
N MET A 62 -6.90 -9.07 47.68
CA MET A 62 -7.29 -8.29 48.86
C MET A 62 -8.72 -7.84 48.79
N VAL A 63 -9.43 -8.04 49.89
CA VAL A 63 -10.80 -7.58 50.02
C VAL A 63 -10.99 -6.94 51.38
N LEU A 64 -11.54 -5.74 51.37
CA LEU A 64 -11.95 -5.04 52.57
C LEU A 64 -13.46 -4.97 52.64
N ALA A 65 -14.03 -5.67 53.62
CA ALA A 65 -15.47 -5.58 53.91
C ALA A 65 -15.74 -4.66 55.10
N GLY A 66 -16.84 -3.93 55.05
CA GLY A 66 -17.20 -3.08 56.15
C GLY A 66 -18.69 -3.05 56.34
N THR A 67 -19.13 -3.01 57.59
CA THR A 67 -20.56 -2.94 57.93
C THR A 67 -20.95 -1.59 58.45
N LYS A 68 -22.21 -1.27 58.27
CA LYS A 68 -22.79 -0.04 58.75
C LYS A 68 -24.22 -0.39 59.12
N LEU A 69 -24.61 0.02 60.34
CA LEU A 69 -25.92 -0.34 60.85
C LEU A 69 -26.78 0.89 60.95
N GLU A 70 -28.02 0.77 60.47
CA GLU A 70 -28.99 1.87 60.53
C GLU A 70 -30.39 1.38 60.88
N ILE A 71 -31.17 2.25 61.50
CA ILE A 71 -32.53 1.92 61.87
C ILE A 71 -33.49 2.25 60.75
N ASP A 72 -34.28 1.27 60.34
CA ASP A 72 -35.24 1.42 59.26
C ASP A 72 -36.60 0.86 59.65
N LYS A 73 -37.65 1.37 59.02
CA LYS A 73 -38.95 0.69 59.05
C LYS A 73 -38.77 -0.61 58.26
N PRO A 74 -39.28 -1.75 58.78
CA PRO A 74 -39.15 -3.02 58.05
C PRO A 74 -39.98 -3.02 56.77
N TYR A 75 -39.71 -3.91 55.83
CA TYR A 75 -40.57 -4.05 54.66
C TYR A 75 -41.94 -4.57 55.11
N GLU A 76 -43.01 -4.07 54.49
CA GLU A 76 -44.38 -4.51 54.81
C GLU A 76 -44.58 -6.03 54.66
N ASP A 77 -43.90 -6.65 53.69
CA ASP A 77 -43.95 -8.12 53.48
C ASP A 77 -43.08 -8.95 54.44
N THR A 78 -41.91 -8.42 54.82
CA THR A 78 -41.06 -9.03 55.85
C THR A 78 -41.14 -8.23 57.17
N PRO A 79 -42.28 -8.32 57.89
CA PRO A 79 -42.55 -7.42 59.02
C PRO A 79 -41.74 -7.69 60.30
N ASN A 80 -41.23 -8.91 60.42
CA ASN A 80 -40.47 -9.31 61.61
C ASN A 80 -39.06 -9.75 61.27
N GLN A 81 -38.40 -8.93 60.45
CA GLN A 81 -37.03 -9.18 60.03
C GLN A 81 -36.29 -7.88 59.86
N GLY A 82 -35.04 -7.87 60.32
CA GLY A 82 -34.12 -6.81 59.97
C GLY A 82 -33.72 -7.00 58.53
N ASN A 83 -32.83 -6.14 58.03
CA ASN A 83 -32.45 -6.18 56.64
C ASN A 83 -30.97 -6.43 56.49
N LEU A 84 -30.61 -7.23 55.49
CA LEU A 84 -29.23 -7.36 55.07
C LEU A 84 -29.10 -6.88 53.65
N ILE A 85 -28.19 -5.93 53.42
CA ILE A 85 -27.90 -5.48 52.07
C ILE A 85 -26.41 -5.65 51.77
N VAL A 86 -26.11 -6.52 50.82
CA VAL A 86 -24.74 -6.83 50.47
C VAL A 86 -24.41 -6.12 49.18
N ASN A 87 -23.20 -5.56 49.14
CA ASN A 87 -22.77 -4.83 47.97
C ASN A 87 -21.27 -5.02 47.73
N VAL A 88 -20.93 -5.32 46.49
CA VAL A 88 -19.53 -5.61 46.13
C VAL A 88 -19.03 -4.65 45.06
N GLU A 89 -17.79 -4.19 45.23
CA GLU A 89 -17.17 -3.34 44.24
C GLU A 89 -15.81 -3.83 43.87
N LEU A 90 -15.59 -3.96 42.57
CA LEU A 90 -14.29 -4.28 42.02
C LEU A 90 -13.68 -2.96 41.60
N LEU A 91 -12.40 -2.76 41.87
CA LEU A 91 -11.78 -1.46 41.59
C LEU A 91 -10.72 -1.48 40.48
N PRO A 92 -9.92 -2.56 40.39
CA PRO A 92 -8.90 -2.62 39.32
C PRO A 92 -9.42 -2.39 37.89
N ASP A 104 -21.66 -3.10 38.04
CA ASP A 104 -20.92 -3.95 37.14
C ASP A 104 -21.80 -5.11 36.63
N GLU A 105 -21.56 -6.34 37.12
CA GLU A 105 -22.24 -7.58 36.69
C GLU A 105 -21.64 -8.78 37.43
N ASN A 106 -20.31 -8.85 37.38
CA ASN A 106 -19.58 -9.79 38.19
C ASN A 106 -19.70 -9.34 39.62
N ALA A 107 -19.69 -8.02 39.82
CA ALA A 107 -19.86 -7.42 41.13
C ALA A 107 -21.23 -7.75 41.71
N ILE A 108 -22.23 -7.73 40.85
CA ILE A 108 -23.57 -8.08 41.28
C ILE A 108 -23.65 -9.57 41.62
N GLU A 109 -23.11 -10.42 40.76
CA GLU A 109 -23.12 -11.86 40.98
C GLU A 109 -22.50 -12.17 42.32
N LEU A 110 -21.30 -11.64 42.56
CA LEU A 110 -20.58 -11.84 43.81
C LEU A 110 -21.44 -11.45 45.00
N ALA A 111 -21.97 -10.22 44.97
CA ALA A 111 -22.82 -9.71 46.03
C ALA A 111 -23.96 -10.66 46.33
N ARG A 112 -24.61 -11.18 45.28
CA ARG A 112 -25.78 -12.04 45.44
C ARG A 112 -25.41 -13.42 45.97
N VAL A 113 -24.28 -13.94 45.51
CA VAL A 113 -23.85 -15.28 45.92
C VAL A 113 -23.52 -15.27 47.40
N VAL A 114 -22.74 -14.25 47.81
CA VAL A 114 -22.41 -14.02 49.20
C VAL A 114 -23.67 -13.84 50.03
N ASP A 115 -24.53 -12.93 49.57
CA ASP A 115 -25.83 -12.69 50.21
C ASP A 115 -26.58 -14.00 50.46
N ARG A 116 -26.81 -14.74 49.38
CA ARG A 116 -27.53 -16.00 49.43
C ARG A 116 -26.99 -16.95 50.48
N SER A 117 -25.66 -17.08 50.54
CA SER A 117 -25.04 -18.01 51.46
C SER A 117 -25.18 -17.53 52.91
N LEU A 118 -25.21 -16.22 53.15
CA LEU A 118 -25.40 -15.69 54.50
C LEU A 118 -26.85 -15.77 54.95
N ARG A 119 -27.76 -15.57 54.00
CA ARG A 119 -29.19 -15.49 54.28
C ARG A 119 -29.83 -16.86 54.42
N ASP A 120 -29.56 -17.74 53.44
CA ASP A 120 -30.17 -19.07 53.40
C ASP A 120 -29.67 -19.95 54.53
N SER A 121 -28.41 -19.76 54.94
CA SER A 121 -27.81 -20.53 56.04
C SER A 121 -28.35 -20.05 57.38
N LYS A 122 -28.93 -18.85 57.39
CA LYS A 122 -29.31 -18.12 58.61
C LYS A 122 -28.11 -17.83 59.51
N ALA A 123 -26.91 -17.79 58.92
CA ALA A 123 -25.68 -17.48 59.66
C ALA A 123 -25.94 -16.21 60.44
N LEU A 124 -26.50 -15.22 59.76
CA LEU A 124 -27.02 -14.03 60.43
C LEU A 124 -28.53 -14.17 60.57
N ASP A 125 -29.03 -14.01 61.79
CA ASP A 125 -30.44 -14.18 62.04
C ASP A 125 -31.14 -12.85 61.97
N LEU A 126 -31.87 -12.63 60.88
CA LEU A 126 -32.53 -11.34 60.64
C LEU A 126 -33.68 -11.07 61.60
N THR A 127 -34.31 -12.14 62.08
CA THR A 127 -35.48 -12.01 62.96
C THR A 127 -35.11 -11.47 64.34
N LYS A 128 -33.82 -11.54 64.67
CA LYS A 128 -33.30 -10.98 65.91
C LYS A 128 -32.79 -9.55 65.76
N LEU A 129 -33.01 -8.96 64.58
CA LEU A 129 -32.64 -7.56 64.34
C LEU A 129 -33.82 -6.61 64.48
N VAL A 130 -34.96 -7.15 64.90
CA VAL A 130 -36.18 -6.36 65.13
C VAL A 130 -36.00 -5.59 66.43
N ILE A 131 -36.37 -4.31 66.40
CA ILE A 131 -36.35 -3.48 67.59
C ILE A 131 -37.78 -3.34 68.10
N GLU A 132 -38.59 -2.50 67.45
CA GLU A 132 -40.04 -2.46 67.70
C GLU A 132 -40.73 -3.08 66.50
N PRO A 133 -41.36 -4.27 66.69
CA PRO A 133 -41.91 -5.07 65.58
C PRO A 133 -42.85 -4.25 64.70
N GLY A 134 -42.65 -4.35 63.37
CA GLY A 134 -43.42 -3.57 62.42
C GLY A 134 -43.06 -2.09 62.36
N LYS A 135 -42.53 -1.56 63.46
CA LYS A 135 -42.12 -0.16 63.54
C LYS A 135 -40.67 0.07 63.10
N SER A 136 -39.72 -0.60 63.75
CA SER A 136 -38.30 -0.35 63.50
C SER A 136 -37.38 -1.57 63.63
N VAL A 137 -36.48 -1.72 62.66
CA VAL A 137 -35.53 -2.83 62.62
C VAL A 137 -34.14 -2.31 62.27
N TRP A 138 -33.13 -3.13 62.49
CA TRP A 138 -31.78 -2.84 62.04
C TRP A 138 -31.58 -3.23 60.58
N THR A 139 -30.98 -2.34 59.81
CA THR A 139 -30.50 -2.65 58.49
C THR A 139 -28.99 -2.79 58.56
N VAL A 140 -28.50 -3.92 58.08
CA VAL A 140 -27.07 -4.15 58.03
C VAL A 140 -26.57 -3.96 56.60
N TRP A 141 -25.88 -2.85 56.38
CA TRP A 141 -25.27 -2.60 55.09
C TRP A 141 -23.90 -3.25 55.12
N LEU A 142 -23.69 -4.21 54.25
CA LEU A 142 -22.41 -4.85 54.11
C LEU A 142 -21.80 -4.44 52.78
N ASP A 143 -20.71 -3.69 52.84
CA ASP A 143 -20.03 -3.22 51.63
C ASP A 143 -18.66 -3.82 51.52
N VAL A 144 -18.47 -4.54 50.41
CA VAL A 144 -17.28 -5.36 50.19
C VAL A 144 -16.48 -4.79 49.02
N TYR A 145 -15.23 -4.42 49.27
CA TYR A 145 -14.38 -3.79 48.27
C TYR A 145 -13.22 -4.67 47.91
N VAL A 146 -13.22 -5.15 46.67
CA VAL A 146 -12.08 -5.88 46.13
C VAL A 146 -11.02 -4.88 45.73
N LEU A 147 -9.93 -4.87 46.48
CA LEU A 147 -8.85 -3.92 46.28
C LEU A 147 -7.77 -4.45 45.34
N ASP A 148 -7.54 -5.77 45.37
CA ASP A 148 -6.51 -6.39 44.55
C ASP A 148 -7.05 -7.67 43.97
N TYR A 149 -7.12 -7.74 42.64
CA TYR A 149 -7.68 -8.92 41.97
C TYR A 149 -6.63 -9.99 41.75
N GLY A 150 -6.58 -10.99 42.62
CA GLY A 150 -5.60 -12.06 42.49
C GLY A 150 -6.21 -13.41 42.21
N GLY A 151 -7.45 -13.42 41.70
CA GLY A 151 -8.14 -14.67 41.43
C GLY A 151 -8.87 -15.21 42.65
N ASN A 152 -9.93 -15.98 42.39
CA ASN A 152 -10.81 -16.53 43.44
C ASN A 152 -11.29 -15.47 44.40
N VAL A 153 -11.84 -14.42 43.83
CA VAL A 153 -12.31 -13.30 44.56
C VAL A 153 -13.51 -13.67 45.47
N LEU A 154 -14.39 -14.55 44.99
CA LEU A 154 -15.57 -14.94 45.74
C LEU A 154 -15.26 -15.49 47.13
N ASP A 155 -14.33 -16.43 47.21
CA ASP A 155 -13.95 -17.02 48.48
C ASP A 155 -13.41 -15.98 49.47
N ALA A 156 -12.64 -15.02 48.96
CA ALA A 156 -12.13 -13.94 49.80
C ALA A 156 -13.26 -13.01 50.26
N CYS A 157 -14.25 -12.80 49.39
CA CYS A 157 -15.39 -11.96 49.72
C CYS A 157 -16.22 -12.53 50.85
N THR A 158 -16.44 -13.85 50.79
CA THR A 158 -17.16 -14.54 51.85
C THR A 158 -16.41 -14.39 53.16
N LEU A 159 -15.12 -14.67 53.13
CA LEU A 159 -14.29 -14.53 54.32
C LEU A 159 -14.32 -13.11 54.88
N ALA A 160 -14.21 -12.12 53.99
CA ALA A 160 -14.20 -10.73 54.43
C ALA A 160 -15.54 -10.40 55.03
N SER A 161 -16.61 -10.88 54.38
CA SER A 161 -17.98 -10.57 54.84
C SER A 161 -18.26 -11.16 56.21
N VAL A 162 -17.95 -12.43 56.36
CA VAL A 162 -18.19 -13.10 57.61
C VAL A 162 -17.40 -12.41 58.73
N ALA A 163 -16.12 -12.15 58.47
CA ALA A 163 -15.25 -11.50 59.45
C ALA A 163 -15.78 -10.14 59.83
N ALA A 164 -16.24 -9.37 58.86
CA ALA A 164 -16.76 -8.03 59.13
C ALA A 164 -17.98 -8.11 60.03
N LEU A 165 -18.87 -9.06 59.74
CA LEU A 165 -20.09 -9.24 60.54
C LEU A 165 -19.74 -9.58 61.98
N TYR A 166 -18.78 -10.49 62.14
CA TYR A 166 -18.33 -10.90 63.47
C TYR A 166 -17.62 -9.78 64.21
N ASN A 167 -17.11 -8.80 63.47
CA ASN A 167 -16.38 -7.71 64.07
C ASN A 167 -17.31 -6.59 64.42
N THR A 168 -18.55 -6.72 64.00
CA THR A 168 -19.54 -5.66 64.12
C THR A 168 -20.05 -5.42 65.55
N LYS A 169 -19.92 -4.17 65.98
CA LYS A 169 -20.44 -3.67 67.23
C LYS A 169 -21.85 -3.09 67.03
N VAL A 170 -22.75 -3.43 67.94
CA VAL A 170 -24.11 -2.87 67.95
C VAL A 170 -24.20 -1.82 69.06
N TYR A 171 -24.89 -0.71 68.77
CA TYR A 171 -24.96 0.44 69.69
C TYR A 171 -26.28 0.54 70.47
N LYS A 172 -26.26 1.34 71.53
CA LYS A 172 -27.44 1.56 72.36
C LYS A 172 -28.54 2.29 71.60
N VAL A 173 -29.79 1.95 71.91
CA VAL A 173 -30.95 2.49 71.21
C VAL A 173 -31.83 3.36 72.11
N GLU A 174 -31.69 4.69 71.98
CA GLU A 174 -32.50 5.65 72.76
C GLU A 174 -33.93 5.74 72.24
N GLN A 175 -34.85 5.10 72.96
CA GLN A 175 -36.27 5.06 72.58
C GLN A 175 -37.11 5.97 73.48
N ILE A 180 -35.94 5.37 68.60
CA ILE A 180 -36.02 6.70 68.02
C ILE A 180 -34.63 7.26 67.68
N SER A 181 -33.64 7.01 68.53
CA SER A 181 -32.28 7.54 68.33
C SER A 181 -31.17 6.51 68.63
N VAL A 182 -30.04 6.64 67.95
CA VAL A 182 -28.88 5.77 68.19
C VAL A 182 -27.80 6.51 68.99
N ASN A 183 -27.17 5.79 69.91
CA ASN A 183 -26.09 6.35 70.73
C ASN A 183 -24.78 5.64 70.41
N LYS A 184 -23.96 6.29 69.60
CA LYS A 184 -22.79 5.64 69.01
C LYS A 184 -21.53 5.60 69.88
N ASN A 185 -21.67 5.83 71.18
CA ASN A 185 -20.53 5.65 72.10
C ASN A 185 -20.84 4.74 73.29
N GLU A 186 -21.96 4.03 73.20
CA GLU A 186 -22.27 2.94 74.10
C GLU A 186 -22.51 1.68 73.25
N VAL A 187 -21.56 0.75 73.31
CA VAL A 187 -21.64 -0.52 72.59
C VAL A 187 -22.44 -1.56 73.38
N VAL A 188 -23.66 -1.82 72.93
CA VAL A 188 -24.59 -2.75 73.59
C VAL A 188 -24.22 -4.23 73.40
N GLY A 189 -23.76 -4.60 72.21
CA GLY A 189 -23.40 -5.99 71.93
C GLY A 189 -22.89 -6.23 70.52
N LYS A 190 -23.24 -7.40 69.97
CA LYS A 190 -22.76 -7.81 68.66
C LYS A 190 -23.92 -8.33 67.83
N LEU A 191 -23.64 -8.67 66.58
CA LEU A 191 -24.66 -9.19 65.65
C LEU A 191 -25.14 -10.59 66.03
N PRO A 192 -26.45 -10.87 65.85
CA PRO A 192 -26.98 -12.18 66.13
C PRO A 192 -26.51 -13.16 65.07
N LEU A 193 -25.28 -13.63 65.24
CA LEU A 193 -24.65 -14.60 64.33
C LEU A 193 -24.67 -16.02 64.91
N ASN A 194 -25.13 -16.98 64.11
CA ASN A 194 -25.22 -18.36 64.54
C ASN A 194 -23.88 -19.10 64.37
N TYR A 195 -23.24 -18.84 63.24
CA TYR A 195 -21.97 -19.46 62.90
C TYR A 195 -21.36 -18.74 61.73
N PRO A 196 -20.04 -18.92 61.53
CA PRO A 196 -19.41 -18.50 60.28
C PRO A 196 -19.77 -19.44 59.12
N VAL A 197 -19.48 -18.99 57.91
CA VAL A 197 -19.72 -19.77 56.71
C VAL A 197 -18.49 -19.58 55.89
N VAL A 198 -18.12 -20.59 55.13
CA VAL A 198 -17.06 -20.44 54.13
C VAL A 198 -17.53 -20.86 52.75
N THR A 199 -17.01 -20.21 51.74
CA THR A 199 -17.22 -20.66 50.38
C THR A 199 -15.90 -21.20 49.86
N ILE A 200 -15.96 -22.42 49.32
CA ILE A 200 -14.80 -23.00 48.66
C ILE A 200 -14.99 -23.14 47.15
N SER A 201 -14.08 -22.55 46.38
CA SER A 201 -14.12 -22.64 44.91
C SER A 201 -13.17 -23.69 44.40
N VAL A 202 -13.69 -24.54 43.52
CA VAL A 202 -12.91 -25.57 42.86
C VAL A 202 -12.93 -25.34 41.35
N ALA A 203 -11.75 -25.17 40.76
CA ALA A 203 -11.62 -24.92 39.33
C ALA A 203 -11.29 -26.18 38.56
N LYS A 204 -11.98 -26.35 37.45
CA LYS A 204 -11.70 -27.44 36.51
C LYS A 204 -10.70 -26.93 35.48
N VAL A 205 -9.49 -27.48 35.51
CA VAL A 205 -8.48 -27.14 34.53
C VAL A 205 -7.98 -28.41 33.86
N ASP A 206 -8.19 -28.50 32.55
CA ASP A 206 -7.93 -29.72 31.79
C ASP A 206 -8.71 -30.87 32.41
N LYS A 207 -8.02 -31.89 32.92
CA LYS A 207 -8.70 -32.98 33.57
C LYS A 207 -8.45 -32.96 35.08
N TYR A 208 -8.03 -31.80 35.58
CA TYR A 208 -7.65 -31.66 36.99
C TYR A 208 -8.60 -30.73 37.72
N LEU A 209 -8.77 -30.99 39.01
CA LEU A 209 -9.53 -30.09 39.88
C LEU A 209 -8.58 -29.41 40.83
N VAL A 210 -8.75 -28.10 40.98
CA VAL A 210 -7.83 -27.29 41.73
C VAL A 210 -8.61 -26.38 42.66
N VAL A 211 -8.22 -26.38 43.94
CA VAL A 211 -8.86 -25.57 44.97
C VAL A 211 -8.26 -24.17 44.97
N ASP A 212 -9.11 -23.16 45.13
CA ASP A 212 -8.66 -21.77 45.28
C ASP A 212 -7.74 -21.38 44.12
N PRO A 213 -8.30 -21.25 42.90
CA PRO A 213 -7.45 -20.96 41.73
C PRO A 213 -6.88 -19.55 41.78
N ASP A 214 -5.61 -19.39 41.43
CA ASP A 214 -5.05 -18.04 41.33
C ASP A 214 -5.41 -17.38 39.98
N LEU A 215 -4.80 -16.22 39.71
CA LEU A 215 -5.11 -15.42 38.54
C LEU A 215 -4.83 -16.19 37.24
N ASP A 216 -3.65 -16.78 37.14
CA ASP A 216 -3.27 -17.60 35.98
C ASP A 216 -4.17 -18.82 35.83
N GLU A 217 -4.49 -19.46 36.95
CA GLU A 217 -5.33 -20.64 36.94
C GLU A 217 -6.75 -20.33 36.47
N GLU A 218 -7.28 -19.22 36.92
CA GLU A 218 -8.62 -18.81 36.50
C GLU A 218 -8.71 -18.53 35.01
N SER A 219 -7.64 -17.97 34.42
CA SER A 219 -7.66 -17.64 32.99
C SER A 219 -7.57 -18.85 32.05
N ILE A 220 -7.15 -20.00 32.58
CA ILE A 220 -7.02 -21.21 31.77
C ILE A 220 -8.06 -22.29 32.12
N MET A 221 -8.81 -22.07 33.18
CA MET A 221 -9.82 -23.03 33.61
C MET A 221 -10.96 -23.17 32.60
N ASP A 222 -11.60 -24.34 32.58
CA ASP A 222 -12.80 -24.53 31.81
C ASP A 222 -13.91 -23.83 32.54
N ALA A 223 -14.05 -24.13 33.83
CA ALA A 223 -15.09 -23.54 34.68
C ALA A 223 -14.71 -23.71 36.16
N LYS A 224 -15.36 -22.98 37.05
CA LYS A 224 -15.20 -23.25 38.47
C LYS A 224 -16.55 -23.40 39.14
N ILE A 225 -16.55 -24.01 40.31
CA ILE A 225 -17.78 -24.25 41.04
C ILE A 225 -17.49 -23.95 42.49
N SER A 226 -18.36 -23.14 43.10
CA SER A 226 -18.14 -22.72 44.48
C SER A 226 -19.21 -23.29 45.41
N PHE A 227 -18.75 -23.88 46.51
CA PHE A 227 -19.66 -24.45 47.49
C PHE A 227 -19.55 -23.65 48.77
N SER A 228 -20.70 -23.41 49.39
CA SER A 228 -20.74 -22.72 50.67
C SER A 228 -21.16 -23.69 51.74
N TYR A 229 -20.42 -23.69 52.84
CA TYR A 229 -20.66 -24.63 53.96
C TYR A 229 -20.85 -23.93 55.30
N THR A 230 -21.68 -24.56 56.14
CA THR A 230 -21.77 -24.22 57.56
C THR A 230 -20.82 -25.16 58.28
N PRO A 231 -20.46 -24.82 59.55
CA PRO A 231 -19.55 -25.63 60.36
C PRO A 231 -19.91 -27.09 60.49
N ASP A 232 -21.20 -27.44 60.55
CA ASP A 232 -21.58 -28.86 60.50
C ASP A 232 -21.76 -29.37 59.07
N LEU A 233 -21.08 -28.69 58.16
CA LEU A 233 -20.85 -29.16 56.78
C LEU A 233 -22.12 -29.41 55.98
N LYS A 234 -23.11 -28.55 56.19
CA LYS A 234 -24.28 -28.54 55.35
C LYS A 234 -23.96 -27.64 54.15
N ILE A 235 -24.36 -28.07 52.96
CA ILE A 235 -24.21 -27.23 51.76
C ILE A 235 -25.26 -26.14 51.82
N VAL A 236 -24.82 -24.91 51.61
CA VAL A 236 -25.64 -23.72 51.83
C VAL A 236 -25.72 -22.75 50.61
N GLY A 237 -24.87 -23.02 49.63
CA GLY A 237 -24.97 -22.37 48.32
C GLY A 237 -24.07 -23.09 47.33
N ILE A 238 -24.50 -23.18 46.08
CA ILE A 238 -23.62 -23.62 44.99
C ILE A 238 -23.74 -22.67 43.81
N GLN A 239 -22.60 -22.34 43.22
CA GLN A 239 -22.56 -21.48 42.04
C GLN A 239 -21.48 -21.92 41.09
N LYS A 240 -21.89 -22.42 39.92
CA LYS A 240 -20.96 -22.68 38.83
C LYS A 240 -20.62 -21.38 38.13
N SER A 241 -19.39 -21.29 37.66
CA SER A 241 -18.88 -20.05 37.09
C SER A 241 -17.99 -20.40 35.91
N GLY A 242 -17.88 -19.52 34.93
CA GLY A 242 -16.96 -19.72 33.83
C GLY A 242 -17.62 -20.08 32.53
N LYS A 243 -16.94 -19.81 31.42
CA LYS A 243 -17.53 -19.97 30.08
C LYS A 243 -17.56 -21.43 29.61
N GLY A 244 -16.88 -22.32 30.32
CA GLY A 244 -16.84 -23.75 29.96
C GLY A 244 -17.78 -24.63 30.77
N SER A 245 -17.76 -25.92 30.50
CA SER A 245 -18.63 -26.85 31.19
C SER A 245 -17.83 -27.79 32.08
N MET A 246 -18.54 -28.70 32.74
CA MET A 246 -17.97 -29.59 33.73
C MET A 246 -18.81 -30.85 33.75
N SER A 247 -18.18 -32.01 33.93
CA SER A 247 -18.91 -33.26 33.93
C SER A 247 -19.60 -33.50 35.26
N LEU A 248 -20.52 -34.47 35.25
CA LEU A 248 -21.24 -34.88 36.44
C LEU A 248 -20.27 -35.29 37.53
N GLN A 249 -19.33 -36.18 37.19
CA GLN A 249 -18.37 -36.69 38.15
C GLN A 249 -17.35 -35.66 38.59
N ASP A 250 -17.07 -34.69 37.73
CA ASP A 250 -16.25 -33.56 38.12
C ASP A 250 -16.87 -32.87 39.32
N ILE A 251 -18.17 -32.57 39.22
CA ILE A 251 -18.90 -31.88 40.25
C ILE A 251 -19.00 -32.70 41.54
N ASP A 252 -19.21 -34.00 41.36
CA ASP A 252 -19.19 -34.96 42.45
C ASP A 252 -17.88 -34.85 43.24
N GLN A 253 -16.75 -35.00 42.54
CA GLN A 253 -15.44 -34.92 43.18
C GLN A 253 -15.15 -33.55 43.77
N ALA A 254 -15.57 -32.53 43.04
CA ALA A 254 -15.35 -31.17 43.45
C ALA A 254 -15.95 -30.94 44.82
N GLU A 255 -17.15 -31.46 45.07
CA GLU A 255 -17.83 -31.15 46.32
C GLU A 255 -17.17 -31.91 47.45
N ASN A 256 -16.77 -33.15 47.16
CA ASN A 256 -15.98 -33.95 48.08
C ASN A 256 -14.74 -33.18 48.51
N THR A 257 -14.00 -32.69 47.52
CA THR A 257 -12.78 -31.90 47.74
C THR A 257 -13.11 -30.63 48.55
N ALA A 258 -14.16 -29.95 48.13
CA ALA A 258 -14.53 -28.69 48.73
C ALA A 258 -14.82 -28.88 50.22
N ARG A 259 -15.53 -29.96 50.52
CA ARG A 259 -15.97 -30.21 51.87
C ARG A 259 -14.79 -30.45 52.82
N SER A 260 -13.85 -31.31 52.44
CA SER A 260 -12.70 -31.58 53.33
C SER A 260 -11.75 -30.38 53.39
N THR A 261 -11.87 -29.47 52.44
CA THR A 261 -11.14 -28.22 52.50
C THR A 261 -11.82 -27.26 53.47
N ALA A 262 -13.15 -27.28 53.44
CA ALA A 262 -13.96 -26.40 54.28
C ALA A 262 -13.61 -26.50 55.75
N VAL A 263 -13.36 -27.74 56.20
CA VAL A 263 -13.01 -27.99 57.58
C VAL A 263 -11.77 -27.17 57.99
N LYS A 264 -10.70 -27.29 57.20
CA LYS A 264 -9.45 -26.57 57.46
C LYS A 264 -9.66 -25.07 57.44
N LEU A 265 -10.39 -24.59 56.44
CA LEU A 265 -10.62 -23.15 56.28
C LEU A 265 -11.46 -22.58 57.41
N LEU A 266 -12.48 -23.31 57.86
CA LEU A 266 -13.30 -22.87 58.98
C LEU A 266 -12.49 -22.71 60.26
N GLU A 267 -11.62 -23.69 60.51
CA GLU A 267 -10.74 -23.64 61.67
C GLU A 267 -9.87 -22.39 61.63
N GLU A 268 -9.33 -22.10 60.44
CA GLU A 268 -8.40 -21.00 60.30
C GLU A 268 -9.13 -19.70 60.46
N LEU A 269 -10.34 -19.67 59.91
CA LEU A 269 -11.20 -18.50 60.01
C LEU A 269 -11.50 -18.20 61.47
N LYS A 270 -11.79 -19.25 62.23
CA LYS A 270 -12.15 -19.10 63.63
C LYS A 270 -11.01 -18.56 64.45
N LYS A 271 -9.80 -19.06 64.19
CA LYS A 271 -8.59 -18.51 64.80
C LYS A 271 -8.46 -17.01 64.58
N HIS A 272 -8.77 -16.55 63.38
CA HIS A 272 -8.68 -15.14 63.06
C HIS A 272 -9.72 -14.35 63.81
N LEU A 273 -10.92 -14.92 63.91
CA LEU A 273 -12.07 -14.25 64.54
C LEU A 273 -12.04 -14.31 66.06
N GLY A 274 -11.15 -15.13 66.59
CA GLY A 274 -11.19 -15.49 68.00
C GLY A 274 -12.37 -16.41 68.23
N ILE A 275 -12.48 -17.42 67.37
CA ILE A 275 -13.64 -18.33 67.24
C ILE A 275 -14.98 -17.60 67.10
N GLU B 8 -47.65 -17.87 58.71
CA GLU B 8 -48.53 -19.02 58.36
C GLU B 8 -48.20 -19.55 56.94
N ARG B 9 -47.28 -20.53 56.91
CA ARG B 9 -46.79 -21.15 55.67
C ARG B 9 -47.74 -22.30 55.27
N PRO B 10 -47.64 -22.80 54.00
CA PRO B 10 -48.39 -23.99 53.60
C PRO B 10 -47.64 -25.30 53.85
N LYS B 11 -48.39 -26.32 54.26
CA LYS B 11 -47.96 -27.71 54.15
C LYS B 11 -47.69 -27.90 52.68
N LEU B 12 -46.55 -28.50 52.35
CA LEU B 12 -46.13 -28.64 50.96
C LEU B 12 -46.20 -30.09 50.44
N ILE B 13 -46.30 -31.06 51.36
CA ILE B 13 -46.52 -32.45 50.97
C ILE B 13 -47.67 -32.99 51.79
N LEU B 14 -48.66 -33.53 51.09
CA LEU B 14 -49.82 -34.12 51.70
C LEU B 14 -49.53 -35.61 51.93
N ASP B 15 -50.33 -36.28 52.75
CA ASP B 15 -50.02 -37.67 53.10
C ASP B 15 -50.58 -38.75 52.16
N ASP B 16 -50.72 -38.40 50.88
CA ASP B 16 -50.74 -39.41 49.81
C ASP B 16 -49.42 -39.39 49.01
N GLY B 17 -48.48 -38.60 49.50
CA GLY B 17 -47.15 -38.44 48.91
C GLY B 17 -47.07 -37.41 47.79
N LYS B 18 -48.17 -36.67 47.56
CA LYS B 18 -48.26 -35.74 46.43
C LYS B 18 -48.05 -34.27 46.80
N ARG B 19 -47.69 -33.49 45.78
CA ARG B 19 -47.36 -32.08 45.92
C ARG B 19 -48.61 -31.20 45.76
N THR B 20 -48.46 -29.89 45.98
CA THR B 20 -49.56 -28.94 45.92
C THR B 20 -50.32 -28.92 44.58
N ASP B 21 -49.63 -29.27 43.49
CA ASP B 21 -50.27 -29.37 42.17
C ASP B 21 -50.70 -30.80 41.78
N GLY B 22 -50.60 -31.72 42.73
CA GLY B 22 -50.99 -33.11 42.52
C GLY B 22 -49.90 -34.03 41.97
N ARG B 23 -48.72 -33.48 41.73
CA ARG B 23 -47.61 -34.26 41.21
C ARG B 23 -46.93 -35.06 42.29
N LYS B 24 -46.32 -36.17 41.88
CA LYS B 24 -45.42 -36.94 42.72
C LYS B 24 -44.04 -36.27 42.69
N PRO B 25 -43.17 -36.60 43.67
CA PRO B 25 -41.84 -35.99 43.72
C PRO B 25 -40.99 -36.21 42.48
N ASP B 26 -41.25 -37.27 41.73
CA ASP B 26 -40.48 -37.59 40.53
C ASP B 26 -41.16 -37.23 39.20
N GLU B 27 -42.11 -36.30 39.23
CA GLU B 27 -42.86 -35.92 38.01
C GLU B 27 -42.57 -34.52 37.49
N LEU B 28 -42.31 -34.43 36.20
CA LEU B 28 -42.14 -33.14 35.53
C LEU B 28 -43.50 -32.51 35.29
N ARG B 29 -43.50 -31.18 35.18
CA ARG B 29 -44.67 -30.44 34.70
C ARG B 29 -44.86 -30.72 33.21
N SER B 30 -46.02 -30.33 32.69
CA SER B 30 -46.27 -30.46 31.25
C SER B 30 -45.30 -29.56 30.47
N ILE B 31 -44.89 -30.02 29.30
CA ILE B 31 -43.92 -29.31 28.48
C ILE B 31 -44.48 -29.05 27.09
N LYS B 32 -44.30 -27.82 26.61
CA LYS B 32 -44.68 -27.44 25.26
C LYS B 32 -43.56 -26.64 24.62
N ILE B 33 -43.18 -27.03 23.42
CA ILE B 33 -42.08 -26.41 22.69
C ILE B 33 -42.51 -26.15 21.26
N GLU B 34 -42.22 -24.94 20.77
CA GLU B 34 -42.33 -24.68 19.33
C GLU B 34 -41.23 -23.78 18.79
N LEU B 35 -40.81 -24.08 17.58
CA LEU B 35 -39.69 -23.41 16.93
C LEU B 35 -40.12 -22.56 15.74
N GLY B 36 -39.28 -21.59 15.37
CA GLY B 36 -39.49 -20.76 14.19
C GLY B 36 -40.75 -19.94 14.25
N VAL B 37 -41.02 -19.38 15.44
CA VAL B 37 -42.27 -18.70 15.71
C VAL B 37 -42.18 -17.21 15.37
N LEU B 38 -40.96 -16.69 15.25
CA LEU B 38 -40.74 -15.30 14.89
C LEU B 38 -40.14 -15.22 13.51
N LYS B 39 -40.83 -14.50 12.62
CA LYS B 39 -40.44 -14.42 11.21
C LYS B 39 -39.16 -13.62 10.98
N ASN B 40 -38.96 -12.56 11.76
CA ASN B 40 -37.86 -11.63 11.52
C ASN B 40 -36.57 -11.95 12.30
N ALA B 41 -36.58 -13.02 13.07
CA ALA B 41 -35.39 -13.45 13.77
C ALA B 41 -34.71 -14.53 12.96
N ASP B 42 -33.45 -14.82 13.26
CA ASP B 42 -32.73 -15.86 12.56
C ASP B 42 -33.09 -17.23 13.10
N GLY B 43 -33.36 -17.30 14.38
CA GLY B 43 -33.91 -18.50 14.99
C GLY B 43 -34.79 -18.07 16.15
N SER B 44 -35.84 -18.84 16.43
CA SER B 44 -36.69 -18.53 17.56
C SER B 44 -37.33 -19.78 18.14
N ALA B 45 -37.71 -19.70 19.41
CA ALA B 45 -38.39 -20.79 20.11
C ALA B 45 -39.25 -20.27 21.27
N ILE B 46 -40.38 -20.93 21.47
CA ILE B 46 -41.19 -20.75 22.68
C ILE B 46 -41.06 -22.04 23.48
N PHE B 47 -40.79 -21.89 24.78
CA PHE B 47 -40.70 -23.02 25.68
C PHE B 47 -41.63 -22.84 26.88
N GLU B 48 -42.32 -23.92 27.26
CA GLU B 48 -43.26 -23.92 28.39
C GLU B 48 -43.05 -25.09 29.32
N MET B 49 -42.79 -24.80 30.60
CA MET B 49 -42.83 -25.81 31.64
C MET B 49 -43.89 -25.42 32.62
N GLY B 50 -44.95 -26.20 32.67
CA GLY B 50 -46.13 -25.81 33.43
C GLY B 50 -46.55 -24.44 33.00
N ASN B 51 -46.64 -23.53 33.97
CA ASN B 51 -47.05 -22.16 33.71
C ASN B 51 -45.90 -21.17 33.50
N THR B 52 -44.69 -21.68 33.32
CA THR B 52 -43.57 -20.85 32.94
C THR B 52 -43.40 -20.83 31.42
N LYS B 53 -43.58 -19.65 30.83
CA LYS B 53 -43.46 -19.43 29.39
C LYS B 53 -42.31 -18.49 29.10
N ALA B 54 -41.46 -18.88 28.16
CA ALA B 54 -40.41 -18.00 27.69
C ALA B 54 -40.36 -18.03 26.17
N ILE B 55 -40.00 -16.89 25.60
CA ILE B 55 -39.74 -16.78 24.18
C ILE B 55 -38.29 -16.32 24.00
N ALA B 56 -37.64 -16.87 22.99
CA ALA B 56 -36.27 -16.57 22.70
C ALA B 56 -36.10 -16.29 21.23
N ALA B 57 -35.40 -15.20 20.94
CA ALA B 57 -35.04 -14.84 19.58
C ALA B 57 -33.54 -14.78 19.45
N VAL B 58 -33.04 -15.34 18.35
CA VAL B 58 -31.63 -15.24 18.01
C VAL B 58 -31.46 -14.38 16.76
N TYR B 59 -30.62 -13.35 16.83
CA TYR B 59 -30.23 -12.59 15.65
C TYR B 59 -28.80 -13.01 15.28
N GLY B 60 -28.71 -13.76 14.18
CA GLY B 60 -27.61 -14.66 13.82
C GLY B 60 -26.25 -14.02 13.77
N PRO B 61 -25.21 -14.80 13.42
CA PRO B 61 -23.86 -14.25 13.40
C PRO B 61 -23.76 -13.05 12.46
N LYS B 62 -23.30 -11.92 12.99
CA LYS B 62 -23.24 -10.67 12.25
C LYS B 62 -22.09 -9.79 12.76
N GLU B 63 -21.45 -9.06 11.85
CA GLU B 63 -20.39 -8.10 12.20
C GLU B 63 -20.84 -7.17 13.32
N MET B 64 -19.93 -6.85 14.23
CA MET B 64 -20.34 -6.12 15.43
C MET B 64 -20.25 -4.60 15.34
N HIS B 65 -21.29 -3.95 15.88
CA HIS B 65 -21.50 -2.50 15.80
C HIS B 65 -20.24 -1.67 16.09
N PRO B 66 -19.81 -1.58 17.37
CA PRO B 66 -18.51 -0.96 17.62
C PRO B 66 -17.42 -2.03 17.64
N ARG B 67 -16.46 -1.93 16.72
CA ARG B 67 -15.54 -3.04 16.47
C ARG B 67 -14.59 -3.36 17.64
N HIS B 68 -14.21 -2.35 18.42
CA HIS B 68 -13.31 -2.56 19.55
C HIS B 68 -13.88 -3.53 20.58
N LEU B 69 -15.20 -3.69 20.57
CA LEU B 69 -15.89 -4.62 21.47
C LEU B 69 -15.96 -6.04 20.93
N SER B 70 -15.53 -6.25 19.69
CA SER B 70 -15.53 -7.58 19.09
C SER B 70 -14.27 -8.37 19.48
N LEU B 71 -14.27 -9.67 19.19
CA LEU B 71 -13.12 -10.52 19.49
C LEU B 71 -12.49 -11.05 18.20
N PRO B 72 -11.14 -11.14 18.17
CA PRO B 72 -10.39 -11.56 16.97
C PRO B 72 -10.54 -13.04 16.59
N ASP B 73 -10.89 -13.88 17.55
CA ASP B 73 -10.92 -15.31 17.33
C ASP B 73 -12.30 -15.95 17.54
N ARG B 74 -13.25 -15.17 18.08
CA ARG B 74 -14.55 -15.67 18.53
C ARG B 74 -15.69 -14.72 18.20
N ALA B 75 -16.91 -15.23 18.30
CA ALA B 75 -18.09 -14.40 18.31
C ALA B 75 -18.36 -13.99 19.75
N VAL B 76 -18.89 -12.78 19.90
CA VAL B 76 -19.35 -12.33 21.20
C VAL B 76 -20.81 -12.76 21.32
N LEU B 77 -21.15 -13.38 22.44
CA LEU B 77 -22.54 -13.64 22.76
C LEU B 77 -23.11 -12.46 23.52
N ARG B 78 -24.27 -11.98 23.08
CA ARG B 78 -25.00 -10.95 23.80
C ARG B 78 -26.32 -11.55 24.24
N VAL B 79 -26.49 -11.70 25.54
CA VAL B 79 -27.67 -12.36 26.09
C VAL B 79 -28.49 -11.40 26.96
N ARG B 80 -29.80 -11.42 26.80
CA ARG B 80 -30.68 -10.65 27.65
C ARG B 80 -31.75 -11.54 28.25
N TYR B 81 -31.71 -11.69 29.58
CA TYR B 81 -32.78 -12.33 30.33
C TYR B 81 -33.71 -11.26 30.88
N HIS B 82 -34.97 -11.35 30.49
CA HIS B 82 -35.90 -10.35 30.89
C HIS B 82 -37.29 -10.91 31.19
N MET B 83 -37.90 -10.37 32.23
CA MET B 83 -39.27 -10.74 32.60
C MET B 83 -40.21 -9.61 32.26
N THR B 84 -41.27 -9.94 31.54
CA THR B 84 -42.29 -8.95 31.20
C THR B 84 -43.00 -8.53 32.48
N PRO B 85 -43.46 -7.27 32.53
CA PRO B 85 -44.12 -6.79 33.74
C PRO B 85 -45.35 -7.61 34.15
N PHE B 86 -45.93 -8.35 33.23
CA PHE B 86 -47.16 -9.10 33.51
C PHE B 86 -46.92 -10.60 33.58
N SER B 87 -45.69 -10.98 33.88
CA SER B 87 -45.35 -12.39 33.99
C SER B 87 -45.66 -12.95 35.36
N THR B 88 -45.71 -12.08 36.36
CA THR B 88 -45.95 -12.51 37.75
C THR B 88 -47.29 -11.99 38.27
N ASP B 89 -47.56 -12.26 39.55
CA ASP B 89 -48.83 -11.84 40.15
C ASP B 89 -48.85 -10.35 40.41
N GLU B 90 -47.81 -9.84 41.04
CA GLU B 90 -47.65 -8.40 41.13
C GLU B 90 -46.73 -7.95 40.02
N ARG B 91 -47.00 -6.75 39.53
CA ARG B 91 -46.30 -6.23 38.36
C ARG B 91 -44.83 -6.01 38.62
N LYS B 92 -43.99 -6.70 37.87
CA LYS B 92 -42.54 -6.53 37.91
C LYS B 92 -42.16 -5.25 37.15
N ASN B 93 -41.26 -4.46 37.72
CA ASN B 93 -40.70 -3.29 37.06
C ASN B 93 -39.83 -3.71 35.85
N PRO B 94 -40.12 -3.13 34.66
CA PRO B 94 -39.42 -3.46 33.41
C PRO B 94 -37.92 -3.22 33.46
N ALA B 95 -37.50 -2.20 34.22
CA ALA B 95 -36.09 -1.93 34.49
C ALA B 95 -35.37 -3.19 35.03
N PRO B 96 -34.19 -3.51 34.47
CA PRO B 96 -33.47 -4.74 34.86
C PRO B 96 -33.12 -4.75 36.34
N SER B 97 -33.53 -5.82 37.02
CA SER B 97 -33.23 -6.01 38.44
C SER B 97 -31.88 -6.68 38.63
N ARG B 98 -31.31 -6.59 39.82
CA ARG B 98 -30.06 -7.28 40.12
C ARG B 98 -30.18 -8.76 39.77
N ARG B 99 -31.32 -9.37 40.10
CA ARG B 99 -31.59 -10.76 39.69
C ARG B 99 -31.47 -10.98 38.18
N GLU B 100 -32.12 -10.11 37.40
CA GLU B 100 -32.12 -10.20 35.93
C GLU B 100 -30.74 -10.03 35.34
N ILE B 101 -29.91 -9.20 35.96
CA ILE B 101 -28.52 -8.99 35.54
C ILE B 101 -27.66 -10.24 35.79
N GLU B 102 -27.77 -10.81 36.99
CA GLU B 102 -27.05 -12.04 37.32
C GLU B 102 -27.44 -13.24 36.45
N LEU B 103 -28.75 -13.46 36.30
CA LEU B 103 -29.23 -14.56 35.45
C LEU B 103 -28.79 -14.39 34.00
N SER B 104 -28.76 -13.16 33.51
CA SER B 104 -28.30 -12.89 32.16
C SER B 104 -26.90 -13.42 31.99
N LYS B 105 -26.05 -13.18 32.99
CA LYS B 105 -24.66 -13.62 32.95
C LYS B 105 -24.58 -15.15 33.04
N VAL B 106 -25.31 -15.72 34.00
CA VAL B 106 -25.32 -17.14 34.21
C VAL B 106 -25.77 -17.89 32.95
N ILE B 107 -26.82 -17.37 32.33
CA ILE B 107 -27.33 -17.96 31.08
C ILE B 107 -26.32 -17.79 29.92
N ARG B 108 -25.72 -16.62 29.81
CA ARG B 108 -24.70 -16.39 28.81
C ARG B 108 -23.54 -17.38 28.95
N GLU B 109 -23.00 -17.52 30.15
CA GLU B 109 -21.93 -18.48 30.37
C GLU B 109 -22.36 -19.90 30.00
N ALA B 110 -23.58 -20.25 30.36
CA ALA B 110 -24.11 -21.56 30.01
C ALA B 110 -24.04 -21.77 28.50
N LEU B 111 -24.52 -20.78 27.75
CA LEU B 111 -24.56 -20.88 26.29
C LEU B 111 -23.17 -20.85 25.67
N GLU B 112 -22.27 -20.10 26.29
CA GLU B 112 -20.90 -20.01 25.80
C GLU B 112 -20.20 -21.36 25.83
N SER B 113 -20.61 -22.24 26.73
CA SER B 113 -20.01 -23.55 26.84
C SER B 113 -20.53 -24.50 25.75
N ALA B 114 -21.60 -24.11 25.07
CA ALA B 114 -22.26 -24.97 24.07
C ALA B 114 -22.00 -24.48 22.64
N VAL B 115 -22.11 -23.18 22.46
CA VAL B 115 -22.01 -22.59 21.15
C VAL B 115 -20.57 -22.54 20.70
N LEU B 116 -20.34 -22.93 19.47
CA LEU B 116 -19.01 -22.92 18.90
C LEU B 116 -18.67 -21.54 18.36
N VAL B 117 -18.40 -20.62 19.28
CA VAL B 117 -18.14 -19.22 18.95
C VAL B 117 -16.89 -18.97 18.10
N GLU B 118 -15.92 -19.89 18.15
CA GLU B 118 -14.67 -19.73 17.42
C GLU B 118 -14.90 -19.65 15.91
N LEU B 119 -16.00 -20.24 15.48
CA LEU B 119 -16.33 -20.33 14.07
C LEU B 119 -16.68 -18.99 13.43
N PHE B 120 -17.01 -18.01 14.26
CA PHE B 120 -17.45 -16.70 13.77
C PHE B 120 -16.69 -15.55 14.40
N PRO B 121 -15.40 -15.37 14.05
CA PRO B 121 -14.64 -14.27 14.64
C PRO B 121 -15.22 -12.90 14.25
N ARG B 122 -15.10 -11.91 15.14
CA ARG B 122 -15.47 -10.51 14.86
C ARG B 122 -16.97 -10.31 14.67
N THR B 123 -17.76 -11.30 15.05
CA THR B 123 -19.21 -11.23 14.94
C THR B 123 -19.88 -11.24 16.30
N ALA B 124 -21.15 -10.83 16.32
CA ALA B 124 -22.00 -10.90 17.51
C ALA B 124 -23.21 -11.77 17.24
N ILE B 125 -23.53 -12.62 18.21
CA ILE B 125 -24.74 -13.41 18.21
C ILE B 125 -25.64 -12.88 19.32
N ASP B 126 -26.81 -12.40 18.94
CA ASP B 126 -27.74 -11.84 19.91
C ASP B 126 -28.81 -12.84 20.31
N VAL B 127 -28.96 -12.99 21.61
CA VAL B 127 -29.96 -13.88 22.16
C VAL B 127 -30.83 -13.09 23.11
N PHE B 128 -32.08 -12.88 22.74
CA PHE B 128 -33.02 -12.19 23.60
C PHE B 128 -34.08 -13.13 24.13
N THR B 129 -34.25 -13.12 25.45
CA THR B 129 -35.19 -13.98 26.13
C THR B 129 -36.25 -13.13 26.81
N GLU B 130 -37.49 -13.57 26.75
CA GLU B 130 -38.56 -12.90 27.50
C GLU B 130 -39.44 -13.88 28.23
N ILE B 131 -39.54 -13.72 29.55
CA ILE B 131 -40.47 -14.53 30.32
C ILE B 131 -41.84 -13.87 30.26
N LEU B 132 -42.79 -14.62 29.72
CA LEU B 132 -44.17 -14.14 29.56
C LEU B 132 -45.01 -14.54 30.77
N GLN B 133 -44.64 -15.65 31.40
CA GLN B 133 -45.23 -16.11 32.65
C GLN B 133 -44.18 -16.80 33.51
N ALA B 134 -44.04 -16.33 34.74
CA ALA B 134 -43.12 -16.91 35.68
C ALA B 134 -43.88 -17.84 36.62
N ASP B 135 -43.44 -19.08 36.70
CA ASP B 135 -43.96 -19.99 37.72
C ASP B 135 -42.81 -20.84 38.23
N ALA B 136 -41.69 -20.18 38.53
CA ALA B 136 -40.43 -20.83 38.92
C ALA B 136 -39.72 -21.60 37.77
N GLY B 137 -38.39 -21.63 37.82
CA GLY B 137 -37.62 -22.37 36.85
C GLY B 137 -37.46 -21.60 35.56
N SER B 138 -37.79 -20.31 35.61
CA SER B 138 -37.80 -19.46 34.42
C SER B 138 -36.41 -19.32 33.84
N ARG B 139 -35.40 -19.29 34.70
CA ARG B 139 -34.02 -19.16 34.23
C ARG B 139 -33.67 -20.34 33.34
N LEU B 140 -34.22 -21.50 33.67
CA LEU B 140 -33.93 -22.69 32.86
C LEU B 140 -34.75 -22.74 31.59
N VAL B 141 -36.03 -22.38 31.70
CA VAL B 141 -36.91 -22.33 30.54
C VAL B 141 -36.34 -21.33 29.53
N SER B 142 -35.84 -20.22 30.05
CA SER B 142 -35.21 -19.19 29.26
C SER B 142 -33.99 -19.77 28.54
N LEU B 143 -33.12 -20.44 29.29
CA LEU B 143 -31.91 -21.05 28.73
C LEU B 143 -32.23 -22.09 27.66
N MET B 144 -33.23 -22.91 27.89
CA MET B 144 -33.57 -23.95 26.92
C MET B 144 -34.16 -23.34 25.66
N ALA B 145 -35.02 -22.36 25.83
CA ALA B 145 -35.59 -21.65 24.71
C ALA B 145 -34.48 -21.05 23.88
N ALA B 146 -33.49 -20.48 24.56
CA ALA B 146 -32.33 -19.88 23.90
C ALA B 146 -31.58 -20.93 23.12
N SER B 147 -31.28 -22.02 23.81
CA SER B 147 -30.58 -23.13 23.20
C SER B 147 -31.29 -23.58 21.91
N LEU B 148 -32.60 -23.72 21.98
CA LEU B 148 -33.38 -24.17 20.84
C LEU B 148 -33.47 -23.12 19.73
N ALA B 149 -33.59 -21.86 20.11
CA ALA B 149 -33.59 -20.78 19.12
C ALA B 149 -32.28 -20.75 18.35
N LEU B 150 -31.18 -21.07 19.03
CA LEU B 150 -29.87 -21.14 18.39
C LEU B 150 -29.82 -22.26 17.38
N ALA B 151 -30.38 -23.41 17.75
CA ALA B 151 -30.48 -24.54 16.83
C ALA B 151 -31.39 -24.19 15.63
N ASP B 152 -32.46 -23.44 15.89
CA ASP B 152 -33.36 -22.99 14.86
C ASP B 152 -32.65 -22.06 13.89
N ALA B 153 -31.65 -21.32 14.38
CA ALA B 153 -30.86 -20.42 13.53
C ALA B 153 -29.76 -21.17 12.80
N GLY B 154 -29.60 -22.45 13.14
CA GLY B 154 -28.57 -23.28 12.53
C GLY B 154 -27.18 -22.93 13.04
N ILE B 155 -27.11 -22.43 14.27
CA ILE B 155 -25.81 -22.10 14.83
C ILE B 155 -25.22 -23.34 15.45
N PRO B 156 -24.02 -23.71 15.01
CA PRO B 156 -23.32 -24.93 15.43
C PRO B 156 -23.04 -24.94 16.93
N MET B 157 -23.42 -26.03 17.59
CA MET B 157 -23.22 -26.15 19.03
C MET B 157 -22.74 -27.55 19.37
N ARG B 158 -22.11 -27.70 20.53
CA ARG B 158 -21.65 -29.00 21.02
C ARG B 158 -22.81 -29.96 21.23
N ASP B 159 -23.91 -29.42 21.76
CA ASP B 159 -25.09 -30.21 22.11
C ASP B 159 -26.22 -29.24 22.40
N LEU B 160 -27.44 -29.76 22.48
CA LEU B 160 -28.54 -28.96 23.01
C LEU B 160 -28.40 -28.86 24.53
N ILE B 161 -29.04 -27.85 25.14
CA ILE B 161 -29.08 -27.70 26.59
C ILE B 161 -30.47 -28.00 27.17
N ALA B 162 -30.51 -28.93 28.14
CA ALA B 162 -31.74 -29.25 28.87
C ALA B 162 -31.53 -29.06 30.37
N GLY B 163 -32.54 -28.50 31.06
CA GLY B 163 -32.42 -28.23 32.49
C GLY B 163 -33.69 -28.43 33.31
N VAL B 164 -33.50 -28.63 34.62
CA VAL B 164 -34.60 -28.62 35.59
C VAL B 164 -34.09 -28.14 36.92
N ALA B 165 -34.98 -27.49 37.67
CA ALA B 165 -34.75 -27.16 39.07
C ALA B 165 -35.17 -28.38 39.89
N VAL B 166 -34.21 -28.95 40.59
CA VAL B 166 -34.49 -29.99 41.56
C VAL B 166 -34.45 -29.32 42.93
N GLY B 167 -35.17 -29.86 43.92
CA GLY B 167 -35.26 -29.19 45.23
C GLY B 167 -35.65 -30.08 46.38
N LYS B 168 -35.82 -29.46 47.54
CA LYS B 168 -36.25 -30.18 48.75
C LYS B 168 -37.46 -29.49 49.37
N ALA B 169 -38.53 -30.26 49.56
CA ALA B 169 -39.81 -29.70 49.97
C ALA B 169 -40.04 -29.87 51.46
N ASP B 170 -40.56 -31.00 51.89
CA ASP B 170 -40.72 -31.21 53.33
C ASP B 170 -39.79 -32.33 53.76
N GLY B 171 -38.49 -32.09 53.55
CA GLY B 171 -37.48 -33.10 53.76
C GLY B 171 -37.45 -34.01 52.55
N VAL B 172 -38.35 -33.76 51.60
CA VAL B 172 -38.51 -34.63 50.43
C VAL B 172 -37.91 -34.02 49.18
N ILE B 173 -37.05 -34.78 48.53
CA ILE B 173 -36.42 -34.34 47.28
C ILE B 173 -37.40 -34.41 46.10
N ILE B 174 -37.63 -33.26 45.48
CA ILE B 174 -38.63 -33.12 44.43
C ILE B 174 -38.07 -32.57 43.12
N LEU B 175 -38.75 -32.88 42.02
CA LEU B 175 -38.30 -32.54 40.68
C LEU B 175 -39.20 -31.48 40.05
N ASP B 176 -38.58 -30.39 39.57
CA ASP B 176 -39.24 -29.37 38.76
C ASP B 176 -40.25 -28.56 39.57
N LEU B 177 -39.79 -27.46 40.17
CA LEU B 177 -40.55 -26.76 41.23
C LEU B 177 -41.63 -25.78 40.78
N ASN B 178 -42.70 -25.73 41.58
CA ASN B 178 -43.70 -24.67 41.57
C ASN B 178 -43.12 -23.37 42.07
N GLU B 179 -43.83 -22.26 41.88
CA GLU B 179 -43.51 -21.07 42.66
C GLU B 179 -43.73 -21.34 44.16
N THR B 180 -44.83 -22.03 44.47
CA THR B 180 -45.11 -22.40 45.85
C THR B 180 -43.92 -23.12 46.48
N GLU B 181 -43.44 -24.15 45.79
CA GLU B 181 -42.30 -24.95 46.24
C GLU B 181 -41.01 -24.14 46.34
N ASP B 182 -40.77 -23.26 45.36
CA ASP B 182 -39.62 -22.36 45.37
C ASP B 182 -39.67 -21.41 46.58
N MET B 183 -40.83 -20.77 46.76
CA MET B 183 -41.11 -19.83 47.85
C MET B 183 -40.90 -20.42 49.25
N TRP B 184 -41.33 -21.65 49.45
CA TRP B 184 -41.42 -22.23 50.80
C TRP B 184 -40.51 -23.42 51.06
N GLY B 185 -39.82 -23.90 50.02
CA GLY B 185 -38.94 -25.06 50.15
C GLY B 185 -37.65 -24.76 50.86
N GLU B 186 -36.94 -25.82 51.26
CA GLU B 186 -35.64 -25.67 51.90
C GLU B 186 -34.53 -25.43 50.88
N ALA B 187 -34.73 -25.93 49.67
CA ALA B 187 -33.69 -25.88 48.64
C ALA B 187 -34.28 -25.75 47.25
N ASP B 188 -33.52 -25.08 46.39
CA ASP B 188 -33.85 -24.85 45.00
C ASP B 188 -32.53 -24.93 44.23
N MET B 189 -32.42 -25.97 43.41
CA MET B 189 -31.17 -26.24 42.71
C MET B 189 -31.41 -26.38 41.21
N PRO B 190 -31.36 -25.25 40.48
CA PRO B 190 -31.40 -25.34 39.03
C PRO B 190 -30.13 -25.97 38.45
N ILE B 191 -30.32 -26.97 37.59
CA ILE B 191 -29.22 -27.66 36.93
C ILE B 191 -29.52 -27.78 35.44
N ALA B 192 -28.51 -27.52 34.62
CA ALA B 192 -28.62 -27.61 33.15
C ALA B 192 -27.42 -28.32 32.54
N MET B 193 -27.67 -29.21 31.58
CA MET B 193 -26.58 -29.91 30.92
C MET B 193 -26.68 -29.96 29.40
N MET B 194 -25.55 -30.33 28.80
CA MET B 194 -25.53 -30.89 27.45
C MET B 194 -25.53 -32.41 27.64
N PRO B 195 -26.73 -33.00 27.65
CA PRO B 195 -27.02 -34.34 28.13
C PRO B 195 -26.24 -35.46 27.48
N SER B 196 -25.98 -35.33 26.18
CA SER B 196 -25.24 -36.33 25.45
C SER B 196 -23.78 -36.35 25.86
N LEU B 197 -23.26 -35.19 26.26
CA LEU B 197 -21.87 -35.07 26.70
C LEU B 197 -21.70 -35.25 28.19
N ASN B 198 -22.83 -35.33 28.91
CA ASN B 198 -22.84 -35.31 30.38
C ASN B 198 -22.04 -34.13 30.94
N GLN B 199 -22.21 -32.98 30.30
CA GLN B 199 -21.52 -31.80 30.71
C GLN B 199 -22.52 -30.85 31.31
N VAL B 200 -22.24 -30.42 32.55
CA VAL B 200 -23.09 -29.45 33.21
C VAL B 200 -22.76 -28.06 32.75
N THR B 201 -23.81 -27.33 32.40
CA THR B 201 -23.74 -26.03 31.79
C THR B 201 -24.13 -24.89 32.76
N LEU B 202 -25.17 -25.11 33.55
CA LEU B 202 -25.58 -24.19 34.61
C LEU B 202 -25.78 -25.00 35.88
N PHE B 203 -25.26 -24.46 36.99
CA PHE B 203 -25.43 -25.12 38.28
C PHE B 203 -25.52 -24.14 39.44
N GLN B 204 -26.70 -24.08 40.05
CA GLN B 204 -26.90 -23.22 41.21
C GLN B 204 -27.71 -23.89 42.30
N LEU B 205 -27.43 -23.52 43.54
CA LEU B 205 -28.27 -23.90 44.65
C LEU B 205 -28.48 -22.71 45.55
N ASN B 206 -29.74 -22.40 45.80
CA ASN B 206 -30.09 -21.53 46.92
C ASN B 206 -30.92 -22.32 47.91
N GLY B 207 -30.60 -22.13 49.18
CA GLY B 207 -31.24 -22.88 50.24
C GLY B 207 -30.19 -23.73 50.92
N SER B 208 -30.59 -24.94 51.30
CA SER B 208 -29.81 -25.73 52.23
C SER B 208 -30.01 -27.22 51.98
N MET B 209 -28.91 -27.97 51.99
CA MET B 209 -28.90 -29.41 51.76
C MET B 209 -27.69 -30.06 52.40
N THR B 210 -27.85 -31.31 52.83
CA THR B 210 -26.72 -32.12 53.24
C THR B 210 -26.10 -32.67 51.98
N PRO B 211 -24.80 -32.99 52.01
CA PRO B 211 -24.15 -33.60 50.83
C PRO B 211 -24.92 -34.79 50.24
N ASP B 212 -25.49 -35.63 51.10
CA ASP B 212 -26.30 -36.76 50.67
C ASP B 212 -27.50 -36.32 49.87
N GLU B 213 -28.26 -35.38 50.43
CA GLU B 213 -29.43 -34.81 49.77
C GLU B 213 -29.02 -34.17 48.44
N PHE B 214 -27.87 -33.51 48.46
CA PHE B 214 -27.31 -32.90 47.27
C PHE B 214 -27.14 -33.95 46.19
N ARG B 215 -26.52 -35.07 46.55
CA ARG B 215 -26.26 -36.14 45.58
C ARG B 215 -27.54 -36.81 45.06
N GLN B 216 -28.51 -37.04 45.95
CA GLN B 216 -29.79 -37.61 45.56
C GLN B 216 -30.53 -36.70 44.59
N ALA B 217 -30.60 -35.40 44.92
CA ALA B 217 -31.29 -34.41 44.10
C ALA B 217 -30.63 -34.30 42.73
N PHE B 218 -29.31 -34.38 42.72
CA PHE B 218 -28.50 -34.39 41.51
C PHE B 218 -28.89 -35.54 40.55
N ASP B 219 -29.03 -36.74 41.11
CA ASP B 219 -29.45 -37.91 40.34
C ASP B 219 -30.82 -37.73 39.69
N LEU B 220 -31.74 -37.14 40.45
CA LEU B 220 -33.12 -36.95 40.02
C LEU B 220 -33.21 -35.94 38.87
N ALA B 221 -32.35 -34.93 38.93
CA ALA B 221 -32.30 -33.91 37.92
C ALA B 221 -31.88 -34.53 36.60
N VAL B 222 -30.96 -35.49 36.66
CA VAL B 222 -30.44 -36.10 35.45
C VAL B 222 -31.57 -36.80 34.71
N LYS B 223 -32.39 -37.55 35.43
CA LYS B 223 -33.48 -38.32 34.80
C LYS B 223 -34.49 -37.37 34.16
N GLY B 224 -34.80 -36.28 34.88
CA GLY B 224 -35.68 -35.24 34.35
C GLY B 224 -35.08 -34.61 33.12
N ILE B 225 -33.81 -34.26 33.20
CA ILE B 225 -33.10 -33.65 32.09
C ILE B 225 -33.14 -34.54 30.85
N ASN B 226 -32.92 -35.85 31.04
CA ASN B 226 -32.91 -36.80 29.95
C ASN B 226 -34.25 -36.88 29.23
N ILE B 227 -35.34 -36.71 29.97
CA ILE B 227 -36.67 -36.72 29.37
C ILE B 227 -36.89 -35.47 28.55
N ILE B 228 -36.54 -34.34 29.13
CA ILE B 228 -36.68 -33.05 28.47
C ILE B 228 -35.87 -33.05 27.18
N TYR B 229 -34.68 -33.61 27.25
CA TYR B 229 -33.74 -33.64 26.15
C TYR B 229 -34.34 -34.33 24.93
N ASN B 230 -34.99 -35.46 25.14
CA ASN B 230 -35.66 -36.17 24.05
C ASN B 230 -36.74 -35.36 23.39
N LEU B 231 -37.44 -34.55 24.19
CA LEU B 231 -38.49 -33.67 23.70
C LEU B 231 -37.89 -32.55 22.84
N GLU B 232 -36.77 -32.01 23.29
CA GLU B 232 -36.03 -31.00 22.55
C GLU B 232 -35.62 -31.55 21.18
N ARG B 233 -35.03 -32.74 21.20
CA ARG B 233 -34.66 -33.43 19.97
C ARG B 233 -35.81 -33.58 18.99
N GLU B 234 -36.99 -33.93 19.51
CA GLU B 234 -38.18 -34.11 18.72
C GLU B 234 -38.72 -32.78 18.21
N ALA B 235 -38.65 -31.75 19.05
CA ALA B 235 -39.05 -30.38 18.65
C ALA B 235 -38.24 -29.87 17.47
N LEU B 236 -36.99 -30.34 17.39
CA LEU B 236 -36.07 -29.99 16.33
C LEU B 236 -36.52 -30.56 14.99
N LYS B 237 -37.07 -31.77 14.99
CA LYS B 237 -37.58 -32.39 13.77
C LYS B 237 -38.97 -31.87 13.37
N SER B 238 -39.90 -31.84 14.32
CA SER B 238 -41.30 -31.52 14.03
C SER B 238 -41.70 -30.07 14.29
N LYS B 239 -40.81 -29.28 14.88
CA LYS B 239 -41.06 -27.85 15.18
C LYS B 239 -42.10 -27.61 16.27
N TYR B 240 -42.74 -28.66 16.73
CA TYR B 240 -43.80 -28.56 17.73
C TYR B 240 -43.92 -29.84 18.56
N VAL B 241 -43.92 -29.68 19.88
CA VAL B 241 -43.98 -30.80 20.81
C VAL B 241 -44.85 -30.47 22.01
N GLU B 242 -45.79 -31.36 22.31
CA GLU B 242 -46.57 -31.31 23.54
C GLU B 242 -46.32 -32.55 24.37
N PHE B 243 -46.15 -32.37 25.67
CA PHE B 243 -45.87 -33.45 26.59
C PHE B 243 -46.66 -33.24 27.87
N LYS B 244 -47.63 -34.12 28.13
CA LYS B 244 -48.41 -34.06 29.36
C LYS B 244 -47.54 -34.58 30.49
N GLU B 245 -47.78 -34.07 31.71
CA GLU B 245 -46.98 -34.46 32.89
C GLU B 245 -46.88 -35.96 33.10
N GLU B 246 -45.70 -36.45 33.47
CA GLU B 246 -45.56 -37.83 33.93
C GLU B 246 -44.28 -38.11 34.71
N GLY B 247 -44.24 -39.27 35.35
CA GLY B 247 -43.13 -39.70 36.20
C GLY B 247 -41.84 -39.99 35.47
N VAL B 248 -40.74 -39.77 36.16
CA VAL B 248 -39.40 -40.06 35.66
C VAL B 248 -39.15 -41.57 35.52
N MET C 1 -15.70 8.50 37.07
CA MET C 1 -14.46 8.61 36.24
C MET C 1 -14.28 10.01 35.61
N SER C 2 -13.12 10.62 35.81
CA SER C 2 -12.79 11.90 35.20
C SER C 2 -11.59 11.75 34.31
N SER C 3 -11.73 12.06 33.02
CA SER C 3 -10.63 11.87 32.06
C SER C 3 -10.32 13.11 31.23
N THR C 4 -9.07 13.18 30.77
CA THR C 4 -8.61 14.28 29.91
C THR C 4 -9.50 14.39 28.67
N PRO C 5 -10.12 15.57 28.47
CA PRO C 5 -11.01 15.75 27.31
C PRO C 5 -10.28 15.52 25.97
N SER C 6 -10.83 14.62 25.16
CA SER C 6 -10.25 14.25 23.86
C SER C 6 -10.67 15.19 22.72
N ASN C 7 -11.74 15.94 22.96
CA ASN C 7 -12.21 16.97 22.04
C ASN C 7 -11.38 18.26 22.01
N GLN C 8 -10.58 18.57 23.04
CA GLN C 8 -9.85 19.85 23.07
C GLN C 8 -9.37 20.29 21.68
N ASN C 9 -9.50 21.58 21.35
CA ASN C 9 -8.90 22.04 20.11
C ASN C 9 -7.54 22.70 20.38
N ILE C 10 -6.55 21.82 20.44
CA ILE C 10 -5.11 22.13 20.54
C ILE C 10 -4.73 23.24 19.56
N ILE C 11 -4.21 24.33 20.12
CA ILE C 11 -4.00 25.58 19.40
C ILE C 11 -2.51 25.78 19.09
N PRO C 12 -2.16 25.81 17.78
CA PRO C 12 -0.77 25.73 17.32
C PRO C 12 0.19 26.72 18.00
N ILE C 13 1.43 26.28 18.16
CA ILE C 13 2.46 27.05 18.83
C ILE C 13 2.59 28.44 18.20
N ILE C 14 2.52 28.48 16.87
CA ILE C 14 2.67 29.72 16.11
C ILE C 14 1.64 30.78 16.53
N LYS C 15 0.39 30.35 16.69
CA LYS C 15 -0.66 31.26 17.13
C LYS C 15 -0.46 31.68 18.57
N LYS C 16 0.03 30.76 19.40
CA LYS C 16 0.28 31.05 20.80
C LYS C 16 1.34 32.12 20.97
N GLU C 17 2.44 31.97 20.25
CA GLU C 17 3.53 32.93 20.27
C GLU C 17 3.05 34.31 19.81
N SER C 18 2.15 34.32 18.83
CA SER C 18 1.51 35.56 18.38
C SER C 18 0.91 36.31 19.55
N ILE C 19 0.13 35.59 20.35
CA ILE C 19 -0.58 36.16 21.44
C ILE C 19 0.37 36.60 22.55
N VAL C 20 1.34 35.75 22.89
CA VAL C 20 2.34 36.08 23.87
C VAL C 20 3.11 37.36 23.49
N SER C 21 3.53 37.44 22.22
CA SER C 21 4.22 38.60 21.70
C SER C 21 3.47 39.90 21.99
N LEU C 22 2.13 39.81 22.00
CA LEU C 22 1.30 40.98 22.27
C LEU C 22 1.31 41.31 23.75
N PHE C 23 1.24 40.26 24.58
CA PHE C 23 1.31 40.37 26.04
C PHE C 23 2.58 41.06 26.50
N GLU C 24 3.67 40.76 25.82
CA GLU C 24 4.95 41.38 26.07
C GLU C 24 4.90 42.90 25.89
N LYS C 25 3.96 43.37 25.06
CA LYS C 25 3.76 44.81 24.88
C LYS C 25 2.60 45.28 25.73
N GLY C 26 2.01 44.35 26.49
CA GLY C 26 0.93 44.67 27.42
C GLY C 26 -0.38 44.97 26.74
N ILE C 27 -0.73 44.18 25.73
CA ILE C 27 -1.98 44.37 25.02
C ILE C 27 -2.45 43.02 24.48
N ARG C 28 -3.74 42.91 24.21
CA ARG C 28 -4.31 41.66 23.74
C ARG C 28 -4.93 41.80 22.36
N GLN C 29 -5.37 40.67 21.79
CA GLN C 29 -5.94 40.63 20.44
C GLN C 29 -7.09 41.64 20.29
N ASP C 30 -8.02 41.62 21.23
CA ASP C 30 -9.16 42.55 21.20
C ASP C 30 -8.79 43.99 21.57
N GLY C 31 -7.55 44.18 22.03
CA GLY C 31 -7.03 45.52 22.27
C GLY C 31 -7.08 45.99 23.70
N ARG C 32 -7.55 45.14 24.61
CA ARG C 32 -7.58 45.55 26.02
C ARG C 32 -6.26 45.23 26.73
N LYS C 33 -6.09 45.84 27.90
CA LYS C 33 -4.92 45.63 28.73
C LYS C 33 -5.00 44.29 29.47
N LEU C 34 -3.88 43.87 30.04
CA LEU C 34 -3.82 42.58 30.72
C LEU C 34 -4.78 42.50 31.88
N THR C 35 -5.15 43.65 32.42
CA THR C 35 -6.01 43.70 33.61
C THR C 35 -7.48 44.12 33.33
N ASP C 36 -7.82 44.33 32.06
CA ASP C 36 -9.17 44.78 31.67
C ASP C 36 -10.19 43.65 31.60
N TYR C 37 -11.43 43.98 31.92
CA TYR C 37 -12.56 43.11 31.65
C TYR C 37 -13.14 43.35 30.25
N ARG C 38 -13.85 42.37 29.73
CA ARG C 38 -14.54 42.56 28.46
C ARG C 38 -15.77 43.42 28.72
N PRO C 39 -16.37 43.96 27.65
CA PRO C 39 -17.58 44.76 27.80
C PRO C 39 -18.68 43.93 28.46
N LEU C 40 -19.47 44.55 29.33
CA LEU C 40 -20.48 43.83 30.07
C LEU C 40 -21.89 44.36 29.84
N SER C 41 -22.78 43.47 29.39
CA SER C 41 -24.21 43.75 29.29
C SER C 41 -24.99 42.92 30.31
N ILE C 42 -25.93 43.57 30.96
CA ILE C 42 -26.91 42.84 31.77
C ILE C 42 -28.34 43.29 31.46
N THR C 43 -29.14 42.30 31.03
CA THR C 43 -30.57 42.47 30.81
C THR C 43 -31.37 41.69 31.86
N LEU C 44 -32.07 42.43 32.70
CA LEU C 44 -32.86 41.84 33.76
C LEU C 44 -34.22 41.41 33.26
N ASP C 45 -34.78 40.39 33.90
CA ASP C 45 -36.13 39.89 33.59
C ASP C 45 -36.26 39.48 32.14
N TYR C 46 -35.21 38.85 31.62
CA TYR C 46 -35.22 38.41 30.23
C TYR C 46 -36.16 37.23 30.05
N ALA C 47 -36.15 36.32 31.02
CA ALA C 47 -37.02 35.15 30.99
C ALA C 47 -38.28 35.43 31.82
N LYS C 48 -39.39 35.75 31.13
CA LYS C 48 -40.55 36.34 31.80
C LYS C 48 -41.22 35.42 32.82
N LYS C 49 -41.27 34.13 32.50
CA LYS C 49 -41.93 33.16 33.38
C LYS C 49 -41.04 32.72 34.55
N ALA C 50 -39.86 33.31 34.64
CA ALA C 50 -38.99 33.14 35.80
C ALA C 50 -39.36 34.13 36.88
N ASP C 51 -39.10 33.75 38.14
CA ASP C 51 -39.34 34.64 39.28
C ASP C 51 -38.39 35.83 39.25
N GLY C 52 -37.17 35.59 38.80
CA GLY C 52 -36.19 36.62 38.54
C GLY C 52 -35.21 36.02 37.55
N SER C 53 -34.64 36.87 36.68
CA SER C 53 -33.75 36.38 35.63
C SER C 53 -32.84 37.46 35.11
N ALA C 54 -31.76 37.03 34.46
CA ALA C 54 -30.78 37.94 33.91
C ALA C 54 -30.06 37.35 32.71
N LEU C 55 -30.00 38.13 31.62
CA LEU C 55 -29.11 37.81 30.50
C LEU C 55 -27.81 38.59 30.59
N VAL C 56 -26.70 37.86 30.69
CA VAL C 56 -25.37 38.46 30.80
C VAL C 56 -24.54 38.26 29.53
N LYS C 57 -24.10 39.36 28.94
CA LYS C 57 -23.12 39.29 27.83
C LYS C 57 -21.79 39.82 28.33
N LEU C 58 -20.80 38.95 28.42
CA LEU C 58 -19.44 39.36 28.76
C LEU C 58 -18.53 38.99 27.60
N GLY C 59 -18.19 39.98 26.77
CA GLY C 59 -17.52 39.70 25.49
C GLY C 59 -18.49 38.87 24.67
N THR C 60 -18.02 37.73 24.16
CA THR C 60 -18.87 36.85 23.37
C THR C 60 -19.52 35.74 24.19
N THR C 61 -19.30 35.76 25.51
CA THR C 61 -19.94 34.77 26.40
C THR C 61 -21.33 35.25 26.78
N MET C 62 -22.32 34.36 26.65
CA MET C 62 -23.69 34.62 27.07
C MET C 62 -24.20 33.60 28.05
N VAL C 63 -24.77 34.11 29.14
CA VAL C 63 -25.34 33.29 30.16
C VAL C 63 -26.69 33.86 30.56
N LEU C 64 -27.69 32.99 30.57
CA LEU C 64 -29.00 33.30 31.10
C LEU C 64 -29.27 32.51 32.38
N ALA C 65 -29.41 33.25 33.48
CA ALA C 65 -29.76 32.67 34.79
C ALA C 65 -31.21 32.99 35.10
N GLY C 66 -31.89 32.05 35.74
CA GLY C 66 -33.29 32.23 36.08
C GLY C 66 -33.60 31.54 37.38
N THR C 67 -34.43 32.18 38.20
CA THR C 67 -34.81 31.64 39.50
C THR C 67 -36.23 31.16 39.48
N LYS C 68 -36.51 30.20 40.34
CA LYS C 68 -37.84 29.69 40.55
C LYS C 68 -37.96 29.38 42.03
N LEU C 69 -39.02 29.88 42.67
CA LEU C 69 -39.21 29.70 44.10
C LEU C 69 -40.34 28.75 44.40
N GLU C 70 -40.08 27.82 45.31
CA GLU C 70 -41.06 26.80 45.69
C GLU C 70 -41.02 26.53 47.18
N ILE C 71 -42.18 26.18 47.73
CA ILE C 71 -42.30 25.88 49.16
C ILE C 71 -42.00 24.42 49.43
N ASP C 72 -41.06 24.18 50.35
CA ASP C 72 -40.63 22.85 50.71
C ASP C 72 -40.56 22.67 52.22
N LYS C 73 -40.69 21.43 52.67
CA LYS C 73 -40.32 21.09 54.04
C LYS C 73 -38.79 21.22 54.12
N PRO C 74 -38.27 21.84 55.19
CA PRO C 74 -36.82 22.01 55.31
C PRO C 74 -36.16 20.68 55.48
N TYR C 75 -34.90 20.59 55.07
CA TYR C 75 -34.16 19.37 55.22
C TYR C 75 -33.87 19.15 56.70
N GLU C 76 -34.10 17.92 57.18
CA GLU C 76 -33.94 17.60 58.60
C GLU C 76 -32.49 17.71 59.06
N ASP C 77 -31.60 18.06 58.14
CA ASP C 77 -30.21 18.33 58.47
C ASP C 77 -29.89 19.84 58.53
N THR C 78 -30.95 20.69 58.43
CA THR C 78 -30.91 22.18 58.44
C THR C 78 -32.33 22.76 58.67
N PRO C 79 -32.82 22.71 59.93
CA PRO C 79 -34.25 22.97 60.22
C PRO C 79 -34.69 24.44 60.11
N ASN C 80 -33.74 25.37 60.20
CA ASN C 80 -34.06 26.80 60.17
C ASN C 80 -33.38 27.51 59.02
N GLN C 81 -33.44 26.88 57.85
CA GLN C 81 -32.87 27.42 56.63
C GLN C 81 -33.76 27.08 55.45
N GLY C 82 -33.91 28.04 54.54
CA GLY C 82 -34.44 27.75 53.24
C GLY C 82 -33.37 27.05 52.43
N ASN C 83 -33.67 26.75 51.17
CA ASN C 83 -32.74 25.99 50.32
C ASN C 83 -32.27 26.76 49.09
N LEU C 84 -31.00 26.60 48.76
CA LEU C 84 -30.48 27.11 47.49
C LEU C 84 -29.97 25.93 46.67
N ILE C 85 -30.49 25.77 45.47
CA ILE C 85 -30.00 24.74 44.58
C ILE C 85 -29.55 25.38 43.28
N VAL C 86 -28.25 25.32 43.03
CA VAL C 86 -27.69 25.94 41.85
C VAL C 86 -27.45 24.89 40.79
N ASN C 87 -27.80 25.22 39.56
CA ASN C 87 -27.62 24.29 38.46
C ASN C 87 -27.15 24.97 37.19
N VAL C 88 -26.10 24.42 36.58
CA VAL C 88 -25.52 25.03 35.39
C VAL C 88 -25.59 24.09 34.20
N GLU C 89 -25.97 24.65 33.05
CA GLU C 89 -25.95 23.89 31.81
C GLU C 89 -25.16 24.56 30.71
N LEU C 90 -24.25 23.80 30.12
CA LEU C 90 -23.53 24.19 28.92
C LEU C 90 -24.24 23.56 27.71
N LEU C 91 -24.47 24.36 26.67
CA LEU C 91 -25.25 23.89 25.54
C LEU C 91 -24.46 23.65 24.25
N PRO C 92 -23.46 24.52 23.95
CA PRO C 92 -22.65 24.31 22.71
C PRO C 92 -22.02 22.92 22.55
N ASP C 104 -22.90 16.97 33.22
CA ASP C 104 -21.56 17.11 32.62
C ASP C 104 -20.40 16.82 33.61
N GLU C 105 -19.75 17.86 34.13
CA GLU C 105 -18.55 17.80 34.99
C GLU C 105 -17.95 19.18 35.22
N ASN C 106 -17.68 19.88 34.11
CA ASN C 106 -17.41 21.29 34.13
C ASN C 106 -18.64 22.03 34.60
N ALA C 107 -19.81 21.57 34.16
CA ALA C 107 -21.09 22.15 34.54
C ALA C 107 -21.30 22.00 36.05
N ILE C 108 -20.92 20.84 36.57
CA ILE C 108 -21.05 20.59 37.98
C ILE C 108 -20.08 21.47 38.77
N GLU C 109 -18.82 21.53 38.32
CA GLU C 109 -17.83 22.38 38.96
C GLU C 109 -18.32 23.80 39.06
N LEU C 110 -18.74 24.36 37.91
CA LEU C 110 -19.28 25.72 37.85
C LEU C 110 -20.42 25.91 38.86
N ALA C 111 -21.41 25.02 38.83
CA ALA C 111 -22.54 25.12 39.74
C ALA C 111 -22.07 25.20 41.21
N ARG C 112 -21.13 24.35 41.57
CA ARG C 112 -20.65 24.26 42.94
C ARG C 112 -19.81 25.46 43.34
N VAL C 113 -18.98 25.95 42.44
CA VAL C 113 -18.15 27.11 42.74
C VAL C 113 -19.06 28.32 42.99
N VAL C 114 -19.99 28.57 42.07
CA VAL C 114 -20.98 29.64 42.20
C VAL C 114 -21.76 29.49 43.49
N ASP C 115 -22.30 28.29 43.70
CA ASP C 115 -23.01 27.95 44.95
C ASP C 115 -22.18 28.37 46.17
N ARG C 116 -20.97 27.82 46.27
CA ARG C 116 -20.12 28.06 47.42
C ARG C 116 -19.93 29.53 47.68
N SER C 117 -19.72 30.31 46.62
CA SER C 117 -19.43 31.72 46.82
C SER C 117 -20.68 32.49 47.28
N LEU C 118 -21.87 32.02 46.87
CA LEU C 118 -23.13 32.63 47.31
C LEU C 118 -23.49 32.23 48.75
N ARG C 119 -23.22 30.97 49.08
CA ARG C 119 -23.60 30.38 50.36
C ARG C 119 -22.67 30.78 51.50
N ASP C 120 -21.36 30.58 51.29
CA ASP C 120 -20.34 30.90 52.30
C ASP C 120 -20.29 32.39 52.62
N SER C 121 -20.53 33.24 51.62
CA SER C 121 -20.51 34.68 51.81
C SER C 121 -21.70 35.14 52.62
N LYS C 122 -22.73 34.29 52.69
CA LYS C 122 -24.04 34.74 53.14
C LYS C 122 -24.55 35.92 52.30
N ALA C 123 -24.29 35.93 50.99
CA ALA C 123 -24.85 36.97 50.12
C ALA C 123 -26.36 36.79 50.12
N LEU C 124 -26.79 35.54 49.98
CA LEU C 124 -28.18 35.20 50.20
C LEU C 124 -28.33 34.57 51.58
N ASP C 125 -29.25 35.12 52.37
CA ASP C 125 -29.43 34.64 53.72
C ASP C 125 -30.55 33.60 53.75
N LEU C 126 -30.16 32.33 53.91
CA LEU C 126 -31.10 31.21 53.86
C LEU C 126 -31.98 31.15 55.08
N THR C 127 -31.49 31.67 56.21
CA THR C 127 -32.24 31.62 57.46
C THR C 127 -33.44 32.57 57.43
N LYS C 128 -33.44 33.53 56.50
CA LYS C 128 -34.57 34.43 56.32
C LYS C 128 -35.57 33.90 55.28
N LEU C 129 -35.36 32.67 54.81
CA LEU C 129 -36.27 32.03 53.87
C LEU C 129 -37.24 31.06 54.55
N VAL C 130 -37.19 31.04 55.87
CA VAL C 130 -38.06 30.18 56.67
C VAL C 130 -39.43 30.82 56.68
N ILE C 131 -40.47 30.01 56.49
CA ILE C 131 -41.84 30.49 56.58
C ILE C 131 -42.41 30.03 57.93
N GLU C 132 -42.64 28.72 58.05
CA GLU C 132 -43.11 28.10 59.27
C GLU C 132 -41.97 27.20 59.73
N PRO C 133 -41.24 27.60 60.80
CA PRO C 133 -40.00 26.90 61.17
C PRO C 133 -40.21 25.40 61.31
N GLY C 134 -39.31 24.60 60.72
CA GLY C 134 -39.44 23.15 60.73
C GLY C 134 -40.54 22.59 59.84
N LYS C 135 -41.58 23.40 59.58
CA LYS C 135 -42.70 23.01 58.70
C LYS C 135 -42.45 23.37 57.22
N SER C 136 -42.21 24.66 56.93
CA SER C 136 -42.10 25.11 55.54
C SER C 136 -41.11 26.26 55.27
N VAL C 137 -40.33 26.09 54.21
CA VAL C 137 -39.31 27.07 53.80
C VAL C 137 -39.34 27.31 52.30
N TRP C 138 -38.72 28.40 51.86
CA TRP C 138 -38.55 28.65 50.43
C TRP C 138 -37.35 27.89 49.89
N THR C 139 -37.54 27.24 48.75
CA THR C 139 -36.43 26.68 48.00
C THR C 139 -36.19 27.59 46.81
N VAL C 140 -34.96 28.04 46.66
CA VAL C 140 -34.58 28.84 45.51
C VAL C 140 -33.82 27.99 44.49
N TRP C 141 -34.51 27.59 43.43
CA TRP C 141 -33.86 26.94 42.30
C TRP C 141 -33.23 27.99 41.42
N LEU C 142 -31.91 27.97 41.34
CA LEU C 142 -31.19 28.83 40.42
C LEU C 142 -30.63 28.01 39.24
N ASP C 143 -31.19 28.25 38.05
CA ASP C 143 -30.74 27.54 36.86
C ASP C 143 -30.02 28.49 35.92
N VAL C 144 -28.78 28.15 35.62
CA VAL C 144 -27.89 29.01 34.84
C VAL C 144 -27.54 28.33 33.52
N TYR C 145 -27.87 28.99 32.40
CA TYR C 145 -27.68 28.42 31.07
C TYR C 145 -26.64 29.18 30.27
N VAL C 146 -25.52 28.51 30.01
CA VAL C 146 -24.48 29.05 29.15
C VAL C 146 -24.91 28.85 27.73
N LEU C 147 -25.25 29.96 27.07
CA LEU C 147 -25.78 29.92 25.73
C LEU C 147 -24.68 30.05 24.67
N ASP C 148 -23.65 30.84 25.00
CA ASP C 148 -22.53 31.07 24.09
C ASP C 148 -21.20 30.96 24.84
N TYR C 149 -20.37 30.00 24.47
CA TYR C 149 -19.12 29.81 25.17
C TYR C 149 -18.03 30.69 24.60
N GLY C 150 -17.76 31.82 25.26
CA GLY C 150 -16.72 32.74 24.78
C GLY C 150 -15.51 32.85 25.71
N GLY C 151 -15.33 31.86 26.58
CA GLY C 151 -14.25 31.91 27.55
C GLY C 151 -14.64 32.64 28.82
N ASN C 152 -14.00 32.27 29.91
CA ASN C 152 -14.31 32.81 31.23
C ASN C 152 -15.77 32.74 31.58
N VAL C 153 -16.31 31.55 31.43
CA VAL C 153 -17.71 31.25 31.71
C VAL C 153 -18.09 31.45 33.21
N LEU C 154 -17.19 31.07 34.12
CA LEU C 154 -17.42 31.18 35.55
C LEU C 154 -17.81 32.60 35.98
N ASP C 155 -17.00 33.59 35.60
CA ASP C 155 -17.29 34.96 35.96
C ASP C 155 -18.65 35.41 35.45
N ALA C 156 -19.01 35.02 34.23
CA ALA C 156 -20.32 35.39 33.69
C ALA C 156 -21.46 34.69 34.45
N CYS C 157 -21.22 33.45 34.87
CA CYS C 157 -22.20 32.70 35.65
C CYS C 157 -22.49 33.36 37.01
N THR C 158 -21.44 33.85 37.67
CA THR C 158 -21.60 34.51 38.94
C THR C 158 -22.43 35.77 38.75
N LEU C 159 -22.04 36.57 37.77
CA LEU C 159 -22.78 37.78 37.44
C LEU C 159 -24.24 37.50 37.09
N ALA C 160 -24.49 36.43 36.32
CA ALA C 160 -25.85 36.10 35.92
C ALA C 160 -26.68 35.66 37.12
N SER C 161 -26.03 34.90 38.00
CA SER C 161 -26.70 34.34 39.18
C SER C 161 -27.03 35.45 40.15
N VAL C 162 -26.07 36.32 40.42
CA VAL C 162 -26.28 37.41 41.34
C VAL C 162 -27.40 38.30 40.82
N ALA C 163 -27.32 38.67 39.55
CA ALA C 163 -28.34 39.50 38.92
C ALA C 163 -29.72 38.82 38.95
N ALA C 164 -29.78 37.54 38.67
CA ALA C 164 -31.08 36.88 38.69
C ALA C 164 -31.68 36.94 40.08
N LEU C 165 -30.84 36.72 41.09
CA LEU C 165 -31.30 36.71 42.49
C LEU C 165 -31.86 38.06 42.87
N TYR C 166 -31.14 39.11 42.52
CA TYR C 166 -31.59 40.45 42.78
C TYR C 166 -32.85 40.83 42.00
N ASN C 167 -33.09 40.12 40.92
CA ASN C 167 -34.26 40.42 40.09
C ASN C 167 -35.47 39.64 40.58
N THR C 168 -35.24 38.69 41.49
CA THR C 168 -36.26 37.78 41.95
C THR C 168 -37.33 38.39 42.83
N LYS C 169 -38.58 38.23 42.39
CA LYS C 169 -39.78 38.66 43.11
C LYS C 169 -40.27 37.52 44.00
N VAL C 170 -40.67 37.86 45.21
CA VAL C 170 -41.25 36.89 46.12
C VAL C 170 -42.75 37.13 46.22
N TYR C 171 -43.52 36.05 46.27
CA TYR C 171 -44.98 36.15 46.21
C TYR C 171 -45.66 35.96 47.56
N LYS C 172 -46.94 36.30 47.62
CA LYS C 172 -47.75 36.19 48.83
C LYS C 172 -47.99 34.75 49.20
N VAL C 173 -48.04 34.47 50.50
CA VAL C 173 -48.17 33.10 51.00
C VAL C 173 -49.49 32.89 51.74
N GLU C 174 -50.45 32.26 51.06
CA GLU C 174 -51.75 31.95 51.65
C GLU C 174 -51.66 30.79 52.64
N GLN C 175 -51.73 31.13 53.94
CA GLN C 175 -51.62 30.14 55.03
C GLN C 175 -52.96 29.91 55.72
N ILE C 180 -49.37 27.29 53.14
CA ILE C 180 -50.11 26.21 52.48
C ILE C 180 -50.23 26.42 50.97
N SER C 181 -50.44 27.68 50.55
CA SER C 181 -50.61 28.02 49.13
C SER C 181 -49.87 29.29 48.71
N VAL C 182 -49.41 29.34 47.45
CA VAL C 182 -48.75 30.52 46.89
C VAL C 182 -49.69 31.31 45.99
N ASN C 183 -49.62 32.64 46.06
CA ASN C 183 -50.44 33.51 45.22
C ASN C 183 -49.58 34.31 44.28
N LYS C 184 -49.50 33.86 43.03
CA LYS C 184 -48.50 34.35 42.10
C LYS C 184 -48.83 35.66 41.37
N ASN C 185 -49.82 36.39 41.86
CA ASN C 185 -50.11 37.72 41.30
C ASN C 185 -50.14 38.83 42.36
N GLU C 186 -49.60 38.50 43.53
CA GLU C 186 -49.30 39.49 44.55
C GLU C 186 -47.83 39.34 44.93
N VAL C 187 -47.03 40.32 44.52
CA VAL C 187 -45.60 40.33 44.80
C VAL C 187 -45.34 40.97 46.18
N VAL C 188 -44.97 40.14 47.14
CA VAL C 188 -44.73 40.55 48.53
C VAL C 188 -43.42 41.31 48.74
N GLY C 189 -42.35 40.86 48.08
CA GLY C 189 -41.06 41.52 48.24
C GLY C 189 -39.98 40.90 47.40
N LYS C 190 -38.76 40.92 47.92
CA LYS C 190 -37.60 40.42 47.21
C LYS C 190 -36.84 39.42 48.07
N LEU C 191 -35.77 38.86 47.53
CA LEU C 191 -34.95 37.90 48.27
C LEU C 191 -34.15 38.60 49.34
N PRO C 192 -33.95 37.93 50.48
CA PRO C 192 -33.08 38.45 51.53
C PRO C 192 -31.61 38.43 51.11
N LEU C 193 -31.22 39.43 50.32
CA LEU C 193 -29.85 39.53 49.85
C LEU C 193 -29.08 40.58 50.63
N ASN C 194 -27.88 40.20 51.07
CA ASN C 194 -27.01 41.08 51.84
C ASN C 194 -26.19 41.99 50.96
N TYR C 195 -25.59 41.41 49.94
CA TYR C 195 -24.80 42.13 48.98
C TYR C 195 -24.57 41.29 47.73
N PRO C 196 -24.21 41.94 46.62
CA PRO C 196 -23.77 41.17 45.47
C PRO C 196 -22.39 40.56 45.73
N VAL C 197 -21.99 39.65 44.86
CA VAL C 197 -20.67 39.06 44.91
C VAL C 197 -20.17 39.03 43.50
N VAL C 198 -18.86 39.15 43.30
CA VAL C 198 -18.28 38.94 41.97
C VAL C 198 -17.18 37.92 42.05
N THR C 199 -17.02 37.15 40.97
CA THR C 199 -15.87 36.27 40.84
C THR C 199 -14.99 36.83 39.73
N ILE C 200 -13.70 36.94 40.01
CA ILE C 200 -12.72 37.42 39.02
C ILE C 200 -11.74 36.31 38.69
N SER C 201 -11.64 35.98 37.41
CA SER C 201 -10.70 34.95 36.96
C SER C 201 -9.41 35.53 36.37
N VAL C 202 -8.27 35.02 36.82
CA VAL C 202 -6.99 35.47 36.33
C VAL C 202 -6.27 34.29 35.72
N ALA C 203 -5.93 34.43 34.44
CA ALA C 203 -5.25 33.38 33.69
C ALA C 203 -3.74 33.57 33.65
N LYS C 204 -3.02 32.47 33.86
CA LYS C 204 -1.58 32.43 33.73
C LYS C 204 -1.30 31.98 32.31
N VAL C 205 -0.70 32.88 31.53
CA VAL C 205 -0.28 32.56 30.16
C VAL C 205 1.18 32.93 30.03
N ASP C 206 2.01 31.92 29.78
CA ASP C 206 3.46 32.09 29.73
C ASP C 206 3.92 32.65 31.07
N LYS C 207 4.51 33.84 31.05
CA LYS C 207 4.91 34.51 32.30
C LYS C 207 3.97 35.68 32.64
N TYR C 208 2.80 35.71 32.01
CA TYR C 208 1.89 36.84 32.13
C TYR C 208 0.61 36.45 32.87
N LEU C 209 0.03 37.43 33.56
CA LEU C 209 -1.28 37.25 34.17
C LEU C 209 -2.30 38.12 33.44
N VAL C 210 -3.42 37.50 33.11
CA VAL C 210 -4.41 38.14 32.29
C VAL C 210 -5.78 37.97 32.93
N VAL C 211 -6.52 39.08 33.05
CA VAL C 211 -7.83 39.09 33.67
C VAL C 211 -8.90 38.76 32.64
N ASP C 212 -9.87 37.93 33.02
CA ASP C 212 -11.03 37.63 32.16
C ASP C 212 -10.55 37.09 30.79
N PRO C 213 -9.95 35.89 30.78
CA PRO C 213 -9.41 35.38 29.54
C PRO C 213 -10.51 35.04 28.54
N ASP C 214 -10.29 35.35 27.28
CA ASP C 214 -11.23 34.97 26.22
C ASP C 214 -10.98 33.53 25.74
N LEU C 215 -11.65 33.11 24.68
CA LEU C 215 -11.61 31.74 24.22
C LEU C 215 -10.21 31.32 23.83
N ASP C 216 -9.54 32.16 23.04
CA ASP C 216 -8.19 31.89 22.61
C ASP C 216 -7.24 31.86 23.78
N GLU C 217 -7.39 32.82 24.67
CA GLU C 217 -6.55 32.92 25.84
C GLU C 217 -6.67 31.69 26.73
N GLU C 218 -7.89 31.18 26.88
CA GLU C 218 -8.12 30.01 27.72
C GLU C 218 -7.48 28.75 27.18
N SER C 219 -7.40 28.64 25.86
CA SER C 219 -6.81 27.46 25.26
C SER C 219 -5.30 27.43 25.32
N ILE C 220 -4.67 28.56 25.61
CA ILE C 220 -3.21 28.63 25.65
C ILE C 220 -2.67 28.81 27.05
N MET C 221 -3.57 29.08 27.99
CA MET C 221 -3.17 29.32 29.38
C MET C 221 -2.57 28.07 30.03
N ASP C 222 -1.71 28.28 31.01
CA ASP C 222 -1.21 27.17 31.82
C ASP C 222 -2.37 26.74 32.74
N ALA C 223 -2.92 27.72 33.45
CA ALA C 223 -3.99 27.52 34.42
C ALA C 223 -4.65 28.86 34.69
N LYS C 224 -5.82 28.82 35.31
CA LYS C 224 -6.46 30.04 35.78
C LYS C 224 -6.91 29.89 37.23
N ILE C 225 -7.08 31.03 37.91
CA ILE C 225 -7.48 31.04 39.29
C ILE C 225 -8.56 32.08 39.49
N SER C 226 -9.63 31.69 40.16
CA SER C 226 -10.78 32.55 40.29
C SER C 226 -10.99 32.94 41.75
N PHE C 227 -11.16 34.24 41.98
CA PHE C 227 -11.36 34.76 43.33
C PHE C 227 -12.74 35.36 43.43
N SER C 228 -13.44 35.05 44.51
CA SER C 228 -14.75 35.63 44.74
C SER C 228 -14.67 36.65 45.86
N TYR C 229 -15.25 37.82 45.62
CA TYR C 229 -15.20 38.92 46.59
C TYR C 229 -16.58 39.47 46.96
N THR C 230 -16.68 39.94 48.21
CA THR C 230 -17.83 40.68 48.69
C THR C 230 -17.44 42.15 48.52
N PRO C 231 -18.42 43.07 48.55
CA PRO C 231 -18.15 44.49 48.35
C PRO C 231 -17.06 45.08 49.26
N ASP C 232 -16.94 44.60 50.51
CA ASP C 232 -15.89 45.12 51.41
C ASP C 232 -14.51 44.57 51.04
N LEU C 233 -14.51 43.61 50.13
CA LEU C 233 -13.31 42.96 49.60
C LEU C 233 -12.75 41.83 50.46
N LYS C 234 -13.64 41.07 51.07
CA LYS C 234 -13.27 39.84 51.73
C LYS C 234 -13.25 38.76 50.65
N ILE C 235 -12.26 37.87 50.70
CA ILE C 235 -12.21 36.72 49.77
C ILE C 235 -13.22 35.70 50.25
N VAL C 236 -14.02 35.17 49.32
CA VAL C 236 -15.17 34.37 49.66
C VAL C 236 -15.21 33.02 48.95
N GLY C 237 -14.24 32.83 48.08
CA GLY C 237 -14.01 31.57 47.39
C GLY C 237 -12.79 31.69 46.50
N ILE C 238 -12.04 30.59 46.40
CA ILE C 238 -10.96 30.49 45.42
C ILE C 238 -10.98 29.14 44.72
N GLN C 239 -10.78 29.13 43.41
CA GLN C 239 -10.76 27.90 42.63
C GLN C 239 -9.73 28.03 41.53
N LYS C 240 -8.70 27.20 41.63
CA LYS C 240 -7.74 27.02 40.56
C LYS C 240 -8.33 26.09 39.50
N SER C 241 -8.05 26.41 38.25
CA SER C 241 -8.57 25.67 37.13
C SER C 241 -7.46 25.47 36.11
N GLY C 242 -7.54 24.37 35.36
CA GLY C 242 -6.65 24.15 34.22
C GLY C 242 -5.68 23.01 34.41
N LYS C 243 -5.16 22.50 33.29
CA LYS C 243 -4.17 21.39 33.24
C LYS C 243 -2.74 21.75 33.68
N GLY C 244 -2.46 23.02 33.88
CA GLY C 244 -1.12 23.43 34.27
C GLY C 244 -1.01 23.91 35.70
N SER C 245 0.19 24.31 36.09
CA SER C 245 0.43 24.77 37.44
C SER C 245 0.72 26.26 37.45
N MET C 246 1.00 26.78 38.63
CA MET C 246 1.14 28.21 38.85
C MET C 246 2.04 28.37 40.05
N SER C 247 2.92 29.36 40.04
CA SER C 247 3.83 29.55 41.16
C SER C 247 3.16 30.29 42.32
N LEU C 248 3.83 30.26 43.47
CA LEU C 248 3.36 30.93 44.68
C LEU C 248 3.12 32.38 44.40
N GLN C 249 4.13 33.03 43.81
CA GLN C 249 4.08 34.46 43.55
C GLN C 249 3.09 34.84 42.47
N ASP C 250 2.84 33.92 41.55
CA ASP C 250 1.80 34.09 40.53
C ASP C 250 0.46 34.27 41.22
N ILE C 251 0.17 33.39 42.17
CA ILE C 251 -1.07 33.43 42.92
C ILE C 251 -1.17 34.68 43.77
N ASP C 252 -0.06 35.05 44.39
CA ASP C 252 0.02 36.28 45.15
C ASP C 252 -0.42 37.47 44.29
N GLN C 253 0.22 37.64 43.14
CA GLN C 253 -0.07 38.76 42.23
C GLN C 253 -1.46 38.69 41.66
N ALA C 254 -1.89 37.48 41.35
CA ALA C 254 -3.21 37.24 40.78
C ALA C 254 -4.30 37.78 41.69
N GLU C 255 -4.20 37.51 43.00
CA GLU C 255 -5.21 37.96 43.93
C GLU C 255 -5.17 39.50 44.07
N ASN C 256 -3.96 40.06 44.12
CA ASN C 256 -3.81 41.51 44.10
C ASN C 256 -4.56 42.11 42.93
N THR C 257 -4.26 41.58 41.75
CA THR C 257 -4.87 42.00 40.50
C THR C 257 -6.38 41.81 40.57
N ALA C 258 -6.80 40.59 40.91
CA ALA C 258 -8.20 40.25 41.03
C ALA C 258 -8.96 41.24 41.89
N ARG C 259 -8.36 41.63 43.01
CA ARG C 259 -9.02 42.47 44.00
C ARG C 259 -9.30 43.87 43.47
N SER C 260 -8.31 44.49 42.84
CA SER C 260 -8.51 45.84 42.33
C SER C 260 -9.40 45.85 41.09
N THR C 261 -9.54 44.70 40.45
CA THR C 261 -10.51 44.53 39.39
C THR C 261 -11.91 44.43 39.98
N ALA C 262 -12.02 43.67 41.06
CA ALA C 262 -13.30 43.44 41.73
C ALA C 262 -14.06 44.74 42.02
N VAL C 263 -13.33 45.76 42.44
CA VAL C 263 -13.94 47.06 42.75
C VAL C 263 -14.73 47.61 41.54
N LYS C 264 -14.03 47.69 40.40
CA LYS C 264 -14.62 48.17 39.14
C LYS C 264 -15.81 47.33 38.73
N LEU C 265 -15.65 46.01 38.80
CA LEU C 265 -16.70 45.10 38.38
C LEU C 265 -17.93 45.19 39.28
N LEU C 266 -17.73 45.36 40.58
CA LEU C 266 -18.84 45.51 41.53
C LEU C 266 -19.63 46.78 41.25
N GLU C 267 -18.92 47.87 40.97
CA GLU C 267 -19.53 49.14 40.64
C GLU C 267 -20.44 49.02 39.42
N GLU C 268 -19.93 48.35 38.40
CA GLU C 268 -20.63 48.18 37.13
C GLU C 268 -21.86 47.27 37.30
N LEU C 269 -21.68 46.20 38.06
CA LEU C 269 -22.76 45.28 38.40
C LEU C 269 -23.91 46.03 39.10
N LYS C 270 -23.55 46.89 40.03
CA LYS C 270 -24.53 47.62 40.78
C LYS C 270 -25.31 48.58 39.89
N LYS C 271 -24.63 49.24 38.96
CA LYS C 271 -25.30 50.08 37.97
C LYS C 271 -26.34 49.28 37.21
N HIS C 272 -25.98 48.05 36.82
CA HIS C 272 -26.93 47.21 36.10
C HIS C 272 -28.10 46.79 36.97
N LEU C 273 -27.84 46.52 38.24
CA LEU C 273 -28.88 46.06 39.17
C LEU C 273 -29.75 47.20 39.72
N GLY C 274 -29.31 48.42 39.49
CA GLY C 274 -29.88 49.56 40.17
C GLY C 274 -29.41 49.57 41.62
N ILE C 275 -28.11 49.37 41.78
CA ILE C 275 -27.43 49.09 43.07
C ILE C 275 -28.05 47.93 43.85
N ARG D 2 -32.15 35.99 76.43
CA ARG D 2 -31.28 36.98 75.71
C ARG D 2 -29.83 36.95 76.23
N GLU D 3 -29.68 36.95 77.55
CA GLU D 3 -28.37 37.06 78.19
C GLU D 3 -27.74 35.72 78.54
N MET D 4 -28.57 34.68 78.65
CA MET D 4 -28.08 33.30 78.85
C MET D 4 -27.66 32.64 77.55
N LEU D 5 -28.13 33.17 76.42
CA LEU D 5 -27.91 32.53 75.11
C LEU D 5 -26.47 32.75 74.61
N GLN D 6 -25.60 31.94 75.17
CA GLN D 6 -24.26 31.76 74.67
C GLN D 6 -24.42 31.11 73.30
N VAL D 7 -23.40 31.23 72.45
CA VAL D 7 -23.51 30.79 71.05
C VAL D 7 -23.80 29.28 70.87
N GLU D 8 -23.41 28.69 69.75
CA GLU D 8 -23.75 27.30 69.44
C GLU D 8 -22.57 26.57 68.80
N ARG D 9 -21.85 27.28 67.94
CA ARG D 9 -20.59 26.79 67.42
C ARG D 9 -19.61 26.72 68.57
N PRO D 10 -18.82 25.65 68.63
CA PRO D 10 -17.73 25.48 69.60
C PRO D 10 -16.49 26.31 69.32
N LYS D 11 -15.75 26.64 70.38
CA LYS D 11 -14.44 27.26 70.22
C LYS D 11 -13.45 26.25 69.66
N LEU D 12 -12.60 26.72 68.75
CA LEU D 12 -11.62 25.84 68.12
C LEU D 12 -10.19 26.11 68.57
N ILE D 13 -9.96 27.31 69.08
CA ILE D 13 -8.70 27.62 69.72
C ILE D 13 -8.95 27.75 71.21
N LEU D 14 -8.29 26.89 71.97
CA LEU D 14 -8.56 26.67 73.38
C LEU D 14 -7.36 27.00 74.26
N ASP D 15 -7.24 26.30 75.40
CA ASP D 15 -6.18 26.57 76.39
C ASP D 15 -4.78 26.46 75.78
N ASP D 16 -3.86 27.25 76.32
CA ASP D 16 -2.58 27.56 75.70
C ASP D 16 -2.94 28.14 74.36
N GLY D 17 -2.38 27.63 73.27
CA GLY D 17 -2.88 28.04 71.95
C GLY D 17 -3.49 26.87 71.22
N LYS D 18 -4.13 25.97 71.95
CA LYS D 18 -4.33 24.64 71.40
C LYS D 18 -5.71 24.35 70.83
N ARG D 19 -5.72 23.39 69.91
CA ARG D 19 -6.88 23.04 69.11
C ARG D 19 -7.59 21.87 69.75
N THR D 20 -8.77 21.54 69.23
CA THR D 20 -9.63 20.49 69.79
C THR D 20 -8.92 19.13 69.94
N ASP D 21 -7.93 18.85 69.10
CA ASP D 21 -7.17 17.60 69.21
C ASP D 21 -5.83 17.77 69.97
N GLY D 22 -5.64 18.94 70.55
CA GLY D 22 -4.46 19.24 71.34
C GLY D 22 -3.27 19.77 70.55
N ARG D 23 -3.46 19.95 69.25
CA ARG D 23 -2.39 20.51 68.41
C ARG D 23 -2.28 22.03 68.53
N LYS D 24 -1.07 22.53 68.29
CA LYS D 24 -0.86 23.96 68.11
C LYS D 24 -1.27 24.35 66.68
N PRO D 25 -1.44 25.65 66.42
CA PRO D 25 -1.83 26.08 65.07
C PRO D 25 -0.85 25.69 63.95
N ASP D 26 0.42 25.53 64.30
CA ASP D 26 1.46 25.21 63.33
C ASP D 26 1.86 23.75 63.31
N GLU D 27 0.99 22.86 63.77
CA GLU D 27 1.33 21.42 63.85
C GLU D 27 0.55 20.51 62.91
N LEU D 28 1.27 19.64 62.22
CA LEU D 28 0.64 18.65 61.36
C LEU D 28 0.10 17.49 62.18
N ARG D 29 -0.86 16.78 61.60
CA ARG D 29 -1.31 15.51 62.15
C ARG D 29 -0.25 14.46 61.85
N SER D 30 -0.38 13.30 62.50
CA SER D 30 0.53 12.22 62.27
C SER D 30 0.38 11.72 60.84
N ILE D 31 1.49 11.31 60.26
CA ILE D 31 1.49 10.88 58.88
C ILE D 31 2.04 9.47 58.76
N LYS D 32 1.36 8.66 57.96
CA LYS D 32 1.81 7.31 57.64
C LYS D 32 1.68 7.08 56.14
N ILE D 33 2.73 6.55 55.54
CA ILE D 33 2.80 6.30 54.10
C ILE D 33 3.40 4.93 53.84
N GLU D 34 2.74 4.12 53.00
CA GLU D 34 3.35 2.89 52.48
C GLU D 34 3.05 2.63 51.00
N LEU D 35 4.04 2.07 50.31
CA LEU D 35 4.01 1.91 48.85
C LEU D 35 4.01 0.44 48.45
N GLY D 36 3.52 0.16 47.24
CA GLY D 36 3.56 -1.17 46.67
C GLY D 36 2.70 -2.14 47.45
N VAL D 37 1.55 -1.65 47.90
CA VAL D 37 0.70 -2.41 48.81
C VAL D 37 -0.29 -3.33 48.06
N LEU D 38 -0.53 -3.02 46.79
CA LEU D 38 -1.39 -3.83 45.93
C LEU D 38 -0.56 -4.59 44.90
N LYS D 39 -0.68 -5.90 44.90
CA LYS D 39 0.12 -6.75 44.04
C LYS D 39 -0.25 -6.65 42.56
N ASN D 40 -1.53 -6.46 42.27
CA ASN D 40 -1.99 -6.50 40.88
C ASN D 40 -2.08 -5.15 40.19
N ALA D 41 -1.68 -4.09 40.89
CA ALA D 41 -1.61 -2.76 40.30
C ALA D 41 -0.19 -2.51 39.82
N ASP D 42 -0.02 -1.52 38.96
CA ASP D 42 1.32 -1.18 38.49
C ASP D 42 2.07 -0.33 39.49
N GLY D 43 1.33 0.49 40.23
CA GLY D 43 1.85 1.20 41.38
C GLY D 43 0.72 1.35 42.37
N SER D 44 1.05 1.39 43.66
CA SER D 44 0.05 1.66 44.72
C SER D 44 0.65 2.34 45.92
N ALA D 45 -0.20 3.01 46.68
CA ALA D 45 0.20 3.69 47.91
C ALA D 45 -0.99 3.83 48.86
N ILE D 46 -0.70 3.72 50.15
CA ILE D 46 -1.65 4.11 51.19
C ILE D 46 -1.09 5.37 51.84
N PHE D 47 -1.93 6.37 52.03
CA PHE D 47 -1.53 7.59 52.71
C PHE D 47 -2.48 7.88 53.89
N GLU D 48 -1.91 8.31 55.02
CA GLU D 48 -2.72 8.66 56.21
C GLU D 48 -2.29 9.98 56.82
N MET D 49 -3.24 10.89 56.93
CA MET D 49 -3.04 12.10 57.70
C MET D 49 -4.04 12.08 58.83
N GLY D 50 -3.54 11.93 60.05
CA GLY D 50 -4.41 11.70 61.18
C GLY D 50 -5.34 10.56 60.85
N ASN D 51 -6.64 10.82 60.94
CA ASN D 51 -7.66 9.79 60.69
C ASN D 51 -8.19 9.73 59.27
N THR D 52 -7.55 10.48 58.38
CA THR D 52 -7.84 10.39 56.93
C THR D 52 -6.91 9.34 56.28
N LYS D 53 -7.53 8.29 55.79
CA LYS D 53 -6.87 7.21 55.07
C LYS D 53 -7.31 7.13 53.63
N ALA D 54 -6.34 7.07 52.72
CA ALA D 54 -6.64 6.86 51.31
C ALA D 54 -5.75 5.79 50.72
N ILE D 55 -6.33 5.01 49.83
CA ILE D 55 -5.56 4.09 49.02
C ILE D 55 -5.65 4.48 47.54
N ALA D 56 -4.53 4.35 46.84
CA ALA D 56 -4.45 4.69 45.43
C ALA D 56 -3.77 3.58 44.63
N ALA D 57 -4.39 3.24 43.52
CA ALA D 57 -3.89 2.24 42.62
C ALA D 57 -3.70 2.89 41.25
N VAL D 58 -2.58 2.58 40.61
CA VAL D 58 -2.30 3.03 39.25
C VAL D 58 -2.20 1.83 38.32
N TYR D 59 -2.98 1.85 37.25
CA TYR D 59 -2.85 0.83 36.23
C TYR D 59 -2.18 1.47 35.03
N GLY D 60 -0.91 1.09 34.88
CA GLY D 60 0.13 1.85 34.15
C GLY D 60 -0.18 2.15 32.71
N PRO D 61 0.77 2.80 32.00
CA PRO D 61 0.50 3.22 30.62
C PRO D 61 0.07 2.05 29.74
N LYS D 62 -1.10 2.14 29.13
CA LYS D 62 -1.67 1.05 28.33
C LYS D 62 -2.54 1.60 27.20
N GLU D 63 -2.53 0.93 26.05
CA GLU D 63 -3.39 1.28 24.91
C GLU D 63 -4.84 1.42 25.34
N MET D 64 -5.54 2.41 24.78
CA MET D 64 -6.86 2.74 25.29
C MET D 64 -8.02 2.01 24.60
N HIS D 65 -8.95 1.54 25.43
CA HIS D 65 -10.10 0.71 25.02
C HIS D 65 -10.80 1.19 23.73
N PRO D 66 -11.59 2.29 23.80
CA PRO D 66 -12.10 2.86 22.55
C PRO D 66 -11.13 3.93 22.03
N ARG D 67 -10.58 3.70 20.84
CA ARG D 67 -9.45 4.51 20.39
C ARG D 67 -9.77 5.97 20.13
N HIS D 68 -11.00 6.26 19.70
CA HIS D 68 -11.39 7.64 19.41
C HIS D 68 -11.28 8.55 20.65
N LEU D 69 -11.29 7.93 21.83
CA LEU D 69 -11.15 8.65 23.10
C LEU D 69 -9.70 8.90 23.50
N SER D 70 -8.75 8.31 22.79
CA SER D 70 -7.32 8.51 23.05
C SER D 70 -6.79 9.79 22.40
N LEU D 71 -5.58 10.18 22.79
CA LEU D 71 -4.95 11.38 22.24
C LEU D 71 -3.70 11.03 21.44
N PRO D 72 -3.48 11.74 20.33
CA PRO D 72 -2.37 11.44 19.42
C PRO D 72 -0.97 11.77 19.96
N ASP D 73 -0.90 12.67 20.93
CA ASP D 73 0.38 13.20 21.42
C ASP D 73 0.61 12.95 22.91
N ARG D 74 -0.44 12.51 23.62
CA ARG D 74 -0.43 12.39 25.08
C ARG D 74 -1.10 11.11 25.58
N ALA D 75 -0.86 10.79 26.84
CA ALA D 75 -1.66 9.82 27.54
C ALA D 75 -2.90 10.52 28.13
N VAL D 76 -4.00 9.79 28.17
CA VAL D 76 -5.18 10.27 28.86
C VAL D 76 -5.06 9.82 30.32
N LEU D 77 -5.30 10.75 31.24
CA LEU D 77 -5.42 10.40 32.64
C LEU D 77 -6.87 10.12 32.95
N ARG D 78 -7.13 8.96 33.53
CA ARG D 78 -8.45 8.63 34.08
C ARG D 78 -8.36 8.53 35.59
N VAL D 79 -9.01 9.48 36.27
CA VAL D 79 -8.91 9.61 37.72
C VAL D 79 -10.28 9.38 38.39
N ARG D 80 -10.29 8.62 39.46
CA ARG D 80 -11.51 8.41 40.24
C ARG D 80 -11.24 8.73 41.71
N TYR D 81 -11.91 9.77 42.19
CA TYR D 81 -11.94 10.06 43.62
C TYR D 81 -13.22 9.47 44.16
N HIS D 82 -13.09 8.59 45.15
CA HIS D 82 -14.25 7.93 45.71
C HIS D 82 -14.12 7.69 47.20
N MET D 83 -15.24 7.89 47.90
CA MET D 83 -15.33 7.62 49.33
C MET D 83 -16.13 6.36 49.57
N THR D 84 -15.55 5.43 50.34
CA THR D 84 -16.25 4.21 50.73
C THR D 84 -17.38 4.57 51.67
N PRO D 85 -18.48 3.81 51.63
CA PRO D 85 -19.66 4.14 52.43
C PRO D 85 -19.40 4.19 53.93
N PHE D 86 -18.33 3.56 54.38
CA PHE D 86 -18.01 3.49 55.81
C PHE D 86 -16.80 4.36 56.17
N SER D 87 -16.54 5.37 55.37
CA SER D 87 -15.44 6.28 55.64
C SER D 87 -15.83 7.41 56.62
N THR D 88 -17.13 7.69 56.73
CA THR D 88 -17.62 8.76 57.57
C THR D 88 -18.48 8.21 58.70
N ASP D 89 -19.07 9.11 59.50
CA ASP D 89 -19.90 8.72 60.64
C ASP D 89 -21.27 8.22 60.19
N GLU D 90 -21.96 9.02 59.39
CA GLU D 90 -23.19 8.61 58.68
C GLU D 90 -22.80 8.03 57.33
N ARG D 91 -23.35 6.86 57.00
CA ARG D 91 -23.04 6.13 55.76
C ARG D 91 -23.23 6.95 54.49
N LYS D 92 -22.14 7.17 53.76
CA LYS D 92 -22.17 7.85 52.46
C LYS D 92 -22.72 6.90 51.39
N ASN D 93 -23.59 7.42 50.53
CA ASN D 93 -24.05 6.67 49.37
C ASN D 93 -22.91 6.44 48.36
N PRO D 94 -22.69 5.18 47.96
CA PRO D 94 -21.62 4.78 47.04
C PRO D 94 -21.69 5.48 45.68
N ALA D 95 -22.91 5.81 45.23
CA ALA D 95 -23.12 6.58 44.01
C ALA D 95 -22.36 7.90 44.05
N PRO D 96 -21.64 8.24 42.96
CA PRO D 96 -20.79 9.43 42.97
C PRO D 96 -21.63 10.69 43.22
N SER D 97 -21.21 11.48 44.19
CA SER D 97 -21.86 12.74 44.53
C SER D 97 -21.29 13.87 43.69
N ARG D 98 -22.00 15.01 43.63
CA ARG D 98 -21.51 16.18 42.92
C ARG D 98 -20.12 16.59 43.44
N ARG D 99 -19.94 16.52 44.76
CA ARG D 99 -18.64 16.74 45.37
C ARG D 99 -17.57 15.77 44.81
N GLU D 100 -17.91 14.49 44.72
CA GLU D 100 -16.94 13.47 44.26
C GLU D 100 -16.53 13.69 42.79
N ILE D 101 -17.49 14.15 41.99
CA ILE D 101 -17.25 14.44 40.59
C ILE D 101 -16.30 15.63 40.43
N GLU D 102 -16.53 16.70 41.19
CA GLU D 102 -15.70 17.89 41.14
C GLU D 102 -14.29 17.61 41.59
N LEU D 103 -14.17 16.88 42.69
CA LEU D 103 -12.86 16.59 43.24
C LEU D 103 -12.10 15.67 42.33
N SER D 104 -12.80 14.75 41.67
CA SER D 104 -12.15 13.93 40.63
C SER D 104 -11.45 14.77 39.57
N LYS D 105 -12.16 15.78 39.10
CA LYS D 105 -11.64 16.69 38.10
C LYS D 105 -10.46 17.48 38.66
N VAL D 106 -10.66 18.09 39.82
CA VAL D 106 -9.62 18.91 40.46
C VAL D 106 -8.32 18.12 40.69
N ILE D 107 -8.46 16.90 41.18
CA ILE D 107 -7.33 16.02 41.39
C ILE D 107 -6.70 15.63 40.06
N ARG D 108 -7.51 15.33 39.04
CA ARG D 108 -6.98 14.96 37.73
C ARG D 108 -6.11 16.09 37.19
N GLU D 109 -6.63 17.31 37.21
CA GLU D 109 -5.91 18.45 36.68
C GLU D 109 -4.60 18.64 37.44
N ALA D 110 -4.67 18.47 38.75
CA ALA D 110 -3.50 18.56 39.61
C ALA D 110 -2.41 17.58 39.10
N LEU D 111 -2.81 16.33 38.82
CA LEU D 111 -1.87 15.30 38.36
C LEU D 111 -1.37 15.55 36.94
N GLU D 112 -2.25 16.08 36.11
CA GLU D 112 -1.91 16.40 34.74
C GLU D 112 -0.75 17.39 34.68
N SER D 113 -0.66 18.26 35.67
CA SER D 113 0.40 19.25 35.69
C SER D 113 1.76 18.66 36.10
N ALA D 114 1.74 17.43 36.63
CA ALA D 114 2.95 16.80 37.15
C ALA D 114 3.42 15.67 36.28
N VAL D 115 2.46 14.84 35.83
CA VAL D 115 2.76 13.68 35.00
C VAL D 115 3.15 14.08 33.57
N LEU D 116 4.22 13.48 33.08
CA LEU D 116 4.71 13.73 31.71
C LEU D 116 3.96 12.86 30.69
N VAL D 117 2.72 13.24 30.45
CA VAL D 117 1.80 12.46 29.60
C VAL D 117 2.23 12.35 28.13
N GLU D 118 3.01 13.34 27.67
CA GLU D 118 3.49 13.39 26.30
C GLU D 118 4.29 12.14 25.94
N LEU D 119 4.91 11.55 26.95
CA LEU D 119 5.76 10.39 26.76
C LEU D 119 5.01 9.13 26.29
N PHE D 120 3.69 9.13 26.48
CA PHE D 120 2.89 7.93 26.18
C PHE D 120 1.66 8.24 25.34
N PRO D 121 1.87 8.56 24.06
CA PRO D 121 0.71 8.86 23.22
C PRO D 121 -0.19 7.65 23.06
N ARG D 122 -1.48 7.89 22.86
CA ARG D 122 -2.47 6.83 22.59
C ARG D 122 -2.72 5.87 23.74
N THR D 123 -2.24 6.23 24.93
CA THR D 123 -2.37 5.35 26.08
C THR D 123 -3.23 5.98 27.13
N ALA D 124 -3.72 5.15 28.04
CA ALA D 124 -4.43 5.62 29.24
C ALA D 124 -3.67 5.24 30.49
N ILE D 125 -3.58 6.18 31.43
CA ILE D 125 -3.11 5.90 32.78
C ILE D 125 -4.29 5.98 33.76
N ASP D 126 -4.58 4.86 34.40
CA ASP D 126 -5.69 4.81 35.35
C ASP D 126 -5.24 5.01 36.78
N VAL D 127 -5.91 5.94 37.46
CA VAL D 127 -5.62 6.27 38.85
C VAL D 127 -6.90 6.16 39.66
N PHE D 128 -7.01 5.14 40.48
CA PHE D 128 -8.19 4.99 41.33
C PHE D 128 -7.87 5.29 42.78
N THR D 129 -8.66 6.16 43.38
CA THR D 129 -8.47 6.57 44.74
C THR D 129 -9.66 6.15 45.56
N GLU D 130 -9.40 5.61 46.76
CA GLU D 130 -10.47 5.30 47.69
C GLU D 130 -10.18 5.84 49.07
N ILE D 131 -11.08 6.71 49.57
CA ILE D 131 -11.02 7.16 50.96
C ILE D 131 -11.65 6.09 51.83
N LEU D 132 -10.84 5.57 52.76
CA LEU D 132 -11.27 4.53 53.70
C LEU D 132 -11.77 5.15 55.01
N GLN D 133 -11.23 6.31 55.38
CA GLN D 133 -11.70 7.11 56.50
C GLN D 133 -11.54 8.57 56.16
N ALA D 134 -12.62 9.30 56.33
CA ALA D 134 -12.62 10.74 56.12
C ALA D 134 -12.54 11.49 57.44
N ASP D 135 -11.56 12.39 57.53
CA ASP D 135 -11.42 13.28 58.69
C ASP D 135 -10.92 14.64 58.18
N ALA D 136 -11.46 15.09 57.07
CA ALA D 136 -11.02 16.33 56.45
C ALA D 136 -9.65 16.21 55.75
N GLY D 137 -9.49 16.98 54.68
CA GLY D 137 -8.25 16.96 53.90
C GLY D 137 -8.11 15.73 53.03
N SER D 138 -9.21 14.98 52.88
CA SER D 138 -9.21 13.74 52.09
C SER D 138 -8.85 13.96 50.62
N ARG D 139 -9.35 15.05 50.03
CA ARG D 139 -8.97 15.39 48.66
C ARG D 139 -7.46 15.51 48.48
N LEU D 140 -6.78 16.03 49.50
CA LEU D 140 -5.32 16.12 49.45
C LEU D 140 -4.63 14.80 49.69
N VAL D 141 -5.14 14.05 50.67
CA VAL D 141 -4.58 12.73 50.98
C VAL D 141 -4.72 11.81 49.77
N SER D 142 -5.86 11.92 49.11
CA SER D 142 -6.11 11.20 47.85
C SER D 142 -5.09 11.57 46.76
N LEU D 143 -4.94 12.89 46.53
CA LEU D 143 -3.99 13.38 45.55
C LEU D 143 -2.55 12.94 45.83
N MET D 144 -2.16 12.92 47.10
CA MET D 144 -0.79 12.56 47.42
C MET D 144 -0.60 11.08 47.23
N ALA D 145 -1.60 10.31 47.62
CA ALA D 145 -1.54 8.86 47.49
C ALA D 145 -1.40 8.52 46.01
N ALA D 146 -2.16 9.25 45.19
CA ALA D 146 -2.11 9.08 43.74
C ALA D 146 -0.72 9.41 43.23
N SER D 147 -0.22 10.59 43.58
CA SER D 147 1.12 11.01 43.20
C SER D 147 2.14 9.93 43.53
N LEU D 148 2.06 9.39 44.74
CA LEU D 148 3.01 8.36 45.17
C LEU D 148 2.81 7.01 44.47
N ALA D 149 1.56 6.64 44.19
CA ALA D 149 1.28 5.41 43.43
C ALA D 149 1.85 5.51 42.00
N LEU D 150 1.80 6.71 41.43
CA LEU D 150 2.40 6.97 40.13
C LEU D 150 3.93 6.78 40.16
N ALA D 151 4.55 7.27 41.23
CA ALA D 151 5.99 7.10 41.40
C ALA D 151 6.31 5.63 41.61
N ASP D 152 5.43 4.93 42.30
CA ASP D 152 5.57 3.50 42.54
C ASP D 152 5.48 2.74 41.23
N ALA D 153 4.67 3.24 40.30
CA ALA D 153 4.55 2.62 38.96
C ALA D 153 5.72 3.00 38.05
N GLY D 154 6.56 3.93 38.50
CA GLY D 154 7.69 4.38 37.71
C GLY D 154 7.27 5.29 36.59
N ILE D 155 6.16 5.99 36.76
CA ILE D 155 5.71 6.92 35.76
C ILE D 155 6.40 8.25 35.95
N PRO D 156 7.13 8.72 34.93
CA PRO D 156 7.95 9.92 34.97
C PRO D 156 7.09 11.12 35.25
N MET D 157 7.51 11.95 36.21
CA MET D 157 6.77 13.16 36.64
C MET D 157 7.73 14.30 36.87
N ARG D 158 7.23 15.52 36.77
CA ARG D 158 8.05 16.70 37.04
C ARG D 158 8.56 16.69 38.49
N ASP D 159 7.70 16.30 39.41
CA ASP D 159 7.98 16.31 40.84
C ASP D 159 6.89 15.51 41.54
N LEU D 160 7.11 15.17 42.80
CA LEU D 160 6.04 14.59 43.61
C LEU D 160 5.12 15.72 44.02
N ILE D 161 3.92 15.37 44.44
CA ILE D 161 2.96 16.37 44.92
C ILE D 161 2.70 16.21 46.43
N ALA D 162 2.80 17.32 47.15
CA ALA D 162 2.51 17.35 48.57
C ALA D 162 1.50 18.45 48.83
N GLY D 163 0.57 18.20 49.76
CA GLY D 163 -0.44 19.17 50.10
C GLY D 163 -0.93 19.20 51.54
N VAL D 164 -1.56 20.32 51.91
CA VAL D 164 -2.26 20.45 53.19
C VAL D 164 -3.37 21.46 53.07
N ALA D 165 -4.43 21.24 53.84
CA ALA D 165 -5.46 22.26 54.03
C ALA D 165 -5.03 23.21 55.14
N VAL D 166 -4.86 24.46 54.80
CA VAL D 166 -4.62 25.52 55.78
C VAL D 166 -5.98 26.21 55.99
N GLY D 167 -6.18 26.86 57.12
CA GLY D 167 -7.49 27.41 57.41
C GLY D 167 -7.48 28.48 58.47
N LYS D 168 -8.70 28.89 58.86
CA LYS D 168 -8.89 29.89 59.92
C LYS D 168 -9.93 29.41 60.91
N ALA D 169 -9.54 29.37 62.18
CA ALA D 169 -10.37 28.77 63.22
C ALA D 169 -11.14 29.81 64.00
N ASP D 170 -10.51 30.43 64.99
CA ASP D 170 -11.22 31.43 65.76
C ASP D 170 -10.46 32.73 65.57
N GLY D 171 -10.39 33.14 64.31
CA GLY D 171 -9.60 34.26 63.90
C GLY D 171 -8.14 33.83 63.81
N VAL D 172 -7.87 32.57 64.13
CA VAL D 172 -6.50 32.06 64.13
C VAL D 172 -6.22 31.17 62.91
N ILE D 173 -5.11 31.45 62.24
CA ILE D 173 -4.69 30.67 61.09
C ILE D 173 -4.01 29.37 61.52
N ILE D 174 -4.57 28.26 61.06
CA ILE D 174 -4.19 26.93 61.50
C ILE D 174 -3.78 26.02 60.33
N LEU D 175 -3.01 24.99 60.63
CA LEU D 175 -2.45 24.09 59.64
C LEU D 175 -3.02 22.69 59.78
N ASP D 176 -3.55 22.16 58.67
CA ASP D 176 -4.00 20.75 58.57
C ASP D 176 -5.22 20.45 59.43
N LEU D 177 -6.40 20.61 58.85
CA LEU D 177 -7.66 20.67 59.60
C LEU D 177 -8.30 19.35 60.02
N ASN D 178 -8.95 19.39 61.19
CA ASN D 178 -9.90 18.39 61.66
C ASN D 178 -11.18 18.42 60.91
N GLU D 179 -11.92 17.35 61.11
CA GLU D 179 -13.30 17.24 60.74
C GLU D 179 -13.95 18.46 61.36
N THR D 180 -13.76 18.60 62.67
CA THR D 180 -14.34 19.67 63.50
C THR D 180 -13.99 21.08 63.03
N GLU D 181 -12.71 21.31 62.77
CA GLU D 181 -12.24 22.57 62.24
C GLU D 181 -12.79 22.92 60.84
N ASP D 182 -12.85 21.92 59.94
CA ASP D 182 -13.52 22.06 58.64
C ASP D 182 -14.98 22.49 58.82
N MET D 183 -15.66 21.77 59.71
CA MET D 183 -17.10 21.88 59.95
C MET D 183 -17.54 23.16 60.63
N TRP D 184 -16.63 23.88 61.27
CA TRP D 184 -17.00 25.05 62.05
C TRP D 184 -16.13 26.26 61.82
N GLY D 185 -15.03 26.07 61.07
CA GLY D 185 -14.06 27.12 60.77
C GLY D 185 -14.58 28.16 59.82
N GLU D 186 -13.89 29.29 59.76
CA GLU D 186 -14.27 30.38 58.86
C GLU D 186 -13.78 30.11 57.47
N ALA D 187 -12.69 29.33 57.37
CA ALA D 187 -12.03 29.08 56.10
C ALA D 187 -11.36 27.73 56.05
N ASP D 188 -11.29 27.19 54.84
CA ASP D 188 -10.68 25.90 54.53
C ASP D 188 -10.05 26.04 53.17
N MET D 189 -8.72 25.95 53.14
CA MET D 189 -7.94 26.26 51.94
C MET D 189 -6.97 25.12 51.62
N PRO D 190 -7.46 24.11 50.89
CA PRO D 190 -6.56 23.06 50.43
C PRO D 190 -5.57 23.58 49.38
N ILE D 191 -4.28 23.33 49.61
CA ILE D 191 -3.21 23.75 48.71
C ILE D 191 -2.31 22.57 48.47
N ALA D 192 -1.94 22.33 47.21
CA ALA D 192 -0.99 21.27 46.85
C ALA D 192 0.06 21.76 45.86
N MET D 193 1.32 21.35 46.05
CA MET D 193 2.42 21.79 45.18
C MET D 193 3.31 20.67 44.70
N MET D 194 4.11 21.00 43.68
CA MET D 194 5.33 20.28 43.38
C MET D 194 6.41 21.13 44.02
N PRO D 195 6.78 20.77 45.25
CA PRO D 195 7.55 21.61 46.18
C PRO D 195 8.92 22.05 45.70
N SER D 196 9.60 21.18 44.96
CA SER D 196 10.93 21.49 44.47
C SER D 196 10.85 22.57 43.40
N LEU D 197 9.73 22.62 42.70
CA LEU D 197 9.54 23.56 41.61
C LEU D 197 8.80 24.80 42.05
N ASN D 198 8.30 24.78 43.29
CA ASN D 198 7.43 25.84 43.83
C ASN D 198 6.24 26.09 42.94
N GLN D 199 5.67 25.01 42.43
CA GLN D 199 4.55 25.09 41.51
C GLN D 199 3.32 24.57 42.17
N VAL D 200 2.28 25.38 42.20
CA VAL D 200 1.03 25.00 42.82
C VAL D 200 0.20 24.20 41.84
N THR D 201 -0.27 23.08 42.36
CA THR D 201 -0.90 22.04 41.60
C THR D 201 -2.42 22.00 41.85
N LEU D 202 -2.83 22.20 43.11
CA LEU D 202 -4.22 22.34 43.50
C LEU D 202 -4.35 23.54 44.40
N PHE D 203 -5.39 24.33 44.21
CA PHE D 203 -5.62 25.48 45.07
C PHE D 203 -7.08 25.80 45.17
N GLN D 204 -7.64 25.66 46.36
CA GLN D 204 -9.03 25.99 46.61
C GLN D 204 -9.21 26.65 47.96
N LEU D 205 -10.23 27.51 48.05
CA LEU D 205 -10.67 28.09 49.32
C LEU D 205 -12.18 28.13 49.40
N ASN D 206 -12.72 27.47 50.41
CA ASN D 206 -14.10 27.70 50.77
C ASN D 206 -14.16 28.37 52.13
N GLY D 207 -15.02 29.38 52.23
CA GLY D 207 -15.09 30.17 53.42
C GLY D 207 -14.70 31.59 53.12
N SER D 208 -14.03 32.23 54.08
CA SER D 208 -13.84 33.65 54.02
C SER D 208 -12.52 34.04 54.63
N MET D 209 -11.80 34.96 53.99
CA MET D 209 -10.50 35.47 54.46
C MET D 209 -10.23 36.86 53.91
N THR D 210 -9.50 37.67 54.67
CA THR D 210 -8.97 38.92 54.16
C THR D 210 -7.71 38.56 53.39
N PRO D 211 -7.33 39.40 52.41
CA PRO D 211 -6.10 39.17 51.65
C PRO D 211 -4.90 38.89 52.54
N ASP D 212 -4.77 39.65 53.63
CA ASP D 212 -3.70 39.42 54.61
C ASP D 212 -3.73 38.02 55.19
N GLU D 213 -4.90 37.58 55.64
CA GLU D 213 -5.07 36.25 56.20
C GLU D 213 -4.76 35.21 55.16
N PHE D 214 -5.19 35.48 53.92
CA PHE D 214 -4.90 34.62 52.78
C PHE D 214 -3.40 34.46 52.63
N ARG D 215 -2.66 35.56 52.63
CA ARG D 215 -1.21 35.47 52.49
C ARG D 215 -0.51 34.74 53.64
N GLN D 216 -0.96 34.97 54.88
CA GLN D 216 -0.39 34.32 56.07
C GLN D 216 -0.63 32.83 56.01
N ALA D 217 -1.86 32.44 55.71
CA ALA D 217 -2.25 31.04 55.60
C ALA D 217 -1.41 30.35 54.52
N PHE D 218 -1.24 31.04 53.41
CA PHE D 218 -0.45 30.56 52.30
C PHE D 218 1.00 30.22 52.72
N ASP D 219 1.63 31.11 53.49
CA ASP D 219 2.98 30.86 54.02
C ASP D 219 3.06 29.61 54.90
N LEU D 220 2.06 29.43 55.76
CA LEU D 220 2.01 28.31 56.68
C LEU D 220 1.88 26.99 55.94
N ALA D 221 1.06 26.97 54.89
CA ALA D 221 0.90 25.79 54.04
C ALA D 221 2.21 25.33 53.44
N VAL D 222 3.03 26.28 52.99
CA VAL D 222 4.32 25.96 52.40
C VAL D 222 5.21 25.18 53.38
N LYS D 223 5.27 25.65 54.64
CA LYS D 223 6.11 24.98 55.65
C LYS D 223 5.63 23.55 55.93
N GLY D 224 4.32 23.40 56.05
CA GLY D 224 3.71 22.08 56.18
C GLY D 224 3.98 21.21 54.98
N ILE D 225 3.80 21.77 53.79
CA ILE D 225 4.02 21.02 52.55
C ILE D 225 5.46 20.54 52.48
N ASN D 226 6.40 21.41 52.83
CA ASN D 226 7.81 21.03 52.83
C ASN D 226 8.17 19.87 53.77
N ILE D 227 7.46 19.78 54.88
CA ILE D 227 7.69 18.68 55.80
C ILE D 227 7.15 17.37 55.23
N ILE D 228 5.93 17.44 54.70
CA ILE D 228 5.27 16.30 54.08
C ILE D 228 6.08 15.78 52.89
N TYR D 229 6.63 16.71 52.12
CA TYR D 229 7.43 16.40 50.95
C TYR D 229 8.63 15.50 51.29
N ASN D 230 9.36 15.84 52.33
CA ASN D 230 10.52 15.05 52.78
C ASN D 230 10.12 13.63 53.15
N LEU D 231 8.95 13.49 53.76
CA LEU D 231 8.41 12.20 54.14
C LEU D 231 8.06 11.39 52.92
N GLU D 232 7.46 12.04 51.92
CA GLU D 232 7.20 11.41 50.62
C GLU D 232 8.47 10.88 49.99
N ARG D 233 9.49 11.74 49.93
CA ARG D 233 10.79 11.37 49.44
C ARG D 233 11.35 10.14 50.13
N GLU D 234 11.18 10.09 51.45
CA GLU D 234 11.71 8.99 52.26
C GLU D 234 10.89 7.74 52.02
N ALA D 235 9.58 7.90 51.88
CA ALA D 235 8.68 6.78 51.58
C ALA D 235 9.07 6.10 50.26
N LEU D 236 9.64 6.89 49.35
CA LEU D 236 10.07 6.42 48.05
C LEU D 236 11.25 5.45 48.16
N LYS D 237 12.16 5.72 49.08
CA LYS D 237 13.33 4.87 49.29
C LYS D 237 13.02 3.65 50.16
N SER D 238 12.27 3.84 51.24
CA SER D 238 12.06 2.80 52.23
C SER D 238 10.70 2.10 52.13
N LYS D 239 9.81 2.61 51.28
CA LYS D 239 8.47 2.03 51.06
C LYS D 239 7.51 2.17 52.25
N TYR D 240 8.01 2.67 53.38
CA TYR D 240 7.23 2.81 54.60
C TYR D 240 7.77 3.93 55.48
N VAL D 241 6.87 4.83 55.87
CA VAL D 241 7.24 5.98 56.69
C VAL D 241 6.17 6.26 57.75
N GLU D 242 6.60 6.41 59.01
CA GLU D 242 5.74 6.89 60.09
C GLU D 242 6.28 8.19 60.64
N PHE D 243 5.38 9.13 60.88
CA PHE D 243 5.75 10.44 61.38
C PHE D 243 4.73 10.85 62.44
N LYS D 244 5.18 10.93 63.70
CA LYS D 244 4.34 11.43 64.79
C LYS D 244 4.17 12.94 64.65
N GLU D 245 3.03 13.46 65.09
CA GLU D 245 2.72 14.90 64.99
C GLU D 245 3.81 15.80 65.56
N GLU D 246 4.09 16.90 64.87
CA GLU D 246 4.97 17.95 65.42
C GLU D 246 4.87 19.30 64.71
N GLY D 247 5.43 20.31 65.36
CA GLY D 247 5.41 21.70 64.88
C GLY D 247 6.20 21.96 63.62
N VAL D 248 5.72 22.93 62.84
CA VAL D 248 6.40 23.38 61.63
C VAL D 248 7.72 24.10 61.95
N MET E 1 -30.64 14.14 23.26
CA MET E 1 -30.18 14.14 21.84
C MET E 1 -30.88 13.12 20.90
N SER E 2 -31.46 13.61 19.81
CA SER E 2 -32.07 12.76 18.78
C SER E 2 -31.31 12.83 17.46
N SER E 3 -30.81 11.69 17.01
CA SER E 3 -29.98 11.67 15.81
C SER E 3 -30.43 10.63 14.77
N THR E 4 -30.10 10.92 13.51
CA THR E 4 -30.44 10.06 12.38
C THR E 4 -29.88 8.67 12.63
N PRO E 5 -30.75 7.63 12.63
CA PRO E 5 -30.29 6.25 12.86
C PRO E 5 -29.27 5.75 11.85
N SER E 6 -28.09 5.35 12.33
CA SER E 6 -26.97 4.91 11.48
C SER E 6 -27.08 3.46 11.05
N ASN E 7 -27.92 2.70 11.76
CA ASN E 7 -28.21 1.31 11.43
C ASN E 7 -29.15 1.16 10.22
N GLN E 8 -29.89 2.21 9.86
CA GLN E 8 -30.87 2.20 8.75
C GLN E 8 -30.45 1.30 7.57
N ASN E 9 -31.34 0.35 7.20
CA ASN E 9 -31.05 -0.64 6.15
C ASN E 9 -31.29 -0.19 4.68
N ILE E 10 -30.71 0.95 4.31
CA ILE E 10 -30.82 1.57 2.97
C ILE E 10 -31.08 0.56 1.84
N ILE E 11 -32.25 0.69 1.21
CA ILE E 11 -32.80 -0.30 0.28
C ILE E 11 -32.64 0.18 -1.17
N PRO E 12 -31.87 -0.58 -1.99
CA PRO E 12 -31.41 -0.14 -3.32
C PRO E 12 -32.51 0.40 -4.22
N ILE E 13 -32.14 1.39 -5.03
CA ILE E 13 -33.06 2.04 -5.95
C ILE E 13 -33.78 1.03 -6.82
N ILE E 14 -33.04 0.01 -7.29
CA ILE E 14 -33.56 -1.04 -8.16
C ILE E 14 -34.75 -1.76 -7.54
N LYS E 15 -34.65 -2.10 -6.26
CA LYS E 15 -35.74 -2.78 -5.57
C LYS E 15 -36.91 -1.84 -5.33
N LYS E 16 -36.59 -0.58 -5.09
CA LYS E 16 -37.63 0.41 -4.87
C LYS E 16 -38.47 0.58 -6.11
N GLU E 17 -37.81 0.70 -7.26
CA GLU E 17 -38.49 0.84 -8.55
C GLU E 17 -39.38 -0.36 -8.84
N SER E 18 -38.89 -1.55 -8.49
CA SER E 18 -39.67 -2.77 -8.55
C SER E 18 -41.01 -2.63 -7.88
N ILE E 19 -40.99 -2.16 -6.65
CA ILE E 19 -42.18 -2.02 -5.87
C ILE E 19 -43.08 -0.92 -6.45
N VAL E 20 -42.48 0.20 -6.84
CA VAL E 20 -43.24 1.30 -7.43
C VAL E 20 -43.97 0.85 -8.70
N SER E 21 -43.24 0.16 -9.56
CA SER E 21 -43.83 -0.43 -10.77
C SER E 21 -45.11 -1.23 -10.49
N LEU E 22 -45.19 -1.87 -9.33
CA LEU E 22 -46.34 -2.66 -8.96
C LEU E 22 -47.48 -1.76 -8.52
N PHE E 23 -47.13 -0.70 -7.80
CA PHE E 23 -48.12 0.27 -7.31
C PHE E 23 -48.82 0.95 -8.47
N GLU E 24 -48.06 1.16 -9.54
CA GLU E 24 -48.58 1.75 -10.75
C GLU E 24 -49.70 0.89 -11.33
N LYS E 25 -49.64 -0.41 -11.08
CA LYS E 25 -50.69 -1.33 -11.48
C LYS E 25 -51.67 -1.55 -10.35
N GLY E 26 -51.46 -0.86 -9.24
CA GLY E 26 -52.37 -0.93 -8.09
C GLY E 26 -52.32 -2.26 -7.36
N ILE E 27 -51.13 -2.78 -7.14
CA ILE E 27 -50.96 -4.02 -6.44
C ILE E 27 -49.60 -4.02 -5.74
N ARG E 28 -49.47 -4.84 -4.70
CA ARG E 28 -48.25 -4.87 -3.90
C ARG E 28 -47.58 -6.25 -4.00
N GLN E 29 -46.38 -6.36 -3.42
CA GLN E 29 -45.61 -7.60 -3.39
C GLN E 29 -46.42 -8.79 -2.85
N ASP E 30 -47.08 -8.59 -1.71
CA ASP E 30 -47.91 -9.65 -1.11
C ASP E 30 -49.24 -9.88 -1.83
N GLY E 31 -49.55 -8.99 -2.78
CA GLY E 31 -50.71 -9.17 -3.63
C GLY E 31 -51.95 -8.41 -3.23
N ARG E 32 -51.86 -7.63 -2.16
CA ARG E 32 -53.00 -6.82 -1.74
C ARG E 32 -53.08 -5.48 -2.49
N LYS E 33 -54.24 -4.83 -2.38
CA LYS E 33 -54.45 -3.52 -2.98
C LYS E 33 -53.81 -2.42 -2.15
N LEU E 34 -53.71 -1.24 -2.74
CA LEU E 34 -53.10 -0.11 -2.05
C LEU E 34 -53.81 0.25 -0.73
N THR E 35 -55.09 -0.10 -0.64
CA THR E 35 -55.92 0.29 0.50
C THR E 35 -56.22 -0.87 1.46
N ASP E 36 -55.66 -2.05 1.18
CA ASP E 36 -55.90 -3.24 2.01
C ASP E 36 -55.05 -3.29 3.28
N TYR E 37 -55.62 -3.89 4.32
CA TYR E 37 -54.86 -4.27 5.51
C TYR E 37 -54.29 -5.67 5.36
N ARG E 38 -53.21 -5.95 6.09
CA ARG E 38 -52.69 -7.31 6.16
C ARG E 38 -53.63 -8.18 7.00
N PRO E 39 -53.49 -9.52 6.90
CA PRO E 39 -54.31 -10.44 7.71
C PRO E 39 -54.14 -10.18 9.20
N LEU E 40 -55.25 -10.18 9.93
CA LEU E 40 -55.23 -9.87 11.37
C LEU E 40 -55.65 -11.05 12.26
N SER E 41 -54.75 -11.41 13.18
CA SER E 41 -55.03 -12.37 14.25
C SER E 41 -55.02 -11.66 15.59
N ILE E 42 -56.01 -11.99 16.42
CA ILE E 42 -55.97 -11.55 17.81
C ILE E 42 -56.27 -12.74 18.73
N THR E 43 -55.33 -13.00 19.61
CA THR E 43 -55.48 -14.00 20.67
C THR E 43 -55.57 -13.30 22.03
N LEU E 44 -56.73 -13.44 22.67
CA LEU E 44 -56.96 -12.81 23.96
C LEU E 44 -56.46 -13.69 25.08
N ASP E 45 -56.08 -13.05 26.19
CA ASP E 45 -55.62 -13.74 27.40
C ASP E 45 -54.43 -14.68 27.11
N TYR E 46 -53.50 -14.17 26.30
CA TYR E 46 -52.35 -14.96 25.92
C TYR E 46 -51.37 -15.06 27.09
N ALA E 47 -51.23 -13.94 27.82
CA ALA E 47 -50.37 -13.85 28.99
C ALA E 47 -51.22 -14.04 30.24
N LYS E 48 -51.18 -15.25 30.79
CA LYS E 48 -52.14 -15.66 31.82
C LYS E 48 -52.06 -14.85 33.13
N LYS E 49 -50.85 -14.50 33.54
CA LYS E 49 -50.65 -13.76 34.78
C LYS E 49 -50.91 -12.26 34.64
N ALA E 50 -51.32 -11.85 33.44
CA ALA E 50 -51.78 -10.49 33.20
C ALA E 50 -53.25 -10.40 33.54
N ASP E 51 -53.67 -9.20 33.95
CA ASP E 51 -55.08 -8.92 34.25
C ASP E 51 -55.94 -8.98 32.97
N GLY E 52 -55.36 -8.53 31.87
CA GLY E 52 -55.93 -8.69 30.54
C GLY E 52 -54.76 -8.62 29.58
N SER E 53 -54.86 -9.33 28.47
CA SER E 53 -53.78 -9.36 27.48
C SER E 53 -54.28 -9.77 26.09
N ALA E 54 -53.43 -9.50 25.10
CA ALA E 54 -53.74 -9.80 23.72
C ALA E 54 -52.48 -10.01 22.88
N LEU E 55 -52.49 -11.04 22.06
CA LEU E 55 -51.44 -11.23 21.07
C LEU E 55 -51.99 -10.89 19.71
N VAL E 56 -51.37 -9.90 19.08
CA VAL E 56 -51.80 -9.41 17.76
C VAL E 56 -50.79 -9.79 16.68
N LYS E 57 -51.28 -10.50 15.66
CA LYS E 57 -50.48 -10.73 14.45
C LYS E 57 -51.09 -9.93 13.31
N LEU E 58 -50.36 -8.94 12.83
CA LEU E 58 -50.75 -8.16 11.66
C LEU E 58 -49.67 -8.32 10.60
N GLY E 59 -49.93 -9.17 9.60
CA GLY E 59 -48.90 -9.61 8.68
C GLY E 59 -47.85 -10.33 9.50
N THR E 60 -46.59 -9.95 9.34
CA THR E 60 -45.51 -10.55 10.12
C THR E 60 -45.18 -9.78 11.42
N THR E 61 -45.91 -8.70 11.71
CA THR E 61 -45.71 -7.95 12.95
C THR E 61 -46.47 -8.60 14.10
N MET E 62 -45.77 -8.79 15.21
CA MET E 62 -46.36 -9.35 16.41
C MET E 62 -46.22 -8.43 17.58
N VAL E 63 -47.35 -8.20 18.25
CA VAL E 63 -47.34 -7.39 19.45
C VAL E 63 -48.14 -8.09 20.54
N LEU E 64 -47.51 -8.21 21.72
CA LEU E 64 -48.18 -8.67 22.91
C LEU E 64 -48.35 -7.52 23.91
N ALA E 65 -49.60 -7.15 24.16
CA ALA E 65 -49.94 -6.13 25.15
C ALA E 65 -50.51 -6.81 26.38
N GLY E 66 -50.15 -6.30 27.55
CA GLY E 66 -50.70 -6.83 28.79
C GLY E 66 -50.96 -5.74 29.80
N THR E 67 -52.05 -5.91 30.55
CA THR E 67 -52.41 -4.96 31.58
C THR E 67 -52.16 -5.50 32.97
N LYS E 68 -51.94 -4.56 33.89
CA LYS E 68 -51.75 -4.88 35.31
C LYS E 68 -52.42 -3.75 36.07
N LEU E 69 -53.28 -4.10 37.01
CA LEU E 69 -53.99 -3.09 37.80
C LEU E 69 -53.50 -3.01 39.23
N GLU E 70 -53.29 -1.79 39.70
CA GLU E 70 -52.80 -1.57 41.05
C GLU E 70 -53.47 -0.35 41.68
N ILE E 71 -53.64 -0.40 43.00
CA ILE E 71 -54.25 0.69 43.75
C ILE E 71 -53.20 1.73 44.17
N ASP E 72 -53.47 2.98 43.80
CA ASP E 72 -52.57 4.09 44.08
C ASP E 72 -53.34 5.27 44.65
N LYS E 73 -52.64 6.12 45.41
CA LYS E 73 -53.13 7.45 45.72
C LYS E 73 -53.14 8.24 44.41
N PRO E 74 -54.24 8.97 44.12
CA PRO E 74 -54.30 9.72 42.86
C PRO E 74 -53.30 10.86 42.83
N TYR E 75 -52.92 11.29 41.63
CA TYR E 75 -52.00 12.41 41.45
C TYR E 75 -52.65 13.69 41.98
N GLU E 76 -51.85 14.58 42.56
CA GLU E 76 -52.35 15.87 43.09
C GLU E 76 -53.01 16.73 41.99
N ASP E 77 -52.37 16.80 40.82
CA ASP E 77 -52.93 17.52 39.68
C ASP E 77 -54.00 16.72 38.89
N THR E 78 -54.62 15.71 39.52
CA THR E 78 -55.79 14.97 38.97
C THR E 78 -56.50 14.13 40.05
N PRO E 79 -57.25 14.80 40.96
CA PRO E 79 -57.75 14.15 42.19
C PRO E 79 -58.89 13.13 41.98
N ASN E 80 -59.60 13.26 40.87
CA ASN E 80 -60.75 12.39 40.59
C ASN E 80 -60.58 11.60 39.30
N GLN E 81 -59.38 11.05 39.14
CA GLN E 81 -59.04 10.23 37.99
C GLN E 81 -58.15 9.09 38.42
N GLY E 82 -58.40 7.92 37.83
CA GLY E 82 -57.45 6.83 37.89
C GLY E 82 -56.30 7.16 36.96
N ASN E 83 -55.33 6.24 36.83
CA ASN E 83 -54.14 6.49 36.05
C ASN E 83 -54.00 5.50 34.93
N LEU E 84 -53.52 5.97 33.79
CA LEU E 84 -53.15 5.09 32.68
C LEU E 84 -51.68 5.33 32.39
N ILE E 85 -50.90 4.26 32.41
CA ILE E 85 -49.49 4.38 32.05
C ILE E 85 -49.19 3.38 30.94
N VAL E 86 -48.85 3.91 29.76
CA VAL E 86 -48.59 3.08 28.60
C VAL E 86 -47.11 2.99 28.40
N ASN E 87 -46.65 1.79 28.08
CA ASN E 87 -45.22 1.54 27.89
C ASN E 87 -44.96 0.54 26.77
N VAL E 88 -44.06 0.90 25.87
CA VAL E 88 -43.79 0.10 24.69
C VAL E 88 -42.35 -0.36 24.66
N GLU E 89 -42.14 -1.63 24.32
CA GLU E 89 -40.80 -2.15 24.15
C GLU E 89 -40.61 -2.85 22.81
N LEU E 90 -39.54 -2.44 22.13
CA LEU E 90 -39.13 -3.08 20.89
C LEU E 90 -38.00 -4.01 21.28
N LEU E 91 -38.01 -5.22 20.75
CA LEU E 91 -37.03 -6.23 21.18
C LEU E 91 -36.02 -6.64 20.11
N PRO E 92 -36.44 -6.72 18.84
CA PRO E 92 -35.47 -7.08 17.77
C PRO E 92 -34.20 -6.22 17.68
N ASP E 104 -35.90 3.73 24.70
CA ASP E 104 -35.53 3.90 23.29
C ASP E 104 -35.77 5.34 22.83
N GLU E 105 -36.84 5.55 22.04
CA GLU E 105 -37.19 6.84 21.39
C GLU E 105 -38.39 6.61 20.47
N ASN E 106 -38.25 5.64 19.57
CA ASN E 106 -39.35 5.16 18.78
C ASN E 106 -40.34 4.49 19.69
N ALA E 107 -39.82 3.74 20.67
CA ALA E 107 -40.65 3.12 21.70
C ALA E 107 -41.42 4.19 22.50
N ILE E 108 -40.74 5.27 22.84
CA ILE E 108 -41.40 6.31 23.57
C ILE E 108 -42.49 6.90 22.69
N GLU E 109 -42.14 7.28 21.45
CA GLU E 109 -43.13 7.87 20.53
C GLU E 109 -44.38 6.98 20.42
N LEU E 110 -44.17 5.69 20.18
CA LEU E 110 -45.27 4.75 20.09
C LEU E 110 -46.14 4.80 21.36
N ALA E 111 -45.49 4.70 22.50
CA ALA E 111 -46.20 4.68 23.76
C ALA E 111 -47.09 5.89 23.88
N ARG E 112 -46.54 7.07 23.56
CA ARG E 112 -47.24 8.35 23.74
C ARG E 112 -48.38 8.52 22.73
N VAL E 113 -48.16 8.02 21.50
CA VAL E 113 -49.17 8.14 20.44
C VAL E 113 -50.39 7.30 20.80
N VAL E 114 -50.12 6.06 21.20
CA VAL E 114 -51.14 5.14 21.69
C VAL E 114 -51.86 5.74 22.90
N ASP E 115 -51.07 6.21 23.88
CA ASP E 115 -51.61 6.84 25.08
C ASP E 115 -52.58 7.93 24.69
N ARG E 116 -52.09 8.90 23.90
CA ARG E 116 -52.87 10.04 23.47
C ARG E 116 -54.18 9.65 22.86
N SER E 117 -54.18 8.64 22.01
CA SER E 117 -55.40 8.27 21.33
C SER E 117 -56.40 7.62 22.31
N LEU E 118 -55.90 6.87 23.29
CA LEU E 118 -56.75 6.27 24.31
C LEU E 118 -57.32 7.30 25.28
N ARG E 119 -56.49 8.27 25.62
CA ARG E 119 -56.81 9.23 26.66
C ARG E 119 -57.71 10.34 26.12
N ASP E 120 -57.34 10.93 24.99
CA ASP E 120 -58.09 12.06 24.42
C ASP E 120 -59.48 11.65 23.92
N SER E 121 -59.58 10.39 23.48
CA SER E 121 -60.84 9.84 23.01
C SER E 121 -61.79 9.53 24.16
N LYS E 122 -61.26 9.40 25.36
CA LYS E 122 -62.01 8.82 26.48
C LYS E 122 -62.57 7.44 26.09
N ALA E 123 -61.77 6.68 25.36
CA ALA E 123 -62.08 5.29 25.11
C ALA E 123 -62.06 4.60 26.46
N LEU E 124 -61.01 4.85 27.25
CA LEU E 124 -60.98 4.48 28.65
C LEU E 124 -61.36 5.68 29.52
N ASP E 125 -62.34 5.50 30.39
CA ASP E 125 -62.78 6.58 31.26
C ASP E 125 -62.06 6.53 32.62
N LEU E 126 -61.10 7.45 32.79
CA LEU E 126 -60.27 7.44 34.00
C LEU E 126 -61.03 7.83 35.24
N THR E 127 -62.07 8.64 35.06
CA THR E 127 -62.84 9.18 36.17
C THR E 127 -63.69 8.10 36.83
N LYS E 128 -63.84 6.97 36.14
CA LYS E 128 -64.57 5.83 36.67
C LYS E 128 -63.65 4.81 37.32
N LEU E 129 -62.39 5.18 37.46
CA LEU E 129 -61.38 4.32 38.11
C LEU E 129 -61.09 4.77 39.54
N VAL E 130 -61.84 5.75 40.00
CA VAL E 130 -61.73 6.23 41.37
C VAL E 130 -62.39 5.21 42.29
N ILE E 131 -61.73 4.91 43.40
CA ILE E 131 -62.29 4.03 44.43
C ILE E 131 -62.73 4.90 45.60
N GLU E 132 -61.75 5.37 46.37
CA GLU E 132 -61.93 6.41 47.38
C GLU E 132 -61.47 7.74 46.78
N PRO E 133 -62.39 8.69 46.49
CA PRO E 133 -61.95 9.96 45.89
C PRO E 133 -60.88 10.68 46.72
N GLY E 134 -59.80 11.07 46.06
CA GLY E 134 -58.66 11.69 46.72
C GLY E 134 -57.79 10.73 47.51
N LYS E 135 -58.37 9.61 47.96
CA LYS E 135 -57.65 8.61 48.74
C LYS E 135 -57.04 7.51 47.86
N SER E 136 -57.86 6.83 47.06
CA SER E 136 -57.37 5.68 46.28
C SER E 136 -58.05 5.47 44.92
N VAL E 137 -57.23 5.18 43.90
CA VAL E 137 -57.68 4.99 42.52
C VAL E 137 -56.97 3.80 41.90
N TRP E 138 -57.50 3.28 40.80
CA TRP E 138 -56.84 2.24 40.00
C TRP E 138 -55.79 2.86 39.10
N THR E 139 -54.61 2.24 39.07
CA THR E 139 -53.61 2.54 38.06
C THR E 139 -53.58 1.38 37.08
N VAL E 140 -53.76 1.70 35.81
CA VAL E 140 -53.70 0.71 34.74
C VAL E 140 -52.36 0.81 34.05
N TRP E 141 -51.51 -0.18 34.31
CA TRP E 141 -50.24 -0.28 33.62
C TRP E 141 -50.48 -1.06 32.35
N LEU E 142 -50.29 -0.40 31.22
CA LEU E 142 -50.37 -1.08 29.94
C LEU E 142 -48.97 -1.26 29.35
N ASP E 143 -48.54 -2.51 29.25
CA ASP E 143 -47.23 -2.79 28.71
C ASP E 143 -47.32 -3.50 27.40
N VAL E 144 -46.72 -2.91 26.38
CA VAL E 144 -46.86 -3.38 25.01
C VAL E 144 -45.50 -3.81 24.47
N TYR E 145 -45.40 -5.09 24.09
CA TYR E 145 -44.15 -5.68 23.63
C TYR E 145 -44.21 -6.04 22.16
N VAL E 146 -43.38 -5.37 21.37
CA VAL E 146 -43.25 -5.70 19.95
C VAL E 146 -42.28 -6.85 19.88
N LEU E 147 -42.81 -8.01 19.51
CA LEU E 147 -42.02 -9.23 19.45
C LEU E 147 -41.41 -9.45 18.08
N ASP E 148 -42.10 -9.02 17.03
CA ASP E 148 -41.66 -9.22 15.66
C ASP E 148 -41.91 -7.95 14.87
N TYR E 149 -40.83 -7.37 14.35
CA TYR E 149 -40.96 -6.11 13.62
C TYR E 149 -41.23 -6.39 12.16
N GLY E 150 -42.49 -6.25 11.75
CA GLY E 150 -42.86 -6.45 10.35
C GLY E 150 -43.40 -5.20 9.66
N GLY E 151 -43.08 -4.03 10.19
CA GLY E 151 -43.60 -2.78 9.65
C GLY E 151 -44.99 -2.43 10.17
N ASN E 152 -45.29 -1.13 10.17
CA ASN E 152 -46.55 -0.59 10.71
C ASN E 152 -46.83 -1.11 12.11
N VAL E 153 -45.89 -0.84 13.00
CA VAL E 153 -45.94 -1.35 14.34
C VAL E 153 -46.98 -0.59 15.15
N LEU E 154 -47.11 0.70 14.88
CA LEU E 154 -48.08 1.56 15.58
C LEU E 154 -49.52 1.03 15.53
N ASP E 155 -49.99 0.66 14.34
CA ASP E 155 -51.34 0.16 14.20
C ASP E 155 -51.54 -1.14 14.97
N ALA E 156 -50.51 -1.98 15.01
CA ALA E 156 -50.60 -3.23 15.75
C ALA E 156 -50.62 -2.96 17.25
N CYS E 157 -49.87 -1.94 17.68
CA CYS E 157 -49.80 -1.55 19.08
C CYS E 157 -51.14 -1.05 19.60
N THR E 158 -51.81 -0.23 18.81
CA THR E 158 -53.14 0.25 19.16
C THR E 158 -54.10 -0.92 19.33
N LEU E 159 -54.10 -1.82 18.34
CA LEU E 159 -54.97 -2.99 18.36
C LEU E 159 -54.68 -3.89 19.55
N ALA E 160 -53.41 -4.09 19.88
CA ALA E 160 -53.02 -4.93 21.00
C ALA E 160 -53.41 -4.26 22.31
N SER E 161 -53.21 -2.95 22.39
CA SER E 161 -53.60 -2.17 23.57
C SER E 161 -55.10 -2.18 23.81
N VAL E 162 -55.86 -1.91 22.75
CA VAL E 162 -57.30 -1.91 22.87
C VAL E 162 -57.80 -3.28 23.32
N ALA E 163 -57.33 -4.31 22.64
CA ALA E 163 -57.77 -5.66 22.95
C ALA E 163 -57.39 -6.06 24.38
N ALA E 164 -56.21 -5.64 24.81
CA ALA E 164 -55.75 -5.97 26.15
C ALA E 164 -56.63 -5.31 27.22
N LEU E 165 -57.03 -4.07 26.97
CA LEU E 165 -57.91 -3.34 27.87
C LEU E 165 -59.28 -4.00 27.96
N TYR E 166 -59.78 -4.44 26.81
CA TYR E 166 -61.08 -5.09 26.78
C TYR E 166 -61.06 -6.46 27.41
N ASN E 167 -59.88 -7.07 27.47
CA ASN E 167 -59.74 -8.39 28.05
C ASN E 167 -59.54 -8.32 29.57
N THR E 168 -59.32 -7.11 30.06
CA THR E 168 -58.94 -6.87 31.44
C THR E 168 -60.06 -7.13 32.44
N LYS E 169 -59.74 -8.00 33.39
CA LYS E 169 -60.60 -8.30 34.53
C LYS E 169 -60.25 -7.39 35.70
N VAL E 170 -61.27 -6.88 36.37
CA VAL E 170 -61.09 -6.07 37.57
C VAL E 170 -61.48 -6.93 38.77
N TYR E 171 -60.72 -6.81 39.85
CA TYR E 171 -60.91 -7.64 41.06
C TYR E 171 -61.63 -6.93 42.24
N LYS E 172 -62.09 -7.73 43.19
CA LYS E 172 -62.79 -7.23 44.38
C LYS E 172 -61.86 -6.41 45.27
N VAL E 173 -62.42 -5.38 45.89
CA VAL E 173 -61.63 -4.46 46.71
C VAL E 173 -62.03 -4.54 48.19
N GLU E 174 -61.21 -5.24 48.97
CA GLU E 174 -61.43 -5.37 50.42
C GLU E 174 -61.08 -4.08 51.17
N GLN E 175 -62.13 -3.34 51.57
CA GLN E 175 -61.97 -2.05 52.27
C GLN E 175 -62.36 -2.14 53.74
N ILE E 180 -58.37 -0.85 50.71
CA ILE E 180 -57.19 -1.21 51.49
C ILE E 180 -56.47 -2.45 50.94
N SER E 181 -57.24 -3.45 50.49
CA SER E 181 -56.67 -4.71 49.98
C SER E 181 -57.37 -5.20 48.71
N VAL E 182 -56.62 -5.88 47.84
CA VAL E 182 -57.17 -6.49 46.61
C VAL E 182 -57.34 -7.99 46.80
N ASN E 183 -58.45 -8.53 46.27
CA ASN E 183 -58.72 -9.96 46.31
C ASN E 183 -58.71 -10.56 44.91
N LYS E 184 -57.60 -11.19 44.55
CA LYS E 184 -57.36 -11.57 43.16
C LYS E 184 -58.00 -12.87 42.68
N ASN E 185 -58.98 -13.38 43.43
CA ASN E 185 -59.74 -14.54 42.96
C ASN E 185 -61.26 -14.32 42.96
N GLU E 186 -61.65 -13.06 43.10
CA GLU E 186 -63.02 -12.64 42.86
C GLU E 186 -63.01 -11.52 41.80
N VAL E 187 -63.46 -11.85 40.60
CA VAL E 187 -63.51 -10.90 39.48
C VAL E 187 -64.79 -10.08 39.54
N VAL E 188 -64.67 -8.82 39.90
CA VAL E 188 -65.81 -7.92 40.08
C VAL E 188 -66.42 -7.44 38.74
N GLY E 189 -65.58 -7.16 37.76
CA GLY E 189 -66.06 -6.68 36.46
C GLY E 189 -64.96 -6.42 35.46
N LYS E 190 -65.17 -5.40 34.63
CA LYS E 190 -64.25 -5.06 33.56
C LYS E 190 -63.90 -3.57 33.60
N LEU E 191 -62.99 -3.14 32.73
CA LEU E 191 -62.61 -1.75 32.65
C LEU E 191 -63.74 -0.87 32.13
N PRO E 192 -63.87 0.37 32.64
CA PRO E 192 -64.85 1.33 32.12
C PRO E 192 -64.45 1.83 30.73
N LEU E 193 -64.73 1.00 29.73
CA LEU E 193 -64.39 1.33 28.34
C LEU E 193 -65.63 1.80 27.60
N ASN E 194 -65.49 2.91 26.87
CA ASN E 194 -66.59 3.48 26.10
C ASN E 194 -66.70 2.85 24.72
N TYR E 195 -65.55 2.68 24.07
CA TYR E 195 -65.48 2.09 22.74
C TYR E 195 -64.05 1.72 22.39
N PRO E 196 -63.88 0.81 21.41
CA PRO E 196 -62.55 0.59 20.87
C PRO E 196 -62.10 1.77 20.02
N VAL E 197 -60.82 1.80 19.72
CA VAL E 197 -60.26 2.83 18.87
C VAL E 197 -59.30 2.10 17.94
N VAL E 198 -59.16 2.59 16.72
CA VAL E 198 -58.16 2.03 15.80
C VAL E 198 -57.28 3.14 15.27
N THR E 199 -56.04 2.80 15.00
CA THR E 199 -55.15 3.73 14.30
C THR E 199 -54.86 3.14 12.93
N ILE E 200 -55.03 3.97 11.91
CA ILE E 200 -54.73 3.58 10.55
C ILE E 200 -53.57 4.39 10.02
N SER E 201 -52.51 3.69 9.60
CA SER E 201 -51.33 4.31 9.01
C SER E 201 -51.39 4.32 7.49
N VAL E 202 -51.12 5.48 6.89
CA VAL E 202 -51.04 5.62 5.44
C VAL E 202 -49.66 6.12 5.05
N ALA E 203 -48.99 5.33 4.23
CA ALA E 203 -47.63 5.63 3.77
C ALA E 203 -47.61 6.28 2.40
N LYS E 204 -46.78 7.30 2.26
CA LYS E 204 -46.56 7.97 1.00
C LYS E 204 -45.35 7.34 0.39
N VAL E 205 -45.54 6.66 -0.73
CA VAL E 205 -44.44 6.07 -1.48
C VAL E 205 -44.52 6.58 -2.91
N ASP E 206 -43.48 7.28 -3.34
CA ASP E 206 -43.47 7.95 -4.63
C ASP E 206 -44.68 8.87 -4.70
N LYS E 207 -45.57 8.61 -5.66
CA LYS E 207 -46.80 9.40 -5.80
C LYS E 207 -48.03 8.61 -5.34
N TYR E 208 -47.79 7.53 -4.61
CA TYR E 208 -48.85 6.61 -4.21
C TYR E 208 -49.08 6.62 -2.71
N LEU E 209 -50.32 6.35 -2.32
CA LEU E 209 -50.67 6.20 -0.90
C LEU E 209 -51.00 4.75 -0.62
N VAL E 210 -50.39 4.22 0.44
CA VAL E 210 -50.54 2.81 0.74
C VAL E 210 -50.92 2.64 2.21
N VAL E 211 -51.96 1.86 2.45
CA VAL E 211 -52.45 1.58 3.80
C VAL E 211 -51.66 0.43 4.41
N ASP E 212 -51.32 0.54 5.69
CA ASP E 212 -50.66 -0.54 6.44
C ASP E 212 -49.37 -1.00 5.73
N PRO E 213 -48.34 -0.13 5.72
CA PRO E 213 -47.14 -0.48 4.98
C PRO E 213 -46.38 -1.60 5.67
N ASP E 214 -45.87 -2.54 4.89
CA ASP E 214 -45.03 -3.60 5.43
C ASP E 214 -43.58 -3.12 5.61
N LEU E 215 -42.69 -4.04 5.97
CA LEU E 215 -41.30 -3.75 6.22
C LEU E 215 -40.59 -3.08 5.04
N ASP E 216 -40.71 -3.70 3.86
CA ASP E 216 -40.13 -3.14 2.64
C ASP E 216 -40.73 -1.78 2.28
N GLU E 217 -42.04 -1.69 2.38
CA GLU E 217 -42.75 -0.46 2.08
C GLU E 217 -42.29 0.68 2.97
N GLU E 218 -42.08 0.39 4.26
CA GLU E 218 -41.67 1.42 5.21
C GLU E 218 -40.28 1.95 4.91
N SER E 219 -39.41 1.11 4.38
CA SER E 219 -38.04 1.52 4.13
C SER E 219 -37.88 2.37 2.87
N ILE E 220 -38.91 2.36 2.02
CA ILE E 220 -38.88 3.15 0.77
C ILE E 220 -39.84 4.35 0.78
N MET E 221 -40.70 4.44 1.79
CA MET E 221 -41.66 5.52 1.86
C MET E 221 -40.97 6.86 2.08
N ASP E 222 -41.63 7.94 1.65
CA ASP E 222 -41.19 9.29 1.97
C ASP E 222 -41.53 9.55 3.44
N ALA E 223 -42.78 9.30 3.80
CA ALA E 223 -43.28 9.51 5.14
C ALA E 223 -44.58 8.74 5.32
N LYS E 224 -45.01 8.54 6.56
CA LYS E 224 -46.34 7.99 6.80
C LYS E 224 -47.11 8.85 7.79
N ILE E 225 -48.42 8.73 7.76
CA ILE E 225 -49.29 9.50 8.62
C ILE E 225 -50.34 8.56 9.21
N SER E 226 -50.54 8.67 10.53
CA SER E 226 -51.40 7.75 11.24
C SER E 226 -52.59 8.51 11.82
N PHE E 227 -53.78 8.00 11.55
CA PHE E 227 -54.99 8.59 12.04
C PHE E 227 -55.63 7.63 13.01
N SER E 228 -56.14 8.17 14.11
CA SER E 228 -56.85 7.38 15.11
C SER E 228 -58.32 7.75 15.07
N TYR E 229 -59.18 6.74 15.04
CA TYR E 229 -60.63 6.94 14.96
C TYR E 229 -61.40 6.24 16.07
N THR E 230 -62.52 6.86 16.45
CA THR E 230 -63.55 6.25 17.27
C THR E 230 -64.60 5.67 16.34
N PRO E 231 -65.43 4.73 16.83
CA PRO E 231 -66.43 4.06 16.00
C PRO E 231 -67.37 5.00 15.24
N ASP E 232 -67.72 6.12 15.86
CA ASP E 232 -68.51 7.16 15.22
C ASP E 232 -67.66 8.03 14.28
N LEU E 233 -66.43 7.56 13.99
CA LEU E 233 -65.50 8.16 13.01
C LEU E 233 -65.05 9.60 13.30
N LYS E 234 -64.84 9.88 14.58
CA LYS E 234 -64.23 11.13 14.96
C LYS E 234 -62.73 10.93 14.96
N ILE E 235 -61.98 11.90 14.42
CA ILE E 235 -60.52 11.83 14.45
C ILE E 235 -60.03 12.12 15.87
N VAL E 236 -59.16 11.26 16.37
CA VAL E 236 -58.82 11.25 17.78
C VAL E 236 -57.31 11.36 18.05
N GLY E 237 -56.54 11.35 16.97
CA GLY E 237 -55.09 11.58 17.02
C GLY E 237 -54.52 11.52 15.61
N ILE E 238 -53.53 12.36 15.36
CA ILE E 238 -52.81 12.28 14.08
C ILE E 238 -51.33 12.37 14.37
N GLN E 239 -50.55 11.50 13.73
CA GLN E 239 -49.10 11.53 13.83
C GLN E 239 -48.38 11.28 12.49
N LYS E 240 -47.73 12.30 11.97
CA LYS E 240 -46.87 12.12 10.81
C LYS E 240 -45.56 11.53 11.30
N SER E 241 -44.99 10.69 10.45
CA SER E 241 -43.82 9.94 10.76
C SER E 241 -42.93 9.87 9.51
N GLY E 242 -41.63 9.78 9.71
CA GLY E 242 -40.73 9.53 8.60
C GLY E 242 -39.88 10.71 8.24
N LYS E 243 -38.79 10.43 7.53
CA LYS E 243 -37.75 11.43 7.25
C LYS E 243 -38.18 12.45 6.19
N GLY E 244 -39.18 12.06 5.40
CA GLY E 244 -39.63 12.86 4.28
C GLY E 244 -40.86 13.69 4.54
N SER E 245 -41.30 14.40 3.52
CA SER E 245 -42.46 15.27 3.61
C SER E 245 -43.64 14.73 2.80
N MET E 246 -44.74 15.47 2.81
CA MET E 246 -46.00 15.04 2.25
C MET E 246 -46.77 16.29 1.89
N SER E 247 -47.49 16.26 0.77
CA SER E 247 -48.21 17.45 0.34
C SER E 247 -49.52 17.58 1.08
N LEU E 248 -50.11 18.76 0.96
CA LEU E 248 -51.40 19.06 1.54
C LEU E 248 -52.44 18.07 1.08
N GLN E 249 -52.53 17.90 -0.24
CA GLN E 249 -53.50 17.00 -0.82
C GLN E 249 -53.23 15.52 -0.52
N ASP E 250 -51.97 15.18 -0.34
CA ASP E 250 -51.61 13.83 0.10
C ASP E 250 -52.30 13.51 1.42
N ILE E 251 -52.18 14.44 2.36
CA ILE E 251 -52.76 14.31 3.68
C ILE E 251 -54.29 14.26 3.60
N ASP E 252 -54.86 15.14 2.79
CA ASP E 252 -56.30 15.15 2.52
C ASP E 252 -56.80 13.77 2.08
N GLN E 253 -56.15 13.20 1.07
CA GLN E 253 -56.53 11.89 0.55
C GLN E 253 -56.25 10.80 1.56
N ALA E 254 -55.13 10.92 2.27
CA ALA E 254 -54.75 9.94 3.27
C ALA E 254 -55.83 9.74 4.32
N GLU E 255 -56.40 10.85 4.80
CA GLU E 255 -57.40 10.76 5.84
C GLU E 255 -58.72 10.18 5.32
N ASN E 256 -59.11 10.58 4.10
CA ASN E 256 -60.21 9.97 3.39
C ASN E 256 -60.06 8.44 3.34
N THR E 257 -58.91 8.00 2.84
CA THR E 257 -58.58 6.58 2.74
C THR E 257 -58.57 5.95 4.13
N ALA E 258 -57.88 6.59 5.09
CA ALA E 258 -57.78 6.08 6.46
C ALA E 258 -59.16 5.83 7.09
N ARG E 259 -60.06 6.79 6.89
CA ARG E 259 -61.39 6.70 7.45
C ARG E 259 -62.22 5.52 6.91
N SER E 260 -62.25 5.32 5.60
CA SER E 260 -63.04 4.22 5.06
C SER E 260 -62.38 2.87 5.36
N THR E 261 -61.09 2.93 5.69
CA THR E 261 -60.39 1.72 6.15
C THR E 261 -60.77 1.42 7.59
N ALA E 262 -60.84 2.48 8.39
CA ALA E 262 -61.19 2.41 9.81
C ALA E 262 -62.44 1.59 10.05
N VAL E 263 -63.47 1.79 9.22
CA VAL E 263 -64.74 1.08 9.37
C VAL E 263 -64.56 -0.44 9.33
N LYS E 264 -63.84 -0.93 8.31
CA LYS E 264 -63.56 -2.34 8.17
C LYS E 264 -62.76 -2.86 9.35
N LEU E 265 -61.74 -2.12 9.73
CA LEU E 265 -60.85 -2.56 10.79
C LEU E 265 -61.57 -2.62 12.13
N LEU E 266 -62.42 -1.64 12.40
CA LEU E 266 -63.22 -1.64 13.64
C LEU E 266 -64.14 -2.83 13.72
N GLU E 267 -64.75 -3.19 12.58
CA GLU E 267 -65.66 -4.33 12.52
C GLU E 267 -64.92 -5.61 12.85
N GLU E 268 -63.71 -5.74 12.28
CA GLU E 268 -62.91 -6.93 12.47
C GLU E 268 -62.40 -7.01 13.90
N LEU E 269 -62.01 -5.86 14.45
CA LEU E 269 -61.56 -5.78 15.83
C LEU E 269 -62.65 -6.25 16.77
N LYS E 270 -63.88 -5.81 16.52
CA LYS E 270 -65.01 -6.14 17.37
C LYS E 270 -65.28 -7.64 17.36
N LYS E 271 -65.23 -8.25 16.18
CA LYS E 271 -65.35 -9.69 16.05
C LYS E 271 -64.36 -10.44 16.93
N HIS E 272 -63.12 -9.96 16.97
CA HIS E 272 -62.09 -10.56 17.80
C HIS E 272 -62.39 -10.37 19.28
N LEU E 273 -62.87 -9.19 19.65
CA LEU E 273 -63.17 -8.85 21.05
C LEU E 273 -64.48 -9.42 21.54
N GLY E 274 -65.29 -9.94 20.62
CA GLY E 274 -66.67 -10.31 20.92
C GLY E 274 -67.50 -9.04 21.07
N ILE E 275 -67.32 -8.14 20.11
CA ILE E 275 -67.82 -6.73 20.13
C ILE E 275 -67.46 -5.93 21.40
N GLU F 8 -65.30 28.05 36.85
CA GLU F 8 -64.26 27.01 37.13
C GLU F 8 -63.32 26.83 35.93
N ARG F 9 -63.83 26.27 34.83
CA ARG F 9 -63.03 26.10 33.60
C ARG F 9 -63.31 27.19 32.54
N PRO F 10 -62.30 28.02 32.25
CA PRO F 10 -62.38 29.22 31.41
C PRO F 10 -63.29 29.13 30.16
N LYS F 11 -64.00 30.22 29.87
CA LYS F 11 -64.69 30.36 28.60
C LYS F 11 -63.73 30.97 27.60
N LEU F 12 -63.77 30.45 26.38
CA LEU F 12 -62.73 30.73 25.40
C LEU F 12 -63.18 31.66 24.28
N ILE F 13 -64.46 31.58 23.94
CA ILE F 13 -65.08 32.59 23.10
C ILE F 13 -66.13 33.34 23.90
N LEU F 14 -65.87 34.64 24.08
CA LEU F 14 -66.75 35.55 24.77
C LEU F 14 -67.85 35.93 23.82
N ASP F 15 -69.03 36.25 24.37
CA ASP F 15 -70.16 36.76 23.60
C ASP F 15 -69.63 37.36 22.29
N ASP F 16 -68.65 38.25 22.44
CA ASP F 16 -68.08 39.08 21.36
C ASP F 16 -67.33 38.34 20.24
N GLY F 17 -67.13 37.03 20.37
CA GLY F 17 -66.37 36.26 19.38
C GLY F 17 -64.85 36.31 19.51
N LYS F 18 -64.34 36.98 20.55
CA LYS F 18 -62.90 37.04 20.79
C LYS F 18 -62.41 36.07 21.85
N ARG F 19 -61.11 35.82 21.83
CA ARG F 19 -60.47 34.80 22.64
C ARG F 19 -59.97 35.42 23.93
N THR F 20 -59.44 34.59 24.83
CA THR F 20 -59.02 35.06 26.16
C THR F 20 -57.97 36.16 26.12
N ASP F 21 -57.16 36.19 25.06
CA ASP F 21 -56.16 37.26 24.91
C ASP F 21 -56.62 38.39 24.00
N GLY F 22 -57.91 38.38 23.66
CA GLY F 22 -58.50 39.45 22.85
C GLY F 22 -58.40 39.27 21.35
N ARG F 23 -57.78 38.18 20.91
CA ARG F 23 -57.65 37.85 19.50
C ARG F 23 -58.94 37.28 18.90
N LYS F 24 -59.10 37.48 17.60
CA LYS F 24 -60.13 36.81 16.82
C LYS F 24 -59.62 35.40 16.48
N PRO F 25 -60.54 34.50 16.07
CA PRO F 25 -60.14 33.13 15.70
C PRO F 25 -59.13 33.06 14.55
N ASP F 26 -59.11 34.06 13.67
CA ASP F 26 -58.16 34.04 12.55
C ASP F 26 -56.89 34.93 12.75
N GLU F 27 -56.52 35.22 13.99
CA GLU F 27 -55.38 36.12 14.26
C GLU F 27 -54.18 35.45 14.91
N LEU F 28 -53.01 35.70 14.34
CA LEU F 28 -51.76 35.20 14.89
C LEU F 28 -51.35 36.06 16.06
N ARG F 29 -50.54 35.49 16.96
CA ARG F 29 -49.86 36.26 18.00
C ARG F 29 -48.76 37.10 17.38
N SER F 30 -48.22 38.05 18.15
CA SER F 30 -47.13 38.84 17.65
C SER F 30 -45.94 37.95 17.39
N ILE F 31 -45.12 38.34 16.42
CA ILE F 31 -43.97 37.55 16.04
C ILE F 31 -42.71 38.39 16.07
N LYS F 32 -41.64 37.83 16.63
CA LYS F 32 -40.32 38.45 16.63
C LYS F 32 -39.26 37.44 16.24
N ILE F 33 -38.40 37.82 15.32
CA ILE F 33 -37.36 36.93 14.82
C ILE F 33 -36.05 37.67 14.72
N GLU F 34 -34.98 37.08 15.23
CA GLU F 34 -33.64 37.61 14.95
C GLU F 34 -32.61 36.54 14.73
N LEU F 35 -31.64 36.83 13.85
CA LEU F 35 -30.68 35.86 13.39
C LEU F 35 -29.27 36.24 13.79
N GLY F 36 -28.39 35.23 13.86
CA GLY F 36 -26.95 35.45 14.10
C GLY F 36 -26.69 36.04 15.47
N VAL F 37 -27.41 35.52 16.44
CA VAL F 37 -27.41 36.07 17.78
C VAL F 37 -26.33 35.42 18.65
N LEU F 38 -25.85 34.25 18.25
CA LEU F 38 -24.78 33.57 18.96
C LEU F 38 -23.49 33.60 18.15
N LYS F 39 -22.44 34.17 18.75
CA LYS F 39 -21.18 34.35 18.07
C LYS F 39 -20.42 33.03 17.77
N ASN F 40 -20.54 32.06 18.65
CA ASN F 40 -19.73 30.85 18.54
C ASN F 40 -20.42 29.68 17.87
N ALA F 41 -21.64 29.89 17.40
CA ALA F 41 -22.35 28.90 16.59
C ALA F 41 -22.15 29.19 15.11
N ASP F 42 -22.42 28.20 14.27
CA ASP F 42 -22.33 28.40 12.84
C ASP F 42 -23.54 29.14 12.29
N GLY F 43 -24.68 28.93 12.93
CA GLY F 43 -25.89 29.68 12.66
C GLY F 43 -26.76 29.71 13.90
N SER F 44 -27.50 30.79 14.08
CA SER F 44 -28.37 30.91 15.24
C SER F 44 -29.57 31.79 14.96
N ALA F 45 -30.61 31.57 15.74
CA ALA F 45 -31.84 32.33 15.60
C ALA F 45 -32.62 32.33 16.93
N ILE F 46 -33.25 33.47 17.24
CA ILE F 46 -34.29 33.53 18.27
C ILE F 46 -35.64 33.77 17.61
N PHE F 47 -36.62 32.97 17.99
CA PHE F 47 -37.98 33.10 17.47
C PHE F 47 -38.97 33.28 18.62
N GLU F 48 -39.92 34.19 18.42
CA GLU F 48 -40.96 34.45 19.41
C GLU F 48 -42.36 34.52 18.83
N MET F 49 -43.24 33.67 19.32
CA MET F 49 -44.66 33.77 19.02
C MET F 49 -45.41 34.08 20.32
N GLY F 50 -45.97 35.26 20.40
CA GLY F 50 -46.54 35.71 21.65
C GLY F 50 -45.50 35.53 22.74
N ASN F 51 -45.83 34.76 23.77
CA ASN F 51 -44.93 34.54 24.89
C ASN F 51 -44.11 33.26 24.79
N THR F 52 -44.10 32.63 23.62
CA THR F 52 -43.24 31.47 23.39
C THR F 52 -41.93 31.94 22.75
N LYS F 53 -40.83 31.75 23.47
CA LYS F 53 -39.48 32.10 23.01
C LYS F 53 -38.65 30.85 22.84
N ALA F 54 -37.97 30.74 21.71
CA ALA F 54 -37.02 29.65 21.51
C ALA F 54 -35.74 30.17 20.91
N ILE F 55 -34.61 29.59 21.33
CA ILE F 55 -33.34 29.92 20.73
C ILE F 55 -32.76 28.66 20.13
N ALA F 56 -32.18 28.79 18.93
CA ALA F 56 -31.61 27.65 18.22
C ALA F 56 -30.20 27.94 17.75
N ALA F 57 -29.33 26.97 17.97
CA ALA F 57 -27.95 27.06 17.56
C ALA F 57 -27.66 25.89 16.65
N VAL F 58 -26.94 26.17 15.57
CA VAL F 58 -26.48 25.14 14.66
C VAL F 58 -24.96 25.10 14.70
N TYR F 59 -24.42 23.91 14.92
CA TYR F 59 -23.00 23.72 14.77
C TYR F 59 -22.78 22.92 13.50
N GLY F 60 -22.23 23.63 12.51
CA GLY F 60 -22.30 23.30 11.08
C GLY F 60 -21.74 21.96 10.67
N PRO F 61 -21.78 21.65 9.36
CA PRO F 61 -21.36 20.32 8.92
C PRO F 61 -19.92 20.02 9.37
N LYS F 62 -19.73 18.92 10.08
CA LYS F 62 -18.44 18.56 10.66
C LYS F 62 -18.28 17.04 10.76
N GLU F 63 -17.06 16.55 10.56
CA GLU F 63 -16.75 15.13 10.72
C GLU F 63 -17.27 14.60 12.07
N MET F 64 -17.76 13.37 12.08
CA MET F 64 -18.44 12.89 13.27
C MET F 64 -17.57 12.12 14.26
N HIS F 65 -17.78 12.43 15.54
CA HIS F 65 -16.95 11.94 16.66
C HIS F 65 -16.64 10.44 16.58
N PRO F 66 -17.63 9.57 16.88
CA PRO F 66 -17.40 8.16 16.63
C PRO F 66 -17.88 7.83 15.20
N ARG F 67 -16.95 7.37 14.36
CA ARG F 67 -17.23 7.23 12.93
C ARG F 67 -18.31 6.19 12.57
N HIS F 68 -18.36 5.08 13.31
CA HIS F 68 -19.37 4.03 13.06
C HIS F 68 -20.82 4.55 13.11
N LEU F 69 -21.01 5.68 13.78
CA LEU F 69 -22.31 6.32 13.90
C LEU F 69 -22.62 7.25 12.73
N SER F 70 -21.63 7.47 11.86
CA SER F 70 -21.81 8.32 10.69
C SER F 70 -22.43 7.56 9.52
N LEU F 71 -22.89 8.30 8.50
CA LEU F 71 -23.49 7.69 7.33
C LEU F 71 -22.64 7.96 6.09
N PRO F 72 -22.51 6.94 5.21
CA PRO F 72 -21.63 7.01 4.03
C PRO F 72 -22.10 7.98 2.93
N ASP F 73 -23.40 8.29 2.91
CA ASP F 73 -23.99 9.08 1.83
C ASP F 73 -24.64 10.38 2.30
N ARG F 74 -24.78 10.55 3.62
CA ARG F 74 -25.55 11.64 4.19
C ARG F 74 -24.86 12.23 5.41
N ALA F 75 -25.35 13.38 5.83
CA ALA F 75 -25.04 13.91 7.14
C ALA F 75 -26.06 13.36 8.12
N VAL F 76 -25.59 13.16 9.36
CA VAL F 76 -26.48 12.83 10.46
C VAL F 76 -26.96 14.13 11.10
N LEU F 77 -28.26 14.26 11.26
CA LEU F 77 -28.82 15.36 12.02
C LEU F 77 -28.91 14.98 13.48
N ARG F 78 -28.36 15.82 14.35
CA ARG F 78 -28.51 15.64 15.79
C ARG F 78 -29.32 16.81 16.35
N VAL F 79 -30.51 16.52 16.83
CA VAL F 79 -31.44 17.55 17.25
C VAL F 79 -31.77 17.40 18.73
N ARG F 80 -31.76 18.52 19.44
CA ARG F 80 -32.16 18.53 20.85
C ARG F 80 -33.25 19.54 21.08
N TYR F 81 -34.43 19.05 21.43
CA TYR F 81 -35.49 19.90 21.92
C TYR F 81 -35.44 19.91 23.44
N HIS F 82 -35.31 21.10 24.01
CA HIS F 82 -35.23 21.23 25.44
C HIS F 82 -35.93 22.47 26.01
N MET F 83 -36.57 22.29 27.15
CA MET F 83 -37.19 23.40 27.87
C MET F 83 -36.37 23.75 29.10
N THR F 84 -36.00 25.02 29.20
CA THR F 84 -35.33 25.48 30.41
C THR F 84 -36.29 25.34 31.61
N PRO F 85 -35.74 25.10 32.81
CA PRO F 85 -36.56 24.95 34.01
C PRO F 85 -37.47 26.14 34.34
N PHE F 86 -37.12 27.33 33.85
CA PHE F 86 -37.88 28.54 34.14
C PHE F 86 -38.69 29.02 32.94
N SER F 87 -39.01 28.11 32.04
CA SER F 87 -39.81 28.46 30.88
C SER F 87 -41.31 28.42 31.15
N THR F 88 -41.71 27.71 32.20
CA THR F 88 -43.13 27.55 32.55
C THR F 88 -43.43 28.16 33.90
N ASP F 89 -44.67 28.00 34.35
CA ASP F 89 -45.07 28.55 35.64
C ASP F 89 -44.51 27.75 36.80
N GLU F 90 -44.78 26.44 36.78
CA GLU F 90 -44.11 25.49 37.67
C GLU F 90 -42.76 25.12 37.06
N ARG F 91 -41.74 24.98 37.91
CA ARG F 91 -40.41 24.64 37.42
C ARG F 91 -40.36 23.25 36.78
N LYS F 92 -39.96 23.20 35.50
CA LYS F 92 -39.76 21.95 34.76
C LYS F 92 -38.42 21.33 35.13
N ASN F 93 -38.42 20.02 35.32
CA ASN F 93 -37.20 19.29 35.58
C ASN F 93 -36.30 19.28 34.33
N PRO F 94 -35.02 19.70 34.48
CA PRO F 94 -34.07 19.78 33.34
C PRO F 94 -33.83 18.44 32.64
N ALA F 95 -33.96 17.33 33.38
CA ALA F 95 -33.86 15.99 32.79
C ALA F 95 -34.90 15.82 31.68
N PRO F 96 -34.47 15.26 30.52
CA PRO F 96 -35.38 15.13 29.39
C PRO F 96 -36.59 14.29 29.72
N SER F 97 -37.77 14.85 29.47
CA SER F 97 -39.05 14.16 29.66
C SER F 97 -39.42 13.30 28.45
N ARG F 98 -40.33 12.36 28.63
CA ARG F 98 -40.83 11.58 27.48
C ARG F 98 -41.31 12.52 26.37
N ARG F 99 -42.06 13.57 26.74
CA ARG F 99 -42.48 14.61 25.80
C ARG F 99 -41.30 15.21 25.04
N GLU F 100 -40.25 15.60 25.76
CA GLU F 100 -39.05 16.22 25.16
C GLU F 100 -38.33 15.26 24.19
N ILE F 101 -38.36 13.96 24.51
CA ILE F 101 -37.73 12.95 23.68
C ILE F 101 -38.49 12.76 22.38
N GLU F 102 -39.83 12.71 22.47
CA GLU F 102 -40.67 12.56 21.29
C GLU F 102 -40.55 13.76 20.37
N LEU F 103 -40.71 14.95 20.93
CA LEU F 103 -40.64 16.17 20.14
C LEU F 103 -39.30 16.34 19.44
N SER F 104 -38.22 15.92 20.11
CA SER F 104 -36.88 15.93 19.49
C SER F 104 -36.88 15.15 18.20
N LYS F 105 -37.50 13.97 18.22
CA LYS F 105 -37.61 13.09 17.08
C LYS F 105 -38.49 13.74 16.02
N VAL F 106 -39.67 14.16 16.43
CA VAL F 106 -40.62 14.79 15.50
C VAL F 106 -39.97 15.99 14.78
N ILE F 107 -39.27 16.83 15.53
CA ILE F 107 -38.59 17.98 14.97
C ILE F 107 -37.45 17.55 14.04
N ARG F 108 -36.71 16.49 14.43
CA ARG F 108 -35.59 16.01 13.62
C ARG F 108 -36.07 15.53 12.27
N GLU F 109 -37.12 14.73 12.27
CA GLU F 109 -37.68 14.22 11.04
C GLU F 109 -38.15 15.39 10.18
N ALA F 110 -38.76 16.39 10.82
CA ALA F 110 -39.25 17.55 10.10
C ALA F 110 -38.12 18.21 9.34
N LEU F 111 -36.98 18.39 10.03
CA LEU F 111 -35.80 19.02 9.44
C LEU F 111 -35.13 18.15 8.38
N GLU F 112 -35.15 16.85 8.62
CA GLU F 112 -34.55 15.94 7.68
C GLU F 112 -35.22 16.03 6.31
N SER F 113 -36.49 16.36 6.28
CA SER F 113 -37.20 16.47 5.01
C SER F 113 -36.84 17.76 4.26
N ALA F 114 -36.12 18.67 4.91
CA ALA F 114 -35.83 19.99 4.34
C ALA F 114 -34.38 20.15 4.04
N VAL F 115 -33.55 19.63 4.94
CA VAL F 115 -32.12 19.79 4.83
C VAL F 115 -31.58 18.79 3.82
N LEU F 116 -30.73 19.29 2.93
CA LEU F 116 -30.10 18.47 1.90
C LEU F 116 -28.89 17.73 2.44
N VAL F 117 -29.15 16.73 3.27
CA VAL F 117 -28.12 16.03 4.01
C VAL F 117 -27.14 15.25 3.11
N GLU F 118 -27.58 14.87 1.92
CA GLU F 118 -26.76 14.10 0.98
C GLU F 118 -25.47 14.83 0.63
N LEU F 119 -25.51 16.15 0.74
CA LEU F 119 -24.41 17.01 0.35
C LEU F 119 -23.19 16.88 1.26
N PHE F 120 -23.41 16.33 2.46
CA PHE F 120 -22.33 16.26 3.45
C PHE F 120 -22.19 14.85 4.05
N PRO F 121 -21.66 13.90 3.27
CA PRO F 121 -21.52 12.55 3.81
C PRO F 121 -20.52 12.52 4.95
N ARG F 122 -20.73 11.61 5.90
CA ARG F 122 -19.79 11.36 7.01
C ARG F 122 -19.67 12.50 8.01
N THR F 123 -20.61 13.46 7.92
CA THR F 123 -20.63 14.61 8.81
C THR F 123 -21.84 14.62 9.73
N ALA F 124 -21.75 15.41 10.80
CA ALA F 124 -22.87 15.66 11.70
C ALA F 124 -23.25 17.14 11.66
N ILE F 125 -24.55 17.39 11.62
CA ILE F 125 -25.07 18.72 11.81
C ILE F 125 -25.83 18.75 13.14
N ASP F 126 -25.35 19.58 14.08
CA ASP F 126 -25.97 19.71 15.40
C ASP F 126 -26.93 20.87 15.46
N VAL F 127 -28.12 20.58 15.93
CA VAL F 127 -29.15 21.58 16.11
C VAL F 127 -29.62 21.54 17.55
N PHE F 128 -29.34 22.58 18.32
CA PHE F 128 -29.79 22.63 19.72
C PHE F 128 -30.81 23.71 19.89
N THR F 129 -31.92 23.31 20.48
CA THR F 129 -33.05 24.19 20.70
C THR F 129 -33.30 24.37 22.21
N GLU F 130 -33.59 25.59 22.61
CA GLU F 130 -33.96 25.87 23.99
C GLU F 130 -35.20 26.77 24.07
N ILE F 131 -36.26 26.26 24.68
CA ILE F 131 -37.41 27.08 24.98
C ILE F 131 -37.14 27.85 26.26
N LEU F 132 -37.20 29.17 26.14
CA LEU F 132 -36.92 30.08 27.24
C LEU F 132 -38.22 30.45 27.95
N GLN F 133 -39.30 30.47 27.19
CA GLN F 133 -40.65 30.66 27.73
C GLN F 133 -41.62 29.85 26.93
N ALA F 134 -42.38 29.02 27.62
CA ALA F 134 -43.41 28.22 26.98
C ALA F 134 -44.77 28.89 27.14
N ASP F 135 -45.45 29.11 26.01
CA ASP F 135 -46.85 29.55 26.03
C ASP F 135 -47.61 28.82 24.91
N ALA F 136 -47.39 27.51 24.80
CA ALA F 136 -47.96 26.69 23.74
C ALA F 136 -47.33 26.94 22.36
N GLY F 137 -47.28 25.90 21.55
CA GLY F 137 -46.73 25.98 20.21
C GLY F 137 -45.23 26.03 20.19
N SER F 138 -44.64 25.74 21.34
CA SER F 138 -43.18 25.71 21.51
C SER F 138 -42.48 24.73 20.56
N ARG F 139 -43.09 23.57 20.31
CA ARG F 139 -42.50 22.60 19.36
C ARG F 139 -42.33 23.21 17.97
N LEU F 140 -43.28 24.06 17.56
CA LEU F 140 -43.21 24.76 16.28
C LEU F 140 -42.22 25.89 16.29
N VAL F 141 -42.23 26.69 17.35
CA VAL F 141 -41.33 27.83 17.48
C VAL F 141 -39.90 27.32 17.48
N SER F 142 -39.69 26.20 18.16
CA SER F 142 -38.42 25.52 18.15
C SER F 142 -38.01 25.13 16.73
N LEU F 143 -38.93 24.48 16.01
CA LEU F 143 -38.67 23.98 14.67
C LEU F 143 -38.34 25.12 13.74
N MET F 144 -39.10 26.21 13.82
CA MET F 144 -38.83 27.36 12.97
C MET F 144 -37.47 27.99 13.30
N ALA F 145 -37.16 28.13 14.59
CA ALA F 145 -35.91 28.71 15.00
C ALA F 145 -34.75 27.87 14.46
N ALA F 146 -34.94 26.55 14.55
CA ALA F 146 -33.99 25.58 13.97
C ALA F 146 -33.79 25.81 12.50
N SER F 147 -34.92 25.83 11.78
CA SER F 147 -34.94 26.06 10.34
C SER F 147 -34.18 27.33 9.98
N LEU F 148 -34.41 28.40 10.74
CA LEU F 148 -33.78 29.67 10.46
C LEU F 148 -32.32 29.68 10.85
N ALA F 149 -31.96 28.99 11.94
CA ALA F 149 -30.56 28.88 12.33
C ALA F 149 -29.74 28.11 11.29
N LEU F 150 -30.38 27.14 10.64
CA LEU F 150 -29.74 26.39 9.57
C LEU F 150 -29.47 27.28 8.38
N ALA F 151 -30.46 28.11 8.03
CA ALA F 151 -30.31 29.09 6.97
C ALA F 151 -29.21 30.09 7.33
N ASP F 152 -29.13 30.45 8.60
CA ASP F 152 -28.09 31.36 9.08
C ASP F 152 -26.70 30.74 8.95
N ALA F 153 -26.63 29.41 9.05
CA ALA F 153 -25.37 28.70 8.88
C ALA F 153 -25.03 28.45 7.40
N GLY F 154 -25.97 28.82 6.52
CA GLY F 154 -25.80 28.63 5.07
C GLY F 154 -25.90 27.17 4.68
N ILE F 155 -26.67 26.41 5.43
CA ILE F 155 -26.88 25.03 5.11
C ILE F 155 -28.02 24.93 4.10
N PRO F 156 -27.71 24.33 2.92
CA PRO F 156 -28.65 24.19 1.79
C PRO F 156 -29.88 23.41 2.18
N MET F 157 -31.06 23.96 1.90
CA MET F 157 -32.31 23.31 2.23
C MET F 157 -33.30 23.46 1.08
N ARG F 158 -34.29 22.57 1.03
CA ARG F 158 -35.34 22.64 0.01
C ARG F 158 -36.12 23.94 0.10
N ASP F 159 -36.40 24.37 1.33
CA ASP F 159 -37.22 25.53 1.62
C ASP F 159 -37.05 25.85 3.10
N LEU F 160 -37.54 27.01 3.54
CA LEU F 160 -37.66 27.27 4.98
C LEU F 160 -38.88 26.55 5.53
N ILE F 161 -38.92 26.34 6.83
CA ILE F 161 -40.09 25.74 7.47
C ILE F 161 -40.84 26.78 8.31
N ALA F 162 -42.16 26.81 8.11
CA ALA F 162 -43.07 27.66 8.89
C ALA F 162 -44.19 26.81 9.46
N GLY F 163 -44.63 27.14 10.68
CA GLY F 163 -45.70 26.39 11.32
C GLY F 163 -46.59 27.16 12.28
N VAL F 164 -47.78 26.61 12.53
CA VAL F 164 -48.70 27.09 13.56
C VAL F 164 -49.52 25.95 14.08
N ALA F 165 -49.93 26.07 15.34
CA ALA F 165 -50.90 25.14 15.92
C ALA F 165 -52.26 25.74 15.62
N VAL F 166 -53.08 24.98 14.92
CA VAL F 166 -54.47 25.36 14.74
C VAL F 166 -55.23 24.49 15.72
N GLY F 167 -56.44 24.88 16.08
CA GLY F 167 -57.21 24.11 17.06
C GLY F 167 -58.69 24.42 17.12
N LYS F 168 -59.35 23.85 18.12
CA LYS F 168 -60.78 24.04 18.30
C LYS F 168 -61.03 24.44 19.76
N ALA F 169 -61.72 25.55 19.96
CA ALA F 169 -61.92 26.12 21.29
C ALA F 169 -63.29 25.81 21.86
N ASP F 170 -64.30 26.59 21.51
CA ASP F 170 -65.64 26.27 22.00
C ASP F 170 -66.52 25.90 20.83
N GLY F 171 -66.13 24.84 20.14
CA GLY F 171 -66.75 24.49 18.86
C GLY F 171 -66.17 25.36 17.74
N VAL F 172 -65.28 26.28 18.09
CA VAL F 172 -64.79 27.28 17.15
C VAL F 172 -63.35 26.99 16.76
N ILE F 173 -63.09 26.93 15.46
CA ILE F 173 -61.75 26.68 14.94
C ILE F 173 -60.90 27.94 15.03
N ILE F 174 -59.75 27.82 15.70
CA ILE F 174 -58.91 28.98 16.04
C ILE F 174 -57.47 28.81 15.64
N LEU F 175 -56.77 29.92 15.47
CA LEU F 175 -55.43 29.91 14.92
C LEU F 175 -54.40 30.36 15.93
N ASP F 176 -53.38 29.54 16.15
CA ASP F 176 -52.22 29.87 16.99
C ASP F 176 -52.58 29.94 18.47
N LEU F 177 -52.46 28.81 19.18
CA LEU F 177 -53.05 28.68 20.53
C LEU F 177 -52.24 29.25 21.69
N ASN F 178 -52.98 29.78 22.67
CA ASN F 178 -52.52 30.05 24.05
C ASN F 178 -52.22 28.74 24.78
N GLU F 179 -51.54 28.82 25.91
CA GLU F 179 -51.54 27.69 26.86
C GLU F 179 -52.95 27.47 27.38
N THR F 180 -53.69 28.58 27.59
CA THR F 180 -55.08 28.48 28.05
C THR F 180 -55.89 27.62 27.07
N GLU F 181 -55.81 27.97 25.79
CA GLU F 181 -56.53 27.28 24.73
C GLU F 181 -56.06 25.85 24.55
N ASP F 182 -54.74 25.64 24.65
CA ASP F 182 -54.13 24.30 24.61
C ASP F 182 -54.66 23.41 25.72
N MET F 183 -54.59 23.90 26.94
CA MET F 183 -54.98 23.08 28.05
C MET F 183 -56.47 22.75 28.08
N TRP F 184 -57.33 23.69 27.67
CA TRP F 184 -58.80 23.53 27.79
C TRP F 184 -59.56 23.28 26.49
N GLY F 185 -58.88 23.40 25.35
CA GLY F 185 -59.52 23.20 24.05
C GLY F 185 -59.81 21.74 23.73
N GLU F 186 -60.67 21.52 22.73
CA GLU F 186 -61.01 20.18 22.30
C GLU F 186 -59.94 19.59 21.40
N ALA F 187 -59.17 20.45 20.73
CA ALA F 187 -58.17 20.01 19.78
C ALA F 187 -56.97 20.94 19.70
N ASP F 188 -55.85 20.34 19.36
CA ASP F 188 -54.58 21.03 19.22
C ASP F 188 -53.86 20.32 18.08
N MET F 189 -53.68 21.05 16.98
CA MET F 189 -53.14 20.46 15.77
C MET F 189 -51.96 21.27 15.23
N PRO F 190 -50.74 20.97 15.72
CA PRO F 190 -49.55 21.63 15.18
C PRO F 190 -49.27 21.14 13.76
N ILE F 191 -49.11 22.09 12.83
CA ILE F 191 -48.81 21.82 11.43
C ILE F 191 -47.61 22.67 10.99
N ALA F 192 -46.69 22.07 10.27
CA ALA F 192 -45.54 22.79 9.74
C ALA F 192 -45.28 22.40 8.28
N MET F 193 -44.90 23.38 7.45
CA MET F 193 -44.64 23.13 6.04
C MET F 193 -43.38 23.79 5.49
N MET F 194 -42.99 23.33 4.31
CA MET F 194 -42.14 24.07 3.40
C MET F 194 -43.11 24.73 2.42
N PRO F 195 -43.55 25.96 2.74
CA PRO F 195 -44.70 26.66 2.13
C PRO F 195 -44.65 26.83 0.62
N SER F 196 -43.46 27.09 0.09
CA SER F 196 -43.28 27.24 -1.35
C SER F 196 -43.52 25.94 -2.09
N LEU F 197 -43.23 24.81 -1.43
CA LEU F 197 -43.39 23.49 -2.02
C LEU F 197 -44.70 22.83 -1.66
N ASN F 198 -45.48 23.49 -0.80
CA ASN F 198 -46.72 22.92 -0.22
C ASN F 198 -46.48 21.53 0.36
N GLN F 199 -45.36 21.37 1.03
CA GLN F 199 -44.99 20.09 1.60
C GLN F 199 -45.07 20.18 3.10
N VAL F 200 -45.85 19.28 3.68
CA VAL F 200 -46.01 19.25 5.13
C VAL F 200 -44.86 18.50 5.78
N THR F 201 -44.32 19.13 6.80
CA THR F 201 -43.07 18.71 7.40
C THR F 201 -43.29 18.09 8.78
N LEU F 202 -44.21 18.70 9.53
CA LEU F 202 -44.67 18.21 10.83
C LEU F 202 -46.20 18.22 10.82
N PHE F 203 -46.81 17.14 11.32
CA PHE F 203 -48.26 17.11 11.42
C PHE F 203 -48.73 16.26 12.57
N GLN F 204 -49.31 16.92 13.57
CA GLN F 204 -49.85 16.22 14.75
C GLN F 204 -51.19 16.76 15.17
N LEU F 205 -52.03 15.87 15.71
CA LEU F 205 -53.25 16.28 16.37
C LEU F 205 -53.42 15.54 17.70
N ASN F 206 -53.58 16.30 18.77
CA ASN F 206 -54.11 15.75 20.02
C ASN F 206 -55.44 16.41 20.35
N GLY F 207 -56.40 15.56 20.74
CA GLY F 207 -57.73 16.02 20.98
C GLY F 207 -58.68 15.32 20.04
N SER F 208 -59.65 16.05 19.54
CA SER F 208 -60.77 15.45 18.85
C SER F 208 -61.34 16.42 17.81
N MET F 209 -61.62 15.89 16.62
CA MET F 209 -62.20 16.67 15.52
C MET F 209 -62.98 15.77 14.57
N THR F 210 -64.03 16.33 13.96
CA THR F 210 -64.70 15.66 12.86
C THR F 210 -63.86 15.93 11.62
N PRO F 211 -63.95 15.04 10.61
CA PRO F 211 -63.17 15.24 9.40
C PRO F 211 -63.35 16.66 8.85
N ASP F 212 -64.59 17.17 8.91
CA ASP F 212 -64.92 18.50 8.41
C ASP F 212 -64.10 19.55 9.14
N GLU F 213 -64.18 19.50 10.46
CA GLU F 213 -63.42 20.41 11.32
C GLU F 213 -61.92 20.30 11.02
N PHE F 214 -61.44 19.08 10.90
CA PHE F 214 -60.08 18.82 10.49
C PHE F 214 -59.75 19.59 9.20
N ARG F 215 -60.59 19.47 8.18
CA ARG F 215 -60.33 20.15 6.92
C ARG F 215 -60.34 21.68 7.01
N GLN F 216 -61.29 22.23 7.77
CA GLN F 216 -61.39 23.68 8.01
C GLN F 216 -60.15 24.22 8.70
N ALA F 217 -59.77 23.53 9.79
CA ALA F 217 -58.60 23.90 10.58
C ALA F 217 -57.33 23.89 9.73
N PHE F 218 -57.20 22.84 8.93
CA PHE F 218 -56.11 22.68 7.99
C PHE F 218 -55.96 23.90 7.04
N ASP F 219 -57.06 24.37 6.46
CA ASP F 219 -57.08 25.57 5.61
C ASP F 219 -56.60 26.82 6.36
N LEU F 220 -56.99 26.93 7.62
CA LEU F 220 -56.68 28.11 8.40
C LEU F 220 -55.21 28.13 8.77
N ALA F 221 -54.65 26.95 8.99
CA ALA F 221 -53.23 26.82 9.28
C ALA F 221 -52.39 27.33 8.11
N VAL F 222 -52.84 27.01 6.89
CA VAL F 222 -52.12 27.38 5.68
C VAL F 222 -51.97 28.89 5.57
N LYS F 223 -53.06 29.62 5.78
CA LYS F 223 -53.03 31.09 5.72
C LYS F 223 -52.08 31.69 6.77
N GLY F 224 -52.15 31.16 7.99
CA GLY F 224 -51.24 31.55 9.06
C GLY F 224 -49.80 31.26 8.65
N ILE F 225 -49.56 30.02 8.20
CA ILE F 225 -48.23 29.61 7.78
C ILE F 225 -47.65 30.56 6.71
N ASN F 226 -48.49 30.91 5.74
CA ASN F 226 -48.09 31.81 4.66
C ASN F 226 -47.66 33.19 5.15
N ILE F 227 -48.32 33.67 6.19
CA ILE F 227 -47.94 34.96 6.77
C ILE F 227 -46.59 34.86 7.48
N ILE F 228 -46.45 33.83 8.31
CA ILE F 228 -45.22 33.55 9.02
C ILE F 228 -44.05 33.40 8.05
N TYR F 229 -44.29 32.65 6.98
CA TYR F 229 -43.28 32.40 5.97
C TYR F 229 -42.66 33.70 5.41
N ASN F 230 -43.50 34.68 5.08
CA ASN F 230 -43.02 35.94 4.56
C ASN F 230 -42.14 36.64 5.57
N LEU F 231 -42.48 36.49 6.84
CA LEU F 231 -41.71 37.11 7.90
C LEU F 231 -40.34 36.43 8.01
N GLU F 232 -40.32 35.11 7.87
CA GLU F 232 -39.08 34.36 7.87
C GLU F 232 -38.18 34.84 6.74
N ARG F 233 -38.75 34.94 5.55
CA ARG F 233 -38.03 35.44 4.38
C ARG F 233 -37.41 36.80 4.62
N GLU F 234 -38.17 37.68 5.25
CA GLU F 234 -37.70 39.03 5.54
C GLU F 234 -36.61 39.01 6.62
N ALA F 235 -36.76 38.12 7.61
CA ALA F 235 -35.76 37.96 8.67
C ALA F 235 -34.43 37.54 8.09
N LEU F 236 -34.49 36.79 6.99
CA LEU F 236 -33.32 36.31 6.29
C LEU F 236 -32.49 37.46 5.70
N LYS F 237 -33.18 38.49 5.18
CA LYS F 237 -32.51 39.64 4.58
C LYS F 237 -32.05 40.65 5.62
N SER F 238 -32.91 40.98 6.58
CA SER F 238 -32.65 42.06 7.53
C SER F 238 -32.14 41.61 8.90
N LYS F 239 -32.13 40.30 9.14
CA LYS F 239 -31.66 39.70 10.39
C LYS F 239 -32.55 39.98 11.60
N TYR F 240 -33.59 40.80 11.42
CA TYR F 240 -34.48 41.21 12.50
C TYR F 240 -35.86 41.59 11.99
N VAL F 241 -36.89 41.01 12.58
CA VAL F 241 -38.26 41.24 12.16
C VAL F 241 -39.19 41.28 13.36
N GLU F 242 -39.99 42.35 13.43
CA GLU F 242 -41.09 42.46 14.39
C GLU F 242 -42.42 42.50 13.66
N PHE F 243 -43.40 41.76 14.17
CA PHE F 243 -44.71 41.73 13.59
C PHE F 243 -45.75 41.76 14.69
N LYS F 244 -46.51 42.85 14.77
CA LYS F 244 -47.62 42.97 15.72
C LYS F 244 -48.78 42.10 15.25
N GLU F 245 -49.57 41.58 16.19
CA GLU F 245 -50.69 40.66 15.89
C GLU F 245 -51.64 41.23 14.85
N GLU F 246 -52.10 40.38 13.92
CA GLU F 246 -53.20 40.75 13.03
C GLU F 246 -53.88 39.57 12.36
N GLY F 247 -55.03 39.86 11.73
CA GLY F 247 -55.88 38.86 11.09
C GLY F 247 -55.30 38.26 9.82
N VAL F 248 -55.65 37.00 9.59
CA VAL F 248 -55.25 36.26 8.39
C VAL F 248 -55.89 36.84 7.14
N MET G 1 38.52 1.69 13.94
CA MET G 1 37.32 2.54 13.67
C MET G 1 36.49 2.87 14.93
N SER G 2 36.24 4.15 15.18
CA SER G 2 35.38 4.61 16.26
C SER G 2 34.17 5.31 15.70
N SER G 3 32.98 4.84 16.07
CA SER G 3 31.75 5.40 15.51
C SER G 3 30.72 5.75 16.56
N THR G 4 29.85 6.70 16.23
CA THR G 4 28.76 7.13 17.11
C THR G 4 27.90 5.94 17.48
N PRO G 5 27.73 5.66 18.79
CA PRO G 5 26.94 4.52 19.22
C PRO G 5 25.47 4.60 18.78
N SER G 6 25.00 3.57 18.08
CA SER G 6 23.64 3.53 17.52
C SER G 6 22.59 3.04 18.53
N ASN G 7 23.06 2.37 19.57
CA ASN G 7 22.20 1.91 20.66
C ASN G 7 21.73 3.09 21.53
N GLN G 8 22.28 4.26 21.21
CA GLN G 8 22.07 5.53 21.92
C GLN G 8 20.79 5.54 22.73
N ASN G 9 20.93 5.89 24.01
CA ASN G 9 19.76 6.26 24.79
C ASN G 9 19.45 7.72 24.38
N ILE G 10 18.40 7.89 23.58
CA ILE G 10 17.87 9.23 23.27
C ILE G 10 16.68 9.54 24.19
N ILE G 11 16.90 10.50 25.09
CA ILE G 11 15.98 10.80 26.19
C ILE G 11 15.16 12.08 25.90
N PRO G 12 13.82 11.96 25.81
CA PRO G 12 12.94 13.01 25.26
C PRO G 12 13.15 14.37 25.87
N ILE G 13 12.97 15.41 25.06
CA ILE G 13 13.14 16.80 25.47
C ILE G 13 12.32 17.11 26.74
N ILE G 14 11.10 16.58 26.80
CA ILE G 14 10.16 16.82 27.90
C ILE G 14 10.76 16.38 29.23
N LYS G 15 11.38 15.21 29.26
CA LYS G 15 12.01 14.71 30.46
C LYS G 15 13.25 15.53 30.80
N LYS G 16 13.97 15.97 29.78
CA LYS G 16 15.16 16.77 29.98
C LYS G 16 14.84 18.09 30.65
N GLU G 17 13.81 18.74 30.16
CA GLU G 17 13.34 20.00 30.72
C GLU G 17 12.92 19.83 32.18
N SER G 18 12.28 18.71 32.49
CA SER G 18 11.93 18.33 33.84
C SER G 18 13.13 18.46 34.75
N ILE G 19 14.22 17.83 34.33
CA ILE G 19 15.41 17.75 35.13
C ILE G 19 16.08 19.11 35.21
N VAL G 20 16.13 19.83 34.09
CA VAL G 20 16.69 21.18 34.09
C VAL G 20 15.94 22.11 35.04
N SER G 21 14.61 22.05 34.98
CA SER G 21 13.76 22.81 35.89
C SER G 21 14.10 22.61 37.37
N LEU G 22 14.56 21.42 37.72
CA LEU G 22 14.95 21.13 39.07
C LEU G 22 16.28 21.77 39.39
N PHE G 23 17.21 21.68 38.44
CA PHE G 23 18.55 22.27 38.58
C PHE G 23 18.47 23.76 38.85
N GLU G 24 17.48 24.41 38.21
CA GLU G 24 17.26 25.83 38.35
C GLU G 24 16.92 26.17 39.80
N LYS G 25 16.36 25.21 40.52
CA LYS G 25 16.08 25.36 41.93
C LYS G 25 17.20 24.74 42.76
N GLY G 26 18.25 24.26 42.10
CA GLY G 26 19.42 23.74 42.78
C GLY G 26 19.18 22.42 43.49
N ILE G 27 18.44 21.52 42.84
CA ILE G 27 18.16 20.20 43.37
C ILE G 27 17.97 19.18 42.22
N ARG G 28 18.17 17.91 42.54
CA ARG G 28 18.09 16.86 41.53
C ARG G 28 16.96 15.89 41.82
N GLN G 29 16.72 14.96 40.91
CA GLN G 29 15.67 13.96 41.06
C GLN G 29 15.78 13.19 42.39
N ASP G 30 16.98 12.69 42.69
CA ASP G 30 17.22 11.94 43.93
C ASP G 30 17.29 12.83 45.18
N GLY G 31 17.24 14.15 44.97
CA GLY G 31 17.11 15.10 46.07
C GLY G 31 18.41 15.72 46.54
N ARG G 32 19.53 15.33 45.92
CA ARG G 32 20.82 15.93 46.29
C ARG G 32 21.08 17.26 45.59
N LYS G 33 22.07 17.99 46.11
CA LYS G 33 22.48 19.27 45.56
C LYS G 33 23.34 19.06 44.35
N LEU G 34 23.56 20.12 43.60
CA LEU G 34 24.33 20.04 42.38
C LEU G 34 25.75 19.56 42.65
N THR G 35 26.25 19.79 43.85
CA THR G 35 27.63 19.47 44.18
C THR G 35 27.82 18.22 45.03
N ASP G 36 26.72 17.51 45.31
CA ASP G 36 26.74 16.32 46.15
C ASP G 36 27.15 15.04 45.42
N TYR G 37 27.83 14.15 46.14
CA TYR G 37 28.04 12.78 45.67
C TYR G 37 26.88 11.88 46.08
N ARG G 38 26.74 10.76 45.37
CA ARG G 38 25.77 9.74 45.75
C ARG G 38 26.32 8.95 46.93
N PRO G 39 25.45 8.21 47.64
CA PRO G 39 25.88 7.42 48.79
C PRO G 39 26.97 6.41 48.39
N LEU G 40 28.00 6.27 49.21
CA LEU G 40 29.13 5.40 48.88
C LEU G 40 29.28 4.21 49.84
N SER G 41 29.29 3.01 49.27
CA SER G 41 29.60 1.79 50.01
C SER G 41 30.90 1.25 49.49
N ILE G 42 31.77 0.81 50.40
CA ILE G 42 32.93 0.04 50.00
C ILE G 42 33.07 -1.23 50.86
N THR G 43 33.10 -2.38 50.19
CA THR G 43 33.32 -3.67 50.84
C THR G 43 34.66 -4.21 50.37
N LEU G 44 35.59 -4.34 51.31
CA LEU G 44 36.92 -4.85 51.03
C LEU G 44 36.95 -6.37 51.05
N ASP G 45 37.88 -6.94 50.28
CA ASP G 45 38.10 -8.37 50.25
C ASP G 45 36.83 -9.14 49.87
N TYR G 46 36.08 -8.60 48.92
CA TYR G 46 34.83 -9.20 48.50
C TYR G 46 35.09 -10.47 47.69
N ALA G 47 36.13 -10.41 46.85
CA ALA G 47 36.54 -11.54 46.01
C ALA G 47 37.68 -12.27 46.67
N LYS G 48 37.36 -13.37 47.35
CA LYS G 48 38.31 -14.01 48.28
C LYS G 48 39.61 -14.50 47.63
N LYS G 49 39.50 -15.07 46.44
CA LYS G 49 40.66 -15.62 45.75
C LYS G 49 41.52 -14.55 45.05
N ALA G 50 41.12 -13.29 45.23
CA ALA G 50 41.93 -12.14 44.80
C ALA G 50 42.95 -11.76 45.89
N ASP G 51 44.09 -11.22 45.45
CA ASP G 51 45.14 -10.77 46.37
C ASP G 51 44.65 -9.57 47.20
N GLY G 52 43.83 -8.73 46.56
CA GLY G 52 43.14 -7.63 47.22
C GLY G 52 41.96 -7.32 46.33
N SER G 53 40.85 -6.92 46.93
CA SER G 53 39.64 -6.62 46.16
C SER G 53 38.72 -5.67 46.89
N ALA G 54 37.80 -5.07 46.13
CA ALA G 54 36.84 -4.10 46.66
C ALA G 54 35.56 -4.07 45.83
N LEU G 55 34.41 -4.12 46.50
CA LEU G 55 33.11 -3.88 45.89
C LEU G 55 32.63 -2.47 46.24
N VAL G 56 32.46 -1.65 45.20
CA VAL G 56 32.06 -0.26 45.39
C VAL G 56 30.62 -0.08 44.92
N LYS G 57 29.77 0.48 45.79
CA LYS G 57 28.45 0.93 45.40
C LYS G 57 28.39 2.45 45.50
N LEU G 58 28.25 3.10 44.35
CA LEU G 58 28.07 4.55 44.28
C LEU G 58 26.74 4.83 43.60
N GLY G 59 25.73 5.16 44.41
CA GLY G 59 24.37 5.20 43.91
C GLY G 59 24.04 3.79 43.46
N THR G 60 23.54 3.67 42.24
CA THR G 60 23.21 2.35 41.65
C THR G 60 24.36 1.73 40.84
N THR G 61 25.49 2.42 40.75
CA THR G 61 26.64 1.89 40.06
C THR G 61 27.38 0.93 40.97
N MET G 62 27.70 -0.25 40.45
CA MET G 62 28.52 -1.24 41.16
C MET G 62 29.76 -1.63 40.40
N VAL G 63 30.90 -1.55 41.08
CA VAL G 63 32.15 -1.96 40.50
C VAL G 63 32.92 -2.88 41.47
N LEU G 64 33.36 -4.01 40.95
CA LEU G 64 34.24 -4.90 41.66
C LEU G 64 35.60 -4.90 41.00
N ALA G 65 36.59 -4.46 41.74
CA ALA G 65 37.96 -4.48 41.30
C ALA G 65 38.70 -5.55 42.07
N GLY G 66 39.67 -6.16 41.42
CA GLY G 66 40.44 -7.21 42.04
C GLY G 66 41.86 -7.24 41.53
N THR G 67 42.80 -7.49 42.42
CA THR G 67 44.21 -7.56 42.06
C THR G 67 44.74 -8.98 42.07
N LYS G 68 45.76 -9.19 41.24
CA LYS G 68 46.45 -10.44 41.20
C LYS G 68 47.92 -10.12 40.96
N LEU G 69 48.79 -10.68 41.79
CA LEU G 69 50.22 -10.38 41.71
C LEU G 69 50.98 -11.57 41.17
N GLU G 70 51.89 -11.28 40.23
CA GLU G 70 52.71 -12.32 39.62
C GLU G 70 54.12 -11.83 39.35
N ILE G 71 55.07 -12.76 39.40
CA ILE G 71 56.46 -12.44 39.20
C ILE G 71 56.78 -12.50 37.71
N ASP G 72 57.34 -11.41 37.20
CA ASP G 72 57.73 -11.31 35.80
C ASP G 72 59.15 -10.79 35.62
N LYS G 73 59.77 -11.10 34.50
CA LYS G 73 60.96 -10.40 34.07
C LYS G 73 60.51 -8.98 33.70
N PRO G 74 61.27 -7.95 34.15
CA PRO G 74 60.88 -6.56 33.83
C PRO G 74 61.04 -6.24 32.36
N TYR G 75 60.50 -5.11 31.91
CA TYR G 75 60.53 -4.80 30.47
C TYR G 75 61.89 -4.38 29.85
N GLU G 76 61.86 -4.14 28.54
CA GLU G 76 63.04 -3.71 27.78
C GLU G 76 63.43 -2.29 28.17
N ASP G 77 62.43 -1.40 28.12
CA ASP G 77 62.59 0.01 28.46
C ASP G 77 62.77 0.23 29.98
N THR G 78 62.01 -0.52 30.79
CA THR G 78 61.83 -0.18 32.21
C THR G 78 62.46 -1.20 33.16
N PRO G 79 63.79 -1.17 33.30
CA PRO G 79 64.51 -2.26 34.00
C PRO G 79 64.36 -2.27 35.52
N ASN G 80 64.05 -1.12 36.10
CA ASN G 80 63.91 -0.99 37.54
C ASN G 80 62.50 -0.57 37.97
N GLN G 81 61.52 -1.24 37.37
CA GLN G 81 60.12 -1.00 37.67
C GLN G 81 59.35 -2.29 37.62
N GLY G 82 58.42 -2.43 38.57
CA GLY G 82 57.37 -3.44 38.48
C GLY G 82 56.36 -2.97 37.45
N ASN G 83 55.34 -3.79 37.25
CA ASN G 83 54.37 -3.52 36.20
C ASN G 83 53.01 -3.31 36.80
N LEU G 84 52.27 -2.38 36.22
CA LEU G 84 50.85 -2.25 36.52
C LEU G 84 50.08 -2.44 35.24
N ILE G 85 49.12 -3.37 35.26
CA ILE G 85 48.23 -3.56 34.13
C ILE G 85 46.78 -3.44 34.58
N VAL G 86 46.11 -2.42 34.07
CA VAL G 86 44.74 -2.12 34.44
C VAL G 86 43.82 -2.55 33.32
N ASN G 87 42.73 -3.19 33.70
CA ASN G 87 41.79 -3.70 32.74
C ASN G 87 40.37 -3.54 33.24
N VAL G 88 39.50 -3.04 32.37
CA VAL G 88 38.12 -2.75 32.76
C VAL G 88 37.16 -3.52 31.89
N GLU G 89 36.11 -4.07 32.50
CA GLU G 89 35.06 -4.73 31.76
C GLU G 89 33.68 -4.24 32.15
N LEU G 90 32.92 -3.87 31.13
CA LEU G 90 31.52 -3.52 31.27
C LEU G 90 30.73 -4.77 30.91
N LEU G 91 29.72 -5.07 31.71
CA LEU G 91 28.97 -6.32 31.50
C LEU G 91 27.53 -6.15 31.00
N PRO G 92 26.80 -5.10 31.46
CA PRO G 92 25.41 -4.89 31.00
C PRO G 92 25.24 -4.79 29.48
N ASP G 104 36.25 -3.52 24.32
CA ASP G 104 35.21 -2.55 24.01
C ASP G 104 35.82 -1.29 23.37
N GLU G 105 35.93 -0.20 24.14
CA GLU G 105 36.37 1.15 23.70
C GLU G 105 36.20 2.15 24.85
N ASN G 106 35.00 2.14 25.42
CA ASN G 106 34.73 2.87 26.62
C ASN G 106 35.47 2.19 27.74
N ALA G 107 35.52 0.86 27.67
CA ALA G 107 36.23 0.05 28.65
C ALA G 107 37.72 0.34 28.60
N ILE G 108 38.24 0.53 27.39
CA ILE G 108 39.65 0.82 27.21
C ILE G 108 39.93 2.22 27.75
N GLU G 109 39.08 3.18 27.37
CA GLU G 109 39.24 4.55 27.86
C GLU G 109 39.29 4.56 29.37
N LEU G 110 38.29 3.95 30.00
CA LEU G 110 38.25 3.88 31.45
C LEU G 110 39.55 3.30 32.03
N ALA G 111 39.95 2.11 31.54
CA ALA G 111 41.17 1.45 31.96
C ALA G 111 42.38 2.37 31.89
N ARG G 112 42.49 3.11 30.78
CA ARG G 112 43.62 4.00 30.55
C ARG G 112 43.59 5.22 31.45
N VAL G 113 42.41 5.80 31.63
CA VAL G 113 42.26 6.98 32.47
C VAL G 113 42.65 6.64 33.92
N VAL G 114 42.07 5.56 34.43
CA VAL G 114 42.40 5.05 35.75
C VAL G 114 43.91 4.80 35.87
N ASP G 115 44.44 4.04 34.93
CA ASP G 115 45.87 3.74 34.85
C ASP G 115 46.69 5.02 34.98
N ARG G 116 46.47 5.94 34.05
CA ARG G 116 47.16 7.21 34.04
C ARG G 116 47.19 7.92 35.38
N SER G 117 46.04 7.96 36.04
CA SER G 117 45.94 8.64 37.31
C SER G 117 46.68 7.91 38.43
N LEU G 118 46.74 6.59 38.36
CA LEU G 118 47.52 5.84 39.35
C LEU G 118 49.03 5.91 39.10
N ARG G 119 49.41 5.87 37.83
CA ARG G 119 50.80 5.85 37.41
C ARG G 119 51.49 7.22 37.52
N ASP G 120 50.85 8.26 36.99
CA ASP G 120 51.43 9.62 36.94
C ASP G 120 51.52 10.26 38.32
N SER G 121 50.57 9.92 39.17
CA SER G 121 50.57 10.41 40.55
C SER G 121 51.66 9.73 41.36
N LYS G 122 52.10 8.56 40.92
CA LYS G 122 52.92 7.67 41.73
C LYS G 122 52.18 7.38 43.04
N ALA G 123 50.88 7.11 42.93
CA ALA G 123 50.13 6.63 44.07
C ALA G 123 50.67 5.24 44.40
N LEU G 124 50.84 4.43 43.36
CA LEU G 124 51.57 3.18 43.46
C LEU G 124 52.98 3.38 42.95
N ASP G 125 53.96 3.01 43.76
CA ASP G 125 55.36 3.17 43.39
C ASP G 125 55.90 1.90 42.75
N LEU G 126 56.02 1.94 41.42
CA LEU G 126 56.47 0.76 40.67
C LEU G 126 57.92 0.39 40.94
N THR G 127 58.74 1.37 41.28
CA THR G 127 60.15 1.14 41.50
C THR G 127 60.42 0.33 42.76
N LYS G 128 59.41 0.24 43.63
CA LYS G 128 59.49 -0.56 44.86
C LYS G 128 58.91 -1.97 44.68
N LEU G 129 58.56 -2.31 43.45
CA LEU G 129 58.07 -3.64 43.13
C LEU G 129 59.16 -4.54 42.52
N VAL G 130 60.38 -4.02 42.49
CA VAL G 130 61.54 -4.78 42.00
C VAL G 130 61.95 -5.81 43.06
N ILE G 131 62.20 -7.03 42.61
CA ILE G 131 62.67 -8.08 43.49
C ILE G 131 64.17 -8.25 43.27
N GLU G 132 64.55 -8.91 42.17
CA GLU G 132 65.94 -8.90 41.72
C GLU G 132 66.01 -7.99 40.50
N PRO G 133 66.74 -6.86 40.62
CA PRO G 133 66.79 -5.85 39.56
C PRO G 133 67.18 -6.45 38.21
N GLY G 134 66.42 -6.12 37.17
CA GLY G 134 66.66 -6.65 35.83
C GLY G 134 66.25 -8.12 35.66
N LYS G 135 66.24 -8.87 36.76
CA LYS G 135 65.86 -10.28 36.71
C LYS G 135 64.36 -10.47 36.94
N SER G 136 63.83 -9.96 38.06
CA SER G 136 62.44 -10.24 38.43
C SER G 136 61.74 -9.12 39.21
N VAL G 137 60.50 -8.85 38.80
CA VAL G 137 59.66 -7.82 39.40
C VAL G 137 58.24 -8.33 39.61
N TRP G 138 57.48 -7.58 40.42
CA TRP G 138 56.04 -7.85 40.59
C TRP G 138 55.26 -7.23 39.45
N THR G 139 54.33 -7.99 38.90
CA THR G 139 53.33 -7.44 38.01
C THR G 139 52.02 -7.40 38.78
N VAL G 140 51.39 -6.24 38.77
CA VAL G 140 50.11 -6.05 39.42
C VAL G 140 49.02 -6.00 38.35
N TRP G 141 48.28 -7.09 38.24
CA TRP G 141 47.11 -7.12 37.39
C TRP G 141 45.94 -6.56 38.17
N LEU G 142 45.41 -5.44 37.70
CA LEU G 142 44.22 -4.85 38.27
C LEU G 142 43.06 -5.02 37.30
N ASP G 143 42.07 -5.83 37.69
CA ASP G 143 40.92 -6.09 36.86
C ASP G 143 39.69 -5.53 37.50
N VAL G 144 39.02 -4.64 36.76
CA VAL G 144 37.90 -3.87 37.27
C VAL G 144 36.63 -4.24 36.51
N TYR G 145 35.64 -4.72 37.24
CA TYR G 145 34.39 -5.17 36.63
C TYR G 145 33.22 -4.29 36.99
N VAL G 146 32.66 -3.64 35.99
CA VAL G 146 31.44 -2.86 36.17
C VAL G 146 30.27 -3.80 36.10
N LEU G 147 29.61 -4.00 37.23
CA LEU G 147 28.53 -4.97 37.33
C LEU G 147 27.18 -4.33 37.12
N ASP G 148 27.06 -3.05 37.49
CA ASP G 148 25.81 -2.32 37.39
C ASP G 148 26.07 -0.90 36.89
N TYR G 149 25.56 -0.58 35.70
CA TYR G 149 25.83 0.73 35.10
C TYR G 149 24.82 1.75 35.59
N GLY G 150 25.22 2.57 36.56
CA GLY G 150 24.34 3.59 37.13
C GLY G 150 24.80 5.01 36.88
N GLY G 151 25.65 5.20 35.88
CA GLY G 151 26.20 6.52 35.60
C GLY G 151 27.44 6.85 36.42
N ASN G 152 28.30 7.69 35.86
CA ASN G 152 29.57 8.07 36.47
C ASN G 152 30.42 6.87 36.85
N VAL G 153 30.60 5.99 35.89
CA VAL G 153 31.31 4.75 36.10
C VAL G 153 32.79 5.00 36.42
N LEU G 154 33.38 5.99 35.78
CA LEU G 154 34.79 6.32 35.98
C LEU G 154 35.16 6.56 37.45
N ASP G 155 34.40 7.41 38.11
CA ASP G 155 34.66 7.71 39.52
C ASP G 155 34.58 6.47 40.40
N ALA G 156 33.64 5.58 40.11
CA ALA G 156 33.49 4.33 40.86
C ALA G 156 34.67 3.40 40.58
N CYS G 157 35.14 3.39 39.35
CA CYS G 157 36.28 2.57 38.98
C CYS G 157 37.53 2.96 39.70
N THR G 158 37.75 4.27 39.83
CA THR G 158 38.91 4.79 40.51
C THR G 158 38.85 4.35 41.95
N LEU G 159 37.68 4.54 42.56
CA LEU G 159 37.50 4.18 43.97
C LEU G 159 37.70 2.68 44.19
N ALA G 160 37.17 1.89 43.27
CA ALA G 160 37.30 0.43 43.35
C ALA G 160 38.75 -0.01 43.19
N SER G 161 39.46 0.66 42.29
CA SER G 161 40.85 0.35 41.99
C SER G 161 41.75 0.69 43.14
N VAL G 162 41.55 1.88 43.69
CA VAL G 162 42.37 2.37 44.82
C VAL G 162 42.15 1.43 46.00
N ALA G 163 40.88 1.16 46.31
CA ALA G 163 40.53 0.30 47.42
C ALA G 163 41.11 -1.10 47.27
N ALA G 164 41.05 -1.64 46.05
CA ALA G 164 41.58 -2.98 45.78
C ALA G 164 43.08 -3.03 46.00
N LEU G 165 43.79 -2.00 45.54
CA LEU G 165 45.23 -1.91 45.75
C LEU G 165 45.58 -1.85 47.22
N TYR G 166 44.81 -1.08 47.98
CA TYR G 166 45.05 -0.93 49.41
C TYR G 166 44.72 -2.20 50.18
N ASN G 167 43.92 -3.05 49.58
CA ASN G 167 43.49 -4.27 50.23
C ASN G 167 44.44 -5.40 49.91
N THR G 168 45.34 -5.13 48.98
CA THR G 168 46.20 -6.15 48.42
C THR G 168 47.28 -6.61 49.40
N LYS G 169 47.32 -7.93 49.57
CA LYS G 169 48.33 -8.61 50.35
C LYS G 169 49.46 -9.06 49.45
N VAL G 170 50.70 -8.85 49.90
CA VAL G 170 51.87 -9.33 49.18
C VAL G 170 52.42 -10.58 49.90
N TYR G 171 52.86 -11.57 49.12
CA TYR G 171 53.30 -12.85 49.69
C TYR G 171 54.83 -13.05 49.76
N LYS G 172 55.25 -14.05 50.54
CA LYS G 172 56.68 -14.35 50.70
C LYS G 172 57.27 -14.85 49.39
N VAL G 173 58.53 -14.50 49.16
CA VAL G 173 59.24 -14.87 47.93
C VAL G 173 60.40 -15.86 48.17
N GLU G 174 60.15 -17.14 47.86
CA GLU G 174 61.16 -18.18 47.99
C GLU G 174 62.21 -18.08 46.86
N GLN G 175 63.39 -17.58 47.21
CA GLN G 175 64.51 -17.42 46.25
C GLN G 175 65.64 -18.42 46.50
N ILE G 180 62.39 -16.94 42.85
CA ILE G 180 62.15 -18.14 42.06
C ILE G 180 60.74 -18.72 42.28
N SER G 181 60.24 -18.66 43.52
CA SER G 181 58.92 -19.21 43.87
C SER G 181 58.12 -18.33 44.84
N VAL G 182 56.79 -18.37 44.72
CA VAL G 182 55.90 -17.62 45.61
C VAL G 182 55.28 -18.57 46.65
N ASN G 183 55.15 -18.08 47.87
CA ASN G 183 54.54 -18.83 48.96
C ASN G 183 53.26 -18.16 49.42
N LYS G 184 52.12 -18.67 48.94
CA LYS G 184 50.85 -17.96 49.08
C LYS G 184 50.11 -18.14 50.41
N ASN G 185 50.81 -18.61 51.45
CA ASN G 185 50.22 -18.67 52.78
C ASN G 185 51.06 -17.98 53.86
N GLU G 186 52.05 -17.21 53.41
CA GLU G 186 52.78 -16.30 54.27
C GLU G 186 52.67 -14.90 53.66
N VAL G 187 51.88 -14.06 54.30
CA VAL G 187 51.68 -12.66 53.87
C VAL G 187 52.77 -11.74 54.40
N VAL G 188 53.67 -11.33 53.51
CA VAL G 188 54.84 -10.52 53.85
C VAL G 188 54.51 -9.06 54.14
N GLY G 189 53.58 -8.50 53.39
CA GLY G 189 53.19 -7.10 53.57
C GLY G 189 52.12 -6.61 52.61
N LYS G 190 52.22 -5.35 52.24
CA LYS G 190 51.24 -4.69 51.39
C LYS G 190 51.92 -3.97 50.22
N LEU G 191 51.12 -3.39 49.33
CA LEU G 191 51.64 -2.70 48.16
C LEU G 191 52.29 -1.40 48.57
N PRO G 192 53.39 -1.03 47.88
CA PRO G 192 54.03 0.27 48.12
C PRO G 192 53.18 1.40 47.61
N LEU G 193 52.18 1.78 48.41
CA LEU G 193 51.26 2.88 48.08
C LEU G 193 51.59 4.15 48.85
N ASN G 194 51.71 5.25 48.12
CA ASN G 194 52.01 6.54 48.71
C ASN G 194 50.77 7.23 49.28
N TYR G 195 49.68 7.20 48.52
CA TYR G 195 48.42 7.78 48.93
C TYR G 195 47.29 7.28 48.03
N PRO G 196 46.04 7.42 48.50
CA PRO G 196 44.91 7.18 47.64
C PRO G 196 44.76 8.32 46.63
N VAL G 197 43.96 8.08 45.59
CA VAL G 197 43.66 9.11 44.61
C VAL G 197 42.18 9.04 44.40
N VAL G 198 41.55 10.17 44.11
CA VAL G 198 40.14 10.16 43.71
C VAL G 198 39.96 10.86 42.39
N THR G 199 39.01 10.38 41.58
CA THR G 199 38.59 11.12 40.42
C THR G 199 37.20 11.63 40.62
N ILE G 200 37.02 12.94 40.40
CA ILE G 200 35.72 13.59 40.48
C ILE G 200 35.23 14.06 39.10
N SER G 201 34.05 13.57 38.70
CA SER G 201 33.44 13.92 37.43
C SER G 201 32.38 15.03 37.59
N VAL G 202 32.49 16.05 36.75
CA VAL G 202 31.55 17.14 36.74
C VAL G 202 30.89 17.22 35.37
N ALA G 203 29.57 17.13 35.36
CA ALA G 203 28.80 17.11 34.11
C ALA G 203 28.22 18.48 33.84
N LYS G 204 28.32 18.88 32.57
CA LYS G 204 27.70 20.11 32.08
C LYS G 204 26.33 19.74 31.54
N VAL G 205 25.28 20.23 32.18
CA VAL G 205 23.93 20.02 31.70
C VAL G 205 23.27 21.38 31.59
N ASP G 206 22.87 21.74 30.37
CA ASP G 206 22.34 23.05 30.06
C ASP G 206 23.39 24.09 30.49
N LYS G 207 23.04 24.96 31.43
CA LYS G 207 23.98 25.96 31.94
C LYS G 207 24.46 25.60 33.36
N TYR G 208 24.22 24.36 33.77
CA TYR G 208 24.49 23.96 35.14
C TYR G 208 25.62 22.96 35.20
N LEU G 209 26.33 22.96 36.32
CA LEU G 209 27.39 21.97 36.56
C LEU G 209 26.94 21.06 37.69
N VAL G 210 27.07 19.77 37.47
CA VAL G 210 26.56 18.78 38.38
C VAL G 210 27.64 17.74 38.66
N VAL G 211 27.84 17.45 39.93
CA VAL G 211 28.88 16.52 40.37
C VAL G 211 28.33 15.11 40.39
N ASP G 212 29.13 14.14 39.97
CA ASP G 212 28.71 12.73 40.03
C ASP G 212 27.35 12.52 39.34
N PRO G 213 27.30 12.65 37.98
CA PRO G 213 26.01 12.52 37.28
C PRO G 213 25.47 11.10 37.30
N ASP G 214 24.18 10.95 37.56
CA ASP G 214 23.56 9.63 37.47
C ASP G 214 23.22 9.26 36.01
N LEU G 215 22.48 8.16 35.84
CA LEU G 215 22.22 7.60 34.54
C LEU G 215 21.45 8.59 33.67
N ASP G 216 20.36 9.11 34.21
CA ASP G 216 19.56 10.12 33.53
C ASP G 216 20.37 11.38 33.21
N GLU G 217 21.14 11.85 34.20
CA GLU G 217 21.93 13.06 34.02
C GLU G 217 22.95 12.90 32.90
N GLU G 218 23.56 11.73 32.84
CA GLU G 218 24.55 11.46 31.81
C GLU G 218 23.96 11.49 30.41
N SER G 219 22.71 11.05 30.27
CA SER G 219 22.12 10.97 28.94
C SER G 219 21.69 12.32 28.40
N ILE G 220 21.62 13.32 29.27
CA ILE G 220 21.17 14.66 28.88
C ILE G 220 22.29 15.71 28.93
N MET G 221 23.42 15.35 29.50
CA MET G 221 24.56 16.26 29.59
C MET G 221 25.12 16.62 28.23
N ASP G 222 25.72 17.81 28.14
CA ASP G 222 26.48 18.21 26.96
C ASP G 222 27.77 17.41 26.94
N ALA G 223 28.49 17.49 28.06
CA ALA G 223 29.76 16.81 28.21
C ALA G 223 30.08 16.68 29.69
N LYS G 224 31.02 15.81 30.04
CA LYS G 224 31.54 15.76 31.40
C LYS G 224 33.06 15.81 31.43
N ILE G 225 33.59 16.29 32.55
CA ILE G 225 35.02 16.43 32.73
C ILE G 225 35.41 15.81 34.06
N SER G 226 36.44 14.98 34.04
CA SER G 226 36.88 14.26 35.24
C SER G 226 38.25 14.71 35.69
N PHE G 227 38.35 15.06 36.96
CA PHE G 227 39.62 15.51 37.53
C PHE G 227 40.07 14.52 38.56
N SER G 228 41.36 14.18 38.50
CA SER G 228 41.96 13.27 39.47
C SER G 228 42.85 14.04 40.42
N TYR G 229 42.64 13.81 41.72
CA TYR G 229 43.42 14.50 42.75
C TYR G 229 44.20 13.58 43.69
N THR G 230 45.32 14.08 44.18
CA THR G 230 46.03 13.47 45.29
C THR G 230 45.58 14.19 46.55
N PRO G 231 45.80 13.59 47.74
CA PRO G 231 45.39 14.19 49.02
C PRO G 231 45.81 15.64 49.26
N ASP G 232 46.99 16.04 48.83
CA ASP G 232 47.35 17.47 48.92
C ASP G 232 46.81 18.29 47.73
N LEU G 233 45.85 17.69 47.04
CA LEU G 233 45.06 18.38 46.01
C LEU G 233 45.86 18.84 44.80
N LYS G 234 46.78 18.01 44.36
CA LYS G 234 47.46 18.22 43.09
C LYS G 234 46.59 17.55 42.01
N ILE G 235 46.42 18.22 40.88
CA ILE G 235 45.72 17.63 39.75
C ILE G 235 46.65 16.59 39.10
N VAL G 236 46.11 15.40 38.86
CA VAL G 236 46.92 14.26 38.46
C VAL G 236 46.37 13.55 37.21
N GLY G 237 45.22 14.03 36.75
CA GLY G 237 44.66 13.65 35.47
C GLY G 237 43.46 14.50 35.17
N ILE G 238 43.26 14.78 33.89
CA ILE G 238 41.98 15.34 33.41
C ILE G 238 41.53 14.60 32.14
N GLN G 239 40.24 14.34 32.06
CA GLN G 239 39.64 13.74 30.87
C GLN G 239 38.25 14.32 30.64
N LYS G 240 38.11 15.05 29.54
CA LYS G 240 36.80 15.48 29.05
C LYS G 240 36.13 14.30 28.37
N SER G 241 34.82 14.23 28.50
CA SER G 241 34.05 13.13 27.98
C SER G 241 32.75 13.66 27.40
N GLY G 242 32.20 12.96 26.42
CA GLY G 242 30.88 13.28 25.90
C GLY G 242 30.86 13.91 24.54
N LYS G 243 29.70 13.84 23.91
CA LYS G 243 29.46 14.29 22.54
C LYS G 243 29.61 15.77 22.35
N GLY G 244 29.34 16.55 23.41
CA GLY G 244 29.25 18.01 23.32
C GLY G 244 30.47 18.76 23.82
N SER G 245 30.37 20.08 23.80
CA SER G 245 31.47 20.92 24.22
C SER G 245 31.19 21.63 25.55
N MET G 246 32.16 22.43 25.97
CA MET G 246 32.16 23.08 27.27
C MET G 246 32.96 24.36 27.19
N SER G 247 32.51 25.41 27.82
CA SER G 247 33.23 26.68 27.74
C SER G 247 34.47 26.69 28.65
N LEU G 248 35.35 27.66 28.40
CA LEU G 248 36.52 27.90 29.19
C LEU G 248 36.15 28.05 30.65
N GLN G 249 35.19 28.94 30.92
CA GLN G 249 34.77 29.21 32.28
C GLN G 249 34.04 28.06 32.93
N ASP G 250 33.39 27.23 32.12
CA ASP G 250 32.74 26.03 32.63
C ASP G 250 33.79 25.14 33.27
N ILE G 251 34.89 24.95 32.56
CA ILE G 251 36.00 24.11 32.99
C ILE G 251 36.67 24.68 34.24
N ASP G 252 36.90 26.00 34.23
CA ASP G 252 37.42 26.71 35.39
C ASP G 252 36.58 26.41 36.65
N GLN G 253 35.27 26.63 36.58
CA GLN G 253 34.38 26.37 37.69
C GLN G 253 34.31 24.90 38.06
N ALA G 254 34.34 24.05 37.04
CA ALA G 254 34.27 22.61 37.25
C ALA G 254 35.41 22.14 38.15
N GLU G 255 36.61 22.64 37.89
CA GLU G 255 37.76 22.17 38.62
C GLU G 255 37.71 22.69 40.06
N ASN G 256 37.26 23.94 40.21
CA ASN G 256 36.99 24.50 41.53
C ASN G 256 36.04 23.61 42.31
N THR G 257 34.90 23.32 41.72
CA THR G 257 33.91 22.44 42.31
C THR G 257 34.50 21.05 42.61
N ALA G 258 35.17 20.47 41.60
CA ALA G 258 35.78 19.13 41.72
C ALA G 258 36.76 19.05 42.91
N ARG G 259 37.52 20.12 43.10
CA ARG G 259 38.53 20.13 44.12
C ARG G 259 37.92 20.10 45.49
N SER G 260 36.93 20.96 45.76
CA SER G 260 36.35 21.01 47.10
C SER G 260 35.47 19.80 47.37
N THR G 261 35.11 19.08 46.31
CA THR G 261 34.44 17.79 46.46
C THR G 261 35.46 16.70 46.79
N ALA G 262 36.63 16.80 46.17
CA ALA G 262 37.71 15.82 46.36
C ALA G 262 38.06 15.61 47.83
N VAL G 263 38.10 16.70 48.59
CA VAL G 263 38.41 16.67 50.01
C VAL G 263 37.45 15.78 50.77
N LYS G 264 36.15 15.99 50.59
CA LYS G 264 35.13 15.16 51.25
C LYS G 264 35.27 13.70 50.82
N LEU G 265 35.43 13.48 49.51
CA LEU G 265 35.47 12.12 48.99
C LEU G 265 36.70 11.37 49.48
N LEU G 266 37.83 12.07 49.58
CA LEU G 266 39.07 11.46 50.11
C LEU G 266 38.92 11.03 51.55
N GLU G 267 38.24 11.85 52.34
CA GLU G 267 38.01 11.55 53.73
C GLU G 267 37.17 10.30 53.87
N GLU G 268 36.12 10.21 53.06
CA GLU G 268 35.20 9.09 53.13
C GLU G 268 35.88 7.84 52.66
N LEU G 269 36.71 7.96 51.63
CA LEU G 269 37.50 6.85 51.10
C LEU G 269 38.41 6.28 52.18
N LYS G 270 39.06 7.17 52.92
CA LYS G 270 39.99 6.77 53.94
C LYS G 270 39.32 6.04 55.08
N LYS G 271 38.15 6.52 55.50
CA LYS G 271 37.32 5.79 56.46
C LYS G 271 37.05 4.35 56.03
N HIS G 272 36.73 4.16 54.75
CA HIS G 272 36.46 2.82 54.24
C HIS G 272 37.71 1.95 54.25
N LEU G 273 38.84 2.55 53.90
CA LEU G 273 40.12 1.84 53.81
C LEU G 273 40.76 1.63 55.17
N GLY G 274 40.24 2.29 56.20
CA GLY G 274 40.91 2.37 57.49
C GLY G 274 42.11 3.31 57.37
N ILE G 275 41.86 4.47 56.75
CA ILE G 275 42.86 5.45 56.29
C ILE G 275 44.01 4.87 55.43
N GLU H 8 69.06 7.94 30.63
CA GLU H 8 69.22 9.06 31.61
C GLU H 8 68.66 10.40 31.07
N ARG H 9 68.40 11.33 32.00
CA ARG H 9 67.64 12.58 31.76
C ARG H 9 68.33 13.61 30.88
N PRO H 10 67.56 14.29 30.00
CA PRO H 10 68.00 15.53 29.40
C PRO H 10 67.35 16.72 30.11
N LYS H 11 68.07 17.81 30.32
CA LYS H 11 67.43 18.95 30.96
C LYS H 11 66.73 19.81 29.92
N LEU H 12 65.47 20.14 30.20
CA LEU H 12 64.56 20.71 29.19
C LEU H 12 64.67 22.24 29.08
N ILE H 13 64.40 22.99 30.16
CA ILE H 13 64.62 24.46 30.17
C ILE H 13 66.00 24.91 30.70
N LEU H 14 66.76 25.59 29.84
CA LEU H 14 68.19 25.77 30.02
C LEU H 14 68.60 27.05 30.75
N ASP H 15 69.90 27.12 31.03
CA ASP H 15 70.55 28.28 31.65
C ASP H 15 70.35 29.62 30.91
N ASP H 16 69.78 29.58 29.70
CA ASP H 16 69.38 30.80 28.99
C ASP H 16 67.89 30.83 28.64
N GLY H 17 67.08 30.16 29.48
CA GLY H 17 65.63 30.18 29.38
C GLY H 17 65.07 29.16 28.41
N LYS H 18 65.68 29.09 27.24
CA LYS H 18 65.15 28.38 26.09
C LYS H 18 65.07 26.85 26.20
N ARG H 19 64.30 26.27 25.29
CA ARG H 19 63.99 24.84 25.29
C ARG H 19 64.96 24.08 24.40
N THR H 20 64.88 22.76 24.44
CA THR H 20 65.82 21.89 23.72
C THR H 20 65.88 22.16 22.22
N ASP H 21 64.79 22.69 21.64
CA ASP H 21 64.79 23.06 20.23
C ASP H 21 65.05 24.56 19.99
N GLY H 22 65.42 25.28 21.04
CA GLY H 22 65.73 26.70 20.94
C GLY H 22 64.55 27.63 21.09
N ARG H 23 63.35 27.08 21.30
CA ARG H 23 62.16 27.89 21.50
C ARG H 23 62.06 28.46 22.91
N LYS H 24 61.41 29.60 23.04
CA LYS H 24 61.01 30.13 24.33
C LYS H 24 59.76 29.37 24.79
N PRO H 25 59.41 29.47 26.10
CA PRO H 25 58.21 28.81 26.62
C PRO H 25 56.88 29.22 25.94
N ASP H 26 56.83 30.42 25.38
CA ASP H 26 55.60 30.90 24.76
C ASP H 26 55.59 30.83 23.22
N GLU H 27 56.40 29.94 22.64
CA GLU H 27 56.53 29.89 21.17
C GLU H 27 56.02 28.60 20.56
N LEU H 28 55.23 28.74 19.50
CA LEU H 28 54.72 27.59 18.76
C LEU H 28 55.80 27.07 17.83
N ARG H 29 55.70 25.79 17.48
CA ARG H 29 56.51 25.23 16.40
C ARG H 29 56.01 25.77 15.08
N SER H 30 56.81 25.57 14.02
CA SER H 30 56.38 25.98 12.68
C SER H 30 55.13 25.22 12.25
N ILE H 31 54.26 25.89 11.52
CA ILE H 31 53.00 25.33 11.07
C ILE H 31 52.88 25.34 9.55
N LYS H 32 52.45 24.21 8.99
CA LYS H 32 52.17 24.09 7.57
C LYS H 32 50.83 23.38 7.37
N ILE H 33 49.97 23.99 6.56
CA ILE H 33 48.65 23.45 6.30
C ILE H 33 48.35 23.50 4.80
N GLU H 34 47.88 22.37 4.25
CA GLU H 34 47.30 22.37 2.91
C GLU H 34 46.06 21.51 2.75
N LEU H 35 45.15 22.01 1.90
CA LEU H 35 43.82 21.43 1.73
C LEU H 35 43.63 20.87 0.33
N GLY H 36 42.66 19.97 0.20
CA GLY H 36 42.28 19.38 -1.08
C GLY H 36 43.42 18.63 -1.74
N VAL H 37 44.15 17.85 -0.95
CA VAL H 37 45.37 17.21 -1.42
C VAL H 37 45.08 15.81 -1.96
N LEU H 38 43.92 15.27 -1.60
CA LEU H 38 43.51 13.96 -2.10
C LEU H 38 42.37 14.10 -3.07
N LYS H 39 42.58 13.61 -4.28
CA LYS H 39 41.58 13.77 -5.34
C LYS H 39 40.30 12.97 -5.11
N ASN H 40 40.43 11.77 -4.55
CA ASN H 40 39.30 10.85 -4.45
C ASN H 40 38.49 10.95 -3.16
N ALA H 41 38.88 11.86 -2.28
CA ALA H 41 38.16 12.08 -1.04
C ALA H 41 37.23 13.26 -1.26
N ASP H 42 36.25 13.43 -0.38
CA ASP H 42 35.33 14.56 -0.48
C ASP H 42 35.97 15.82 0.09
N GLY H 43 36.81 15.65 1.10
CA GLY H 43 37.61 16.73 1.65
C GLY H 43 38.87 16.15 2.23
N SER H 44 39.99 16.87 2.13
CA SER H 44 41.26 16.39 2.67
C SER H 44 42.14 17.53 3.11
N ALA H 45 43.07 17.21 4.01
CA ALA H 45 43.98 18.20 4.58
C ALA H 45 45.24 17.54 5.09
N ILE H 46 46.37 18.22 4.90
CA ILE H 46 47.60 17.86 5.58
C ILE H 46 47.91 18.96 6.58
N PHE H 47 48.23 18.56 7.81
CA PHE H 47 48.60 19.50 8.86
C PHE H 47 49.97 19.16 9.45
N GLU H 48 50.78 20.19 9.67
CA GLU H 48 52.10 20.01 10.24
C GLU H 48 52.38 20.95 11.41
N MET H 49 52.73 20.40 12.56
CA MET H 49 53.30 21.17 13.65
C MET H 49 54.68 20.66 13.97
N GLY H 50 55.68 21.48 13.68
CA GLY H 50 57.06 21.03 13.72
C GLY H 50 57.17 19.76 12.91
N ASN H 51 57.61 18.69 13.57
CA ASN H 51 57.83 17.43 12.89
C ASN H 51 56.66 16.46 13.01
N THR H 52 55.51 16.96 13.46
CA THR H 52 54.32 16.15 13.50
C THR H 52 53.51 16.41 12.23
N LYS H 53 53.35 15.36 11.42
CA LYS H 53 52.58 15.42 10.18
C LYS H 53 51.37 14.50 10.26
N ALA H 54 50.20 15.01 9.95
CA ALA H 54 49.05 14.16 9.81
C ALA H 54 48.34 14.46 8.52
N ILE H 55 47.72 13.43 7.93
CA ILE H 55 46.86 13.61 6.78
C ILE H 55 45.46 13.13 7.14
N ALA H 56 44.46 13.86 6.67
CA ALA H 56 43.06 13.52 6.99
C ALA H 56 42.21 13.52 5.74
N ALA H 57 41.42 12.45 5.58
CA ALA H 57 40.50 12.32 4.47
C ALA H 57 39.09 12.22 5.02
N VAL H 58 38.17 12.92 4.37
CA VAL H 58 36.77 12.82 4.67
C VAL H 58 36.04 12.21 3.46
N TYR H 59 35.25 11.17 3.72
CA TYR H 59 34.34 10.64 2.70
C TYR H 59 32.93 11.03 3.11
N GLY H 60 32.38 11.96 2.33
CA GLY H 60 31.28 12.86 2.69
C GLY H 60 30.02 12.18 3.12
N PRO H 61 28.97 12.96 3.43
CA PRO H 61 27.73 12.36 3.93
C PRO H 61 27.17 11.35 2.93
N LYS H 62 26.96 10.12 3.38
CA LYS H 62 26.53 9.02 2.52
C LYS H 62 25.69 7.99 3.29
N GLU H 63 24.69 7.40 2.63
CA GLU H 63 23.87 6.35 3.22
C GLU H 63 24.73 5.27 3.83
N MET H 64 24.30 4.71 4.95
CA MET H 64 25.18 3.81 5.70
C MET H 64 25.01 2.33 5.39
N HIS H 65 26.14 1.65 5.27
CA HIS H 65 26.22 0.27 4.81
C HIS H 65 25.18 -0.66 5.46
N PRO H 66 25.38 -1.02 6.74
CA PRO H 66 24.30 -1.75 7.42
C PRO H 66 23.37 -0.75 8.13
N ARG H 67 22.11 -0.73 7.71
CA ARG H 67 21.21 0.34 8.14
C ARG H 67 20.88 0.38 9.64
N HIS H 68 20.84 -0.77 10.29
CA HIS H 68 20.57 -0.83 11.74
C HIS H 68 21.59 -0.05 12.58
N LEU H 69 22.77 0.17 12.01
CA LEU H 69 23.84 0.95 12.66
C LEU H 69 23.71 2.46 12.44
N SER H 70 22.78 2.88 11.59
CA SER H 70 22.55 4.30 11.32
C SER H 70 21.63 4.92 12.37
N LEU H 71 21.57 6.25 12.37
CA LEU H 71 20.70 6.98 13.30
C LEU H 71 19.58 7.71 12.57
N PRO H 72 18.37 7.71 13.15
CA PRO H 72 17.19 8.31 12.53
C PRO H 72 17.22 9.84 12.41
N ASP H 73 17.99 10.49 13.28
CA ASP H 73 17.97 11.95 13.36
C ASP H 73 19.33 12.60 13.04
N ARG H 74 20.39 11.79 12.96
CA ARG H 74 21.76 12.28 12.85
C ARG H 74 22.58 11.48 11.85
N ALA H 75 23.73 12.03 11.49
CA ALA H 75 24.78 11.28 10.83
C ALA H 75 25.65 10.60 11.87
N VAL H 76 26.14 9.42 11.56
CA VAL H 76 27.11 8.74 12.39
C VAL H 76 28.49 9.20 11.94
N LEU H 77 29.32 9.60 12.90
CA LEU H 77 30.71 9.88 12.60
C LEU H 77 31.54 8.63 12.79
N ARG H 78 32.34 8.29 11.79
CA ARG H 78 33.28 7.18 11.88
C ARG H 78 34.70 7.73 11.77
N VAL H 79 35.44 7.61 12.87
CA VAL H 79 36.74 8.26 12.96
C VAL H 79 37.80 7.21 13.19
N ARG H 80 38.90 7.35 12.45
CA ARG H 80 40.06 6.48 12.64
C ARG H 80 41.32 7.30 12.88
N TYR H 81 41.85 7.19 14.09
CA TYR H 81 43.18 7.72 14.39
C TYR H 81 44.20 6.61 14.20
N HIS H 82 45.18 6.83 13.34
CA HIS H 82 46.15 5.81 13.09
C HIS H 82 47.53 6.38 12.87
N MET H 83 48.54 5.67 13.38
CA MET H 83 49.92 6.03 13.17
C MET H 83 50.58 5.04 12.24
N THR H 84 51.25 5.56 11.21
CA THR H 84 51.93 4.69 10.26
C THR H 84 53.13 4.09 10.97
N PRO H 85 53.54 2.87 10.59
CA PRO H 85 54.66 2.20 11.23
C PRO H 85 55.98 2.97 11.20
N PHE H 86 56.13 3.92 10.29
CA PHE H 86 57.38 4.66 10.13
C PHE H 86 57.27 6.11 10.60
N SER H 87 56.27 6.36 11.44
CA SER H 87 56.06 7.71 11.97
C SER H 87 56.95 8.00 13.17
N THR H 88 57.44 6.96 13.84
CA THR H 88 58.27 7.14 15.03
C THR H 88 59.69 6.60 14.79
N ASP H 89 60.51 6.62 15.84
CA ASP H 89 61.89 6.16 15.72
C ASP H 89 61.96 4.65 15.64
N GLU H 90 61.34 3.98 16.58
CA GLU H 90 61.19 2.54 16.46
C GLU H 90 59.85 2.23 15.85
N ARG H 91 59.82 1.24 14.98
CA ARG H 91 58.63 0.92 14.19
C ARG H 91 57.44 0.58 15.07
N LYS H 92 56.36 1.32 14.88
CA LYS H 92 55.07 1.06 15.53
C LYS H 92 54.33 -0.06 14.80
N ASN H 93 53.74 -0.98 15.57
CA ASN H 93 52.90 -2.02 14.99
C ASN H 93 51.63 -1.42 14.38
N PRO H 94 51.33 -1.75 13.10
CA PRO H 94 50.16 -1.20 12.41
C PRO H 94 48.83 -1.55 13.11
N ALA H 95 48.76 -2.70 13.75
CA ALA H 95 47.59 -3.09 14.53
C ALA H 95 47.23 -2.03 15.56
N PRO H 96 45.93 -1.67 15.66
CA PRO H 96 45.53 -0.59 16.55
C PRO H 96 45.89 -0.88 18.00
N SER H 97 46.56 0.07 18.64
CA SER H 97 46.95 -0.03 20.03
C SER H 97 45.84 0.52 20.91
N ARG H 98 45.87 0.19 22.19
CA ARG H 98 44.91 0.75 23.15
C ARG H 98 44.93 2.26 23.06
N ARG H 99 46.11 2.86 22.97
CA ARG H 99 46.24 4.32 22.78
C ARG H 99 45.48 4.82 21.54
N GLU H 100 45.68 4.12 20.42
CA GLU H 100 45.03 4.50 19.16
C GLU H 100 43.49 4.39 19.24
N ILE H 101 43.01 3.41 20.00
CA ILE H 101 41.59 3.22 20.20
C ILE H 101 40.98 4.36 21.02
N GLU H 102 41.62 4.70 22.14
CA GLU H 102 41.16 5.81 22.98
C GLU H 102 41.16 7.16 22.26
N LEU H 103 42.27 7.49 21.60
CA LEU H 103 42.36 8.75 20.86
C LEU H 103 41.33 8.86 19.72
N SER H 104 41.04 7.72 19.07
CA SER H 104 39.98 7.67 18.07
C SER H 104 38.67 8.15 18.66
N LYS H 105 38.39 7.69 19.86
CA LYS H 105 37.15 8.04 20.54
C LYS H 105 37.20 9.51 20.94
N VAL H 106 38.30 9.91 21.55
CA VAL H 106 38.46 11.27 22.02
C VAL H 106 38.31 12.26 20.86
N ILE H 107 38.96 11.96 19.75
CA ILE H 107 38.87 12.80 18.56
C ILE H 107 37.44 12.79 17.96
N ARG H 108 36.78 11.63 17.95
CA ARG H 108 35.44 11.55 17.45
C ARG H 108 34.52 12.45 18.23
N GLU H 109 34.57 12.36 19.55
CA GLU H 109 33.73 13.17 20.42
C GLU H 109 34.03 14.66 20.20
N ALA H 110 35.29 14.99 19.99
CA ALA H 110 35.67 16.37 19.74
C ALA H 110 34.96 16.86 18.50
N LEU H 111 35.00 16.07 17.43
CA LEU H 111 34.37 16.44 16.17
C LEU H 111 32.85 16.45 16.25
N GLU H 112 32.30 15.53 17.03
CA GLU H 112 30.86 15.46 17.20
C GLU H 112 30.31 16.74 17.80
N SER H 113 31.11 17.43 18.59
CA SER H 113 30.68 18.68 19.18
C SER H 113 30.69 19.87 18.18
N ALA H 114 31.33 19.68 17.04
CA ALA H 114 31.50 20.75 16.05
C ALA H 114 30.60 20.51 14.83
N VAL H 115 30.57 19.27 14.37
CA VAL H 115 29.87 18.93 13.14
C VAL H 115 28.38 18.92 13.40
N LEU H 116 27.62 19.51 12.48
CA LEU H 116 26.18 19.55 12.59
C LEU H 116 25.56 18.29 12.01
N VAL H 117 25.72 17.20 12.74
CA VAL H 117 25.30 15.88 12.29
C VAL H 117 23.79 15.71 12.06
N GLU H 118 22.98 16.53 12.74
CA GLU H 118 21.51 16.48 12.62
C GLU H 118 21.06 16.71 11.17
N LEU H 119 21.88 17.43 10.41
CA LEU H 119 21.57 17.79 9.02
C LEU H 119 21.54 16.61 8.07
N PHE H 120 22.14 15.50 8.46
CA PHE H 120 22.25 14.35 7.59
C PHE H 120 21.80 13.07 8.27
N PRO H 121 20.49 12.89 8.50
CA PRO H 121 20.05 11.66 9.14
C PRO H 121 20.33 10.44 8.27
N ARG H 122 20.54 9.28 8.89
CA ARG H 122 20.72 7.99 8.18
C ARG H 122 21.97 7.90 7.32
N THR H 123 22.90 8.84 7.51
CA THR H 123 24.14 8.86 6.75
C THR H 123 25.35 8.64 7.65
N ALA H 124 26.47 8.28 7.03
CA ALA H 124 27.77 8.16 7.69
C ALA H 124 28.77 9.15 7.10
N ILE H 125 29.51 9.82 7.98
CA ILE H 125 30.63 10.66 7.57
C ILE H 125 31.91 10.00 8.06
N ASP H 126 32.76 9.63 7.12
CA ASP H 126 34.01 8.93 7.44
C ASP H 126 35.17 9.89 7.50
N VAL H 127 35.90 9.82 8.60
CA VAL H 127 37.09 10.64 8.80
C VAL H 127 38.30 9.75 9.11
N PHE H 128 39.21 9.66 8.16
CA PHE H 128 40.41 8.84 8.35
C PHE H 128 41.65 9.72 8.54
N THR H 129 42.38 9.44 9.60
CA THR H 129 43.53 10.23 9.95
C THR H 129 44.75 9.31 9.91
N GLU H 130 45.85 9.83 9.39
CA GLU H 130 47.10 9.10 9.44
C GLU H 130 48.25 9.99 9.87
N ILE H 131 48.92 9.58 10.93
CA ILE H 131 50.12 10.26 11.38
C ILE H 131 51.30 9.72 10.59
N LEU H 132 51.96 10.62 9.88
CA LEU H 132 53.07 10.26 9.01
C LEU H 132 54.40 10.42 9.73
N GLN H 133 54.44 11.40 10.65
CA GLN H 133 55.55 11.58 11.58
C GLN H 133 55.01 12.03 12.92
N ALA H 134 55.45 11.35 13.96
CA ALA H 134 55.04 11.71 15.32
C ALA H 134 56.17 12.46 15.99
N ASP H 135 55.84 13.64 16.52
CA ASP H 135 56.78 14.42 17.34
C ASP H 135 55.99 15.08 18.48
N ALA H 136 55.11 14.31 19.10
CA ALA H 136 54.20 14.81 20.13
C ALA H 136 53.10 15.73 19.58
N GLY H 137 51.93 15.68 20.24
CA GLY H 137 50.81 16.54 19.87
C GLY H 137 50.07 16.03 18.64
N SER H 138 50.34 14.78 18.28
CA SER H 138 49.79 14.18 17.07
C SER H 138 48.28 14.06 17.16
N ARG H 139 47.75 13.77 18.35
CA ARG H 139 46.31 13.67 18.52
C ARG H 139 45.64 14.99 18.13
N LEU H 140 46.32 16.10 18.40
CA LEU H 140 45.76 17.42 18.09
C LEU H 140 45.90 17.74 16.62
N VAL H 141 47.09 17.47 16.09
CA VAL H 141 47.37 17.66 14.66
C VAL H 141 46.38 16.84 13.83
N SER H 142 46.12 15.62 14.28
CA SER H 142 45.14 14.76 13.67
C SER H 142 43.75 15.39 13.70
N LEU H 143 43.33 15.84 14.89
CA LEU H 143 42.04 16.48 15.06
C LEU H 143 41.88 17.73 14.16
N MET H 144 42.91 18.57 14.10
CA MET H 144 42.85 19.76 13.32
C MET H 144 42.74 19.42 11.86
N ALA H 145 43.60 18.52 11.40
CA ALA H 145 43.56 18.05 10.01
C ALA H 145 42.16 17.55 9.66
N ALA H 146 41.57 16.78 10.58
CA ALA H 146 40.21 16.28 10.43
C ALA H 146 39.23 17.43 10.27
N SER H 147 39.31 18.37 11.21
CA SER H 147 38.45 19.54 11.19
C SER H 147 38.55 20.25 9.86
N LEU H 148 39.76 20.40 9.36
CA LEU H 148 39.96 21.12 8.12
C LEU H 148 39.51 20.31 6.90
N ALA H 149 39.73 19.00 6.91
CA ALA H 149 39.23 18.12 5.84
C ALA H 149 37.71 18.17 5.74
N LEU H 150 37.04 18.31 6.88
CA LEU H 150 35.58 18.45 6.92
C LEU H 150 35.13 19.77 6.26
N ALA H 151 35.88 20.83 6.54
CA ALA H 151 35.61 22.14 5.95
C ALA H 151 35.84 22.07 4.46
N ASP H 152 36.86 21.31 4.07
CA ASP H 152 37.20 21.11 2.67
C ASP H 152 36.09 20.35 1.94
N ALA H 153 35.38 19.49 2.68
CA ALA H 153 34.28 18.71 2.12
C ALA H 153 32.98 19.52 2.12
N GLY H 154 33.04 20.71 2.70
CA GLY H 154 31.88 21.59 2.82
C GLY H 154 30.86 21.11 3.83
N ILE H 155 31.31 20.34 4.81
CA ILE H 155 30.42 19.86 5.82
C ILE H 155 30.22 20.95 6.89
N PRO H 156 28.96 21.37 7.10
CA PRO H 156 28.58 22.46 8.00
C PRO H 156 28.97 22.16 9.44
N MET H 157 29.65 23.10 10.08
CA MET H 157 30.15 22.92 11.44
C MET H 157 29.93 24.18 12.24
N ARG H 158 29.88 24.06 13.56
CA ARG H 158 29.75 25.24 14.43
C ARG H 158 30.94 26.19 14.28
N ASP H 159 32.12 25.62 14.14
CA ASP H 159 33.34 26.39 14.06
C ASP H 159 34.45 25.45 13.64
N LEU H 160 35.59 25.99 13.26
CA LEU H 160 36.78 25.16 13.08
C LEU H 160 37.33 24.75 14.45
N ILE H 161 38.16 23.71 14.48
CA ILE H 161 38.82 23.32 15.72
C ILE H 161 40.32 23.59 15.65
N ALA H 162 40.84 24.28 16.68
CA ALA H 162 42.28 24.51 16.85
C ALA H 162 42.74 24.03 18.23
N GLY H 163 43.94 23.45 18.28
CA GLY H 163 44.47 22.89 19.52
C GLY H 163 45.98 22.95 19.69
N VAL H 164 46.42 22.93 20.95
CA VAL H 164 47.82 22.77 21.32
C VAL H 164 47.93 21.99 22.61
N ALA H 165 49.03 21.26 22.74
CA ALA H 165 49.43 20.66 24.00
C ALA H 165 50.24 21.70 24.76
N VAL H 166 49.70 22.11 25.91
CA VAL H 166 50.42 22.97 26.84
C VAL H 166 50.98 22.03 27.92
N GLY H 167 52.06 22.42 28.58
CA GLY H 167 52.70 21.53 29.55
C GLY H 167 53.59 22.22 30.56
N LYS H 168 54.26 21.38 31.38
CA LYS H 168 55.21 21.84 32.37
C LYS H 168 56.54 21.11 32.22
N ALA H 169 57.62 21.89 32.06
CA ALA H 169 58.94 21.34 31.75
C ALA H 169 59.81 21.22 32.99
N ASP H 170 60.51 22.27 33.36
CA ASP H 170 61.31 22.21 34.58
C ASP H 170 60.71 23.18 35.59
N GLY H 171 59.46 22.91 35.95
CA GLY H 171 58.68 23.84 36.76
C GLY H 171 58.16 24.97 35.92
N VAL H 172 58.50 24.95 34.63
CA VAL H 172 58.17 26.04 33.70
C VAL H 172 57.04 25.63 32.76
N ILE H 173 56.00 26.45 32.71
CA ILE H 173 54.88 26.20 31.83
C ILE H 173 55.26 26.57 30.39
N ILE H 174 55.10 25.58 29.51
CA ILE H 174 55.53 25.70 28.10
C ILE H 174 54.42 25.37 27.12
N LEU H 175 54.56 25.87 25.90
CA LEU H 175 53.53 25.78 24.88
C LEU H 175 54.03 24.91 23.73
N ASP H 176 53.21 23.91 23.37
CA ASP H 176 53.40 23.09 22.15
C ASP H 176 54.63 22.20 22.23
N LEU H 177 54.45 20.99 22.76
CA LEU H 177 55.57 20.16 23.22
C LEU H 177 56.30 19.34 22.16
N ASN H 178 57.61 19.20 22.37
CA ASN H 178 58.47 18.20 21.73
C ASN H 178 58.09 16.80 22.16
N GLU H 179 58.62 15.82 21.43
CA GLU H 179 58.68 14.46 21.94
C GLU H 179 59.55 14.39 23.20
N THR H 180 60.68 15.13 23.19
CA THR H 180 61.55 15.24 24.35
C THR H 180 60.79 15.76 25.57
N GLU H 181 60.05 16.87 25.38
CA GLU H 181 59.28 17.51 26.46
C GLU H 181 58.13 16.65 26.97
N ASP H 182 57.48 15.96 26.05
CA ASP H 182 56.41 14.99 26.37
C ASP H 182 56.93 13.86 27.24
N MET H 183 57.92 13.13 26.71
CA MET H 183 58.66 12.14 27.46
C MET H 183 58.97 12.56 28.89
N TRP H 184 59.74 13.64 29.06
CA TRP H 184 60.42 13.93 30.33
C TRP H 184 59.77 15.00 31.19
N GLY H 185 58.74 15.66 30.67
CA GLY H 185 58.07 16.72 31.42
C GLY H 185 57.21 16.21 32.56
N GLU H 186 56.79 17.12 33.42
CA GLU H 186 55.92 16.78 34.54
C GLU H 186 54.47 16.69 34.11
N ALA H 187 54.11 17.43 33.05
CA ALA H 187 52.73 17.52 32.57
C ALA H 187 52.63 17.69 31.07
N ASP H 188 51.52 17.20 30.54
CA ASP H 188 51.18 17.24 29.13
C ASP H 188 49.68 17.39 29.07
N MET H 189 49.24 18.54 28.59
CA MET H 189 47.83 18.88 28.62
C MET H 189 47.37 19.33 27.24
N PRO H 190 46.95 18.36 26.41
CA PRO H 190 46.36 18.72 25.12
C PRO H 190 44.99 19.39 25.27
N ILE H 191 44.83 20.56 24.65
CA ILE H 191 43.57 21.28 24.69
C ILE H 191 43.15 21.70 23.30
N ALA H 192 41.87 21.48 22.98
CA ALA H 192 41.30 21.89 21.68
C ALA H 192 39.98 22.66 21.81
N MET H 193 39.82 23.73 21.02
CA MET H 193 38.60 24.53 21.06
C MET H 193 38.02 24.85 19.71
N MET H 194 36.77 25.32 19.77
CA MET H 194 36.14 26.08 18.71
C MET H 194 36.28 27.51 19.15
N PRO H 195 37.37 28.17 18.74
CA PRO H 195 37.91 29.40 19.30
C PRO H 195 36.98 30.58 19.29
N SER H 196 36.17 30.70 18.24
CA SER H 196 35.19 31.78 18.15
C SER H 196 34.09 31.66 19.17
N LEU H 197 33.73 30.42 19.50
CA LEU H 197 32.70 30.12 20.48
C LEU H 197 33.24 29.95 21.91
N ASN H 198 34.57 29.99 22.04
CA ASN H 198 35.24 29.71 23.31
C ASN H 198 34.72 28.41 23.93
N GLN H 199 34.57 27.40 23.08
CA GLN H 199 34.07 26.10 23.50
C GLN H 199 35.18 25.10 23.39
N VAL H 200 35.48 24.44 24.50
CA VAL H 200 36.50 23.42 24.53
C VAL H 200 35.95 22.11 24.01
N THR H 201 36.72 21.52 23.10
CA THR H 201 36.30 20.38 22.34
C THR H 201 37.02 19.11 22.77
N LEU H 202 38.33 19.23 23.05
CA LEU H 202 39.14 18.15 23.61
C LEU H 202 39.91 18.67 24.81
N PHE H 203 39.91 17.92 25.89
CA PHE H 203 40.66 18.34 27.08
C PHE H 203 41.23 17.18 27.90
N GLN H 204 42.54 17.07 27.90
CA GLN H 204 43.20 16.01 28.65
C GLN H 204 44.43 16.52 29.35
N LEU H 205 44.75 15.85 30.46
CA LEU H 205 46.01 16.08 31.14
C LEU H 205 46.58 14.76 31.60
N ASN H 206 47.79 14.45 31.17
CA ASN H 206 48.56 13.41 31.83
C ASN H 206 49.77 14.03 32.52
N GLY H 207 50.03 13.58 33.73
CA GLY H 207 51.09 14.15 34.52
C GLY H 207 50.53 14.81 35.75
N SER H 208 51.12 15.93 36.15
CA SER H 208 50.86 16.49 37.45
C SER H 208 50.97 18.01 37.44
N MET H 209 49.98 18.67 38.06
CA MET H 209 49.95 20.13 38.14
C MET H 209 49.20 20.59 39.38
N THR H 210 49.60 21.73 39.93
CA THR H 210 48.79 22.40 40.94
C THR H 210 47.69 23.14 40.20
N PRO H 211 46.55 23.40 40.89
CA PRO H 211 45.47 24.17 40.26
C PRO H 211 45.96 25.48 39.63
N ASP H 212 46.92 26.15 40.28
CA ASP H 212 47.47 27.40 39.77
C ASP H 212 48.19 27.21 38.46
N GLU H 213 49.06 26.21 38.43
CA GLU H 213 49.77 25.86 37.21
C GLU H 213 48.77 25.49 36.12
N PHE H 214 47.74 24.75 36.53
CA PHE H 214 46.69 24.35 35.63
C PHE H 214 46.08 25.56 34.95
N ARG H 215 45.71 26.56 35.76
CA ARG H 215 45.12 27.78 35.22
C ARG H 215 46.05 28.63 34.35
N GLN H 216 47.31 28.76 34.74
CA GLN H 216 48.33 29.44 33.92
C GLN H 216 48.50 28.78 32.55
N ALA H 217 48.68 27.44 32.57
CA ALA H 217 48.88 26.65 31.37
C ALA H 217 47.68 26.80 30.45
N PHE H 218 46.49 26.82 31.05
CA PHE H 218 45.23 26.98 30.33
C PHE H 218 45.21 28.29 29.56
N ASP H 219 45.60 29.38 30.21
CA ASP H 219 45.70 30.70 29.58
C ASP H 219 46.62 30.71 28.37
N LEU H 220 47.78 30.06 28.51
CA LEU H 220 48.79 30.01 27.46
C LEU H 220 48.32 29.24 26.23
N ALA H 221 47.53 28.19 26.46
CA ALA H 221 46.98 27.38 25.39
C ALA H 221 46.04 28.22 24.53
N VAL H 222 45.26 29.08 25.18
CA VAL H 222 44.32 29.92 24.47
C VAL H 222 45.03 30.83 23.47
N LYS H 223 46.12 31.46 23.90
CA LYS H 223 46.85 32.36 23.01
C LYS H 223 47.44 31.61 21.82
N GLY H 224 47.95 30.42 22.09
CA GLY H 224 48.47 29.55 21.05
C GLY H 224 47.37 29.16 20.10
N ILE H 225 46.24 28.72 20.67
CA ILE H 225 45.08 28.28 19.90
C ILE H 225 44.60 29.40 18.97
N ASN H 226 44.50 30.61 19.51
CA ASN H 226 44.11 31.76 18.72
C ASN H 226 45.00 32.03 17.52
N ILE H 227 46.30 31.78 17.64
CA ILE H 227 47.20 32.00 16.52
C ILE H 227 47.00 30.90 15.46
N ILE H 228 46.91 29.67 15.91
CA ILE H 228 46.66 28.55 15.02
C ILE H 228 45.35 28.76 14.27
N TYR H 229 44.33 29.21 14.99
CA TYR H 229 43.01 29.44 14.43
C TYR H 229 43.04 30.36 13.21
N ASN H 230 43.76 31.47 13.32
CA ASN H 230 43.90 32.40 12.21
C ASN H 230 44.54 31.76 11.00
N LEU H 231 45.48 30.87 11.26
CA LEU H 231 46.16 30.17 10.19
C LEU H 231 45.21 29.22 9.50
N GLU H 232 44.37 28.55 10.28
CA GLU H 232 43.35 27.66 9.76
C GLU H 232 42.39 28.42 8.85
N ARG H 233 41.95 29.58 9.31
CA ARG H 233 41.08 30.45 8.56
C ARG H 233 41.68 30.84 7.24
N GLU H 234 42.97 31.17 7.24
CA GLU H 234 43.69 31.56 6.03
C GLU H 234 43.88 30.37 5.09
N ALA H 235 44.15 29.19 5.66
CA ALA H 235 44.28 27.95 4.89
C ALA H 235 43.00 27.67 4.11
N LEU H 236 41.88 28.08 4.67
CA LEU H 236 40.57 27.87 4.09
C LEU H 236 40.41 28.67 2.80
N LYS H 237 40.97 29.88 2.79
CA LYS H 237 40.88 30.75 1.62
C LYS H 237 41.92 30.41 0.55
N SER H 238 43.17 30.20 0.97
CA SER H 238 44.27 30.04 0.04
C SER H 238 44.69 28.60 -0.20
N LYS H 239 44.12 27.66 0.55
CA LYS H 239 44.43 26.22 0.44
C LYS H 239 45.84 25.82 0.87
N TYR H 240 46.66 26.80 1.22
CA TYR H 240 48.05 26.57 1.60
C TYR H 240 48.57 27.67 2.51
N VAL H 241 49.13 27.27 3.65
CA VAL H 241 49.65 28.20 4.64
C VAL H 241 50.96 27.70 5.25
N GLU H 242 51.98 28.56 5.24
CA GLU H 242 53.21 28.31 5.97
C GLU H 242 53.40 29.35 7.05
N PHE H 243 53.84 28.90 8.22
CA PHE H 243 54.04 29.79 9.36
C PHE H 243 55.31 29.39 10.09
N LYS H 244 56.34 30.23 10.02
CA LYS H 244 57.58 30.01 10.77
C LYS H 244 57.34 30.27 12.26
N GLU H 245 58.07 29.56 13.12
CA GLU H 245 57.91 29.64 14.57
C GLU H 245 57.97 31.06 15.07
N GLU H 246 57.09 31.40 16.03
CA GLU H 246 57.21 32.67 16.75
C GLU H 246 56.43 32.73 18.07
N GLY H 247 56.73 33.76 18.86
CA GLY H 247 56.14 33.97 20.19
C GLY H 247 54.67 34.30 20.18
N VAL H 248 53.99 33.89 21.25
CA VAL H 248 52.57 34.19 21.45
C VAL H 248 52.36 35.69 21.74
N MET I 1 37.05 -16.82 4.05
CA MET I 1 36.00 -16.60 3.02
C MET I 1 36.26 -15.39 2.12
N SER I 2 36.30 -15.62 0.80
CA SER I 2 36.42 -14.56 -0.21
C SER I 2 35.15 -14.40 -1.03
N SER I 3 34.54 -13.22 -0.97
CA SER I 3 33.27 -12.98 -1.66
C SER I 3 33.26 -11.76 -2.57
N THR I 4 32.40 -11.82 -3.59
CA THR I 4 32.24 -10.74 -4.57
C THR I 4 31.88 -9.45 -3.84
N PRO I 5 32.70 -8.40 -4.04
CA PRO I 5 32.47 -7.13 -3.35
C PRO I 5 31.12 -6.48 -3.69
N SER I 6 30.31 -6.23 -2.65
CA SER I 6 28.94 -5.70 -2.80
C SER I 6 28.90 -4.17 -2.92
N ASN I 7 29.99 -3.54 -2.50
CA ASN I 7 30.17 -2.11 -2.69
C ASN I 7 30.39 -1.70 -4.17
N GLN I 8 30.39 -2.70 -5.06
CA GLN I 8 30.49 -2.54 -6.53
C GLN I 8 30.18 -1.13 -7.07
N ASN I 9 31.12 -0.53 -7.79
CA ASN I 9 30.95 0.81 -8.41
C ASN I 9 30.18 0.81 -9.77
N ILE I 10 29.33 -0.21 -9.99
CA ILE I 10 28.75 -0.56 -11.31
C ILE I 10 28.53 0.66 -12.22
N ILE I 11 29.29 0.68 -13.30
CA ILE I 11 29.41 1.86 -14.17
C ILE I 11 28.60 1.68 -15.47
N PRO I 12 27.58 2.54 -15.69
CA PRO I 12 26.55 2.34 -16.72
C PRO I 12 27.09 2.06 -18.11
N ILE I 13 26.36 1.23 -18.85
CA ILE I 13 26.76 0.81 -20.19
C ILE I 13 27.05 2.02 -21.07
N ILE I 14 26.24 3.07 -20.92
CA ILE I 14 26.36 4.28 -21.74
C ILE I 14 27.74 4.92 -21.58
N LYS I 15 28.22 5.02 -20.34
CA LYS I 15 29.53 5.59 -20.08
C LYS I 15 30.65 4.69 -20.58
N LYS I 16 30.44 3.38 -20.48
CA LYS I 16 31.42 2.42 -20.94
C LYS I 16 31.63 2.54 -22.44
N GLU I 17 30.51 2.62 -23.17
CA GLU I 17 30.53 2.76 -24.62
C GLU I 17 31.25 4.04 -25.02
N SER I 18 31.01 5.11 -24.27
CA SER I 18 31.73 6.36 -24.43
C SER I 18 33.24 6.16 -24.46
N ILE I 19 33.74 5.43 -23.48
CA ILE I 19 35.16 5.18 -23.34
C ILE I 19 35.68 4.25 -24.43
N VAL I 20 34.91 3.21 -24.75
CA VAL I 20 35.29 2.30 -25.81
C VAL I 20 35.40 3.05 -27.14
N SER I 21 34.40 3.87 -27.45
CA SER I 21 34.38 4.69 -28.66
C SER I 21 35.68 5.50 -28.82
N LEU I 22 36.26 5.93 -27.71
CA LEU I 22 37.52 6.67 -27.74
C LEU I 22 38.71 5.74 -28.04
N PHE I 23 38.68 4.57 -27.44
CA PHE I 23 39.70 3.57 -27.68
C PHE I 23 39.79 3.19 -29.14
N GLU I 24 38.63 3.17 -29.80
CA GLU I 24 38.54 2.82 -31.20
C GLU I 24 39.33 3.81 -32.04
N LYS I 25 39.48 5.03 -31.51
CA LYS I 25 40.26 6.06 -32.16
C LYS I 25 41.65 6.11 -31.56
N GLY I 26 41.91 5.21 -30.63
CA GLY I 26 43.23 5.09 -30.01
C GLY I 26 43.58 6.24 -29.08
N ILE I 27 42.61 6.66 -28.28
CA ILE I 27 42.83 7.72 -27.34
C ILE I 27 41.93 7.52 -26.13
N ARG I 28 42.30 8.13 -25.01
CA ARG I 28 41.56 7.95 -23.77
C ARG I 28 41.00 9.26 -23.26
N GLN I 29 40.21 9.18 -22.20
CA GLN I 29 39.57 10.36 -21.60
C GLN I 29 40.59 11.46 -21.28
N ASP I 30 41.67 11.09 -20.59
CA ASP I 30 42.70 12.06 -20.21
C ASP I 30 43.57 12.49 -21.39
N GLY I 31 43.38 11.82 -22.53
CA GLY I 31 44.05 12.21 -23.78
C GLY I 31 45.31 11.43 -24.14
N ARG I 32 45.68 10.47 -23.30
CA ARG I 32 46.86 9.66 -23.60
C ARG I 32 46.54 8.50 -24.53
N LYS I 33 47.59 7.88 -25.08
CA LYS I 33 47.45 6.75 -25.98
C LYS I 33 47.21 5.48 -25.16
N LEU I 34 46.80 4.42 -25.85
CA LEU I 34 46.53 3.16 -25.20
C LEU I 34 47.75 2.58 -24.49
N THR I 35 48.94 2.98 -24.92
CA THR I 35 50.18 2.43 -24.35
C THR I 35 50.93 3.40 -23.40
N ASP I 36 50.33 4.57 -23.14
CA ASP I 36 50.98 5.57 -22.29
C ASP I 36 50.76 5.36 -20.81
N TYR I 37 51.76 5.76 -20.01
CA TYR I 37 51.61 5.85 -18.56
C TYR I 37 51.13 7.22 -18.18
N ARG I 38 50.48 7.32 -17.02
CA ARG I 38 50.11 8.61 -16.45
C ARG I 38 51.37 9.33 -15.96
N PRO I 39 51.25 10.65 -15.70
CA PRO I 39 52.39 11.44 -15.20
C PRO I 39 52.89 10.91 -13.86
N LEU I 40 54.20 10.85 -13.71
CA LEU I 40 54.78 10.23 -12.51
C LEU I 40 55.59 11.23 -11.69
N SER I 41 55.22 11.36 -10.41
CA SER I 41 56.00 12.10 -9.42
C SER I 41 56.57 11.17 -8.37
N ILE I 42 57.83 11.36 -8.03
CA ILE I 42 58.40 10.67 -6.88
C ILE I 42 59.11 11.66 -5.98
N THR I 43 58.67 11.69 -4.73
CA THR I 43 59.33 12.49 -3.68
C THR I 43 59.97 11.55 -2.67
N LEU I 44 61.30 11.59 -2.60
CA LEU I 44 62.06 10.75 -1.69
C LEU I 44 62.16 11.36 -0.30
N ASP I 45 62.26 10.51 0.71
CA ASP I 45 62.43 10.93 2.11
C ASP I 45 61.27 11.81 2.57
N TYR I 46 60.06 11.43 2.17
CA TYR I 46 58.88 12.21 2.51
C TYR I 46 58.50 12.03 3.98
N ALA I 47 58.68 10.82 4.49
CA ALA I 47 58.41 10.48 5.88
C ALA I 47 59.73 10.45 6.61
N LYS I 48 59.98 11.52 7.37
CA LYS I 48 61.34 11.77 7.90
C LYS I 48 61.83 10.72 8.90
N LYS I 49 60.92 10.26 9.76
CA LYS I 49 61.28 9.27 10.78
C LYS I 49 61.38 7.84 10.23
N ALA I 50 61.20 7.70 8.93
CA ALA I 50 61.42 6.43 8.25
C ALA I 50 62.88 6.31 7.87
N ASP I 51 63.36 5.07 7.78
CA ASP I 51 64.74 4.83 7.40
C ASP I 51 64.95 5.19 5.94
N GLY I 52 63.93 4.94 5.13
CA GLY I 52 63.89 5.35 3.73
C GLY I 52 62.43 5.41 3.37
N SER I 53 62.03 6.37 2.54
CA SER I 53 60.61 6.55 2.17
C SER I 53 60.45 7.25 0.83
N ALA I 54 59.24 7.16 0.28
CA ALA I 54 58.94 7.70 -1.04
C ALA I 54 57.45 7.99 -1.19
N LEU I 55 57.13 9.17 -1.71
CA LEU I 55 55.79 9.50 -2.10
C LEU I 55 55.67 9.44 -3.63
N VAL I 56 54.80 8.56 -4.10
CA VAL I 56 54.59 8.36 -5.52
C VAL I 56 53.22 8.88 -5.92
N LYS I 57 53.19 9.79 -6.91
CA LYS I 57 51.96 10.22 -7.54
C LYS I 57 51.96 9.70 -8.97
N LEU I 58 51.03 8.81 -9.26
CA LEU I 58 50.83 8.26 -10.59
C LEU I 58 49.40 8.59 -11.02
N GLY I 59 49.25 9.59 -11.87
CA GLY I 59 47.94 10.15 -12.13
C GLY I 59 47.41 10.63 -10.80
N THR I 60 46.21 10.18 -10.45
CA THR I 60 45.59 10.59 -9.19
C THR I 60 45.83 9.59 -8.06
N THR I 61 46.57 8.52 -8.34
CA THR I 61 46.91 7.54 -7.30
C THR I 61 48.11 8.01 -6.49
N MET I 62 47.97 7.99 -5.16
CA MET I 62 49.08 8.33 -4.28
C MET I 62 49.44 7.20 -3.33
N VAL I 63 50.72 6.89 -3.31
CA VAL I 63 51.24 5.84 -2.43
C VAL I 63 52.45 6.36 -1.67
N LEU I 64 52.42 6.21 -0.34
CA LEU I 64 53.57 6.47 0.49
C LEU I 64 54.09 5.16 1.06
N ALA I 65 55.30 4.79 0.64
CA ALA I 65 56.01 3.63 1.16
C ALA I 65 57.08 4.09 2.12
N GLY I 66 57.29 3.34 3.18
CA GLY I 66 58.35 3.63 4.14
C GLY I 66 58.99 2.38 4.69
N THR I 67 60.29 2.45 4.92
CA THR I 67 61.04 1.34 5.48
C THR I 67 61.45 1.60 6.91
N LYS I 68 61.63 0.51 7.65
CA LYS I 68 62.11 0.51 9.01
C LYS I 68 62.98 -0.74 9.18
N LEU I 69 64.20 -0.53 9.66
CA LEU I 69 65.15 -1.62 9.81
C LEU I 69 65.32 -2.00 11.28
N GLU I 70 65.31 -3.30 11.56
CA GLU I 70 65.46 -3.81 12.92
C GLU I 70 66.27 -5.08 12.95
N ILE I 71 67.01 -5.27 14.03
CA ILE I 71 67.85 -6.46 14.20
C ILE I 71 67.05 -7.60 14.82
N ASP I 72 67.06 -8.75 14.14
CA ASP I 72 66.33 -9.93 14.56
C ASP I 72 67.21 -11.16 14.48
N LYS I 73 66.88 -12.16 15.28
CA LYS I 73 67.42 -13.50 15.08
C LYS I 73 66.82 -14.01 13.77
N PRO I 74 67.65 -14.64 12.91
CA PRO I 74 67.12 -15.12 11.63
C PRO I 74 66.18 -16.28 11.86
N TYR I 75 65.29 -16.51 10.90
CA TYR I 75 64.42 -17.67 10.97
C TYR I 75 65.22 -18.98 11.08
N GLU I 76 64.72 -19.89 11.91
CA GLU I 76 65.28 -21.24 12.03
C GLU I 76 65.30 -21.91 10.65
N ASP I 77 64.37 -21.50 9.77
CA ASP I 77 64.23 -22.05 8.41
C ASP I 77 65.18 -21.45 7.33
N THR I 78 65.64 -20.22 7.55
CA THR I 78 66.48 -19.45 6.61
C THR I 78 67.64 -18.80 7.39
N PRO I 79 68.69 -19.58 7.70
CA PRO I 79 69.73 -19.16 8.67
C PRO I 79 70.70 -18.06 8.17
N ASN I 80 70.86 -17.95 6.86
CA ASN I 80 71.80 -16.98 6.27
C ASN I 80 71.09 -15.96 5.37
N GLN I 81 69.98 -15.44 5.88
CA GLN I 81 69.19 -14.45 5.18
C GLN I 81 68.66 -13.46 6.18
N GLY I 82 68.65 -12.19 5.79
CA GLY I 82 67.84 -11.17 6.46
C GLY I 82 66.37 -11.37 6.09
N ASN I 83 65.51 -10.50 6.61
CA ASN I 83 64.09 -10.66 6.37
C ASN I 83 63.52 -9.46 5.62
N LEU I 84 62.59 -9.74 4.71
CA LEU I 84 61.79 -8.69 4.12
C LEU I 84 60.33 -8.95 4.48
N ILE I 85 59.67 -7.95 5.04
CA ILE I 85 58.27 -8.05 5.33
C ILE I 85 57.54 -6.88 4.68
N VAL I 86 56.69 -7.19 3.72
CA VAL I 86 55.96 -6.16 2.98
C VAL I 86 54.53 -6.08 3.49
N ASN I 87 54.05 -4.87 3.67
CA ASN I 87 52.71 -4.68 4.16
C ASN I 87 52.03 -3.51 3.47
N VAL I 88 50.80 -3.72 3.00
CA VAL I 88 50.06 -2.70 2.26
C VAL I 88 48.77 -2.33 2.96
N GLU I 89 48.50 -1.04 3.02
CA GLU I 89 47.25 -0.55 3.55
C GLU I 89 46.50 0.40 2.62
N LEU I 90 45.23 0.08 2.38
CA LEU I 90 44.34 0.93 1.63
C LEU I 90 43.53 1.71 2.65
N LEU I 91 43.38 3.01 2.43
CA LEU I 91 42.74 3.86 3.42
C LEU I 91 41.37 4.43 3.03
N PRO I 92 41.17 4.79 1.74
CA PRO I 92 39.86 5.27 1.30
C PRO I 92 38.64 4.37 1.62
N ASP I 104 42.81 -6.56 5.06
CA ASP I 104 41.85 -6.54 3.95
C ASP I 104 41.81 -7.86 3.14
N GLU I 105 42.40 -7.86 1.94
CA GLU I 105 42.39 -8.99 0.98
C GLU I 105 43.08 -8.52 -0.30
N ASN I 106 42.60 -7.39 -0.83
CA ASN I 106 43.26 -6.74 -1.94
C ASN I 106 44.58 -6.22 -1.45
N ALA I 107 44.57 -5.73 -0.21
CA ALA I 107 45.77 -5.24 0.46
C ALA I 107 46.78 -6.37 0.62
N ILE I 108 46.30 -7.56 0.97
CA ILE I 108 47.16 -8.71 1.10
C ILE I 108 47.71 -9.10 -0.27
N GLU I 109 46.85 -9.18 -1.26
CA GLU I 109 47.29 -9.54 -2.62
C GLU I 109 48.39 -8.59 -3.10
N LEU I 110 48.15 -7.30 -2.97
CA LEU I 110 49.13 -6.30 -3.35
C LEU I 110 50.44 -6.51 -2.64
N ALA I 111 50.38 -6.67 -1.31
CA ALA I 111 51.59 -6.90 -0.51
C ALA I 111 52.38 -8.08 -1.02
N ARG I 112 51.70 -9.20 -1.27
CA ARG I 112 52.34 -10.41 -1.74
C ARG I 112 52.90 -10.31 -3.15
N VAL I 113 52.20 -9.63 -4.04
CA VAL I 113 52.65 -9.50 -5.41
C VAL I 113 53.94 -8.68 -5.46
N VAL I 114 53.92 -7.56 -4.74
CA VAL I 114 55.09 -6.70 -4.61
C VAL I 114 56.23 -7.47 -3.98
N ASP I 115 55.94 -8.17 -2.88
CA ASP I 115 56.92 -9.00 -2.19
C ASP I 115 57.60 -9.96 -3.16
N ARG I 116 56.77 -10.77 -3.81
CA ARG I 116 57.23 -11.76 -4.77
C ARG I 116 58.15 -11.21 -5.84
N SER I 117 57.83 -10.05 -6.37
CA SER I 117 58.63 -9.48 -7.43
C SER I 117 59.97 -8.94 -6.90
N LEU I 118 59.99 -8.52 -5.63
CA LEU I 118 61.23 -8.03 -5.02
C LEU I 118 62.11 -9.16 -4.58
N ARG I 119 61.48 -10.22 -4.08
CA ARG I 119 62.21 -11.38 -3.55
C ARG I 119 62.76 -12.32 -4.63
N ASP I 120 61.90 -12.71 -5.58
CA ASP I 120 62.25 -13.66 -6.65
C ASP I 120 63.26 -13.08 -7.64
N SER I 121 63.22 -11.77 -7.81
CA SER I 121 64.17 -11.08 -8.69
C SER I 121 65.53 -10.97 -8.04
N LYS I 122 65.56 -11.10 -6.71
CA LYS I 122 66.77 -10.77 -5.94
C LYS I 122 67.16 -9.30 -6.22
N ALA I 123 66.16 -8.45 -6.37
CA ALA I 123 66.39 -7.01 -6.45
C ALA I 123 67.04 -6.59 -5.14
N LEU I 124 66.46 -7.04 -4.03
CA LEU I 124 67.06 -6.91 -2.73
C LEU I 124 67.72 -8.23 -2.36
N ASP I 125 68.99 -8.17 -2.03
CA ASP I 125 69.70 -9.39 -1.67
C ASP I 125 69.68 -9.65 -0.16
N LEU I 126 68.88 -10.63 0.25
CA LEU I 126 68.65 -10.88 1.66
C LEU I 126 69.87 -11.48 2.34
N THR I 127 70.66 -12.20 1.57
CA THR I 127 71.83 -12.88 2.11
C THR I 127 72.92 -11.90 2.54
N LYS I 128 72.83 -10.67 2.05
CA LYS I 128 73.75 -9.60 2.42
C LYS I 128 73.24 -8.78 3.59
N LEU I 129 72.15 -9.23 4.20
CA LEU I 129 71.59 -8.56 5.37
C LEU I 129 71.96 -9.27 6.68
N VAL I 130 72.78 -10.31 6.56
CA VAL I 130 73.27 -11.06 7.71
C VAL I 130 74.32 -10.21 8.44
N ILE I 131 74.23 -10.16 9.76
CA ILE I 131 75.21 -9.46 10.58
C ILE I 131 76.14 -10.49 11.23
N GLU I 132 75.67 -11.18 12.26
CA GLU I 132 76.39 -12.35 12.77
C GLU I 132 75.56 -13.58 12.41
N PRO I 133 76.08 -14.43 11.48
CA PRO I 133 75.32 -15.55 10.87
C PRO I 133 74.67 -16.46 11.92
N GLY I 134 73.40 -16.78 11.71
CA GLY I 134 72.63 -17.57 12.67
C GLY I 134 72.25 -16.82 13.95
N LYS I 135 73.03 -15.80 14.31
CA LYS I 135 72.78 -15.01 15.51
C LYS I 135 71.88 -13.81 15.21
N SER I 136 72.30 -12.94 14.29
CA SER I 136 71.57 -11.69 14.04
C SER I 136 71.57 -11.17 12.59
N VAL I 137 70.39 -10.75 12.13
CA VAL I 137 70.18 -10.26 10.77
C VAL I 137 69.34 -9.00 10.77
N TRP I 138 69.36 -8.26 9.66
CA TRP I 138 68.45 -7.14 9.46
C TRP I 138 67.09 -7.62 9.01
N THR I 139 66.04 -7.06 9.60
CA THR I 139 64.70 -7.22 9.10
C THR I 139 64.31 -5.91 8.49
N VAL I 140 63.84 -5.95 7.25
CA VAL I 140 63.37 -4.77 6.55
C VAL I 140 61.85 -4.78 6.51
N TRP I 141 61.26 -3.90 7.30
CA TRP I 141 59.83 -3.75 7.29
C TRP I 141 59.50 -2.72 6.23
N LEU I 142 58.79 -3.16 5.20
CA LEU I 142 58.32 -2.24 4.17
C LEU I 142 56.82 -2.04 4.33
N ASP I 143 56.42 -0.81 4.65
CA ASP I 143 55.02 -0.47 4.83
C ASP I 143 54.59 0.51 3.77
N VAL I 144 53.56 0.13 3.03
CA VAL I 144 53.11 0.86 1.86
C VAL I 144 51.69 1.28 2.08
N TYR I 145 51.49 2.59 2.05
CA TYR I 145 50.19 3.18 2.30
C TYR I 145 49.59 3.84 1.05
N VAL I 146 48.48 3.27 0.59
CA VAL I 146 47.71 3.88 -0.49
C VAL I 146 46.84 4.99 0.09
N LEU I 147 47.18 6.21 -0.26
CA LEU I 147 46.52 7.37 0.29
C LEU I 147 45.38 7.82 -0.60
N ASP I 148 45.56 7.65 -1.90
CA ASP I 148 44.56 8.08 -2.88
C ASP I 148 44.37 6.98 -3.92
N TYR I 149 43.15 6.45 -4.02
CA TYR I 149 42.90 5.36 -4.96
C TYR I 149 42.50 5.91 -6.32
N GLY I 150 43.44 5.94 -7.27
CA GLY I 150 43.18 6.45 -8.61
C GLY I 150 43.29 5.40 -9.70
N GLY I 151 43.16 4.15 -9.32
CA GLY I 151 43.33 3.06 -10.28
C GLY I 151 44.79 2.67 -10.46
N ASN I 152 45.02 1.43 -10.88
CA ASN I 152 46.37 0.89 -11.05
C ASN I 152 47.28 1.07 -9.85
N VAL I 153 46.79 0.65 -8.70
CA VAL I 153 47.43 0.84 -7.43
C VAL I 153 48.70 0.00 -7.35
N LEU I 154 48.66 -1.21 -7.89
CA LEU I 154 49.81 -2.14 -7.87
C LEU I 154 51.09 -1.54 -8.45
N ASP I 155 50.99 -0.94 -9.62
CA ASP I 155 52.16 -0.36 -10.26
C ASP I 155 52.75 0.75 -9.42
N ALA I 156 51.89 1.52 -8.77
CA ALA I 156 52.33 2.62 -7.92
C ALA I 156 53.01 2.07 -6.69
N CYS I 157 52.50 0.94 -6.19
CA CYS I 157 53.02 0.32 -4.99
C CYS I 157 54.43 -0.17 -5.22
N THR I 158 54.65 -0.78 -6.37
CA THR I 158 55.97 -1.28 -6.73
C THR I 158 56.94 -0.12 -6.80
N LEU I 159 56.54 0.95 -7.48
CA LEU I 159 57.39 2.11 -7.62
C LEU I 159 57.70 2.73 -6.27
N ALA I 160 56.68 2.84 -5.41
CA ALA I 160 56.87 3.40 -4.08
C ALA I 160 57.82 2.51 -3.26
N SER I 161 57.62 1.20 -3.35
CA SER I 161 58.43 0.24 -2.63
C SER I 161 59.87 0.30 -3.07
N VAL I 162 60.09 0.24 -4.37
CA VAL I 162 61.44 0.27 -4.91
C VAL I 162 62.13 1.55 -4.48
N ALA I 163 61.46 2.67 -4.66
CA ALA I 163 62.02 3.97 -4.30
C ALA I 163 62.36 4.06 -2.82
N ALA I 164 61.48 3.52 -1.97
CA ALA I 164 61.69 3.57 -0.54
C ALA I 164 62.94 2.77 -0.17
N LEU I 165 63.09 1.59 -0.78
CA LEU I 165 64.27 0.75 -0.53
C LEU I 165 65.56 1.46 -0.92
N TYR I 166 65.55 2.09 -2.09
CA TYR I 166 66.70 2.83 -2.56
C TYR I 166 67.02 4.06 -1.73
N ASN I 167 66.00 4.57 -1.03
CA ASN I 167 66.17 5.73 -0.21
C ASN I 167 66.66 5.35 1.18
N THR I 168 66.67 4.06 1.47
CA THR I 168 66.90 3.56 2.82
C THR I 168 68.36 3.66 3.26
N LYS I 169 68.53 4.31 4.41
CA LYS I 169 69.82 4.43 5.08
C LYS I 169 69.98 3.31 6.09
N VAL I 170 71.18 2.73 6.11
CA VAL I 170 71.54 1.70 7.09
C VAL I 170 72.47 2.32 8.14
N TYR I 171 72.25 1.94 9.40
CA TYR I 171 72.96 2.55 10.53
C TYR I 171 74.07 1.69 11.09
N LYS I 172 74.95 2.31 11.90
CA LYS I 172 76.08 1.61 12.52
C LYS I 172 75.62 0.59 13.55
N VAL I 173 76.35 -0.52 13.63
CA VAL I 173 75.99 -1.63 14.51
C VAL I 173 77.00 -1.81 15.66
N GLU I 174 76.64 -1.33 16.86
CA GLU I 174 77.48 -1.46 18.06
C GLU I 174 77.42 -2.90 18.60
N GLN I 175 78.51 -3.65 18.37
CA GLN I 175 78.62 -5.05 18.77
C GLN I 175 79.61 -5.23 19.93
N ILE I 180 74.71 -6.08 18.77
CA ILE I 180 74.01 -5.94 20.04
C ILE I 180 73.16 -4.66 20.10
N SER I 181 73.70 -3.56 19.57
CA SER I 181 73.01 -2.25 19.62
C SER I 181 73.10 -1.48 18.31
N VAL I 182 72.08 -0.68 18.01
CA VAL I 182 72.03 0.17 16.81
C VAL I 182 72.32 1.62 17.18
N ASN I 183 73.09 2.30 16.34
CA ASN I 183 73.43 3.70 16.55
C ASN I 183 72.82 4.54 15.44
N LYS I 184 71.71 5.19 15.74
CA LYS I 184 70.87 5.82 14.73
C LYS I 184 71.30 7.24 14.28
N ASN I 185 72.52 7.64 14.59
CA ASN I 185 73.05 8.90 14.06
C ASN I 185 74.40 8.76 13.33
N GLU I 186 74.77 7.53 13.03
CA GLU I 186 75.87 7.24 12.13
C GLU I 186 75.33 6.34 11.01
N VAL I 187 75.22 6.92 9.82
CA VAL I 187 74.74 6.20 8.64
C VAL I 187 75.89 5.46 7.95
N VAL I 188 75.88 4.13 8.05
CA VAL I 188 76.93 3.27 7.53
C VAL I 188 76.89 3.08 6.01
N GLY I 189 75.68 2.99 5.46
CA GLY I 189 75.51 2.80 4.02
C GLY I 189 74.08 2.64 3.58
N LYS I 190 73.86 1.83 2.55
CA LYS I 190 72.53 1.64 1.97
C LYS I 190 72.17 0.17 1.88
N LEU I 191 70.94 -0.12 1.44
CA LEU I 191 70.50 -1.49 1.24
C LEU I 191 71.24 -2.21 0.10
N PRO I 192 71.53 -3.51 0.27
CA PRO I 192 72.13 -4.29 -0.80
C PRO I 192 71.15 -4.53 -1.93
N LEU I 193 70.99 -3.51 -2.78
CA LEU I 193 70.08 -3.57 -3.91
C LEU I 193 70.82 -3.84 -5.21
N ASN I 194 70.34 -4.79 -6.00
CA ASN I 194 70.96 -5.13 -7.26
C ASN I 194 70.49 -4.22 -8.38
N TYR I 195 69.18 -3.99 -8.42
CA TYR I 195 68.54 -3.19 -9.44
C TYR I 195 67.13 -2.84 -9.05
N PRO I 196 66.57 -1.78 -9.65
CA PRO I 196 65.15 -1.51 -9.47
C PRO I 196 64.31 -2.52 -10.25
N VAL I 197 63.03 -2.58 -9.94
CA VAL I 197 62.10 -3.44 -10.63
C VAL I 197 60.86 -2.60 -10.89
N VAL I 198 60.18 -2.86 -12.00
CA VAL I 198 58.90 -2.18 -12.26
C VAL I 198 57.84 -3.21 -12.55
N THR I 199 56.60 -2.88 -12.20
CA THR I 199 55.48 -3.69 -12.58
C THR I 199 54.65 -2.88 -13.54
N ILE I 200 54.30 -3.48 -14.67
CA ILE I 200 53.43 -2.84 -15.64
C ILE I 200 52.11 -3.58 -15.76
N SER I 201 51.02 -2.83 -15.53
CA SER I 201 49.68 -3.38 -15.63
C SER I 201 49.03 -3.06 -16.96
N VAL I 202 48.47 -4.09 -17.59
CA VAL I 202 47.79 -3.97 -18.87
C VAL I 202 46.36 -4.47 -18.70
N ALA I 203 45.42 -3.58 -18.97
CA ALA I 203 44.00 -3.87 -18.82
C ALA I 203 43.35 -4.23 -20.16
N LYS I 204 42.53 -5.26 -20.12
CA LYS I 204 41.72 -5.68 -21.25
C LYS I 204 40.38 -4.99 -21.12
N VAL I 205 40.09 -4.09 -22.05
CA VAL I 205 38.79 -3.43 -22.09
C VAL I 205 38.20 -3.66 -23.46
N ASP I 206 37.07 -4.35 -23.51
CA ASP I 206 36.43 -4.74 -24.77
C ASP I 206 37.44 -5.56 -25.56
N LYS I 207 37.83 -5.09 -26.74
CA LYS I 207 38.84 -5.77 -27.56
C LYS I 207 40.17 -5.01 -27.54
N TYR I 208 40.32 -4.10 -26.60
CA TYR I 208 41.50 -3.23 -26.55
C TYR I 208 42.38 -3.53 -25.34
N LEU I 209 43.67 -3.27 -25.50
CA LEU I 209 44.61 -3.37 -24.40
C LEU I 209 45.10 -1.99 -24.01
N VAL I 210 45.05 -1.71 -22.72
CA VAL I 210 45.36 -0.39 -22.22
C VAL I 210 46.36 -0.47 -21.06
N VAL I 211 47.43 0.30 -21.16
CA VAL I 211 48.48 0.35 -20.14
C VAL I 211 48.12 1.32 -19.03
N ASP I 212 48.38 0.92 -17.79
CA ASP I 212 48.16 1.79 -16.61
C ASP I 212 46.72 2.32 -16.59
N PRO I 213 45.74 1.43 -16.33
CA PRO I 213 44.34 1.87 -16.34
C PRO I 213 44.00 2.80 -15.18
N ASP I 214 43.24 3.86 -15.48
CA ASP I 214 42.77 4.74 -14.42
C ASP I 214 41.53 4.15 -13.73
N LEU I 215 40.93 4.94 -12.86
CA LEU I 215 39.80 4.52 -12.05
C LEU I 215 38.60 4.10 -12.90
N ASP I 216 38.23 4.93 -13.88
CA ASP I 216 37.13 4.58 -14.77
C ASP I 216 37.45 3.35 -15.61
N GLU I 217 38.66 3.32 -16.15
CA GLU I 217 39.09 2.20 -16.95
C GLU I 217 39.03 0.87 -16.18
N GLU I 218 39.49 0.88 -14.94
CA GLU I 218 39.47 -0.33 -14.13
C GLU I 218 38.06 -0.85 -13.88
N SER I 219 37.09 0.04 -13.77
CA SER I 219 35.73 -0.40 -13.47
C SER I 219 35.01 -1.02 -14.67
N ILE I 220 35.55 -0.81 -15.87
CA ILE I 220 34.92 -1.32 -17.09
C ILE I 220 35.72 -2.43 -17.75
N MET I 221 36.93 -2.66 -17.27
CA MET I 221 37.79 -3.70 -17.82
C MET I 221 37.23 -5.11 -17.61
N ASP I 222 37.63 -6.02 -18.47
CA ASP I 222 37.27 -7.40 -18.28
C ASP I 222 38.19 -7.93 -17.19
N ALA I 223 39.50 -7.68 -17.36
CA ALA I 223 40.52 -8.17 -16.45
C ALA I 223 41.79 -7.36 -16.72
N LYS I 224 42.74 -7.42 -15.79
CA LYS I 224 44.06 -6.85 -16.06
C LYS I 224 45.14 -7.83 -15.71
N ILE I 225 46.31 -7.62 -16.30
CA ILE I 225 47.45 -8.49 -16.08
C ILE I 225 48.69 -7.65 -15.84
N SER I 226 49.43 -7.99 -14.80
CA SER I 226 50.58 -7.19 -14.39
C SER I 226 51.87 -7.97 -14.55
N PHE I 227 52.84 -7.36 -15.22
CA PHE I 227 54.12 -8.00 -15.45
C PHE I 227 55.17 -7.23 -14.70
N SER I 228 56.10 -7.95 -14.08
CA SER I 228 57.20 -7.34 -13.35
C SER I 228 58.48 -7.61 -14.10
N TYR I 229 59.27 -6.57 -14.32
CA TYR I 229 60.53 -6.71 -15.05
C TYR I 229 61.74 -6.19 -14.28
N THR I 230 62.88 -6.82 -14.56
CA THR I 230 64.18 -6.30 -14.18
C THR I 230 64.72 -5.48 -15.35
N PRO I 231 65.72 -4.63 -15.11
CA PRO I 231 66.30 -3.75 -16.13
C PRO I 231 66.73 -4.45 -17.41
N ASP I 232 67.28 -5.65 -17.26
CA ASP I 232 67.67 -6.46 -18.41
C ASP I 232 66.45 -7.19 -19.01
N LEU I 233 65.24 -6.81 -18.56
CA LEU I 233 63.96 -7.24 -19.16
C LEU I 233 63.62 -8.72 -18.99
N LYS I 234 64.00 -9.28 -17.86
CA LYS I 234 63.57 -10.62 -17.49
C LYS I 234 62.23 -10.51 -16.79
N ILE I 235 61.29 -11.38 -17.11
CA ILE I 235 60.00 -11.42 -16.39
C ILE I 235 60.18 -12.00 -14.98
N VAL I 236 59.69 -11.29 -13.98
CA VAL I 236 60.00 -11.60 -12.59
C VAL I 236 58.75 -11.81 -11.73
N GLY I 237 57.59 -11.60 -12.34
CA GLY I 237 56.31 -11.88 -11.73
C GLY I 237 55.22 -11.59 -12.74
N ILE I 238 54.14 -12.37 -12.68
CA ILE I 238 52.92 -12.09 -13.42
C ILE I 238 51.72 -12.31 -12.51
N GLN I 239 50.76 -11.39 -12.55
CA GLN I 239 49.52 -11.54 -11.82
C GLN I 239 48.32 -11.07 -12.64
N LYS I 240 47.43 -12.01 -12.97
CA LYS I 240 46.17 -11.66 -13.60
C LYS I 240 45.22 -11.21 -12.50
N SER I 241 44.39 -10.24 -12.84
CA SER I 241 43.51 -9.63 -11.89
C SER I 241 42.16 -9.39 -12.57
N GLY I 242 41.09 -9.40 -11.80
CA GLY I 242 39.79 -8.95 -12.30
C GLY I 242 38.79 -10.06 -12.47
N LYS I 243 37.51 -9.67 -12.47
CA LYS I 243 36.34 -10.58 -12.56
C LYS I 243 36.19 -11.34 -13.88
N GLY I 244 36.92 -10.91 -14.91
CA GLY I 244 36.72 -11.44 -16.26
C GLY I 244 37.92 -12.22 -16.73
N SER I 245 37.81 -12.74 -17.95
CA SER I 245 38.87 -13.54 -18.54
C SER I 245 39.59 -12.79 -19.66
N MET I 246 40.57 -13.47 -20.29
CA MET I 246 41.45 -12.86 -21.27
C MET I 246 41.92 -13.95 -22.19
N SER I 247 42.07 -13.67 -23.47
CA SER I 247 42.47 -14.73 -24.41
C SER I 247 43.98 -14.95 -24.37
N LEU I 248 44.40 -16.05 -24.99
CA LEU I 248 45.79 -16.41 -25.08
C LEU I 248 46.55 -15.27 -25.73
N GLN I 249 46.05 -14.85 -26.89
CA GLN I 249 46.71 -13.82 -27.68
C GLN I 249 46.66 -12.44 -27.03
N ASP I 250 45.64 -12.21 -26.20
CA ASP I 250 45.57 -10.99 -25.41
C ASP I 250 46.77 -10.89 -24.50
N ILE I 251 47.06 -11.99 -23.82
CA ILE I 251 48.19 -12.09 -22.88
C ILE I 251 49.54 -11.98 -23.61
N ASP I 252 49.64 -12.64 -24.76
CA ASP I 252 50.81 -12.53 -25.62
C ASP I 252 51.12 -11.07 -25.95
N GLN I 253 50.12 -10.35 -26.47
CA GLN I 253 50.29 -8.94 -26.83
C GLN I 253 50.56 -8.09 -25.60
N ALA I 254 49.85 -8.41 -24.51
CA ALA I 254 49.95 -7.64 -23.29
C ALA I 254 51.39 -7.63 -22.78
N GLU I 255 52.05 -8.78 -22.84
CA GLU I 255 53.41 -8.83 -22.35
C GLU I 255 54.35 -8.05 -23.28
N ASN I 256 54.17 -8.21 -24.60
CA ASN I 256 54.89 -7.39 -25.57
C ASN I 256 54.79 -5.91 -25.24
N THR I 257 53.56 -5.44 -25.10
CA THR I 257 53.30 -4.05 -24.75
C THR I 257 53.96 -3.72 -23.41
N ALA I 258 53.75 -4.58 -22.42
CA ALA I 258 54.27 -4.35 -21.07
C ALA I 258 55.76 -4.12 -21.07
N ARG I 259 56.46 -4.96 -21.85
CA ARG I 259 57.91 -4.92 -21.92
C ARG I 259 58.46 -3.64 -22.54
N SER I 260 57.87 -3.17 -23.63
CA SER I 260 58.38 -1.93 -24.24
C SER I 260 57.98 -0.70 -23.44
N THR I 261 56.97 -0.86 -22.59
CA THR I 261 56.62 0.19 -21.65
C THR I 261 57.61 0.20 -20.50
N ALA I 262 57.95 -1.00 -20.02
CA ALA I 262 58.91 -1.19 -18.92
C ALA I 262 60.19 -0.37 -19.10
N VAL I 263 60.72 -0.34 -20.33
CA VAL I 263 61.95 0.36 -20.62
C VAL I 263 61.85 1.84 -20.26
N LYS I 264 60.78 2.48 -20.74
CA LYS I 264 60.54 3.89 -20.46
C LYS I 264 60.37 4.13 -18.98
N LEU I 265 59.57 3.30 -18.33
CA LEU I 265 59.27 3.48 -16.92
C LEU I 265 60.50 3.30 -16.03
N LEU I 266 61.36 2.33 -16.36
CA LEU I 266 62.62 2.12 -15.66
C LEU I 266 63.52 3.34 -15.76
N GLU I 267 63.60 3.92 -16.96
CA GLU I 267 64.42 5.09 -17.18
C GLU I 267 63.95 6.24 -16.31
N GLU I 268 62.64 6.43 -16.28
CA GLU I 268 62.03 7.52 -15.52
C GLU I 268 62.23 7.30 -14.02
N LEU I 269 62.07 6.04 -13.60
CA LEU I 269 62.29 5.65 -12.21
C LEU I 269 63.70 5.98 -11.76
N LYS I 270 64.66 5.68 -12.62
CA LYS I 270 66.06 5.89 -12.30
C LYS I 270 66.39 7.37 -12.17
N LYS I 271 65.85 8.20 -13.05
CA LYS I 271 65.95 9.66 -12.92
C LYS I 271 65.48 10.14 -11.54
N HIS I 272 64.36 9.60 -11.08
CA HIS I 272 63.84 9.98 -9.78
C HIS I 272 64.76 9.54 -8.66
N LEU I 273 65.32 8.35 -8.81
CA LEU I 273 66.16 7.76 -7.77
C LEU I 273 67.58 8.28 -7.80
N GLY I 274 67.92 9.03 -8.85
CA GLY I 274 69.32 9.38 -9.12
C GLY I 274 70.05 8.13 -9.61
N ILE I 275 69.42 7.41 -10.54
CA ILE I 275 69.81 6.05 -11.02
C ILE I 275 70.02 5.01 -9.91
N GLU J 8 70.55 -27.19 0.71
CA GLU J 8 71.07 -27.19 -0.70
C GLU J 8 70.20 -27.96 -1.72
N ARG J 9 70.35 -27.56 -2.98
CA ARG J 9 69.52 -28.01 -4.12
C ARG J 9 69.74 -29.46 -4.57
N PRO J 10 68.67 -30.14 -5.05
CA PRO J 10 68.83 -31.43 -5.73
C PRO J 10 69.00 -31.29 -7.27
N LYS J 11 69.05 -32.44 -7.96
CA LYS J 11 69.01 -32.44 -9.42
C LYS J 11 67.60 -32.76 -9.86
N LEU J 12 67.05 -31.89 -10.70
CA LEU J 12 65.69 -32.05 -11.14
C LEU J 12 65.71 -32.70 -12.50
N ILE J 13 66.58 -32.18 -13.35
CA ILE J 13 66.85 -32.69 -14.68
C ILE J 13 68.15 -33.49 -14.65
N LEU J 14 68.21 -34.57 -15.42
CA LEU J 14 69.35 -35.50 -15.38
C LEU J 14 70.08 -35.67 -16.71
N ASP J 15 70.95 -36.68 -16.76
CA ASP J 15 71.67 -37.10 -17.96
C ASP J 15 70.67 -37.52 -19.03
N ASP J 16 69.71 -38.34 -18.63
CA ASP J 16 68.63 -38.79 -19.50
C ASP J 16 67.76 -37.63 -19.98
N GLY J 17 67.18 -36.91 -19.02
CA GLY J 17 66.24 -35.85 -19.35
C GLY J 17 64.90 -36.14 -18.71
N LYS J 18 64.89 -37.07 -17.76
CA LYS J 18 63.70 -37.27 -16.95
C LYS J 18 63.77 -36.54 -15.62
N ARG J 19 62.59 -36.37 -15.03
CA ARG J 19 62.41 -35.58 -13.82
C ARG J 19 62.51 -36.47 -12.58
N THR J 20 62.51 -35.84 -11.41
CA THR J 20 62.67 -36.56 -10.14
C THR J 20 61.65 -37.68 -9.93
N ASP J 21 60.45 -37.54 -10.50
CA ASP J 21 59.45 -38.61 -10.41
C ASP J 21 59.42 -39.54 -11.63
N GLY J 22 60.42 -39.40 -12.51
CA GLY J 22 60.55 -40.25 -13.68
C GLY J 22 59.80 -39.76 -14.92
N ARG J 23 59.10 -38.63 -14.80
CA ARG J 23 58.37 -38.03 -15.92
C ARG J 23 59.30 -37.30 -16.90
N LYS J 24 58.87 -37.24 -18.16
CA LYS J 24 59.50 -36.37 -19.15
C LYS J 24 58.95 -34.96 -18.96
N PRO J 25 59.63 -33.94 -19.53
CA PRO J 25 59.16 -32.54 -19.39
C PRO J 25 57.74 -32.29 -19.91
N ASP J 26 57.28 -33.09 -20.87
CA ASP J 26 55.95 -32.92 -21.45
C ASP J 26 54.88 -33.90 -20.92
N GLU J 27 55.06 -34.42 -19.72
CA GLU J 27 54.11 -35.39 -19.18
C GLU J 27 53.35 -34.92 -17.94
N LEU J 28 52.03 -35.09 -17.98
CA LEU J 28 51.17 -34.79 -16.86
C LEU J 28 51.27 -35.88 -15.81
N ARG J 29 50.98 -35.51 -14.56
CA ARG J 29 50.82 -36.51 -13.49
C ARG J 29 49.49 -37.25 -13.70
N SER J 30 49.29 -38.34 -12.96
CA SER J 30 48.07 -39.10 -13.09
C SER J 30 46.93 -38.22 -12.62
N ILE J 31 45.75 -38.43 -13.21
CA ILE J 31 44.60 -37.62 -12.87
C ILE J 31 43.43 -38.50 -12.45
N LYS J 32 42.74 -38.08 -11.40
CA LYS J 32 41.54 -38.79 -10.94
C LYS J 32 40.47 -37.76 -10.58
N ILE J 33 39.27 -37.98 -11.10
CA ILE J 33 38.16 -37.07 -10.91
C ILE J 33 36.90 -37.84 -10.58
N GLU J 34 36.20 -37.44 -9.52
CA GLU J 34 34.85 -37.97 -9.29
C GLU J 34 33.88 -36.89 -8.81
N LEU J 35 32.62 -37.06 -9.21
CA LEU J 35 31.58 -36.04 -8.99
C LEU J 35 30.47 -36.56 -8.09
N GLY J 36 29.73 -35.63 -7.47
CA GLY J 36 28.56 -35.97 -6.66
C GLY J 36 28.91 -36.86 -5.50
N VAL J 37 30.02 -36.52 -4.83
CA VAL J 37 30.58 -37.33 -3.75
C VAL J 37 30.03 -36.92 -2.37
N LEU J 38 29.49 -35.70 -2.28
CA LEU J 38 28.87 -35.21 -1.05
C LEU J 38 27.35 -35.14 -1.20
N LYS J 39 26.66 -35.85 -0.33
CA LYS J 39 25.21 -35.95 -0.41
C LYS J 39 24.47 -34.66 -0.07
N ASN J 40 25.03 -33.89 0.85
CA ASN J 40 24.32 -32.71 1.35
C ASN J 40 24.69 -31.40 0.67
N ALA J 41 25.60 -31.46 -0.30
CA ALA J 41 25.92 -30.31 -1.13
C ALA J 41 25.07 -30.30 -2.40
N ASP J 42 24.98 -29.15 -3.05
CA ASP J 42 24.24 -29.05 -4.30
C ASP J 42 25.04 -29.62 -5.47
N GLY J 43 26.35 -29.45 -5.39
CA GLY J 43 27.27 -30.09 -6.31
C GLY J 43 28.58 -30.32 -5.60
N SER J 44 29.30 -31.38 -5.97
CA SER J 44 30.58 -31.68 -5.36
C SER J 44 31.48 -32.42 -6.32
N ALA J 45 32.78 -32.30 -6.06
CA ALA J 45 33.78 -32.97 -6.86
C ALA J 45 35.06 -33.20 -6.05
N ILE J 46 35.71 -34.34 -6.29
CA ILE J 46 37.08 -34.57 -5.83
C ILE J 46 37.98 -34.56 -7.05
N PHE J 47 39.10 -33.86 -6.97
CA PHE J 47 40.06 -33.82 -8.07
C PHE J 47 41.46 -34.17 -7.56
N GLU J 48 42.16 -35.02 -8.32
CA GLU J 48 43.53 -35.44 -7.99
C GLU J 48 44.50 -35.32 -9.16
N MET J 49 45.57 -34.58 -8.92
CA MET J 49 46.71 -34.53 -9.83
C MET J 49 47.92 -35.03 -9.07
N GLY J 50 48.42 -36.18 -9.47
CA GLY J 50 49.45 -36.84 -8.70
C GLY J 50 49.01 -36.96 -7.25
N ASN J 51 49.79 -36.37 -6.35
CA ASN J 51 49.50 -36.44 -4.93
C ASN J 51 48.79 -35.22 -4.38
N THR J 52 48.31 -34.35 -5.28
CA THR J 52 47.48 -33.22 -4.89
C THR J 52 45.99 -33.59 -4.98
N LYS J 53 45.31 -33.61 -3.82
CA LYS J 53 43.89 -33.93 -3.72
C LYS J 53 43.16 -32.71 -3.23
N ALA J 54 42.06 -32.38 -3.89
CA ALA J 54 41.17 -31.34 -3.41
C ALA J 54 39.73 -31.78 -3.50
N ILE J 55 38.92 -31.32 -2.54
CA ILE J 55 37.50 -31.60 -2.56
C ILE J 55 36.78 -30.28 -2.59
N ALA J 56 35.72 -30.21 -3.39
CA ALA J 56 34.96 -28.99 -3.54
C ALA J 56 33.48 -29.24 -3.36
N ALA J 57 32.85 -28.34 -2.59
CA ALA J 57 31.42 -28.39 -2.36
C ALA J 57 30.80 -27.09 -2.83
N VAL J 58 29.65 -27.17 -3.47
CA VAL J 58 28.89 -26.01 -3.86
C VAL J 58 27.55 -26.06 -3.16
N TYR J 59 27.21 -24.95 -2.51
CA TYR J 59 25.87 -24.82 -1.95
C TYR J 59 25.17 -23.79 -2.80
N GLY J 60 24.22 -24.30 -3.58
CA GLY J 60 23.70 -23.70 -4.82
C GLY J 60 23.06 -22.35 -4.65
N PRO J 61 22.54 -21.78 -5.75
CA PRO J 61 22.02 -20.40 -5.69
C PRO J 61 20.95 -20.27 -4.61
N LYS J 62 21.17 -19.35 -3.67
CA LYS J 62 20.28 -19.16 -2.52
C LYS J 62 20.26 -17.71 -2.06
N GLU J 63 19.10 -17.23 -1.60
CA GLU J 63 18.96 -15.89 -1.03
C GLU J 63 20.03 -15.62 0.02
N MET J 64 20.54 -14.39 0.06
CA MET J 64 21.70 -14.13 0.89
C MET J 64 21.39 -13.62 2.30
N HIS J 65 22.11 -14.18 3.27
CA HIS J 65 21.90 -13.96 4.69
C HIS J 65 21.67 -12.48 5.07
N PRO J 66 22.73 -11.63 5.06
CA PRO J 66 22.47 -10.20 5.21
C PRO J 66 22.30 -9.53 3.84
N ARG J 67 21.11 -8.99 3.58
CA ARG J 67 20.74 -8.56 2.23
C ARG J 67 21.58 -7.42 1.65
N HIS J 68 22.08 -6.53 2.50
CA HIS J 68 22.88 -5.38 2.04
C HIS J 68 24.16 -5.80 1.36
N LEU J 69 24.57 -7.05 1.64
CA LEU J 69 25.76 -7.64 1.03
C LEU J 69 25.48 -8.31 -0.31
N SER J 70 24.20 -8.42 -0.68
CA SER J 70 23.82 -9.01 -1.97
C SER J 70 23.89 -7.99 -3.10
N LEU J 71 23.81 -8.49 -4.34
CA LEU J 71 23.85 -7.63 -5.52
C LEU J 71 22.52 -7.67 -6.26
N PRO J 72 22.07 -6.50 -6.77
CA PRO J 72 20.77 -6.37 -7.44
C PRO J 72 20.66 -7.07 -8.80
N ASP J 73 21.80 -7.33 -9.46
CA ASP J 73 21.82 -7.86 -10.82
C ASP J 73 22.54 -9.20 -10.95
N ARG J 74 23.23 -9.61 -9.89
CA ARG J 74 24.13 -10.76 -9.94
C ARG J 74 24.02 -11.61 -8.68
N ALA J 75 24.58 -12.81 -8.76
CA ALA J 75 24.85 -13.61 -7.58
C ALA J 75 26.23 -13.23 -7.04
N VAL J 76 26.36 -13.27 -5.73
CA VAL J 76 27.65 -13.12 -5.11
C VAL J 76 28.29 -14.49 -5.03
N LEU J 77 29.54 -14.59 -5.47
CA LEU J 77 30.31 -15.81 -5.26
C LEU J 77 31.06 -15.72 -3.95
N ARG J 78 30.94 -16.76 -3.12
CA ARG J 78 31.71 -16.85 -1.89
C ARG J 78 32.60 -18.05 -2.00
N VAL J 79 33.91 -17.81 -2.04
CA VAL J 79 34.87 -18.86 -2.28
C VAL J 79 35.83 -19.01 -1.09
N ARG J 80 36.09 -20.25 -0.70
CA ARG J 80 37.06 -20.52 0.35
C ARG J 80 38.10 -21.51 -0.15
N TYR J 81 39.34 -21.06 -0.20
CA TYR J 81 40.46 -21.93 -0.46
C TYR J 81 41.10 -22.26 0.87
N HIS J 82 41.19 -23.56 1.18
CA HIS J 82 41.72 -23.95 2.46
C HIS J 82 42.52 -25.23 2.41
N MET J 83 43.61 -25.24 3.16
CA MET J 83 44.42 -26.44 3.30
C MET J 83 44.18 -27.07 4.68
N THR J 84 43.91 -28.37 4.68
CA THR J 84 43.80 -29.10 5.93
C THR J 84 45.19 -29.19 6.57
N PRO J 85 45.24 -29.21 7.90
CA PRO J 85 46.51 -29.25 8.61
C PRO J 85 47.40 -30.45 8.26
N PHE J 86 46.80 -31.52 7.75
CA PHE J 86 47.54 -32.73 7.44
C PHE J 86 47.74 -32.94 5.93
N SER J 87 47.70 -31.85 5.18
CA SER J 87 47.87 -31.93 3.74
C SER J 87 49.33 -31.86 3.35
N THR J 88 50.17 -31.34 4.23
CA THR J 88 51.60 -31.20 3.94
C THR J 88 52.43 -32.06 4.86
N ASP J 89 53.75 -31.96 4.76
CA ASP J 89 54.64 -32.75 5.59
C ASP J 89 54.69 -32.22 7.00
N GLU J 90 54.83 -30.90 7.10
CA GLU J 90 54.81 -30.19 8.37
C GLU J 90 53.45 -29.53 8.59
N ARG J 91 52.81 -29.88 9.71
CA ARG J 91 51.43 -29.45 9.98
C ARG J 91 51.17 -27.95 9.72
N LYS J 92 50.29 -27.67 8.77
CA LYS J 92 49.84 -26.31 8.48
C LYS J 92 48.84 -25.85 9.53
N ASN J 93 48.97 -24.60 9.96
CA ASN J 93 48.01 -24.00 10.88
C ASN J 93 46.66 -23.77 10.18
N PRO J 94 45.55 -24.25 10.79
CA PRO J 94 44.21 -24.15 10.20
C PRO J 94 43.76 -22.71 9.95
N ALA J 95 44.23 -21.78 10.77
CA ALA J 95 43.96 -20.36 10.57
C ALA J 95 44.41 -19.92 9.18
N PRO J 96 43.56 -19.15 8.47
CA PRO J 96 43.86 -18.75 7.09
C PRO J 96 45.15 -17.94 7.03
N SER J 97 46.04 -18.35 6.13
CA SER J 97 47.33 -17.69 5.91
C SER J 97 47.16 -16.62 4.86
N ARG J 98 48.11 -15.69 4.77
CA ARG J 98 48.10 -14.68 3.72
C ARG J 98 47.99 -15.36 2.34
N ARG J 99 48.74 -16.44 2.14
CA ARG J 99 48.67 -17.23 0.92
C ARG J 99 47.26 -17.72 0.65
N GLU J 100 46.60 -18.25 1.68
CA GLU J 100 45.24 -18.80 1.54
C GLU J 100 44.21 -17.72 1.19
N ILE J 101 44.43 -16.53 1.71
CA ILE J 101 43.57 -15.39 1.44
C ILE J 101 43.68 -14.92 0.00
N GLU J 102 44.92 -14.79 -0.50
CA GLU J 102 45.15 -14.36 -1.86
C GLU J 102 44.59 -15.38 -2.86
N LEU J 103 44.90 -16.67 -2.64
CA LEU J 103 44.44 -17.71 -3.55
C LEU J 103 42.92 -17.79 -3.56
N SER J 104 42.28 -17.55 -2.43
CA SER J 104 40.82 -17.49 -2.38
C SER J 104 40.28 -16.46 -3.35
N LYS J 105 40.90 -15.30 -3.37
CA LYS J 105 40.54 -14.20 -4.28
C LYS J 105 40.82 -14.59 -5.74
N VAL J 106 42.04 -15.07 -5.99
CA VAL J 106 42.43 -15.43 -7.34
C VAL J 106 41.47 -16.49 -7.92
N ILE J 107 41.14 -17.50 -7.11
CA ILE J 107 40.23 -18.55 -7.54
C ILE J 107 38.80 -17.98 -7.75
N ARG J 108 38.40 -17.09 -6.85
CA ARG J 108 37.08 -16.49 -6.98
C ARG J 108 36.96 -15.71 -8.27
N GLU J 109 37.97 -14.92 -8.61
CA GLU J 109 37.92 -14.13 -9.82
C GLU J 109 37.90 -15.04 -11.03
N ALA J 110 38.70 -16.11 -10.98
CA ALA J 110 38.73 -17.10 -12.03
C ALA J 110 37.33 -17.63 -12.29
N LEU J 111 36.64 -18.04 -11.22
CA LEU J 111 35.28 -18.59 -11.34
C LEU J 111 34.24 -17.57 -11.79
N GLU J 112 34.44 -16.32 -11.36
CA GLU J 112 33.53 -15.24 -11.72
C GLU J 112 33.53 -15.01 -13.23
N SER J 113 34.63 -15.36 -13.89
CA SER J 113 34.73 -15.17 -15.33
C SER J 113 34.02 -16.27 -16.09
N ALA J 114 33.63 -17.34 -15.38
CA ALA J 114 33.04 -18.52 -16.02
C ALA J 114 31.58 -18.65 -15.69
N VAL J 115 31.27 -18.38 -14.42
CA VAL J 115 29.91 -18.54 -13.92
C VAL J 115 29.01 -17.40 -14.36
N LEU J 116 27.84 -17.75 -14.88
CA LEU J 116 26.86 -16.75 -15.33
C LEU J 116 26.05 -16.23 -14.15
N VAL J 117 26.71 -15.42 -13.34
CA VAL J 117 26.13 -14.93 -12.11
C VAL J 117 24.88 -14.05 -12.33
N GLU J 118 24.76 -13.42 -13.49
CA GLU J 118 23.67 -12.50 -13.78
C GLU J 118 22.32 -13.19 -13.68
N LEU J 119 22.33 -14.49 -13.89
CA LEU J 119 21.12 -15.30 -13.89
C LEU J 119 20.46 -15.41 -12.53
N PHE J 120 21.19 -15.08 -11.47
CA PHE J 120 20.69 -15.26 -10.11
C PHE J 120 20.90 -14.04 -9.24
N PRO J 121 20.15 -12.95 -9.50
CA PRO J 121 20.31 -11.75 -8.70
C PRO J 121 19.90 -11.98 -7.25
N ARG J 122 20.53 -11.27 -6.32
CA ARG J 122 20.18 -11.31 -4.89
C ARG J 122 20.47 -12.65 -4.21
N THR J 123 21.25 -13.50 -4.86
CA THR J 123 21.60 -14.81 -4.32
C THR J 123 23.09 -14.94 -4.04
N ALA J 124 23.44 -15.94 -3.22
CA ALA J 124 24.83 -16.31 -2.98
C ALA J 124 25.07 -17.73 -3.46
N ILE J 125 26.21 -17.93 -4.12
CA ILE J 125 26.68 -19.28 -4.46
C ILE J 125 27.96 -19.52 -3.66
N ASP J 126 27.91 -20.57 -2.82
CA ASP J 126 29.04 -20.89 -1.96
C ASP J 126 29.87 -21.99 -2.56
N VAL J 127 31.17 -21.74 -2.60
CA VAL J 127 32.14 -22.71 -3.07
C VAL J 127 33.22 -22.93 -2.01
N PHE J 128 33.19 -24.10 -1.39
CA PHE J 128 34.20 -24.44 -0.41
C PHE J 128 35.18 -25.48 -0.95
N THR J 129 36.46 -25.17 -0.82
CA THR J 129 37.52 -26.02 -1.31
C THR J 129 38.40 -26.45 -0.14
N GLU J 130 38.78 -27.73 -0.15
CA GLU J 130 39.71 -28.27 0.83
C GLU J 130 40.78 -29.11 0.16
N ILE J 131 42.04 -28.68 0.29
CA ILE J 131 43.17 -29.50 -0.10
C ILE J 131 43.45 -30.53 0.99
N LEU J 132 43.43 -31.79 0.59
CA LEU J 132 43.58 -32.90 1.51
C LEU J 132 45.02 -33.38 1.49
N GLN J 133 45.68 -33.20 0.34
CA GLN J 133 47.11 -33.40 0.18
C GLN J 133 47.66 -32.37 -0.77
N ALA J 134 48.73 -31.69 -0.36
CA ALA J 134 49.38 -30.71 -1.20
C ALA J 134 50.65 -31.29 -1.76
N ASP J 135 50.77 -31.25 -3.08
CA ASP J 135 51.98 -31.67 -3.77
C ASP J 135 52.17 -30.72 -4.95
N ALA J 136 52.02 -29.42 -4.71
CA ALA J 136 52.11 -28.38 -5.74
C ALA J 136 50.93 -28.39 -6.74
N GLY J 137 50.57 -27.19 -7.23
CA GLY J 137 49.48 -27.06 -8.18
C GLY J 137 48.11 -27.13 -7.53
N SER J 138 48.10 -27.05 -6.20
CA SER J 138 46.88 -27.19 -5.41
C SER J 138 45.88 -26.10 -5.75
N ARG J 139 46.37 -24.88 -5.98
CA ARG J 139 45.47 -23.79 -6.35
C ARG J 139 44.67 -24.12 -7.61
N LEU J 140 45.30 -24.83 -8.55
CA LEU J 140 44.65 -25.22 -9.78
C LEU J 140 43.69 -26.37 -9.55
N VAL J 141 44.16 -27.37 -8.81
CA VAL J 141 43.35 -28.55 -8.50
C VAL J 141 42.08 -28.08 -7.78
N SER J 142 42.27 -27.11 -6.89
CA SER J 142 41.17 -26.53 -6.15
C SER J 142 40.19 -25.90 -7.13
N LEU J 143 40.71 -25.06 -8.03
CA LEU J 143 39.90 -24.35 -9.00
C LEU J 143 39.12 -25.31 -9.89
N MET J 144 39.77 -26.36 -10.36
CA MET J 144 39.12 -27.26 -11.24
C MET J 144 38.01 -28.01 -10.51
N ALA J 145 38.32 -28.44 -9.29
CA ALA J 145 37.35 -29.16 -8.47
C ALA J 145 36.13 -28.28 -8.29
N ALA J 146 36.38 -27.00 -8.05
CA ALA J 146 35.32 -25.99 -7.88
C ALA J 146 34.49 -25.93 -9.14
N SER J 147 35.17 -25.74 -10.27
CA SER J 147 34.54 -25.68 -11.58
C SER J 147 33.65 -26.89 -11.82
N LEU J 148 34.15 -28.08 -11.47
CA LEU J 148 33.37 -29.30 -11.67
C LEU J 148 32.24 -29.44 -10.67
N ALA J 149 32.44 -28.97 -9.45
CA ALA J 149 31.37 -29.02 -8.45
C ALA J 149 30.21 -28.09 -8.83
N LEU J 150 30.53 -26.96 -9.44
CA LEU J 150 29.50 -26.07 -10.01
C LEU J 150 28.71 -26.74 -11.13
N ALA J 151 29.40 -27.46 -12.02
CA ALA J 151 28.77 -28.20 -13.10
C ALA J 151 27.88 -29.31 -12.54
N ASP J 152 28.36 -29.95 -11.47
CA ASP J 152 27.61 -30.97 -10.76
C ASP J 152 26.33 -30.39 -10.15
N ALA J 153 26.39 -29.13 -9.71
CA ALA J 153 25.23 -28.44 -9.18
C ALA J 153 24.27 -27.93 -10.28
N GLY J 154 24.67 -28.06 -11.54
CA GLY J 154 23.88 -27.58 -12.66
C GLY J 154 23.91 -26.07 -12.81
N ILE J 155 24.97 -25.46 -12.29
CA ILE J 155 25.12 -24.02 -12.42
C ILE J 155 25.70 -23.65 -13.79
N PRO J 156 24.95 -22.83 -14.55
CA PRO J 156 25.27 -22.44 -15.92
C PRO J 156 26.57 -21.70 -15.94
N MET J 157 27.46 -22.10 -16.84
CA MET J 157 28.76 -21.46 -16.96
C MET J 157 29.12 -21.34 -18.43
N ARG J 158 30.02 -20.40 -18.75
CA ARG J 158 30.52 -20.24 -20.11
C ARG J 158 31.21 -21.50 -20.60
N ASP J 159 31.98 -22.14 -19.72
CA ASP J 159 32.78 -23.31 -20.09
C ASP J 159 33.26 -23.93 -18.79
N LEU J 160 33.82 -25.14 -18.84
CA LEU J 160 34.55 -25.69 -17.70
C LEU J 160 35.94 -25.05 -17.64
N ILE J 161 36.57 -25.09 -16.45
CA ILE J 161 37.93 -24.56 -16.30
C ILE J 161 38.92 -25.72 -16.13
N ALA J 162 39.99 -25.69 -16.93
CA ALA J 162 41.11 -26.62 -16.80
C ALA J 162 42.43 -25.87 -16.64
N GLY J 163 43.34 -26.39 -15.82
CA GLY J 163 44.60 -25.72 -15.55
C GLY J 163 45.79 -26.61 -15.24
N VAL J 164 46.99 -26.08 -15.48
CA VAL J 164 48.23 -26.70 -15.04
C VAL J 164 49.24 -25.63 -14.70
N ALA J 165 50.15 -26.00 -13.80
CA ALA J 165 51.31 -25.17 -13.54
C ALA J 165 52.40 -25.62 -14.50
N VAL J 166 52.84 -24.70 -15.36
CA VAL J 166 53.99 -24.95 -16.22
C VAL J 166 55.18 -24.27 -15.54
N GLY J 167 56.39 -24.74 -15.75
CA GLY J 167 57.57 -24.16 -15.08
C GLY J 167 58.91 -24.36 -15.77
N LYS J 168 59.98 -23.94 -15.11
CA LYS J 168 61.32 -24.12 -15.61
C LYS J 168 62.16 -24.76 -14.53
N ALA J 169 62.81 -25.87 -14.89
CA ALA J 169 63.53 -26.70 -13.93
C ALA J 169 65.02 -26.44 -13.97
N ASP J 170 65.75 -27.09 -14.86
CA ASP J 170 67.19 -26.82 -14.96
C ASP J 170 67.47 -26.18 -16.32
N GLY J 171 66.83 -25.04 -16.53
CA GLY J 171 66.84 -24.39 -17.83
C GLY J 171 65.81 -25.04 -18.73
N VAL J 172 65.17 -26.09 -18.24
CA VAL J 172 64.24 -26.88 -19.03
C VAL J 172 62.79 -26.59 -18.68
N ILE J 173 61.99 -26.29 -19.69
CA ILE J 173 60.58 -26.02 -19.49
C ILE J 173 59.81 -27.31 -19.30
N ILE J 174 59.08 -27.38 -18.18
CA ILE J 174 58.41 -28.61 -17.77
C ILE J 174 56.94 -28.40 -17.48
N LEU J 175 56.19 -29.50 -17.53
CA LEU J 175 54.74 -29.43 -17.39
C LEU J 175 54.26 -30.12 -16.12
N ASP J 176 53.49 -29.42 -15.32
CA ASP J 176 52.80 -29.99 -14.15
C ASP J 176 53.76 -30.36 -13.03
N LEU J 177 54.02 -29.39 -12.14
CA LEU J 177 55.15 -29.49 -11.20
C LEU J 177 54.92 -30.30 -9.93
N ASN J 178 56.00 -30.97 -9.51
CA ASN J 178 56.19 -31.53 -8.17
C ASN J 178 56.29 -30.46 -7.11
N GLU J 179 56.12 -30.88 -5.85
CA GLU J 179 56.63 -30.12 -4.71
C GLU J 179 58.09 -29.77 -4.95
N THR J 180 58.88 -30.80 -5.22
CA THR J 180 60.31 -30.66 -5.43
C THR J 180 60.62 -29.60 -6.49
N GLU J 181 59.94 -29.70 -7.62
CA GLU J 181 60.15 -28.79 -8.74
C GLU J 181 59.72 -27.37 -8.40
N ASP J 182 58.60 -27.23 -7.70
CA ASP J 182 58.10 -25.94 -7.22
C ASP J 182 59.14 -25.29 -6.31
N MET J 183 59.68 -26.12 -5.43
CA MET J 183 60.57 -25.73 -4.33
C MET J 183 61.94 -25.25 -4.80
N TRP J 184 62.40 -25.82 -5.91
CA TRP J 184 63.77 -25.61 -6.35
C TRP J 184 63.90 -25.09 -7.77
N GLY J 185 62.77 -24.98 -8.47
CA GLY J 185 62.74 -24.50 -9.86
C GLY J 185 62.93 -23.01 -9.98
N GLU J 186 63.26 -22.56 -11.19
CA GLU J 186 63.46 -21.15 -11.45
C GLU J 186 62.14 -20.44 -11.61
N ALA J 187 61.12 -21.17 -12.01
CA ALA J 187 59.82 -20.56 -12.32
C ALA J 187 58.68 -21.52 -12.07
N ASP J 188 57.54 -20.93 -11.72
CA ASP J 188 56.30 -21.65 -11.45
C ASP J 188 55.16 -20.79 -11.98
N MET J 189 54.50 -21.27 -13.02
CA MET J 189 53.51 -20.50 -13.75
C MET J 189 52.18 -21.24 -13.84
N PRO J 190 51.33 -21.10 -12.81
CA PRO J 190 49.98 -21.67 -12.90
C PRO J 190 49.13 -20.92 -13.92
N ILE J 191 48.54 -21.69 -14.86
CA ILE J 191 47.65 -21.14 -15.88
C ILE J 191 46.35 -21.94 -15.93
N ALA J 192 45.23 -21.23 -16.01
CA ALA J 192 43.93 -21.87 -16.11
C ALA J 192 43.08 -21.22 -17.21
N MET J 193 42.37 -22.05 -17.98
CA MET J 193 41.50 -21.53 -19.05
C MET J 193 40.10 -22.15 -19.10
N MET J 194 39.25 -21.45 -19.83
CA MET J 194 38.05 -22.05 -20.42
C MET J 194 38.44 -22.44 -21.84
N PRO J 195 38.91 -23.69 -22.01
CA PRO J 195 39.66 -24.21 -23.18
C PRO J 195 38.95 -24.09 -24.53
N SER J 196 37.63 -24.26 -24.52
CA SER J 196 36.84 -24.13 -25.72
C SER J 196 36.79 -22.70 -26.23
N LEU J 197 36.87 -21.75 -25.30
CA LEU J 197 36.80 -20.33 -25.62
C LEU J 197 38.18 -19.70 -25.78
N ASN J 198 39.22 -20.47 -25.47
CA ASN J 198 40.60 -19.98 -25.41
C ASN J 198 40.72 -18.72 -24.54
N GLN J 199 40.04 -18.75 -23.41
CA GLN J 199 39.99 -17.62 -22.49
C GLN J 199 40.69 -18.03 -21.21
N VAL J 200 41.72 -17.27 -20.87
CA VAL J 200 42.51 -17.52 -19.68
C VAL J 200 41.81 -16.96 -18.48
N THR J 201 41.69 -17.82 -17.48
CA THR J 201 40.89 -17.57 -16.30
C THR J 201 41.73 -17.22 -15.04
N LEU J 202 42.87 -17.92 -14.91
CA LEU J 202 43.86 -17.67 -13.88
C LEU J 202 45.23 -17.63 -14.56
N PHE J 203 46.08 -16.68 -14.17
CA PHE J 203 47.42 -16.60 -14.73
C PHE J 203 48.38 -15.94 -13.76
N GLN J 204 49.30 -16.76 -13.23
CA GLN J 204 50.33 -16.28 -12.32
C GLN J 204 51.71 -16.82 -12.67
N LEU J 205 52.73 -16.03 -12.36
CA LEU J 205 54.10 -16.49 -12.43
C LEU J 205 54.87 -16.01 -11.22
N ASN J 206 55.43 -16.97 -10.48
CA ASN J 206 56.47 -16.65 -9.50
C ASN J 206 57.79 -17.29 -9.94
N GLY J 207 58.84 -16.48 -9.88
CA GLY J 207 60.14 -16.91 -10.32
C GLY J 207 60.63 -16.02 -11.44
N SER J 208 61.26 -16.60 -12.44
CA SER J 208 61.98 -15.84 -13.43
C SER J 208 61.99 -16.54 -14.78
N MET J 209 61.72 -15.78 -15.84
CA MET J 209 61.71 -16.30 -17.21
C MET J 209 62.04 -15.20 -18.20
N THR J 210 62.69 -15.57 -19.30
CA THR J 210 62.84 -14.66 -20.44
C THR J 210 61.53 -14.72 -21.21
N PRO J 211 61.21 -13.65 -21.96
CA PRO J 211 59.97 -13.63 -22.75
C PRO J 211 59.80 -14.89 -23.59
N ASP J 212 60.90 -15.33 -24.23
CA ASP J 212 60.92 -16.56 -25.03
C ASP J 212 60.48 -17.77 -24.23
N GLU J 213 61.13 -17.98 -23.08
CA GLU J 213 60.78 -19.08 -22.18
C GLU J 213 59.32 -18.97 -21.76
N PHE J 214 58.89 -17.76 -21.46
CA PHE J 214 57.51 -17.49 -21.12
C PHE J 214 56.59 -17.98 -22.24
N ARG J 215 56.91 -17.63 -23.48
CA ARG J 215 56.08 -18.06 -24.60
C ARG J 215 56.07 -19.59 -24.83
N GLN J 216 57.24 -20.22 -24.70
CA GLN J 216 57.35 -21.69 -24.83
C GLN J 216 56.54 -22.42 -23.76
N ALA J 217 56.70 -21.98 -22.52
CA ALA J 217 56.00 -22.56 -21.38
C ALA J 217 54.50 -22.44 -21.57
N PHE J 218 54.06 -21.26 -22.01
CA PHE J 218 52.67 -20.96 -22.30
C PHE J 218 52.06 -21.97 -23.28
N ASP J 219 52.79 -22.28 -24.37
CA ASP J 219 52.36 -23.29 -25.37
C ASP J 219 52.16 -24.67 -24.76
N LEU J 220 53.11 -25.05 -23.91
CA LEU J 220 53.09 -26.34 -23.26
C LEU J 220 51.90 -26.49 -22.30
N ALA J 221 51.57 -25.40 -21.63
CA ALA J 221 50.41 -25.39 -20.73
C ALA J 221 49.12 -25.67 -21.49
N VAL J 222 49.02 -25.12 -22.70
CA VAL J 222 47.82 -25.28 -23.51
C VAL J 222 47.58 -26.75 -23.85
N LYS J 223 48.64 -27.45 -24.21
CA LYS J 223 48.51 -28.86 -24.58
C LYS J 223 48.08 -29.69 -23.38
N GLY J 224 48.69 -29.38 -22.23
CA GLY J 224 48.33 -30.04 -20.97
C GLY J 224 46.89 -29.77 -20.64
N ILE J 225 46.54 -28.49 -20.68
CA ILE J 225 45.17 -28.04 -20.38
C ILE J 225 44.15 -28.76 -21.26
N ASN J 226 44.46 -28.88 -22.56
CA ASN J 226 43.56 -29.56 -23.49
C ASN J 226 43.30 -31.02 -23.14
N ILE J 227 44.33 -31.69 -22.60
CA ILE J 227 44.17 -33.07 -22.22
C ILE J 227 43.30 -33.17 -20.97
N ILE J 228 43.59 -32.31 -20.01
CA ILE J 228 42.83 -32.27 -18.78
C ILE J 228 41.34 -32.01 -19.07
N TYR J 229 41.10 -31.08 -19.98
CA TYR J 229 39.78 -30.66 -20.35
C TYR J 229 38.92 -31.84 -20.82
N ASN J 230 39.49 -32.68 -21.68
CA ASN J 230 38.76 -33.84 -22.16
C ASN J 230 38.36 -34.76 -21.03
N LEU J 231 39.24 -34.86 -20.04
CA LEU J 231 38.99 -35.72 -18.90
C LEU J 231 37.85 -35.13 -18.08
N GLU J 232 37.86 -33.81 -17.93
CA GLU J 232 36.80 -33.12 -17.23
C GLU J 232 35.47 -33.39 -17.90
N ARG J 233 35.46 -33.27 -19.22
CA ARG J 233 34.27 -33.52 -20.01
C ARG J 233 33.73 -34.93 -19.82
N GLU J 234 34.64 -35.88 -19.72
CA GLU J 234 34.27 -37.28 -19.58
C GLU J 234 33.76 -37.53 -18.17
N ALA J 235 34.36 -36.84 -17.20
CA ALA J 235 33.96 -36.92 -15.79
C ALA J 235 32.53 -36.49 -15.63
N LEU J 236 32.13 -35.54 -16.47
CA LEU J 236 30.79 -34.98 -16.46
C LEU J 236 29.74 -36.03 -16.85
N LYS J 237 30.09 -36.88 -17.81
CA LYS J 237 29.18 -37.93 -18.25
C LYS J 237 29.18 -39.15 -17.33
N SER J 238 30.36 -39.60 -16.92
CA SER J 238 30.49 -40.87 -16.21
C SER J 238 30.66 -40.73 -14.71
N LYS J 239 30.79 -39.48 -14.23
CA LYS J 239 30.96 -39.18 -12.79
C LYS J 239 32.29 -39.66 -12.18
N TYR J 240 33.08 -40.38 -12.97
CA TYR J 240 34.34 -40.96 -12.50
C TYR J 240 35.35 -41.18 -13.63
N VAL J 241 36.56 -40.65 -13.45
CA VAL J 241 37.60 -40.74 -14.47
C VAL J 241 38.97 -40.99 -13.85
N GLU J 242 39.65 -42.01 -14.36
CA GLU J 242 41.04 -42.26 -14.01
C GLU J 242 41.90 -42.09 -15.24
N PHE J 243 43.04 -41.43 -15.07
CA PHE J 243 43.97 -41.22 -16.16
C PHE J 243 45.40 -41.43 -15.68
N LYS J 244 46.06 -42.48 -16.18
CA LYS J 244 47.45 -42.74 -15.84
C LYS J 244 48.33 -41.74 -16.59
N GLU J 245 49.48 -41.39 -16.00
CA GLU J 245 50.38 -40.37 -16.57
C GLU J 245 50.76 -40.69 -18.03
N GLU J 246 50.82 -39.65 -18.87
CA GLU J 246 51.39 -39.78 -20.21
C GLU J 246 51.77 -38.45 -20.87
N GLY J 247 52.52 -38.55 -21.97
CA GLY J 247 53.03 -37.40 -22.70
C GLY J 247 51.98 -36.60 -23.42
N VAL J 248 52.27 -35.30 -23.58
CA VAL J 248 51.40 -34.36 -24.29
C VAL J 248 51.40 -34.65 -25.80
N MET K 1 30.03 -14.86 23.99
CA MET K 1 28.54 -14.85 23.85
C MET K 1 28.01 -16.05 23.07
N SER K 2 27.08 -16.79 23.65
CA SER K 2 26.45 -17.93 22.98
C SER K 2 24.98 -17.64 22.78
N SER K 3 24.51 -17.69 21.54
CA SER K 3 23.10 -17.35 21.24
C SER K 3 22.39 -18.39 20.40
N THR K 4 21.06 -18.44 20.53
CA THR K 4 20.24 -19.37 19.77
C THR K 4 20.46 -19.16 18.28
N PRO K 5 20.86 -20.23 17.56
CA PRO K 5 21.11 -20.12 16.12
C PRO K 5 19.89 -19.70 15.33
N SER K 6 20.03 -18.61 14.57
CA SER K 6 18.92 -18.00 13.79
C SER K 6 18.74 -18.65 12.42
N ASN K 7 19.77 -19.36 11.97
CA ASN K 7 19.72 -20.16 10.74
C ASN K 7 18.96 -21.47 10.95
N GLN K 8 18.87 -21.88 12.23
CA GLN K 8 18.47 -23.21 12.68
C GLN K 8 17.15 -23.72 12.13
N ASN K 9 17.28 -24.63 11.18
CA ASN K 9 16.19 -25.24 10.40
C ASN K 9 14.92 -25.65 11.19
N ILE K 10 13.81 -24.95 10.94
CA ILE K 10 12.52 -25.26 11.57
C ILE K 10 11.68 -26.16 10.65
N ILE K 11 11.42 -27.38 11.13
CA ILE K 11 10.86 -28.46 10.33
C ILE K 11 9.38 -28.69 10.69
N PRO K 12 8.46 -28.47 9.73
CA PRO K 12 7.01 -28.35 9.97
C PRO K 12 6.42 -29.50 10.77
N ILE K 13 5.41 -29.16 11.57
CA ILE K 13 4.76 -30.13 12.45
C ILE K 13 4.30 -31.38 11.69
N ILE K 14 3.77 -31.15 10.48
CA ILE K 14 3.24 -32.20 9.62
C ILE K 14 4.27 -33.25 9.30
N LYS K 15 5.50 -32.82 9.00
CA LYS K 15 6.59 -33.76 8.70
C LYS K 15 7.05 -34.47 9.95
N LYS K 16 7.02 -33.77 11.09
CA LYS K 16 7.44 -34.36 12.36
C LYS K 16 6.51 -35.50 12.75
N GLU K 17 5.21 -35.23 12.67
CA GLU K 17 4.20 -36.25 12.94
C GLU K 17 4.37 -37.47 12.04
N SER K 18 4.72 -37.24 10.78
CA SER K 18 5.04 -38.31 9.86
C SER K 18 6.04 -39.24 10.44
N ILE K 19 7.13 -38.67 10.92
CA ILE K 19 8.25 -39.44 11.43
C ILE K 19 7.88 -40.13 12.75
N VAL K 20 7.19 -39.42 13.62
CA VAL K 20 6.74 -40.01 14.87
C VAL K 20 5.84 -41.21 14.57
N SER K 21 4.87 -41.02 13.68
CA SER K 21 3.97 -42.10 13.28
C SER K 21 4.71 -43.39 12.92
N LEU K 22 5.91 -43.24 12.37
CA LEU K 22 6.73 -44.39 11.99
C LEU K 22 7.40 -45.02 13.22
N PHE K 23 7.87 -44.18 14.11
CA PHE K 23 8.48 -44.61 15.36
C PHE K 23 7.52 -45.43 16.17
N GLU K 24 6.24 -45.05 16.11
CA GLU K 24 5.18 -45.77 16.81
C GLU K 24 5.08 -47.22 16.34
N LYS K 25 5.48 -47.47 15.09
CA LYS K 25 5.52 -48.82 14.56
C LYS K 25 6.92 -49.38 14.66
N GLY K 26 7.82 -48.61 15.24
CA GLY K 26 9.20 -49.06 15.49
C GLY K 26 10.07 -49.12 14.26
N ILE K 27 9.97 -48.09 13.42
CA ILE K 27 10.72 -48.05 12.18
C ILE K 27 10.93 -46.61 11.79
N ARG K 28 11.97 -46.36 10.99
CA ARG K 28 12.33 -45.01 10.57
C ARG K 28 12.25 -44.83 9.07
N GLN K 29 12.46 -43.59 8.62
CA GLN K 29 12.38 -43.26 7.20
C GLN K 29 13.25 -44.16 6.32
N ASP K 30 14.51 -44.31 6.73
CA ASP K 30 15.47 -45.14 5.99
C ASP K 30 15.25 -46.65 6.19
N GLY K 31 14.34 -46.99 7.09
CA GLY K 31 13.92 -48.37 7.26
C GLY K 31 14.58 -49.14 8.37
N ARG K 32 15.48 -48.48 9.10
CA ARG K 32 16.13 -49.14 10.23
C ARG K 32 15.28 -49.07 11.50
N LYS K 33 15.68 -49.88 12.49
CA LYS K 33 15.00 -49.93 13.76
C LYS K 33 15.46 -48.77 14.64
N LEU K 34 14.74 -48.54 15.74
CA LEU K 34 15.03 -47.45 16.62
C LEU K 34 16.41 -47.55 17.24
N THR K 35 16.95 -48.77 17.31
CA THR K 35 18.27 -49.01 17.92
C THR K 35 19.42 -49.28 16.94
N ASP K 36 19.14 -49.20 15.64
CA ASP K 36 20.12 -49.49 14.59
C ASP K 36 21.04 -48.30 14.30
N TYR K 37 22.30 -48.62 13.96
CA TYR K 37 23.22 -47.64 13.38
C TYR K 37 23.07 -47.57 11.87
N ARG K 38 23.48 -46.46 11.29
CA ARG K 38 23.52 -46.34 9.83
C ARG K 38 24.72 -47.13 9.32
N PRO K 39 24.75 -47.42 7.99
CA PRO K 39 25.88 -48.14 7.40
C PRO K 39 27.19 -47.41 7.63
N LEU K 40 28.24 -48.16 7.94
CA LEU K 40 29.53 -47.57 8.27
C LEU K 40 30.66 -47.98 7.32
N SER K 41 31.31 -46.97 6.75
CA SER K 41 32.50 -47.14 5.92
C SER K 41 33.66 -46.49 6.61
N ILE K 42 34.78 -47.18 6.65
CA ILE K 42 36.02 -46.57 7.06
C ILE K 42 37.12 -46.87 6.04
N THR K 43 37.73 -45.78 5.55
CA THR K 43 38.88 -45.84 4.65
C THR K 43 40.08 -45.26 5.37
N LEU K 44 41.09 -46.10 5.60
CA LEU K 44 42.30 -45.70 6.30
C LEU K 44 43.29 -45.09 5.35
N ASP K 45 44.15 -44.23 5.87
CA ASP K 45 45.22 -43.61 5.09
C ASP K 45 44.69 -42.90 3.85
N TYR K 46 43.56 -42.23 4.00
CA TYR K 46 42.94 -41.49 2.91
C TYR K 46 43.75 -40.21 2.56
N ALA K 47 44.25 -39.52 3.58
CA ALA K 47 45.07 -38.33 3.43
C ALA K 47 46.54 -38.72 3.56
N LYS K 48 47.20 -38.88 2.41
CA LYS K 48 48.52 -39.53 2.35
C LYS K 48 49.61 -38.78 3.11
N LYS K 49 49.57 -37.45 3.05
CA LYS K 49 50.60 -36.67 3.71
C LYS K 49 50.37 -36.54 5.23
N ALA K 50 49.34 -37.21 5.73
CA ALA K 50 49.08 -37.30 7.16
C ALA K 50 49.82 -38.49 7.76
N ASP K 51 50.19 -38.38 9.03
CA ASP K 51 50.90 -39.47 9.69
C ASP K 51 49.99 -40.68 9.85
N GLY K 52 48.70 -40.40 10.03
CA GLY K 52 47.66 -41.41 10.06
C GLY K 52 46.35 -40.70 9.77
N SER K 53 45.43 -41.37 9.08
CA SER K 53 44.19 -40.74 8.68
C SER K 53 43.10 -41.75 8.43
N ALA K 54 41.85 -41.28 8.42
CA ALA K 54 40.70 -42.12 8.20
C ALA K 54 39.55 -41.30 7.62
N LEU K 55 38.90 -41.85 6.59
CA LEU K 55 37.66 -41.28 6.08
C LEU K 55 36.50 -42.14 6.57
N VAL K 56 35.57 -41.52 7.28
CA VAL K 56 34.42 -42.23 7.85
C VAL K 56 33.14 -41.80 7.17
N LYS K 57 32.42 -42.78 6.62
CA LYS K 57 31.07 -42.52 6.13
C LYS K 57 30.09 -43.25 7.03
N LEU K 58 29.27 -42.47 7.75
CA LEU K 58 28.20 -43.02 8.56
C LEU K 58 26.90 -42.43 8.02
N GLY K 59 26.12 -43.25 7.33
CA GLY K 59 24.97 -42.74 6.57
C GLY K 59 25.48 -41.74 5.56
N THR K 60 24.93 -40.51 5.61
CA THR K 60 25.36 -39.44 4.70
C THR K 60 26.40 -38.52 5.34
N THR K 61 26.75 -38.79 6.60
CA THR K 61 27.78 -37.99 7.28
C THR K 61 29.18 -38.46 6.89
N MET K 62 30.02 -37.51 6.49
CA MET K 62 31.42 -37.79 6.18
C MET K 62 32.38 -37.00 7.04
N VAL K 63 33.35 -37.71 7.60
CA VAL K 63 34.36 -37.07 8.42
C VAL K 63 35.72 -37.62 8.02
N LEU K 64 36.64 -36.70 7.74
CA LEU K 64 38.04 -37.01 7.55
C LEU K 64 38.88 -36.49 8.72
N ALA K 65 39.42 -37.44 9.50
CA ALA K 65 40.38 -37.13 10.56
C ALA K 65 41.82 -37.43 10.11
N GLY K 66 42.75 -36.59 10.54
CA GLY K 66 44.15 -36.78 10.19
C GLY K 66 45.06 -36.35 11.31
N THR K 67 46.14 -37.10 11.51
CA THR K 67 47.09 -36.81 12.58
C THR K 67 48.41 -36.32 12.03
N LYS K 68 49.07 -35.54 12.85
CA LYS K 68 50.37 -35.00 12.54
C LYS K 68 51.17 -35.01 13.83
N LEU K 69 52.35 -35.59 13.81
CA LEU K 69 53.21 -35.70 14.99
C LEU K 69 54.39 -34.77 14.95
N GLU K 70 54.60 -34.04 16.04
CA GLU K 70 55.69 -33.07 16.16
C GLU K 70 56.35 -33.14 17.53
N ILE K 71 57.64 -32.83 17.55
CA ILE K 71 58.41 -32.83 18.79
C ILE K 71 58.33 -31.47 19.47
N ASP K 72 57.91 -31.47 20.73
CA ASP K 72 57.74 -30.27 21.52
C ASP K 72 58.37 -30.42 22.89
N LYS K 73 58.74 -29.31 23.51
CA LYS K 73 59.06 -29.30 24.92
C LYS K 73 57.74 -29.55 25.64
N PRO K 74 57.73 -30.41 26.67
CA PRO K 74 56.47 -30.67 27.39
C PRO K 74 56.01 -29.42 28.15
N TYR K 75 54.71 -29.27 28.34
CA TYR K 75 54.18 -28.18 29.15
C TYR K 75 54.67 -28.36 30.58
N GLU K 76 55.18 -27.28 31.17
CA GLU K 76 55.57 -27.25 32.58
C GLU K 76 54.46 -27.87 33.45
N ASP K 77 53.20 -27.55 33.11
CA ASP K 77 51.99 -28.11 33.74
C ASP K 77 51.83 -29.65 33.70
N THR K 78 52.70 -30.36 32.97
CA THR K 78 52.63 -31.82 32.72
C THR K 78 53.97 -32.33 32.18
N PRO K 79 54.97 -32.52 33.06
CA PRO K 79 56.35 -32.75 32.62
C PRO K 79 56.62 -34.13 32.00
N ASN K 80 55.78 -35.12 32.32
CA ASN K 80 55.99 -36.50 31.86
C ASN K 80 54.83 -37.01 31.01
N GLN K 81 54.39 -36.14 30.11
CA GLN K 81 53.30 -36.44 29.21
C GLN K 81 53.57 -35.80 27.87
N GLY K 82 53.23 -36.53 26.83
CA GLY K 82 53.11 -35.96 25.51
C GLY K 82 51.84 -35.16 25.43
N ASN K 83 51.57 -34.59 24.27
CA ASN K 83 50.41 -33.73 24.10
C ASN K 83 49.42 -34.28 23.10
N LEU K 84 48.14 -34.12 23.39
CA LEU K 84 47.08 -34.39 22.42
C LEU K 84 46.31 -33.10 22.19
N ILE K 85 46.23 -32.67 20.94
CA ILE K 85 45.43 -31.50 20.60
C ILE K 85 44.43 -31.88 19.54
N VAL K 86 43.16 -31.80 19.90
CA VAL K 86 42.08 -32.19 19.02
C VAL K 86 41.43 -30.96 18.45
N ASN K 87 41.13 -31.00 17.17
CA ASN K 87 40.52 -29.85 16.50
C ASN K 87 39.51 -30.29 15.46
N VAL K 88 38.34 -29.67 15.50
CA VAL K 88 37.25 -30.05 14.62
C VAL K 88 36.82 -28.88 13.74
N GLU K 89 36.62 -29.15 12.44
CA GLU K 89 36.09 -28.14 11.54
C GLU K 89 34.86 -28.63 10.81
N LEU K 90 33.81 -27.83 10.87
CA LEU K 90 32.60 -28.01 10.08
C LEU K 90 32.72 -27.11 8.87
N LEU K 91 32.39 -27.65 7.70
CA LEU K 91 32.61 -26.91 6.45
C LEU K 91 31.34 -26.44 5.75
N PRO K 92 30.27 -27.27 5.73
CA PRO K 92 29.01 -26.87 5.05
C PRO K 92 28.44 -25.52 5.52
N ASP K 104 34.33 -21.93 15.62
CA ASP K 104 32.85 -22.01 15.68
C ASP K 104 32.31 -21.97 17.11
N GLU K 105 31.92 -23.14 17.64
CA GLU K 105 31.24 -23.31 18.95
C GLU K 105 30.77 -24.75 19.09
N ASN K 106 30.00 -25.20 18.10
CA ASN K 106 29.66 -26.60 17.97
C ASN K 106 30.92 -27.35 17.67
N ALA K 107 31.78 -26.74 16.86
CA ALA K 107 33.06 -27.33 16.51
C ALA K 107 33.94 -27.51 17.74
N ILE K 108 33.95 -26.49 18.59
CA ILE K 108 34.69 -26.55 19.82
C ILE K 108 34.12 -27.61 20.74
N GLU K 109 32.80 -27.61 20.94
CA GLU K 109 32.16 -28.65 21.75
C GLU K 109 32.59 -30.03 21.31
N LEU K 110 32.40 -30.33 20.03
CA LEU K 110 32.80 -31.61 19.43
C LEU K 110 34.25 -31.96 19.75
N ALA K 111 35.16 -31.02 19.46
CA ALA K 111 36.58 -31.24 19.71
C ALA K 111 36.83 -31.62 21.16
N ARG K 112 36.18 -30.92 22.08
CA ARG K 112 36.40 -31.16 23.51
C ARG K 112 35.80 -32.48 23.95
N VAL K 113 34.62 -32.82 23.42
CA VAL K 113 33.95 -34.06 23.84
C VAL K 113 34.80 -35.23 23.40
N VAL K 114 35.19 -35.23 22.13
CA VAL K 114 36.08 -36.24 21.58
C VAL K 114 37.36 -36.33 22.41
N ASP K 115 37.99 -35.17 22.63
CA ASP K 115 39.21 -35.04 23.43
C ASP K 115 39.03 -35.75 24.78
N ARG K 116 38.03 -35.30 25.53
CA ARG K 116 37.76 -35.82 26.85
C ARG K 116 37.63 -37.33 26.87
N SER K 117 36.94 -37.90 25.88
CA SER K 117 36.73 -39.34 25.86
C SER K 117 38.02 -40.09 25.50
N LEU K 118 38.90 -39.47 24.72
CA LEU K 118 40.20 -40.09 24.42
C LEU K 118 41.21 -39.98 25.58
N ARG K 119 41.19 -38.83 26.23
CA ARG K 119 42.12 -38.52 27.32
C ARG K 119 41.75 -39.22 28.63
N ASP K 120 40.51 -39.08 29.06
CA ASP K 120 40.05 -39.65 30.35
C ASP K 120 40.08 -41.18 30.35
N SER K 121 39.81 -41.78 29.19
CA SER K 121 39.82 -43.23 29.06
C SER K 121 41.23 -43.80 29.10
N LYS K 122 42.22 -42.95 28.85
CA LYS K 122 43.58 -43.37 28.55
C LYS K 122 43.64 -44.30 27.33
N ALA K 123 42.74 -44.08 26.36
CA ALA K 123 42.78 -44.86 25.12
C ALA K 123 44.11 -44.61 24.46
N LEU K 124 44.51 -43.34 24.42
CA LEU K 124 45.88 -42.96 24.08
C LEU K 124 46.65 -42.65 25.34
N ASP K 125 47.81 -43.29 25.51
CA ASP K 125 48.61 -43.08 26.69
C ASP K 125 49.65 -42.00 26.46
N LEU K 126 49.40 -40.81 27.02
CA LEU K 126 50.28 -39.67 26.82
C LEU K 126 51.64 -39.81 27.48
N THR K 127 51.71 -40.60 28.55
CA THR K 127 52.94 -40.75 29.31
C THR K 127 53.95 -41.58 28.53
N LYS K 128 53.48 -42.33 27.55
CA LYS K 128 54.36 -43.10 26.67
C LYS K 128 54.81 -42.31 25.43
N LEU K 129 54.49 -41.01 25.39
CA LEU K 129 54.88 -40.15 24.28
C LEU K 129 56.07 -39.27 24.66
N VAL K 130 56.65 -39.53 25.83
CA VAL K 130 57.84 -38.84 26.29
C VAL K 130 59.06 -39.40 25.57
N ILE K 131 59.91 -38.50 25.09
CA ILE K 131 61.16 -38.91 24.45
C ILE K 131 62.30 -38.70 25.44
N GLU K 132 62.70 -37.44 25.62
CA GLU K 132 63.58 -37.07 26.73
C GLU K 132 62.70 -36.41 27.79
N PRO K 133 62.60 -37.02 29.00
CA PRO K 133 61.72 -36.47 30.04
C PRO K 133 62.06 -35.01 30.39
N GLY K 134 61.04 -34.17 30.46
CA GLY K 134 61.22 -32.74 30.69
C GLY K 134 61.84 -31.95 29.52
N LYS K 135 62.60 -32.64 28.67
CA LYS K 135 63.18 -32.01 27.49
C LYS K 135 62.26 -32.07 26.25
N SER K 136 61.87 -33.27 25.82
CA SER K 136 61.14 -33.41 24.55
C SER K 136 60.09 -34.55 24.49
N VAL K 137 58.90 -34.20 24.01
CA VAL K 137 57.78 -35.12 23.90
C VAL K 137 57.10 -35.05 22.54
N TRP K 138 56.28 -36.05 22.23
CA TRP K 138 55.50 -36.01 21.00
C TRP K 138 54.23 -35.20 21.23
N THR K 139 53.93 -34.30 20.30
CA THR K 139 52.62 -33.67 20.26
C THR K 139 51.85 -34.31 19.13
N VAL K 140 50.65 -34.79 19.45
CA VAL K 140 49.75 -35.36 18.47
C VAL K 140 48.65 -34.35 18.14
N TRP K 141 48.76 -33.75 16.97
CA TRP K 141 47.71 -32.90 16.45
C TRP K 141 46.70 -33.78 15.73
N LEU K 142 45.48 -33.77 16.24
CA LEU K 142 44.39 -34.50 15.61
C LEU K 142 43.40 -33.50 15.01
N ASP K 143 43.34 -33.44 13.69
CA ASP K 143 42.46 -32.50 12.99
C ASP K 143 41.33 -33.23 12.28
N VAL K 144 40.12 -32.91 12.66
CA VAL K 144 38.96 -33.66 12.24
C VAL K 144 38.07 -32.76 11.40
N TYR K 145 37.84 -33.14 10.14
CA TYR K 145 37.09 -32.32 9.19
C TYR K 145 35.77 -32.97 8.82
N VAL K 146 34.68 -32.33 9.23
CA VAL K 146 33.34 -32.72 8.83
C VAL K 146 33.09 -32.20 7.45
N LEU K 147 33.07 -33.13 6.49
CA LEU K 147 32.90 -32.81 5.08
C LEU K 147 31.43 -32.77 4.63
N ASP K 148 30.61 -33.64 5.22
CA ASP K 148 29.20 -33.74 4.88
C ASP K 148 28.39 -33.88 6.15
N TYR K 149 27.53 -32.91 6.40
CA TYR K 149 26.72 -32.94 7.62
C TYR K 149 25.46 -33.76 7.42
N GLY K 150 25.46 -35.00 7.88
CA GLY K 150 24.29 -35.86 7.75
C GLY K 150 23.65 -36.25 9.07
N GLY K 151 23.88 -35.44 10.11
CA GLY K 151 23.35 -35.77 11.44
C GLY K 151 24.28 -36.69 12.23
N ASN K 152 24.23 -36.56 13.56
CA ASN K 152 25.04 -37.37 14.47
C ASN K 152 26.53 -37.31 14.13
N VAL K 153 27.01 -36.09 13.99
CA VAL K 153 28.37 -35.82 13.62
C VAL K 153 29.35 -36.28 14.69
N LEU K 154 28.98 -36.11 15.96
CA LEU K 154 29.83 -36.56 17.08
C LEU K 154 30.30 -38.00 16.99
N ASP K 155 29.37 -38.92 16.84
CA ASP K 155 29.72 -40.33 16.73
C ASP K 155 30.66 -40.63 15.58
N ALA K 156 30.48 -39.93 14.46
CA ALA K 156 31.39 -40.08 13.32
C ALA K 156 32.78 -39.48 13.60
N CYS K 157 32.80 -38.36 14.32
CA CYS K 157 34.06 -37.76 14.71
C CYS K 157 34.91 -38.70 15.60
N THR K 158 34.24 -39.38 16.51
CA THR K 158 34.92 -40.28 17.42
C THR K 158 35.54 -41.40 16.62
N LEU K 159 34.73 -42.00 15.76
CA LEU K 159 35.19 -43.10 14.90
C LEU K 159 36.35 -42.70 13.97
N ALA K 160 36.24 -41.53 13.36
CA ALA K 160 37.30 -41.01 12.53
C ALA K 160 38.57 -40.77 13.33
N SER K 161 38.40 -40.21 14.53
CA SER K 161 39.54 -39.88 15.41
C SER K 161 40.25 -41.14 15.85
N VAL K 162 39.48 -42.09 16.35
CA VAL K 162 40.05 -43.35 16.79
C VAL K 162 40.79 -44.01 15.64
N ALA K 163 40.13 -44.12 14.49
CA ALA K 163 40.74 -44.78 13.32
C ALA K 163 42.00 -44.05 12.86
N ALA K 164 41.99 -42.73 12.90
CA ALA K 164 43.16 -41.99 12.49
C ALA K 164 44.34 -42.29 13.43
N LEU K 165 44.06 -42.32 14.73
CA LEU K 165 45.10 -42.60 15.72
C LEU K 165 45.71 -43.98 15.49
N TYR K 166 44.85 -44.95 15.21
CA TYR K 166 45.28 -46.30 14.97
C TYR K 166 46.05 -46.44 13.67
N ASN K 167 45.83 -45.51 12.76
CA ASN K 167 46.47 -45.57 11.47
C ASN K 167 47.80 -44.86 11.52
N THR K 168 48.03 -44.14 12.60
CA THR K 168 49.22 -43.28 12.73
C THR K 168 50.52 -44.05 12.83
N LYS K 169 51.45 -43.69 11.95
CA LYS K 169 52.82 -44.19 11.96
C LYS K 169 53.70 -43.23 12.75
N VAL K 170 54.59 -43.78 13.57
CA VAL K 170 55.58 -42.99 14.31
C VAL K 170 56.94 -43.15 13.65
N TYR K 171 57.71 -42.06 13.59
CA TYR K 171 58.98 -42.06 12.85
C TYR K 171 60.22 -42.11 13.75
N LYS K 172 61.36 -42.44 13.15
CA LYS K 172 62.64 -42.52 13.85
C LYS K 172 63.09 -41.17 14.38
N VAL K 173 63.72 -41.17 15.55
CA VAL K 173 64.13 -39.94 16.21
C VAL K 173 65.67 -39.82 16.29
N GLU K 174 66.23 -39.00 15.41
CA GLU K 174 67.68 -38.74 15.38
C GLU K 174 68.11 -37.82 16.54
N GLN K 175 68.73 -38.41 17.57
CA GLN K 175 69.16 -37.67 18.77
C GLN K 175 70.68 -37.52 18.82
N ILE K 180 66.43 -34.63 18.75
CA ILE K 180 66.85 -33.40 18.07
C ILE K 180 66.25 -33.30 16.65
N SER K 181 66.21 -34.42 15.93
CA SER K 181 65.69 -34.44 14.54
C SER K 181 64.77 -35.64 14.26
N VAL K 182 63.82 -35.45 13.36
CA VAL K 182 62.90 -36.52 12.92
C VAL K 182 63.32 -37.03 11.55
N ASN K 183 63.23 -38.35 11.36
CA ASN K 183 63.53 -38.99 10.09
C ASN K 183 62.28 -39.62 9.49
N LYS K 184 61.67 -38.93 8.54
CA LYS K 184 60.32 -39.26 8.07
C LYS K 184 60.23 -40.37 7.02
N ASN K 185 61.30 -41.13 6.83
CA ASN K 185 61.25 -42.29 5.95
C ASN K 185 61.69 -43.61 6.62
N GLU K 186 61.81 -43.56 7.95
CA GLU K 186 61.96 -44.75 8.75
C GLU K 186 60.83 -44.78 9.78
N VAL K 187 59.89 -45.69 9.58
CA VAL K 187 58.72 -45.84 10.46
C VAL K 187 59.08 -46.76 11.63
N VAL K 188 59.25 -46.16 12.81
CA VAL K 188 59.63 -46.90 14.03
C VAL K 188 58.51 -47.76 14.64
N GLY K 189 57.28 -47.27 14.61
CA GLY K 189 56.15 -47.99 15.19
C GLY K 189 54.83 -47.27 15.10
N LYS K 190 54.00 -47.45 16.11
CA LYS K 190 52.67 -46.88 16.13
C LYS K 190 52.42 -46.13 17.45
N LEU K 191 51.25 -45.53 17.57
CA LEU K 191 50.90 -44.79 18.78
C LEU K 191 50.64 -45.72 19.93
N PRO K 192 51.02 -45.31 21.15
CA PRO K 192 50.72 -46.11 22.34
C PRO K 192 49.22 -46.09 22.64
N LEU K 193 48.47 -46.94 21.97
CA LEU K 193 47.02 -46.98 22.14
C LEU K 193 46.62 -48.21 22.92
N ASN K 194 45.75 -48.00 23.91
CA ASN K 194 45.30 -49.09 24.77
C ASN K 194 44.13 -49.85 24.19
N TYR K 195 43.17 -49.08 23.67
CA TYR K 195 41.98 -49.64 23.07
C TYR K 195 41.28 -48.55 22.27
N PRO K 196 40.40 -48.98 21.34
CA PRO K 196 39.53 -48.03 20.69
C PRO K 196 38.44 -47.59 21.66
N VAL K 197 37.74 -46.51 21.29
CA VAL K 197 36.63 -46.03 22.07
C VAL K 197 35.53 -45.72 21.08
N VAL K 198 34.27 -45.90 21.48
CA VAL K 198 33.16 -45.43 20.64
C VAL K 198 32.27 -44.48 21.43
N THR K 199 31.67 -43.52 20.72
CA THR K 199 30.61 -42.73 21.29
C THR K 199 29.31 -43.09 20.61
N ILE K 200 28.27 -43.34 21.42
CA ILE K 200 26.95 -43.64 20.90
C ILE K 200 25.99 -42.56 21.30
N SER K 201 25.31 -41.97 20.32
CA SER K 201 24.35 -40.92 20.58
C SER K 201 22.91 -41.45 20.52
N VAL K 202 22.11 -41.07 21.52
CA VAL K 202 20.72 -41.49 21.60
C VAL K 202 19.87 -40.27 21.65
N ALA K 203 18.95 -40.14 20.70
CA ALA K 203 18.08 -38.97 20.58
C ALA K 203 16.72 -39.25 21.18
N LYS K 204 16.21 -38.26 21.89
CA LYS K 204 14.85 -38.28 22.42
C LYS K 204 13.94 -37.55 21.44
N VAL K 205 13.03 -38.29 20.81
CA VAL K 205 12.08 -37.69 19.90
C VAL K 205 10.71 -38.13 20.36
N ASP K 206 9.91 -37.14 20.75
CA ASP K 206 8.59 -37.38 21.33
C ASP K 206 8.77 -38.25 22.56
N LYS K 207 8.17 -39.43 22.58
CA LYS K 207 8.34 -40.36 23.69
C LYS K 207 9.27 -41.52 23.33
N TYR K 208 10.00 -41.37 22.22
CA TYR K 208 10.84 -42.45 21.67
C TYR K 208 12.34 -42.15 21.81
N LEU K 209 13.12 -43.20 21.94
CA LEU K 209 14.56 -43.07 21.92
C LEU K 209 15.10 -43.70 20.64
N VAL K 210 16.00 -42.98 19.98
CA VAL K 210 16.49 -43.38 18.69
C VAL K 210 18.02 -43.28 18.67
N VAL K 211 18.67 -44.34 18.20
CA VAL K 211 20.13 -44.42 18.14
C VAL K 211 20.61 -43.83 16.85
N ASP K 212 21.69 -43.06 16.91
CA ASP K 212 22.33 -42.51 15.71
C ASP K 212 21.34 -41.73 14.85
N PRO K 213 20.86 -40.58 15.35
CA PRO K 213 19.83 -39.82 14.62
C PRO K 213 20.38 -39.22 13.33
N ASP K 214 19.58 -39.29 12.27
CA ASP K 214 19.94 -38.64 11.00
C ASP K 214 19.57 -37.16 11.01
N LEU K 215 19.74 -36.52 9.86
CA LEU K 215 19.57 -35.08 9.76
C LEU K 215 18.16 -34.67 10.17
N ASP K 216 17.16 -35.33 9.58
CA ASP K 216 15.77 -35.07 9.89
C ASP K 216 15.43 -35.33 11.36
N GLU K 217 15.94 -36.44 11.89
CA GLU K 217 15.68 -36.83 13.25
C GLU K 217 16.27 -35.81 14.23
N GLU K 218 17.44 -35.29 13.89
CA GLU K 218 18.08 -34.32 14.77
C GLU K 218 17.30 -33.03 14.86
N SER K 219 16.66 -32.62 13.76
CA SER K 219 15.92 -31.37 13.74
C SER K 219 14.60 -31.45 14.49
N ILE K 220 14.10 -32.65 14.73
CA ILE K 220 12.83 -32.81 15.47
C ILE K 220 12.98 -33.31 16.90
N MET K 221 14.18 -33.72 17.28
CA MET K 221 14.44 -34.24 18.61
C MET K 221 14.28 -33.18 19.68
N ASP K 222 13.88 -33.62 20.88
CA ASP K 222 13.91 -32.76 22.06
C ASP K 222 15.37 -32.49 22.44
N ALA K 223 16.14 -33.57 22.57
CA ALA K 223 17.53 -33.51 22.97
C ALA K 223 18.18 -34.84 22.62
N LYS K 224 19.51 -34.87 22.61
CA LYS K 224 20.24 -36.13 22.49
C LYS K 224 21.31 -36.27 23.56
N ILE K 225 21.72 -37.50 23.82
CA ILE K 225 22.69 -37.77 24.85
C ILE K 225 23.70 -38.79 24.34
N SER K 226 24.98 -38.45 24.47
CA SER K 226 26.06 -39.26 23.89
C SER K 226 26.88 -39.94 24.99
N PHE K 227 27.03 -41.24 24.87
CA PHE K 227 27.79 -42.00 25.82
C PHE K 227 29.03 -42.53 25.14
N SER K 228 30.17 -42.42 25.81
CA SER K 228 31.40 -42.97 25.30
C SER K 228 31.75 -44.21 26.11
N TYR K 229 32.13 -45.27 25.40
CA TYR K 229 32.51 -46.53 26.02
C TYR K 229 33.89 -47.04 25.62
N THR K 230 34.53 -47.74 26.56
CA THR K 230 35.71 -48.55 26.27
C THR K 230 35.22 -49.96 26.00
N PRO K 231 36.06 -50.81 25.39
CA PRO K 231 35.69 -52.19 25.03
C PRO K 231 35.18 -53.03 26.20
N ASP K 232 35.71 -52.81 27.40
CA ASP K 232 35.12 -53.47 28.57
C ASP K 232 33.85 -52.75 29.09
N LEU K 233 33.31 -51.85 28.28
CA LEU K 233 32.03 -51.20 28.56
C LEU K 233 31.98 -50.34 29.83
N LYS K 234 33.09 -49.68 30.12
CA LYS K 234 33.11 -48.63 31.13
C LYS K 234 32.65 -47.34 30.43
N ILE K 235 31.79 -46.57 31.09
CA ILE K 235 31.39 -45.25 30.60
C ILE K 235 32.57 -44.30 30.80
N VAL K 236 32.85 -43.50 29.77
CA VAL K 236 34.09 -42.73 29.70
C VAL K 236 33.85 -41.23 29.35
N GLY K 237 32.61 -40.93 29.00
CA GLY K 237 32.17 -39.58 28.77
C GLY K 237 30.67 -39.59 28.57
N ILE K 238 29.98 -38.57 29.05
CA ILE K 238 28.59 -38.35 28.68
C ILE K 238 28.39 -36.88 28.35
N GLN K 239 27.57 -36.62 27.33
CA GLN K 239 27.27 -35.24 26.91
C GLN K 239 25.83 -35.15 26.41
N LYS K 240 25.01 -34.41 27.15
CA LYS K 240 23.67 -34.11 26.71
C LYS K 240 23.78 -32.97 25.72
N SER K 241 22.92 -33.01 24.71
CA SER K 241 22.92 -32.04 23.66
C SER K 241 21.48 -31.67 23.34
N GLY K 242 21.29 -30.44 22.86
CA GLY K 242 19.99 -30.06 22.30
C GLY K 242 19.25 -29.08 23.15
N LYS K 243 18.24 -28.43 22.60
CA LYS K 243 17.59 -27.33 23.26
C LYS K 243 16.46 -27.81 24.16
N GLY K 244 16.22 -29.10 24.18
CA GLY K 244 15.15 -29.60 25.02
C GLY K 244 15.66 -30.39 26.20
N SER K 245 14.73 -30.91 27.00
CA SER K 245 15.08 -31.68 28.18
C SER K 245 14.74 -33.16 28.01
N MET K 246 14.99 -33.92 29.07
CA MET K 246 14.92 -35.38 29.00
C MET K 246 14.68 -35.86 30.41
N SER K 247 13.84 -36.86 30.58
CA SER K 247 13.55 -37.34 31.93
C SER K 247 14.65 -38.26 32.46
N LEU K 248 14.56 -38.52 33.76
CA LEU K 248 15.50 -39.40 34.46
C LEU K 248 15.52 -40.76 33.80
N GLN K 249 14.33 -41.33 33.65
CA GLN K 249 14.18 -42.65 33.05
C GLN K 249 14.54 -42.72 31.59
N ASP K 250 14.38 -41.60 30.88
CA ASP K 250 14.84 -41.50 29.50
C ASP K 250 16.35 -41.73 29.43
N ILE K 251 17.08 -41.09 30.34
CA ILE K 251 18.54 -41.21 30.41
C ILE K 251 18.97 -42.61 30.83
N ASP K 252 18.27 -43.16 31.81
CA ASP K 252 18.46 -44.54 32.23
C ASP K 252 18.37 -45.49 31.02
N GLN K 253 17.27 -45.44 30.28
CA GLN K 253 17.05 -46.32 29.12
C GLN K 253 18.02 -46.06 28.00
N ALA K 254 18.34 -44.79 27.79
CA ALA K 254 19.28 -44.38 26.77
C ALA K 254 20.66 -45.00 26.98
N GLU K 255 21.12 -45.08 28.23
CA GLU K 255 22.45 -45.63 28.46
C GLU K 255 22.43 -47.16 28.28
N ASN K 256 21.36 -47.80 28.75
CA ASN K 256 21.13 -49.21 28.48
C ASN K 256 21.23 -49.49 26.99
N THR K 257 20.45 -48.76 26.21
CA THR K 257 20.42 -48.88 24.76
C THR K 257 21.80 -48.61 24.19
N ALA K 258 22.38 -47.47 24.56
CA ALA K 258 23.70 -47.08 24.10
C ALA K 258 24.73 -48.19 24.31
N ARG K 259 24.68 -48.82 25.48
CA ARG K 259 25.67 -49.81 25.83
C ARG K 259 25.60 -51.03 24.93
N SER K 260 24.40 -51.57 24.70
CA SER K 260 24.29 -52.78 23.88
C SER K 260 24.52 -52.49 22.39
N THR K 261 24.44 -51.21 22.05
CA THR K 261 24.82 -50.76 20.72
C THR K 261 26.34 -50.71 20.62
N ALA K 262 26.98 -50.19 21.66
CA ALA K 262 28.43 -50.05 21.73
C ALA K 262 29.19 -51.31 21.34
N VAL K 263 28.69 -52.45 21.81
CA VAL K 263 29.31 -53.74 21.54
C VAL K 263 29.39 -53.99 20.04
N LYS K 264 28.26 -53.82 19.34
CA LYS K 264 28.18 -54.01 17.90
C LYS K 264 29.11 -53.07 17.16
N LEU K 265 29.08 -51.82 17.58
CA LEU K 265 29.84 -50.78 16.91
C LEU K 265 31.34 -50.99 17.12
N LEU K 266 31.73 -51.45 18.31
CA LEU K 266 33.13 -51.72 18.59
C LEU K 266 33.65 -52.83 17.72
N GLU K 267 32.84 -53.86 17.55
CA GLU K 267 33.21 -55.02 16.73
C GLU K 267 33.44 -54.59 15.29
N GLU K 268 32.54 -53.74 14.79
CA GLU K 268 32.61 -53.29 13.42
C GLU K 268 33.80 -52.37 13.22
N LEU K 269 34.05 -51.52 14.22
CA LEU K 269 35.22 -50.62 14.21
C LEU K 269 36.51 -51.41 14.11
N LYS K 270 36.61 -52.47 14.90
CA LYS K 270 37.81 -53.31 14.93
C LYS K 270 38.06 -54.00 13.60
N LYS K 271 36.99 -54.49 12.96
CA LYS K 271 37.08 -55.05 11.62
C LYS K 271 37.69 -54.06 10.64
N HIS K 272 37.26 -52.81 10.72
CA HIS K 272 37.82 -51.77 9.87
C HIS K 272 39.29 -51.50 10.16
N LEU K 273 39.65 -51.47 11.44
CA LEU K 273 41.02 -51.16 11.88
C LEU K 273 41.97 -52.33 11.75
N GLY K 274 41.43 -53.52 11.49
CA GLY K 274 42.19 -54.76 11.55
C GLY K 274 42.42 -55.11 13.01
N ILE K 275 41.35 -55.02 13.81
CA ILE K 275 41.35 -55.05 15.28
C ILE K 275 42.28 -53.97 15.90
N ARG L 2 62.99 -50.89 45.07
CA ARG L 2 62.50 -52.29 44.90
C ARG L 2 60.97 -52.37 45.06
N GLU L 3 60.47 -51.98 46.24
CA GLU L 3 59.02 -51.96 46.55
C GLU L 3 58.56 -50.74 47.38
N MET L 4 59.47 -50.19 48.19
CA MET L 4 59.14 -49.12 49.12
C MET L 4 58.82 -47.76 48.44
N LEU L 5 58.64 -47.81 47.13
CA LEU L 5 58.07 -46.70 46.36
C LEU L 5 56.55 -46.66 46.66
N GLN L 6 55.91 -45.51 46.51
CA GLN L 6 54.49 -45.38 46.85
C GLN L 6 53.73 -44.50 45.89
N VAL L 7 52.48 -44.89 45.61
CA VAL L 7 51.43 -44.06 44.97
C VAL L 7 51.46 -42.55 45.31
N GLU L 8 51.13 -41.70 44.33
CA GLU L 8 51.39 -40.26 44.42
C GLU L 8 50.17 -39.39 44.69
N ARG L 9 49.02 -39.78 44.12
CA ARG L 9 47.75 -39.04 44.31
C ARG L 9 47.13 -39.31 45.69
N PRO L 10 46.63 -38.26 46.36
CA PRO L 10 46.13 -38.34 47.74
C PRO L 10 44.82 -39.13 47.89
N LYS L 11 44.59 -39.72 49.05
CA LYS L 11 43.31 -40.35 49.33
C LYS L 11 42.24 -39.27 49.51
N LEU L 12 41.03 -39.51 48.98
CA LEU L 12 39.95 -38.53 49.08
C LEU L 12 38.83 -38.95 50.05
N ILE L 13 38.77 -40.25 50.34
CA ILE L 13 37.89 -40.77 51.39
C ILE L 13 38.77 -41.22 52.55
N LEU L 14 38.58 -40.57 53.70
CA LEU L 14 39.46 -40.67 54.86
C LEU L 14 38.74 -41.25 56.08
N ASP L 15 39.15 -40.82 57.28
CA ASP L 15 38.64 -41.37 58.53
C ASP L 15 37.14 -41.21 58.65
N ASP L 16 36.52 -42.15 59.35
CA ASP L 16 35.06 -42.34 59.30
C ASP L 16 34.74 -42.56 57.82
N GLY L 17 33.80 -41.82 57.27
CA GLY L 17 33.65 -41.89 55.82
C GLY L 17 33.97 -40.56 55.18
N LYS L 18 34.93 -39.82 55.74
CA LYS L 18 34.92 -38.39 55.46
C LYS L 18 35.87 -37.91 54.39
N ARG L 19 35.49 -36.80 53.78
CA ARG L 19 36.18 -36.19 52.66
C ARG L 19 37.17 -35.13 53.13
N THR L 20 37.99 -34.63 52.22
CA THR L 20 39.05 -33.67 52.55
C THR L 20 38.55 -32.43 53.29
N ASP L 21 37.28 -32.07 53.09
CA ASP L 21 36.71 -30.92 53.77
C ASP L 21 35.88 -31.32 54.98
N GLY L 22 35.93 -32.60 55.32
CA GLY L 22 35.22 -33.11 56.49
C GLY L 22 33.80 -33.55 56.24
N ARG L 23 33.36 -33.46 54.99
CA ARG L 23 32.01 -33.87 54.61
C ARG L 23 31.90 -35.38 54.44
N LYS L 24 30.70 -35.89 54.70
CA LYS L 24 30.35 -37.26 54.32
C LYS L 24 30.03 -37.30 52.83
N PRO L 25 30.04 -38.51 52.24
CA PRO L 25 29.73 -38.66 50.81
C PRO L 25 28.37 -38.10 50.38
N ASP L 26 27.41 -38.07 51.30
CA ASP L 26 26.06 -37.62 50.99
C ASP L 26 25.75 -36.21 51.47
N GLU L 27 26.77 -35.37 51.67
CA GLU L 27 26.54 -34.01 52.18
C GLU L 27 26.86 -32.89 51.20
N LEU L 28 25.92 -31.96 51.08
CA LEU L 28 26.14 -30.77 50.27
C LEU L 28 27.04 -29.78 50.99
N ARG L 29 27.74 -28.94 50.22
CA ARG L 29 28.39 -27.77 50.78
C ARG L 29 27.34 -26.76 51.24
N SER L 30 27.77 -25.75 52.00
CA SER L 30 26.89 -24.67 52.42
C SER L 30 26.42 -23.88 51.21
N ILE L 31 25.19 -23.41 51.27
CA ILE L 31 24.57 -22.72 50.15
C ILE L 31 24.09 -21.36 50.60
N LYS L 32 24.38 -20.36 49.76
CA LYS L 32 23.88 -19.00 49.99
C LYS L 32 23.31 -18.43 48.69
N ILE L 33 22.10 -17.87 48.77
CA ILE L 33 21.40 -17.33 47.62
C ILE L 33 20.79 -15.96 47.94
N GLU L 34 21.03 -14.97 47.09
CA GLU L 34 20.29 -13.72 47.16
C GLU L 34 19.90 -13.15 45.80
N LEU L 35 18.72 -12.54 45.76
CA LEU L 35 18.10 -12.06 44.53
C LEU L 35 17.99 -10.55 44.49
N GLY L 36 17.86 -9.99 43.29
CA GLY L 36 17.63 -8.56 43.10
C GLY L 36 18.78 -7.71 43.60
N VAL L 37 20.00 -8.19 43.37
CA VAL L 37 21.20 -7.58 43.92
C VAL L 37 21.78 -6.48 43.00
N LEU L 38 21.39 -6.50 41.73
CA LEU L 38 21.83 -5.49 40.77
C LEU L 38 20.66 -4.62 40.39
N LYS L 39 20.80 -3.31 40.63
CA LYS L 39 19.73 -2.35 40.43
C LYS L 39 19.37 -2.13 38.96
N ASN L 40 20.37 -2.22 38.09
CA ASN L 40 20.16 -1.82 36.68
C ASN L 40 19.88 -3.00 35.77
N ALA L 41 19.76 -4.19 36.34
CA ALA L 41 19.38 -5.35 35.57
C ALA L 41 17.89 -5.58 35.75
N ASP L 42 17.31 -6.39 34.88
CA ASP L 42 15.90 -6.72 35.01
C ASP L 42 15.68 -7.82 36.05
N GLY L 43 16.64 -8.73 36.14
CA GLY L 43 16.67 -9.74 37.19
C GLY L 43 18.13 -10.03 37.52
N SER L 44 18.41 -10.35 38.78
CA SER L 44 19.76 -10.73 39.19
C SER L 44 19.75 -11.66 40.37
N ALA L 45 20.81 -12.45 40.48
CA ALA L 45 21.00 -13.38 41.59
C ALA L 45 22.49 -13.62 41.87
N ILE L 46 22.83 -13.80 43.14
CA ILE L 46 24.12 -14.34 43.55
C ILE L 46 23.87 -15.74 44.13
N PHE L 47 24.67 -16.70 43.66
CA PHE L 47 24.58 -18.07 44.15
C PHE L 47 25.94 -18.57 44.66
N GLU L 48 25.94 -19.23 45.82
CA GLU L 48 27.16 -19.75 46.42
C GLU L 48 26.99 -21.19 46.84
N MET L 49 27.87 -22.04 46.34
CA MET L 49 28.00 -23.40 46.85
C MET L 49 29.40 -23.55 47.37
N GLY L 50 29.53 -23.66 48.68
CA GLY L 50 30.85 -23.66 49.30
C GLY L 50 31.58 -22.41 48.84
N ASN L 51 32.75 -22.60 48.25
CA ASN L 51 33.56 -21.47 47.82
C ASN L 51 33.37 -21.10 46.36
N THR L 52 32.35 -21.65 45.72
CA THR L 52 31.99 -21.26 44.38
C THR L 52 30.92 -20.16 44.44
N LYS L 53 31.30 -18.97 43.97
CA LYS L 53 30.40 -17.83 43.87
C LYS L 53 30.15 -17.42 42.41
N ALA L 54 28.88 -17.27 42.06
CA ALA L 54 28.53 -16.73 40.76
C ALA L 54 27.50 -15.62 40.88
N ILE L 55 27.62 -14.63 39.99
CA ILE L 55 26.60 -13.60 39.85
C ILE L 55 26.00 -13.65 38.44
N ALA L 56 24.68 -13.50 38.38
CA ALA L 56 23.95 -13.56 37.12
C ALA L 56 23.06 -12.36 36.97
N ALA L 57 23.12 -11.74 35.81
CA ALA L 57 22.28 -10.59 35.45
C ALA L 57 21.47 -10.97 34.24
N VAL L 58 20.19 -10.62 34.27
CA VAL L 58 19.30 -10.78 33.11
C VAL L 58 18.85 -9.41 32.61
N TYR L 59 19.06 -9.17 31.34
CA TYR L 59 18.50 -7.96 30.71
C TYR L 59 17.34 -8.41 29.85
N GLY L 60 16.15 -8.08 30.36
CA GLY L 60 14.87 -8.75 30.05
C GLY L 60 14.47 -8.72 28.60
N PRO L 61 13.27 -9.25 28.28
CA PRO L 61 12.87 -9.36 26.86
C PRO L 61 12.89 -8.00 26.16
N LYS L 62 13.66 -7.90 25.07
CA LYS L 62 13.84 -6.63 24.35
C LYS L 62 14.07 -6.88 22.85
N GLU L 63 13.57 -6.00 22.01
CA GLU L 63 13.80 -6.05 20.57
C GLU L 63 15.28 -6.20 20.26
N MET L 64 15.60 -6.98 19.24
CA MET L 64 17.01 -7.33 19.01
C MET L 64 17.75 -6.44 18.04
N HIS L 65 19.00 -6.11 18.43
CA HIS L 65 19.85 -5.13 17.75
C HIS L 65 19.85 -5.28 16.23
N PRO L 66 20.55 -6.32 15.69
CA PRO L 66 20.41 -6.58 14.24
C PRO L 66 19.27 -7.58 14.00
N ARG L 67 18.23 -7.14 13.30
CA ARG L 67 16.99 -7.89 13.25
C ARG L 67 17.10 -9.25 12.57
N HIS L 68 17.99 -9.38 11.59
CA HIS L 68 18.16 -10.64 10.86
C HIS L 68 18.57 -11.78 11.78
N LEU L 69 19.13 -11.43 12.93
CA LEU L 69 19.57 -12.40 13.93
C LEU L 69 18.45 -12.83 14.89
N SER L 70 17.30 -12.15 14.80
CA SER L 70 16.15 -12.49 15.63
C SER L 70 15.33 -13.62 15.04
N LEU L 71 14.42 -14.17 15.83
CA LEU L 71 13.58 -15.26 15.38
C LEU L 71 12.12 -14.84 15.35
N PRO L 72 11.38 -15.30 14.34
CA PRO L 72 9.98 -14.88 14.13
C PRO L 72 8.97 -15.38 15.17
N ASP L 73 9.32 -16.47 15.86
CA ASP L 73 8.39 -17.16 16.75
C ASP L 73 8.86 -17.23 18.21
N ARG L 74 10.13 -16.88 18.43
CA ARG L 74 10.80 -17.10 19.72
C ARG L 74 11.66 -15.92 20.11
N ALA L 75 12.05 -15.90 21.38
CA ALA L 75 13.13 -15.03 21.83
C ALA L 75 14.44 -15.77 21.64
N VAL L 76 15.47 -15.02 21.29
CA VAL L 76 16.82 -15.55 21.26
C VAL L 76 17.41 -15.41 22.67
N LEU L 77 17.99 -16.49 23.18
CA LEU L 77 18.76 -16.43 24.43
C LEU L 77 20.22 -16.14 24.11
N ARG L 78 20.78 -15.15 24.79
CA ARG L 78 22.19 -14.83 24.66
C ARG L 78 22.83 -15.04 26.01
N VAL L 79 23.69 -16.05 26.10
CA VAL L 79 24.22 -16.44 27.39
C VAL L 79 25.73 -16.27 27.39
N ARG L 80 26.26 -15.71 28.46
CA ARG L 80 27.69 -15.63 28.64
C ARG L 80 28.13 -16.28 29.98
N TYR L 81 28.91 -17.36 29.87
CA TYR L 81 29.59 -17.94 31.02
C TYR L 81 30.99 -17.37 31.05
N HIS L 82 31.34 -16.72 32.15
CA HIS L 82 32.66 -16.15 32.26
C HIS L 82 33.24 -16.22 33.67
N MET L 83 34.54 -16.48 33.72
CA MET L 83 35.27 -16.53 34.98
C MET L 83 36.13 -15.29 35.06
N THR L 84 35.99 -14.57 36.18
CA THR L 84 36.87 -13.44 36.46
C THR L 84 38.32 -13.93 36.68
N PRO L 85 39.30 -13.11 36.29
CA PRO L 85 40.71 -13.48 36.42
C PRO L 85 41.17 -13.85 37.83
N PHE L 86 40.44 -13.40 38.85
CA PHE L 86 40.81 -13.67 40.23
C PHE L 86 39.87 -14.67 40.91
N SER L 87 39.24 -15.53 40.12
CA SER L 87 38.34 -16.52 40.68
C SER L 87 39.05 -17.80 41.07
N THR L 88 40.26 -17.99 40.55
CA THR L 88 41.05 -19.20 40.83
C THR L 88 42.37 -18.84 41.52
N ASP L 89 43.20 -19.86 41.76
CA ASP L 89 44.49 -19.66 42.45
C ASP L 89 45.54 -18.96 41.61
N GLU L 90 45.93 -19.49 40.46
CA GLU L 90 46.65 -18.64 39.51
C GLU L 90 45.59 -17.81 38.76
N ARG L 91 46.04 -16.80 38.04
CA ARG L 91 45.14 -15.90 37.34
C ARG L 91 44.68 -16.45 36.00
N LYS L 92 43.37 -16.55 35.81
CA LYS L 92 42.77 -16.95 34.54
C LYS L 92 42.81 -15.77 33.56
N ASN L 93 43.15 -16.07 32.30
CA ASN L 93 43.10 -15.08 31.24
C ASN L 93 41.63 -14.71 30.92
N PRO L 94 41.30 -13.40 30.93
CA PRO L 94 39.95 -12.91 30.71
C PRO L 94 39.36 -13.30 29.35
N ALA L 95 40.21 -13.43 28.34
CA ALA L 95 39.81 -13.93 27.02
C ALA L 95 39.09 -15.29 27.15
N PRO L 96 37.95 -15.44 26.43
CA PRO L 96 37.16 -16.66 26.57
C PRO L 96 37.97 -17.87 26.16
N SER L 97 37.98 -18.89 27.02
CA SER L 97 38.69 -20.14 26.74
C SER L 97 37.75 -21.11 26.05
N ARG L 98 38.32 -22.13 25.40
CA ARG L 98 37.51 -23.17 24.79
C ARG L 98 36.49 -23.71 25.80
N ARG L 99 36.94 -23.94 27.03
CA ARG L 99 36.05 -24.36 28.14
C ARG L 99 34.89 -23.40 28.33
N GLU L 100 35.19 -22.10 28.37
CA GLU L 100 34.16 -21.07 28.61
C GLU L 100 33.14 -21.03 27.46
N ILE L 101 33.62 -21.32 26.25
CA ILE L 101 32.75 -21.31 25.06
C ILE L 101 31.79 -22.50 25.09
N GLU L 102 32.32 -23.68 25.44
CA GLU L 102 31.49 -24.86 25.52
C GLU L 102 30.42 -24.75 26.60
N LEU L 103 30.84 -24.30 27.79
CA LEU L 103 29.93 -24.20 28.91
C LEU L 103 28.85 -23.15 28.65
N SER L 104 29.20 -22.09 27.94
CA SER L 104 28.20 -21.08 27.56
C SER L 104 27.07 -21.72 26.75
N LYS L 105 27.46 -22.59 25.82
CA LYS L 105 26.51 -23.32 25.00
C LYS L 105 25.67 -24.26 25.88
N VAL L 106 26.35 -25.10 26.65
CA VAL L 106 25.70 -26.08 27.49
C VAL L 106 24.68 -25.42 28.42
N ILE L 107 25.09 -24.32 29.05
CA ILE L 107 24.22 -23.55 29.94
C ILE L 107 23.05 -22.95 29.14
N ARG L 108 23.35 -22.41 27.96
CA ARG L 108 22.28 -21.83 27.13
C ARG L 108 21.21 -22.87 26.82
N GLU L 109 21.64 -24.06 26.39
CA GLU L 109 20.68 -25.08 25.99
C GLU L 109 19.88 -25.49 27.20
N ALA L 110 20.53 -25.52 28.34
CA ALA L 110 19.87 -25.91 29.58
C ALA L 110 18.72 -24.94 29.86
N LEU L 111 19.00 -23.66 29.71
CA LEU L 111 18.01 -22.60 29.97
C LEU L 111 16.90 -22.59 28.89
N GLU L 112 17.29 -22.85 27.66
CA GLU L 112 16.32 -22.89 26.57
C GLU L 112 15.24 -23.92 26.81
N SER L 113 15.58 -25.00 27.51
CA SER L 113 14.61 -26.04 27.84
C SER L 113 13.63 -25.64 28.96
N ALA L 114 13.95 -24.53 29.66
CA ALA L 114 13.12 -24.07 30.79
C ALA L 114 12.34 -22.82 30.47
N VAL L 115 13.01 -21.89 29.79
CA VAL L 115 12.43 -20.60 29.48
C VAL L 115 11.44 -20.73 28.36
N LEU L 116 10.27 -20.11 28.54
CA LEU L 116 9.20 -20.10 27.51
C LEU L 116 9.44 -19.00 26.47
N VAL L 117 10.42 -19.24 25.61
CA VAL L 117 10.88 -18.26 24.64
C VAL L 117 9.86 -17.90 23.57
N GLU L 118 8.90 -18.80 23.34
CA GLU L 118 7.81 -18.58 22.36
C GLU L 118 6.99 -17.34 22.67
N LEU L 119 6.95 -16.99 23.95
CA LEU L 119 6.16 -15.85 24.41
C LEU L 119 6.67 -14.50 23.95
N PHE L 120 7.91 -14.45 23.47
CA PHE L 120 8.53 -13.16 23.13
C PHE L 120 9.22 -13.19 21.77
N PRO L 121 8.42 -13.26 20.68
CA PRO L 121 9.05 -13.34 19.37
C PRO L 121 9.83 -12.06 19.08
N ARG L 122 10.89 -12.18 18.29
CA ARG L 122 11.69 -11.04 17.81
C ARG L 122 12.46 -10.29 18.90
N THR L 123 12.55 -10.91 20.07
CA THR L 123 13.25 -10.32 21.19
C THR L 123 14.50 -11.11 21.59
N ALA L 124 15.38 -10.45 22.33
CA ALA L 124 16.55 -11.09 22.93
C ALA L 124 16.47 -11.03 24.45
N ILE L 125 16.80 -12.13 25.09
CA ILE L 125 16.96 -12.17 26.54
C ILE L 125 18.43 -12.39 26.84
N ASP L 126 19.06 -11.43 27.51
CA ASP L 126 20.48 -11.53 27.83
C ASP L 126 20.73 -12.05 29.22
N VAL L 127 21.57 -13.06 29.30
CA VAL L 127 21.94 -13.67 30.57
C VAL L 127 23.46 -13.66 30.70
N PHE L 128 23.97 -12.83 31.59
CA PHE L 128 25.41 -12.75 31.84
C PHE L 128 25.75 -13.40 33.18
N THR L 129 26.71 -14.30 33.13
CA THR L 129 27.15 -15.00 34.31
C THR L 129 28.62 -14.69 34.58
N GLU L 130 28.95 -14.42 35.83
CA GLU L 130 30.35 -14.25 36.25
C GLU L 130 30.69 -15.10 37.46
N ILE L 131 31.66 -15.99 37.28
CA ILE L 131 32.24 -16.68 38.41
C ILE L 131 33.24 -15.79 39.13
N LEU L 132 32.95 -15.53 40.40
CA LEU L 132 33.80 -14.68 41.22
C LEU L 132 34.82 -15.51 41.99
N GLN L 133 34.45 -16.74 42.33
CA GLN L 133 35.37 -17.72 42.93
C GLN L 133 35.02 -19.08 42.40
N ALA L 134 36.04 -19.78 41.91
CA ALA L 134 35.86 -21.13 41.41
C ALA L 134 36.32 -22.13 42.44
N ASP L 135 35.43 -23.05 42.82
CA ASP L 135 35.80 -24.18 43.66
C ASP L 135 35.05 -25.41 43.20
N ALA L 136 35.03 -25.62 41.87
CA ALA L 136 34.34 -26.75 41.22
C ALA L 136 32.84 -26.57 41.26
N GLY L 137 32.16 -27.11 40.23
CA GLY L 137 30.70 -26.99 40.11
C GLY L 137 30.24 -25.59 39.71
N SER L 138 31.19 -24.77 39.29
CA SER L 138 30.88 -23.44 38.85
C SER L 138 29.87 -23.42 37.68
N ARG L 139 29.97 -24.35 36.74
CA ARG L 139 29.01 -24.38 35.64
C ARG L 139 27.58 -24.53 36.16
N LEU L 140 27.42 -25.26 37.26
CA LEU L 140 26.10 -25.45 37.82
C LEU L 140 25.65 -24.27 38.64
N VAL L 141 26.57 -23.68 39.38
CA VAL L 141 26.26 -22.51 40.19
C VAL L 141 25.88 -21.36 39.26
N SER L 142 26.62 -21.24 38.17
CA SER L 142 26.30 -20.29 37.12
C SER L 142 24.88 -20.49 36.56
N LEU L 143 24.56 -21.72 36.16
CA LEU L 143 23.25 -22.08 35.65
C LEU L 143 22.15 -21.77 36.63
N MET L 144 22.35 -22.09 37.90
CA MET L 144 21.31 -21.86 38.88
C MET L 144 21.10 -20.38 39.13
N ALA L 145 22.20 -19.63 39.27
CA ALA L 145 22.12 -18.19 39.41
C ALA L 145 21.32 -17.60 38.24
N ALA L 146 21.63 -18.06 37.04
CA ALA L 146 20.93 -17.65 35.81
C ALA L 146 19.45 -17.94 35.91
N SER L 147 19.13 -19.17 36.25
CA SER L 147 17.76 -19.59 36.43
C SER L 147 17.05 -18.66 37.40
N LEU L 148 17.71 -18.32 38.50
CA LEU L 148 17.08 -17.51 39.52
C LEU L 148 16.97 -16.06 39.11
N ALA L 149 18.00 -15.55 38.43
CA ALA L 149 17.93 -14.19 37.88
C ALA L 149 16.73 -14.04 36.89
N LEU L 150 16.48 -15.08 36.10
CA LEU L 150 15.36 -15.09 35.20
C LEU L 150 14.06 -15.00 35.96
N ALA L 151 13.94 -15.78 37.02
CA ALA L 151 12.74 -15.70 37.88
C ALA L 151 12.60 -14.30 38.52
N ASP L 152 13.73 -13.72 38.90
CA ASP L 152 13.76 -12.37 39.46
C ASP L 152 13.27 -11.35 38.42
N ALA L 153 13.56 -11.59 37.14
CA ALA L 153 13.09 -10.70 36.08
C ALA L 153 11.64 -10.99 35.69
N GLY L 154 11.02 -12.00 36.30
CA GLY L 154 9.63 -12.32 36.02
C GLY L 154 9.45 -12.98 34.65
N ILE L 155 10.50 -13.64 34.17
CA ILE L 155 10.43 -14.34 32.91
C ILE L 155 9.83 -15.74 33.12
N PRO L 156 8.71 -16.01 32.45
CA PRO L 156 7.95 -17.26 32.61
C PRO L 156 8.82 -18.42 32.22
N MET L 157 8.86 -19.45 33.09
CA MET L 157 9.65 -20.67 32.86
C MET L 157 8.88 -21.91 33.26
N ARG L 158 9.19 -23.04 32.65
CA ARG L 158 8.55 -24.30 33.02
C ARG L 158 8.74 -24.62 34.49
N ASP L 159 9.95 -24.37 34.99
CA ASP L 159 10.33 -24.69 36.35
C ASP L 159 11.66 -23.97 36.63
N LEU L 160 12.07 -23.93 37.90
CA LEU L 160 13.41 -23.46 38.24
C LEU L 160 14.38 -24.57 37.92
N ILE L 161 15.66 -24.22 37.84
CA ILE L 161 16.67 -25.26 37.61
C ILE L 161 17.58 -25.40 38.83
N ALA L 162 17.77 -26.65 39.25
CA ALA L 162 18.69 -26.99 40.34
C ALA L 162 19.64 -28.06 39.88
N GLY L 163 20.91 -27.96 40.29
CA GLY L 163 21.92 -28.94 39.94
C GLY L 163 23.02 -29.19 40.94
N VAL L 164 23.68 -30.34 40.79
CA VAL L 164 24.88 -30.71 41.52
C VAL L 164 25.79 -31.59 40.69
N ALA L 165 27.08 -31.48 40.94
CA ALA L 165 28.06 -32.42 40.41
C ALA L 165 28.16 -33.58 41.38
N VAL L 166 27.80 -34.76 40.90
CA VAL L 166 27.98 -35.99 41.65
C VAL L 166 29.25 -36.60 41.06
N GLY L 167 29.93 -37.48 41.80
CA GLY L 167 31.21 -38.00 41.33
C GLY L 167 31.64 -39.26 42.02
N LYS L 168 32.87 -39.68 41.72
CA LYS L 168 33.48 -40.85 42.35
C LYS L 168 34.87 -40.49 42.84
N ALA L 169 35.11 -40.74 44.13
CA ALA L 169 36.35 -40.34 44.78
C ALA L 169 37.35 -41.48 44.85
N ASP L 170 37.26 -42.32 45.89
CA ASP L 170 38.20 -43.43 46.01
C ASP L 170 37.41 -44.72 45.90
N GLY L 171 36.75 -44.87 44.76
CA GLY L 171 35.79 -45.93 44.57
C GLY L 171 34.45 -45.56 45.20
N VAL L 172 34.41 -44.41 45.85
CA VAL L 172 33.22 -43.99 46.61
C VAL L 172 32.46 -42.89 45.87
N ILE L 173 31.16 -43.10 45.72
CA ILE L 173 30.28 -42.11 45.09
C ILE L 173 29.92 -40.96 46.04
N ILE L 174 30.28 -39.75 45.61
CA ILE L 174 30.17 -38.57 46.45
C ILE L 174 29.32 -37.46 45.81
N LEU L 175 28.80 -36.57 46.66
CA LEU L 175 27.88 -35.54 46.24
C LEU L 175 28.49 -34.17 46.41
N ASP L 176 28.47 -33.37 45.34
CA ASP L 176 28.90 -31.96 45.35
C ASP L 176 30.40 -31.76 45.57
N LEU L 177 31.18 -31.75 44.49
CA LEU L 177 32.63 -31.88 44.58
C LEU L 177 33.43 -30.62 44.91
N ASN L 178 34.53 -30.83 45.64
CA ASN L 178 35.64 -29.89 45.81
C ASN L 178 36.42 -29.71 44.53
N GLU L 179 37.25 -28.68 44.53
CA GLU L 179 38.35 -28.56 43.60
C GLU L 179 39.13 -29.84 43.68
N THR L 180 39.60 -30.12 44.89
CA THR L 180 40.41 -31.29 45.16
C THR L 180 39.82 -32.56 44.57
N GLU L 181 38.55 -32.81 44.88
CA GLU L 181 37.83 -33.98 44.36
C GLU L 181 37.69 -33.99 42.83
N ASP L 182 37.44 -32.82 42.25
CA ASP L 182 37.37 -32.68 40.80
C ASP L 182 38.71 -33.04 40.16
N MET L 183 39.77 -32.51 40.75
CA MET L 183 41.13 -32.63 40.27
C MET L 183 41.66 -34.05 40.28
N TRP L 184 41.28 -34.81 41.30
CA TRP L 184 41.91 -36.10 41.53
C TRP L 184 40.95 -37.27 41.50
N GLY L 185 39.65 -37.00 41.40
CA GLY L 185 38.63 -38.06 41.35
C GLY L 185 38.61 -38.83 40.05
N GLU L 186 37.91 -39.96 40.05
CA GLU L 186 37.79 -40.81 38.87
C GLU L 186 36.70 -40.31 37.94
N ALA L 187 35.75 -39.56 38.50
CA ALA L 187 34.57 -39.10 37.77
C ALA L 187 34.01 -37.80 38.29
N ASP L 188 33.42 -37.05 37.38
CA ASP L 188 32.81 -35.75 37.67
C ASP L 188 31.58 -35.65 36.78
N MET L 189 30.40 -35.68 37.39
CA MET L 189 29.17 -35.76 36.63
C MET L 189 28.20 -34.65 37.04
N PRO L 190 28.33 -33.45 36.43
CA PRO L 190 27.35 -32.37 36.67
C PRO L 190 25.97 -32.73 36.10
N ILE L 191 24.94 -32.58 36.93
CA ILE L 191 23.59 -32.88 36.52
C ILE L 191 22.72 -31.73 36.99
N ALA L 192 21.82 -31.28 36.11
CA ALA L 192 20.86 -30.24 36.43
C ALA L 192 19.45 -30.61 35.95
N MET L 193 18.44 -30.29 36.76
CA MET L 193 17.04 -30.59 36.43
C MET L 193 16.08 -29.46 36.70
N MET L 194 14.89 -29.61 36.11
CA MET L 194 13.68 -28.93 36.55
C MET L 194 12.97 -29.96 37.43
N PRO L 195 13.25 -29.90 38.73
CA PRO L 195 12.96 -30.96 39.71
C PRO L 195 11.50 -31.36 39.82
N SER L 196 10.59 -30.41 39.63
CA SER L 196 9.17 -30.69 39.74
C SER L 196 8.70 -31.49 38.56
N LEU L 197 9.40 -31.32 37.44
CA LEU L 197 9.02 -32.01 36.20
C LEU L 197 9.82 -33.29 35.98
N ASN L 198 10.82 -33.52 36.85
CA ASN L 198 11.79 -34.59 36.68
C ASN L 198 12.44 -34.58 35.30
N GLN L 199 12.79 -33.40 34.83
CA GLN L 199 13.33 -33.23 33.50
C GLN L 199 14.74 -32.76 33.65
N VAL L 200 15.66 -33.49 33.05
CA VAL L 200 17.08 -33.17 33.13
C VAL L 200 17.40 -32.15 32.07
N THR L 201 18.09 -31.12 32.51
CA THR L 201 18.33 -29.93 31.76
C THR L 201 19.81 -29.84 31.29
N LEU L 202 20.73 -30.21 32.18
CA LEU L 202 22.15 -30.36 31.87
C LEU L 202 22.65 -31.73 32.33
N PHE L 203 23.45 -32.40 31.51
CA PHE L 203 23.99 -33.70 31.89
C PHE L 203 25.33 -33.97 31.24
N GLN L 204 26.37 -34.10 32.04
CA GLN L 204 27.71 -34.33 31.55
C GLN L 204 28.45 -35.22 32.49
N LEU L 205 29.37 -36.00 31.94
CA LEU L 205 30.30 -36.78 32.75
C LEU L 205 31.67 -36.73 32.14
N ASN L 206 32.64 -36.30 32.93
CA ASN L 206 34.02 -36.51 32.55
C ASN L 206 34.66 -37.45 33.56
N GLY L 207 35.42 -38.40 33.05
CA GLY L 207 36.01 -39.41 33.88
C GLY L 207 35.49 -40.76 33.48
N SER L 208 35.30 -41.62 34.48
CA SER L 208 35.04 -43.01 34.20
C SER L 208 34.11 -43.59 35.27
N MET L 209 33.16 -44.41 34.83
CA MET L 209 32.18 -45.07 35.71
C MET L 209 31.63 -46.34 35.07
N THR L 210 31.33 -47.34 35.88
CA THR L 210 30.58 -48.48 35.40
C THR L 210 29.12 -48.05 35.36
N PRO L 211 28.31 -48.71 34.51
CA PRO L 211 26.88 -48.37 34.46
C PRO L 211 26.22 -48.36 35.84
N ASP L 212 26.60 -49.31 36.70
CA ASP L 212 26.07 -49.38 38.06
C ASP L 212 26.40 -48.12 38.85
N GLU L 213 27.68 -47.75 38.83
CA GLU L 213 28.15 -46.54 39.51
C GLU L 213 27.43 -45.33 38.97
N PHE L 214 27.24 -45.31 37.66
CA PHE L 214 26.50 -44.26 37.00
C PHE L 214 25.10 -44.12 37.58
N ARG L 215 24.40 -45.24 37.72
CA ARG L 215 23.04 -45.23 38.25
C ARG L 215 22.95 -44.77 39.72
N GLN L 216 23.89 -45.27 40.54
CA GLN L 216 24.00 -44.90 41.95
C GLN L 216 24.23 -43.41 42.10
N ALA L 217 25.20 -42.89 41.34
CA ALA L 217 25.55 -41.49 41.41
C ALA L 217 24.37 -40.63 40.99
N PHE L 218 23.69 -41.08 39.95
CA PHE L 218 22.50 -40.44 39.44
C PHE L 218 21.41 -40.27 40.55
N ASP L 219 21.18 -41.32 41.34
CA ASP L 219 20.21 -41.30 42.45
C ASP L 219 20.58 -40.27 43.52
N LEU L 220 21.87 -40.21 43.85
CA LEU L 220 22.39 -39.31 44.84
C LEU L 220 22.25 -37.86 44.42
N ALA L 221 22.47 -37.58 43.14
CA ALA L 221 22.30 -36.24 42.58
C ALA L 221 20.88 -35.75 42.75
N VAL L 222 19.91 -36.65 42.56
CA VAL L 222 18.52 -36.28 42.68
C VAL L 222 18.21 -35.75 44.10
N LYS L 223 18.67 -36.47 45.13
CA LYS L 223 18.40 -36.08 46.51
C LYS L 223 19.02 -34.72 46.81
N GLY L 224 20.25 -34.52 46.34
CA GLY L 224 20.92 -33.24 46.48
C GLY L 224 20.14 -32.15 45.78
N ILE L 225 19.77 -32.43 44.53
CA ILE L 225 19.03 -31.47 43.71
C ILE L 225 17.74 -31.06 44.42
N ASN L 226 17.02 -32.05 44.95
CA ASN L 226 15.77 -31.77 45.67
C ASN L 226 15.92 -30.84 46.87
N ILE L 227 17.05 -30.95 47.57
CA ILE L 227 17.32 -30.06 48.70
C ILE L 227 17.60 -28.65 48.20
N ILE L 228 18.47 -28.54 47.20
CA ILE L 228 18.80 -27.25 46.59
C ILE L 228 17.54 -26.57 46.05
N TYR L 229 16.67 -27.33 45.42
CA TYR L 229 15.44 -26.83 44.86
C TYR L 229 14.57 -26.13 45.90
N ASN L 230 14.43 -26.72 47.09
CA ASN L 230 13.63 -26.10 48.14
C ASN L 230 14.21 -24.79 48.58
N LEU L 231 15.53 -24.72 48.63
CA LEU L 231 16.22 -23.48 48.95
C LEU L 231 15.97 -22.39 47.91
N GLU L 232 16.01 -22.78 46.62
CA GLU L 232 15.73 -21.89 45.53
C GLU L 232 14.34 -21.32 45.67
N ARG L 233 13.38 -22.22 45.91
CA ARG L 233 11.99 -21.83 46.14
C ARG L 233 11.82 -20.81 47.25
N GLU L 234 12.55 -21.01 48.34
CA GLU L 234 12.52 -20.13 49.49
C GLU L 234 13.19 -18.80 49.16
N ALA L 235 14.28 -18.85 48.41
CA ALA L 235 14.99 -17.64 47.96
C ALA L 235 14.07 -16.73 47.14
N LEU L 236 13.13 -17.36 46.44
CA LEU L 236 12.17 -16.66 45.62
C LEU L 236 11.25 -15.81 46.46
N LYS L 237 10.85 -16.32 47.63
CA LYS L 237 9.94 -15.61 48.52
C LYS L 237 10.66 -14.56 49.37
N SER L 238 11.80 -14.92 49.93
CA SER L 238 12.47 -14.09 50.93
C SER L 238 13.64 -13.28 50.37
N LYS L 239 14.02 -13.56 49.13
CA LYS L 239 15.15 -12.87 48.45
C LYS L 239 16.53 -13.18 49.02
N TYR L 240 16.57 -13.97 50.10
CA TYR L 240 17.83 -14.31 50.77
C TYR L 240 17.71 -15.63 51.53
N VAL L 241 18.66 -16.52 51.30
CA VAL L 241 18.67 -17.84 51.94
C VAL L 241 20.09 -18.26 52.31
N GLU L 242 20.27 -18.69 53.55
CA GLU L 242 21.50 -19.32 54.00
C GLU L 242 21.22 -20.75 54.42
N PHE L 243 22.09 -21.65 54.03
CA PHE L 243 21.96 -23.05 54.37
C PHE L 243 23.32 -23.62 54.73
N LYS L 244 23.50 -23.98 56.01
CA LYS L 244 24.73 -24.64 56.47
C LYS L 244 24.74 -26.08 55.97
N GLU L 245 25.94 -26.62 55.73
CA GLU L 245 26.10 -27.98 55.18
C GLU L 245 25.34 -29.03 55.98
N GLU L 246 24.73 -29.98 55.28
CA GLU L 246 24.18 -31.17 55.94
C GLU L 246 23.89 -32.34 54.98
N GLY L 247 23.61 -33.50 55.58
CA GLY L 247 23.40 -34.76 54.86
C GLY L 247 22.10 -34.83 54.09
N VAL L 248 22.13 -35.56 52.99
CA VAL L 248 20.97 -35.80 52.13
C VAL L 248 19.91 -36.67 52.85
N MET M 1 -24.88 -25.72 -19.52
CA MET M 1 -24.95 -24.46 -18.72
C MET M 1 -25.03 -23.20 -19.58
N SER M 2 -26.03 -22.36 -19.34
CA SER M 2 -26.18 -21.08 -20.04
C SER M 2 -26.00 -19.95 -19.06
N SER M 3 -25.04 -19.06 -19.32
CA SER M 3 -24.76 -17.97 -18.38
C SER M 3 -24.69 -16.59 -19.03
N THR M 4 -25.00 -15.57 -18.24
CA THR M 4 -24.95 -14.18 -18.68
C THR M 4 -23.59 -13.87 -19.25
N PRO M 5 -23.54 -13.41 -20.52
CA PRO M 5 -22.27 -13.10 -21.17
C PRO M 5 -21.48 -11.98 -20.44
N SER M 6 -20.25 -12.29 -20.01
CA SER M 6 -19.39 -11.36 -19.26
C SER M 6 -18.62 -10.37 -20.16
N ASN M 7 -18.55 -10.69 -21.44
CA ASN M 7 -17.93 -9.84 -22.45
C ASN M 7 -18.84 -8.68 -22.91
N GLN M 8 -20.17 -8.88 -22.84
CA GLN M 8 -21.12 -8.01 -23.58
C GLN M 8 -20.94 -6.51 -23.29
N ASN M 9 -21.01 -5.72 -24.35
CA ASN M 9 -20.80 -4.27 -24.31
C ASN M 9 -21.86 -3.53 -23.48
N ILE M 10 -21.43 -3.01 -22.32
CA ILE M 10 -22.27 -2.12 -21.52
C ILE M 10 -22.07 -0.69 -22.03
N ILE M 11 -23.15 -0.14 -22.58
CA ILE M 11 -23.14 1.12 -23.33
C ILE M 11 -23.72 2.29 -22.50
N PRO M 12 -22.89 3.31 -22.19
CA PRO M 12 -23.18 4.33 -21.17
C PRO M 12 -24.55 4.97 -21.31
N ILE M 13 -25.14 5.33 -20.18
CA ILE M 13 -26.47 5.92 -20.12
C ILE M 13 -26.55 7.15 -21.04
N ILE M 14 -25.48 7.95 -21.03
CA ILE M 14 -25.41 9.19 -21.79
C ILE M 14 -25.61 8.96 -23.28
N LYS M 15 -24.98 7.90 -23.81
CA LYS M 15 -25.13 7.56 -25.22
C LYS M 15 -26.51 7.00 -25.51
N LYS M 16 -27.07 6.26 -24.56
CA LYS M 16 -28.39 5.70 -24.73
C LYS M 16 -29.43 6.79 -24.85
N GLU M 17 -29.34 7.78 -23.96
CA GLU M 17 -30.25 8.92 -23.94
C GLU M 17 -30.17 9.69 -25.26
N SER M 18 -28.96 9.81 -25.79
CA SER M 18 -28.73 10.39 -27.11
C SER M 18 -29.63 9.76 -28.16
N ILE M 19 -29.58 8.44 -28.21
CA ILE M 19 -30.32 7.69 -29.19
C ILE M 19 -31.82 7.76 -28.95
N VAL M 20 -32.23 7.66 -27.70
CA VAL M 20 -33.65 7.80 -27.34
C VAL M 20 -34.19 9.17 -27.75
N SER M 21 -33.43 10.22 -27.46
CA SER M 21 -33.77 11.58 -27.84
C SER M 21 -34.10 11.72 -29.32
N LEU M 22 -33.40 10.93 -30.14
CA LEU M 22 -33.63 10.90 -31.57
C LEU M 22 -34.93 10.18 -31.90
N PHE M 23 -35.16 9.06 -31.24
CA PHE M 23 -36.37 8.27 -31.43
C PHE M 23 -37.61 9.08 -31.15
N GLU M 24 -37.48 9.97 -30.18
CA GLU M 24 -38.57 10.85 -29.78
C GLU M 24 -38.97 11.75 -30.95
N LYS M 25 -38.03 12.01 -31.84
CA LYS M 25 -38.29 12.80 -33.03
C LYS M 25 -38.53 11.88 -34.21
N GLY M 26 -38.53 10.57 -33.96
CA GLY M 26 -38.86 9.59 -35.00
C GLY M 26 -37.76 9.44 -36.03
N ILE M 27 -36.51 9.44 -35.57
CA ILE M 27 -35.37 9.27 -36.45
C ILE M 27 -34.21 8.58 -35.71
N ARG M 28 -33.32 7.96 -36.46
CA ARG M 28 -32.22 7.22 -35.87
C ARG M 28 -30.88 7.84 -36.26
N GLN M 29 -29.80 7.31 -35.68
CA GLN M 29 -28.44 7.80 -35.94
C GLN M 29 -28.11 7.79 -37.44
N ASP M 30 -28.39 6.69 -38.13
CA ASP M 30 -28.12 6.56 -39.56
C ASP M 30 -29.12 7.34 -40.43
N GLY M 31 -30.17 7.85 -39.81
CA GLY M 31 -31.09 8.74 -40.49
C GLY M 31 -32.37 8.10 -40.97
N ARG M 32 -32.54 6.80 -40.71
CA ARG M 32 -33.77 6.14 -41.12
C ARG M 32 -34.88 6.29 -40.10
N LYS M 33 -36.11 5.97 -40.51
CA LYS M 33 -37.27 6.01 -39.65
C LYS M 33 -37.32 4.79 -38.75
N LEU M 34 -38.19 4.84 -37.75
CA LEU M 34 -38.29 3.74 -36.80
C LEU M 34 -38.69 2.43 -37.48
N THR M 35 -39.34 2.52 -38.64
CA THR M 35 -39.87 1.33 -39.30
C THR M 35 -39.08 0.92 -40.55
N ASP M 36 -37.97 1.62 -40.83
CA ASP M 36 -37.15 1.33 -42.01
C ASP M 36 -36.16 0.20 -41.82
N TYR M 37 -35.93 -0.54 -42.90
CA TYR M 37 -34.80 -1.47 -42.97
C TYR M 37 -33.52 -0.78 -43.45
N ARG M 38 -32.38 -1.36 -43.10
CA ARG M 38 -31.12 -0.89 -43.63
C ARG M 38 -30.97 -1.30 -45.10
N PRO M 39 -30.04 -0.66 -45.83
CA PRO M 39 -29.81 -1.00 -47.25
C PRO M 39 -29.48 -2.48 -47.43
N LEU M 40 -30.08 -3.13 -48.42
CA LEU M 40 -29.89 -4.55 -48.63
C LEU M 40 -29.16 -4.88 -49.95
N SER M 41 -28.05 -5.63 -49.85
CA SER M 41 -27.31 -6.20 -50.99
C SER M 41 -27.42 -7.69 -50.94
N ILE M 42 -27.71 -8.29 -52.08
CA ILE M 42 -27.58 -9.73 -52.19
C ILE M 42 -26.76 -10.08 -53.43
N THR M 43 -25.70 -10.84 -53.22
CA THR M 43 -24.88 -11.40 -54.28
C THR M 43 -25.04 -12.91 -54.29
N LEU M 44 -25.60 -13.44 -55.38
CA LEU M 44 -25.81 -14.87 -55.53
C LEU M 44 -24.57 -15.56 -56.10
N ASP M 45 -24.43 -16.83 -55.76
CA ASP M 45 -23.34 -17.66 -56.26
C ASP M 45 -21.98 -17.04 -55.92
N TYR M 46 -21.88 -16.49 -54.72
CA TYR M 46 -20.64 -15.90 -54.26
C TYR M 46 -19.56 -16.97 -53.95
N ALA M 47 -19.99 -18.09 -53.37
CA ALA M 47 -19.10 -19.22 -53.07
C ALA M 47 -19.22 -20.28 -54.16
N LYS M 48 -18.28 -20.28 -55.09
CA LYS M 48 -18.44 -21.02 -56.35
C LYS M 48 -18.58 -22.54 -56.19
N LYS M 49 -17.83 -23.10 -55.25
CA LYS M 49 -17.84 -24.54 -55.03
C LYS M 49 -19.03 -25.02 -54.22
N ALA M 50 -19.92 -24.09 -53.90
CA ALA M 50 -21.18 -24.42 -53.25
C ALA M 50 -22.24 -24.71 -54.29
N ASP M 51 -23.19 -25.56 -53.93
CA ASP M 51 -24.30 -25.90 -54.83
C ASP M 51 -25.19 -24.70 -55.11
N GLY M 52 -25.37 -23.86 -54.09
CA GLY M 52 -26.05 -22.56 -54.18
C GLY M 52 -25.52 -21.72 -53.03
N SER M 53 -25.40 -20.42 -53.24
CA SER M 53 -24.85 -19.56 -52.21
C SER M 53 -25.30 -18.11 -52.39
N ALA M 54 -25.17 -17.34 -51.30
CA ALA M 54 -25.58 -15.93 -51.28
C ALA M 54 -24.75 -15.13 -50.27
N LEU M 55 -24.31 -13.95 -50.68
CA LEU M 55 -23.70 -12.99 -49.78
C LEU M 55 -24.68 -11.86 -49.52
N VAL M 56 -25.07 -11.70 -48.26
CA VAL M 56 -26.04 -10.68 -47.88
C VAL M 56 -25.35 -9.57 -47.09
N LYS M 57 -25.52 -8.33 -47.53
CA LYS M 57 -25.10 -7.17 -46.76
C LYS M 57 -26.34 -6.42 -46.36
N LEU M 58 -26.60 -6.39 -45.05
CA LEU M 58 -27.70 -5.62 -44.47
C LEU M 58 -27.10 -4.62 -43.50
N GLY M 59 -27.03 -3.37 -43.91
CA GLY M 59 -26.26 -2.38 -43.16
C GLY M 59 -24.83 -2.86 -43.14
N THR M 60 -24.24 -2.91 -41.96
CA THR M 60 -22.88 -3.42 -41.81
C THR M 60 -22.81 -4.93 -41.50
N THR M 61 -23.96 -5.58 -41.38
CA THR M 61 -23.98 -7.01 -41.18
C THR M 61 -23.74 -7.75 -42.51
N MET M 62 -22.79 -8.69 -42.49
CA MET M 62 -22.56 -9.59 -43.61
C MET M 62 -22.77 -11.04 -43.24
N VAL M 63 -23.50 -11.74 -44.09
CA VAL M 63 -23.70 -13.16 -43.94
C VAL M 63 -23.54 -13.85 -45.29
N LEU M 64 -22.71 -14.90 -45.30
CA LEU M 64 -22.58 -15.80 -46.42
C LEU M 64 -23.17 -17.18 -46.09
N ALA M 65 -24.26 -17.51 -46.78
CA ALA M 65 -24.86 -18.84 -46.68
C ALA M 65 -24.49 -19.66 -47.90
N GLY M 66 -24.35 -20.96 -47.70
CA GLY M 66 -23.96 -21.85 -48.77
C GLY M 66 -24.57 -23.22 -48.57
N THR M 67 -25.01 -23.82 -49.67
CA THR M 67 -25.64 -25.14 -49.64
C THR M 67 -24.72 -26.21 -50.23
N LYS M 68 -24.93 -27.43 -49.76
CA LYS M 68 -24.25 -28.59 -50.26
C LYS M 68 -25.26 -29.71 -50.20
N LEU M 69 -25.39 -30.43 -51.30
CA LEU M 69 -26.36 -31.50 -51.40
C LEU M 69 -25.68 -32.85 -51.45
N GLU M 70 -26.20 -33.78 -50.66
CA GLU M 70 -25.64 -35.14 -50.59
C GLU M 70 -26.75 -36.17 -50.49
N ILE M 71 -26.46 -37.37 -51.00
CA ILE M 71 -27.41 -38.47 -50.97
C ILE M 71 -27.22 -39.29 -49.71
N ASP M 72 -28.32 -39.47 -48.97
CA ASP M 72 -28.35 -40.18 -47.71
C ASP M 72 -29.52 -41.17 -47.67
N LYS M 73 -29.37 -42.22 -46.87
CA LYS M 73 -30.50 -43.02 -46.46
C LYS M 73 -31.38 -42.12 -45.57
N PRO M 74 -32.71 -42.15 -45.77
CA PRO M 74 -33.57 -41.31 -44.94
C PRO M 74 -33.62 -41.83 -43.50
N TYR M 75 -34.07 -41.02 -42.55
CA TYR M 75 -34.21 -41.51 -41.18
C TYR M 75 -35.09 -42.78 -41.11
N GLU M 76 -35.09 -43.44 -39.96
CA GLU M 76 -35.98 -44.56 -39.75
C GLU M 76 -37.41 -44.06 -39.64
N ASP M 77 -37.58 -42.94 -38.94
CA ASP M 77 -38.90 -42.35 -38.57
C ASP M 77 -39.49 -41.31 -39.54
N THR M 78 -38.63 -40.66 -40.35
CA THR M 78 -39.10 -39.81 -41.46
C THR M 78 -38.76 -40.46 -42.82
N PRO M 79 -39.48 -41.54 -43.20
CA PRO M 79 -39.09 -42.38 -44.33
C PRO M 79 -39.31 -41.75 -45.71
N ASN M 80 -40.21 -40.77 -45.79
CA ASN M 80 -40.52 -40.12 -47.06
C ASN M 80 -40.20 -38.63 -47.05
N GLN M 81 -39.02 -38.30 -46.55
CA GLN M 81 -38.57 -36.94 -46.47
C GLN M 81 -37.07 -36.89 -46.71
N GLY M 82 -36.65 -35.87 -47.47
CA GLY M 82 -35.25 -35.49 -47.51
C GLY M 82 -34.89 -34.82 -46.20
N ASN M 83 -33.63 -34.39 -46.06
CA ASN M 83 -33.17 -33.78 -44.84
C ASN M 83 -32.74 -32.36 -45.05
N LEU M 84 -33.04 -31.50 -44.07
CA LEU M 84 -32.47 -30.16 -44.01
C LEU M 84 -31.67 -30.05 -42.73
N ILE M 85 -30.40 -29.66 -42.87
CA ILE M 85 -29.56 -29.38 -41.71
C ILE M 85 -29.00 -27.97 -41.81
N VAL M 86 -29.41 -27.13 -40.87
CA VAL M 86 -28.98 -25.74 -40.87
C VAL M 86 -27.91 -25.56 -39.81
N ASN M 87 -26.90 -24.77 -40.16
CA ASN M 87 -25.79 -24.55 -39.25
C ASN M 87 -25.28 -23.14 -39.39
N VAL M 88 -25.09 -22.48 -38.25
CA VAL M 88 -24.67 -21.10 -38.24
C VAL M 88 -23.36 -20.94 -37.51
N GLU M 89 -22.49 -20.11 -38.07
CA GLU M 89 -21.23 -19.77 -37.40
C GLU M 89 -20.98 -18.27 -37.31
N LEU M 90 -20.72 -17.83 -36.09
CA LEU M 90 -20.32 -16.46 -35.85
C LEU M 90 -18.80 -16.49 -35.80
N LEU M 91 -18.16 -15.49 -36.39
CA LEU M 91 -16.70 -15.49 -36.47
C LEU M 91 -15.99 -14.38 -35.69
N PRO M 92 -16.58 -13.17 -35.65
CA PRO M 92 -15.95 -12.08 -34.87
C PRO M 92 -15.62 -12.36 -33.40
N ASP M 104 -21.41 -22.71 -30.35
CA ASP M 104 -21.62 -21.52 -29.53
C ASP M 104 -22.87 -21.67 -28.66
N GLU M 105 -23.97 -20.99 -29.01
CA GLU M 105 -25.23 -20.92 -28.24
C GLU M 105 -26.20 -19.97 -28.95
N ASN M 106 -25.70 -18.76 -29.23
CA ASN M 106 -26.40 -17.82 -30.05
C ASN M 106 -26.42 -18.35 -31.46
N ALA M 107 -25.31 -19.00 -31.83
CA ALA M 107 -25.20 -19.65 -33.11
C ALA M 107 -26.21 -20.79 -33.26
N ILE M 108 -26.41 -21.54 -32.19
CA ILE M 108 -27.36 -22.62 -32.22
C ILE M 108 -28.77 -22.04 -32.32
N GLU M 109 -29.07 -21.03 -31.50
CA GLU M 109 -30.38 -20.39 -31.48
C GLU M 109 -30.74 -19.91 -32.87
N LEU M 110 -29.84 -19.14 -33.49
CA LEU M 110 -30.02 -18.66 -34.87
C LEU M 110 -30.31 -19.83 -35.82
N ALA M 111 -29.46 -20.85 -35.79
CA ALA M 111 -29.62 -22.03 -36.67
C ALA M 111 -31.02 -22.64 -36.55
N ARG M 112 -31.47 -22.82 -35.30
CA ARG M 112 -32.77 -23.41 -35.02
C ARG M 112 -33.94 -22.52 -35.43
N VAL M 113 -33.82 -21.22 -35.19
CA VAL M 113 -34.89 -20.31 -35.55
C VAL M 113 -35.08 -20.30 -37.08
N VAL M 114 -33.97 -20.13 -37.79
CA VAL M 114 -33.98 -20.18 -39.25
C VAL M 114 -34.54 -21.51 -39.73
N ASP M 115 -34.00 -22.60 -39.20
CA ASP M 115 -34.50 -23.93 -39.50
C ASP M 115 -36.02 -23.97 -39.36
N ARG M 116 -36.51 -23.69 -38.15
CA ARG M 116 -37.93 -23.73 -37.85
C ARG M 116 -38.80 -23.02 -38.87
N SER M 117 -38.37 -21.82 -39.26
CA SER M 117 -39.15 -20.98 -40.16
C SER M 117 -39.13 -21.54 -41.58
N LEU M 118 -38.02 -22.16 -41.99
CA LEU M 118 -38.00 -22.84 -43.28
C LEU M 118 -38.83 -24.13 -43.28
N ARG M 119 -38.75 -24.88 -42.18
CA ARG M 119 -39.34 -26.20 -42.09
C ARG M 119 -40.85 -26.13 -41.89
N ASP M 120 -41.28 -25.34 -40.91
CA ASP M 120 -42.69 -25.27 -40.52
C ASP M 120 -43.54 -24.61 -41.60
N SER M 121 -42.93 -23.65 -42.32
CA SER M 121 -43.60 -22.99 -43.43
C SER M 121 -43.75 -23.92 -44.63
N LYS M 122 -42.95 -24.99 -44.64
CA LYS M 122 -42.73 -25.82 -45.83
C LYS M 122 -42.35 -24.96 -47.06
N ALA M 123 -41.55 -23.93 -46.82
CA ALA M 123 -40.96 -23.13 -47.88
C ALA M 123 -40.13 -24.06 -48.74
N LEU M 124 -39.34 -24.90 -48.09
CA LEU M 124 -38.69 -26.00 -48.76
C LEU M 124 -39.49 -27.27 -48.49
N ASP M 125 -39.85 -27.98 -49.54
CA ASP M 125 -40.64 -29.19 -49.41
C ASP M 125 -39.74 -30.42 -49.35
N LEU M 126 -39.57 -30.97 -48.15
CA LEU M 126 -38.69 -32.12 -47.92
C LEU M 126 -39.17 -33.40 -48.56
N THR M 127 -40.48 -33.52 -48.70
CA THR M 127 -41.08 -34.74 -49.27
C THR M 127 -40.80 -34.90 -50.77
N LYS M 128 -40.39 -33.81 -51.41
CA LYS M 128 -39.99 -33.83 -52.82
C LYS M 128 -38.49 -34.01 -53.01
N LEU M 129 -37.78 -34.31 -51.93
CA LEU M 129 -36.34 -34.58 -51.98
C LEU M 129 -36.02 -36.08 -51.92
N VAL M 130 -37.08 -36.89 -51.93
CA VAL M 130 -36.96 -38.35 -51.96
C VAL M 130 -36.52 -38.76 -53.36
N ILE M 131 -35.56 -39.68 -53.43
CA ILE M 131 -35.11 -40.22 -54.69
C ILE M 131 -35.72 -41.62 -54.85
N GLU M 132 -35.18 -42.62 -54.17
CA GLU M 132 -35.88 -43.89 -54.08
C GLU M 132 -36.34 -44.12 -52.65
N PRO M 133 -37.68 -44.09 -52.44
CA PRO M 133 -38.34 -44.02 -51.11
C PRO M 133 -37.81 -45.07 -50.14
N GLY M 134 -37.49 -44.64 -48.92
CA GLY M 134 -36.93 -45.54 -47.92
C GLY M 134 -35.47 -45.90 -48.17
N LYS M 135 -35.04 -45.85 -49.43
CA LYS M 135 -33.66 -46.16 -49.79
C LYS M 135 -32.74 -44.92 -49.79
N SER M 136 -33.10 -43.88 -50.55
CA SER M 136 -32.22 -42.72 -50.72
C SER M 136 -32.91 -41.37 -50.93
N VAL M 137 -32.43 -40.35 -50.20
CA VAL M 137 -32.98 -39.00 -50.23
C VAL M 137 -31.88 -37.94 -50.34
N TRP M 138 -32.24 -36.71 -50.71
CA TRP M 138 -31.29 -35.62 -50.66
C TRP M 138 -31.18 -35.07 -49.25
N THR M 139 -29.96 -34.80 -48.81
CA THR M 139 -29.74 -34.04 -47.61
C THR M 139 -29.23 -32.68 -48.07
N VAL M 140 -29.86 -31.63 -47.55
CA VAL M 140 -29.46 -30.26 -47.85
C VAL M 140 -28.75 -29.72 -46.63
N TRP M 141 -27.43 -29.61 -46.74
CA TRP M 141 -26.66 -28.93 -45.72
C TRP M 141 -26.65 -27.44 -46.00
N LEU M 142 -27.22 -26.69 -45.07
CA LEU M 142 -27.18 -25.24 -45.18
C LEU M 142 -26.23 -24.68 -44.13
N ASP M 143 -25.13 -24.10 -44.58
CA ASP M 143 -24.14 -23.52 -43.69
C ASP M 143 -24.10 -22.02 -43.86
N VAL M 144 -24.35 -21.32 -42.75
CA VAL M 144 -24.51 -19.86 -42.74
C VAL M 144 -23.40 -19.24 -41.90
N TYR M 145 -22.60 -18.40 -42.54
CA TYR M 145 -21.46 -17.78 -41.88
C TYR M 145 -21.62 -16.29 -41.72
N VAL M 146 -21.74 -15.86 -40.46
CA VAL M 146 -21.77 -14.44 -40.13
C VAL M 146 -20.35 -13.92 -40.18
N LEU M 147 -20.08 -13.08 -41.17
CA LEU M 147 -18.73 -12.56 -41.39
C LEU M 147 -18.51 -11.22 -40.69
N ASP M 148 -19.58 -10.44 -40.55
CA ASP M 148 -19.52 -9.10 -39.96
C ASP M 148 -20.74 -8.89 -39.08
N TYR M 149 -20.49 -8.69 -37.78
CA TYR M 149 -21.59 -8.52 -36.84
C TYR M 149 -22.01 -7.06 -36.74
N GLY M 150 -23.07 -6.69 -37.43
CA GLY M 150 -23.56 -5.33 -37.44
C GLY M 150 -24.94 -5.17 -36.82
N GLY M 151 -25.37 -6.16 -36.04
CA GLY M 151 -26.68 -6.12 -35.39
C GLY M 151 -27.74 -6.72 -36.29
N ASN M 152 -28.80 -7.25 -35.66
CA ASN M 152 -29.89 -7.93 -36.35
C ASN M 152 -29.43 -9.03 -37.30
N VAL M 153 -28.62 -9.90 -36.76
CA VAL M 153 -28.01 -10.97 -37.50
C VAL M 153 -29.04 -11.99 -37.98
N LEU M 154 -30.04 -12.26 -37.16
CA LEU M 154 -31.09 -13.21 -37.52
C LEU M 154 -31.79 -12.91 -38.85
N ASP M 155 -32.21 -11.66 -39.06
CA ASP M 155 -32.87 -11.28 -40.31
C ASP M 155 -31.97 -11.47 -41.52
N ALA M 156 -30.69 -11.19 -41.35
CA ALA M 156 -29.72 -11.38 -42.43
C ALA M 156 -29.50 -12.85 -42.73
N CYS M 157 -29.52 -13.67 -41.67
CA CYS M 157 -29.36 -15.11 -41.84
C CYS M 157 -30.50 -15.74 -42.61
N THR M 158 -31.71 -15.29 -42.34
CA THR M 158 -32.87 -15.79 -43.03
C THR M 158 -32.75 -15.44 -44.50
N LEU M 159 -32.42 -14.19 -44.77
CA LEU M 159 -32.31 -13.73 -46.14
C LEU M 159 -31.22 -14.49 -46.87
N ALA M 160 -30.08 -14.68 -46.21
CA ALA M 160 -28.95 -15.40 -46.80
C ALA M 160 -29.33 -16.84 -47.08
N SER M 161 -30.03 -17.46 -46.13
CA SER M 161 -30.46 -18.85 -46.24
C SER M 161 -31.45 -19.05 -47.39
N VAL M 162 -32.45 -18.19 -47.44
CA VAL M 162 -33.47 -18.27 -48.47
C VAL M 162 -32.82 -18.08 -49.83
N ALA M 163 -31.95 -17.08 -49.93
CA ALA M 163 -31.27 -16.80 -51.19
C ALA M 163 -30.39 -17.96 -51.64
N ALA M 164 -29.70 -18.57 -50.67
CA ALA M 164 -28.82 -19.68 -51.01
C ALA M 164 -29.64 -20.85 -51.55
N LEU M 165 -30.78 -21.12 -50.93
CA LEU M 165 -31.64 -22.23 -51.34
C LEU M 165 -32.16 -22.02 -52.75
N TYR M 166 -32.56 -20.79 -53.05
CA TYR M 166 -33.05 -20.45 -54.37
C TYR M 166 -31.96 -20.46 -55.41
N ASN M 167 -30.71 -20.35 -54.98
CA ASN M 167 -29.59 -20.33 -55.89
C ASN M 167 -29.08 -21.73 -56.16
N THR M 168 -29.58 -22.68 -55.38
CA THR M 168 -29.09 -24.05 -55.39
C THR M 168 -29.46 -24.82 -56.65
N LYS M 169 -28.42 -25.38 -57.27
CA LYS M 169 -28.52 -26.26 -58.42
C LYS M 169 -28.56 -27.71 -57.95
N VAL M 170 -29.46 -28.49 -58.53
CA VAL M 170 -29.53 -29.92 -58.26
C VAL M 170 -28.92 -30.67 -59.45
N TYR M 171 -28.18 -31.74 -59.16
CA TYR M 171 -27.45 -32.50 -60.18
C TYR M 171 -28.09 -33.83 -60.61
N LYS M 172 -27.60 -34.37 -61.74
CA LYS M 172 -28.10 -35.64 -62.26
C LYS M 172 -27.75 -36.81 -61.35
N VAL M 173 -28.65 -37.79 -61.28
CA VAL M 173 -28.49 -38.92 -60.38
C VAL M 173 -28.34 -40.22 -61.15
N GLU M 174 -27.10 -40.70 -61.26
CA GLU M 174 -26.79 -41.96 -61.91
C GLU M 174 -27.19 -43.18 -61.05
N GLN M 175 -28.30 -43.82 -61.43
CA GLN M 175 -28.83 -44.98 -60.71
C GLN M 175 -28.65 -46.27 -61.49
N ILE M 180 -27.48 -44.15 -57.01
CA ILE M 180 -26.20 -44.73 -56.64
C ILE M 180 -25.04 -43.74 -56.76
N SER M 181 -25.04 -42.90 -57.80
CA SER M 181 -23.96 -41.94 -58.04
C SER M 181 -24.47 -40.55 -58.48
N VAL M 182 -23.71 -39.52 -58.15
CA VAL M 182 -24.05 -38.13 -58.53
C VAL M 182 -23.15 -37.68 -59.69
N ASN M 183 -23.73 -36.94 -60.63
CA ASN M 183 -22.98 -36.40 -61.75
C ASN M 183 -22.97 -34.89 -61.69
N LYS M 184 -21.85 -34.34 -61.23
CA LYS M 184 -21.77 -32.92 -60.87
C LYS M 184 -21.51 -31.93 -62.02
N ASN M 185 -21.70 -32.37 -63.25
CA ASN M 185 -21.61 -31.44 -64.38
C ASN M 185 -22.84 -31.48 -65.30
N GLU M 186 -23.90 -32.12 -64.83
CA GLU M 186 -25.20 -32.04 -65.46
C GLU M 186 -26.18 -31.53 -64.42
N VAL M 187 -26.61 -30.29 -64.59
CA VAL M 187 -27.57 -29.66 -63.68
C VAL M 187 -29.01 -30.00 -64.06
N VAL M 188 -29.64 -30.86 -63.26
CA VAL M 188 -30.99 -31.35 -63.54
C VAL M 188 -32.08 -30.31 -63.27
N GLY M 189 -31.95 -29.54 -62.19
CA GLY M 189 -32.95 -28.54 -61.81
C GLY M 189 -32.62 -27.74 -60.56
N LYS M 190 -33.65 -27.40 -59.79
CA LYS M 190 -33.48 -26.57 -58.62
C LYS M 190 -34.19 -27.22 -57.44
N LEU M 191 -34.06 -26.62 -56.26
CA LEU M 191 -34.74 -27.10 -55.07
C LEU M 191 -36.26 -26.94 -55.14
N PRO M 192 -37.01 -27.89 -54.57
CA PRO M 192 -38.45 -27.79 -54.51
C PRO M 192 -38.88 -26.74 -53.49
N LEU M 193 -38.83 -25.47 -53.91
CA LEU M 193 -39.16 -24.36 -53.03
C LEU M 193 -40.54 -23.83 -53.39
N ASN M 194 -41.38 -23.65 -52.36
CA ASN M 194 -42.72 -23.12 -52.53
C ASN M 194 -42.76 -21.61 -52.58
N TYR M 195 -42.02 -20.97 -51.68
CA TYR M 195 -41.92 -19.52 -51.61
C TYR M 195 -40.74 -19.11 -50.75
N PRO M 196 -40.28 -17.85 -50.90
CA PRO M 196 -39.31 -17.31 -49.94
C PRO M 196 -40.00 -17.01 -48.62
N VAL M 197 -39.20 -16.74 -47.60
CA VAL M 197 -39.70 -16.41 -46.27
C VAL M 197 -38.84 -15.26 -45.82
N VAL M 198 -39.40 -14.33 -45.07
CA VAL M 198 -38.56 -13.33 -44.39
C VAL M 198 -38.81 -13.32 -42.89
N THR M 199 -37.74 -13.04 -42.14
CA THR M 199 -37.90 -12.76 -40.73
C THR M 199 -37.66 -11.27 -40.48
N ILE M 200 -38.61 -10.64 -39.79
CA ILE M 200 -38.49 -9.25 -39.38
C ILE M 200 -38.31 -9.15 -37.88
N SER M 201 -37.23 -8.49 -37.45
CA SER M 201 -36.98 -8.24 -36.04
C SER M 201 -37.37 -6.82 -35.61
N VAL M 202 -38.13 -6.75 -34.52
CA VAL M 202 -38.56 -5.47 -33.94
C VAL M 202 -38.03 -5.34 -32.51
N ALA M 203 -37.26 -4.28 -32.29
CA ALA M 203 -36.60 -4.05 -31.01
C ALA M 203 -37.38 -3.04 -30.17
N LYS M 204 -37.52 -3.36 -28.90
CA LYS M 204 -38.13 -2.49 -27.93
C LYS M 204 -37.00 -1.71 -27.29
N VAL M 205 -37.00 -0.40 -27.51
CA VAL M 205 -36.02 0.49 -26.89
C VAL M 205 -36.76 1.60 -26.20
N ASP M 206 -36.62 1.66 -24.88
CA ASP M 206 -37.38 2.60 -24.04
C ASP M 206 -38.87 2.34 -24.23
N LYS M 207 -39.58 3.31 -24.80
CA LYS M 207 -40.99 3.15 -25.12
C LYS M 207 -41.24 3.05 -26.63
N TYR M 208 -40.16 2.83 -27.38
CA TYR M 208 -40.23 2.89 -28.85
C TYR M 208 -39.99 1.53 -29.46
N LEU M 209 -40.59 1.28 -30.62
CA LEU M 209 -40.36 0.06 -31.37
C LEU M 209 -39.61 0.41 -32.64
N VAL M 210 -38.55 -0.34 -32.89
CA VAL M 210 -37.63 -0.04 -33.96
C VAL M 210 -37.37 -1.30 -34.78
N VAL M 211 -37.51 -1.17 -36.10
CA VAL M 211 -37.34 -2.28 -37.04
C VAL M 211 -35.87 -2.43 -37.41
N ASP M 212 -35.39 -3.67 -37.49
CA ASP M 212 -34.02 -3.93 -37.93
C ASP M 212 -33.02 -3.10 -37.09
N PRO M 213 -32.83 -3.48 -35.81
CA PRO M 213 -31.92 -2.72 -34.96
C PRO M 213 -30.46 -2.91 -35.35
N ASP M 214 -29.70 -1.82 -35.35
CA ASP M 214 -28.27 -1.92 -35.59
C ASP M 214 -27.52 -2.29 -34.30
N LEU M 215 -26.19 -2.26 -34.38
CA LEU M 215 -25.34 -2.71 -33.30
C LEU M 215 -25.60 -1.90 -32.01
N ASP M 216 -25.58 -0.57 -32.14
CA ASP M 216 -25.84 0.32 -31.02
C ASP M 216 -27.23 0.11 -30.48
N GLU M 217 -28.21 0.02 -31.37
CA GLU M 217 -29.59 -0.17 -30.96
C GLU M 217 -29.80 -1.46 -30.18
N GLU M 218 -29.12 -2.53 -30.63
CA GLU M 218 -29.25 -3.83 -29.97
C GLU M 218 -28.69 -3.79 -28.55
N SER M 219 -27.62 -3.04 -28.33
CA SER M 219 -26.99 -2.99 -27.02
C SER M 219 -27.78 -2.17 -25.98
N ILE M 220 -28.73 -1.36 -26.44
CA ILE M 220 -29.56 -0.54 -25.52
C ILE M 220 -31.02 -0.98 -25.42
N MET M 221 -31.43 -1.89 -26.31
CA MET M 221 -32.80 -2.42 -26.29
C MET M 221 -33.13 -3.17 -25.01
N ASP M 222 -34.41 -3.18 -24.66
CA ASP M 222 -34.89 -4.04 -23.59
C ASP M 222 -34.91 -5.46 -24.08
N ALA M 223 -35.54 -5.67 -25.24
CA ALA M 223 -35.67 -6.97 -25.86
C ALA M 223 -36.02 -6.80 -27.34
N LYS M 224 -35.84 -7.86 -28.14
CA LYS M 224 -36.37 -7.83 -29.50
C LYS M 224 -37.21 -9.05 -29.80
N ILE M 225 -38.09 -8.92 -30.78
CA ILE M 225 -38.98 -10.00 -31.17
C ILE M 225 -38.94 -10.17 -32.70
N SER M 226 -38.78 -11.40 -33.15
CA SER M 226 -38.63 -11.66 -34.57
C SER M 226 -39.79 -12.47 -35.10
N PHE M 227 -40.40 -11.98 -36.17
CA PHE M 227 -41.56 -12.63 -36.79
C PHE M 227 -41.14 -13.12 -38.18
N SER M 228 -41.55 -14.34 -38.50
CA SER M 228 -41.28 -14.90 -39.80
C SER M 228 -42.57 -14.97 -40.57
N TYR M 229 -42.53 -14.47 -41.82
CA TYR M 229 -43.71 -14.48 -42.69
C TYR M 229 -43.51 -15.20 -44.02
N THR M 230 -44.60 -15.77 -44.51
CA THR M 230 -44.69 -16.23 -45.89
C THR M 230 -45.28 -15.09 -46.71
N PRO M 231 -45.15 -15.16 -48.04
CA PRO M 231 -45.65 -14.11 -48.96
C PRO M 231 -47.13 -13.79 -48.78
N ASP M 232 -47.93 -14.79 -48.46
CA ASP M 232 -49.33 -14.57 -48.09
C ASP M 232 -49.43 -14.38 -46.58
N LEU M 233 -48.44 -13.65 -46.05
CA LEU M 233 -48.44 -13.03 -44.72
C LEU M 233 -48.99 -13.89 -43.58
N LYS M 234 -48.70 -15.18 -43.65
CA LYS M 234 -48.96 -16.07 -42.54
C LYS M 234 -47.75 -16.03 -41.62
N ILE M 235 -48.00 -15.96 -40.31
CA ILE M 235 -46.91 -16.00 -39.33
C ILE M 235 -46.40 -17.43 -39.26
N VAL M 236 -45.09 -17.58 -39.31
CA VAL M 236 -44.49 -18.89 -39.49
C VAL M 236 -43.40 -19.20 -38.44
N GLY M 237 -43.08 -18.19 -37.65
CA GLY M 237 -42.18 -18.35 -36.52
C GLY M 237 -42.18 -17.08 -35.71
N ILE M 238 -42.11 -17.21 -34.39
CA ILE M 238 -41.86 -16.05 -33.52
C ILE M 238 -40.77 -16.41 -32.51
N GLN M 239 -39.85 -15.46 -32.27
CA GLN M 239 -38.79 -15.63 -31.28
C GLN M 239 -38.49 -14.32 -30.57
N LYS M 240 -38.80 -14.29 -29.28
CA LYS M 240 -38.39 -13.16 -28.44
C LYS M 240 -36.94 -13.36 -28.05
N SER M 241 -36.24 -12.26 -27.91
CA SER M 241 -34.81 -12.28 -27.68
C SER M 241 -34.46 -11.12 -26.76
N GLY M 242 -33.40 -11.28 -25.98
CA GLY M 242 -32.91 -10.21 -25.15
C GLY M 242 -33.21 -10.37 -23.69
N LYS M 243 -32.44 -9.68 -22.88
CA LYS M 243 -32.45 -9.91 -21.44
C LYS M 243 -33.59 -9.16 -20.72
N GLY M 244 -34.33 -8.34 -21.46
CA GLY M 244 -35.46 -7.63 -20.90
C GLY M 244 -36.82 -8.18 -21.30
N SER M 245 -37.87 -7.52 -20.85
CA SER M 245 -39.22 -7.94 -21.16
C SER M 245 -39.92 -6.92 -22.08
N MET M 246 -41.18 -7.22 -22.39
CA MET M 246 -41.96 -6.48 -23.36
C MET M 246 -43.42 -6.61 -22.97
N SER M 247 -44.20 -5.54 -23.13
CA SER M 247 -45.61 -5.63 -22.76
C SER M 247 -46.45 -6.32 -23.83
N LEU M 248 -47.68 -6.69 -23.44
CA LEU M 248 -48.63 -7.32 -24.34
C LEU M 248 -48.82 -6.46 -25.57
N GLN M 249 -49.14 -5.20 -25.34
CA GLN M 249 -49.38 -4.27 -26.43
C GLN M 249 -48.16 -3.94 -27.27
N ASP M 250 -46.98 -4.04 -26.67
CA ASP M 250 -45.73 -3.89 -27.44
C ASP M 250 -45.66 -4.95 -28.52
N ILE M 251 -45.96 -6.17 -28.14
CA ILE M 251 -45.92 -7.31 -29.02
C ILE M 251 -47.00 -7.19 -30.10
N ASP M 252 -48.19 -6.79 -29.69
CA ASP M 252 -49.28 -6.53 -30.62
C ASP M 252 -48.83 -5.56 -31.71
N GLN M 253 -48.30 -4.41 -31.33
CA GLN M 253 -47.86 -3.39 -32.28
C GLN M 253 -46.68 -3.86 -33.09
N ALA M 254 -45.77 -4.59 -32.45
CA ALA M 254 -44.57 -5.09 -33.12
C ALA M 254 -44.95 -5.96 -34.32
N GLU M 255 -45.98 -6.81 -34.14
CA GLU M 255 -46.34 -7.75 -35.20
C GLU M 255 -47.00 -6.99 -36.34
N ASN M 256 -47.84 -6.01 -36.00
CA ASN M 256 -48.43 -5.12 -36.99
C ASN M 256 -47.35 -4.49 -37.81
N THR M 257 -46.40 -3.84 -37.13
CA THR M 257 -45.26 -3.22 -37.77
C THR M 257 -44.49 -4.24 -38.62
N ALA M 258 -44.16 -5.38 -38.01
CA ALA M 258 -43.37 -6.40 -38.67
C ALA M 258 -44.01 -6.81 -39.99
N ARG M 259 -45.34 -6.95 -39.96
CA ARG M 259 -46.09 -7.43 -41.11
C ARG M 259 -46.04 -6.47 -42.29
N SER M 260 -46.29 -5.19 -42.07
CA SER M 260 -46.26 -4.24 -43.16
C SER M 260 -44.83 -3.97 -43.65
N THR M 261 -43.85 -4.34 -42.83
CA THR M 261 -42.47 -4.30 -43.25
C THR M 261 -42.16 -5.50 -44.15
N ALA M 262 -42.74 -6.63 -43.79
CA ALA M 262 -42.48 -7.90 -44.48
C ALA M 262 -42.79 -7.80 -45.96
N VAL M 263 -43.87 -7.10 -46.29
CA VAL M 263 -44.28 -6.87 -47.67
C VAL M 263 -43.15 -6.25 -48.48
N LYS M 264 -42.63 -5.12 -48.00
CA LYS M 264 -41.54 -4.44 -48.69
C LYS M 264 -40.33 -5.32 -48.82
N LEU M 265 -39.98 -6.01 -47.73
CA LEU M 265 -38.77 -6.83 -47.70
C LEU M 265 -38.87 -8.01 -48.64
N LEU M 266 -40.05 -8.63 -48.71
CA LEU M 266 -40.30 -9.73 -49.64
C LEU M 266 -40.12 -9.30 -51.09
N GLU M 267 -40.64 -8.13 -51.41
CA GLU M 267 -40.54 -7.57 -52.76
C GLU M 267 -39.08 -7.40 -53.14
N GLU M 268 -38.30 -6.85 -52.21
CA GLU M 268 -36.91 -6.56 -52.48
C GLU M 268 -36.11 -7.84 -52.57
N LEU M 269 -36.46 -8.82 -51.75
CA LEU M 269 -35.84 -10.13 -51.80
C LEU M 269 -36.04 -10.79 -53.17
N LYS M 270 -37.28 -10.70 -53.66
CA LYS M 270 -37.62 -11.30 -54.93
C LYS M 270 -36.87 -10.67 -56.08
N LYS M 271 -36.76 -9.34 -56.10
CA LYS M 271 -35.92 -8.64 -57.06
C LYS M 271 -34.50 -9.20 -57.10
N HIS M 272 -33.94 -9.44 -55.92
CA HIS M 272 -32.60 -9.99 -55.83
C HIS M 272 -32.52 -11.41 -56.37
N LEU M 273 -33.54 -12.21 -56.08
CA LEU M 273 -33.58 -13.62 -56.50
C LEU M 273 -34.03 -13.80 -57.94
N GLY M 274 -34.50 -12.72 -58.57
CA GLY M 274 -35.15 -12.82 -59.87
C GLY M 274 -36.51 -13.47 -59.66
N ILE M 275 -37.22 -12.97 -58.65
CA ILE M 275 -38.48 -13.52 -58.11
C ILE M 275 -38.39 -15.01 -57.72
N GLU N 8 -49.72 -43.81 -39.35
CA GLU N 8 -50.98 -43.11 -38.95
C GLU N 8 -50.66 -41.76 -38.27
N ARG N 9 -51.60 -40.82 -38.41
CA ARG N 9 -51.64 -39.56 -37.67
C ARG N 9 -53.00 -39.44 -36.95
N PRO N 10 -52.99 -39.17 -35.63
CA PRO N 10 -54.21 -39.08 -34.81
C PRO N 10 -54.97 -37.75 -34.96
N LYS N 11 -56.30 -37.84 -34.96
CA LYS N 11 -57.15 -36.66 -34.94
C LYS N 11 -57.06 -36.05 -33.55
N LEU N 12 -56.86 -34.73 -33.50
CA LEU N 12 -56.55 -34.02 -32.26
C LEU N 12 -57.79 -33.41 -31.59
N ILE N 13 -58.79 -33.14 -32.40
CA ILE N 13 -60.01 -32.55 -31.88
C ILE N 13 -61.15 -33.45 -32.25
N LEU N 14 -61.78 -34.01 -31.24
CA LEU N 14 -62.76 -35.05 -31.48
C LEU N 14 -64.12 -34.53 -31.94
N ASP N 15 -65.06 -35.45 -32.00
CA ASP N 15 -66.32 -35.22 -32.67
C ASP N 15 -67.24 -34.32 -31.86
N ASP N 16 -67.04 -34.31 -30.54
CA ASP N 16 -67.86 -33.58 -29.58
C ASP N 16 -67.28 -32.21 -29.20
N GLY N 17 -66.13 -31.87 -29.77
CA GLY N 17 -65.45 -30.60 -29.51
C GLY N 17 -64.19 -30.78 -28.68
N LYS N 18 -64.23 -31.77 -27.79
CA LYS N 18 -63.16 -32.03 -26.82
C LYS N 18 -61.88 -32.57 -27.43
N ARG N 19 -60.80 -32.46 -26.66
CA ARG N 19 -59.47 -32.85 -27.09
C ARG N 19 -59.16 -34.31 -26.75
N THR N 20 -57.98 -34.78 -27.13
CA THR N 20 -57.61 -36.19 -26.95
C THR N 20 -57.60 -36.65 -25.51
N ASP N 21 -57.32 -35.73 -24.58
CA ASP N 21 -57.37 -36.06 -23.16
C ASP N 21 -58.71 -35.69 -22.47
N GLY N 22 -59.71 -35.32 -23.28
CA GLY N 22 -61.05 -34.99 -22.77
C GLY N 22 -61.23 -33.53 -22.39
N ARG N 23 -60.19 -32.72 -22.56
CA ARG N 23 -60.27 -31.31 -22.22
C ARG N 23 -60.97 -30.49 -23.30
N LYS N 24 -61.61 -29.40 -22.89
CA LYS N 24 -62.13 -28.41 -23.81
C LYS N 24 -60.97 -27.51 -24.23
N PRO N 25 -61.15 -26.72 -25.31
CA PRO N 25 -60.05 -25.86 -25.79
C PRO N 25 -59.56 -24.84 -24.79
N ASP N 26 -60.42 -24.44 -23.85
CA ASP N 26 -60.07 -23.41 -22.86
C ASP N 26 -59.71 -23.96 -21.47
N GLU N 27 -59.28 -25.23 -21.42
CA GLU N 27 -59.00 -25.88 -20.13
C GLU N 27 -57.54 -26.22 -19.90
N LEU N 28 -57.02 -25.84 -18.73
CA LEU N 28 -55.66 -26.16 -18.34
C LEU N 28 -55.60 -27.59 -17.86
N ARG N 29 -54.41 -28.16 -17.93
CA ARG N 29 -54.14 -29.44 -17.29
C ARG N 29 -54.14 -29.23 -15.77
N SER N 30 -54.17 -30.33 -15.02
CA SER N 30 -54.02 -30.29 -13.58
C SER N 30 -52.65 -29.70 -13.23
N ILE N 31 -52.61 -28.93 -12.14
CA ILE N 31 -51.36 -28.31 -11.69
C ILE N 31 -51.01 -28.71 -10.26
N LYS N 32 -49.74 -29.02 -10.05
CA LYS N 32 -49.22 -29.34 -8.72
C LYS N 32 -47.90 -28.60 -8.50
N ILE N 33 -47.82 -27.90 -7.40
CA ILE N 33 -46.62 -27.11 -7.05
C ILE N 33 -46.21 -27.37 -5.61
N GLU N 34 -44.93 -27.65 -5.40
CA GLU N 34 -44.36 -27.63 -4.05
C GLU N 34 -42.98 -26.99 -3.95
N LEU N 35 -42.74 -26.33 -2.83
CA LEU N 35 -41.55 -25.55 -2.62
C LEU N 35 -40.71 -26.10 -1.49
N GLY N 36 -39.42 -25.77 -1.50
CA GLY N 36 -38.50 -26.11 -0.42
C GLY N 36 -38.33 -27.61 -0.28
N VAL N 37 -38.18 -28.28 -1.42
CA VAL N 37 -38.19 -29.75 -1.46
C VAL N 37 -36.77 -30.32 -1.36
N LEU N 38 -35.77 -29.50 -1.65
CA LEU N 38 -34.38 -29.89 -1.58
C LEU N 38 -33.70 -29.19 -0.42
N LYS N 39 -33.15 -29.97 0.48
CA LYS N 39 -32.59 -29.45 1.72
C LYS N 39 -31.29 -28.68 1.50
N ASN N 40 -30.49 -29.12 0.54
CA ASN N 40 -29.17 -28.53 0.36
C ASN N 40 -29.09 -27.40 -0.66
N ALA N 41 -30.22 -27.00 -1.21
CA ALA N 41 -30.28 -25.87 -2.13
C ALA N 41 -30.73 -24.65 -1.36
N ASP N 42 -30.52 -23.47 -1.93
CA ASP N 42 -30.98 -22.25 -1.27
C ASP N 42 -32.45 -22.04 -1.50
N GLY N 43 -32.94 -22.52 -2.63
CA GLY N 43 -34.36 -22.50 -2.95
C GLY N 43 -34.65 -23.64 -3.89
N SER N 44 -35.83 -24.22 -3.80
CA SER N 44 -36.21 -25.30 -4.69
C SER N 44 -37.72 -25.38 -4.87
N ALA N 45 -38.13 -25.95 -5.99
CA ALA N 45 -39.54 -26.10 -6.34
C ALA N 45 -39.74 -27.28 -7.30
N ILE N 46 -40.83 -28.01 -7.10
CA ILE N 46 -41.28 -28.98 -8.09
C ILE N 46 -42.54 -28.43 -8.71
N PHE N 47 -42.61 -28.45 -10.04
CA PHE N 47 -43.79 -27.98 -10.77
C PHE N 47 -44.34 -29.06 -11.69
N GLU N 48 -45.66 -29.21 -11.70
CA GLU N 48 -46.31 -30.21 -12.55
C GLU N 48 -47.47 -29.64 -13.33
N MET N 49 -47.42 -29.78 -14.66
CA MET N 49 -48.58 -29.52 -15.50
C MET N 49 -48.93 -30.79 -16.22
N GLY N 50 -50.07 -31.36 -15.87
CA GLY N 50 -50.43 -32.67 -16.38
C GLY N 50 -49.27 -33.58 -16.08
N ASN N 51 -48.75 -34.23 -17.11
CA ASN N 51 -47.66 -35.19 -16.96
C ASN N 51 -46.28 -34.59 -17.19
N THR N 52 -46.19 -33.27 -17.23
CA THR N 52 -44.89 -32.64 -17.30
C THR N 52 -44.45 -32.27 -15.87
N LYS N 53 -43.35 -32.89 -15.44
CA LYS N 53 -42.74 -32.63 -14.12
C LYS N 53 -41.37 -31.99 -14.29
N ALA N 54 -41.12 -30.92 -13.55
CA ALA N 54 -39.80 -30.34 -13.49
C ALA N 54 -39.42 -30.04 -12.05
N ILE N 55 -38.14 -30.20 -11.76
CA ILE N 55 -37.58 -29.79 -10.48
C ILE N 55 -36.52 -28.72 -10.72
N ALA N 56 -36.49 -27.72 -9.85
CA ALA N 56 -35.55 -26.62 -9.98
C ALA N 56 -34.90 -26.35 -8.64
N ALA N 57 -33.59 -26.17 -8.69
CA ALA N 57 -32.80 -25.86 -7.54
C ALA N 57 -32.06 -24.57 -7.81
N VAL N 58 -32.05 -23.69 -6.81
CA VAL N 58 -31.29 -22.46 -6.86
C VAL N 58 -30.17 -22.51 -5.82
N TYR N 59 -28.96 -22.23 -6.26
CA TYR N 59 -27.83 -22.06 -5.35
C TYR N 59 -27.50 -20.58 -5.30
N GLY N 60 -27.82 -19.98 -4.14
CA GLY N 60 -28.07 -18.55 -3.94
C GLY N 60 -26.93 -17.65 -4.33
N PRO N 61 -27.12 -16.32 -4.16
CA PRO N 61 -26.09 -15.38 -4.60
C PRO N 61 -24.76 -15.72 -3.91
N LYS N 62 -23.72 -15.92 -4.71
CA LYS N 62 -22.41 -16.33 -4.19
C LYS N 62 -21.28 -15.81 -5.09
N GLU N 63 -20.14 -15.47 -4.48
CA GLU N 63 -18.96 -15.03 -5.22
C GLU N 63 -18.62 -16.03 -6.32
N MET N 64 -18.14 -15.53 -7.45
CA MET N 64 -17.99 -16.41 -8.61
C MET N 64 -16.60 -17.01 -8.79
N HIS N 65 -16.60 -18.31 -9.10
CA HIS N 65 -15.39 -19.14 -9.19
C HIS N 65 -14.21 -18.46 -9.92
N PRO N 66 -14.26 -18.34 -11.26
CA PRO N 66 -13.24 -17.53 -11.93
C PRO N 66 -13.73 -16.08 -12.06
N ARG N 67 -13.02 -15.15 -11.43
CA ARG N 67 -13.53 -13.80 -11.27
C ARG N 67 -13.72 -13.03 -12.58
N HIS N 68 -12.85 -13.28 -13.57
CA HIS N 68 -12.94 -12.58 -14.85
C HIS N 68 -14.29 -12.78 -15.55
N LEU N 69 -14.99 -13.86 -15.18
CA LEU N 69 -16.30 -14.17 -15.73
C LEU N 69 -17.45 -13.48 -15.00
N SER N 70 -17.14 -12.83 -13.88
CA SER N 70 -18.15 -12.09 -13.11
C SER N 70 -18.38 -10.70 -13.68
N LEU N 71 -19.45 -10.05 -13.21
CA LEU N 71 -19.81 -8.70 -13.65
C LEU N 71 -19.71 -7.69 -12.51
N PRO N 72 -19.19 -6.49 -12.82
CA PRO N 72 -18.94 -5.46 -11.81
C PRO N 72 -20.20 -4.85 -11.20
N ASP N 73 -21.33 -4.95 -11.89
CA ASP N 73 -22.56 -4.26 -11.48
C ASP N 73 -23.75 -5.20 -11.25
N ARG N 74 -23.60 -6.47 -11.66
CA ARG N 74 -24.69 -7.43 -11.65
C ARG N 74 -24.24 -8.81 -11.17
N ALA N 75 -25.24 -9.64 -10.88
CA ALA N 75 -25.01 -11.07 -10.73
C ALA N 75 -25.11 -11.73 -12.09
N VAL N 76 -24.32 -12.76 -12.29
CA VAL N 76 -24.42 -13.59 -13.46
C VAL N 76 -25.43 -14.69 -13.16
N LEU N 77 -26.40 -14.87 -14.05
CA LEU N 77 -27.29 -16.02 -13.97
C LEU N 77 -26.69 -17.19 -14.74
N ARG N 78 -26.63 -18.35 -14.10
CA ARG N 78 -26.20 -19.58 -14.74
C ARG N 78 -27.37 -20.55 -14.73
N VAL N 79 -27.89 -20.84 -15.92
CA VAL N 79 -29.12 -21.61 -16.06
C VAL N 79 -28.85 -22.91 -16.84
N ARG N 80 -29.40 -24.00 -16.33
CA ARG N 80 -29.31 -25.28 -17.03
C ARG N 80 -30.69 -25.87 -17.18
N TYR N 81 -31.13 -25.96 -18.44
CA TYR N 81 -32.31 -26.73 -18.80
C TYR N 81 -31.86 -28.10 -19.22
N HIS N 82 -32.39 -29.12 -18.57
CA HIS N 82 -31.97 -30.48 -18.86
C HIS N 82 -33.11 -31.48 -18.70
N MET N 83 -33.12 -32.46 -19.59
CA MET N 83 -34.11 -33.53 -19.57
C MET N 83 -33.46 -34.82 -19.18
N THR N 84 -34.02 -35.48 -18.16
CA THR N 84 -33.49 -36.76 -17.72
C THR N 84 -33.76 -37.77 -18.83
N PRO N 85 -32.89 -38.78 -18.97
CA PRO N 85 -33.03 -39.77 -20.02
C PRO N 85 -34.35 -40.55 -19.98
N PHE N 86 -35.00 -40.59 -18.84
CA PHE N 86 -36.25 -41.34 -18.69
C PHE N 86 -37.49 -40.45 -18.62
N SER N 87 -37.36 -39.24 -19.15
CA SER N 87 -38.46 -38.30 -19.11
C SER N 87 -39.42 -38.49 -20.27
N THR N 88 -38.95 -39.14 -21.32
CA THR N 88 -39.76 -39.35 -22.52
C THR N 88 -40.02 -40.83 -22.77
N ASP N 89 -40.66 -41.16 -23.89
CA ASP N 89 -40.97 -42.54 -24.21
C ASP N 89 -39.74 -43.28 -24.71
N GLU N 90 -39.05 -42.68 -25.67
CA GLU N 90 -37.75 -43.16 -26.10
C GLU N 90 -36.66 -42.46 -25.27
N ARG N 91 -35.67 -43.23 -24.80
CA ARG N 91 -34.60 -42.69 -23.96
C ARG N 91 -33.85 -41.54 -24.64
N LYS N 92 -33.93 -40.36 -24.03
CA LYS N 92 -33.14 -39.18 -24.43
C LYS N 92 -31.67 -39.31 -23.99
N ASN N 93 -30.76 -38.93 -24.88
CA ASN N 93 -29.34 -38.91 -24.56
C ASN N 93 -29.03 -37.78 -23.57
N PRO N 94 -28.38 -38.11 -22.44
CA PRO N 94 -28.09 -37.14 -21.39
C PRO N 94 -27.26 -35.95 -21.87
N ALA N 95 -26.42 -36.17 -22.89
CA ALA N 95 -25.63 -35.10 -23.48
C ALA N 95 -26.54 -33.99 -23.98
N PRO N 96 -26.15 -32.73 -23.69
CA PRO N 96 -27.02 -31.62 -24.05
C PRO N 96 -27.24 -31.55 -25.56
N SER N 97 -28.51 -31.47 -25.95
CA SER N 97 -28.91 -31.39 -27.36
C SER N 97 -28.96 -29.92 -27.77
N ARG N 98 -28.94 -29.66 -29.07
CA ARG N 98 -29.12 -28.29 -29.56
C ARG N 98 -30.40 -27.65 -28.99
N ARG N 99 -31.48 -28.44 -28.89
CA ARG N 99 -32.71 -27.97 -28.27
C ARG N 99 -32.47 -27.52 -26.83
N GLU N 100 -31.76 -28.36 -26.08
CA GLU N 100 -31.48 -28.09 -24.65
C GLU N 100 -30.61 -26.85 -24.47
N ILE N 101 -29.71 -26.61 -25.42
CA ILE N 101 -28.85 -25.44 -25.38
C ILE N 101 -29.64 -24.13 -25.62
N GLU N 102 -30.51 -24.14 -26.64
CA GLU N 102 -31.33 -22.99 -26.94
C GLU N 102 -32.30 -22.67 -25.80
N LEU N 103 -32.99 -23.69 -25.29
CA LEU N 103 -33.97 -23.48 -24.26
C LEU N 103 -33.33 -22.93 -22.98
N SER N 104 -32.12 -23.41 -22.68
CA SER N 104 -31.35 -22.88 -21.56
C SER N 104 -31.18 -21.38 -21.68
N LYS N 105 -30.84 -20.92 -22.89
CA LYS N 105 -30.68 -19.48 -23.17
C LYS N 105 -32.00 -18.73 -23.07
N VAL N 106 -33.01 -19.25 -23.73
CA VAL N 106 -34.32 -18.64 -23.69
C VAL N 106 -34.84 -18.51 -22.27
N ILE N 107 -34.71 -19.57 -21.47
CA ILE N 107 -35.12 -19.53 -20.06
C ILE N 107 -34.25 -18.55 -19.23
N ARG N 108 -32.96 -18.50 -19.52
CA ARG N 108 -32.09 -17.59 -18.80
C ARG N 108 -32.48 -16.16 -19.05
N GLU N 109 -32.76 -15.82 -20.30
CA GLU N 109 -33.14 -14.43 -20.65
C GLU N 109 -34.49 -14.09 -20.01
N ALA N 110 -35.41 -15.05 -20.03
CA ALA N 110 -36.68 -14.88 -19.33
C ALA N 110 -36.45 -14.47 -17.87
N LEU N 111 -35.63 -15.24 -17.16
CA LEU N 111 -35.33 -15.00 -15.76
C LEU N 111 -34.58 -13.70 -15.55
N GLU N 112 -33.66 -13.38 -16.44
CA GLU N 112 -32.91 -12.14 -16.34
C GLU N 112 -33.80 -10.91 -16.33
N SER N 113 -34.95 -11.00 -16.99
CA SER N 113 -35.89 -9.88 -17.03
C SER N 113 -36.69 -9.72 -15.74
N ALA N 114 -36.61 -10.71 -14.85
CA ALA N 114 -37.39 -10.73 -13.61
C ALA N 114 -36.51 -10.51 -12.38
N VAL N 115 -35.36 -11.17 -12.37
CA VAL N 115 -34.49 -11.16 -11.23
C VAL N 115 -33.70 -9.84 -11.19
N LEU N 116 -33.66 -9.24 -10.00
CA LEU N 116 -32.96 -7.99 -9.78
C LEU N 116 -31.47 -8.24 -9.55
N VAL N 117 -30.80 -8.62 -10.62
CA VAL N 117 -29.39 -8.99 -10.59
C VAL N 117 -28.43 -7.88 -10.15
N GLU N 118 -28.84 -6.63 -10.31
CA GLU N 118 -28.02 -5.49 -9.94
C GLU N 118 -27.67 -5.49 -8.46
N LEU N 119 -28.56 -6.09 -7.68
CA LEU N 119 -28.42 -6.13 -6.23
C LEU N 119 -27.22 -6.95 -5.76
N PHE N 120 -26.68 -7.80 -6.62
CA PHE N 120 -25.62 -8.69 -6.21
C PHE N 120 -24.45 -8.68 -7.18
N PRO N 121 -23.67 -7.58 -7.17
CA PRO N 121 -22.53 -7.54 -8.10
C PRO N 121 -21.48 -8.60 -7.76
N ARG N 122 -20.77 -9.06 -8.78
CA ARG N 122 -19.66 -10.01 -8.62
C ARG N 122 -20.08 -11.38 -8.10
N THR N 123 -21.38 -11.67 -8.15
CA THR N 123 -21.88 -12.96 -7.69
C THR N 123 -22.50 -13.77 -8.81
N ALA N 124 -22.66 -15.07 -8.57
CA ALA N 124 -23.37 -15.96 -9.47
C ALA N 124 -24.58 -16.54 -8.78
N ILE N 125 -25.69 -16.59 -9.51
CA ILE N 125 -26.89 -17.30 -9.08
C ILE N 125 -27.07 -18.51 -9.99
N ASP N 126 -27.04 -19.69 -9.39
CA ASP N 126 -27.18 -20.92 -10.16
C ASP N 126 -28.57 -21.47 -10.12
N VAL N 127 -29.10 -21.75 -11.30
CA VAL N 127 -30.43 -22.31 -11.46
C VAL N 127 -30.34 -23.57 -12.29
N PHE N 128 -30.54 -24.70 -11.63
CA PHE N 128 -30.59 -25.98 -12.33
C PHE N 128 -32.01 -26.55 -12.43
N THR N 129 -32.37 -26.93 -13.65
CA THR N 129 -33.70 -27.43 -13.93
C THR N 129 -33.56 -28.84 -14.46
N GLU N 130 -34.44 -29.73 -14.00
CA GLU N 130 -34.48 -31.08 -14.55
C GLU N 130 -35.90 -31.49 -14.85
N ILE N 131 -36.14 -31.87 -16.11
CA ILE N 131 -37.41 -32.42 -16.52
C ILE N 131 -37.40 -33.91 -16.20
N LEU N 132 -38.35 -34.32 -15.36
CA LEU N 132 -38.46 -35.72 -14.91
C LEU N 132 -39.43 -36.47 -15.79
N GLN N 133 -40.41 -35.76 -16.33
CA GLN N 133 -41.36 -36.28 -17.31
C GLN N 133 -41.73 -35.18 -18.28
N ALA N 134 -41.59 -35.49 -19.57
CA ALA N 134 -41.94 -34.56 -20.62
C ALA N 134 -43.29 -34.95 -21.22
N ASP N 135 -44.20 -33.98 -21.24
CA ASP N 135 -45.48 -34.14 -21.92
C ASP N 135 -45.86 -32.81 -22.53
N ALA N 136 -44.89 -32.18 -23.18
CA ALA N 136 -45.05 -30.85 -23.80
C ALA N 136 -45.13 -29.72 -22.78
N GLY N 137 -44.62 -28.56 -23.18
CA GLY N 137 -44.66 -27.36 -22.32
C GLY N 137 -43.61 -27.39 -21.22
N SER N 138 -42.63 -28.29 -21.37
CA SER N 138 -41.61 -28.49 -20.36
C SER N 138 -40.76 -27.26 -20.17
N ARG N 139 -40.51 -26.54 -21.27
CA ARG N 139 -39.70 -25.33 -21.19
C ARG N 139 -40.35 -24.33 -20.23
N LEU N 140 -41.69 -24.28 -20.26
CA LEU N 140 -42.45 -23.36 -19.40
C LEU N 140 -42.53 -23.85 -17.96
N VAL N 141 -42.78 -25.15 -17.79
CA VAL N 141 -42.80 -25.76 -16.48
C VAL N 141 -41.44 -25.57 -15.81
N SER N 142 -40.37 -25.77 -16.57
CA SER N 142 -39.02 -25.53 -16.11
C SER N 142 -38.86 -24.07 -15.65
N LEU N 143 -39.26 -23.14 -16.51
CA LEU N 143 -39.16 -21.70 -16.21
C LEU N 143 -39.91 -21.30 -14.94
N MET N 144 -41.11 -21.85 -14.79
CA MET N 144 -41.93 -21.52 -13.63
C MET N 144 -41.31 -22.12 -12.36
N ALA N 145 -40.89 -23.37 -12.44
CA ALA N 145 -40.23 -24.02 -11.32
C ALA N 145 -39.01 -23.18 -10.89
N ALA N 146 -38.25 -22.72 -11.88
CA ALA N 146 -37.08 -21.86 -11.66
C ALA N 146 -37.50 -20.57 -10.94
N SER N 147 -38.52 -19.90 -11.50
CA SER N 147 -39.05 -18.67 -10.89
C SER N 147 -39.43 -18.88 -9.43
N LEU N 148 -40.08 -20.00 -9.14
CA LEU N 148 -40.54 -20.26 -7.80
C LEU N 148 -39.39 -20.67 -6.88
N ALA N 149 -38.42 -21.43 -7.40
CA ALA N 149 -37.22 -21.78 -6.63
C ALA N 149 -36.43 -20.53 -6.24
N LEU N 150 -36.45 -19.53 -7.11
CA LEU N 150 -35.83 -18.25 -6.81
C LEU N 150 -36.55 -17.52 -5.67
N ALA N 151 -37.88 -17.54 -5.72
CA ALA N 151 -38.67 -16.94 -4.66
C ALA N 151 -38.43 -17.70 -3.35
N ASP N 152 -38.26 -19.02 -3.45
CA ASP N 152 -37.99 -19.88 -2.30
C ASP N 152 -36.64 -19.54 -1.67
N ALA N 153 -35.70 -19.09 -2.51
CA ALA N 153 -34.39 -18.67 -2.05
C ALA N 153 -34.41 -17.23 -1.50
N GLY N 154 -35.55 -16.55 -1.67
CA GLY N 154 -35.70 -15.15 -1.24
C GLY N 154 -34.96 -14.16 -2.13
N ILE N 155 -34.72 -14.55 -3.37
CA ILE N 155 -34.07 -13.67 -4.30
C ILE N 155 -35.09 -12.69 -4.86
N PRO N 156 -34.82 -11.39 -4.67
CA PRO N 156 -35.71 -10.28 -5.08
C PRO N 156 -35.97 -10.27 -6.58
N MET N 157 -37.24 -10.19 -6.96
CA MET N 157 -37.61 -10.22 -8.36
C MET N 157 -38.72 -9.21 -8.62
N ARG N 158 -38.83 -8.75 -9.86
CA ARG N 158 -39.91 -7.85 -10.24
C ARG N 158 -41.28 -8.49 -10.02
N ASP N 159 -41.39 -9.77 -10.33
CA ASP N 159 -42.66 -10.47 -10.23
C ASP N 159 -42.37 -11.96 -10.37
N LEU N 160 -43.36 -12.80 -10.06
CA LEU N 160 -43.25 -14.20 -10.41
C LEU N 160 -43.47 -14.38 -11.91
N ILE N 161 -43.01 -15.51 -12.47
CA ILE N 161 -43.27 -15.83 -13.88
C ILE N 161 -44.26 -16.98 -14.03
N ALA N 162 -45.30 -16.75 -14.82
CA ALA N 162 -46.27 -17.81 -15.17
C ALA N 162 -46.39 -17.96 -16.69
N GLY N 163 -46.49 -19.19 -17.16
CA GLY N 163 -46.58 -19.46 -18.59
C GLY N 163 -47.47 -20.62 -19.03
N VAL N 164 -47.94 -20.56 -20.28
CA VAL N 164 -48.59 -21.68 -20.96
C VAL N 164 -48.27 -21.66 -22.42
N ALA N 165 -48.22 -22.86 -23.01
CA ALA N 165 -48.20 -23.02 -24.47
C ALA N 165 -49.65 -22.98 -24.94
N VAL N 166 -49.96 -21.98 -25.75
CA VAL N 166 -51.23 -21.90 -26.46
C VAL N 166 -50.94 -22.43 -27.88
N GLY N 167 -51.95 -22.94 -28.57
CA GLY N 167 -51.71 -23.48 -29.90
C GLY N 167 -52.94 -23.61 -30.76
N LYS N 168 -52.77 -24.30 -31.89
CA LYS N 168 -53.84 -24.52 -32.87
C LYS N 168 -53.88 -25.98 -33.23
N ALA N 169 -55.04 -26.60 -33.06
CA ALA N 169 -55.19 -28.03 -33.23
C ALA N 169 -55.80 -28.40 -34.58
N ASP N 170 -57.13 -28.38 -34.69
CA ASP N 170 -57.74 -28.65 -36.00
C ASP N 170 -58.46 -27.40 -36.47
N GLY N 171 -57.66 -26.35 -36.64
CA GLY N 171 -58.17 -25.03 -36.93
C GLY N 171 -58.64 -24.38 -35.65
N VAL N 172 -58.56 -25.12 -34.54
CA VAL N 172 -59.12 -24.67 -33.27
C VAL N 172 -58.01 -24.23 -32.33
N ILE N 173 -58.17 -23.03 -31.77
CA ILE N 173 -57.21 -22.49 -30.85
C ILE N 173 -57.41 -23.10 -29.46
N ILE N 174 -56.35 -23.72 -28.95
CA ILE N 174 -56.38 -24.51 -27.72
C ILE N 174 -55.33 -24.09 -26.68
N LEU N 175 -55.63 -24.38 -25.43
CA LEU N 175 -54.80 -23.93 -24.32
C LEU N 175 -54.09 -25.08 -23.65
N ASP N 176 -52.76 -24.95 -23.51
CA ASP N 176 -51.92 -25.87 -22.72
C ASP N 176 -51.83 -27.26 -23.34
N LEU N 177 -50.79 -27.48 -24.16
CA LEU N 177 -50.78 -28.60 -25.10
C LEU N 177 -50.29 -29.93 -24.55
N ASN N 178 -50.89 -31.03 -25.05
CA ASN N 178 -50.38 -32.40 -24.98
C ASN N 178 -49.10 -32.57 -25.76
N GLU N 179 -48.34 -33.62 -25.46
CA GLU N 179 -47.35 -34.12 -26.42
C GLU N 179 -48.08 -34.35 -27.78
N THR N 180 -49.24 -35.03 -27.75
CA THR N 180 -50.01 -35.32 -28.97
C THR N 180 -50.29 -34.06 -29.79
N GLU N 181 -50.81 -33.04 -29.11
CA GLU N 181 -51.18 -31.78 -29.72
C GLU N 181 -49.95 -31.03 -30.25
N ASP N 182 -48.86 -31.10 -29.50
CA ASP N 182 -47.59 -30.52 -29.91
C ASP N 182 -47.08 -31.11 -31.22
N MET N 183 -46.93 -32.43 -31.25
CA MET N 183 -46.47 -33.16 -32.44
C MET N 183 -47.28 -32.86 -33.69
N TRP N 184 -48.61 -32.98 -33.57
CA TRP N 184 -49.48 -32.98 -34.72
C TRP N 184 -50.21 -31.68 -35.02
N GLY N 185 -50.14 -30.72 -34.12
CA GLY N 185 -50.83 -29.44 -34.28
C GLY N 185 -50.20 -28.53 -35.32
N GLU N 186 -50.94 -27.52 -35.76
CA GLU N 186 -50.42 -26.55 -36.73
C GLU N 186 -49.51 -25.52 -36.07
N ALA N 187 -49.71 -25.27 -34.78
CA ALA N 187 -48.96 -24.25 -34.08
C ALA N 187 -48.74 -24.61 -32.63
N ASP N 188 -47.63 -24.10 -32.11
CA ASP N 188 -47.24 -24.27 -30.72
C ASP N 188 -46.57 -22.98 -30.28
N MET N 189 -47.22 -22.26 -29.36
CA MET N 189 -46.78 -20.92 -28.98
C MET N 189 -46.65 -20.81 -27.48
N PRO N 190 -45.48 -21.17 -26.93
CA PRO N 190 -45.20 -20.96 -25.52
C PRO N 190 -45.05 -19.47 -25.19
N ILE N 191 -45.79 -19.03 -24.18
CA ILE N 191 -45.80 -17.63 -23.74
C ILE N 191 -45.64 -17.56 -22.21
N ALA N 192 -44.76 -16.69 -21.75
CA ALA N 192 -44.56 -16.52 -20.30
C ALA N 192 -44.52 -15.05 -19.90
N MET N 193 -45.18 -14.71 -18.79
CA MET N 193 -45.23 -13.31 -18.33
C MET N 193 -44.95 -13.14 -16.87
N MET N 194 -44.65 -11.88 -16.51
CA MET N 194 -44.77 -11.38 -15.15
C MET N 194 -46.14 -10.72 -15.10
N PRO N 195 -47.15 -11.50 -14.68
CA PRO N 195 -48.57 -11.22 -14.91
C PRO N 195 -49.06 -9.92 -14.33
N SER N 196 -48.53 -9.55 -13.18
CA SER N 196 -48.89 -8.30 -12.49
C SER N 196 -48.43 -7.08 -13.25
N LEU N 197 -47.30 -7.22 -13.93
CA LEU N 197 -46.73 -6.14 -14.72
C LEU N 197 -47.19 -6.16 -16.18
N ASN N 198 -47.88 -7.23 -16.59
CA ASN N 198 -48.23 -7.47 -17.99
C ASN N 198 -47.00 -7.43 -18.90
N GLN N 199 -45.92 -8.02 -18.42
CA GLN N 199 -44.67 -8.01 -19.15
C GLN N 199 -44.38 -9.42 -19.58
N VAL N 200 -44.20 -9.60 -20.90
CA VAL N 200 -43.89 -10.90 -21.49
C VAL N 200 -42.42 -11.18 -21.34
N THR N 201 -42.14 -12.36 -20.84
CA THR N 201 -40.81 -12.79 -20.45
C THR N 201 -40.21 -13.82 -21.45
N LEU N 202 -41.06 -14.74 -21.91
CA LEU N 202 -40.70 -15.68 -22.93
C LEU N 202 -41.77 -15.68 -24.00
N PHE N 203 -41.37 -15.66 -25.27
CA PHE N 203 -42.33 -15.70 -26.37
C PHE N 203 -41.81 -16.40 -27.63
N GLN N 204 -42.38 -17.56 -27.92
CA GLN N 204 -42.01 -18.31 -29.10
C GLN N 204 -43.22 -18.86 -29.83
N LEU N 205 -43.06 -19.01 -31.14
CA LEU N 205 -44.02 -19.76 -31.92
C LEU N 205 -43.29 -20.65 -32.90
N ASN N 206 -43.57 -21.93 -32.83
CA ASN N 206 -43.27 -22.80 -33.95
C ASN N 206 -44.56 -23.30 -34.59
N GLY N 207 -44.57 -23.28 -35.92
CA GLY N 207 -45.76 -23.66 -36.65
C GLY N 207 -46.24 -22.48 -37.43
N SER N 208 -47.55 -22.34 -37.51
CA SER N 208 -48.13 -21.46 -38.51
C SER N 208 -49.46 -20.91 -38.02
N MET N 209 -49.65 -19.61 -38.20
CA MET N 209 -50.85 -18.91 -37.76
C MET N 209 -51.08 -17.65 -38.58
N THR N 210 -52.33 -17.31 -38.78
CA THR N 210 -52.67 -16.01 -39.33
C THR N 210 -52.56 -15.00 -38.18
N PRO N 211 -52.30 -13.71 -38.49
CA PRO N 211 -52.26 -12.69 -37.46
C PRO N 211 -53.47 -12.77 -36.53
N ASP N 212 -54.66 -12.98 -37.09
CA ASP N 212 -55.90 -13.09 -36.30
C ASP N 212 -55.83 -14.23 -35.30
N GLU N 213 -55.49 -15.41 -35.80
CA GLU N 213 -55.32 -16.56 -34.93
C GLU N 213 -54.29 -16.23 -33.84
N PHE N 214 -53.22 -15.56 -34.25
CA PHE N 214 -52.15 -15.19 -33.34
C PHE N 214 -52.72 -14.38 -32.20
N ARG N 215 -53.51 -13.37 -32.55
CA ARG N 215 -54.11 -12.51 -31.53
C ARG N 215 -55.11 -13.25 -30.61
N GLN N 216 -55.90 -14.16 -31.17
CA GLN N 216 -56.87 -14.93 -30.40
C GLN N 216 -56.14 -15.83 -29.41
N ALA N 217 -55.14 -16.54 -29.91
CA ALA N 217 -54.35 -17.45 -29.09
C ALA N 217 -53.69 -16.67 -27.93
N PHE N 218 -53.15 -15.51 -28.26
CA PHE N 218 -52.51 -14.63 -27.30
C PHE N 218 -53.45 -14.29 -26.14
N ASP N 219 -54.70 -13.94 -26.45
CA ASP N 219 -55.71 -13.64 -25.43
C ASP N 219 -55.96 -14.82 -24.50
N LEU N 220 -56.01 -16.02 -25.09
CA LEU N 220 -56.31 -17.23 -24.34
C LEU N 220 -55.18 -17.61 -23.39
N ALA N 221 -53.95 -17.38 -23.84
CA ALA N 221 -52.77 -17.60 -23.01
C ALA N 221 -52.82 -16.73 -21.76
N VAL N 222 -53.29 -15.49 -21.90
CA VAL N 222 -53.35 -14.57 -20.77
C VAL N 222 -54.28 -15.09 -19.66
N LYS N 223 -55.45 -15.57 -20.03
CA LYS N 223 -56.39 -16.10 -19.06
C LYS N 223 -55.81 -17.32 -18.34
N GLY N 224 -55.17 -18.20 -19.10
CA GLY N 224 -54.50 -19.36 -18.53
C GLY N 224 -53.40 -18.92 -17.57
N ILE N 225 -52.57 -17.99 -18.04
CA ILE N 225 -51.46 -17.47 -17.24
C ILE N 225 -51.95 -16.89 -15.91
N ASN N 226 -53.06 -16.15 -15.97
CA ASN N 226 -53.63 -15.52 -14.79
C ASN N 226 -54.11 -16.52 -13.76
N ILE N 227 -54.62 -17.65 -14.22
CA ILE N 227 -55.02 -18.72 -13.32
C ILE N 227 -53.79 -19.37 -12.67
N ILE N 228 -52.79 -19.70 -13.47
CA ILE N 228 -51.56 -20.29 -12.99
C ILE N 228 -50.87 -19.38 -11.99
N TYR N 229 -50.88 -18.09 -12.27
CA TYR N 229 -50.29 -17.09 -11.40
C TYR N 229 -50.83 -17.12 -9.97
N ASN N 230 -52.15 -17.21 -9.83
CA ASN N 230 -52.78 -17.28 -8.53
C ASN N 230 -52.33 -18.51 -7.75
N LEU N 231 -52.15 -19.60 -8.47
CA LEU N 231 -51.70 -20.83 -7.87
C LEU N 231 -50.28 -20.67 -7.37
N GLU N 232 -49.44 -20.01 -8.16
CA GLU N 232 -48.07 -19.74 -7.78
C GLU N 232 -48.04 -18.91 -6.49
N ARG N 233 -48.81 -17.83 -6.48
CA ARG N 233 -48.96 -16.99 -5.31
C ARG N 233 -49.35 -17.78 -4.06
N GLU N 234 -50.27 -18.73 -4.23
CA GLU N 234 -50.73 -19.56 -3.12
C GLU N 234 -49.66 -20.54 -2.69
N ALA N 235 -48.92 -21.08 -3.65
CA ALA N 235 -47.82 -22.00 -3.38
C ALA N 235 -46.77 -21.30 -2.52
N LEU N 236 -46.64 -20.00 -2.70
CA LEU N 236 -45.69 -19.20 -1.97
C LEU N 236 -46.02 -19.14 -0.48
N LYS N 237 -47.30 -19.10 -0.17
CA LYS N 237 -47.74 -19.03 1.22
C LYS N 237 -47.79 -20.40 1.87
N SER N 238 -48.33 -21.40 1.16
CA SER N 238 -48.60 -22.72 1.76
C SER N 238 -47.57 -23.79 1.41
N LYS N 239 -46.64 -23.46 0.51
CA LYS N 239 -45.58 -24.39 0.08
C LYS N 239 -46.07 -25.60 -0.73
N TYR N 240 -47.39 -25.73 -0.87
CA TYR N 240 -47.99 -26.86 -1.56
C TYR N 240 -49.34 -26.50 -2.13
N VAL N 241 -49.54 -26.77 -3.41
CA VAL N 241 -50.78 -26.46 -4.10
C VAL N 241 -51.16 -27.56 -5.10
N GLU N 242 -52.41 -28.02 -5.01
CA GLU N 242 -52.97 -28.92 -6.01
C GLU N 242 -54.15 -28.25 -6.68
N PHE N 243 -54.23 -28.39 -8.00
CA PHE N 243 -55.31 -27.80 -8.77
C PHE N 243 -55.76 -28.80 -9.83
N LYS N 244 -56.99 -29.28 -9.70
CA LYS N 244 -57.58 -30.17 -10.69
C LYS N 244 -57.94 -29.35 -11.93
N GLU N 245 -57.92 -30.00 -13.10
CA GLU N 245 -58.21 -29.32 -14.39
C GLU N 245 -59.54 -28.60 -14.37
N GLU N 246 -59.55 -27.39 -14.95
CA GLU N 246 -60.81 -26.69 -15.22
C GLU N 246 -60.70 -25.57 -16.25
N GLY N 247 -61.86 -25.11 -16.71
CA GLY N 247 -61.97 -24.09 -17.75
C GLY N 247 -61.52 -22.70 -17.35
N VAL N 248 -61.03 -21.96 -18.33
CA VAL N 248 -60.59 -20.57 -18.15
C VAL N 248 -61.77 -19.63 -17.85
N MET O 1 -8.55 -23.06 -33.06
CA MET O 1 -7.74 -21.86 -32.68
C MET O 1 -6.30 -22.22 -32.28
N SER O 2 -5.33 -21.53 -32.88
CA SER O 2 -3.92 -21.77 -32.57
C SER O 2 -3.34 -20.50 -31.99
N SER O 3 -2.79 -20.59 -30.79
CA SER O 3 -2.24 -19.41 -30.12
C SER O 3 -0.83 -19.59 -29.58
N THR O 4 -0.11 -18.48 -29.49
CA THR O 4 1.25 -18.46 -28.96
C THR O 4 1.25 -19.09 -27.56
N PRO O 5 2.08 -20.13 -27.36
CA PRO O 5 2.16 -20.80 -26.06
C PRO O 5 2.61 -19.88 -24.92
N SER O 6 1.78 -19.76 -23.88
CA SER O 6 2.03 -18.86 -22.74
C SER O 6 2.95 -19.47 -21.68
N ASN O 7 3.10 -20.79 -21.74
CA ASN O 7 4.03 -21.53 -20.88
C ASN O 7 5.52 -21.40 -21.30
N GLN O 8 5.80 -20.94 -22.52
CA GLN O 8 7.17 -20.69 -23.05
C GLN O 8 8.39 -20.53 -22.10
N ASN O 9 9.51 -21.18 -22.45
CA ASN O 9 10.74 -21.17 -21.62
C ASN O 9 11.67 -19.96 -21.78
N ILE O 10 11.11 -18.75 -21.68
CA ILE O 10 11.89 -17.58 -22.05
C ILE O 10 13.26 -17.62 -21.37
N ILE O 11 14.28 -17.81 -22.19
CA ILE O 11 15.64 -18.07 -21.73
C ILE O 11 16.54 -16.83 -21.84
N PRO O 12 17.05 -16.32 -20.69
CA PRO O 12 17.68 -14.99 -20.59
C PRO O 12 18.76 -14.73 -21.62
N ILE O 13 18.86 -13.47 -22.03
CA ILE O 13 19.79 -13.05 -23.06
C ILE O 13 21.22 -13.47 -22.69
N ILE O 14 21.56 -13.34 -21.40
CA ILE O 14 22.89 -13.66 -20.89
C ILE O 14 23.30 -15.11 -21.18
N LYS O 15 22.37 -16.04 -20.96
CA LYS O 15 22.63 -17.44 -21.25
C LYS O 15 22.72 -17.69 -22.75
N LYS O 16 21.90 -16.99 -23.52
CA LYS O 16 21.92 -17.15 -24.97
C LYS O 16 23.27 -16.75 -25.55
N GLU O 17 23.75 -15.58 -25.13
CA GLU O 17 25.06 -15.10 -25.55
C GLU O 17 26.15 -16.09 -25.19
N SER O 18 26.06 -16.70 -24.01
CA SER O 18 26.96 -17.76 -23.60
C SER O 18 27.07 -18.83 -24.67
N ILE O 19 25.92 -19.32 -25.11
CA ILE O 19 25.87 -20.40 -26.08
C ILE O 19 26.34 -19.93 -27.46
N VAL O 20 25.94 -18.73 -27.87
CA VAL O 20 26.41 -18.18 -29.13
C VAL O 20 27.92 -18.04 -29.12
N SER O 21 28.47 -17.47 -28.05
CA SER O 21 29.94 -17.36 -27.89
C SER O 21 30.69 -18.69 -28.12
N LEU O 22 30.05 -19.81 -27.79
CA LEU O 22 30.63 -21.13 -28.04
C LEU O 22 30.54 -21.52 -29.52
N PHE O 23 29.39 -21.25 -30.14
CA PHE O 23 29.16 -21.48 -31.58
C PHE O 23 30.18 -20.75 -32.44
N GLU O 24 30.55 -19.56 -31.99
CA GLU O 24 31.58 -18.77 -32.67
C GLU O 24 32.92 -19.53 -32.71
N LYS O 25 33.16 -20.40 -31.73
CA LYS O 25 34.36 -21.20 -31.71
C LYS O 25 34.07 -22.59 -32.29
N GLY O 26 32.84 -22.77 -32.75
CA GLY O 26 32.47 -24.02 -33.40
C GLY O 26 32.32 -25.19 -32.45
N ILE O 27 31.68 -24.96 -31.32
CA ILE O 27 31.50 -26.01 -30.34
C ILE O 27 30.26 -25.70 -29.51
N ARG O 28 29.66 -26.73 -28.93
CA ARG O 28 28.45 -26.56 -28.13
C ARG O 28 28.64 -26.94 -26.67
N GLN O 29 27.63 -26.68 -25.85
CA GLN O 29 27.68 -26.94 -24.41
C GLN O 29 28.11 -28.36 -24.10
N ASP O 30 27.49 -29.33 -24.78
CA ASP O 30 27.81 -30.76 -24.59
C ASP O 30 29.11 -31.18 -25.25
N GLY O 31 29.71 -30.28 -26.01
CA GLY O 31 31.04 -30.50 -26.57
C GLY O 31 31.08 -31.01 -27.98
N ARG O 32 29.92 -31.19 -28.60
CA ARG O 32 29.90 -31.60 -30.00
C ARG O 32 30.03 -30.40 -30.98
N LYS O 33 30.28 -30.75 -32.24
CA LYS O 33 30.40 -29.78 -33.32
C LYS O 33 29.03 -29.33 -33.81
N LEU O 34 29.01 -28.28 -34.60
CA LEU O 34 27.76 -27.69 -35.06
C LEU O 34 26.96 -28.68 -35.90
N THR O 35 27.67 -29.64 -36.48
CA THR O 35 27.06 -30.60 -37.41
C THR O 35 26.86 -32.02 -36.83
N ASP O 36 27.24 -32.22 -35.56
CA ASP O 36 27.15 -33.52 -34.91
C ASP O 36 25.76 -33.86 -34.40
N TYR O 37 25.42 -35.14 -34.45
CA TYR O 37 24.25 -35.65 -33.76
C TYR O 37 24.58 -36.07 -32.35
N ARG O 38 23.57 -36.10 -31.50
CA ARG O 38 23.75 -36.61 -30.14
C ARG O 38 23.93 -38.12 -30.20
N PRO O 39 24.40 -38.74 -29.09
CA PRO O 39 24.52 -40.20 -29.01
C PRO O 39 23.17 -40.87 -29.24
N LEU O 40 23.16 -41.95 -30.01
CA LEU O 40 21.91 -42.63 -30.34
C LEU O 40 21.84 -44.06 -29.80
N SER O 41 20.79 -44.35 -29.03
CA SER O 41 20.47 -45.71 -28.58
C SER O 41 19.19 -46.15 -29.22
N ILE O 42 19.16 -47.40 -29.67
CA ILE O 42 17.90 -47.99 -30.11
C ILE O 42 17.78 -49.38 -29.53
N THR O 43 16.69 -49.58 -28.78
CA THR O 43 16.30 -50.88 -28.24
C THR O 43 15.02 -51.37 -28.94
N LEU O 44 15.16 -52.48 -29.66
CA LEU O 44 14.04 -53.05 -30.38
C LEU O 44 13.21 -53.95 -29.48
N ASP O 45 11.93 -54.06 -29.81
CA ASP O 45 11.00 -54.96 -29.12
C ASP O 45 10.90 -54.61 -27.63
N TYR O 46 10.91 -53.32 -27.33
CA TYR O 46 10.90 -52.88 -25.96
C TYR O 46 9.54 -53.11 -25.36
N ALA O 47 8.49 -52.88 -26.16
CA ALA O 47 7.12 -53.09 -25.72
C ALA O 47 6.65 -54.45 -26.23
N LYS O 48 6.64 -55.45 -25.35
CA LYS O 48 6.46 -56.84 -25.77
C LYS O 48 5.12 -57.15 -26.43
N LYS O 49 4.04 -56.57 -25.94
CA LYS O 49 2.71 -56.84 -26.48
C LYS O 49 2.41 -56.03 -27.76
N ALA O 50 3.38 -55.24 -28.22
CA ALA O 50 3.32 -54.62 -29.52
C ALA O 50 3.76 -55.58 -30.63
N ASP O 51 3.24 -55.37 -31.85
CA ASP O 51 3.65 -56.19 -33.00
C ASP O 51 5.09 -55.90 -33.39
N GLY O 52 5.50 -54.65 -33.20
CA GLY O 52 6.88 -54.25 -33.36
C GLY O 52 7.03 -52.97 -32.58
N SER O 53 8.21 -52.74 -32.00
CA SER O 53 8.42 -51.55 -31.17
C SER O 53 9.89 -51.19 -31.05
N ALA O 54 10.14 -49.94 -30.69
CA ALA O 54 11.50 -49.44 -30.52
C ALA O 54 11.57 -48.34 -29.48
N LEU O 55 12.54 -48.44 -28.58
CA LEU O 55 12.87 -47.35 -27.66
C LEU O 55 14.10 -46.60 -28.18
N VAL O 56 13.94 -45.32 -28.50
CA VAL O 56 15.02 -44.48 -29.02
C VAL O 56 15.47 -43.48 -27.96
N LYS O 57 16.76 -43.48 -27.64
CA LYS O 57 17.36 -42.40 -26.84
C LYS O 57 18.30 -41.59 -27.71
N LEU O 58 17.90 -40.34 -27.98
CA LEU O 58 18.75 -39.39 -28.70
C LEU O 58 19.10 -38.24 -27.78
N GLY O 59 20.33 -38.23 -27.26
CA GLY O 59 20.67 -37.34 -26.16
C GLY O 59 19.73 -37.68 -25.00
N THR O 60 19.07 -36.66 -24.45
CA THR O 60 18.15 -36.87 -23.34
C THR O 60 16.72 -37.04 -23.78
N THR O 61 16.49 -37.03 -25.11
CA THR O 61 15.14 -37.30 -25.63
C THR O 61 14.87 -38.80 -25.69
N MET O 62 13.73 -39.21 -25.17
CA MET O 62 13.28 -40.60 -25.31
C MET O 62 11.94 -40.72 -26.02
N VAL O 63 11.92 -41.59 -27.02
CA VAL O 63 10.69 -41.90 -27.71
C VAL O 63 10.45 -43.42 -27.79
N LEU O 64 9.27 -43.85 -27.36
CA LEU O 64 8.86 -45.21 -27.60
C LEU O 64 7.75 -45.26 -28.68
N ALA O 65 8.05 -45.93 -29.78
CA ALA O 65 7.08 -46.19 -30.85
C ALA O 65 6.66 -47.65 -30.84
N GLY O 66 5.38 -47.90 -31.06
CA GLY O 66 4.88 -49.25 -31.11
C GLY O 66 3.86 -49.39 -32.21
N THR O 67 3.86 -50.57 -32.86
CA THR O 67 2.90 -50.88 -33.93
C THR O 67 1.90 -51.93 -33.50
N LYS O 68 0.73 -51.84 -34.10
CA LYS O 68 -0.34 -52.77 -33.87
C LYS O 68 -1.04 -52.97 -35.22
N LEU O 69 -1.19 -54.24 -35.63
CA LEU O 69 -1.76 -54.56 -36.93
C LEU O 69 -3.16 -55.12 -36.79
N GLU O 70 -4.09 -54.59 -37.59
CA GLU O 70 -5.48 -55.04 -37.58
C GLU O 70 -6.05 -55.14 -38.98
N ILE O 71 -6.99 -56.07 -39.16
CA ILE O 71 -7.63 -56.26 -40.45
C ILE O 71 -8.85 -55.36 -40.58
N ASP O 72 -8.89 -54.58 -41.65
CA ASP O 72 -9.97 -53.64 -41.89
C ASP O 72 -10.45 -53.75 -43.34
N LYS O 73 -11.70 -53.34 -43.58
CA LYS O 73 -12.18 -53.08 -44.93
C LYS O 73 -11.44 -51.83 -45.40
N PRO O 74 -10.94 -51.83 -46.65
CA PRO O 74 -10.19 -50.67 -47.16
C PRO O 74 -11.11 -49.49 -47.38
N TYR O 75 -10.54 -48.30 -47.54
CA TYR O 75 -11.35 -47.14 -47.85
C TYR O 75 -11.84 -47.16 -49.30
N GLU O 76 -13.09 -46.74 -49.50
CA GLU O 76 -13.63 -46.55 -50.85
C GLU O 76 -12.69 -45.62 -51.63
N ASP O 77 -12.24 -44.57 -50.95
CA ASP O 77 -11.24 -43.61 -51.49
C ASP O 77 -9.84 -44.20 -51.83
N THR O 78 -9.58 -45.46 -51.44
CA THR O 78 -8.28 -46.14 -51.66
C THR O 78 -8.44 -47.67 -51.62
N PRO O 79 -8.99 -48.27 -52.70
CA PRO O 79 -9.45 -49.68 -52.66
C PRO O 79 -8.34 -50.74 -52.64
N ASN O 80 -7.15 -50.37 -53.10
CA ASN O 80 -6.03 -51.31 -53.20
C ASN O 80 -4.85 -50.86 -52.39
N GLN O 81 -5.14 -50.42 -51.17
CA GLN O 81 -4.14 -49.97 -50.22
C GLN O 81 -4.51 -50.39 -48.81
N GLY O 82 -3.51 -50.82 -48.07
CA GLY O 82 -3.60 -50.91 -46.62
C GLY O 82 -3.58 -49.52 -46.01
N ASN O 83 -3.69 -49.43 -44.69
CA ASN O 83 -3.78 -48.15 -44.01
C ASN O 83 -2.60 -47.94 -43.08
N LEU O 84 -2.11 -46.70 -43.04
CA LEU O 84 -1.15 -46.31 -42.04
C LEU O 84 -1.75 -45.20 -41.21
N ILE O 85 -1.81 -45.39 -39.90
CA ILE O 85 -2.28 -44.34 -39.01
C ILE O 85 -1.21 -44.02 -37.97
N VAL O 86 -0.68 -42.81 -38.05
CA VAL O 86 0.39 -42.38 -37.16
C VAL O 86 -0.17 -41.49 -36.07
N ASN O 87 0.27 -41.72 -34.85
CA ASN O 87 -0.22 -40.96 -33.73
C ASN O 87 0.87 -40.67 -32.73
N VAL O 88 0.95 -39.43 -32.29
CA VAL O 88 2.05 -39.01 -31.41
C VAL O 88 1.50 -38.46 -30.10
N GLU O 89 2.11 -38.87 -29.00
CA GLU O 89 1.76 -38.30 -27.70
C GLU O 89 2.95 -37.75 -26.95
N LEU O 90 2.81 -36.51 -26.51
CA LEU O 90 3.77 -35.87 -25.63
C LEU O 90 3.25 -36.01 -24.21
N LEU O 91 4.09 -36.39 -23.27
CA LEU O 91 3.63 -36.67 -21.90
C LEU O 91 4.09 -35.68 -20.83
N PRO O 92 5.32 -35.14 -20.95
CA PRO O 92 5.78 -34.15 -19.95
C PRO O 92 4.87 -32.93 -19.73
N ASP O 104 -3.31 -32.62 -28.89
CA ASP O 104 -2.47 -31.45 -28.65
C ASP O 104 -2.48 -30.52 -29.85
N GLU O 105 -1.41 -30.51 -30.66
CA GLU O 105 -1.17 -29.57 -31.77
C GLU O 105 0.24 -29.77 -32.31
N ASN O 106 1.21 -29.71 -31.40
CA ASN O 106 2.57 -30.08 -31.74
C ASN O 106 2.58 -31.55 -31.99
N ALA O 107 1.78 -32.27 -31.20
CA ALA O 107 1.67 -33.72 -31.33
C ALA O 107 1.09 -34.10 -32.69
N ILE O 108 0.10 -33.32 -33.12
CA ILE O 108 -0.52 -33.51 -34.43
C ILE O 108 0.49 -33.21 -35.52
N GLU O 109 1.17 -32.08 -35.41
CA GLU O 109 2.17 -31.71 -36.40
C GLU O 109 3.16 -32.84 -36.57
N LEU O 110 3.71 -33.32 -35.45
CA LEU O 110 4.71 -34.37 -35.46
C LEU O 110 4.16 -35.59 -36.15
N ALA O 111 2.99 -36.02 -35.71
CA ALA O 111 2.35 -37.19 -36.32
C ALA O 111 2.23 -37.06 -37.85
N ARG O 112 1.81 -35.89 -38.32
CA ARG O 112 1.63 -35.66 -39.75
C ARG O 112 2.93 -35.59 -40.54
N VAL O 113 3.96 -34.98 -39.94
CA VAL O 113 5.25 -34.82 -40.62
C VAL O 113 5.87 -36.20 -40.79
N VAL O 114 5.89 -36.96 -39.73
CA VAL O 114 6.37 -38.32 -39.76
C VAL O 114 5.58 -39.14 -40.80
N ASP O 115 4.25 -39.03 -40.72
CA ASP O 115 3.35 -39.73 -41.62
C ASP O 115 3.75 -39.43 -43.07
N ARG O 116 3.78 -38.15 -43.39
CA ARG O 116 4.09 -37.70 -44.72
C ARG O 116 5.39 -38.31 -45.24
N SER O 117 6.42 -38.30 -44.41
CA SER O 117 7.71 -38.77 -44.85
C SER O 117 7.74 -40.27 -45.04
N LEU O 118 6.95 -41.01 -44.27
CA LEU O 118 6.81 -42.46 -44.49
C LEU O 118 5.97 -42.83 -45.71
N ARG O 119 4.90 -42.08 -45.93
CA ARG O 119 3.91 -42.33 -47.00
C ARG O 119 4.41 -41.85 -48.37
N ASP O 120 4.86 -40.60 -48.45
CA ASP O 120 5.30 -40.03 -49.74
C ASP O 120 6.55 -40.71 -50.28
N SER O 121 7.41 -41.17 -49.38
CA SER O 121 8.62 -41.86 -49.75
C SER O 121 8.31 -43.26 -50.23
N LYS O 122 7.12 -43.74 -49.85
CA LYS O 122 6.77 -45.13 -50.04
C LYS O 122 7.81 -46.02 -49.36
N ALA O 123 8.27 -45.61 -48.18
CA ALA O 123 9.19 -46.45 -47.38
C ALA O 123 8.43 -47.67 -46.94
N LEU O 124 7.17 -47.46 -46.53
CA LEU O 124 6.21 -48.54 -46.37
C LEU O 124 5.28 -48.57 -47.56
N ASP O 125 5.15 -49.74 -48.16
CA ASP O 125 4.34 -49.88 -49.34
C ASP O 125 2.96 -50.36 -48.94
N LEU O 126 1.99 -49.44 -48.98
CA LEU O 126 0.63 -49.73 -48.57
C LEU O 126 -0.08 -50.73 -49.49
N THR O 127 0.30 -50.73 -50.77
CA THR O 127 -0.38 -51.54 -51.78
C THR O 127 -0.07 -53.02 -51.58
N LYS O 128 1.00 -53.31 -50.83
CA LYS O 128 1.34 -54.67 -50.45
C LYS O 128 0.74 -55.13 -49.14
N LEU O 129 -0.13 -54.30 -48.57
CA LEU O 129 -0.86 -54.66 -47.35
C LEU O 129 -2.27 -55.16 -47.63
N VAL O 130 -2.60 -55.31 -48.91
CA VAL O 130 -3.90 -55.83 -49.32
C VAL O 130 -3.94 -57.34 -49.07
N ILE O 131 -5.05 -57.81 -48.51
CA ILE O 131 -5.25 -59.24 -48.30
C ILE O 131 -6.21 -59.77 -49.38
N GLU O 132 -7.51 -59.56 -49.21
CA GLU O 132 -8.46 -59.71 -50.32
C GLU O 132 -8.77 -58.29 -50.80
N PRO O 133 -8.50 -58.01 -52.09
CA PRO O 133 -8.71 -56.66 -52.66
C PRO O 133 -10.14 -56.17 -52.51
N GLY O 134 -10.31 -54.94 -52.04
CA GLY O 134 -11.65 -54.38 -51.83
C GLY O 134 -12.40 -54.97 -50.64
N LYS O 135 -12.06 -56.19 -50.24
CA LYS O 135 -12.64 -56.82 -49.05
C LYS O 135 -11.87 -56.53 -47.75
N SER O 136 -10.57 -56.86 -47.71
CA SER O 136 -9.82 -56.73 -46.47
C SER O 136 -8.34 -56.37 -46.63
N VAL O 137 -7.91 -55.43 -45.81
CA VAL O 137 -6.51 -54.95 -45.79
C VAL O 137 -5.91 -54.85 -44.37
N TRP O 138 -4.59 -54.77 -44.27
CA TRP O 138 -3.92 -54.47 -43.00
C TRP O 138 -3.94 -52.99 -42.68
N THR O 139 -4.36 -52.67 -41.46
CA THR O 139 -4.19 -51.34 -40.93
C THR O 139 -3.02 -51.40 -39.98
N VAL O 140 -2.09 -50.48 -40.20
CA VAL O 140 -0.92 -50.34 -39.33
C VAL O 140 -1.11 -49.10 -38.44
N TRP O 141 -1.44 -49.37 -37.19
CA TRP O 141 -1.46 -48.32 -36.18
C TRP O 141 -0.06 -48.10 -35.65
N LEU O 142 0.47 -46.91 -35.87
CA LEU O 142 1.75 -46.54 -35.32
C LEU O 142 1.54 -45.51 -34.21
N ASP O 143 1.80 -45.90 -32.97
CA ASP O 143 1.68 -44.97 -31.86
C ASP O 143 3.00 -44.63 -31.25
N VAL O 144 3.30 -43.34 -31.22
CA VAL O 144 4.61 -42.84 -30.85
C VAL O 144 4.50 -42.02 -29.57
N TYR O 145 5.21 -42.46 -28.52
CA TYR O 145 5.15 -41.79 -27.23
C TYR O 145 6.46 -41.11 -26.87
N VAL O 146 6.42 -39.79 -26.80
CA VAL O 146 7.55 -39.02 -26.31
C VAL O 146 7.53 -39.08 -24.79
N LEU O 147 8.54 -39.74 -24.25
CA LEU O 147 8.62 -40.00 -22.82
C LEU O 147 9.44 -38.93 -22.11
N ASP O 148 10.46 -38.42 -22.82
CA ASP O 148 11.37 -37.44 -22.25
C ASP O 148 11.68 -36.39 -23.28
N TYR O 149 11.29 -35.14 -23.02
CA TYR O 149 11.47 -34.08 -23.98
C TYR O 149 12.83 -33.44 -23.85
N GLY O 150 13.77 -33.83 -24.70
CA GLY O 150 15.13 -33.28 -24.65
C GLY O 150 15.52 -32.43 -25.85
N GLY O 151 14.52 -31.91 -26.54
CA GLY O 151 14.75 -31.19 -27.80
C GLY O 151 14.93 -32.08 -29.03
N ASN O 152 14.58 -31.54 -30.19
CA ASN O 152 14.63 -32.27 -31.48
C ASN O 152 13.84 -33.59 -31.47
N VAL O 153 12.63 -33.50 -30.97
CA VAL O 153 11.74 -34.63 -30.81
C VAL O 153 11.35 -35.28 -32.14
N LEU O 154 11.15 -34.45 -33.17
CA LEU O 154 10.84 -34.94 -34.51
C LEU O 154 11.83 -35.98 -35.03
N ASP O 155 13.13 -35.68 -34.97
CA ASP O 155 14.11 -36.62 -35.49
C ASP O 155 14.08 -37.97 -34.74
N ALA O 156 13.83 -37.90 -33.43
CA ALA O 156 13.74 -39.10 -32.62
C ALA O 156 12.47 -39.88 -32.95
N CYS O 157 11.39 -39.17 -33.25
CA CYS O 157 10.11 -39.80 -33.61
C CYS O 157 10.23 -40.58 -34.92
N THR O 158 10.95 -40.01 -35.89
CA THR O 158 11.15 -40.65 -37.17
C THR O 158 11.94 -41.91 -36.94
N LEU O 159 13.04 -41.79 -36.20
CA LEU O 159 13.87 -42.95 -35.91
C LEU O 159 13.12 -44.06 -35.18
N ALA O 160 12.29 -43.67 -34.21
CA ALA O 160 11.49 -44.62 -33.43
C ALA O 160 10.47 -45.29 -34.31
N SER O 161 9.88 -44.50 -35.21
CA SER O 161 8.82 -44.99 -36.07
C SER O 161 9.38 -45.97 -37.09
N VAL O 162 10.48 -45.58 -37.73
CA VAL O 162 11.10 -46.43 -38.70
C VAL O 162 11.50 -47.75 -38.02
N ALA O 163 12.19 -47.65 -36.88
CA ALA O 163 12.63 -48.86 -36.17
C ALA O 163 11.47 -49.77 -35.78
N ALA O 164 10.37 -49.18 -35.33
CA ALA O 164 9.22 -49.94 -34.91
C ALA O 164 8.69 -50.72 -36.09
N LEU O 165 8.62 -50.04 -37.24
CA LEU O 165 8.08 -50.67 -38.42
C LEU O 165 8.93 -51.85 -38.80
N TYR O 166 10.25 -51.66 -38.73
CA TYR O 166 11.19 -52.70 -39.08
C TYR O 166 11.20 -53.86 -38.09
N ASN O 167 10.67 -53.60 -36.91
CA ASN O 167 10.66 -54.60 -35.87
C ASN O 167 9.35 -55.38 -35.91
N THR O 168 8.41 -54.87 -36.69
CA THR O 168 7.05 -55.41 -36.77
C THR O 168 6.94 -56.79 -37.40
N LYS O 169 6.36 -57.71 -36.64
CA LYS O 169 6.03 -59.05 -37.09
C LYS O 169 4.61 -59.10 -37.65
N VAL O 170 4.44 -59.78 -38.77
CA VAL O 170 3.12 -60.00 -39.38
C VAL O 170 2.67 -61.43 -39.11
N TYR O 171 1.39 -61.61 -38.80
CA TYR O 171 0.86 -62.92 -38.38
C TYR O 171 0.06 -63.62 -39.48
N LYS O 172 -0.16 -64.93 -39.27
CA LYS O 172 -0.93 -65.77 -40.20
C LYS O 172 -2.39 -65.35 -40.27
N VAL O 173 -2.95 -65.46 -41.47
CA VAL O 173 -4.32 -65.01 -41.71
C VAL O 173 -5.23 -66.20 -42.03
N GLU O 174 -6.03 -66.61 -41.04
CA GLU O 174 -7.00 -67.69 -41.22
C GLU O 174 -8.22 -67.20 -42.04
N GLN O 175 -8.28 -67.63 -43.31
CA GLN O 175 -9.38 -67.27 -44.23
C GLN O 175 -10.29 -68.46 -44.51
N ILE O 180 -10.41 -63.72 -42.67
CA ILE O 180 -11.48 -63.73 -41.67
C ILE O 180 -10.97 -63.68 -40.22
N SER O 181 -9.88 -64.40 -39.94
CA SER O 181 -9.31 -64.47 -38.58
C SER O 181 -7.78 -64.35 -38.55
N VAL O 182 -7.25 -63.78 -37.48
CA VAL O 182 -5.79 -63.65 -37.29
C VAL O 182 -5.30 -64.71 -36.30
N ASN O 183 -4.12 -65.27 -36.58
CA ASN O 183 -3.50 -66.26 -35.70
C ASN O 183 -2.21 -65.69 -35.13
N LYS O 184 -2.26 -65.24 -33.89
CA LYS O 184 -1.19 -64.45 -33.31
C LYS O 184 -0.01 -65.24 -32.70
N ASN O 185 0.08 -66.52 -33.02
CA ASN O 185 1.26 -67.31 -32.61
C ASN O 185 1.95 -68.02 -33.79
N GLU O 186 1.60 -67.62 -35.00
CA GLU O 186 2.35 -67.98 -36.19
C GLU O 186 2.77 -66.70 -36.90
N VAL O 187 4.06 -66.39 -36.83
CA VAL O 187 4.60 -65.20 -37.48
C VAL O 187 4.94 -65.50 -38.96
N VAL O 188 4.13 -64.94 -39.86
CA VAL O 188 4.25 -65.15 -41.31
C VAL O 188 5.43 -64.39 -41.94
N GLY O 189 5.67 -63.16 -41.50
CA GLY O 189 6.74 -62.35 -42.07
C GLY O 189 6.88 -60.98 -41.46
N LYS O 190 7.28 -60.01 -42.28
CA LYS O 190 7.49 -58.65 -41.84
C LYS O 190 6.76 -57.66 -42.73
N LEU O 191 6.86 -56.39 -42.39
CA LEU O 191 6.20 -55.34 -43.14
C LEU O 191 6.86 -55.11 -44.48
N PRO O 192 6.06 -54.83 -45.53
CA PRO O 192 6.63 -54.53 -46.84
C PRO O 192 7.35 -53.17 -46.83
N LEU O 193 8.58 -53.17 -46.33
CA LEU O 193 9.35 -51.94 -46.24
C LEU O 193 10.41 -51.88 -47.32
N ASN O 194 10.50 -50.73 -47.98
CA ASN O 194 11.44 -50.53 -49.08
C ASN O 194 12.82 -50.12 -48.58
N TYR O 195 12.81 -49.17 -47.66
CA TYR O 195 14.01 -48.64 -47.05
C TYR O 195 13.66 -47.87 -45.79
N PRO O 196 14.65 -47.65 -44.90
CA PRO O 196 14.48 -46.69 -43.82
C PRO O 196 14.49 -45.26 -44.34
N VAL O 197 14.01 -44.35 -43.50
CA VAL O 197 14.03 -42.94 -43.81
C VAL O 197 14.55 -42.25 -42.56
N VAL O 198 15.24 -41.14 -42.73
CA VAL O 198 15.64 -40.33 -41.56
C VAL O 198 15.20 -38.90 -41.76
N THR O 199 14.85 -38.24 -40.67
CA THR O 199 14.64 -36.80 -40.71
C THR O 199 15.77 -36.11 -39.95
N ILE O 200 16.38 -35.11 -40.59
CA ILE O 200 17.45 -34.33 -39.99
C ILE O 200 16.96 -32.91 -39.79
N SER O 201 17.04 -32.44 -38.54
CA SER O 201 16.65 -31.07 -38.21
C SER O 201 17.87 -30.15 -38.05
N VAL O 202 17.80 -29.00 -38.72
CA VAL O 202 18.84 -27.99 -38.62
C VAL O 202 18.25 -26.71 -38.04
N ALA O 203 18.79 -26.28 -36.90
CA ALA O 203 18.34 -25.08 -36.23
C ALA O 203 19.18 -23.87 -36.62
N LYS O 204 18.50 -22.74 -36.81
CA LYS O 204 19.13 -21.47 -37.05
C LYS O 204 19.23 -20.76 -35.71
N VAL O 205 20.45 -20.54 -35.23
CA VAL O 205 20.67 -19.80 -33.99
C VAL O 205 21.66 -18.69 -34.28
N ASP O 206 21.18 -17.45 -34.11
CA ASP O 206 21.96 -16.27 -34.46
C ASP O 206 22.31 -16.36 -35.94
N LYS O 207 23.60 -16.41 -36.26
CA LYS O 207 24.06 -16.58 -37.63
C LYS O 207 24.61 -17.97 -37.90
N TYR O 208 24.30 -18.91 -37.01
CA TYR O 208 24.87 -20.25 -37.08
C TYR O 208 23.80 -21.29 -37.40
N LEU O 209 24.22 -22.37 -38.04
CA LEU O 209 23.34 -23.50 -38.25
C LEU O 209 23.82 -24.69 -37.42
N VAL O 210 22.88 -25.34 -36.74
CA VAL O 210 23.23 -26.37 -35.79
C VAL O 210 22.34 -27.58 -36.02
N VAL O 211 22.96 -28.76 -36.11
CA VAL O 211 22.26 -30.01 -36.37
C VAL O 211 21.79 -30.62 -35.05
N ASP O 212 20.58 -31.18 -35.05
CA ASP O 212 20.02 -31.85 -33.88
C ASP O 212 20.11 -30.96 -32.63
N PRO O 213 19.31 -29.88 -32.59
CA PRO O 213 19.39 -28.96 -31.46
C PRO O 213 18.88 -29.61 -30.18
N ASP O 214 19.56 -29.37 -29.05
CA ASP O 214 19.07 -29.83 -27.75
C ASP O 214 18.05 -28.87 -27.17
N LEU O 215 17.68 -29.10 -25.92
CA LEU O 215 16.61 -28.32 -25.28
C LEU O 215 16.92 -26.82 -25.21
N ASP O 216 18.11 -26.50 -24.72
CA ASP O 216 18.55 -25.13 -24.63
C ASP O 216 18.67 -24.47 -26.00
N GLU O 217 19.19 -25.20 -26.97
CA GLU O 217 19.38 -24.69 -28.32
C GLU O 217 18.04 -24.37 -28.97
N GLU O 218 17.05 -25.24 -28.74
CA GLU O 218 15.73 -25.03 -29.31
C GLU O 218 15.07 -23.76 -28.77
N SER O 219 15.29 -23.45 -27.49
CA SER O 219 14.65 -22.30 -26.88
C SER O 219 15.26 -20.96 -27.32
N ILE O 220 16.46 -20.99 -27.88
CA ILE O 220 17.12 -19.76 -28.34
C ILE O 220 17.17 -19.62 -29.87
N MET O 221 16.84 -20.68 -30.59
CA MET O 221 16.83 -20.66 -32.04
C MET O 221 15.83 -19.65 -32.60
N ASP O 222 16.14 -19.14 -33.79
CA ASP O 222 15.16 -18.35 -34.56
C ASP O 222 14.08 -19.32 -35.07
N ALA O 223 14.52 -20.39 -35.74
CA ALA O 223 13.64 -21.36 -36.35
C ALA O 223 14.46 -22.58 -36.65
N LYS O 224 13.79 -23.69 -36.93
CA LYS O 224 14.49 -24.89 -37.41
C LYS O 224 13.81 -25.43 -38.67
N ILE O 225 14.54 -26.25 -39.41
CA ILE O 225 14.05 -26.84 -40.63
C ILE O 225 14.45 -28.30 -40.69
N SER O 226 13.50 -29.15 -41.00
CA SER O 226 13.71 -30.59 -40.95
C SER O 226 13.58 -31.19 -42.33
N PHE O 227 14.59 -31.95 -42.73
CA PHE O 227 14.61 -32.57 -44.04
C PHE O 227 14.52 -34.06 -43.86
N SER O 228 13.69 -34.70 -44.67
CA SER O 228 13.58 -36.16 -44.66
C SER O 228 14.25 -36.75 -45.89
N TYR O 229 15.05 -37.78 -45.68
CA TYR O 229 15.79 -38.41 -46.75
C TYR O 229 15.57 -39.93 -46.85
N THR O 230 15.65 -40.43 -48.08
CA THR O 230 15.76 -41.85 -48.35
C THR O 230 17.23 -42.14 -48.49
N PRO O 231 17.61 -43.43 -48.42
CA PRO O 231 19.01 -43.85 -48.53
C PRO O 231 19.82 -43.40 -49.78
N ASP O 232 19.23 -43.30 -50.98
CA ASP O 232 19.97 -42.62 -52.09
C ASP O 232 19.81 -41.10 -52.10
N LEU O 233 19.28 -40.58 -50.98
CA LEU O 233 19.37 -39.17 -50.64
C LEU O 233 18.43 -38.31 -51.46
N LYS O 234 17.23 -38.81 -51.68
CA LYS O 234 16.15 -38.04 -52.27
C LYS O 234 15.43 -37.34 -51.15
N ILE O 235 15.12 -36.05 -51.34
CA ILE O 235 14.38 -35.30 -50.33
C ILE O 235 12.95 -35.80 -50.38
N VAL O 236 12.39 -36.07 -49.20
CA VAL O 236 11.10 -36.75 -49.07
C VAL O 236 10.11 -36.05 -48.12
N GLY O 237 10.57 -34.95 -47.53
CA GLY O 237 9.72 -34.10 -46.73
C GLY O 237 10.56 -32.93 -46.25
N ILE O 238 9.96 -31.74 -46.19
CA ILE O 238 10.56 -30.59 -45.52
C ILE O 238 9.52 -29.90 -44.65
N GLN O 239 9.95 -29.46 -43.46
CA GLN O 239 9.08 -28.74 -42.53
C GLN O 239 9.87 -27.69 -41.74
N LYS O 240 9.55 -26.44 -41.97
CA LYS O 240 10.14 -25.39 -41.19
C LYS O 240 9.34 -25.32 -39.91
N SER O 241 10.03 -24.96 -38.84
CA SER O 241 9.43 -24.88 -37.54
C SER O 241 9.97 -23.68 -36.77
N GLY O 242 9.18 -23.13 -35.86
CA GLY O 242 9.68 -22.09 -34.97
C GLY O 242 9.07 -20.77 -35.28
N LYS O 243 9.08 -19.84 -34.33
CA LYS O 243 8.41 -18.55 -34.50
C LYS O 243 9.30 -17.45 -35.08
N GLY O 244 10.43 -17.85 -35.64
CA GLY O 244 11.25 -16.90 -36.38
C GLY O 244 11.41 -17.29 -37.83
N SER O 245 12.15 -16.48 -38.57
CA SER O 245 12.35 -16.70 -39.97
C SER O 245 13.80 -17.15 -40.27
N MET O 246 14.09 -17.35 -41.55
CA MET O 246 15.34 -17.94 -42.03
C MET O 246 15.56 -17.42 -43.43
N SER O 247 16.79 -17.09 -43.77
CA SER O 247 17.07 -16.60 -45.11
C SER O 247 17.10 -17.73 -46.16
N LEU O 248 17.09 -17.33 -47.43
CA LEU O 248 17.19 -18.26 -48.55
C LEU O 248 18.44 -19.09 -48.47
N GLN O 249 19.58 -18.44 -48.29
CA GLN O 249 20.87 -19.12 -48.18
C GLN O 249 21.01 -19.99 -46.93
N ASP O 250 20.34 -19.60 -45.85
CA ASP O 250 20.31 -20.41 -44.64
C ASP O 250 19.74 -21.77 -44.97
N ILE O 251 18.61 -21.76 -45.69
CA ILE O 251 17.93 -22.97 -46.11
C ILE O 251 18.77 -23.81 -47.08
N ASP O 252 19.42 -23.13 -48.01
CA ASP O 252 20.32 -23.77 -48.95
C ASP O 252 21.40 -24.55 -48.19
N GLN O 253 22.12 -23.86 -47.28
CA GLN O 253 23.19 -24.49 -46.50
C GLN O 253 22.66 -25.58 -45.61
N ALA O 254 21.48 -25.34 -45.02
CA ALA O 254 20.87 -26.28 -44.10
C ALA O 254 20.66 -27.64 -44.74
N GLU O 255 20.17 -27.62 -45.98
CA GLU O 255 19.89 -28.86 -46.69
C GLU O 255 21.18 -29.58 -47.07
N ASN O 256 22.18 -28.82 -47.53
CA ASN O 256 23.52 -29.36 -47.71
C ASN O 256 24.02 -30.08 -46.47
N THR O 257 23.96 -29.36 -45.34
CA THR O 257 24.40 -29.90 -44.06
C THR O 257 23.56 -31.12 -43.71
N ALA O 258 22.24 -30.96 -43.78
CA ALA O 258 21.33 -32.05 -43.48
C ALA O 258 21.66 -33.33 -44.25
N ARG O 259 21.96 -33.17 -45.54
CA ARG O 259 22.19 -34.30 -46.43
C ARG O 259 23.43 -35.11 -46.09
N SER O 260 24.55 -34.43 -45.82
CA SER O 260 25.77 -35.15 -45.44
C SER O 260 25.67 -35.71 -44.03
N THR O 261 24.77 -35.17 -43.23
CA THR O 261 24.48 -35.75 -41.93
C THR O 261 23.68 -37.03 -42.12
N ALA O 262 22.70 -36.96 -43.03
CA ALA O 262 21.78 -38.08 -43.30
C ALA O 262 22.50 -39.41 -43.58
N VAL O 263 23.61 -39.33 -44.30
CA VAL O 263 24.39 -40.52 -44.61
C VAL O 263 24.86 -41.22 -43.34
N LYS O 264 25.50 -40.49 -42.43
CA LYS O 264 25.98 -41.04 -41.14
C LYS O 264 24.84 -41.61 -40.32
N LEU O 265 23.74 -40.88 -40.24
CA LEU O 265 22.61 -41.30 -39.44
C LEU O 265 21.93 -42.54 -39.99
N LEU O 266 21.88 -42.68 -41.31
CA LEU O 266 21.29 -43.85 -41.94
C LEU O 266 22.13 -45.07 -41.64
N GLU O 267 23.45 -44.88 -41.66
CA GLU O 267 24.37 -46.00 -41.41
C GLU O 267 24.19 -46.52 -39.99
N GLU O 268 24.07 -45.59 -39.05
CA GLU O 268 23.93 -45.92 -37.66
C GLU O 268 22.57 -46.57 -37.38
N LEU O 269 21.54 -46.04 -38.01
CA LEU O 269 20.20 -46.61 -37.94
C LEU O 269 20.20 -48.06 -38.38
N LYS O 270 20.87 -48.33 -39.49
CA LYS O 270 20.89 -49.66 -40.08
C LYS O 270 21.61 -50.67 -39.17
N LYS O 271 22.75 -50.27 -38.59
CA LYS O 271 23.40 -51.07 -37.55
C LYS O 271 22.44 -51.44 -36.43
N HIS O 272 21.63 -50.50 -35.95
CA HIS O 272 20.65 -50.79 -34.91
C HIS O 272 19.57 -51.76 -35.39
N LEU O 273 19.13 -51.60 -36.63
CA LEU O 273 18.06 -52.44 -37.17
C LEU O 273 18.57 -53.79 -37.66
N GLY O 274 19.88 -53.96 -37.73
CA GLY O 274 20.49 -55.10 -38.39
C GLY O 274 20.34 -54.95 -39.89
N ILE O 275 20.68 -53.75 -40.37
CA ILE O 275 20.39 -53.23 -41.72
C ILE O 275 18.88 -53.31 -42.03
N MET P 1 -0.04 -57.53 -69.43
CA MET P 1 0.85 -57.71 -70.61
C MET P 1 2.02 -56.73 -70.57
N ARG P 2 3.22 -57.23 -70.92
CA ARG P 2 4.43 -56.40 -71.08
C ARG P 2 4.21 -55.23 -72.06
N GLU P 3 3.61 -55.54 -73.23
CA GLU P 3 3.44 -54.60 -74.36
C GLU P 3 2.32 -53.54 -74.25
N MET P 4 1.13 -54.00 -73.94
CA MET P 4 -0.13 -53.25 -73.99
C MET P 4 -0.27 -52.14 -72.92
N LEU P 5 0.47 -52.25 -71.83
CA LEU P 5 0.26 -51.41 -70.64
C LEU P 5 0.50 -49.90 -70.79
N GLN P 6 -0.34 -49.12 -70.11
CA GLN P 6 -0.20 -47.68 -70.01
C GLN P 6 -0.11 -47.37 -68.51
N VAL P 7 -0.19 -46.09 -68.10
CA VAL P 7 -0.16 -45.76 -66.64
C VAL P 7 -1.59 -45.56 -66.08
N GLU P 8 -1.79 -44.59 -65.18
CA GLU P 8 -3.09 -44.44 -64.50
C GLU P 8 -3.54 -43.01 -64.13
N ARG P 9 -2.61 -42.13 -63.70
CA ARG P 9 -2.94 -40.76 -63.30
C ARG P 9 -3.29 -39.88 -64.52
N PRO P 10 -4.00 -38.72 -64.34
CA PRO P 10 -4.12 -37.81 -65.51
C PRO P 10 -2.77 -37.17 -65.86
N LYS P 11 -2.59 -36.81 -67.14
CA LYS P 11 -1.40 -36.06 -67.56
C LYS P 11 -1.51 -34.64 -67.04
N LEU P 12 -0.38 -34.08 -66.64
CA LEU P 12 -0.37 -32.73 -66.10
C LEU P 12 0.33 -31.73 -67.01
N ILE P 13 1.17 -32.24 -67.90
CA ILE P 13 1.77 -31.44 -68.96
C ILE P 13 1.16 -31.88 -70.28
N LEU P 14 0.46 -30.93 -70.92
CA LEU P 14 -0.40 -31.18 -72.07
C LEU P 14 0.07 -30.43 -73.31
N ASP P 15 -0.88 -30.06 -74.16
CA ASP P 15 -0.59 -29.45 -75.45
C ASP P 15 0.23 -28.18 -75.29
N ASP P 16 1.06 -27.88 -76.30
CA ASP P 16 2.16 -26.94 -76.19
C ASP P 16 2.98 -27.44 -74.99
N GLY P 17 3.34 -26.59 -74.06
CA GLY P 17 4.01 -27.08 -72.86
C GLY P 17 3.13 -26.88 -71.65
N LYS P 18 1.84 -26.95 -71.87
CA LYS P 18 0.93 -26.30 -70.96
C LYS P 18 0.24 -27.21 -69.97
N ARG P 19 -0.25 -26.58 -68.92
CA ARG P 19 -0.83 -27.28 -67.79
C ARG P 19 -2.32 -27.45 -67.99
N THR P 20 -2.96 -28.20 -67.11
CA THR P 20 -4.39 -28.53 -67.24
C THR P 20 -5.31 -27.32 -67.32
N ASP P 21 -4.87 -26.17 -66.80
CA ASP P 21 -5.64 -24.94 -66.91
C ASP P 21 -5.10 -23.99 -67.98
N GLY P 22 -4.17 -24.48 -68.81
CA GLY P 22 -3.65 -23.71 -69.93
C GLY P 22 -2.46 -22.84 -69.61
N ARG P 23 -2.01 -22.90 -68.36
CA ARG P 23 -0.86 -22.12 -67.91
C ARG P 23 0.44 -22.77 -68.29
N LYS P 24 1.45 -21.94 -68.53
CA LYS P 24 2.82 -22.42 -68.63
C LYS P 24 3.34 -22.73 -67.22
N PRO P 25 4.45 -23.50 -67.12
CA PRO P 25 5.05 -23.81 -65.81
C PRO P 25 5.44 -22.58 -64.96
N ASP P 26 5.77 -21.46 -65.60
CA ASP P 26 6.19 -20.24 -64.92
C ASP P 26 5.10 -19.17 -64.81
N GLU P 27 3.83 -19.58 -64.83
CA GLU P 27 2.73 -18.61 -64.74
C GLU P 27 1.89 -18.71 -63.45
N LEU P 28 1.67 -17.57 -62.81
CA LEU P 28 0.76 -17.49 -61.68
C LEU P 28 -0.69 -17.50 -62.13
N ARG P 29 -1.57 -17.94 -61.24
CA ARG P 29 -3.01 -17.78 -61.44
C ARG P 29 -3.38 -16.32 -61.28
N SER P 30 -4.61 -15.98 -61.68
CA SER P 30 -5.11 -14.60 -61.48
C SER P 30 -5.23 -14.28 -59.99
N ILE P 31 -4.93 -13.03 -59.66
CA ILE P 31 -4.90 -12.63 -58.27
C ILE P 31 -5.84 -11.45 -58.07
N LYS P 32 -6.62 -11.52 -56.99
CA LYS P 32 -7.54 -10.42 -56.60
C LYS P 32 -7.42 -10.16 -55.09
N ILE P 33 -7.22 -8.91 -54.73
CA ILE P 33 -7.03 -8.54 -53.35
C ILE P 33 -7.87 -7.32 -53.05
N GLU P 34 -8.63 -7.37 -51.96
CA GLU P 34 -9.28 -6.17 -51.41
C GLU P 34 -9.21 -6.08 -49.88
N LEU P 35 -9.09 -4.86 -49.39
CA LEU P 35 -8.85 -4.62 -47.96
C LEU P 35 -10.03 -3.89 -47.35
N GLY P 36 -10.18 -4.00 -46.03
CA GLY P 36 -11.16 -3.20 -45.29
C GLY P 36 -12.58 -3.60 -45.64
N VAL P 37 -12.77 -4.89 -45.83
CA VAL P 37 -14.02 -5.39 -46.33
C VAL P 37 -15.03 -5.69 -45.21
N LEU P 38 -14.53 -5.81 -43.98
CA LEU P 38 -15.39 -6.04 -42.82
C LEU P 38 -15.41 -4.83 -41.92
N LYS P 39 -16.60 -4.30 -41.68
CA LYS P 39 -16.75 -3.06 -40.92
C LYS P 39 -16.41 -3.20 -39.45
N ASN P 40 -16.70 -4.37 -38.87
CA ASN P 40 -16.57 -4.55 -37.42
C ASN P 40 -15.26 -5.20 -36.99
N ALA P 41 -14.38 -5.44 -37.95
CA ALA P 41 -13.03 -5.90 -37.62
C ALA P 41 -12.07 -4.73 -37.58
N ASP P 42 -10.90 -4.91 -36.98
CA ASP P 42 -9.92 -3.83 -36.90
C ASP P 42 -9.16 -3.73 -38.19
N GLY P 43 -8.98 -4.87 -38.83
CA GLY P 43 -8.40 -4.97 -40.17
C GLY P 43 -9.00 -6.18 -40.88
N SER P 44 -9.22 -6.08 -42.19
CA SER P 44 -9.71 -7.21 -42.96
C SER P 44 -9.21 -7.19 -44.40
N ALA P 45 -9.19 -8.38 -45.00
CA ALA P 45 -8.74 -8.57 -46.36
C ALA P 45 -9.38 -9.82 -46.98
N ILE P 46 -9.70 -9.73 -48.27
CA ILE P 46 -10.04 -10.92 -49.07
C ILE P 46 -8.90 -11.12 -50.07
N PHE P 47 -8.44 -12.36 -50.18
CA PHE P 47 -7.40 -12.70 -51.12
C PHE P 47 -7.85 -13.86 -52.02
N GLU P 48 -7.54 -13.75 -53.30
CA GLU P 48 -7.92 -14.77 -54.29
C GLU P 48 -6.75 -15.12 -55.20
N MET P 49 -6.42 -16.40 -55.25
CA MET P 49 -5.49 -16.94 -56.23
C MET P 49 -6.25 -17.97 -57.02
N GLY P 50 -6.52 -17.66 -58.27
CA GLY P 50 -7.36 -18.52 -59.08
C GLY P 50 -8.65 -18.72 -58.34
N ASN P 51 -9.02 -19.98 -58.12
CA ASN P 51 -10.26 -20.30 -57.45
C ASN P 51 -10.15 -20.49 -55.95
N THR P 52 -9.02 -20.12 -55.36
CA THR P 52 -8.85 -20.16 -53.92
C THR P 52 -9.17 -18.79 -53.35
N LYS P 53 -10.21 -18.74 -52.51
CA LYS P 53 -10.67 -17.52 -51.86
C LYS P 53 -10.54 -17.64 -50.35
N ALA P 54 -9.97 -16.62 -49.73
CA ALA P 54 -9.86 -16.60 -48.29
C ALA P 54 -10.22 -15.22 -47.77
N ILE P 55 -10.89 -15.20 -46.63
CA ILE P 55 -11.15 -13.95 -45.96
C ILE P 55 -10.47 -13.99 -44.60
N ALA P 56 -9.92 -12.84 -44.19
CA ALA P 56 -9.18 -12.72 -42.94
C ALA P 56 -9.60 -11.49 -42.19
N ALA P 57 -9.92 -11.68 -40.91
CA ALA P 57 -10.31 -10.60 -40.01
C ALA P 57 -9.29 -10.52 -38.88
N VAL P 58 -8.90 -9.30 -38.54
CA VAL P 58 -8.04 -9.05 -37.39
C VAL P 58 -8.80 -8.24 -36.32
N TYR P 59 -8.84 -8.76 -35.09
CA TYR P 59 -9.39 -8.00 -33.97
C TYR P 59 -8.22 -7.56 -33.13
N GLY P 60 -7.97 -6.25 -33.22
CA GLY P 60 -6.67 -5.61 -32.94
C GLY P 60 -6.15 -5.80 -31.54
N PRO P 61 -5.00 -5.18 -31.22
CA PRO P 61 -4.38 -5.41 -29.91
C PRO P 61 -5.34 -5.07 -28.76
N LYS P 62 -5.59 -6.05 -27.89
CA LYS P 62 -6.56 -5.90 -26.81
C LYS P 62 -6.14 -6.74 -25.61
N GLU P 63 -6.42 -6.21 -24.40
CA GLU P 63 -6.18 -6.96 -23.16
C GLU P 63 -6.79 -8.35 -23.20
N MET P 64 -6.09 -9.33 -22.64
CA MET P 64 -6.50 -10.71 -22.84
C MET P 64 -7.43 -11.27 -21.78
N HIS P 65 -8.45 -11.99 -22.25
CA HIS P 65 -9.55 -12.51 -21.42
C HIS P 65 -9.10 -13.13 -20.08
N PRO P 66 -8.52 -14.35 -20.09
CA PRO P 66 -7.92 -14.85 -18.86
C PRO P 66 -6.46 -14.44 -18.80
N ARG P 67 -6.09 -13.66 -17.79
CA ARG P 67 -4.78 -13.01 -17.80
C ARG P 67 -3.57 -13.94 -17.70
N HIS P 68 -3.73 -15.09 -17.04
CA HIS P 68 -2.63 -16.06 -16.89
C HIS P 68 -2.12 -16.60 -18.23
N LEU P 69 -2.97 -16.49 -19.25
CA LEU P 69 -2.64 -16.91 -20.60
C LEU P 69 -1.93 -15.83 -21.42
N SER P 70 -1.83 -14.63 -20.87
CA SER P 70 -1.12 -13.52 -21.53
C SER P 70 0.38 -13.56 -21.27
N LEU P 71 1.13 -12.78 -22.04
CA LEU P 71 2.58 -12.73 -21.87
C LEU P 71 3.03 -11.36 -21.37
N PRO P 72 4.03 -11.32 -20.47
CA PRO P 72 4.50 -10.08 -19.85
C PRO P 72 5.24 -9.11 -20.80
N ASP P 73 5.79 -9.63 -21.89
CA ASP P 73 6.65 -8.85 -22.78
C ASP P 73 6.14 -8.77 -24.21
N ARG P 74 5.12 -9.57 -24.54
CA ARG P 74 4.63 -9.74 -25.92
C ARG P 74 3.09 -9.77 -26.01
N ALA P 75 2.61 -9.66 -27.24
CA ALA P 75 1.22 -9.97 -27.54
C ALA P 75 1.12 -11.45 -27.90
N VAL P 76 0.01 -12.06 -27.52
CA VAL P 76 -0.25 -13.42 -27.93
C VAL P 76 -0.99 -13.36 -29.26
N LEU P 77 -0.53 -14.14 -30.22
CA LEU P 77 -1.25 -14.26 -31.47
C LEU P 77 -2.21 -15.42 -31.35
N ARG P 78 -3.48 -15.15 -31.63
CA ARG P 78 -4.46 -16.24 -31.75
C ARG P 78 -4.89 -16.38 -33.20
N VAL P 79 -4.55 -17.49 -33.82
CA VAL P 79 -4.81 -17.69 -35.23
C VAL P 79 -5.77 -18.86 -35.45
N ARG P 80 -6.73 -18.66 -36.35
CA ARG P 80 -7.64 -19.73 -36.75
C ARG P 80 -7.64 -19.93 -38.27
N TYR P 81 -7.14 -21.07 -38.73
CA TYR P 81 -7.31 -21.48 -40.12
C TYR P 81 -8.51 -22.40 -40.22
N HIS P 82 -9.47 -22.00 -41.04
CA HIS P 82 -10.69 -22.76 -41.16
C HIS P 82 -11.22 -22.79 -42.58
N MET P 83 -11.77 -23.93 -42.97
CA MET P 83 -12.38 -24.09 -44.27
C MET P 83 -13.86 -24.24 -44.09
N THR P 84 -14.62 -23.44 -44.83
CA THR P 84 -16.07 -23.52 -44.80
C THR P 84 -16.49 -24.82 -45.42
N PRO P 85 -17.61 -25.40 -44.97
CA PRO P 85 -18.09 -26.67 -45.49
C PRO P 85 -18.33 -26.70 -47.00
N PHE P 86 -18.51 -25.53 -47.61
CA PHE P 86 -18.82 -25.46 -49.04
C PHE P 86 -17.65 -24.92 -49.86
N SER P 87 -16.45 -25.06 -49.33
CA SER P 87 -15.27 -24.57 -50.03
C SER P 87 -14.71 -25.60 -51.00
N THR P 88 -15.08 -26.85 -50.81
CA THR P 88 -14.59 -27.94 -51.68
C THR P 88 -15.74 -28.60 -52.43
N ASP P 89 -15.42 -29.66 -53.18
CA ASP P 89 -16.41 -30.39 -53.97
C ASP P 89 -17.31 -31.27 -53.11
N GLU P 90 -16.69 -32.19 -52.36
CA GLU P 90 -17.35 -32.91 -51.26
C GLU P 90 -17.40 -31.99 -50.01
N ARG P 91 -18.54 -31.94 -49.31
CA ARG P 91 -18.71 -31.09 -48.12
C ARG P 91 -17.73 -31.44 -46.99
N LYS P 92 -16.91 -30.46 -46.60
CA LYS P 92 -15.98 -30.60 -45.47
C LYS P 92 -16.75 -30.46 -44.16
N ASN P 93 -16.41 -31.30 -43.18
CA ASN P 93 -16.97 -31.18 -41.83
C ASN P 93 -16.41 -29.93 -41.14
N PRO P 94 -17.29 -29.08 -40.61
CA PRO P 94 -16.91 -27.81 -39.96
C PRO P 94 -15.99 -27.99 -38.77
N ALA P 95 -16.09 -29.15 -38.10
CA ALA P 95 -15.20 -29.50 -36.99
C ALA P 95 -13.74 -29.50 -37.44
N PRO P 96 -12.84 -28.85 -36.67
CA PRO P 96 -11.46 -28.72 -37.08
C PRO P 96 -10.82 -30.07 -37.29
N SER P 97 -10.21 -30.25 -38.47
CA SER P 97 -9.49 -31.47 -38.81
C SER P 97 -8.02 -31.39 -38.38
N ARG P 98 -7.36 -32.53 -38.28
CA ARG P 98 -5.96 -32.53 -37.94
C ARG P 98 -5.17 -31.58 -38.85
N ARG P 99 -5.47 -31.61 -40.15
CA ARG P 99 -4.87 -30.69 -41.11
C ARG P 99 -5.13 -29.22 -40.75
N GLU P 100 -6.36 -28.90 -40.36
CA GLU P 100 -6.68 -27.51 -39.99
C GLU P 100 -5.92 -27.05 -38.73
N ILE P 101 -5.72 -27.97 -37.80
CA ILE P 101 -4.98 -27.70 -36.58
C ILE P 101 -3.50 -27.44 -36.88
N GLU P 102 -2.89 -28.28 -37.70
CA GLU P 102 -1.50 -28.11 -38.06
C GLU P 102 -1.25 -26.81 -38.81
N LEU P 103 -2.10 -26.54 -39.80
CA LEU P 103 -1.96 -25.33 -40.61
C LEU P 103 -2.15 -24.07 -39.79
N SER P 104 -3.09 -24.10 -38.84
CA SER P 104 -3.26 -22.98 -37.89
C SER P 104 -1.97 -22.64 -37.17
N LYS P 105 -1.23 -23.66 -36.74
CA LYS P 105 0.03 -23.50 -36.05
C LYS P 105 1.09 -22.96 -37.00
N VAL P 106 1.20 -23.59 -38.17
CA VAL P 106 2.18 -23.19 -39.18
C VAL P 106 1.98 -21.73 -39.63
N ILE P 107 0.72 -21.34 -39.83
CA ILE P 107 0.39 -19.98 -40.17
C ILE P 107 0.72 -19.03 -39.02
N ARG P 108 0.39 -19.45 -37.79
CA ARG P 108 0.64 -18.62 -36.63
C ARG P 108 2.12 -18.32 -36.53
N GLU P 109 2.94 -19.34 -36.64
CA GLU P 109 4.39 -19.16 -36.48
C GLU P 109 4.91 -18.25 -37.57
N ALA P 110 4.36 -18.40 -38.76
CA ALA P 110 4.77 -17.60 -39.90
C ALA P 110 4.52 -16.13 -39.56
N LEU P 111 3.36 -15.83 -38.97
CA LEU P 111 2.97 -14.45 -38.65
C LEU P 111 3.76 -13.92 -37.47
N GLU P 112 4.07 -14.81 -36.54
CA GLU P 112 4.85 -14.41 -35.38
C GLU P 112 6.23 -13.89 -35.78
N SER P 113 6.77 -14.43 -36.86
CA SER P 113 8.07 -13.97 -37.36
C SER P 113 8.02 -12.58 -38.01
N ALA P 114 6.81 -12.09 -38.31
CA ALA P 114 6.63 -10.82 -39.01
C ALA P 114 6.09 -9.73 -38.11
N VAL P 115 5.11 -10.10 -37.28
CA VAL P 115 4.46 -9.14 -36.40
C VAL P 115 5.37 -8.78 -35.22
N LEU P 116 5.47 -7.48 -34.94
CA LEU P 116 6.23 -6.98 -33.81
C LEU P 116 5.42 -7.05 -32.52
N VAL P 117 5.28 -8.27 -31.99
CA VAL P 117 4.43 -8.54 -30.83
C VAL P 117 4.93 -7.89 -29.54
N GLU P 118 6.24 -7.61 -29.47
CA GLU P 118 6.85 -7.01 -28.29
C GLU P 118 6.20 -5.67 -27.95
N LEU P 119 5.67 -5.03 -28.98
CA LEU P 119 5.08 -3.70 -28.84
C LEU P 119 3.81 -3.67 -28.00
N PHE P 120 3.21 -4.84 -27.79
CA PHE P 120 1.90 -4.91 -27.13
C PHE P 120 1.86 -5.99 -26.03
N PRO P 121 2.59 -5.76 -24.92
CA PRO P 121 2.57 -6.75 -23.85
C PRO P 121 1.18 -6.92 -23.26
N ARG P 122 0.89 -8.11 -22.77
CA ARG P 122 -0.37 -8.41 -22.07
C ARG P 122 -1.64 -8.33 -22.96
N THR P 123 -1.44 -8.28 -24.27
CA THR P 123 -2.56 -8.18 -25.19
C THR P 123 -2.68 -9.42 -26.06
N ALA P 124 -3.86 -9.60 -26.66
CA ALA P 124 -4.07 -10.61 -27.69
C ALA P 124 -4.42 -9.96 -29.04
N ILE P 125 -3.82 -10.50 -30.10
CA ILE P 125 -4.19 -10.13 -31.47
C ILE P 125 -4.88 -11.34 -32.11
N ASP P 126 -6.15 -11.17 -32.46
CA ASP P 126 -6.91 -12.28 -33.05
C ASP P 126 -6.91 -12.22 -34.57
N VAL P 127 -6.59 -13.35 -35.17
CA VAL P 127 -6.57 -13.47 -36.62
C VAL P 127 -7.44 -14.66 -37.03
N PHE P 128 -8.59 -14.37 -37.61
CA PHE P 128 -9.46 -15.43 -38.11
C PHE P 128 -9.44 -15.52 -39.62
N THR P 129 -9.18 -16.72 -40.12
CA THR P 129 -9.12 -16.99 -41.54
C THR P 129 -10.23 -17.96 -41.94
N GLU P 130 -10.89 -17.67 -43.06
CA GLU P 130 -11.89 -18.58 -43.62
C GLU P 130 -11.66 -18.80 -45.10
N ILE P 131 -11.41 -20.05 -45.48
CA ILE P 131 -11.37 -20.40 -46.88
C ILE P 131 -12.79 -20.58 -47.37
N LEU P 132 -13.13 -19.80 -48.38
CA LEU P 132 -14.46 -19.80 -48.98
C LEU P 132 -14.50 -20.70 -50.20
N GLN P 133 -13.36 -20.83 -50.88
CA GLN P 133 -13.17 -21.80 -51.96
C GLN P 133 -11.76 -22.33 -51.93
N ALA P 134 -11.64 -23.65 -51.89
CA ALA P 134 -10.34 -24.30 -51.91
C ALA P 134 -10.02 -24.81 -53.33
N ASP P 135 -8.88 -24.35 -53.86
CA ASP P 135 -8.37 -24.85 -55.10
C ASP P 135 -6.87 -24.93 -54.99
N ALA P 136 -6.40 -25.51 -53.88
CA ALA P 136 -4.98 -25.63 -53.57
C ALA P 136 -4.32 -24.29 -53.22
N GLY P 137 -3.33 -24.35 -52.33
CA GLY P 137 -2.55 -23.18 -51.95
C GLY P 137 -3.30 -22.33 -50.94
N SER P 138 -4.35 -22.92 -50.38
CA SER P 138 -5.21 -22.21 -49.45
C SER P 138 -4.47 -21.78 -48.20
N ARG P 139 -3.59 -22.63 -47.70
CA ARG P 139 -2.76 -22.25 -46.57
C ARG P 139 -1.96 -20.96 -46.82
N LEU P 140 -1.52 -20.75 -48.05
CA LEU P 140 -0.78 -19.52 -48.37
C LEU P 140 -1.69 -18.33 -48.57
N VAL P 141 -2.82 -18.57 -49.23
CA VAL P 141 -3.79 -17.51 -49.50
C VAL P 141 -4.30 -17.01 -48.17
N SER P 142 -4.52 -17.97 -47.26
CA SER P 142 -4.91 -17.65 -45.89
C SER P 142 -3.85 -16.77 -45.22
N LEU P 143 -2.63 -17.26 -45.19
CA LEU P 143 -1.53 -16.48 -44.63
C LEU P 143 -1.43 -15.07 -45.21
N MET P 144 -1.51 -14.92 -46.50
CA MET P 144 -1.36 -13.60 -47.10
C MET P 144 -2.52 -12.67 -46.71
N ALA P 145 -3.74 -13.20 -46.76
CA ALA P 145 -4.92 -12.45 -46.34
C ALA P 145 -4.74 -11.96 -44.91
N ALA P 146 -4.24 -12.84 -44.06
CA ALA P 146 -3.91 -12.53 -42.66
C ALA P 146 -2.89 -11.42 -42.57
N SER P 147 -1.80 -11.58 -43.31
CA SER P 147 -0.76 -10.58 -43.36
C SER P 147 -1.33 -9.24 -43.75
N LEU P 148 -2.19 -9.24 -44.76
CA LEU P 148 -2.78 -7.99 -45.25
C LEU P 148 -3.82 -7.41 -44.31
N ALA P 149 -4.62 -8.26 -43.68
CA ALA P 149 -5.57 -7.80 -42.67
C ALA P 149 -4.86 -7.13 -41.49
N LEU P 150 -3.70 -7.64 -41.13
CA LEU P 150 -2.88 -7.04 -40.08
C LEU P 150 -2.42 -5.65 -40.48
N ALA P 151 -1.99 -5.51 -41.72
CA ALA P 151 -1.56 -4.22 -42.24
C ALA P 151 -2.73 -3.26 -42.28
N ASP P 152 -3.91 -3.79 -42.63
CA ASP P 152 -5.15 -3.03 -42.63
C ASP P 152 -5.51 -2.52 -41.22
N ALA P 153 -5.17 -3.30 -40.20
CA ALA P 153 -5.39 -2.90 -38.82
C ALA P 153 -4.31 -1.94 -38.31
N GLY P 154 -3.28 -1.71 -39.13
CA GLY P 154 -2.18 -0.84 -38.75
C GLY P 154 -1.27 -1.46 -37.70
N ILE P 155 -1.20 -2.79 -37.68
CA ILE P 155 -0.33 -3.47 -36.76
C ILE P 155 1.06 -3.57 -37.35
N PRO P 156 2.05 -2.99 -36.66
CA PRO P 156 3.45 -2.88 -37.10
C PRO P 156 4.06 -4.24 -37.36
N MET P 157 4.66 -4.42 -38.53
CA MET P 157 5.27 -5.68 -38.92
C MET P 157 6.60 -5.44 -39.60
N ARG P 158 7.45 -6.46 -39.63
CA ARG P 158 8.75 -6.35 -40.25
C ARG P 158 8.58 -6.10 -41.75
N ASP P 159 7.63 -6.81 -42.34
CA ASP P 159 7.39 -6.77 -43.77
C ASP P 159 6.04 -7.44 -44.01
N LEU P 160 5.51 -7.33 -45.22
CA LEU P 160 4.33 -8.09 -45.61
C LEU P 160 4.78 -9.49 -45.92
N ILE P 161 3.85 -10.44 -45.94
CA ILE P 161 4.17 -11.81 -46.32
C ILE P 161 3.51 -12.15 -47.65
N ALA P 162 4.31 -12.76 -48.54
CA ALA P 162 3.83 -13.23 -49.84
C ALA P 162 4.28 -14.65 -50.01
N GLY P 163 3.43 -15.47 -50.63
CA GLY P 163 3.74 -16.89 -50.85
C GLY P 163 3.18 -17.55 -52.09
N VAL P 164 3.80 -18.66 -52.48
CA VAL P 164 3.29 -19.59 -53.53
C VAL P 164 3.73 -21.04 -53.28
N ALA P 165 2.86 -21.97 -53.65
CA ALA P 165 3.23 -23.36 -53.73
C ALA P 165 3.91 -23.59 -55.08
N VAL P 166 5.17 -24.00 -55.01
CA VAL P 166 5.90 -24.43 -56.19
C VAL P 166 5.85 -25.95 -56.13
N GLY P 167 5.99 -26.63 -57.25
CA GLY P 167 5.85 -28.10 -57.26
C GLY P 167 6.49 -28.79 -58.46
N LYS P 168 6.24 -30.10 -58.58
CA LYS P 168 6.72 -30.87 -59.71
C LYS P 168 5.59 -31.69 -60.30
N ALA P 169 5.38 -31.57 -61.60
CA ALA P 169 4.21 -32.15 -62.25
C ALA P 169 4.55 -33.43 -62.97
N ASP P 170 5.03 -33.36 -64.20
CA ASP P 170 5.43 -34.57 -64.88
C ASP P 170 6.93 -34.51 -65.09
N GLY P 171 7.65 -34.46 -63.96
CA GLY P 171 9.09 -34.22 -63.96
C GLY P 171 9.37 -32.75 -64.21
N VAL P 172 8.33 -31.95 -64.38
CA VAL P 172 8.46 -30.54 -64.69
C VAL P 172 8.15 -29.67 -63.47
N ILE P 173 9.03 -28.73 -63.17
CA ILE P 173 8.85 -27.82 -62.06
C ILE P 173 7.88 -26.71 -62.44
N ILE P 174 6.83 -26.58 -61.63
CA ILE P 174 5.72 -25.68 -61.92
C ILE P 174 5.40 -24.71 -60.77
N LEU P 175 4.79 -23.58 -61.11
CA LEU P 175 4.54 -22.51 -60.17
C LEU P 175 3.06 -22.34 -59.92
N ASP P 176 2.67 -22.37 -58.63
CA ASP P 176 1.30 -22.05 -58.18
C ASP P 176 0.28 -23.10 -58.62
N LEU P 177 0.10 -24.13 -57.79
CA LEU P 177 -0.61 -25.34 -58.20
C LEU P 177 -2.14 -25.30 -58.20
N ASN P 178 -2.71 -26.05 -59.14
CA ASN P 178 -4.10 -26.49 -59.14
C ASN P 178 -4.38 -27.45 -58.04
N GLU P 179 -5.65 -27.60 -57.71
CA GLU P 179 -6.14 -28.78 -57.07
C GLU P 179 -5.57 -30.01 -57.79
N THR P 180 -5.85 -30.12 -59.10
CA THR P 180 -5.41 -31.25 -59.94
C THR P 180 -3.93 -31.57 -59.76
N GLU P 181 -3.10 -30.54 -59.92
CA GLU P 181 -1.65 -30.66 -59.78
C GLU P 181 -1.22 -31.07 -58.37
N ASP P 182 -1.92 -30.56 -57.36
CA ASP P 182 -1.67 -30.93 -55.97
C ASP P 182 -1.92 -32.41 -55.73
N MET P 183 -3.14 -32.82 -56.07
CA MET P 183 -3.59 -34.21 -55.98
C MET P 183 -2.68 -35.21 -56.70
N TRP P 184 -2.22 -34.90 -57.91
CA TRP P 184 -1.53 -35.90 -58.74
C TRP P 184 -0.05 -35.66 -58.97
N GLY P 185 0.46 -34.54 -58.49
CA GLY P 185 1.88 -34.17 -58.67
C GLY P 185 2.83 -35.00 -57.82
N GLU P 186 4.11 -34.95 -58.14
CA GLU P 186 5.15 -35.61 -57.35
C GLU P 186 5.53 -34.81 -56.12
N ALA P 187 5.35 -33.50 -56.19
CA ALA P 187 5.74 -32.60 -55.10
C ALA P 187 4.86 -31.37 -54.99
N ASP P 188 4.74 -30.86 -53.76
CA ASP P 188 3.97 -29.67 -53.44
C ASP P 188 4.75 -28.95 -52.35
N MET P 189 5.26 -27.76 -52.68
CA MET P 189 6.16 -27.08 -51.79
C MET P 189 5.70 -25.65 -51.55
N PRO P 190 4.79 -25.46 -50.58
CA PRO P 190 4.41 -24.10 -50.20
C PRO P 190 5.57 -23.33 -49.55
N ILE P 191 5.82 -22.12 -50.06
CA ILE P 191 6.88 -21.26 -49.55
C ILE P 191 6.34 -19.87 -49.38
N ALA P 192 6.61 -19.27 -48.21
CA ALA P 192 6.22 -17.90 -47.93
C ALA P 192 7.39 -17.06 -47.35
N MET P 193 7.50 -15.80 -47.78
CA MET P 193 8.57 -14.91 -47.33
C MET P 193 8.12 -13.51 -46.96
N MET P 194 8.99 -12.82 -46.22
CA MET P 194 9.01 -11.38 -46.13
C MET P 194 10.02 -10.93 -47.19
N PRO P 195 9.53 -10.67 -48.41
CA PRO P 195 10.33 -10.55 -49.63
C PRO P 195 11.42 -9.50 -49.59
N SER P 196 11.16 -8.38 -48.92
CA SER P 196 12.14 -7.31 -48.83
C SER P 196 13.33 -7.70 -47.98
N LEU P 197 13.09 -8.58 -47.02
CA LEU P 197 14.10 -9.04 -46.10
C LEU P 197 14.74 -10.34 -46.53
N ASN P 198 14.20 -10.95 -47.59
CA ASN P 198 14.59 -12.31 -48.02
C ASN P 198 14.56 -13.32 -46.88
N GLN P 199 13.50 -13.23 -46.08
CA GLN P 199 13.33 -14.07 -44.92
C GLN P 199 12.16 -15.00 -45.17
N VAL P 200 12.42 -16.30 -45.07
CA VAL P 200 11.39 -17.30 -45.27
C VAL P 200 10.60 -17.47 -43.99
N THR P 201 9.28 -17.40 -44.17
CA THR P 201 8.33 -17.35 -43.08
C THR P 201 7.59 -18.66 -42.93
N LEU P 202 7.18 -19.27 -44.04
CA LEU P 202 6.62 -20.62 -44.06
C LEU P 202 7.37 -21.46 -45.10
N PHE P 203 7.66 -22.71 -44.75
CA PHE P 203 8.33 -23.60 -45.70
C PHE P 203 7.98 -25.05 -45.47
N GLN P 204 7.30 -25.65 -46.44
CA GLN P 204 6.90 -27.06 -46.36
C GLN P 204 7.03 -27.75 -47.71
N LEU P 205 7.30 -29.05 -47.66
CA LEU P 205 7.29 -29.90 -48.84
C LEU P 205 6.64 -31.21 -48.52
N ASN P 206 5.56 -31.52 -49.24
CA ASN P 206 5.07 -32.88 -49.27
C ASN P 206 5.29 -33.44 -50.66
N GLY P 207 5.74 -34.67 -50.72
CA GLY P 207 6.05 -35.29 -51.96
C GLY P 207 7.51 -35.66 -52.01
N SER P 208 8.10 -35.54 -53.20
CA SER P 208 9.43 -36.06 -53.44
C SER P 208 10.18 -35.23 -54.44
N MET P 209 11.46 -34.92 -54.14
CA MET P 209 12.32 -34.10 -54.99
C MET P 209 13.78 -34.42 -54.77
N THR P 210 14.57 -34.29 -55.83
CA THR P 210 16.02 -34.34 -55.69
C THR P 210 16.47 -32.98 -55.22
N PRO P 211 17.64 -32.90 -54.56
CA PRO P 211 18.18 -31.60 -54.13
C PRO P 211 18.20 -30.56 -55.24
N ASP P 212 18.59 -30.98 -56.45
CA ASP P 212 18.60 -30.09 -57.61
C ASP P 212 17.21 -29.56 -57.92
N GLU P 213 16.24 -30.46 -58.01
CA GLU P 213 14.85 -30.05 -58.24
C GLU P 213 14.37 -29.12 -57.14
N PHE P 214 14.73 -29.45 -55.91
CA PHE P 214 14.44 -28.60 -54.77
C PHE P 214 14.95 -27.19 -55.00
N ARG P 215 16.21 -27.08 -55.42
CA ARG P 215 16.82 -25.76 -55.63
C ARG P 215 16.21 -24.97 -56.78
N GLN P 216 15.89 -25.68 -57.87
CA GLN P 216 15.21 -25.06 -59.03
C GLN P 216 13.83 -24.51 -58.69
N ALA P 217 13.03 -25.35 -58.05
CA ALA P 217 11.70 -24.96 -57.60
C ALA P 217 11.76 -23.76 -56.65
N PHE P 218 12.75 -23.77 -55.77
CA PHE P 218 12.96 -22.72 -54.80
C PHE P 218 13.17 -21.39 -55.53
N ASP P 219 13.96 -21.41 -56.60
CA ASP P 219 14.22 -20.18 -57.40
C ASP P 219 12.95 -19.62 -58.03
N LEU P 220 12.13 -20.53 -58.54
CA LEU P 220 10.91 -20.17 -59.23
C LEU P 220 9.90 -19.57 -58.27
N ALA P 221 9.88 -20.08 -57.04
CA ALA P 221 8.98 -19.55 -56.02
C ALA P 221 9.32 -18.09 -55.73
N VAL P 222 10.60 -17.77 -55.72
CA VAL P 222 11.04 -16.41 -55.42
C VAL P 222 10.49 -15.42 -56.46
N LYS P 223 10.60 -15.77 -57.73
CA LYS P 223 10.10 -14.89 -58.78
C LYS P 223 8.58 -14.69 -58.67
N GLY P 224 7.86 -15.78 -58.40
CA GLY P 224 6.42 -15.69 -58.16
C GLY P 224 6.11 -14.80 -56.97
N ILE P 225 6.83 -15.05 -55.88
CA ILE P 225 6.60 -14.32 -54.63
C ILE P 225 6.80 -12.84 -54.88
N ASN P 226 7.88 -12.48 -55.57
CA ASN P 226 8.17 -11.07 -55.87
C ASN P 226 7.08 -10.34 -56.66
N ILE P 227 6.38 -11.06 -57.53
CA ILE P 227 5.29 -10.49 -58.30
C ILE P 227 4.09 -10.29 -57.39
N ILE P 228 3.72 -11.31 -56.62
CA ILE P 228 2.65 -11.22 -55.63
C ILE P 228 2.87 -10.08 -54.63
N TYR P 229 4.12 -9.90 -54.23
CA TYR P 229 4.51 -8.88 -53.27
C TYR P 229 4.19 -7.49 -53.75
N ASN P 230 4.53 -7.19 -55.00
CA ASN P 230 4.19 -5.89 -55.60
C ASN P 230 2.70 -5.62 -55.63
N LEU P 231 1.92 -6.69 -55.85
CA LEU P 231 0.48 -6.60 -55.84
C LEU P 231 -0.05 -6.30 -54.45
N GLU P 232 0.55 -6.93 -53.44
CA GLU P 232 0.19 -6.69 -52.06
C GLU P 232 0.45 -5.22 -51.72
N ARG P 233 1.63 -4.75 -52.08
CA ARG P 233 2.02 -3.37 -51.88
C ARG P 233 1.02 -2.39 -52.48
N GLU P 234 0.56 -2.69 -53.69
CA GLU P 234 -0.39 -1.85 -54.41
C GLU P 234 -1.77 -1.92 -53.74
N ALA P 235 -2.16 -3.12 -53.30
CA ALA P 235 -3.41 -3.32 -52.55
C ALA P 235 -3.48 -2.46 -51.29
N LEU P 236 -2.31 -2.19 -50.73
CA LEU P 236 -2.18 -1.40 -49.53
C LEU P 236 -2.54 0.05 -49.79
N LYS P 237 -2.17 0.56 -50.97
CA LYS P 237 -2.47 1.95 -51.33
C LYS P 237 -3.88 2.15 -51.86
N SER P 238 -4.33 1.25 -52.73
CA SER P 238 -5.60 1.43 -53.44
C SER P 238 -6.75 0.61 -52.87
N LYS P 239 -6.45 -0.28 -51.91
CA LYS P 239 -7.48 -1.12 -51.26
C LYS P 239 -8.08 -2.20 -52.17
N TYR P 240 -7.70 -2.20 -53.45
CA TYR P 240 -8.26 -3.14 -54.43
C TYR P 240 -7.30 -3.37 -55.60
N VAL P 241 -7.03 -4.64 -55.88
CA VAL P 241 -6.10 -4.98 -56.95
C VAL P 241 -6.59 -6.21 -57.71
N GLU P 242 -6.62 -6.10 -59.04
CA GLU P 242 -6.87 -7.24 -59.92
C GLU P 242 -5.66 -7.48 -60.79
N PHE P 243 -5.32 -8.75 -60.96
CA PHE P 243 -4.18 -9.13 -61.74
C PHE P 243 -4.54 -10.38 -62.54
N LYS P 244 -4.59 -10.23 -63.87
CA LYS P 244 -4.82 -11.35 -64.75
C LYS P 244 -3.54 -12.20 -64.83
N GLU P 245 -3.70 -13.51 -65.03
CA GLU P 245 -2.58 -14.46 -65.09
C GLU P 245 -1.49 -13.99 -66.06
N GLU P 246 -0.23 -14.16 -65.66
CA GLU P 246 0.89 -14.01 -66.60
C GLU P 246 2.20 -14.66 -66.12
N GLY P 247 3.15 -14.77 -67.04
CA GLY P 247 4.45 -15.39 -66.80
C GLY P 247 5.35 -14.62 -65.86
N VAL P 248 6.20 -15.37 -65.16
CA VAL P 248 7.20 -14.82 -64.27
C VAL P 248 8.33 -14.09 -65.03
N MET Q 1 -6.81 -36.45 -16.87
CA MET Q 1 -6.22 -35.81 -15.65
C MET Q 1 -7.16 -35.79 -14.42
N SER Q 2 -6.69 -36.33 -13.31
CA SER Q 2 -7.44 -36.30 -12.03
C SER Q 2 -6.71 -35.47 -10.99
N SER Q 3 -7.38 -34.43 -10.49
CA SER Q 3 -6.76 -33.49 -9.56
C SER Q 3 -7.57 -33.23 -8.32
N THR Q 4 -6.87 -32.86 -7.25
CA THR Q 4 -7.48 -32.56 -5.95
C THR Q 4 -8.52 -31.45 -6.12
N PRO Q 5 -9.78 -31.72 -5.72
CA PRO Q 5 -10.84 -30.74 -5.87
C PRO Q 5 -10.57 -29.44 -5.09
N SER Q 6 -10.57 -28.31 -5.80
CA SER Q 6 -10.25 -26.99 -5.21
C SER Q 6 -11.45 -26.30 -4.56
N ASN Q 7 -12.65 -26.76 -4.94
CA ASN Q 7 -13.90 -26.31 -4.32
C ASN Q 7 -14.03 -26.89 -2.91
N GLN Q 8 -13.21 -27.93 -2.69
CA GLN Q 8 -13.02 -28.64 -1.42
C GLN Q 8 -13.50 -27.88 -0.18
N ASN Q 9 -14.52 -28.46 0.42
CA ASN Q 9 -15.16 -27.93 1.62
C ASN Q 9 -14.30 -28.22 2.86
N ILE Q 10 -13.48 -27.26 3.26
CA ILE Q 10 -12.62 -27.41 4.43
C ILE Q 10 -13.34 -26.98 5.73
N ILE Q 11 -13.56 -27.95 6.61
CA ILE Q 11 -14.42 -27.80 7.80
C ILE Q 11 -13.59 -27.67 9.10
N PRO Q 12 -13.70 -26.50 9.78
CA PRO Q 12 -12.77 -26.09 10.84
C PRO Q 12 -12.53 -27.15 11.91
N ILE Q 13 -11.32 -27.14 12.46
CA ILE Q 13 -10.92 -28.11 13.47
C ILE Q 13 -11.89 -28.12 14.64
N ILE Q 14 -12.35 -26.94 15.03
CA ILE Q 14 -13.26 -26.75 16.16
C ILE Q 14 -14.55 -27.54 15.99
N LYS Q 15 -15.14 -27.47 14.80
CA LYS Q 15 -16.36 -28.23 14.52
C LYS Q 15 -16.09 -29.72 14.45
N LYS Q 16 -14.94 -30.09 13.92
CA LYS Q 16 -14.56 -31.47 13.85
C LYS Q 16 -14.48 -32.06 15.25
N GLU Q 17 -13.75 -31.39 16.15
CA GLU Q 17 -13.62 -31.84 17.53
C GLU Q 17 -14.97 -31.98 18.21
N SER Q 18 -15.90 -31.08 17.90
CA SER Q 18 -17.27 -31.16 18.38
C SER Q 18 -17.91 -32.48 18.06
N ILE Q 19 -17.77 -32.89 16.81
CA ILE Q 19 -18.37 -34.11 16.35
C ILE Q 19 -17.66 -35.33 16.96
N VAL Q 20 -16.32 -35.31 17.00
CA VAL Q 20 -15.55 -36.39 17.60
C VAL Q 20 -15.93 -36.60 19.06
N SER Q 21 -16.03 -35.50 19.81
CA SER Q 21 -16.46 -35.53 21.21
C SER Q 21 -17.77 -36.29 21.40
N LEU Q 22 -18.65 -36.23 20.41
CA LEU Q 22 -19.93 -36.91 20.47
C LEU Q 22 -19.74 -38.40 20.21
N PHE Q 23 -18.90 -38.74 19.24
CA PHE Q 23 -18.57 -40.12 18.90
C PHE Q 23 -18.01 -40.86 20.11
N GLU Q 24 -17.23 -40.14 20.90
CA GLU Q 24 -16.62 -40.68 22.09
C GLU Q 24 -17.69 -41.16 23.06
N LYS Q 25 -18.85 -40.51 23.00
CA LYS Q 25 -19.99 -40.92 23.80
C LYS Q 25 -20.90 -41.85 23.00
N GLY Q 26 -20.49 -42.18 21.78
CA GLY Q 26 -21.23 -43.12 20.94
C GLY Q 26 -22.54 -42.57 20.43
N ILE Q 27 -22.52 -41.32 19.98
CA ILE Q 27 -23.71 -40.70 19.44
C ILE Q 27 -23.31 -39.64 18.42
N ARG Q 28 -24.24 -39.30 17.53
CA ARG Q 28 -23.97 -38.33 16.47
C ARG Q 28 -24.83 -37.08 16.57
N GLN Q 29 -24.56 -36.09 15.72
CA GLN Q 29 -25.31 -34.83 15.72
C GLN Q 29 -26.82 -35.07 15.61
N ASP Q 30 -27.21 -35.92 14.66
CA ASP Q 30 -28.63 -36.23 14.43
C ASP Q 30 -29.21 -37.16 15.49
N GLY Q 31 -28.35 -37.72 16.33
CA GLY Q 31 -28.79 -38.48 17.49
C GLY Q 31 -28.76 -39.99 17.32
N ARG Q 32 -28.32 -40.44 16.16
CA ARG Q 32 -28.22 -41.88 15.94
C ARG Q 32 -26.91 -42.46 16.46
N LYS Q 33 -26.83 -43.79 16.48
CA LYS Q 33 -25.65 -44.52 16.94
C LYS Q 33 -24.64 -44.62 15.82
N LEU Q 34 -23.42 -44.98 16.19
CA LEU Q 34 -22.36 -45.06 15.21
C LEU Q 34 -22.67 -46.08 14.11
N THR Q 35 -23.54 -47.04 14.41
CA THR Q 35 -23.85 -48.12 13.46
C THR Q 35 -25.22 -48.00 12.79
N ASP Q 36 -25.95 -46.92 13.07
CA ASP Q 36 -27.29 -46.70 12.54
C ASP Q 36 -27.29 -46.10 11.15
N TYR Q 37 -28.29 -46.48 10.37
CA TYR Q 37 -28.59 -45.82 9.10
C TYR Q 37 -29.51 -44.65 9.32
N ARG Q 38 -29.51 -43.72 8.37
CA ARG Q 38 -30.50 -42.65 8.34
C ARG Q 38 -31.86 -43.17 7.90
N PRO Q 39 -32.94 -42.38 8.19
CA PRO Q 39 -34.29 -42.80 7.79
C PRO Q 39 -34.38 -43.00 6.28
N LEU Q 40 -35.06 -44.07 5.86
CA LEU Q 40 -35.14 -44.42 4.45
C LEU Q 40 -36.55 -44.38 3.89
N SER Q 41 -36.71 -43.60 2.82
CA SER Q 41 -37.93 -43.53 2.03
C SER Q 41 -37.66 -44.08 0.65
N ILE Q 42 -38.56 -44.93 0.17
CA ILE Q 42 -38.54 -45.32 -1.22
C ILE Q 42 -39.91 -45.15 -1.84
N THR Q 43 -39.97 -44.35 -2.90
CA THR Q 43 -41.19 -44.17 -3.71
C THR Q 43 -40.98 -44.76 -5.10
N LEU Q 44 -41.75 -45.80 -5.41
CA LEU Q 44 -41.63 -46.53 -6.68
C LEU Q 44 -42.45 -45.88 -7.75
N ASP Q 45 -42.00 -46.03 -8.99
CA ASP Q 45 -42.72 -45.50 -10.16
C ASP Q 45 -42.94 -43.98 -10.04
N TYR Q 46 -41.92 -43.29 -9.56
CA TYR Q 46 -42.00 -41.84 -9.39
C TYR Q 46 -41.94 -41.14 -10.74
N ALA Q 47 -41.11 -41.66 -11.66
CA ALA Q 47 -40.96 -41.13 -13.01
C ALA Q 47 -41.81 -41.98 -13.97
N LYS Q 48 -42.98 -41.46 -14.31
CA LYS Q 48 -44.00 -42.27 -14.99
C LYS Q 48 -43.61 -42.80 -16.37
N LYS Q 49 -42.88 -42.00 -17.13
CA LYS Q 49 -42.48 -42.37 -18.48
C LYS Q 49 -41.27 -43.26 -18.49
N ALA Q 50 -40.78 -43.61 -17.31
CA ALA Q 50 -39.73 -44.62 -17.15
C ALA Q 50 -40.32 -46.04 -17.12
N ASP Q 51 -39.57 -47.02 -17.58
CA ASP Q 51 -40.01 -48.40 -17.56
C ASP Q 51 -40.13 -48.91 -16.12
N GLY Q 52 -39.23 -48.41 -15.28
CA GLY Q 52 -39.28 -48.63 -13.85
C GLY Q 52 -38.48 -47.52 -13.23
N SER Q 53 -38.92 -47.05 -12.07
CA SER Q 53 -38.21 -45.97 -11.36
C SER Q 53 -38.40 -45.98 -9.86
N ALA Q 54 -37.53 -45.26 -9.17
CA ALA Q 54 -37.56 -45.16 -7.71
C ALA Q 54 -36.99 -43.82 -7.23
N LEU Q 55 -37.70 -43.20 -6.30
CA LEU Q 55 -37.15 -42.06 -5.58
C LEU Q 55 -36.71 -42.50 -4.20
N VAL Q 56 -35.43 -42.36 -3.91
CA VAL Q 56 -34.87 -42.73 -2.61
C VAL Q 56 -34.51 -41.47 -1.78
N LYS Q 57 -35.07 -41.35 -0.57
CA LYS Q 57 -34.61 -40.37 0.41
C LYS Q 57 -33.92 -41.10 1.54
N LEU Q 58 -32.61 -40.87 1.66
CA LEU Q 58 -31.81 -41.40 2.76
C LEU Q 58 -31.22 -40.21 3.52
N GLY Q 59 -31.78 -39.92 4.69
CA GLY Q 59 -31.49 -38.66 5.36
C GLY Q 59 -31.87 -37.57 4.38
N THR Q 60 -30.96 -36.64 4.14
CA THR Q 60 -31.24 -35.53 3.25
C THR Q 60 -30.80 -35.82 1.81
N THR Q 61 -30.25 -37.00 1.56
CA THR Q 61 -29.80 -37.38 0.22
C THR Q 61 -30.98 -37.88 -0.60
N MET Q 62 -31.12 -37.35 -1.81
CA MET Q 62 -32.17 -37.79 -2.70
C MET Q 62 -31.63 -38.30 -4.01
N VAL Q 63 -32.08 -39.48 -4.39
CA VAL Q 63 -31.65 -40.07 -5.66
C VAL Q 63 -32.87 -40.60 -6.40
N LEU Q 64 -32.99 -40.19 -7.67
CA LEU Q 64 -33.99 -40.75 -8.57
C LEU Q 64 -33.31 -41.60 -9.64
N ALA Q 65 -33.58 -42.90 -9.59
CA ALA Q 65 -33.13 -43.84 -10.62
C ALA Q 65 -34.28 -44.20 -11.57
N GLY Q 66 -33.95 -44.36 -12.84
CA GLY Q 66 -34.96 -44.72 -13.80
C GLY Q 66 -34.39 -45.62 -14.87
N THR Q 67 -35.18 -46.61 -15.27
CA THR Q 67 -34.78 -47.55 -16.34
C THR Q 67 -35.51 -47.29 -17.64
N LYS Q 68 -34.85 -47.69 -18.72
CA LYS Q 68 -35.40 -47.61 -20.05
C LYS Q 68 -34.87 -48.83 -20.76
N LEU Q 69 -35.78 -49.58 -21.38
CA LEU Q 69 -35.43 -50.79 -22.08
C LEU Q 69 -35.48 -50.61 -23.59
N GLU Q 70 -34.47 -51.12 -24.30
CA GLU Q 70 -34.42 -51.02 -25.75
C GLU Q 70 -33.83 -52.26 -26.36
N ILE Q 71 -34.26 -52.58 -27.59
CA ILE Q 71 -33.76 -53.75 -28.28
C ILE Q 71 -32.52 -53.40 -29.10
N ASP Q 72 -31.46 -54.19 -28.88
CA ASP Q 72 -30.17 -53.99 -29.55
C ASP Q 72 -29.63 -55.30 -30.09
N LYS Q 73 -28.77 -55.21 -31.10
CA LYS Q 73 -27.91 -56.33 -31.47
C LYS Q 73 -26.90 -56.50 -30.33
N PRO Q 74 -26.66 -57.75 -29.90
CA PRO Q 74 -25.70 -57.97 -28.81
C PRO Q 74 -24.27 -57.64 -29.21
N TYR Q 75 -23.42 -57.38 -28.22
CA TYR Q 75 -22.06 -56.95 -28.50
C TYR Q 75 -21.21 -58.12 -28.95
N GLU Q 76 -20.42 -57.92 -30.01
CA GLU Q 76 -19.64 -59.00 -30.66
C GLU Q 76 -18.92 -59.94 -29.69
N ASP Q 77 -18.35 -59.38 -28.63
CA ASP Q 77 -17.66 -60.17 -27.61
C ASP Q 77 -18.51 -60.45 -26.36
N THR Q 78 -19.84 -60.52 -26.52
CA THR Q 78 -20.80 -61.08 -25.52
C THR Q 78 -22.11 -61.49 -26.23
N PRO Q 79 -22.08 -62.57 -27.00
CA PRO Q 79 -23.17 -62.90 -27.94
C PRO Q 79 -24.47 -63.40 -27.29
N ASN Q 80 -24.37 -63.88 -26.05
CA ASN Q 80 -25.53 -64.44 -25.35
C ASN Q 80 -25.83 -63.69 -24.04
N GLN Q 81 -25.80 -62.36 -24.13
CA GLN Q 81 -26.08 -61.51 -22.99
C GLN Q 81 -26.78 -60.28 -23.45
N GLY Q 82 -27.75 -59.85 -22.66
CA GLY Q 82 -28.30 -58.51 -22.79
C GLY Q 82 -27.29 -57.52 -22.25
N ASN Q 83 -27.65 -56.24 -22.25
CA ASN Q 83 -26.74 -55.20 -21.84
C ASN Q 83 -27.25 -54.45 -20.63
N LEU Q 84 -26.33 -54.07 -19.75
CA LEU Q 84 -26.65 -53.14 -18.67
C LEU Q 84 -25.74 -51.94 -18.82
N ILE Q 85 -26.34 -50.75 -18.90
CA ILE Q 85 -25.55 -49.53 -18.93
C ILE Q 85 -25.97 -48.63 -17.78
N VAL Q 86 -25.06 -48.40 -16.84
CA VAL Q 86 -25.38 -47.60 -15.67
C VAL Q 86 -24.80 -46.21 -15.83
N ASN Q 87 -25.59 -45.19 -15.47
CA ASN Q 87 -25.12 -43.83 -15.61
C ASN Q 87 -25.59 -42.95 -14.45
N VAL Q 88 -24.65 -42.22 -13.87
CA VAL Q 88 -24.96 -41.40 -12.71
C VAL Q 88 -24.73 -39.92 -13.00
N GLU Q 89 -25.67 -39.09 -12.55
CA GLU Q 89 -25.49 -37.65 -12.62
C GLU Q 89 -25.66 -36.95 -11.28
N LEU Q 90 -24.68 -36.12 -10.95
CA LEU Q 90 -24.75 -35.23 -9.80
C LEU Q 90 -25.16 -33.89 -10.31
N LEU Q 91 -26.13 -33.25 -9.65
CA LEU Q 91 -26.69 -31.98 -10.15
C LEU Q 91 -26.32 -30.72 -9.34
N PRO Q 92 -26.24 -30.83 -8.00
CA PRO Q 92 -25.87 -29.66 -7.18
C PRO Q 92 -24.56 -28.95 -7.58
N ASP Q 104 -18.52 -36.19 -15.31
CA ASP Q 104 -17.79 -35.77 -14.10
C ASP Q 104 -16.51 -36.61 -13.81
N GLU Q 105 -16.57 -37.51 -12.82
CA GLU Q 105 -15.43 -38.33 -12.32
C GLU Q 105 -15.92 -39.13 -11.11
N ASN Q 106 -16.50 -38.41 -10.15
CA ASN Q 106 -17.16 -39.01 -9.02
C ASN Q 106 -18.39 -39.68 -9.52
N ALA Q 107 -19.03 -39.05 -10.50
CA ALA Q 107 -20.21 -39.59 -11.15
C ALA Q 107 -19.86 -40.88 -11.88
N ILE Q 108 -18.69 -40.91 -12.50
CA ILE Q 108 -18.24 -42.11 -13.19
C ILE Q 108 -17.95 -43.22 -12.17
N GLU Q 109 -17.19 -42.91 -11.12
CA GLU Q 109 -16.87 -43.87 -10.09
C GLU Q 109 -18.13 -44.52 -9.56
N LEU Q 110 -19.10 -43.69 -9.19
CA LEU Q 110 -20.37 -44.15 -8.64
C LEU Q 110 -21.08 -45.08 -9.61
N ALA Q 111 -21.17 -44.66 -10.88
CA ALA Q 111 -21.76 -45.49 -11.92
C ALA Q 111 -21.12 -46.85 -11.99
N ARG Q 112 -19.78 -46.87 -12.04
CA ARG Q 112 -19.02 -48.11 -12.14
C ARG Q 112 -19.14 -49.01 -10.92
N VAL Q 113 -19.14 -48.41 -9.73
CA VAL Q 113 -19.20 -49.18 -8.50
C VAL Q 113 -20.53 -49.91 -8.41
N VAL Q 114 -21.60 -49.16 -8.63
CA VAL Q 114 -22.97 -49.68 -8.68
C VAL Q 114 -23.06 -50.77 -9.78
N ASP Q 115 -22.58 -50.46 -10.98
CA ASP Q 115 -22.54 -51.42 -12.08
C ASP Q 115 -21.90 -52.73 -11.63
N ARG Q 116 -20.65 -52.62 -11.19
CA ARG Q 116 -19.89 -53.79 -10.75
C ARG Q 116 -20.66 -54.66 -9.77
N SER Q 117 -21.31 -54.03 -8.81
CA SER Q 117 -21.98 -54.79 -7.78
C SER Q 117 -23.23 -55.48 -8.32
N LEU Q 118 -23.90 -54.86 -9.29
CA LEU Q 118 -25.08 -55.48 -9.93
C LEU Q 118 -24.69 -56.59 -10.90
N ARG Q 119 -23.59 -56.39 -11.62
CA ARG Q 119 -23.12 -57.31 -12.64
C ARG Q 119 -22.41 -58.54 -12.05
N ASP Q 120 -21.43 -58.32 -11.20
CA ASP Q 120 -20.63 -59.41 -10.61
C ASP Q 120 -21.44 -60.34 -9.71
N SER Q 121 -22.46 -59.77 -9.05
CA SER Q 121 -23.33 -60.52 -8.17
C SER Q 121 -24.27 -61.35 -9.00
N LYS Q 122 -24.48 -60.88 -10.23
CA LYS Q 122 -25.51 -61.42 -11.09
C LYS Q 122 -26.90 -61.22 -10.45
N ALA Q 123 -27.06 -60.10 -9.75
CA ALA Q 123 -28.36 -59.74 -9.21
C ALA Q 123 -29.30 -59.62 -10.38
N LEU Q 124 -28.83 -58.98 -11.45
CA LEU Q 124 -29.53 -58.98 -12.73
C LEU Q 124 -28.86 -59.98 -13.63
N ASP Q 125 -29.66 -60.90 -14.17
CA ASP Q 125 -29.13 -61.93 -15.06
C ASP Q 125 -29.21 -61.50 -16.53
N LEU Q 126 -28.08 -61.07 -17.08
CA LEU Q 126 -28.01 -60.58 -18.45
C LEU Q 126 -28.29 -61.65 -19.49
N THR Q 127 -27.97 -62.91 -19.16
CA THR Q 127 -28.14 -64.01 -20.11
C THR Q 127 -29.60 -64.35 -20.36
N LYS Q 128 -30.47 -63.90 -19.47
CA LYS Q 128 -31.93 -64.04 -19.65
C LYS Q 128 -32.59 -62.85 -20.35
N LEU Q 129 -31.77 -61.92 -20.83
CA LEU Q 129 -32.25 -60.76 -21.59
C LEU Q 129 -32.08 -60.95 -23.10
N VAL Q 130 -31.65 -62.14 -23.50
CA VAL Q 130 -31.55 -62.49 -24.91
C VAL Q 130 -32.96 -62.71 -25.48
N ILE Q 131 -33.19 -62.19 -26.67
CA ILE Q 131 -34.45 -62.43 -27.36
C ILE Q 131 -34.23 -63.48 -28.47
N GLU Q 132 -33.64 -63.07 -29.58
CA GLU Q 132 -33.15 -64.03 -30.56
C GLU Q 132 -31.64 -64.00 -30.47
N PRO Q 133 -31.02 -65.13 -30.06
CA PRO Q 133 -29.57 -65.21 -29.78
C PRO Q 133 -28.72 -64.70 -30.94
N GLY Q 134 -27.74 -63.85 -30.63
CA GLY Q 134 -26.87 -63.27 -31.66
C GLY Q 134 -27.51 -62.19 -32.51
N LYS Q 135 -28.85 -62.25 -32.62
CA LYS Q 135 -29.61 -61.26 -33.39
C LYS Q 135 -30.07 -60.07 -32.55
N SER Q 136 -30.81 -60.34 -31.47
CA SER Q 136 -31.39 -59.26 -30.65
C SER Q 136 -31.52 -59.52 -29.14
N VAL Q 137 -31.14 -58.51 -28.36
CA VAL Q 137 -31.17 -58.58 -26.89
C VAL Q 137 -31.75 -57.29 -26.29
N TRP Q 138 -32.13 -57.36 -25.01
CA TRP Q 138 -32.56 -56.17 -24.26
C TRP Q 138 -31.36 -55.42 -23.73
N THR Q 139 -31.38 -54.10 -23.90
CA THR Q 139 -30.41 -53.22 -23.27
C THR Q 139 -31.16 -52.48 -22.17
N VAL Q 140 -30.62 -52.55 -20.96
CA VAL Q 140 -31.19 -51.87 -19.83
C VAL Q 140 -30.34 -50.64 -19.56
N TRP Q 141 -30.90 -49.49 -19.87
CA TRP Q 141 -30.30 -48.22 -19.53
C TRP Q 141 -30.79 -47.85 -18.13
N LEU Q 142 -29.85 -47.79 -17.19
CA LEU Q 142 -30.13 -47.34 -15.84
C LEU Q 142 -29.52 -45.95 -15.61
N ASP Q 143 -30.39 -44.97 -15.43
CA ASP Q 143 -29.94 -43.61 -15.22
C ASP Q 143 -30.31 -43.14 -13.82
N VAL Q 144 -29.28 -42.74 -13.08
CA VAL Q 144 -29.43 -42.42 -11.68
C VAL Q 144 -29.07 -40.96 -11.45
N TYR Q 145 -30.02 -40.22 -10.92
CA TYR Q 145 -29.86 -38.79 -10.72
C TYR Q 145 -29.83 -38.44 -9.24
N VAL Q 146 -28.68 -37.92 -8.82
CA VAL Q 146 -28.55 -37.41 -7.47
C VAL Q 146 -29.11 -36.01 -7.46
N LEU Q 147 -30.23 -35.84 -6.78
CA LEU Q 147 -30.95 -34.58 -6.75
C LEU Q 147 -30.52 -33.71 -5.56
N ASP Q 148 -30.21 -34.35 -4.44
CA ASP Q 148 -29.85 -33.67 -3.23
C ASP Q 148 -28.63 -34.38 -2.62
N TYR Q 149 -27.52 -33.66 -2.51
CA TYR Q 149 -26.31 -34.25 -1.97
C TYR Q 149 -26.25 -34.12 -0.45
N GLY Q 150 -26.59 -35.21 0.24
CA GLY Q 150 -26.62 -35.22 1.71
C GLY Q 150 -25.60 -36.17 2.32
N GLY Q 151 -24.58 -36.51 1.55
CA GLY Q 151 -23.56 -37.46 2.00
C GLY Q 151 -23.99 -38.90 1.79
N ASN Q 152 -23.00 -39.79 1.69
CA ASN Q 152 -23.22 -41.22 1.44
C ASN Q 152 -24.13 -41.49 0.23
N VAL Q 153 -23.72 -40.90 -0.87
CA VAL Q 153 -24.49 -40.91 -2.09
C VAL Q 153 -24.49 -42.29 -2.72
N LEU Q 154 -23.37 -42.99 -2.63
CA LEU Q 154 -23.23 -44.35 -3.16
C LEU Q 154 -24.29 -45.35 -2.66
N ASP Q 155 -24.47 -45.42 -1.35
CA ASP Q 155 -25.45 -46.29 -0.78
C ASP Q 155 -26.86 -45.96 -1.27
N ALA Q 156 -27.16 -44.67 -1.42
CA ALA Q 156 -28.46 -44.26 -1.92
C ALA Q 156 -28.62 -44.64 -3.39
N CYS Q 157 -27.53 -44.55 -4.15
CA CYS Q 157 -27.56 -44.89 -5.58
C CYS Q 157 -27.86 -46.35 -5.77
N THR Q 158 -27.21 -47.20 -4.98
CA THR Q 158 -27.44 -48.65 -5.05
C THR Q 158 -28.92 -48.94 -4.77
N LEU Q 159 -29.45 -48.34 -3.71
CA LEU Q 159 -30.84 -48.55 -3.31
C LEU Q 159 -31.81 -48.08 -4.37
N ALA Q 160 -31.51 -46.95 -5.00
CA ALA Q 160 -32.34 -46.41 -6.05
C ALA Q 160 -32.27 -47.31 -7.28
N SER Q 161 -31.07 -47.81 -7.58
CA SER Q 161 -30.84 -48.64 -8.75
C SER Q 161 -31.51 -49.97 -8.63
N VAL Q 162 -31.37 -50.58 -7.46
CA VAL Q 162 -32.00 -51.86 -7.20
C VAL Q 162 -33.52 -51.68 -7.27
N ALA Q 163 -34.02 -50.66 -6.61
CA ALA Q 163 -35.44 -50.44 -6.59
C ALA Q 163 -36.00 -50.20 -7.99
N ALA Q 164 -35.28 -49.42 -8.78
CA ALA Q 164 -35.73 -49.10 -10.12
C ALA Q 164 -35.81 -50.35 -10.98
N LEU Q 165 -34.79 -51.21 -10.85
CA LEU Q 165 -34.78 -52.48 -11.55
C LEU Q 165 -35.95 -53.37 -11.17
N TYR Q 166 -36.25 -53.42 -9.88
CA TYR Q 166 -37.36 -54.22 -9.42
C TYR Q 166 -38.70 -53.68 -9.82
N ASN Q 167 -38.74 -52.38 -10.08
CA ASN Q 167 -39.97 -51.71 -10.49
C ASN Q 167 -40.19 -51.80 -12.00
N THR Q 168 -39.18 -52.30 -12.71
CA THR Q 168 -39.16 -52.31 -14.17
C THR Q 168 -40.12 -53.33 -14.81
N LYS Q 169 -41.02 -52.79 -15.65
CA LYS Q 169 -41.92 -53.55 -16.47
C LYS Q 169 -41.29 -53.87 -17.83
N VAL Q 170 -41.44 -55.10 -18.28
CA VAL Q 170 -40.97 -55.51 -19.61
C VAL Q 170 -42.18 -55.65 -20.55
N TYR Q 171 -42.01 -55.22 -21.80
CA TYR Q 171 -43.11 -55.17 -22.75
C TYR Q 171 -43.13 -56.31 -23.75
N LYS Q 172 -44.26 -56.47 -24.44
CA LYS Q 172 -44.41 -57.50 -25.46
C LYS Q 172 -43.53 -57.24 -26.67
N VAL Q 173 -43.03 -58.31 -27.27
CA VAL Q 173 -42.11 -58.20 -28.41
C VAL Q 173 -42.72 -58.73 -29.71
N GLU Q 174 -43.16 -57.82 -30.58
CA GLU Q 174 -43.73 -58.17 -31.90
C GLU Q 174 -42.64 -58.60 -32.90
N GLN Q 175 -42.55 -59.92 -33.12
CA GLN Q 175 -41.54 -60.52 -34.01
C GLN Q 175 -42.17 -61.05 -35.31
N ILE Q 180 -38.64 -57.75 -33.64
CA ILE Q 180 -38.64 -56.67 -34.64
C ILE Q 180 -39.26 -55.38 -34.10
N SER Q 181 -40.33 -55.50 -33.32
CA SER Q 181 -41.05 -54.33 -32.78
C SER Q 181 -41.45 -54.50 -31.31
N VAL Q 182 -41.50 -53.38 -30.56
CA VAL Q 182 -41.95 -53.37 -29.17
C VAL Q 182 -43.38 -52.83 -29.07
N ASN Q 183 -44.18 -53.44 -28.20
CA ASN Q 183 -45.55 -53.01 -27.98
C ASN Q 183 -45.69 -52.51 -26.55
N LYS Q 184 -45.68 -51.19 -26.39
CA LYS Q 184 -45.56 -50.57 -25.07
C LYS Q 184 -46.85 -50.41 -24.24
N ASN Q 185 -47.89 -51.13 -24.62
CA ASN Q 185 -49.11 -51.16 -23.80
C ASN Q 185 -49.58 -52.58 -23.43
N GLU Q 186 -48.69 -53.55 -23.65
CA GLU Q 186 -48.84 -54.91 -23.13
C GLU Q 186 -47.59 -55.25 -22.31
N VAL Q 187 -47.76 -55.28 -20.99
CA VAL Q 187 -46.68 -55.60 -20.07
C VAL Q 187 -46.55 -57.12 -19.89
N VAL Q 188 -45.49 -57.67 -20.47
CA VAL Q 188 -45.25 -59.12 -20.48
C VAL Q 188 -44.76 -59.66 -19.13
N GLY Q 189 -43.90 -58.90 -18.44
CA GLY Q 189 -43.37 -59.33 -17.15
C GLY Q 189 -42.42 -58.34 -16.53
N LYS Q 190 -41.40 -58.88 -15.85
CA LYS Q 190 -40.42 -58.07 -15.12
C LYS Q 190 -38.99 -58.50 -15.46
N LEU Q 191 -38.02 -57.77 -14.93
CA LEU Q 191 -36.61 -58.09 -15.15
C LEU Q 191 -36.19 -59.38 -14.48
N PRO Q 192 -35.29 -60.15 -15.12
CA PRO Q 192 -34.75 -61.38 -14.53
C PRO Q 192 -33.80 -61.04 -13.38
N LEU Q 193 -34.40 -60.75 -12.23
CA LEU Q 193 -33.64 -60.40 -11.04
C LEU Q 193 -33.56 -61.58 -10.09
N ASN Q 194 -32.34 -61.85 -9.62
CA ASN Q 194 -32.11 -62.93 -8.68
C ASN Q 194 -32.36 -62.51 -7.23
N TYR Q 195 -31.85 -61.35 -6.89
CA TYR Q 195 -32.00 -60.80 -5.55
C TYR Q 195 -31.62 -59.34 -5.54
N PRO Q 196 -32.07 -58.60 -4.51
CA PRO Q 196 -31.57 -57.26 -4.30
C PRO Q 196 -30.15 -57.29 -3.76
N VAL Q 197 -29.49 -56.15 -3.82
CA VAL Q 197 -28.15 -56.02 -3.31
C VAL Q 197 -28.13 -54.69 -2.56
N VAL Q 198 -27.32 -54.61 -1.51
CA VAL Q 198 -27.14 -53.32 -0.83
C VAL Q 198 -25.67 -53.02 -0.73
N THR Q 199 -25.34 -51.74 -0.75
CA THR Q 199 -24.02 -51.31 -0.43
C THR Q 199 -24.06 -50.55 0.89
N ILE Q 200 -23.16 -50.93 1.80
CA ILE Q 200 -23.01 -50.25 3.07
C ILE Q 200 -21.67 -49.55 3.12
N SER Q 201 -21.71 -48.24 3.37
CA SER Q 201 -20.52 -47.43 3.53
C SER Q 201 -20.17 -47.21 5.00
N VAL Q 202 -18.89 -47.43 5.32
CA VAL Q 202 -18.40 -47.21 6.67
C VAL Q 202 -17.28 -46.17 6.61
N ALA Q 203 -17.47 -45.07 7.33
CA ALA Q 203 -16.50 -43.98 7.40
C ALA Q 203 -15.59 -44.05 8.63
N LYS Q 204 -14.31 -43.81 8.39
CA LYS Q 204 -13.31 -43.75 9.41
C LYS Q 204 -13.19 -42.29 9.78
N VAL Q 205 -13.60 -41.95 11.00
CA VAL Q 205 -13.43 -40.58 11.52
C VAL Q 205 -12.67 -40.66 12.83
N ASP Q 206 -11.47 -40.08 12.85
CA ASP Q 206 -10.56 -40.15 13.98
C ASP Q 206 -10.30 -41.61 14.22
N LYS Q 207 -10.63 -42.11 15.41
CA LYS Q 207 -10.43 -43.53 15.71
C LYS Q 207 -11.76 -44.27 15.73
N TYR Q 208 -12.78 -43.66 15.14
CA TYR Q 208 -14.13 -44.22 15.16
C TYR Q 208 -14.60 -44.68 13.78
N LEU Q 209 -15.44 -45.72 13.75
CA LEU Q 209 -16.09 -46.16 12.52
C LEU Q 209 -17.56 -45.82 12.57
N VAL Q 210 -18.05 -45.24 11.48
CA VAL Q 210 -19.41 -44.71 11.46
C VAL Q 210 -20.11 -45.18 10.19
N VAL Q 211 -21.29 -45.77 10.36
CA VAL Q 211 -22.07 -46.27 9.24
C VAL Q 211 -22.90 -45.16 8.59
N ASP Q 212 -22.98 -45.15 7.27
CA ASP Q 212 -23.81 -44.16 6.55
C ASP Q 212 -23.48 -42.70 6.96
N PRO Q 213 -22.29 -42.20 6.60
CA PRO Q 213 -21.90 -40.86 7.04
C PRO Q 213 -22.76 -39.77 6.37
N ASP Q 214 -23.12 -38.74 7.13
CA ASP Q 214 -23.82 -37.61 6.55
C ASP Q 214 -22.83 -36.61 5.96
N LEU Q 215 -23.34 -35.47 5.52
CA LEU Q 215 -22.53 -34.48 4.84
C LEU Q 215 -21.34 -34.01 5.69
N ASP Q 216 -21.64 -33.59 6.92
CA ASP Q 216 -20.61 -33.14 7.87
C ASP Q 216 -19.61 -34.25 8.16
N GLU Q 217 -20.10 -35.47 8.35
CA GLU Q 217 -19.25 -36.59 8.68
C GLU Q 217 -18.29 -36.90 7.54
N GLU Q 218 -18.79 -36.81 6.30
CA GLU Q 218 -17.95 -37.08 5.14
C GLU Q 218 -16.84 -36.05 4.98
N SER Q 219 -17.08 -34.82 5.36
CA SER Q 219 -16.07 -33.79 5.21
C SER Q 219 -14.93 -33.86 6.24
N ILE Q 220 -15.15 -34.63 7.31
CA ILE Q 220 -14.14 -34.78 8.37
C ILE Q 220 -13.51 -36.17 8.44
N MET Q 221 -14.07 -37.10 7.69
CA MET Q 221 -13.55 -38.47 7.69
C MET Q 221 -12.15 -38.54 7.10
N ASP Q 222 -11.40 -39.58 7.50
CA ASP Q 222 -10.12 -39.87 6.87
C ASP Q 222 -10.40 -40.52 5.52
N ALA Q 223 -11.24 -41.54 5.54
CA ALA Q 223 -11.62 -42.25 4.34
C ALA Q 223 -12.88 -43.03 4.66
N LYS Q 224 -13.54 -43.56 3.63
CA LYS Q 224 -14.64 -44.49 3.83
C LYS Q 224 -14.47 -45.72 2.96
N ILE Q 225 -15.19 -46.77 3.29
CA ILE Q 225 -15.09 -48.03 2.60
C ILE Q 225 -16.48 -48.61 2.47
N SER Q 226 -16.83 -49.01 1.23
CA SER Q 226 -18.18 -49.46 0.92
C SER Q 226 -18.19 -50.93 0.57
N PHE Q 227 -19.07 -51.67 1.22
CA PHE Q 227 -19.20 -53.09 0.99
C PHE Q 227 -20.54 -53.36 0.36
N SER Q 228 -20.54 -54.19 -0.68
CA SER Q 228 -21.77 -54.62 -1.32
C SER Q 228 -22.08 -56.07 -0.95
N TYR Q 229 -23.33 -56.31 -0.56
CA TYR Q 229 -23.74 -57.66 -0.13
C TYR Q 229 -24.96 -58.17 -0.89
N THR Q 230 -24.99 -59.48 -1.07
CA THR Q 230 -26.18 -60.20 -1.49
C THR Q 230 -26.89 -60.67 -0.23
N PRO Q 231 -28.19 -61.02 -0.34
CA PRO Q 231 -28.98 -61.48 0.80
C PRO Q 231 -28.39 -62.61 1.65
N ASP Q 232 -27.68 -63.56 1.07
CA ASP Q 232 -27.05 -64.55 1.94
C ASP Q 232 -25.68 -64.08 2.43
N LEU Q 233 -25.41 -62.79 2.23
CA LEU Q 233 -24.26 -62.08 2.84
C LEU Q 233 -22.89 -62.45 2.23
N LYS Q 234 -22.86 -62.62 0.92
CA LYS Q 234 -21.63 -62.77 0.19
C LYS Q 234 -21.16 -61.37 -0.17
N ILE Q 235 -19.87 -61.09 -0.04
CA ILE Q 235 -19.33 -59.80 -0.43
C ILE Q 235 -19.23 -59.77 -1.94
N VAL Q 236 -19.70 -58.69 -2.54
CA VAL Q 236 -19.91 -58.63 -3.98
C VAL Q 236 -19.25 -57.41 -4.63
N GLY Q 237 -18.62 -56.58 -3.79
CA GLY Q 237 -17.85 -55.43 -4.22
C GLY Q 237 -17.34 -54.68 -3.00
N ILE Q 238 -16.16 -54.09 -3.14
CA ILE Q 238 -15.60 -53.25 -2.09
C ILE Q 238 -14.94 -52.07 -2.78
N GLN Q 239 -15.14 -50.89 -2.23
CA GLN Q 239 -14.50 -49.69 -2.73
C GLN Q 239 -14.10 -48.79 -1.58
N LYS Q 240 -12.80 -48.58 -1.43
CA LYS Q 240 -12.29 -47.55 -0.53
C LYS Q 240 -12.39 -46.19 -1.21
N SER Q 241 -12.70 -45.18 -0.42
CA SER Q 241 -12.94 -43.85 -0.91
C SER Q 241 -12.31 -42.85 0.06
N GLY Q 242 -11.90 -41.70 -0.46
CA GLY Q 242 -11.44 -40.61 0.39
C GLY Q 242 -9.95 -40.37 0.33
N LYS Q 243 -9.57 -39.17 0.73
CA LYS Q 243 -8.18 -38.72 0.65
C LYS Q 243 -7.42 -38.95 1.96
N GLY Q 244 -7.75 -40.04 2.64
CA GLY Q 244 -6.93 -40.54 3.74
C GLY Q 244 -6.79 -42.04 3.67
N SER Q 245 -6.13 -42.61 4.68
CA SER Q 245 -5.90 -44.04 4.73
C SER Q 245 -6.65 -44.67 5.89
N MET Q 246 -6.49 -45.98 6.05
CA MET Q 246 -7.25 -46.78 7.01
C MET Q 246 -6.39 -47.96 7.38
N SER Q 247 -6.44 -48.38 8.63
CA SER Q 247 -5.60 -49.51 9.04
C SER Q 247 -6.24 -50.85 8.65
N LEU Q 248 -5.43 -51.90 8.71
CA LEU Q 248 -5.88 -53.26 8.46
C LEU Q 248 -7.07 -53.62 9.32
N GLN Q 249 -6.92 -53.42 10.63
CA GLN Q 249 -7.97 -53.75 11.56
C GLN Q 249 -9.21 -52.86 11.43
N ASP Q 250 -9.01 -51.62 11.00
CA ASP Q 250 -10.13 -50.74 10.67
C ASP Q 250 -11.05 -51.41 9.63
N ILE Q 251 -10.43 -51.91 8.57
CA ILE Q 251 -11.15 -52.54 7.48
C ILE Q 251 -11.82 -53.84 7.92
N ASP Q 252 -11.09 -54.65 8.70
CA ASP Q 252 -11.64 -55.84 9.36
C ASP Q 252 -12.94 -55.52 10.11
N GLN Q 253 -12.89 -54.56 11.04
CA GLN Q 253 -14.07 -54.16 11.82
C GLN Q 253 -15.16 -53.55 10.96
N ALA Q 254 -14.75 -52.77 9.96
CA ALA Q 254 -15.68 -52.13 9.09
C ALA Q 254 -16.55 -53.16 8.38
N GLU Q 255 -15.95 -54.24 7.90
CA GLU Q 255 -16.73 -55.21 7.17
C GLU Q 255 -17.68 -55.97 8.10
N ASN Q 256 -17.20 -56.34 9.29
CA ASN Q 256 -18.05 -56.89 10.33
C ASN Q 256 -19.27 -56.03 10.60
N THR Q 257 -19.01 -54.75 10.85
CA THR Q 257 -20.07 -53.78 11.04
C THR Q 257 -20.99 -53.71 9.81
N ALA Q 258 -20.40 -53.57 8.63
CA ALA Q 258 -21.15 -53.42 7.40
C ALA Q 258 -22.11 -54.57 7.21
N ARG Q 259 -21.63 -55.77 7.52
CA ARG Q 259 -22.40 -56.98 7.30
C ARG Q 259 -23.62 -57.05 8.20
N SER Q 260 -23.48 -56.75 9.48
CA SER Q 260 -24.63 -56.84 10.35
C SER Q 260 -25.63 -55.70 10.09
N THR Q 261 -25.15 -54.65 9.46
CA THR Q 261 -26.01 -53.56 9.03
C THR Q 261 -26.79 -54.01 7.80
N ALA Q 262 -26.08 -54.69 6.89
CA ALA Q 262 -26.64 -55.17 5.64
C ALA Q 262 -27.96 -55.91 5.84
N VAL Q 263 -28.02 -56.73 6.88
CA VAL Q 263 -29.19 -57.55 7.17
C VAL Q 263 -30.42 -56.65 7.38
N LYS Q 264 -30.25 -55.63 8.22
CA LYS Q 264 -31.34 -54.72 8.51
C LYS Q 264 -31.75 -54.00 7.25
N LEU Q 265 -30.77 -53.50 6.51
CA LEU Q 265 -31.05 -52.67 5.35
C LEU Q 265 -31.74 -53.46 4.26
N LEU Q 266 -31.36 -54.73 4.09
CA LEU Q 266 -31.98 -55.61 3.11
C LEU Q 266 -33.43 -55.84 3.45
N GLU Q 267 -33.72 -56.02 4.74
CA GLU Q 267 -35.07 -56.27 5.19
C GLU Q 267 -35.95 -55.08 4.89
N GLU Q 268 -35.41 -53.89 5.15
CA GLU Q 268 -36.15 -52.64 4.95
C GLU Q 268 -36.37 -52.35 3.46
N LEU Q 269 -35.34 -52.64 2.67
CA LEU Q 269 -35.42 -52.56 1.21
C LEU Q 269 -36.55 -53.42 0.66
N LYS Q 270 -36.61 -54.66 1.15
CA LYS Q 270 -37.59 -55.60 0.67
C LYS Q 270 -39.00 -55.15 0.98
N LYS Q 271 -39.22 -54.63 2.19
CA LYS Q 271 -40.51 -54.05 2.56
C LYS Q 271 -40.93 -52.96 1.57
N HIS Q 272 -39.99 -52.12 1.18
CA HIS Q 272 -40.27 -51.09 0.20
C HIS Q 272 -40.61 -51.65 -1.17
N LEU Q 273 -39.87 -52.68 -1.58
CA LEU Q 273 -40.07 -53.34 -2.88
C LEU Q 273 -41.26 -54.29 -2.92
N GLY Q 274 -41.83 -54.60 -1.76
CA GLY Q 274 -42.84 -55.65 -1.64
C GLY Q 274 -42.13 -56.98 -1.75
N ILE Q 275 -41.01 -57.11 -1.02
CA ILE Q 275 -40.01 -58.20 -1.14
C ILE Q 275 -39.45 -58.44 -2.57
N MET R 4 -21.41 -85.62 -19.62
CA MET R 4 -22.08 -85.02 -20.80
C MET R 4 -21.29 -83.80 -21.33
N LEU R 5 -21.60 -82.62 -20.78
CA LEU R 5 -21.00 -81.34 -21.17
C LEU R 5 -19.57 -81.25 -20.62
N GLN R 6 -19.19 -80.06 -20.12
CA GLN R 6 -17.90 -79.76 -19.46
C GLN R 6 -17.65 -78.24 -19.37
N VAL R 7 -17.18 -77.77 -18.20
CA VAL R 7 -16.97 -76.35 -17.93
C VAL R 7 -16.28 -75.60 -19.07
N GLU R 8 -17.02 -74.75 -19.76
CA GLU R 8 -16.52 -74.05 -20.95
C GLU R 8 -15.58 -72.87 -20.66
N ARG R 9 -14.55 -73.14 -19.86
CA ARG R 9 -13.62 -72.16 -19.31
C ARG R 9 -12.38 -72.88 -18.84
N PRO R 10 -11.19 -72.23 -18.90
CA PRO R 10 -9.99 -72.99 -18.55
C PRO R 10 -9.81 -73.21 -17.04
N LYS R 11 -9.15 -74.32 -16.68
CA LYS R 11 -8.77 -74.56 -15.29
C LYS R 11 -7.65 -73.60 -14.89
N LEU R 12 -7.68 -73.11 -13.66
CA LEU R 12 -6.69 -72.16 -13.20
C LEU R 12 -5.74 -72.76 -12.17
N ILE R 13 -6.18 -73.84 -11.52
CA ILE R 13 -5.32 -74.60 -10.62
C ILE R 13 -5.03 -75.93 -11.28
N LEU R 14 -3.74 -76.15 -11.56
CA LEU R 14 -3.29 -77.24 -12.42
C LEU R 14 -2.40 -78.22 -11.68
N ASP R 15 -1.47 -78.84 -12.40
CA ASP R 15 -0.59 -79.88 -11.84
C ASP R 15 0.18 -79.40 -10.62
N ASP R 16 0.50 -80.33 -9.73
CA ASP R 16 0.89 -80.00 -8.35
C ASP R 16 -0.22 -79.09 -7.80
N GLY R 17 0.09 -77.93 -7.27
CA GLY R 17 -0.98 -77.04 -6.89
C GLY R 17 -0.92 -75.78 -7.72
N LYS R 18 -0.43 -75.91 -8.95
CA LYS R 18 0.12 -74.74 -9.63
C LYS R 18 -0.81 -74.01 -10.59
N ARG R 19 -0.44 -72.77 -10.85
CA ARG R 19 -1.24 -71.86 -11.66
C ARG R 19 -0.81 -71.93 -13.13
N THR R 20 -1.54 -71.21 -13.98
CA THR R 20 -1.32 -71.26 -15.42
C THR R 20 0.09 -70.85 -15.81
N ASP R 21 0.73 -70.01 -15.01
CA ASP R 21 2.13 -69.65 -15.27
C ASP R 21 3.16 -70.43 -14.45
N GLY R 22 2.72 -71.49 -13.78
CA GLY R 22 3.60 -72.38 -13.05
C GLY R 22 3.84 -71.95 -11.61
N ARG R 23 3.25 -70.83 -11.21
CA ARG R 23 3.40 -70.35 -9.84
C ARG R 23 2.51 -71.10 -8.85
N LYS R 24 2.93 -71.10 -7.60
CA LYS R 24 2.10 -71.55 -6.49
C LYS R 24 1.17 -70.40 -6.09
N PRO R 25 0.09 -70.70 -5.33
CA PRO R 25 -0.85 -69.65 -4.89
C PRO R 25 -0.21 -68.52 -4.06
N ASP R 26 0.90 -68.83 -3.40
CA ASP R 26 1.61 -67.86 -2.55
C ASP R 26 2.88 -67.28 -3.19
N GLU R 27 2.97 -67.28 -4.51
CA GLU R 27 4.14 -66.71 -5.19
C GLU R 27 3.88 -65.44 -6.00
N LEU R 28 4.74 -64.45 -5.82
CA LEU R 28 4.69 -63.24 -6.61
C LEU R 28 5.33 -63.47 -7.96
N ARG R 29 4.95 -62.66 -8.93
CA ARG R 29 5.65 -62.60 -10.21
C ARG R 29 6.97 -61.91 -10.04
N SER R 30 7.82 -61.99 -11.06
CA SER R 30 9.13 -61.35 -11.00
C SER R 30 8.95 -59.86 -10.95
N ILE R 31 9.85 -59.19 -10.27
CA ILE R 31 9.74 -57.76 -10.09
C ILE R 31 11.00 -57.06 -10.57
N LYS R 32 10.82 -55.96 -11.28
CA LYS R 32 11.95 -55.14 -11.73
C LYS R 32 11.58 -53.68 -11.50
N ILE R 33 12.52 -52.94 -10.91
CA ILE R 33 12.31 -51.54 -10.56
C ILE R 33 13.56 -50.75 -10.92
N GLU R 34 13.37 -49.63 -11.62
CA GLU R 34 14.47 -48.66 -11.77
C GLU R 34 14.03 -47.22 -11.67
N LEU R 35 14.91 -46.39 -11.12
CA LEU R 35 14.59 -45.00 -10.79
C LEU R 35 15.42 -44.03 -11.60
N GLY R 36 14.92 -42.80 -11.74
CA GLY R 36 15.62 -41.69 -12.39
C GLY R 36 15.91 -41.98 -13.84
N VAL R 37 14.91 -42.51 -14.51
CA VAL R 37 15.07 -43.01 -15.85
C VAL R 37 14.78 -41.92 -16.88
N LEU R 38 14.02 -40.90 -16.48
CA LEU R 38 13.71 -39.75 -17.33
C LEU R 38 14.48 -38.53 -16.90
N LYS R 39 15.29 -37.99 -17.80
CA LYS R 39 16.14 -36.84 -17.49
C LYS R 39 15.37 -35.55 -17.20
N ASN R 40 14.28 -35.32 -17.92
CA ASN R 40 13.58 -34.04 -17.84
C ASN R 40 12.44 -33.98 -16.85
N ALA R 41 12.23 -35.07 -16.12
CA ALA R 41 11.26 -35.10 -15.01
C ALA R 41 11.97 -34.81 -13.70
N ASP R 42 11.20 -34.46 -12.67
CA ASP R 42 11.78 -34.20 -11.37
C ASP R 42 12.02 -35.50 -10.64
N GLY R 43 11.17 -36.48 -10.88
CA GLY R 43 11.37 -37.84 -10.39
C GLY R 43 10.74 -38.79 -11.36
N SER R 44 11.32 -39.97 -11.55
CA SER R 44 10.77 -40.98 -12.44
C SER R 44 11.10 -42.39 -11.97
N ALA R 45 10.26 -43.33 -12.40
CA ALA R 45 10.41 -44.74 -12.06
C ALA R 45 9.76 -45.63 -13.12
N ILE R 46 10.40 -46.75 -13.44
CA ILE R 46 9.77 -47.85 -14.17
C ILE R 46 9.57 -49.02 -13.20
N PHE R 47 8.38 -49.60 -13.22
CA PHE R 47 8.05 -50.72 -12.37
C PHE R 47 7.51 -51.86 -13.22
N GLU R 48 7.96 -53.09 -12.92
CA GLU R 48 7.52 -54.28 -13.62
C GLU R 48 7.11 -55.38 -12.67
N MET R 49 5.87 -55.86 -12.81
CA MET R 49 5.45 -57.11 -12.18
C MET R 49 5.04 -58.09 -13.26
N GLY R 50 5.81 -59.16 -13.39
CA GLY R 50 5.63 -60.07 -14.51
C GLY R 50 5.69 -59.27 -15.80
N ASN R 51 4.63 -59.35 -16.59
CA ASN R 51 4.55 -58.66 -17.87
C ASN R 51 3.81 -57.33 -17.81
N THR R 52 3.51 -56.85 -16.61
CA THR R 52 2.95 -55.50 -16.42
C THR R 52 4.08 -54.49 -16.21
N LYS R 53 4.19 -53.54 -17.15
CA LYS R 53 5.20 -52.47 -17.12
C LYS R 53 4.50 -51.14 -17.04
N ALA R 54 4.95 -50.30 -16.10
CA ALA R 54 4.46 -48.93 -16.02
C ALA R 54 5.64 -47.99 -15.87
N ILE R 55 5.49 -46.80 -16.43
CA ILE R 55 6.46 -45.74 -16.24
C ILE R 55 5.73 -44.56 -15.63
N ALA R 56 6.39 -43.91 -14.66
CA ALA R 56 5.81 -42.78 -13.98
C ALA R 56 6.78 -41.62 -13.94
N ALA R 57 6.26 -40.44 -14.23
CA ALA R 57 7.02 -39.20 -14.21
C ALA R 57 6.36 -38.23 -13.24
N VAL R 58 7.19 -37.54 -12.46
CA VAL R 58 6.70 -36.52 -11.54
C VAL R 58 7.31 -35.21 -11.96
N TYR R 59 6.45 -34.20 -12.15
CA TYR R 59 6.92 -32.86 -12.35
C TYR R 59 6.63 -32.07 -11.10
N GLY R 60 7.73 -31.74 -10.41
CA GLY R 60 7.80 -31.44 -8.96
C GLY R 60 6.95 -30.28 -8.51
N PRO R 61 6.99 -29.96 -7.20
CA PRO R 61 6.11 -28.90 -6.69
C PRO R 61 6.35 -27.60 -7.46
N LYS R 62 5.28 -27.03 -8.01
CA LYS R 62 5.38 -25.83 -8.87
C LYS R 62 4.09 -25.00 -8.78
N GLU R 63 4.23 -23.68 -8.86
CA GLU R 63 3.08 -22.77 -8.87
C GLU R 63 2.07 -23.18 -9.94
N MET R 64 0.77 -23.01 -9.64
CA MET R 64 -0.23 -23.59 -10.50
C MET R 64 -0.75 -22.65 -11.57
N HIS R 65 -0.87 -23.21 -12.79
CA HIS R 65 -1.23 -22.45 -14.00
C HIS R 65 -2.39 -21.45 -13.77
N PRO R 66 -3.65 -21.95 -13.67
CA PRO R 66 -4.72 -21.04 -13.26
C PRO R 66 -4.87 -21.06 -11.74
N ARG R 67 -4.66 -19.91 -11.10
CA ARG R 67 -4.54 -19.87 -9.65
C ARG R 67 -5.80 -20.22 -8.88
N HIS R 68 -6.98 -19.90 -9.43
CA HIS R 68 -8.26 -20.22 -8.77
C HIS R 68 -8.44 -21.72 -8.51
N LEU R 69 -7.72 -22.53 -9.28
CA LEU R 69 -7.72 -23.99 -9.13
C LEU R 69 -6.73 -24.52 -8.07
N SER R 70 -5.88 -23.63 -7.55
CA SER R 70 -4.93 -23.99 -6.51
C SER R 70 -5.56 -23.94 -5.12
N LEU R 71 -4.87 -24.53 -4.15
CA LEU R 71 -5.35 -24.57 -2.77
C LEU R 71 -4.47 -23.73 -1.85
N PRO R 72 -5.09 -22.99 -0.89
CA PRO R 72 -4.37 -22.08 0.02
C PRO R 72 -3.45 -22.76 1.04
N ASP R 73 -3.73 -24.03 1.36
CA ASP R 73 -3.01 -24.75 2.42
C ASP R 73 -2.27 -25.99 1.95
N ARG R 74 -2.52 -26.40 0.71
CA ARG R 74 -2.03 -27.69 0.19
C ARG R 74 -1.54 -27.56 -1.24
N ALA R 75 -0.84 -28.59 -1.69
CA ALA R 75 -0.57 -28.78 -3.09
C ALA R 75 -1.71 -29.59 -3.70
N VAL R 76 -2.03 -29.29 -4.94
CA VAL R 76 -2.97 -30.09 -5.70
C VAL R 76 -2.18 -31.23 -6.35
N LEU R 77 -2.71 -32.44 -6.23
CA LEU R 77 -2.16 -33.57 -6.98
C LEU R 77 -2.90 -33.73 -8.30
N ARG R 78 -2.16 -33.79 -9.39
CA ARG R 78 -2.73 -34.06 -10.70
C ARG R 78 -2.20 -35.37 -11.18
N VAL R 79 -3.08 -36.34 -11.29
CA VAL R 79 -2.67 -37.69 -11.61
C VAL R 79 -3.30 -38.16 -12.92
N ARG R 80 -2.51 -38.84 -13.74
CA ARG R 80 -3.01 -39.40 -14.99
C ARG R 80 -2.64 -40.87 -15.09
N TYR R 81 -3.65 -41.74 -15.02
CA TYR R 81 -3.47 -43.14 -15.31
C TYR R 81 -3.84 -43.35 -16.75
N HIS R 82 -2.92 -43.91 -17.53
CA HIS R 82 -3.11 -44.11 -18.95
C HIS R 82 -2.46 -45.36 -19.50
N MET R 83 -3.19 -46.05 -20.37
CA MET R 83 -2.67 -47.21 -21.06
C MET R 83 -2.31 -46.84 -22.49
N THR R 84 -1.10 -47.19 -22.90
CA THR R 84 -0.69 -47.02 -24.29
C THR R 84 -1.49 -47.98 -25.18
N PRO R 85 -1.77 -47.57 -26.43
CA PRO R 85 -2.57 -48.41 -27.32
C PRO R 85 -1.99 -49.81 -27.60
N PHE R 86 -0.69 -49.99 -27.36
CA PHE R 86 -0.01 -51.26 -27.61
C PHE R 86 0.36 -52.01 -26.32
N SER R 87 -0.35 -51.73 -25.25
CA SER R 87 -0.10 -52.38 -23.98
C SER R 87 -0.84 -53.72 -23.86
N THR R 88 -1.89 -53.90 -24.66
CA THR R 88 -2.72 -55.10 -24.60
C THR R 88 -2.66 -55.87 -25.91
N ASP R 89 -3.44 -56.95 -26.00
CA ASP R 89 -3.46 -57.77 -27.20
C ASP R 89 -4.21 -57.12 -28.38
N GLU R 90 -5.48 -56.76 -28.19
CA GLU R 90 -6.17 -55.85 -29.10
C GLU R 90 -5.79 -54.43 -28.71
N ARG R 91 -5.66 -53.56 -29.71
CA ARG R 91 -5.28 -52.17 -29.51
C ARG R 91 -6.31 -51.40 -28.71
N LYS R 92 -5.87 -50.84 -27.58
CA LYS R 92 -6.70 -49.91 -26.76
C LYS R 92 -6.79 -48.53 -27.42
N ASN R 93 -7.98 -47.92 -27.39
CA ASN R 93 -8.15 -46.56 -27.84
C ASN R 93 -7.48 -45.59 -26.86
N PRO R 94 -6.61 -44.70 -27.39
CA PRO R 94 -5.86 -43.74 -26.58
C PRO R 94 -6.74 -42.77 -25.77
N ALA R 95 -7.94 -42.48 -26.27
CA ALA R 95 -8.93 -41.66 -25.56
C ALA R 95 -9.25 -42.30 -24.21
N PRO R 96 -9.29 -41.48 -23.14
CA PRO R 96 -9.49 -42.02 -21.80
C PRO R 96 -10.83 -42.73 -21.69
N SER R 97 -10.77 -43.96 -21.18
CA SER R 97 -11.96 -44.77 -20.94
C SER R 97 -12.52 -44.50 -19.55
N ARG R 98 -13.78 -44.86 -19.34
CA ARG R 98 -14.38 -44.75 -18.01
C ARG R 98 -13.51 -45.44 -16.97
N ARG R 99 -12.98 -46.62 -17.28
CA ARG R 99 -12.04 -47.33 -16.43
C ARG R 99 -10.79 -46.50 -16.10
N GLU R 100 -10.21 -45.87 -17.12
CA GLU R 100 -9.01 -45.05 -16.94
C GLU R 100 -9.29 -43.80 -16.05
N ILE R 101 -10.50 -43.27 -16.14
CA ILE R 101 -10.93 -42.12 -15.36
C ILE R 101 -11.07 -42.48 -13.89
N GLU R 102 -11.75 -43.60 -13.61
CA GLU R 102 -11.92 -44.06 -12.25
C GLU R 102 -10.57 -44.38 -11.59
N LEU R 103 -9.75 -45.19 -12.24
CA LEU R 103 -8.45 -45.55 -11.69
C LEU R 103 -7.56 -44.33 -11.42
N SER R 104 -7.66 -43.31 -12.29
CA SER R 104 -6.93 -42.06 -12.05
C SER R 104 -7.30 -41.45 -10.70
N LYS R 105 -8.59 -41.48 -10.38
CA LYS R 105 -9.10 -40.94 -9.13
C LYS R 105 -8.64 -41.84 -7.98
N VAL R 106 -8.90 -43.13 -8.09
CA VAL R 106 -8.49 -44.07 -7.08
C VAL R 106 -6.99 -43.97 -6.76
N ILE R 107 -6.16 -43.86 -7.79
CA ILE R 107 -4.73 -43.73 -7.61
C ILE R 107 -4.38 -42.39 -6.96
N ARG R 108 -5.07 -41.32 -7.39
CA ARG R 108 -4.84 -39.99 -6.83
C ARG R 108 -5.13 -39.95 -5.33
N GLU R 109 -6.27 -40.51 -4.92
CA GLU R 109 -6.62 -40.57 -3.51
C GLU R 109 -5.60 -41.38 -2.72
N ALA R 110 -5.18 -42.50 -3.29
CA ALA R 110 -4.16 -43.32 -2.68
C ALA R 110 -2.90 -42.48 -2.39
N LEU R 111 -2.47 -41.70 -3.37
CA LEU R 111 -1.26 -40.91 -3.23
C LEU R 111 -1.46 -39.74 -2.26
N GLU R 112 -2.66 -39.19 -2.28
CA GLU R 112 -2.98 -38.08 -1.44
C GLU R 112 -2.87 -38.48 0.03
N SER R 113 -3.08 -39.76 0.33
CA SER R 113 -2.97 -40.22 1.70
C SER R 113 -1.50 -40.40 2.15
N ALA R 114 -0.57 -40.36 1.20
CA ALA R 114 0.84 -40.56 1.51
C ALA R 114 1.65 -39.30 1.41
N VAL R 115 1.35 -38.49 0.40
CA VAL R 115 2.14 -37.31 0.10
C VAL R 115 1.74 -36.21 1.08
N LEU R 116 2.75 -35.50 1.61
CA LEU R 116 2.54 -34.44 2.57
C LEU R 116 2.29 -33.14 1.85
N VAL R 117 1.10 -33.03 1.28
CA VAL R 117 0.74 -31.91 0.40
C VAL R 117 0.70 -30.54 1.09
N GLU R 118 0.50 -30.54 2.42
CA GLU R 118 0.41 -29.30 3.20
C GLU R 118 1.68 -28.48 3.10
N LEU R 119 2.79 -29.16 2.85
CA LEU R 119 4.10 -28.55 2.77
C LEU R 119 4.26 -27.57 1.60
N PHE R 120 3.38 -27.69 0.61
CA PHE R 120 3.53 -26.91 -0.62
C PHE R 120 2.22 -26.26 -1.04
N PRO R 121 1.79 -25.25 -0.29
CA PRO R 121 0.54 -24.58 -0.64
C PRO R 121 0.67 -23.87 -1.98
N ARG R 122 -0.46 -23.76 -2.69
CA ARG R 122 -0.54 -23.02 -3.96
C ARG R 122 0.24 -23.65 -5.11
N THR R 123 0.68 -24.89 -4.93
CA THR R 123 1.47 -25.58 -5.93
C THR R 123 0.76 -26.80 -6.47
N ALA R 124 1.21 -27.26 -7.63
CA ALA R 124 0.73 -28.49 -8.23
C ALA R 124 1.86 -29.49 -8.33
N ILE R 125 1.53 -30.74 -8.02
CA ILE R 125 2.45 -31.85 -8.26
C ILE R 125 1.82 -32.74 -9.34
N ASP R 126 2.52 -32.90 -10.46
CA ASP R 126 1.99 -33.68 -11.58
C ASP R 126 2.60 -35.03 -11.59
N VAL R 127 1.73 -36.03 -11.67
CA VAL R 127 2.13 -37.41 -11.71
C VAL R 127 1.51 -38.06 -12.94
N PHE R 128 2.35 -38.42 -13.91
CA PHE R 128 1.88 -39.07 -15.11
C PHE R 128 2.31 -40.52 -15.18
N THR R 129 1.34 -41.39 -15.38
CA THR R 129 1.59 -42.81 -15.43
C THR R 129 1.26 -43.37 -16.82
N GLU R 130 2.10 -44.26 -17.32
CA GLU R 130 1.83 -44.93 -18.59
C GLU R 130 2.05 -46.43 -18.47
N ILE R 131 1.01 -47.21 -18.73
CA ILE R 131 1.15 -48.65 -18.81
C ILE R 131 1.63 -49.01 -20.21
N LEU R 132 2.79 -49.65 -20.26
CA LEU R 132 3.43 -50.01 -21.52
C LEU R 132 3.06 -51.45 -21.93
N GLN R 133 2.80 -52.28 -20.93
CA GLN R 133 2.23 -53.63 -21.11
C GLN R 133 1.31 -53.94 -19.95
N ALA R 134 0.09 -54.36 -20.30
CA ALA R 134 -0.90 -54.73 -19.30
C ALA R 134 -0.94 -56.24 -19.20
N ASP R 135 -0.79 -56.75 -17.98
CA ASP R 135 -0.96 -58.17 -17.69
C ASP R 135 -1.62 -58.31 -16.32
N ALA R 136 -2.63 -57.50 -16.06
CA ALA R 136 -3.30 -57.47 -14.77
C ALA R 136 -2.47 -56.79 -13.66
N GLY R 137 -3.14 -56.11 -12.75
CA GLY R 137 -2.49 -55.47 -11.64
C GLY R 137 -1.82 -54.18 -12.03
N SER R 138 -2.16 -53.68 -13.22
CA SER R 138 -1.56 -52.46 -13.76
C SER R 138 -1.86 -51.23 -12.89
N ARG R 139 -3.09 -51.12 -12.38
CA ARG R 139 -3.45 -50.03 -11.47
C ARG R 139 -2.53 -49.94 -10.27
N LEU R 140 -2.09 -51.09 -9.76
CA LEU R 140 -1.14 -51.11 -8.64
C LEU R 140 0.26 -50.81 -9.09
N VAL R 141 0.69 -51.39 -10.21
CA VAL R 141 2.05 -51.17 -10.74
C VAL R 141 2.22 -49.69 -11.08
N SER R 142 1.16 -49.09 -11.60
CA SER R 142 1.10 -47.67 -11.81
C SER R 142 1.27 -46.90 -10.49
N LEU R 143 0.47 -47.28 -9.49
CA LEU R 143 0.52 -46.61 -8.20
C LEU R 143 1.92 -46.69 -7.58
N MET R 144 2.55 -47.85 -7.68
CA MET R 144 3.82 -47.99 -7.04
C MET R 144 4.88 -47.16 -7.77
N ALA R 145 4.81 -47.17 -9.09
CA ALA R 145 5.77 -46.46 -9.90
C ALA R 145 5.65 -45.00 -9.53
N ALA R 146 4.41 -44.55 -9.38
CA ALA R 146 4.13 -43.16 -9.01
C ALA R 146 4.78 -42.86 -7.67
N SER R 147 4.45 -43.70 -6.68
CA SER R 147 5.01 -43.60 -5.34
C SER R 147 6.51 -43.47 -5.39
N LEU R 148 7.15 -44.26 -6.25
CA LEU R 148 8.59 -44.31 -6.31
C LEU R 148 9.14 -43.10 -7.03
N ALA R 149 8.45 -42.66 -8.08
CA ALA R 149 8.86 -41.45 -8.81
C ALA R 149 8.81 -40.22 -7.90
N LEU R 150 7.86 -40.21 -6.96
CA LEU R 150 7.72 -39.11 -5.99
C LEU R 150 8.91 -39.11 -5.04
N ALA R 151 9.30 -40.31 -4.62
CA ALA R 151 10.46 -40.46 -3.78
C ALA R 151 11.72 -40.01 -4.53
N ASP R 152 11.80 -40.36 -5.80
CA ASP R 152 12.89 -39.94 -6.68
C ASP R 152 12.95 -38.43 -6.80
N ALA R 153 11.80 -37.78 -6.75
CA ALA R 153 11.74 -36.33 -6.83
C ALA R 153 12.04 -35.66 -5.46
N GLY R 154 12.19 -36.48 -4.42
CA GLY R 154 12.45 -36.00 -3.07
C GLY R 154 11.24 -35.36 -2.44
N ILE R 155 10.06 -35.76 -2.88
CA ILE R 155 8.84 -35.26 -2.30
C ILE R 155 8.50 -36.03 -1.02
N PRO R 156 8.43 -35.32 0.12
CA PRO R 156 8.20 -35.86 1.45
C PRO R 156 6.89 -36.62 1.51
N MET R 157 6.93 -37.85 2.01
CA MET R 157 5.74 -38.69 2.11
C MET R 157 5.75 -39.45 3.43
N ARG R 158 4.56 -39.86 3.87
CA ARG R 158 4.42 -40.64 5.09
C ARG R 158 5.22 -41.95 5.00
N ASP R 159 5.17 -42.60 3.84
CA ASP R 159 5.79 -43.89 3.65
C ASP R 159 5.75 -44.14 2.15
N LEU R 160 6.47 -45.14 1.67
CA LEU R 160 6.26 -45.62 0.30
C LEU R 160 4.96 -46.43 0.20
N ILE R 161 4.45 -46.62 -1.01
CA ILE R 161 3.27 -47.44 -1.23
C ILE R 161 3.63 -48.73 -1.97
N ALA R 162 3.20 -49.86 -1.42
CA ALA R 162 3.35 -51.18 -2.07
C ALA R 162 2.02 -51.88 -2.18
N GLY R 163 1.80 -52.60 -3.28
CA GLY R 163 0.51 -53.23 -3.53
C GLY R 163 0.54 -54.51 -4.32
N VAL R 164 -0.49 -55.34 -4.13
CA VAL R 164 -0.74 -56.53 -4.95
C VAL R 164 -2.22 -56.80 -5.05
N ALA R 165 -2.59 -57.40 -6.17
CA ALA R 165 -3.94 -57.92 -6.35
C ALA R 165 -3.93 -59.31 -5.77
N VAL R 166 -4.75 -59.53 -4.76
CA VAL R 166 -4.97 -60.88 -4.28
C VAL R 166 -6.30 -61.35 -4.91
N GLY R 167 -6.50 -62.65 -5.04
CA GLY R 167 -7.77 -63.14 -5.62
C GLY R 167 -8.17 -64.57 -5.31
N LYS R 168 -9.20 -65.04 -5.98
CA LYS R 168 -9.67 -66.39 -5.81
C LYS R 168 -9.79 -67.02 -7.19
N ALA R 169 -9.14 -68.17 -7.39
CA ALA R 169 -9.08 -68.82 -8.70
C ALA R 169 -10.10 -69.96 -8.80
N ASP R 170 -9.77 -71.15 -8.33
CA ASP R 170 -10.75 -72.22 -8.42
C ASP R 170 -11.13 -72.61 -7.01
N GLY R 171 -11.71 -71.64 -6.31
CA GLY R 171 -11.96 -71.78 -4.88
C GLY R 171 -10.70 -71.55 -4.06
N VAL R 172 -9.59 -71.31 -4.76
CA VAL R 172 -8.27 -71.20 -4.14
C VAL R 172 -7.80 -69.76 -4.12
N ILE R 173 -7.40 -69.31 -2.94
CA ILE R 173 -6.95 -67.93 -2.77
C ILE R 173 -5.53 -67.79 -3.24
N ILE R 174 -5.31 -66.82 -4.15
CA ILE R 174 -4.04 -66.71 -4.87
C ILE R 174 -3.48 -65.31 -4.80
N LEU R 175 -2.17 -65.19 -5.03
CA LEU R 175 -1.45 -63.95 -4.86
C LEU R 175 -0.90 -63.46 -6.18
N ASP R 176 -1.24 -62.23 -6.55
CA ASP R 176 -0.65 -61.52 -7.71
C ASP R 176 -1.09 -62.09 -9.05
N LEU R 177 -2.21 -61.59 -9.56
CA LEU R 177 -2.93 -62.24 -10.67
C LEU R 177 -2.35 -62.04 -12.08
N ASN R 178 -2.45 -63.10 -12.89
CA ASN R 178 -2.40 -63.06 -14.35
C ASN R 178 -3.57 -62.32 -14.93
N GLU R 179 -3.44 -61.97 -16.22
CA GLU R 179 -4.57 -61.56 -16.99
C GLU R 179 -5.56 -62.74 -17.07
N THR R 180 -5.03 -63.96 -17.20
CA THR R 180 -5.86 -65.17 -17.29
C THR R 180 -6.66 -65.34 -16.01
N GLU R 181 -5.99 -65.16 -14.88
CA GLU R 181 -6.66 -65.25 -13.56
C GLU R 181 -7.68 -64.11 -13.31
N ASP R 182 -7.32 -62.90 -13.72
CA ASP R 182 -8.21 -61.76 -13.64
C ASP R 182 -9.48 -62.06 -14.45
N MET R 183 -9.23 -62.55 -15.66
CA MET R 183 -10.22 -62.80 -16.71
C MET R 183 -11.26 -63.82 -16.29
N TRP R 184 -10.84 -64.85 -15.57
CA TRP R 184 -11.68 -66.02 -15.35
C TRP R 184 -11.90 -66.34 -13.88
N GLY R 185 -11.26 -65.59 -12.99
CA GLY R 185 -11.34 -65.85 -11.55
C GLY R 185 -12.65 -65.39 -10.97
N GLU R 186 -12.94 -65.83 -9.74
CA GLU R 186 -14.15 -65.44 -9.03
C GLU R 186 -13.99 -64.11 -8.38
N ALA R 187 -12.74 -63.73 -8.07
CA ALA R 187 -12.47 -62.48 -7.35
C ALA R 187 -11.14 -61.88 -7.72
N ASP R 188 -11.09 -60.56 -7.63
CA ASP R 188 -9.90 -59.78 -7.92
C ASP R 188 -9.90 -58.65 -6.89
N MET R 189 -8.92 -58.65 -6.01
CA MET R 189 -8.91 -57.68 -4.93
C MET R 189 -7.58 -56.92 -4.83
N PRO R 190 -7.45 -55.82 -5.59
CA PRO R 190 -6.24 -54.99 -5.47
C PRO R 190 -6.17 -54.31 -4.10
N ILE R 191 -5.04 -54.47 -3.42
CA ILE R 191 -4.80 -53.84 -2.12
C ILE R 191 -3.45 -53.13 -2.11
N ALA R 192 -3.41 -51.91 -1.60
CA ALA R 192 -2.15 -51.19 -1.50
C ALA R 192 -2.04 -50.51 -0.13
N MET R 193 -0.82 -50.52 0.42
CA MET R 193 -0.58 -49.94 1.74
C MET R 193 0.67 -49.06 1.82
N MET R 194 0.71 -48.27 2.89
CA MET R 194 1.97 -47.78 3.45
C MET R 194 2.35 -48.77 4.53
N PRO R 195 3.18 -49.76 4.17
CA PRO R 195 3.44 -50.99 4.94
C PRO R 195 4.02 -50.77 6.33
N SER R 196 4.87 -49.77 6.49
CA SER R 196 5.43 -49.46 7.79
C SER R 196 4.38 -48.97 8.79
N LEU R 197 3.37 -48.28 8.26
CA LEU R 197 2.30 -47.68 9.05
C LEU R 197 1.08 -48.58 9.13
N ASN R 198 1.12 -49.71 8.43
CA ASN R 198 -0.05 -50.59 8.31
C ASN R 198 -1.33 -49.84 7.90
N GLN R 199 -1.17 -48.88 7.00
CA GLN R 199 -2.27 -48.06 6.53
C GLN R 199 -2.59 -48.44 5.10
N VAL R 200 -3.84 -48.82 4.88
CA VAL R 200 -4.29 -49.17 3.56
C VAL R 200 -4.61 -47.91 2.76
N THR R 201 -4.03 -47.87 1.57
CA THR R 201 -4.05 -46.73 0.70
C THR R 201 -5.06 -46.87 -0.47
N LEU R 202 -5.10 -48.07 -1.07
CA LEU R 202 -6.07 -48.41 -2.10
C LEU R 202 -6.68 -49.74 -1.69
N PHE R 203 -8.00 -49.87 -1.86
CA PHE R 203 -8.68 -51.14 -1.57
C PHE R 203 -9.93 -51.34 -2.42
N GLN R 204 -9.88 -52.34 -3.28
CA GLN R 204 -11.00 -52.65 -4.17
C GLN R 204 -11.22 -54.13 -4.28
N LEU R 205 -12.47 -54.53 -4.45
CA LEU R 205 -12.78 -55.90 -4.81
C LEU R 205 -13.81 -55.94 -5.93
N ASN R 206 -13.47 -56.59 -7.03
CA ASN R 206 -14.49 -56.99 -8.00
C ASN R 206 -14.61 -58.50 -8.06
N GLY R 207 -15.83 -58.99 -8.05
CA GLY R 207 -16.05 -60.41 -7.98
C GLY R 207 -16.83 -60.77 -6.74
N SER R 208 -16.49 -61.89 -6.13
CA SER R 208 -17.34 -62.44 -5.11
C SER R 208 -16.49 -63.21 -4.13
N MET R 209 -16.76 -63.03 -2.83
CA MET R 209 -16.02 -63.70 -1.75
C MET R 209 -16.87 -63.82 -0.50
N THR R 210 -16.71 -64.89 0.25
CA THR R 210 -17.28 -64.95 1.59
C THR R 210 -16.38 -64.12 2.52
N PRO R 211 -16.93 -63.61 3.65
CA PRO R 211 -16.12 -62.87 4.60
C PRO R 211 -14.83 -63.61 4.98
N ASP R 212 -14.91 -64.91 5.18
CA ASP R 212 -13.75 -65.74 5.50
C ASP R 212 -12.68 -65.65 4.43
N GLU R 213 -13.09 -65.90 3.19
CA GLU R 213 -12.20 -65.83 2.03
C GLU R 213 -11.60 -64.45 1.95
N PHE R 214 -12.41 -63.44 2.25
CA PHE R 214 -11.97 -62.05 2.23
C PHE R 214 -10.85 -61.88 3.22
N ARG R 215 -11.03 -62.40 4.43
CA ARG R 215 -10.00 -62.25 5.46
C ARG R 215 -8.72 -63.03 5.14
N GLN R 216 -8.85 -64.22 4.55
CA GLN R 216 -7.71 -65.04 4.15
C GLN R 216 -6.89 -64.35 3.08
N ALA R 217 -7.56 -63.87 2.04
CA ALA R 217 -6.93 -63.17 0.95
C ALA R 217 -6.20 -61.92 1.45
N PHE R 218 -6.87 -61.18 2.33
CA PHE R 218 -6.32 -60.00 2.97
C PHE R 218 -4.97 -60.27 3.67
N ASP R 219 -4.87 -61.38 4.41
CA ASP R 219 -3.61 -61.81 5.05
C ASP R 219 -2.49 -62.08 4.04
N LEU R 220 -2.85 -62.75 2.95
CA LEU R 220 -1.90 -63.11 1.92
C LEU R 220 -1.37 -61.88 1.18
N ALA R 221 -2.23 -60.88 1.02
CA ALA R 221 -1.81 -59.64 0.40
C ALA R 221 -0.71 -58.96 1.21
N VAL R 222 -0.85 -59.01 2.52
CA VAL R 222 0.07 -58.35 3.42
C VAL R 222 1.46 -58.93 3.23
N LYS R 223 1.55 -60.26 3.16
CA LYS R 223 2.87 -60.92 3.05
C LYS R 223 3.54 -60.55 1.73
N GLY R 224 2.75 -60.54 0.67
CA GLY R 224 3.21 -60.09 -0.64
C GLY R 224 3.66 -58.63 -0.60
N ILE R 225 2.80 -57.79 -0.05
CA ILE R 225 3.12 -56.37 0.05
C ILE R 225 4.45 -56.14 0.80
N ASN R 226 4.63 -56.86 1.91
CA ASN R 226 5.87 -56.75 2.70
C ASN R 226 7.12 -57.13 1.92
N ILE R 227 7.02 -58.14 1.06
CA ILE R 227 8.15 -58.49 0.20
C ILE R 227 8.46 -57.38 -0.83
N ILE R 228 7.41 -56.89 -1.50
CA ILE R 228 7.53 -55.83 -2.49
C ILE R 228 8.13 -54.58 -1.87
N TYR R 229 7.66 -54.25 -0.65
CA TYR R 229 8.10 -53.08 0.09
C TYR R 229 9.62 -53.07 0.28
N ASN R 230 10.19 -54.21 0.64
CA ASN R 230 11.65 -54.31 0.82
C ASN R 230 12.38 -54.03 -0.47
N LEU R 231 11.78 -54.46 -1.58
CA LEU R 231 12.36 -54.25 -2.88
C LEU R 231 12.34 -52.78 -3.24
N GLU R 232 11.22 -52.12 -2.92
CA GLU R 232 11.08 -50.68 -3.13
C GLU R 232 12.16 -49.93 -2.35
N ARG R 233 12.32 -50.30 -1.08
CA ARG R 233 13.33 -49.72 -0.23
C ARG R 233 14.73 -49.86 -0.79
N GLU R 234 15.01 -51.02 -1.36
CA GLU R 234 16.31 -51.29 -1.94
C GLU R 234 16.50 -50.48 -3.24
N ALA R 235 15.43 -50.36 -4.01
CA ALA R 235 15.43 -49.61 -5.26
C ALA R 235 15.79 -48.16 -5.01
N LEU R 236 15.41 -47.69 -3.84
CA LEU R 236 15.66 -46.32 -3.44
C LEU R 236 17.15 -46.07 -3.26
N LYS R 237 17.86 -47.05 -2.70
CA LYS R 237 19.30 -46.92 -2.48
C LYS R 237 20.12 -47.17 -3.74
N SER R 238 19.76 -48.23 -4.48
CA SER R 238 20.58 -48.68 -5.61
C SER R 238 20.07 -48.24 -6.98
N LYS R 239 18.86 -47.65 -7.02
CA LYS R 239 18.22 -47.16 -8.26
C LYS R 239 17.78 -48.29 -9.22
N TYR R 240 18.13 -49.52 -8.89
CA TYR R 240 17.85 -50.67 -9.76
C TYR R 240 17.73 -51.95 -8.94
N VAL R 241 16.64 -52.70 -9.16
CA VAL R 241 16.37 -53.92 -8.42
C VAL R 241 15.71 -54.95 -9.33
N GLU R 242 16.29 -56.15 -9.34
CA GLU R 242 15.66 -57.32 -9.99
C GLU R 242 15.35 -58.40 -8.97
N PHE R 243 14.17 -58.99 -9.11
CA PHE R 243 13.72 -60.00 -8.18
C PHE R 243 13.02 -61.09 -8.96
N LYS R 244 13.62 -62.27 -8.99
CA LYS R 244 13.03 -63.45 -9.63
C LYS R 244 11.90 -63.96 -8.74
N GLU R 245 10.87 -64.55 -9.35
CA GLU R 245 9.68 -65.03 -8.64
C GLU R 245 10.03 -65.95 -7.49
N GLU R 246 9.31 -65.80 -6.37
CA GLU R 246 9.39 -66.77 -5.27
C GLU R 246 8.22 -66.70 -4.27
N GLY R 247 8.13 -67.74 -3.43
CA GLY R 247 7.07 -67.89 -2.45
C GLY R 247 7.12 -66.89 -1.31
N VAL R 248 5.93 -66.56 -0.79
CA VAL R 248 5.78 -65.68 0.36
C VAL R 248 6.33 -66.30 1.65
N MET S 1 0.15 39.30 -10.61
CA MET S 1 0.11 38.43 -9.40
C MET S 1 1.50 38.21 -8.77
N SER S 2 1.62 38.50 -7.48
CA SER S 2 2.85 38.24 -6.71
C SER S 2 2.61 37.16 -5.66
N SER S 3 3.38 36.09 -5.71
CA SER S 3 3.19 34.97 -4.81
C SER S 3 4.46 34.52 -4.11
N THR S 4 4.30 33.93 -2.93
CA THR S 4 5.41 33.39 -2.14
C THR S 4 6.21 32.38 -2.97
N PRO S 5 7.53 32.62 -3.15
CA PRO S 5 8.36 31.72 -3.94
C PRO S 5 8.40 30.30 -3.39
N SER S 6 8.01 29.32 -4.22
CA SER S 6 7.93 27.91 -3.81
C SER S 6 9.28 27.18 -3.91
N ASN S 7 10.21 27.79 -4.63
CA ASN S 7 11.56 27.29 -4.74
C ASN S 7 12.42 27.58 -3.49
N GLN S 8 12.03 28.57 -2.68
CA GLN S 8 12.89 29.06 -1.58
C GLN S 8 13.64 27.95 -0.83
N ASN S 9 14.94 28.15 -0.64
CA ASN S 9 15.77 27.20 0.14
C ASN S 9 15.62 27.33 1.66
N ILE S 10 14.65 26.56 2.20
CA ILE S 10 14.39 26.48 3.64
C ILE S 10 15.58 25.84 4.35
N ILE S 11 16.20 26.64 5.22
CA ILE S 11 17.49 26.32 5.85
C ILE S 11 17.31 25.89 7.32
N PRO S 12 17.68 24.62 7.63
CA PRO S 12 17.30 23.94 8.88
C PRO S 12 17.62 24.75 10.14
N ILE S 13 16.76 24.60 11.15
CA ILE S 13 16.90 25.33 12.40
C ILE S 13 18.30 25.15 13.01
N ILE S 14 18.80 23.92 12.92
CA ILE S 14 20.11 23.56 13.46
C ILE S 14 21.23 24.42 12.88
N LYS S 15 21.21 24.62 11.56
CA LYS S 15 22.21 25.47 10.92
C LYS S 15 22.04 26.92 11.29
N LYS S 16 20.79 27.34 11.45
CA LYS S 16 20.49 28.73 11.80
C LYS S 16 21.07 29.05 13.16
N GLU S 17 20.82 28.16 14.12
CA GLU S 17 21.31 28.31 15.48
C GLU S 17 22.81 28.39 15.51
N SER S 18 23.46 27.59 14.67
CA SER S 18 24.92 27.64 14.48
C SER S 18 25.41 29.04 14.20
N ILE S 19 24.74 29.68 13.24
CA ILE S 19 25.12 31.00 12.80
C ILE S 19 24.82 32.05 13.87
N VAL S 20 23.65 31.94 14.49
CA VAL S 20 23.26 32.84 15.59
C VAL S 20 24.29 32.76 16.71
N SER S 21 24.65 31.54 17.12
CA SER S 21 25.65 31.31 18.15
C SER S 21 26.93 32.10 17.89
N LEU S 22 27.27 32.30 16.63
CA LEU S 22 28.48 33.01 16.25
C LEU S 22 28.27 34.50 16.38
N PHE S 23 27.08 34.95 16.04
CA PHE S 23 26.73 36.36 16.13
C PHE S 23 26.80 36.81 17.58
N GLU S 24 26.44 35.88 18.47
CA GLU S 24 26.43 36.15 19.90
C GLU S 24 27.82 36.49 20.37
N LYS S 25 28.81 35.94 19.67
CA LYS S 25 30.20 36.26 19.95
C LYS S 25 30.71 37.36 19.02
N GLY S 26 29.82 37.90 18.19
CA GLY S 26 30.14 39.03 17.34
C GLY S 26 31.04 38.67 16.19
N ILE S 27 30.78 37.53 15.57
CA ILE S 27 31.58 37.07 14.44
C ILE S 27 30.73 36.20 13.51
N ARG S 28 31.14 36.09 12.25
CA ARG S 28 30.37 35.35 11.26
C ARG S 28 31.15 34.16 10.71
N GLN S 29 30.48 33.35 9.89
CA GLN S 29 31.10 32.15 9.30
C GLN S 29 32.41 32.46 8.55
N ASP S 30 32.39 33.50 7.71
CA ASP S 30 33.58 33.90 6.96
C ASP S 30 34.59 34.66 7.80
N GLY S 31 34.22 34.96 9.05
CA GLY S 31 35.15 35.52 10.02
C GLY S 31 35.10 37.03 10.20
N ARG S 32 34.23 37.70 9.46
CA ARG S 32 34.10 39.15 9.59
C ARG S 32 33.17 39.55 10.74
N LYS S 33 33.23 40.82 11.11
CA LYS S 33 32.41 41.38 12.17
C LYS S 33 31.01 41.66 11.64
N LEU S 34 30.09 41.92 12.56
CA LEU S 34 28.71 42.14 12.22
C LEU S 34 28.53 43.38 11.33
N THR S 35 29.51 44.29 11.37
CA THR S 35 29.40 45.54 10.62
C THR S 35 30.31 45.61 9.37
N ASP S 36 31.03 44.52 9.09
CA ASP S 36 32.00 44.46 8.00
C ASP S 36 31.37 44.17 6.64
N TYR S 37 31.96 44.73 5.60
CA TYR S 37 31.62 44.37 4.25
C TYR S 37 32.49 43.23 3.78
N ARG S 38 32.02 42.48 2.79
CA ARG S 38 32.84 41.47 2.14
C ARG S 38 33.89 42.15 1.26
N PRO S 39 34.94 41.40 0.85
CA PRO S 39 36.00 41.95 -0.03
C PRO S 39 35.42 42.44 -1.35
N LEU S 40 35.89 43.59 -1.80
CA LEU S 40 35.34 44.23 -2.98
C LEU S 40 36.36 44.37 -4.13
N SER S 41 35.99 43.84 -5.29
CA SER S 41 36.73 43.98 -6.54
C SER S 41 35.90 44.74 -7.53
N ILE S 42 36.51 45.73 -8.18
CA ILE S 42 35.87 46.36 -9.31
C ILE S 42 36.83 46.39 -10.49
N THR S 43 36.36 45.82 -11.60
CA THR S 43 37.09 45.87 -12.88
C THR S 43 36.30 46.72 -13.87
N LEU S 44 36.90 47.85 -14.25
CA LEU S 44 36.29 48.80 -15.17
C LEU S 44 36.52 48.41 -16.62
N ASP S 45 35.58 48.78 -17.48
CA ASP S 45 35.67 48.53 -18.94
C ASP S 45 35.81 47.04 -19.23
N TYR S 46 35.08 46.21 -18.49
CA TYR S 46 35.16 44.77 -18.66
C TYR S 46 34.49 44.34 -19.95
N ALA S 47 33.37 44.99 -20.26
CA ALA S 47 32.63 44.72 -21.47
C ALA S 47 33.00 45.76 -22.52
N LYS S 48 33.85 45.39 -23.46
CA LYS S 48 34.51 46.38 -24.33
C LYS S 48 33.57 47.17 -25.24
N LYS S 49 32.56 46.47 -25.78
CA LYS S 49 31.61 47.09 -26.71
C LYS S 49 30.57 47.95 -26.02
N ALA S 50 30.70 48.06 -24.70
CA ALA S 50 29.84 48.91 -23.92
C ALA S 50 30.48 50.29 -23.85
N ASP S 51 29.66 51.33 -23.71
CA ASP S 51 30.11 52.72 -23.62
C ASP S 51 30.84 52.95 -22.30
N GLY S 52 30.37 52.24 -21.28
CA GLY S 52 31.06 52.17 -19.99
C GLY S 52 30.57 50.90 -19.32
N SER S 53 31.46 50.25 -18.56
CA SER S 53 31.09 49.03 -17.88
C SER S 53 31.95 48.74 -16.64
N ALA S 54 31.46 47.83 -15.81
CA ALA S 54 32.14 47.44 -14.59
C ALA S 54 31.78 46.01 -14.15
N LEU S 55 32.80 45.24 -13.78
CA LEU S 55 32.57 43.98 -13.14
C LEU S 55 32.83 44.10 -11.64
N VAL S 56 31.79 43.84 -10.85
CA VAL S 56 31.88 43.95 -9.39
C VAL S 56 31.85 42.56 -8.73
N LYS S 57 32.89 42.24 -7.95
CA LYS S 57 32.87 41.05 -7.10
C LYS S 57 32.77 41.48 -5.64
N LEU S 58 31.66 41.12 -5.00
CA LEU S 58 31.44 41.43 -3.60
C LEU S 58 31.21 40.09 -2.89
N GLY S 59 32.25 39.59 -2.23
CA GLY S 59 32.24 38.23 -1.75
C GLY S 59 32.07 37.37 -2.97
N THR S 60 31.10 36.46 -2.94
CA THR S 60 30.87 35.55 -4.07
C THR S 60 29.84 36.08 -5.08
N THR S 61 29.30 37.27 -4.82
CA THR S 61 28.35 37.92 -5.74
C THR S 61 29.08 38.63 -6.87
N MET S 62 28.66 38.34 -8.10
CA MET S 62 29.19 39.03 -9.27
C MET S 62 28.12 39.75 -10.04
N VAL S 63 28.39 41.01 -10.34
CA VAL S 63 27.50 41.82 -11.17
C VAL S 63 28.30 42.54 -12.25
N LEU S 64 27.83 42.39 -13.49
CA LEU S 64 28.36 43.14 -14.61
C LEU S 64 27.31 44.14 -15.07
N ALA S 65 27.64 45.42 -14.91
CA ALA S 65 26.79 46.51 -15.41
C ALA S 65 27.43 47.09 -16.68
N GLY S 66 26.58 47.53 -17.60
CA GLY S 66 27.08 48.12 -18.82
C GLY S 66 26.13 49.20 -19.26
N THR S 67 26.70 50.29 -19.81
CA THR S 67 25.92 51.40 -20.36
C THR S 67 25.96 51.42 -21.88
N LYS S 68 24.90 51.99 -22.45
CA LYS S 68 24.80 52.21 -23.89
C LYS S 68 24.07 53.53 -24.06
N LEU S 69 24.67 54.43 -24.84
CA LEU S 69 24.09 55.74 -25.06
C LEU S 69 23.49 55.86 -26.44
N GLU S 70 22.28 56.42 -26.52
CA GLU S 70 21.59 56.63 -27.79
C GLU S 70 20.83 57.96 -27.79
N ILE S 71 20.69 58.53 -28.98
CA ILE S 71 20.00 59.79 -29.14
C ILE S 71 18.50 59.57 -29.39
N ASP S 72 17.68 60.23 -28.57
CA ASP S 72 16.24 60.08 -28.62
C ASP S 72 15.56 61.45 -28.57
N LYS S 73 14.35 61.53 -29.10
CA LYS S 73 13.47 62.66 -28.84
C LYS S 73 13.08 62.55 -27.36
N PRO S 74 13.12 63.67 -26.61
CA PRO S 74 12.76 63.64 -25.19
C PRO S 74 11.28 63.36 -25.00
N TYR S 75 10.90 62.95 -23.79
CA TYR S 75 9.50 62.72 -23.49
C TYR S 75 8.69 63.98 -23.67
N GLU S 76 7.38 63.81 -23.83
CA GLU S 76 6.44 64.92 -23.80
C GLU S 76 6.36 65.44 -22.36
N ASP S 77 6.31 64.51 -21.41
CA ASP S 77 6.22 64.85 -19.99
C ASP S 77 7.54 65.33 -19.33
N THR S 78 8.65 65.34 -20.07
CA THR S 78 9.97 65.79 -19.54
C THR S 78 10.84 66.40 -20.64
N PRO S 79 10.52 67.63 -21.08
CA PRO S 79 11.10 68.18 -22.31
C PRO S 79 12.59 68.54 -22.22
N ASN S 80 13.08 68.82 -21.00
CA ASN S 80 14.46 69.27 -20.80
C ASN S 80 15.29 68.30 -19.97
N GLN S 81 15.14 67.02 -20.29
CA GLN S 81 15.82 65.98 -19.58
C GLN S 81 16.19 64.87 -20.53
N GLY S 82 17.39 64.35 -20.35
CA GLY S 82 17.78 63.07 -20.96
C GLY S 82 17.05 61.95 -20.23
N ASN S 83 17.30 60.73 -20.65
CA ASN S 83 16.62 59.58 -20.10
C ASN S 83 17.58 58.62 -19.44
N LEU S 84 17.15 58.04 -18.33
CA LEU S 84 17.87 56.93 -17.71
C LEU S 84 16.94 55.73 -17.67
N ILE S 85 17.39 54.63 -18.23
CA ILE S 85 16.63 53.40 -18.16
C ILE S 85 17.47 52.29 -17.56
N VAL S 86 17.04 51.82 -16.40
CA VAL S 86 17.81 50.84 -15.64
C VAL S 86 17.16 49.49 -15.81
N ASN S 87 17.98 48.47 -16.04
CA ASN S 87 17.45 47.14 -16.23
C ASN S 87 18.33 46.09 -15.59
N VAL S 88 17.72 45.17 -14.85
CA VAL S 88 18.46 44.16 -14.10
C VAL S 88 18.05 42.77 -14.51
N GLU S 89 19.05 41.92 -14.66
CA GLU S 89 18.79 40.53 -14.97
C GLU S 89 19.52 39.57 -14.05
N LEU S 90 18.74 38.66 -13.48
CA LEU S 90 19.26 37.55 -12.68
C LEU S 90 19.35 36.35 -13.58
N LEU S 91 20.48 35.65 -13.54
CA LEU S 91 20.70 34.53 -14.48
C LEU S 91 20.69 33.13 -13.85
N PRO S 92 21.23 32.97 -12.62
CA PRO S 92 21.20 31.66 -11.96
C PRO S 92 19.82 30.99 -11.85
N ASP S 104 11.24 39.37 -14.47
CA ASP S 104 11.15 38.66 -13.21
C ASP S 104 10.18 39.33 -12.22
N GLU S 105 10.71 40.00 -11.20
CA GLU S 105 9.97 40.66 -10.10
C GLU S 105 10.96 41.21 -9.08
N ASN S 106 11.86 40.35 -8.62
CA ASN S 106 12.99 40.77 -7.82
C ASN S 106 13.88 41.60 -8.69
N ALA S 107 13.98 41.21 -9.96
CA ALA S 107 14.81 41.89 -10.93
C ALA S 107 14.25 43.28 -11.18
N ILE S 108 12.93 43.36 -11.22
CA ILE S 108 12.27 44.65 -11.39
C ILE S 108 12.51 45.53 -10.13
N GLU S 109 12.27 44.97 -8.95
CA GLU S 109 12.48 45.69 -7.70
C GLU S 109 13.90 46.26 -7.64
N LEU S 110 14.88 45.41 -7.96
CA LEU S 110 16.27 45.83 -7.97
C LEU S 110 16.53 46.97 -8.93
N ALA S 111 16.04 46.83 -10.15
CA ALA S 111 16.18 47.89 -11.16
C ALA S 111 15.59 49.21 -10.65
N ARG S 112 14.38 49.14 -10.10
CA ARG S 112 13.71 50.35 -9.63
C ARG S 112 14.44 50.96 -8.45
N VAL S 113 14.93 50.12 -7.53
CA VAL S 113 15.57 50.64 -6.31
C VAL S 113 16.83 51.42 -6.70
N VAL S 114 17.64 50.76 -7.52
CA VAL S 114 18.83 51.38 -8.09
C VAL S 114 18.49 52.67 -8.84
N ASP S 115 17.52 52.59 -9.76
CA ASP S 115 17.05 53.75 -10.50
C ASP S 115 16.76 54.91 -9.56
N ARG S 116 15.83 54.67 -8.63
CA ARG S 116 15.40 55.67 -7.65
C ARG S 116 16.55 56.36 -6.93
N SER S 117 17.54 55.60 -6.52
CA SER S 117 18.63 56.19 -5.77
C SER S 117 19.52 57.03 -6.69
N LEU S 118 19.65 56.65 -7.96
CA LEU S 118 20.47 57.42 -8.92
C LEU S 118 19.75 58.69 -9.38
N ARG S 119 18.44 58.59 -9.54
CA ARG S 119 17.62 59.67 -10.05
C ARG S 119 17.28 60.72 -9.00
N ASP S 120 16.81 60.28 -7.83
CA ASP S 120 16.39 61.20 -6.76
C ASP S 120 17.56 61.95 -6.16
N SER S 121 18.72 61.31 -6.14
CA SER S 121 19.93 61.92 -5.60
C SER S 121 20.44 62.95 -6.57
N LYS S 122 20.00 62.86 -7.81
CA LYS S 122 20.62 63.56 -8.92
C LYS S 122 22.14 63.28 -9.04
N ALA S 123 22.54 62.06 -8.71
CA ALA S 123 23.90 61.62 -8.91
C ALA S 123 24.23 61.76 -10.38
N LEU S 124 23.30 61.32 -11.22
CA LEU S 124 23.38 61.60 -12.64
C LEU S 124 22.43 62.75 -12.97
N ASP S 125 22.93 63.77 -13.61
CA ASP S 125 22.11 64.95 -13.94
C ASP S 125 21.49 64.83 -15.34
N LEU S 126 20.22 64.51 -15.39
CA LEU S 126 19.53 64.28 -16.66
C LEU S 126 19.38 65.55 -17.48
N THR S 127 19.30 66.69 -16.79
CA THR S 127 19.07 67.97 -17.46
C THR S 127 20.29 68.40 -18.28
N LYS S 128 21.43 67.77 -18.00
CA LYS S 128 22.67 68.01 -18.74
C LYS S 128 22.88 67.03 -19.88
N LEU S 129 21.89 66.17 -20.13
CA LEU S 129 21.93 65.23 -21.24
C LEU S 129 21.13 65.71 -22.45
N VAL S 130 20.64 66.95 -22.38
CA VAL S 130 19.92 67.57 -23.49
C VAL S 130 20.95 67.99 -24.54
N ILE S 131 20.62 67.71 -25.80
CA ILE S 131 21.46 68.11 -26.94
C ILE S 131 20.84 69.36 -27.59
N GLU S 132 19.80 69.18 -28.39
CA GLU S 132 18.99 70.34 -28.75
C GLU S 132 17.62 70.18 -28.12
N PRO S 133 17.26 71.12 -27.23
CA PRO S 133 16.10 71.09 -26.33
C PRO S 133 14.79 70.80 -27.06
N GLY S 134 14.01 69.88 -26.51
CA GLY S 134 12.77 69.43 -27.14
C GLY S 134 12.95 68.56 -28.38
N LYS S 135 14.09 68.72 -29.07
CA LYS S 135 14.39 67.94 -30.28
C LYS S 135 15.10 66.63 -29.95
N SER S 136 16.25 66.70 -29.29
CA SER S 136 17.09 65.50 -29.07
C SER S 136 17.89 65.45 -27.76
N VAL S 137 17.83 64.30 -27.09
CA VAL S 137 18.51 64.08 -25.81
C VAL S 137 19.26 62.75 -25.80
N TRP S 138 20.19 62.59 -24.87
CA TRP S 138 20.83 61.28 -24.62
C TRP S 138 19.94 60.38 -23.78
N THR S 139 19.80 59.14 -24.22
CA THR S 139 19.20 58.10 -23.40
C THR S 139 20.33 57.20 -22.92
N VAL S 140 20.40 57.04 -21.61
CA VAL S 140 21.37 56.15 -21.01
C VAL S 140 20.69 54.85 -20.63
N TRP S 141 21.00 53.79 -21.38
CA TRP S 141 20.55 52.45 -21.05
C TRP S 141 21.56 51.83 -20.12
N LEU S 142 21.14 51.51 -18.91
CA LEU S 142 22.01 50.84 -17.96
C LEU S 142 21.49 49.45 -17.75
N ASP S 143 22.28 48.47 -18.18
CA ASP S 143 21.90 47.08 -18.06
C ASP S 143 22.82 46.38 -17.10
N VAL S 144 22.21 45.78 -16.07
CA VAL S 144 22.94 45.20 -14.97
C VAL S 144 22.66 43.71 -14.89
N TYR S 145 23.72 42.92 -15.03
CA TYR S 145 23.62 41.47 -15.06
C TYR S 145 24.22 40.81 -13.83
N VAL S 146 23.38 40.17 -13.02
CA VAL S 146 23.83 39.39 -11.88
C VAL S 146 24.24 38.05 -12.40
N LEU S 147 25.55 37.81 -12.35
CA LEU S 147 26.14 36.60 -12.89
C LEU S 147 26.27 35.53 -11.83
N ASP S 148 26.52 35.95 -10.59
CA ASP S 148 26.69 35.01 -9.49
C ASP S 148 25.92 35.50 -8.28
N TYR S 149 24.92 34.74 -7.86
CA TYR S 149 24.10 35.13 -6.73
C TYR S 149 24.73 34.71 -5.40
N GLY S 150 25.38 35.66 -4.71
CA GLY S 150 26.06 35.38 -3.44
C GLY S 150 25.45 36.10 -2.25
N GLY S 151 24.22 36.57 -2.41
CA GLY S 151 23.55 37.36 -1.38
C GLY S 151 23.88 38.84 -1.47
N ASN S 152 22.98 39.65 -0.93
CA ASN S 152 23.14 41.11 -0.98
C ASN S 152 23.46 41.63 -2.39
N VAL S 153 22.61 41.24 -3.32
CA VAL S 153 22.74 41.57 -4.71
C VAL S 153 22.53 43.08 -4.97
N LEU S 154 21.59 43.68 -4.22
CA LEU S 154 21.28 45.09 -4.36
C LEU S 154 22.50 46.02 -4.19
N ASP S 155 23.31 45.77 -3.16
CA ASP S 155 24.46 46.63 -2.90
C ASP S 155 25.50 46.48 -4.00
N ALA S 156 25.63 45.26 -4.53
CA ALA S 156 26.55 45.01 -5.65
C ALA S 156 26.04 45.69 -6.94
N CYS S 157 24.72 45.64 -7.15
CA CYS S 157 24.11 46.30 -8.29
C CYS S 157 24.33 47.80 -8.30
N THR S 158 24.18 48.44 -7.14
CA THR S 158 24.43 49.88 -7.04
C THR S 158 25.87 50.19 -7.42
N LEU S 159 26.80 49.40 -6.87
CA LEU S 159 28.21 49.63 -7.09
C LEU S 159 28.57 49.43 -8.54
N ALA S 160 28.02 48.38 -9.14
CA ALA S 160 28.24 48.10 -10.55
C ALA S 160 27.70 49.24 -11.41
N SER S 161 26.52 49.73 -11.06
CA SER S 161 25.83 50.75 -11.81
C SER S 161 26.59 52.05 -11.76
N VAL S 162 26.98 52.44 -10.55
CA VAL S 162 27.68 53.68 -10.35
C VAL S 162 29.00 53.60 -11.11
N ALA S 163 29.72 52.50 -10.93
CA ALA S 163 31.00 52.33 -11.60
C ALA S 163 30.85 52.40 -13.11
N ALA S 164 29.80 51.75 -13.63
CA ALA S 164 29.58 51.74 -15.06
C ALA S 164 29.36 53.15 -15.59
N LEU S 165 28.58 53.91 -14.84
CA LEU S 165 28.26 55.28 -15.24
C LEU S 165 29.53 56.11 -15.28
N TYR S 166 30.37 55.95 -14.26
CA TYR S 166 31.63 56.69 -14.20
C TYR S 166 32.63 56.28 -15.26
N ASN S 167 32.47 55.06 -15.78
CA ASN S 167 33.37 54.55 -16.79
C ASN S 167 32.91 54.94 -18.20
N THR S 168 31.72 55.53 -18.27
CA THR S 168 31.05 55.80 -19.53
C THR S 168 31.69 56.96 -20.29
N LYS S 169 32.08 56.65 -21.52
CA LYS S 169 32.54 57.63 -22.51
C LYS S 169 31.37 58.17 -23.34
N VAL S 170 31.39 59.47 -23.58
CA VAL S 170 30.40 60.12 -24.44
C VAL S 170 31.06 60.51 -25.75
N TYR S 171 30.35 60.32 -26.85
CA TYR S 171 30.91 60.51 -28.19
C TYR S 171 30.52 61.82 -28.87
N LYS S 172 31.24 62.16 -29.94
CA LYS S 172 30.98 63.37 -30.70
C LYS S 172 29.62 63.32 -31.42
N VAL S 173 28.96 64.45 -31.50
CA VAL S 173 27.62 64.54 -32.11
C VAL S 173 27.62 65.36 -33.40
N GLU S 174 27.61 64.66 -34.55
CA GLU S 174 27.54 65.30 -35.87
C GLU S 174 26.14 65.85 -36.15
N GLN S 175 26.01 67.18 -36.03
CA GLN S 175 24.74 67.90 -36.25
C GLN S 175 24.73 68.68 -37.58
N ILE S 180 22.17 64.97 -35.21
CA ILE S 180 21.67 64.12 -36.28
C ILE S 180 22.40 62.77 -36.34
N SER S 181 23.71 62.78 -36.11
CA SER S 181 24.55 61.57 -36.20
C SER S 181 25.59 61.46 -35.07
N VAL S 182 25.89 60.23 -34.66
CA VAL S 182 26.91 59.98 -33.64
C VAL S 182 28.21 59.49 -34.28
N ASN S 183 29.34 59.96 -33.76
CA ASN S 183 30.65 59.55 -34.25
C ASN S 183 31.41 58.78 -33.16
N LYS S 184 31.39 57.45 -33.29
CA LYS S 184 31.83 56.57 -32.21
C LYS S 184 33.35 56.33 -32.13
N ASN S 185 34.15 57.16 -32.77
CA ASN S 185 35.60 57.08 -32.58
C ASN S 185 36.23 58.41 -32.18
N GLU S 186 35.38 59.35 -31.77
CA GLU S 186 35.82 60.57 -31.13
C GLU S 186 35.10 60.69 -29.79
N VAL S 187 35.85 60.50 -28.71
CA VAL S 187 35.31 60.57 -27.35
C VAL S 187 35.34 62.01 -26.85
N VAL S 188 34.16 62.61 -26.78
CA VAL S 188 34.01 64.01 -26.37
C VAL S 188 34.19 64.25 -24.86
N GLY S 189 33.69 63.34 -24.04
CA GLY S 189 33.80 63.49 -22.60
C GLY S 189 33.16 62.37 -21.80
N LYS S 190 32.58 62.72 -20.67
CA LYS S 190 32.00 61.76 -19.75
C LYS S 190 30.59 62.16 -19.34
N LEU S 191 29.92 61.28 -18.58
CA LEU S 191 28.57 61.56 -18.11
C LEU S 191 28.56 62.68 -17.09
N PRO S 192 27.51 63.51 -17.10
CA PRO S 192 27.36 64.57 -16.10
C PRO S 192 27.01 63.96 -14.75
N LEU S 193 28.04 63.47 -14.06
CA LEU S 193 27.88 62.87 -12.74
C LEU S 193 28.28 63.86 -11.64
N ASN S 194 27.42 63.99 -10.63
CA ASN S 194 27.69 64.83 -9.49
C ASN S 194 28.53 64.13 -8.41
N TYR S 195 28.16 62.89 -8.10
CA TYR S 195 28.87 62.09 -7.11
C TYR S 195 28.45 60.64 -7.24
N PRO S 196 29.29 59.73 -6.71
CA PRO S 196 28.86 58.34 -6.57
C PRO S 196 27.82 58.21 -5.47
N VAL S 197 27.14 57.08 -5.44
CA VAL S 197 26.17 56.78 -4.44
C VAL S 197 26.45 55.34 -4.03
N VAL S 198 26.21 55.01 -2.76
CA VAL S 198 26.30 53.62 -2.31
C VAL S 198 25.02 53.22 -1.63
N THR S 199 24.65 51.95 -1.77
CA THR S 199 23.56 51.39 -0.99
C THR S 199 24.14 50.40 0.01
N ILE S 200 23.72 50.54 1.27
CA ILE S 200 24.15 49.63 2.33
C ILE S 200 22.98 48.83 2.87
N SER S 201 23.10 47.52 2.77
CA SER S 201 22.05 46.63 3.29
C SER S 201 22.32 46.13 4.71
N VAL S 202 21.35 46.25 5.60
CA VAL S 202 21.49 45.74 6.94
C VAL S 202 20.40 44.71 7.21
N ALA S 203 20.84 43.49 7.54
CA ALA S 203 19.94 42.35 7.79
C ALA S 203 19.68 42.14 9.26
N LYS S 204 18.42 41.89 9.56
CA LYS S 204 17.97 41.57 10.89
C LYS S 204 17.94 40.07 10.97
N VAL S 205 18.85 39.50 11.76
CA VAL S 205 18.88 38.07 12.05
C VAL S 205 18.79 37.85 13.55
N ASP S 206 17.73 37.17 13.96
CA ASP S 206 17.42 37.00 15.37
C ASP S 206 17.32 38.38 16.02
N LYS S 207 18.17 38.67 17.00
CA LYS S 207 18.20 39.97 17.64
C LYS S 207 19.41 40.79 17.19
N TYR S 208 20.06 40.35 16.10
CA TYR S 208 21.31 40.94 15.65
C TYR S 208 21.13 41.67 14.33
N LEU S 209 21.96 42.69 14.11
CA LEU S 209 21.99 43.40 12.84
C LEU S 209 23.31 43.15 12.16
N VAL S 210 23.24 42.83 10.89
CA VAL S 210 24.41 42.38 10.18
C VAL S 210 24.50 43.13 8.87
N VAL S 211 25.68 43.68 8.57
CA VAL S 211 25.89 44.43 7.34
C VAL S 211 26.29 43.51 6.21
N ASP S 212 25.76 43.76 5.01
CA ASP S 212 26.13 42.98 3.80
C ASP S 212 25.94 41.47 4.03
N PRO S 213 24.68 41.02 4.15
CA PRO S 213 24.45 39.59 4.42
C PRO S 213 24.86 38.68 3.24
N ASP S 214 25.50 37.57 3.55
CA ASP S 214 25.81 36.61 2.52
C ASP S 214 24.59 35.69 2.24
N LEU S 215 24.82 34.67 1.42
CA LEU S 215 23.74 33.81 0.98
C LEU S 215 23.05 33.11 2.15
N ASP S 216 23.84 32.52 3.04
CA ASP S 216 23.30 31.83 4.20
C ASP S 216 22.58 32.79 5.11
N GLU S 217 23.19 33.96 5.32
CA GLU S 217 22.61 34.98 6.20
C GLU S 217 21.27 35.47 5.68
N GLU S 218 21.17 35.65 4.37
CA GLU S 218 19.92 36.10 3.76
C GLU S 218 18.80 35.08 3.92
N SER S 219 19.14 33.80 3.91
CA SER S 219 18.10 32.76 4.03
C SER S 219 17.52 32.60 5.45
N ILE S 220 18.24 33.13 6.44
CA ILE S 220 17.82 33.02 7.84
C ILE S 220 17.35 34.34 8.45
N MET S 221 17.56 35.44 7.74
CA MET S 221 17.16 36.74 8.22
C MET S 221 15.65 36.89 8.34
N ASP S 222 15.22 37.76 9.23
CA ASP S 222 13.82 38.10 9.33
C ASP S 222 13.51 39.00 8.15
N ALA S 223 14.33 40.03 7.96
CA ALA S 223 14.16 41.04 6.93
C ALA S 223 15.44 41.82 6.78
N LYS S 224 15.61 42.54 5.68
CA LYS S 224 16.74 43.45 5.56
C LYS S 224 16.25 44.82 5.12
N ILE S 225 17.07 45.82 5.38
CA ILE S 225 16.75 47.19 5.01
C ILE S 225 17.97 47.83 4.36
N SER S 226 17.76 48.49 3.23
CA SER S 226 18.85 49.05 2.45
C SER S 226 18.76 50.55 2.40
N PHE S 227 19.86 51.19 2.73
CA PHE S 227 19.92 52.64 2.75
C PHE S 227 20.86 53.08 1.67
N SER S 228 20.48 54.14 0.96
CA SER S 228 21.32 54.72 -0.07
C SER S 228 21.81 56.07 0.38
N TYR S 229 23.11 56.31 0.24
CA TYR S 229 23.73 57.57 0.66
C TYR S 229 24.50 58.29 -0.44
N THR S 230 24.53 59.61 -0.33
CA THR S 230 25.44 60.45 -1.08
C THR S 230 26.65 60.70 -0.20
N PRO S 231 27.78 61.13 -0.79
CA PRO S 231 29.04 61.38 -0.07
C PRO S 231 28.91 62.31 1.14
N ASP S 232 28.05 63.31 1.03
CA ASP S 232 27.67 64.20 2.15
C ASP S 232 26.70 63.53 3.13
N LEU S 233 26.53 62.21 2.99
CA LEU S 233 25.71 61.36 3.89
C LEU S 233 24.25 61.79 4.04
N LYS S 234 23.64 62.18 2.93
CA LYS S 234 22.22 62.41 2.87
C LYS S 234 21.58 61.10 2.48
N ILE S 235 20.49 60.72 3.14
CA ILE S 235 19.76 59.49 2.79
C ILE S 235 18.99 59.75 1.51
N VAL S 236 19.13 58.84 0.55
CA VAL S 236 18.66 59.08 -0.80
C VAL S 236 17.71 57.97 -1.31
N GLY S 237 17.50 56.96 -0.47
CA GLY S 237 16.53 55.90 -0.73
C GLY S 237 16.57 54.95 0.43
N ILE S 238 15.41 54.34 0.72
CA ILE S 238 15.35 53.25 1.70
C ILE S 238 14.41 52.20 1.16
N GLN S 239 14.80 50.94 1.31
CA GLN S 239 13.94 49.83 0.91
C GLN S 239 14.04 48.67 1.91
N LYS S 240 12.93 48.41 2.58
CA LYS S 240 12.85 47.21 3.43
C LYS S 240 12.56 46.04 2.53
N SER S 241 13.13 44.90 2.89
CA SER S 241 13.06 43.70 2.08
C SER S 241 12.87 42.50 3.00
N GLY S 242 12.22 41.45 2.48
CA GLY S 242 12.13 40.19 3.22
C GLY S 242 10.76 39.90 3.79
N LYS S 243 10.57 38.63 4.14
CA LYS S 243 9.24 38.11 4.55
C LYS S 243 8.86 38.37 6.00
N GLY S 244 9.80 38.93 6.76
CA GLY S 244 9.58 39.25 8.16
C GLY S 244 9.53 40.73 8.45
N SER S 245 9.34 41.06 9.73
CA SER S 245 9.26 42.44 10.17
C SER S 245 10.47 42.86 10.98
N MET S 246 10.47 44.10 11.44
CA MET S 246 11.60 44.74 12.07
C MET S 246 11.07 45.81 13.01
N SER S 247 11.68 45.96 14.19
CA SER S 247 11.19 46.94 15.13
C SER S 247 11.67 48.34 14.77
N LEU S 248 11.03 49.32 15.39
CA LEU S 248 11.38 50.72 15.22
C LEU S 248 12.85 50.94 15.51
N GLN S 249 13.28 50.45 16.67
CA GLN S 249 14.65 50.67 17.10
C GLN S 249 15.64 49.88 16.27
N ASP S 250 15.21 48.75 15.73
CA ASP S 250 16.05 48.01 14.79
C ASP S 250 16.44 48.89 13.62
N ILE S 251 15.42 49.57 13.06
CA ILE S 251 15.60 50.46 11.92
C ILE S 251 16.46 51.67 12.29
N ASP S 252 16.21 52.22 13.48
CA ASP S 252 17.03 53.31 14.00
C ASP S 252 18.50 52.91 13.98
N GLN S 253 18.83 51.78 14.62
CA GLN S 253 20.21 51.32 14.72
C GLN S 253 20.77 50.98 13.35
N ALA S 254 19.93 50.36 12.52
CA ALA S 254 20.36 49.92 11.20
C ALA S 254 20.88 51.11 10.39
N GLU S 255 20.18 52.24 10.48
CA GLU S 255 20.59 53.37 9.68
C GLU S 255 21.89 53.95 10.23
N ASN S 256 22.00 54.03 11.56
CA ASN S 256 23.25 54.45 12.19
C ASN S 256 24.40 53.61 11.68
N THR S 257 24.21 52.30 11.74
CA THR S 257 25.22 51.36 11.29
C THR S 257 25.50 51.58 9.82
N ALA S 258 24.45 51.61 9.01
CA ALA S 258 24.55 51.79 7.56
C ALA S 258 25.36 53.01 7.18
N ARG S 259 25.12 54.09 7.89
CA ARG S 259 25.78 55.36 7.61
C ARG S 259 27.29 55.33 7.89
N SER S 260 27.71 54.74 9.01
CA SER S 260 29.14 54.73 9.27
C SER S 260 29.86 53.70 8.40
N THR S 261 29.11 52.76 7.85
CA THR S 261 29.65 51.85 6.87
C THR S 261 29.80 52.55 5.52
N ALA S 262 28.82 53.38 5.18
CA ALA S 262 28.77 54.11 3.92
C ALA S 262 30.05 54.87 3.65
N VAL S 263 30.60 55.49 4.70
CA VAL S 263 31.83 56.27 4.59
C VAL S 263 32.96 55.40 4.05
N LYS S 264 33.14 54.23 4.65
CA LYS S 264 34.21 53.31 4.26
C LYS S 264 34.02 52.86 2.82
N LEU S 265 32.78 52.47 2.51
CA LEU S 265 32.46 51.93 1.22
C LEU S 265 32.64 52.98 0.12
N LEU S 266 32.22 54.21 0.38
CA LEU S 266 32.42 55.30 -0.57
C LEU S 266 33.91 55.49 -0.86
N GLU S 267 34.74 55.46 0.17
CA GLU S 267 36.18 55.67 0.02
C GLU S 267 36.76 54.59 -0.87
N GLU S 268 36.32 53.36 -0.65
CA GLU S 268 36.83 52.22 -1.40
C GLU S 268 36.35 52.25 -2.85
N LEU S 269 35.09 52.60 -3.04
CA LEU S 269 34.52 52.81 -4.37
C LEU S 269 35.35 53.83 -5.16
N LYS S 270 35.68 54.95 -4.51
CA LYS S 270 36.39 56.03 -5.16
C LYS S 270 37.77 55.59 -5.61
N LYS S 271 38.47 54.83 -4.76
CA LYS S 271 39.75 54.23 -5.13
C LYS S 271 39.66 53.41 -6.40
N HIS S 272 38.59 52.63 -6.52
CA HIS S 272 38.36 51.82 -7.70
C HIS S 272 38.08 52.70 -8.93
N LEU S 273 37.31 53.76 -8.74
CA LEU S 273 36.92 54.64 -9.85
C LEU S 273 38.01 55.64 -10.22
N GLY S 274 39.04 55.74 -9.39
CA GLY S 274 40.05 56.79 -9.53
C GLY S 274 39.40 58.08 -9.07
N ILE S 275 38.76 58.01 -7.91
CA ILE S 275 37.87 59.06 -7.34
C ILE S 275 36.79 59.57 -8.32
N ARG T 2 16.50 88.52 -14.75
CA ARG T 2 17.66 87.92 -14.04
C ARG T 2 17.20 87.36 -12.69
N GLU T 3 16.57 88.23 -11.91
CA GLU T 3 16.18 87.92 -10.54
C GLU T 3 14.67 87.92 -10.36
N MET T 4 13.94 88.36 -11.38
CA MET T 4 12.48 88.36 -11.33
C MET T 4 11.87 86.95 -11.42
N LEU T 5 12.75 85.96 -11.52
CA LEU T 5 12.37 84.59 -11.82
C LEU T 5 12.07 83.74 -10.59
N GLN T 6 10.78 83.49 -10.34
CA GLN T 6 10.29 82.55 -9.32
C GLN T 6 10.42 81.12 -9.79
N VAL T 7 10.61 80.19 -8.85
CA VAL T 7 10.61 78.78 -9.22
C VAL T 7 9.17 78.28 -9.47
N GLU T 8 8.99 77.60 -10.61
CA GLU T 8 7.66 77.12 -11.09
C GLU T 8 7.00 76.10 -10.17
N ARG T 9 7.77 75.45 -9.30
CA ARG T 9 7.20 74.48 -8.35
C ARG T 9 6.39 75.20 -7.28
N PRO T 10 5.12 74.82 -7.10
CA PRO T 10 4.19 75.50 -6.20
C PRO T 10 4.64 75.43 -4.73
N LYS T 11 4.27 76.44 -3.94
CA LYS T 11 4.52 76.41 -2.49
C LYS T 11 3.62 75.37 -1.84
N LEU T 12 4.18 74.64 -0.88
CA LEU T 12 3.45 73.57 -0.23
C LEU T 12 3.08 73.93 1.20
N ILE T 13 3.80 74.88 1.78
CA ILE T 13 3.45 75.43 3.09
C ILE T 13 2.94 76.85 2.88
N LEU T 14 1.68 77.04 3.22
CA LEU T 14 0.93 78.25 2.87
C LEU T 14 0.47 79.01 4.12
N ASP T 15 -0.61 79.78 3.98
CA ASP T 15 -1.13 80.65 5.05
C ASP T 15 -1.33 79.90 6.37
N ASP T 16 -1.19 80.63 7.47
CA ASP T 16 -0.97 80.02 8.78
C ASP T 16 0.23 79.10 8.62
N GLY T 17 0.11 77.83 8.98
CA GLY T 17 1.21 76.92 8.68
C GLY T 17 0.75 75.82 7.75
N LYS T 18 -0.18 76.15 6.88
CA LYS T 18 -1.03 75.11 6.31
C LYS T 18 -0.66 74.63 4.92
N ARG T 19 -1.13 73.43 4.61
CA ARG T 19 -0.82 72.74 3.35
C ARG T 19 -1.85 73.04 2.28
N THR T 20 -1.60 72.57 1.06
CA THR T 20 -2.45 72.92 -0.10
C THR T 20 -3.91 72.54 0.09
N ASP T 21 -4.19 71.54 0.92
CA ASP T 21 -5.58 71.15 1.23
C ASP T 21 -6.10 71.71 2.57
N GLY T 22 -5.36 72.65 3.16
CA GLY T 22 -5.77 73.32 4.40
C GLY T 22 -5.36 72.61 5.68
N ARG T 23 -4.71 71.45 5.55
CA ARG T 23 -4.22 70.70 6.70
C ARG T 23 -2.94 71.26 7.31
N LYS T 24 -2.77 70.98 8.60
CA LYS T 24 -1.53 71.28 9.29
C LYS T 24 -0.58 70.13 9.03
N PRO T 25 0.74 70.32 9.25
CA PRO T 25 1.70 69.26 9.04
C PRO T 25 1.42 67.95 9.80
N ASP T 26 0.74 68.06 10.93
CA ASP T 26 0.48 66.89 11.78
C ASP T 26 -0.96 66.35 11.67
N GLU T 27 -1.63 66.62 10.55
CA GLU T 27 -3.01 66.16 10.38
C GLU T 27 -3.21 65.13 9.28
N LEU T 28 -3.97 64.09 9.62
CA LEU T 28 -4.34 63.03 8.71
C LEU T 28 -5.48 63.49 7.85
N ARG T 29 -5.60 62.91 6.66
CA ARG T 29 -6.80 63.09 5.84
C ARG T 29 -7.96 62.33 6.47
N SER T 30 -9.16 62.60 5.99
CA SER T 30 -10.33 61.89 6.49
C SER T 30 -10.21 60.41 6.14
N ILE T 31 -10.76 59.58 7.01
CA ILE T 31 -10.66 58.15 6.83
C ILE T 31 -12.03 57.51 6.84
N LYS T 32 -12.24 56.58 5.93
CA LYS T 32 -13.47 55.80 5.87
C LYS T 32 -13.14 54.33 5.61
N ILE T 33 -13.71 53.46 6.44
CA ILE T 33 -13.46 52.02 6.37
C ILE T 33 -14.78 51.26 6.47
N GLU T 34 -14.96 50.28 5.58
CA GLU T 34 -16.05 49.32 5.72
C GLU T 34 -15.68 47.91 5.31
N LEU T 35 -16.28 46.95 6.00
CA LEU T 35 -15.90 45.54 5.87
C LEU T 35 -17.05 44.72 5.36
N GLY T 36 -16.73 43.59 4.75
CA GLY T 36 -17.72 42.60 4.33
C GLY T 36 -18.60 43.15 3.24
N VAL T 37 -17.95 43.84 2.30
CA VAL T 37 -18.66 44.58 1.28
C VAL T 37 -18.92 43.72 0.01
N LEU T 38 -18.15 42.66 -0.13
CA LEU T 38 -18.30 41.74 -1.26
C LEU T 38 -18.86 40.41 -0.78
N LYS T 39 -19.99 40.03 -1.33
CA LYS T 39 -20.68 38.81 -0.91
C LYS T 39 -19.96 37.51 -1.26
N ASN T 40 -19.28 37.49 -2.40
CA ASN T 40 -18.68 36.24 -2.89
C ASN T 40 -17.23 36.04 -2.51
N ALA T 41 -16.66 36.98 -1.75
CA ALA T 41 -15.31 36.83 -1.22
C ALA T 41 -15.37 36.27 0.18
N ASP T 42 -14.26 35.73 0.66
CA ASP T 42 -14.20 35.21 2.04
C ASP T 42 -14.02 36.34 3.04
N GLY T 43 -13.36 37.40 2.62
CA GLY T 43 -13.24 38.62 3.41
C GLY T 43 -13.04 39.79 2.44
N SER T 44 -13.56 40.95 2.81
CA SER T 44 -13.43 42.13 1.95
C SER T 44 -13.47 43.39 2.76
N ALA T 45 -12.88 44.44 2.21
CA ALA T 45 -12.78 45.75 2.86
C ALA T 45 -12.62 46.87 1.85
N ILE T 46 -13.28 48.00 2.08
CA ILE T 46 -12.98 49.23 1.35
C ILE T 46 -12.31 50.19 2.33
N PHE T 47 -11.22 50.79 1.88
CA PHE T 47 -10.48 51.75 2.70
C PHE T 47 -10.31 53.07 1.95
N GLU T 48 -10.52 54.18 2.65
CA GLU T 48 -10.38 55.50 2.07
C GLU T 48 -9.57 56.45 2.94
N MET T 49 -8.50 56.99 2.37
CA MET T 49 -7.75 58.10 2.98
C MET T 49 -7.83 59.28 2.06
N GLY T 50 -8.54 60.32 2.49
CA GLY T 50 -8.82 61.43 1.60
C GLY T 50 -9.47 60.86 0.33
N ASN T 51 -8.84 61.13 -0.80
CA ASN T 51 -9.40 60.74 -2.08
C ASN T 51 -8.80 59.47 -2.63
N THR T 52 -8.03 58.79 -1.81
CA THR T 52 -7.48 57.47 -2.19
C THR T 52 -8.45 56.39 -1.68
N LYS T 53 -9.03 55.65 -2.63
CA LYS T 53 -9.96 54.55 -2.37
C LYS T 53 -9.33 53.26 -2.86
N ALA T 54 -9.38 52.24 -2.00
CA ALA T 54 -8.98 50.91 -2.42
C ALA T 54 -10.02 49.91 -1.95
N ILE T 55 -10.22 48.87 -2.75
CA ILE T 55 -11.03 47.73 -2.36
C ILE T 55 -10.17 46.46 -2.37
N ALA T 56 -10.34 45.63 -1.35
CA ALA T 56 -9.58 44.40 -1.21
C ALA T 56 -10.51 43.21 -0.99
N ALA T 57 -10.22 42.13 -1.72
CA ALA T 57 -10.94 40.89 -1.60
C ALA T 57 -9.95 39.80 -1.23
N VAL T 58 -10.37 38.94 -0.30
CA VAL T 58 -9.61 37.75 0.09
C VAL T 58 -10.40 36.50 -0.27
N TYR T 59 -9.75 35.61 -1.01
CA TYR T 59 -10.33 34.30 -1.25
C TYR T 59 -9.55 33.30 -0.41
N GLY T 60 -10.25 32.79 0.60
CA GLY T 60 -9.69 32.22 1.84
C GLY T 60 -8.80 31.03 1.61
N PRO T 61 -8.25 30.45 2.70
CA PRO T 61 -7.29 29.37 2.55
C PRO T 61 -7.90 28.22 1.75
N LYS T 62 -7.23 27.83 0.66
CA LYS T 62 -7.74 26.81 -0.26
C LYS T 62 -6.61 26.03 -0.92
N GLU T 63 -6.83 24.74 -1.19
CA GLU T 63 -5.87 23.91 -1.91
C GLU T 63 -5.41 24.59 -3.21
N MET T 64 -4.14 24.44 -3.54
CA MET T 64 -3.59 25.22 -4.64
C MET T 64 -3.62 24.51 -5.99
N HIS T 65 -4.02 25.28 -7.00
CA HIS T 65 -4.27 24.80 -8.36
C HIS T 65 -3.19 23.83 -8.89
N PRO T 66 -2.01 24.35 -9.26
CA PRO T 66 -0.91 23.44 -9.56
C PRO T 66 -0.10 23.16 -8.29
N ARG T 67 -0.08 21.90 -7.87
CA ARG T 67 0.47 21.53 -6.56
C ARG T 67 1.97 21.79 -6.37
N HIS T 68 2.76 21.63 -7.43
CA HIS T 68 4.22 21.88 -7.35
C HIS T 68 4.55 23.32 -6.91
N LEU T 69 3.59 24.23 -7.07
CA LEU T 69 3.75 25.63 -6.68
C LEU T 69 3.38 25.87 -5.22
N SER T 70 2.80 24.87 -4.56
CA SER T 70 2.43 25.00 -3.16
C SER T 70 3.63 24.72 -2.25
N LEU T 71 3.48 25.06 -0.98
CA LEU T 71 4.52 24.83 0.02
C LEU T 71 4.10 23.80 1.05
N PRO T 72 5.02 22.91 1.48
CA PRO T 72 4.73 21.81 2.41
C PRO T 72 4.40 22.25 3.85
N ASP T 73 4.84 23.43 4.26
CA ASP T 73 4.71 23.89 5.64
C ASP T 73 3.90 25.19 5.81
N ARG T 74 3.60 25.85 4.69
CA ARG T 74 2.98 27.18 4.71
C ARG T 74 1.90 27.32 3.66
N ALA T 75 1.12 28.37 3.80
CA ALA T 75 0.27 28.85 2.72
C ALA T 75 1.07 29.80 1.86
N VAL T 76 0.79 29.74 0.56
CA VAL T 76 1.31 30.73 -0.39
C VAL T 76 0.38 31.94 -0.40
N LEU T 77 0.97 33.13 -0.24
CA LEU T 77 0.21 34.34 -0.44
C LEU T 77 0.30 34.79 -1.88
N ARG T 78 -0.85 35.07 -2.48
CA ARG T 78 -0.90 35.57 -3.85
C ARG T 78 -1.53 36.95 -3.78
N VAL T 79 -0.74 37.96 -4.09
CA VAL T 79 -1.18 39.33 -3.92
C VAL T 79 -1.16 40.08 -5.25
N ARG T 80 -2.21 40.85 -5.49
CA ARG T 80 -2.30 41.67 -6.69
C ARG T 80 -2.58 43.11 -6.31
N TYR T 81 -1.60 43.98 -6.57
CA TYR T 81 -1.84 45.40 -6.48
C TYR T 81 -2.15 45.92 -7.87
N HIS T 82 -3.30 46.57 -8.02
CA HIS T 82 -3.75 47.05 -9.31
C HIS T 82 -4.52 48.36 -9.24
N MET T 83 -4.24 49.22 -10.19
CA MET T 83 -4.94 50.48 -10.30
C MET T 83 -5.92 50.40 -11.46
N THR T 84 -7.16 50.78 -11.21
CA THR T 84 -8.15 50.85 -12.30
C THR T 84 -7.78 52.02 -13.22
N PRO T 85 -8.10 51.89 -14.54
CA PRO T 85 -7.74 52.92 -15.52
C PRO T 85 -8.30 54.31 -15.20
N PHE T 86 -9.37 54.37 -14.41
CA PHE T 86 -10.00 55.65 -14.09
C PHE T 86 -9.74 56.10 -12.66
N SER T 87 -8.62 55.65 -12.11
CA SER T 87 -8.27 56.02 -10.74
C SER T 87 -7.50 57.34 -10.69
N THR T 88 -6.88 57.70 -11.81
CA THR T 88 -6.07 58.91 -11.89
C THR T 88 -6.67 59.91 -12.86
N ASP T 89 -5.98 61.01 -13.09
CA ASP T 89 -6.49 62.09 -13.95
C ASP T 89 -6.38 61.70 -15.40
N GLU T 90 -5.20 61.25 -15.80
CA GLU T 90 -5.02 60.78 -17.16
C GLU T 90 -4.99 59.25 -17.13
N ARG T 91 -5.81 58.61 -17.97
CA ARG T 91 -6.08 57.16 -17.92
C ARG T 91 -4.84 56.26 -17.84
N LYS T 92 -4.76 55.47 -16.77
CA LYS T 92 -3.70 54.46 -16.58
C LYS T 92 -3.98 53.22 -17.43
N ASN T 93 -2.93 52.69 -18.08
CA ASN T 93 -3.06 51.45 -18.84
C ASN T 93 -3.27 50.27 -17.90
N PRO T 94 -4.33 49.48 -18.13
CA PRO T 94 -4.69 48.34 -17.25
C PRO T 94 -3.59 47.28 -17.11
N ALA T 95 -2.73 47.16 -18.14
CA ALA T 95 -1.59 46.26 -18.13
C ALA T 95 -0.66 46.60 -16.97
N PRO T 96 -0.22 45.57 -16.21
CA PRO T 96 0.60 45.84 -15.02
C PRO T 96 1.86 46.60 -15.36
N SER T 97 2.09 47.71 -14.66
CA SER T 97 3.30 48.51 -14.80
C SER T 97 4.42 47.99 -13.89
N ARG T 98 5.66 48.37 -14.19
CA ARG T 98 6.78 48.02 -13.34
C ARG T 98 6.49 48.44 -11.90
N ARG T 99 5.95 49.65 -11.73
CA ARG T 99 5.51 50.13 -10.41
C ARG T 99 4.51 49.16 -9.74
N GLU T 100 3.49 48.72 -10.47
CA GLU T 100 2.47 47.81 -9.95
C GLU T 100 3.05 46.44 -9.56
N ILE T 101 4.08 46.02 -10.30
CA ILE T 101 4.74 44.76 -10.04
C ILE T 101 5.53 44.82 -8.75
N GLU T 102 6.31 45.89 -8.58
CA GLU T 102 7.09 46.10 -7.37
C GLU T 102 6.21 46.23 -6.12
N LEU T 103 5.18 47.06 -6.22
CA LEU T 103 4.31 47.29 -5.09
C LEU T 103 3.56 46.03 -4.70
N SER T 104 3.21 45.20 -5.68
CA SER T 104 2.59 43.91 -5.36
C SER T 104 3.49 43.09 -4.45
N LYS T 105 4.78 43.06 -4.78
CA LYS T 105 5.80 42.32 -4.01
C LYS T 105 5.95 42.93 -2.63
N VAL T 106 6.13 44.25 -2.58
CA VAL T 106 6.31 44.96 -1.31
C VAL T 106 5.10 44.73 -0.38
N ILE T 107 3.90 44.80 -0.93
CA ILE T 107 2.71 44.56 -0.15
C ILE T 107 2.66 43.09 0.29
N ARG T 108 2.99 42.17 -0.62
CA ARG T 108 2.96 40.75 -0.26
C ARG T 108 3.89 40.48 0.92
N GLU T 109 5.11 40.96 0.83
CA GLU T 109 6.07 40.75 1.90
C GLU T 109 5.55 41.32 3.21
N ALA T 110 4.94 42.51 3.15
CA ALA T 110 4.37 43.16 4.32
C ALA T 110 3.33 42.25 4.98
N LEU T 111 2.45 41.66 4.16
CA LEU T 111 1.41 40.78 4.66
C LEU T 111 1.98 39.46 5.15
N GLU T 112 3.03 38.98 4.50
CA GLU T 112 3.66 37.73 4.90
C GLU T 112 4.19 37.81 6.31
N SER T 113 4.55 39.02 6.75
CA SER T 113 5.09 39.20 8.09
C SER T 113 4.00 39.21 9.17
N ALA T 114 2.74 39.27 8.75
CA ALA T 114 1.62 39.40 9.68
C ALA T 114 0.74 38.14 9.70
N VAL T 115 0.54 37.56 8.52
CA VAL T 115 -0.34 36.42 8.39
C VAL T 115 0.42 35.17 8.85
N LEU T 116 -0.26 34.37 9.66
CA LEU T 116 0.27 33.10 10.16
C LEU T 116 0.08 31.98 9.14
N VAL T 117 0.86 32.07 8.08
CA VAL T 117 0.78 31.15 6.94
C VAL T 117 1.10 29.67 7.29
N GLU T 118 1.86 29.44 8.35
CA GLU T 118 2.22 28.08 8.75
C GLU T 118 0.99 27.23 9.07
N LEU T 119 -0.08 27.89 9.48
CA LEU T 119 -1.32 27.24 9.87
C LEU T 119 -2.04 26.54 8.73
N PHE T 120 -1.67 26.88 7.49
CA PHE T 120 -2.37 26.35 6.32
C PHE T 120 -1.43 25.82 5.24
N PRO T 121 -0.77 24.69 5.52
CA PRO T 121 0.15 24.17 4.53
C PRO T 121 -0.58 23.73 3.27
N ARG T 122 0.09 23.81 2.13
CA ARG T 122 -0.43 23.33 0.84
C ARG T 122 -1.59 24.14 0.30
N THR T 123 -1.87 25.29 0.91
CA THR T 123 -2.99 26.14 0.51
C THR T 123 -2.53 27.46 -0.06
N ALA T 124 -3.43 28.13 -0.77
CA ALA T 124 -3.19 29.47 -1.27
C ALA T 124 -4.19 30.43 -0.65
N ILE T 125 -3.70 31.61 -0.25
CA ILE T 125 -4.56 32.69 0.15
C ILE T 125 -4.41 33.79 -0.89
N ASP T 126 -5.53 34.14 -1.56
CA ASP T 126 -5.56 35.18 -2.59
C ASP T 126 -6.03 36.51 -2.04
N VAL T 127 -5.25 37.54 -2.34
CA VAL T 127 -5.56 38.88 -1.91
C VAL T 127 -5.51 39.79 -3.12
N PHE T 128 -6.68 40.27 -3.54
CA PHE T 128 -6.76 41.16 -4.71
C PHE T 128 -7.11 42.57 -4.29
N THR T 129 -6.30 43.51 -4.73
CA THR T 129 -6.46 44.89 -4.37
C THR T 129 -6.77 45.70 -5.63
N GLU T 130 -7.69 46.65 -5.51
CA GLU T 130 -7.97 47.58 -6.59
C GLU T 130 -8.05 49.02 -6.09
N ILE T 131 -7.20 49.88 -6.64
CA ILE T 131 -7.29 51.29 -6.37
C ILE T 131 -8.33 51.88 -7.33
N LEU T 132 -9.36 52.48 -6.74
CA LEU T 132 -10.47 53.07 -7.48
C LEU T 132 -10.22 54.55 -7.72
N GLN T 133 -9.53 55.19 -6.76
CA GLN T 133 -9.03 56.55 -6.90
C GLN T 133 -7.64 56.65 -6.28
N ALA T 134 -6.70 57.22 -7.04
CA ALA T 134 -5.36 57.44 -6.55
C ALA T 134 -5.20 58.90 -6.17
N ASP T 135 -4.80 59.14 -4.92
CA ASP T 135 -4.44 60.48 -4.47
C ASP T 135 -3.22 60.40 -3.55
N ALA T 136 -2.27 59.56 -3.97
CA ALA T 136 -1.06 59.29 -3.17
C ALA T 136 -1.34 58.37 -1.98
N GLY T 137 -0.34 57.58 -1.61
CA GLY T 137 -0.43 56.70 -0.44
C GLY T 137 -1.28 55.48 -0.72
N SER T 138 -1.58 55.26 -1.99
CA SER T 138 -2.40 54.15 -2.43
C SER T 138 -1.81 52.80 -2.02
N ARG T 139 -0.48 52.66 -2.13
CA ARG T 139 0.18 51.41 -1.71
C ARG T 139 -0.13 51.03 -0.27
N LEU T 140 -0.25 52.04 0.59
CA LEU T 140 -0.60 51.83 2.00
C LEU T 140 -2.08 51.58 2.20
N VAL T 141 -2.92 52.34 1.49
CA VAL T 141 -4.36 52.15 1.56
C VAL T 141 -4.73 50.74 1.07
N SER T 142 -4.06 50.32 0.01
CA SER T 142 -4.17 48.98 -0.48
C SER T 142 -3.79 47.96 0.61
N LEU T 143 -2.60 48.15 1.19
CA LEU T 143 -2.08 47.23 2.21
C LEU T 143 -3.03 47.13 3.37
N MET T 144 -3.59 48.26 3.82
CA MET T 144 -4.47 48.24 4.97
C MET T 144 -5.78 47.56 4.63
N ALA T 145 -6.30 47.84 3.44
CA ALA T 145 -7.54 47.24 2.99
C ALA T 145 -7.36 45.74 2.95
N ALA T 146 -6.19 45.31 2.46
CA ALA T 146 -5.82 43.89 2.44
C ALA T 146 -5.79 43.29 3.85
N SER T 147 -5.06 43.94 4.75
CA SER T 147 -4.99 43.54 6.14
C SER T 147 -6.36 43.37 6.74
N LEU T 148 -7.26 44.31 6.44
CA LEU T 148 -8.60 44.27 7.00
C LEU T 148 -9.48 43.21 6.36
N ALA T 149 -9.28 42.98 5.07
CA ALA T 149 -10.05 41.95 4.36
C ALA T 149 -9.66 40.57 4.85
N LEU T 150 -8.42 40.45 5.27
CA LEU T 150 -7.92 39.19 5.87
C LEU T 150 -8.59 38.93 7.21
N ALA T 151 -8.69 39.99 8.01
CA ALA T 151 -9.36 39.93 9.30
C ALA T 151 -10.84 39.62 9.12
N ASP T 152 -11.44 40.19 8.09
CA ASP T 152 -12.81 39.91 7.71
C ASP T 152 -13.00 38.44 7.34
N ALA T 153 -11.97 37.83 6.77
CA ALA T 153 -12.03 36.41 6.38
C ALA T 153 -11.74 35.50 7.57
N GLY T 154 -11.33 36.10 8.70
CA GLY T 154 -11.01 35.35 9.90
C GLY T 154 -9.66 34.66 9.79
N ILE T 155 -8.79 35.23 8.98
CA ILE T 155 -7.48 34.64 8.84
C ILE T 155 -6.59 35.15 9.97
N PRO T 156 -6.03 34.20 10.76
CA PRO T 156 -5.20 34.48 11.93
C PRO T 156 -3.98 35.28 11.56
N MET T 157 -3.77 36.38 12.27
CA MET T 157 -2.61 37.23 12.04
C MET T 157 -1.99 37.69 13.35
N ARG T 158 -0.71 38.04 13.30
CA ARG T 158 0.00 38.61 14.44
C ARG T 158 -0.67 39.89 14.94
N ASP T 159 -1.09 40.73 14.01
CA ASP T 159 -1.66 42.02 14.35
C ASP T 159 -2.25 42.57 13.07
N LEU T 160 -3.08 43.59 13.17
CA LEU T 160 -3.49 44.36 11.99
C LEU T 160 -2.34 45.23 11.51
N ILE T 161 -2.40 45.65 10.25
CA ILE T 161 -1.41 46.57 9.71
C ILE T 161 -2.02 47.96 9.46
N ALA T 162 -1.31 48.99 9.96
CA ALA T 162 -1.67 50.38 9.76
C ALA T 162 -0.49 51.15 9.21
N GLY T 163 -0.75 52.03 8.24
CA GLY T 163 0.32 52.82 7.61
C GLY T 163 -0.02 54.25 7.18
N VAL T 164 1.03 55.06 7.03
CA VAL T 164 0.97 56.39 6.43
C VAL T 164 2.26 56.71 5.74
N ALA T 165 2.16 57.49 4.68
CA ALA T 165 3.30 58.13 4.05
C ALA T 165 3.61 59.41 4.83
N VAL T 166 4.81 59.48 5.37
CA VAL T 166 5.26 60.70 6.00
C VAL T 166 6.19 61.35 4.97
N GLY T 167 6.43 62.66 5.04
CA GLY T 167 7.26 63.28 4.01
C GLY T 167 7.85 64.60 4.39
N LYS T 168 8.47 65.25 3.42
CA LYS T 168 9.04 66.59 3.61
C LYS T 168 8.56 67.52 2.49
N ALA T 169 7.97 68.65 2.87
CA ALA T 169 7.37 69.53 1.89
C ALA T 169 8.29 70.71 1.55
N ASP T 170 8.24 71.78 2.32
CA ASP T 170 9.12 72.91 2.04
C ASP T 170 10.11 73.03 3.18
N GLY T 171 10.91 71.97 3.34
CA GLY T 171 11.77 71.82 4.50
C GLY T 171 10.98 71.39 5.72
N VAL T 172 9.65 71.25 5.57
CA VAL T 172 8.75 70.94 6.68
C VAL T 172 8.28 69.48 6.64
N ILE T 173 8.43 68.79 7.75
CA ILE T 173 8.01 67.39 7.84
C ILE T 173 6.51 67.29 8.02
N ILE T 174 5.86 66.54 7.13
CA ILE T 174 4.40 66.50 7.05
C ILE T 174 3.87 65.07 7.05
N LEU T 175 2.61 64.93 7.44
CA LEU T 175 2.00 63.64 7.65
C LEU T 175 0.89 63.38 6.65
N ASP T 176 0.99 62.27 5.91
CA ASP T 176 -0.08 61.78 5.02
C ASP T 176 -0.24 62.66 3.80
N LEU T 177 0.49 62.31 2.73
CA LEU T 177 0.64 63.20 1.57
C LEU T 177 -0.50 63.25 0.55
N ASN T 178 -0.66 64.43 -0.03
CA ASN T 178 -1.41 64.69 -1.26
C ASN T 178 -0.68 64.14 -2.47
N GLU T 179 -1.41 64.03 -3.59
CA GLU T 179 -0.81 63.88 -4.92
C GLU T 179 0.15 65.04 -5.09
N THR T 180 -0.32 66.25 -4.78
CA THR T 180 0.47 67.47 -4.93
C THR T 180 1.78 67.38 -4.16
N GLU T 181 1.70 67.00 -2.89
CA GLU T 181 2.88 66.89 -2.02
C GLU T 181 3.82 65.77 -2.44
N ASP T 182 3.26 64.66 -2.90
CA ASP T 182 4.04 63.55 -3.44
C ASP T 182 4.86 64.01 -4.64
N MET T 183 4.19 64.74 -5.55
CA MET T 183 4.80 65.08 -6.81
C MET T 183 5.92 66.08 -6.63
N TRP T 184 5.69 67.06 -5.76
CA TRP T 184 6.59 68.21 -5.66
C TRP T 184 7.45 68.25 -4.39
N GLY T 185 7.22 67.34 -3.46
CA GLY T 185 7.97 67.30 -2.21
C GLY T 185 9.39 66.77 -2.37
N GLU T 186 10.19 66.97 -1.34
CA GLU T 186 11.57 66.49 -1.34
C GLU T 186 11.63 65.03 -0.97
N ALA T 187 10.65 64.55 -0.22
CA ALA T 187 10.70 63.18 0.28
C ALA T 187 9.31 62.59 0.44
N ASP T 188 9.23 61.28 0.28
CA ASP T 188 8.00 60.53 0.40
C ASP T 188 8.38 59.21 1.05
N MET T 189 7.89 58.98 2.26
CA MET T 189 8.34 57.85 3.06
C MET T 189 7.18 57.04 3.58
N PRO T 190 6.63 56.11 2.75
CA PRO T 190 5.58 55.23 3.24
C PRO T 190 6.11 54.27 4.32
N ILE T 191 5.44 54.25 5.48
CA ILE T 191 5.76 53.34 6.56
C ILE T 191 4.49 52.59 7.01
N ALA T 192 4.65 51.32 7.33
CA ALA T 192 3.53 50.51 7.80
C ALA T 192 3.98 49.57 8.91
N MET T 193 3.15 49.40 9.93
CA MET T 193 3.48 48.57 11.07
C MET T 193 2.37 47.64 11.51
N MET T 194 2.77 46.68 12.33
CA MET T 194 1.86 46.02 13.26
C MET T 194 2.01 46.75 14.60
N PRO T 195 1.15 47.76 14.85
CA PRO T 195 1.34 48.81 15.87
C PRO T 195 1.44 48.32 17.31
N SER T 196 0.68 47.28 17.65
CA SER T 196 0.75 46.67 18.97
C SER T 196 2.10 46.04 19.25
N LEU T 197 2.72 45.50 18.19
CA LEU T 197 4.01 44.83 18.30
C LEU T 197 5.20 45.74 18.03
N ASN T 198 4.93 46.98 17.64
CA ASN T 198 5.95 47.92 17.18
C ASN T 198 6.87 47.30 16.14
N GLN T 199 6.28 46.57 15.21
CA GLN T 199 7.01 45.90 14.14
C GLN T 199 6.69 46.57 12.80
N VAL T 200 7.74 47.02 12.12
CA VAL T 200 7.56 47.64 10.84
C VAL T 200 7.43 46.60 9.74
N THR T 201 6.41 46.79 8.93
CA THR T 201 5.98 45.81 7.95
C THR T 201 6.36 46.22 6.52
N LEU T 202 6.25 47.51 6.23
CA LEU T 202 6.63 48.09 4.96
C LEU T 202 7.42 49.34 5.30
N PHE T 203 8.53 49.54 4.59
CA PHE T 203 9.32 50.76 4.80
C PHE T 203 10.08 51.21 3.55
N GLN T 204 9.66 52.34 3.00
CA GLN T 204 10.28 52.89 1.80
C GLN T 204 10.49 54.38 1.89
N LEU T 205 11.53 54.86 1.23
CA LEU T 205 11.74 56.28 1.05
C LEU T 205 12.20 56.55 -0.37
N ASN T 206 11.45 57.39 -1.06
CA ASN T 206 11.94 58.03 -2.27
C ASN T 206 12.06 59.53 -2.05
N GLY T 207 13.19 60.07 -2.48
CA GLY T 207 13.47 61.47 -2.27
C GLY T 207 14.73 61.60 -1.47
N SER T 208 14.76 62.54 -0.56
CA SER T 208 16.00 62.90 0.08
C SER T 208 15.72 63.45 1.48
N MET T 209 16.52 63.00 2.45
CA MET T 209 16.40 63.42 3.85
C MET T 209 17.72 63.33 4.58
N THR T 210 17.93 64.19 5.56
CA THR T 210 19.07 64.05 6.46
C THR T 210 18.63 63.05 7.51
N PRO T 211 19.59 62.37 8.14
CA PRO T 211 19.25 61.40 9.19
C PRO T 211 18.30 61.96 10.23
N ASP T 212 18.52 63.22 10.62
CA ASP T 212 17.67 63.89 11.60
C ASP T 212 16.24 64.00 11.11
N GLU T 213 16.09 64.48 9.88
CA GLU T 213 14.78 64.60 9.26
C GLU T 213 14.13 63.24 9.20
N PHE T 214 14.91 62.23 8.84
CA PHE T 214 14.45 60.86 8.78
C PHE T 214 13.87 60.45 10.12
N ARG T 215 14.62 60.73 11.19
CA ARG T 215 14.16 60.36 12.52
C ARG T 215 12.90 61.11 12.96
N GLN T 216 12.83 62.41 12.67
CA GLN T 216 11.65 63.21 12.98
C GLN T 216 10.42 62.70 12.27
N ALA T 217 10.55 62.48 10.97
CA ALA T 217 9.48 61.98 10.13
C ALA T 217 8.97 60.63 10.63
N PHE T 218 9.92 59.79 11.00
CA PHE T 218 9.63 58.47 11.55
C PHE T 218 8.74 58.56 12.80
N ASP T 219 9.05 59.49 13.71
CA ASP T 219 8.22 59.72 14.92
C ASP T 219 6.79 60.11 14.59
N LEU T 220 6.65 61.00 13.62
CA LEU T 220 5.36 61.53 13.22
C LEU T 220 4.49 60.44 12.61
N ALA T 221 5.12 59.53 11.87
CA ALA T 221 4.41 58.43 11.24
C ALA T 221 3.75 57.53 12.29
N VAL T 222 4.45 57.36 13.41
CA VAL T 222 4.00 56.49 14.48
C VAL T 222 2.73 57.02 15.11
N LYS T 223 2.69 58.32 15.35
CA LYS T 223 1.48 58.91 15.93
C LYS T 223 0.31 58.77 14.97
N GLY T 224 0.57 59.00 13.69
CA GLY T 224 -0.45 58.84 12.65
C GLY T 224 -0.95 57.41 12.60
N ILE T 225 0.01 56.48 12.52
CA ILE T 225 -0.29 55.07 12.46
C ILE T 225 -1.16 54.65 13.65
N ASN T 226 -0.81 55.14 14.85
CA ASN T 226 -1.55 54.79 16.05
C ASN T 226 -3.00 55.26 16.00
N ILE T 227 -3.27 56.37 15.37
CA ILE T 227 -4.64 56.85 15.25
C ILE T 227 -5.41 55.99 14.26
N ILE T 228 -4.76 55.68 13.14
CA ILE T 228 -5.34 54.82 12.12
C ILE T 228 -5.67 53.45 12.70
N TYR T 229 -4.74 52.93 13.49
CA TYR T 229 -4.88 51.61 14.10
C TYR T 229 -6.18 51.50 14.93
N ASN T 230 -6.46 52.54 15.72
CA ASN T 230 -7.67 52.53 16.54
C ASN T 230 -8.91 52.47 15.69
N LEU T 231 -8.85 53.14 14.54
CA LEU T 231 -9.97 53.16 13.61
C LEU T 231 -10.18 51.79 13.00
N GLU T 232 -9.07 51.12 12.69
CA GLU T 232 -9.11 49.78 12.15
C GLU T 232 -9.76 48.85 13.15
N ARG T 233 -9.31 48.93 14.40
CA ARG T 233 -9.88 48.15 15.49
C ARG T 233 -11.39 48.34 15.60
N GLU T 234 -11.82 49.59 15.50
CA GLU T 234 -13.23 49.90 15.62
C GLU T 234 -14.00 49.38 14.41
N ALA T 235 -13.41 49.48 13.22
CA ALA T 235 -14.00 48.96 11.98
C ALA T 235 -14.27 47.48 12.09
N LEU T 236 -13.40 46.78 12.81
CA LEU T 236 -13.52 45.36 13.06
C LEU T 236 -14.80 45.01 13.83
N LYS T 237 -15.17 45.86 14.79
CA LYS T 237 -16.36 45.62 15.62
C LYS T 237 -17.64 46.07 14.93
N SER T 238 -17.61 47.25 14.32
CA SER T 238 -18.81 47.86 13.78
C SER T 238 -18.97 47.72 12.27
N LYS T 239 -17.94 47.20 11.61
CA LYS T 239 -17.95 47.01 10.15
C LYS T 239 -17.93 48.30 9.33
N TYR T 240 -18.04 49.44 10.02
CA TYR T 240 -18.10 50.74 9.36
C TYR T 240 -17.57 51.87 10.26
N VAL T 241 -16.64 52.65 9.72
CA VAL T 241 -16.01 53.74 10.47
C VAL T 241 -15.79 54.98 9.60
N GLU T 242 -16.25 56.13 10.08
CA GLU T 242 -15.92 57.41 9.45
C GLU T 242 -15.13 58.28 10.41
N PHE T 243 -14.11 58.93 9.90
CA PHE T 243 -13.24 59.75 10.71
C PHE T 243 -12.92 61.00 9.92
N LYS T 244 -13.40 62.15 10.40
CA LYS T 244 -13.08 63.45 9.81
C LYS T 244 -11.65 63.82 10.17
N GLU T 245 -10.98 64.60 9.31
CA GLU T 245 -9.56 64.97 9.50
C GLU T 245 -9.31 65.63 10.84
N GLU T 246 -8.20 65.30 11.48
CA GLU T 246 -7.74 66.03 12.67
C GLU T 246 -6.28 65.80 13.01
N GLY T 247 -5.78 66.65 13.91
CA GLY T 247 -4.39 66.67 14.34
C GLY T 247 -3.97 65.46 15.16
N VAL T 248 -2.70 65.11 15.03
CA VAL T 248 -2.08 64.00 15.78
C VAL T 248 -1.94 64.36 17.27
N MET U 1 14.65 30.16 -23.01
CA MET U 1 14.95 28.76 -22.58
C MET U 1 14.56 27.70 -23.63
N SER U 2 15.52 26.86 -24.01
CA SER U 2 15.30 25.72 -24.90
C SER U 2 15.55 24.39 -24.16
N SER U 3 14.54 23.54 -24.14
CA SER U 3 14.64 22.27 -23.42
C SER U 3 14.23 21.07 -24.23
N THR U 4 14.78 19.92 -23.88
CA THR U 4 14.47 18.65 -24.54
C THR U 4 12.98 18.40 -24.48
N PRO U 5 12.34 18.22 -25.65
CA PRO U 5 10.89 17.96 -25.70
C PRO U 5 10.46 16.71 -24.92
N SER U 6 9.54 16.87 -23.97
CA SER U 6 9.06 15.78 -23.12
C SER U 6 7.93 14.97 -23.76
N ASN U 7 7.31 15.54 -24.78
CA ASN U 7 6.29 14.87 -25.57
C ASN U 7 6.83 13.86 -26.59
N GLN U 8 8.03 14.09 -27.15
CA GLN U 8 8.47 13.31 -28.33
C GLN U 8 8.10 11.83 -28.23
N ASN U 9 7.83 11.24 -29.40
CA ASN U 9 7.63 9.82 -29.45
C ASN U 9 8.98 9.15 -29.26
N ILE U 10 9.03 8.26 -28.27
CA ILE U 10 10.13 7.29 -28.14
C ILE U 10 9.66 5.98 -28.79
N ILE U 11 10.37 5.60 -29.85
CA ILE U 11 9.97 4.49 -30.73
C ILE U 11 10.81 3.22 -30.46
N PRO U 12 10.14 2.12 -30.01
CA PRO U 12 10.81 0.95 -29.45
C PRO U 12 11.94 0.39 -30.30
N ILE U 13 12.95 -0.18 -29.63
CA ILE U 13 14.14 -0.70 -30.30
C ILE U 13 13.76 -1.73 -31.35
N ILE U 14 12.75 -2.55 -31.05
CA ILE U 14 12.28 -3.62 -31.92
C ILE U 14 11.84 -3.08 -33.27
N LYS U 15 11.07 -2.00 -33.26
CA LYS U 15 10.61 -1.39 -34.49
C LYS U 15 11.76 -0.74 -35.25
N LYS U 16 12.70 -0.15 -34.51
CA LYS U 16 13.86 0.48 -35.13
C LYS U 16 14.70 -0.53 -35.88
N GLU U 17 14.95 -1.67 -35.24
CA GLU U 17 15.70 -2.74 -35.86
C GLU U 17 15.00 -3.21 -37.13
N SER U 18 13.68 -3.27 -37.11
CA SER U 18 12.89 -3.62 -38.27
C SER U 18 13.26 -2.78 -39.45
N ILE U 19 13.28 -1.47 -39.21
CA ILE U 19 13.53 -0.52 -40.25
C ILE U 19 14.98 -0.59 -40.72
N VAL U 20 15.90 -0.75 -39.77
CA VAL U 20 17.32 -0.85 -40.12
C VAL U 20 17.55 -2.07 -40.99
N SER U 21 16.95 -3.19 -40.61
CA SER U 21 17.04 -4.46 -41.36
C SER U 21 16.66 -4.29 -42.82
N LEU U 22 15.71 -3.40 -43.10
CA LEU U 22 15.30 -3.07 -44.46
C LEU U 22 16.35 -2.24 -45.17
N PHE U 23 16.92 -1.28 -44.46
CA PHE U 23 17.98 -0.41 -45.00
C PHE U 23 19.18 -1.21 -45.48
N GLU U 24 19.42 -2.32 -44.76
CA GLU U 24 20.53 -3.17 -45.02
C GLU U 24 20.33 -3.83 -46.38
N LYS U 25 19.07 -3.95 -46.78
CA LYS U 25 18.74 -4.47 -48.10
C LYS U 25 18.51 -3.33 -49.08
N GLY U 26 18.65 -2.10 -48.60
CA GLY U 26 18.55 -0.91 -49.44
C GLY U 26 17.13 -0.60 -49.85
N ILE U 27 16.23 -0.72 -48.89
CA ILE U 27 14.82 -0.44 -49.15
C ILE U 27 14.16 0.05 -47.87
N ARG U 28 13.07 0.80 -48.02
CA ARG U 28 12.34 1.33 -46.88
C ARG U 28 10.93 0.77 -46.76
N GLN U 29 10.24 1.14 -45.70
CA GLN U 29 8.88 0.66 -45.41
C GLN U 29 7.94 0.91 -46.58
N ASP U 30 7.96 2.13 -47.10
CA ASP U 30 7.09 2.52 -48.22
C ASP U 30 7.58 1.97 -49.56
N GLY U 31 8.77 1.38 -49.57
CA GLY U 31 9.26 0.68 -50.73
C GLY U 31 10.22 1.47 -51.59
N ARG U 32 10.55 2.68 -51.17
CA ARG U 32 11.51 3.46 -51.95
C ARG U 32 12.95 3.18 -51.56
N LYS U 33 13.86 3.66 -52.38
CA LYS U 33 15.29 3.46 -52.16
C LYS U 33 15.80 4.50 -51.17
N LEU U 34 17.00 4.28 -50.68
CA LEU U 34 17.58 5.17 -49.68
C LEU U 34 17.73 6.60 -50.20
N THR U 35 17.80 6.77 -51.52
CA THR U 35 18.04 8.07 -52.11
C THR U 35 16.80 8.68 -52.77
N ASP U 36 15.66 7.99 -52.67
CA ASP U 36 14.41 8.47 -53.29
C ASP U 36 13.65 9.51 -52.49
N TYR U 37 13.00 10.42 -53.22
CA TYR U 37 12.04 11.31 -52.60
C TYR U 37 10.65 10.67 -52.56
N ARG U 38 9.80 11.17 -51.69
CA ARG U 38 8.40 10.77 -51.67
C ARG U 38 7.66 11.42 -52.85
N PRO U 39 6.45 10.93 -53.18
CA PRO U 39 5.66 11.51 -54.27
C PRO U 39 5.34 12.96 -53.98
N LEU U 40 5.47 13.81 -54.99
CA LEU U 40 5.28 15.26 -54.81
C LEU U 40 4.08 15.83 -55.58
N SER U 41 3.18 16.48 -54.85
CA SER U 41 2.06 17.23 -55.42
C SER U 41 2.24 18.69 -55.13
N ILE U 42 2.03 19.53 -56.14
CA ILE U 42 1.93 20.95 -55.90
C ILE U 42 0.68 21.52 -56.57
N THR U 43 -0.13 22.20 -55.78
CA THR U 43 -1.31 22.89 -56.27
C THR U 43 -1.14 24.40 -56.07
N LEU U 44 -1.08 25.13 -57.17
CA LEU U 44 -0.86 26.56 -57.13
C LEU U 44 -2.17 27.28 -56.94
N ASP U 45 -2.09 28.48 -56.35
CA ASP U 45 -3.25 29.36 -56.13
C ASP U 45 -4.38 28.66 -55.34
N TYR U 46 -3.99 27.85 -54.36
CA TYR U 46 -4.93 27.12 -53.53
C TYR U 46 -5.70 28.07 -52.61
N ALA U 47 -5.00 29.06 -52.04
CA ALA U 47 -5.61 30.08 -51.17
C ALA U 47 -5.89 31.32 -52.00
N LYS U 48 -7.15 31.49 -52.39
CA LYS U 48 -7.53 32.47 -53.41
C LYS U 48 -7.25 33.91 -53.05
N LYS U 49 -7.48 34.25 -51.78
CA LYS U 49 -7.28 35.62 -51.30
C LYS U 49 -5.83 35.96 -51.01
N ALA U 50 -4.93 35.02 -51.27
CA ALA U 50 -3.49 35.28 -51.21
C ALA U 50 -3.01 35.84 -52.55
N ASP U 51 -1.94 36.64 -52.50
CA ASP U 51 -1.33 37.19 -53.71
C ASP U 51 -0.71 36.09 -54.56
N GLY U 52 -0.20 35.07 -53.88
CA GLY U 52 0.33 33.86 -54.52
C GLY U 52 0.32 32.78 -53.45
N SER U 53 0.07 31.53 -53.85
CA SER U 53 -0.01 30.44 -52.87
C SER U 53 0.25 29.07 -53.50
N ALA U 54 0.56 28.10 -52.65
CA ALA U 54 0.86 26.73 -53.08
C ALA U 54 0.55 25.70 -52.00
N LEU U 55 -0.11 24.63 -52.38
CA LEU U 55 -0.33 23.50 -51.49
C LEU U 55 0.59 22.36 -51.89
N VAL U 56 1.50 21.99 -51.01
CA VAL U 56 2.47 20.96 -51.30
C VAL U 56 2.15 19.68 -50.52
N LYS U 57 2.03 18.57 -51.24
CA LYS U 57 1.95 17.27 -50.60
C LYS U 57 3.23 16.50 -50.92
N LEU U 58 4.02 16.23 -49.89
CA LEU U 58 5.21 15.40 -50.01
C LEU U 58 5.01 14.20 -49.08
N GLY U 59 4.72 13.06 -49.66
CA GLY U 59 4.30 11.91 -48.86
C GLY U 59 3.06 12.35 -48.13
N THR U 60 3.04 12.15 -46.82
CA THR U 60 1.89 12.54 -45.99
C THR U 60 2.06 13.93 -45.39
N THR U 61 3.17 14.60 -45.66
CA THR U 61 3.35 15.98 -45.21
C THR U 61 2.59 16.96 -46.11
N MET U 62 1.81 17.85 -45.50
CA MET U 62 1.15 18.94 -46.22
C MET U 62 1.57 20.30 -45.72
N VAL U 63 1.90 21.17 -46.66
CA VAL U 63 2.24 22.55 -46.35
C VAL U 63 1.50 23.51 -47.31
N LEU U 64 0.80 24.47 -46.76
CA LEU U 64 0.25 25.56 -47.52
C LEU U 64 1.01 26.86 -47.22
N ALA U 65 1.70 27.37 -48.24
CA ALA U 65 2.38 28.67 -48.14
C ALA U 65 1.57 29.70 -48.89
N GLY U 66 1.56 30.93 -48.38
CA GLY U 66 0.79 32.02 -48.98
C GLY U 66 1.50 33.34 -48.82
N THR U 67 1.50 34.14 -49.89
CA THR U 67 2.14 35.46 -49.86
C THR U 67 1.13 36.59 -49.81
N LYS U 68 1.58 37.69 -49.22
CA LYS U 68 0.81 38.91 -49.14
C LYS U 68 1.79 40.07 -49.32
N LEU U 69 1.47 40.98 -50.24
CA LEU U 69 2.35 42.11 -50.53
C LEU U 69 1.77 43.40 -49.99
N GLU U 70 2.62 44.19 -49.35
CA GLU U 70 2.23 45.47 -48.79
C GLU U 70 3.31 46.52 -48.96
N ILE U 71 2.90 47.77 -49.08
CA ILE U 71 3.84 48.85 -49.28
C ILE U 71 4.29 49.38 -47.93
N ASP U 72 5.60 49.41 -47.73
CA ASP U 72 6.19 49.89 -46.49
C ASP U 72 7.30 50.89 -46.76
N LYS U 73 7.57 51.76 -45.78
CA LYS U 73 8.81 52.53 -45.77
C LYS U 73 9.94 51.51 -45.54
N PRO U 74 11.04 51.63 -46.30
CA PRO U 74 12.16 50.68 -46.09
C PRO U 74 12.80 50.84 -44.71
N TYR U 75 13.34 49.72 -44.17
CA TYR U 75 13.92 49.60 -42.81
C TYR U 75 15.24 50.36 -42.64
N GLU U 76 15.22 51.44 -41.85
CA GLU U 76 16.35 52.37 -41.59
C GLU U 76 17.77 51.99 -42.06
N ASP U 77 18.19 50.73 -41.84
CA ASP U 77 19.51 50.26 -42.27
C ASP U 77 19.59 49.98 -43.79
N THR U 78 18.57 49.31 -44.34
CA THR U 78 18.54 48.79 -45.72
C THR U 78 17.67 49.65 -46.65
N PRO U 79 18.21 50.80 -47.11
CA PRO U 79 17.41 51.84 -47.78
C PRO U 79 16.95 51.49 -49.20
N ASN U 80 17.67 50.56 -49.84
CA ASN U 80 17.38 50.19 -51.24
C ASN U 80 17.03 48.71 -51.39
N GLN U 81 16.18 48.25 -50.48
CA GLN U 81 15.71 46.88 -50.48
C GLN U 81 14.26 46.84 -50.06
N GLY U 82 13.50 45.99 -50.71
CA GLY U 82 12.20 45.59 -50.19
C GLY U 82 12.41 44.65 -49.02
N ASN U 83 11.32 44.14 -48.47
CA ASN U 83 11.41 43.28 -47.30
C ASN U 83 10.86 41.90 -47.54
N LEU U 84 11.53 40.89 -46.98
CA LEU U 84 10.98 39.55 -46.93
C LEU U 84 10.79 39.15 -45.49
N ILE U 85 9.57 38.78 -45.13
CA ILE U 85 9.29 38.24 -43.81
C ILE U 85 8.67 36.85 -43.92
N VAL U 86 9.40 35.85 -43.44
CA VAL U 86 8.96 34.47 -43.53
C VAL U 86 8.44 34.05 -42.18
N ASN U 87 7.36 33.29 -42.19
CA ASN U 87 6.75 32.85 -40.97
C ASN U 87 6.15 31.47 -41.11
N VAL U 88 6.45 30.59 -40.16
CA VAL U 88 6.01 29.21 -40.23
C VAL U 88 5.14 28.84 -39.04
N GLU U 89 4.08 28.10 -39.31
CA GLU U 89 3.22 27.62 -38.24
C GLU U 89 2.96 26.14 -38.33
N LEU U 90 3.20 25.46 -37.22
CA LEU U 90 2.89 24.05 -37.08
C LEU U 90 1.56 23.99 -36.35
N LEU U 91 0.65 23.14 -36.83
CA LEU U 91 -0.70 23.10 -36.27
C LEU U 91 -1.05 21.83 -35.49
N PRO U 92 -0.57 20.64 -35.94
CA PRO U 92 -0.86 19.41 -35.19
C PRO U 92 -0.45 19.41 -33.69
N ASP U 104 6.60 29.16 -31.61
CA ASP U 104 7.10 27.85 -31.19
C ASP U 104 8.61 27.87 -30.91
N GLU U 105 9.42 27.30 -31.84
CA GLU U 105 10.87 27.13 -31.71
C GLU U 105 11.37 26.38 -32.93
N ASN U 106 10.73 25.24 -33.18
CA ASN U 106 10.94 24.50 -34.41
C ASN U 106 10.39 25.30 -35.56
N ALA U 107 9.24 25.94 -35.31
CA ALA U 107 8.60 26.84 -36.27
C ALA U 107 9.51 28.04 -36.61
N ILE U 108 10.16 28.60 -35.59
CA ILE U 108 11.10 29.67 -35.83
C ILE U 108 12.32 29.16 -36.64
N GLU U 109 12.90 28.04 -36.22
CA GLU U 109 14.04 27.46 -36.93
C GLU U 109 13.72 27.29 -38.42
N LEU U 110 12.62 26.60 -38.72
CA LEU U 110 12.17 26.39 -40.10
C LEU U 110 12.04 27.70 -40.85
N ALA U 111 11.33 28.68 -40.27
CA ALA U 111 11.17 30.00 -40.88
C ALA U 111 12.53 30.61 -41.24
N ARG U 112 13.45 30.60 -40.29
CA ARG U 112 14.76 31.18 -40.51
C ARG U 112 15.60 30.41 -41.56
N VAL U 113 15.57 29.09 -41.52
CA VAL U 113 16.34 28.30 -42.47
C VAL U 113 15.86 28.61 -43.88
N VAL U 114 14.54 28.53 -44.06
CA VAL U 114 13.90 28.87 -45.32
C VAL U 114 14.27 30.29 -45.75
N ASP U 115 14.06 31.25 -44.86
CA ASP U 115 14.44 32.64 -45.09
C ASP U 115 15.87 32.75 -45.61
N ARG U 116 16.82 32.22 -44.83
CA ARG U 116 18.23 32.27 -45.17
C ARG U 116 18.51 31.76 -46.57
N SER U 117 17.87 30.65 -46.93
CA SER U 117 18.13 30.03 -48.23
C SER U 117 17.55 30.87 -49.36
N LEU U 118 16.43 31.56 -49.12
CA LEU U 118 15.86 32.44 -50.12
C LEU U 118 16.66 33.72 -50.28
N ARG U 119 17.14 34.25 -49.14
CA ARG U 119 17.79 35.57 -49.06
C ARG U 119 19.24 35.54 -49.52
N ASP U 120 20.02 34.60 -48.98
CA ASP U 120 21.45 34.46 -49.32
C ASP U 120 21.69 34.03 -50.77
N SER U 121 20.75 33.26 -51.31
CA SER U 121 20.84 32.82 -52.71
C SER U 121 20.51 33.96 -53.64
N LYS U 122 19.82 34.96 -53.10
CA LYS U 122 19.17 36.00 -53.90
C LYS U 122 18.30 35.35 -54.99
N ALA U 123 17.57 34.31 -54.58
CA ALA U 123 16.53 33.70 -55.40
C ALA U 123 15.46 34.77 -55.62
N LEU U 124 15.08 35.44 -54.54
CA LEU U 124 14.27 36.64 -54.62
C LEU U 124 15.18 37.84 -54.50
N ASP U 125 15.10 38.75 -55.46
CA ASP U 125 15.93 39.95 -55.44
C ASP U 125 15.19 41.11 -54.76
N LEU U 126 15.61 41.42 -53.54
CA LEU U 126 14.95 42.45 -52.74
C LEU U 126 15.17 43.85 -53.27
N THR U 127 16.29 44.04 -53.97
CA THR U 127 16.65 45.37 -54.48
C THR U 127 15.75 45.80 -55.64
N LYS U 128 15.04 44.82 -56.22
CA LYS U 128 14.07 45.09 -57.28
C LYS U 128 12.66 45.29 -56.74
N LEU U 129 12.51 45.35 -55.43
CA LEU U 129 11.21 45.57 -54.79
C LEU U 129 11.05 47.00 -54.32
N VAL U 130 12.02 47.84 -54.65
CA VAL U 130 11.98 49.27 -54.34
C VAL U 130 11.00 49.93 -55.30
N ILE U 131 10.14 50.78 -54.75
CA ILE U 131 9.22 51.59 -55.56
C ILE U 131 9.76 53.02 -55.66
N GLU U 132 9.59 53.79 -54.57
CA GLU U 132 10.30 55.05 -54.38
C GLU U 132 11.47 54.80 -53.45
N PRO U 133 12.71 54.97 -53.95
CA PRO U 133 13.89 54.71 -53.10
C PRO U 133 13.88 55.54 -51.81
N GLY U 134 14.10 54.87 -50.68
CA GLY U 134 14.06 55.54 -49.37
C GLY U 134 12.67 55.90 -48.88
N LYS U 135 11.74 56.10 -49.81
CA LYS U 135 10.36 56.40 -49.48
C LYS U 135 9.50 55.13 -49.32
N SER U 136 9.42 54.29 -50.34
CA SER U 136 8.48 53.15 -50.32
C SER U 136 8.96 51.89 -51.06
N VAL U 137 8.78 50.74 -50.40
CA VAL U 137 9.18 49.44 -50.95
C VAL U 137 8.09 48.39 -50.74
N TRP U 138 8.19 47.27 -51.45
CA TRP U 138 7.31 46.13 -51.22
C TRP U 138 7.80 45.27 -50.05
N THR U 139 6.87 44.90 -49.18
CA THR U 139 7.14 43.92 -48.15
C THR U 139 6.42 42.65 -48.56
N VAL U 140 7.16 41.56 -48.60
CA VAL U 140 6.61 40.28 -48.97
C VAL U 140 6.45 39.48 -47.70
N TRP U 141 5.21 39.29 -47.28
CA TRP U 141 4.92 38.44 -46.14
C TRP U 141 4.70 37.06 -46.68
N LEU U 142 5.54 36.13 -46.25
CA LEU U 142 5.43 34.73 -46.61
C LEU U 142 5.01 33.95 -45.37
N ASP U 143 3.81 33.40 -45.41
CA ASP U 143 3.27 32.63 -44.29
C ASP U 143 3.06 31.21 -44.70
N VAL U 144 3.74 30.33 -44.00
CA VAL U 144 3.82 28.90 -44.34
C VAL U 144 3.14 28.07 -43.25
N TYR U 145 2.12 27.33 -43.63
CA TYR U 145 1.35 26.57 -42.65
C TYR U 145 1.50 25.08 -42.85
N VAL U 146 2.08 24.42 -41.85
CA VAL U 146 2.22 22.97 -41.88
C VAL U 146 0.89 22.42 -41.41
N LEU U 147 0.20 21.76 -42.32
CA LEU U 147 -1.12 21.26 -42.03
C LEU U 147 -1.10 19.82 -41.60
N ASP U 148 -0.13 19.06 -42.11
CA ASP U 148 0.00 17.63 -41.81
C ASP U 148 1.45 17.27 -41.57
N TYR U 149 1.78 16.84 -40.35
CA TYR U 149 3.16 16.53 -40.05
C TYR U 149 3.51 15.09 -40.44
N GLY U 150 4.16 14.92 -41.59
CA GLY U 150 4.55 13.59 -42.06
C GLY U 150 6.05 13.38 -42.16
N GLY U 151 6.82 14.17 -41.43
CA GLY U 151 8.29 14.08 -41.47
C GLY U 151 8.90 14.86 -42.63
N ASN U 152 10.14 15.31 -42.43
CA ASN U 152 10.85 16.16 -43.39
C ASN U 152 10.05 17.38 -43.80
N VAL U 153 9.62 18.11 -42.80
CA VAL U 153 8.79 19.30 -42.96
C VAL U 153 9.57 20.42 -43.66
N LEU U 154 10.86 20.54 -43.36
CA LEU U 154 11.69 21.59 -43.95
C LEU U 154 11.68 21.61 -45.48
N ASP U 155 11.90 20.44 -46.08
CA ASP U 155 11.96 20.33 -47.52
C ASP U 155 10.63 20.69 -48.17
N ALA U 156 9.54 20.36 -47.50
CA ALA U 156 8.22 20.69 -48.02
C ALA U 156 7.99 22.19 -47.88
N CYS U 157 8.48 22.79 -46.80
CA CYS U 157 8.33 24.24 -46.57
C CYS U 157 9.06 25.05 -47.62
N THR U 158 10.23 24.60 -48.02
CA THR U 158 11.00 25.26 -49.03
C THR U 158 10.23 25.20 -50.34
N LEU U 159 9.76 24.01 -50.68
CA LEU U 159 9.01 23.82 -51.91
C LEU U 159 7.75 24.67 -51.95
N ALA U 160 7.02 24.72 -50.83
CA ALA U 160 5.80 25.51 -50.74
C ALA U 160 6.10 26.99 -50.86
N SER U 161 7.19 27.43 -50.22
CA SER U 161 7.60 28.83 -50.23
C SER U 161 7.98 29.29 -51.62
N VAL U 162 8.84 28.51 -52.27
CA VAL U 162 9.30 28.82 -53.61
C VAL U 162 8.13 28.88 -54.58
N ALA U 163 7.30 27.83 -54.55
CA ALA U 163 6.09 27.80 -55.37
C ALA U 163 5.16 28.99 -55.13
N ALA U 164 4.94 29.34 -53.87
CA ALA U 164 4.09 30.47 -53.53
C ALA U 164 4.65 31.78 -54.11
N LEU U 165 5.97 31.97 -54.01
CA LEU U 165 6.60 33.18 -54.54
C LEU U 165 6.44 33.25 -56.05
N TYR U 166 6.62 32.11 -56.71
CA TYR U 166 6.46 32.05 -58.15
C TYR U 166 5.03 32.24 -58.61
N ASN U 167 4.09 32.00 -57.71
CA ASN U 167 2.68 32.10 -58.03
C ASN U 167 2.19 33.51 -57.78
N THR U 168 3.04 34.32 -57.16
CA THR U 168 2.67 35.65 -56.67
C THR U 168 2.49 36.69 -57.78
N LYS U 169 1.31 37.30 -57.76
CA LYS U 169 0.94 38.38 -58.65
C LYS U 169 1.26 39.69 -57.97
N VAL U 170 1.84 40.62 -58.72
CA VAL U 170 2.10 41.99 -58.24
C VAL U 170 1.08 42.94 -58.88
N TYR U 171 0.58 43.88 -58.09
CA TYR U 171 -0.47 44.80 -58.52
C TYR U 171 0.00 46.21 -58.90
N LYS U 172 -0.88 46.95 -59.58
CA LYS U 172 -0.60 48.31 -60.04
C LYS U 172 -0.47 49.28 -58.86
N VAL U 173 0.45 50.23 -59.01
CA VAL U 173 0.75 51.17 -57.94
C VAL U 173 0.31 52.60 -58.30
N GLU U 174 -0.83 53.04 -57.75
CA GLU U 174 -1.33 54.38 -57.94
C GLU U 174 -0.51 55.41 -57.14
N GLN U 175 0.34 56.16 -57.84
CA GLN U 175 1.20 57.17 -57.22
C GLN U 175 0.74 58.60 -57.55
N ILE U 180 1.57 55.56 -53.48
CA ILE U 180 0.62 56.02 -52.48
C ILE U 180 -0.54 55.04 -52.27
N SER U 181 -1.01 54.41 -53.36
CA SER U 181 -2.14 53.47 -53.29
C SER U 181 -1.95 52.23 -54.17
N VAL U 182 -2.55 51.12 -53.74
CA VAL U 182 -2.50 49.86 -54.49
C VAL U 182 -3.83 49.60 -55.18
N ASN U 183 -3.78 49.12 -56.42
CA ASN U 183 -4.97 48.77 -57.18
C ASN U 183 -5.02 47.27 -57.42
N LYS U 184 -5.84 46.59 -56.62
CA LYS U 184 -5.82 45.13 -56.55
C LYS U 184 -6.61 44.39 -57.63
N ASN U 185 -6.97 45.07 -58.71
CA ASN U 185 -7.62 44.40 -59.84
C ASN U 185 -6.92 44.65 -61.19
N GLU U 186 -5.72 45.21 -61.10
CA GLU U 186 -4.82 45.29 -62.25
C GLU U 186 -3.51 44.64 -61.88
N VAL U 187 -3.25 43.48 -62.46
CA VAL U 187 -2.04 42.71 -62.18
C VAL U 187 -0.89 43.17 -63.09
N VAL U 188 0.07 43.88 -62.51
CA VAL U 188 1.19 44.47 -63.25
C VAL U 188 2.24 43.45 -63.69
N GLY U 189 2.52 42.46 -62.84
CA GLY U 189 3.55 41.46 -63.13
C GLY U 189 3.73 40.41 -62.04
N LYS U 190 4.98 39.96 -61.89
CA LYS U 190 5.32 38.92 -60.92
C LYS U 190 6.52 39.34 -60.08
N LEU U 191 6.88 38.51 -59.10
CA LEU U 191 8.01 38.77 -58.23
C LEU U 191 9.34 38.65 -58.94
N PRO U 192 10.31 39.53 -58.60
CA PRO U 192 11.63 39.48 -59.22
C PRO U 192 12.40 38.27 -58.69
N LEU U 193 12.09 37.11 -59.28
CA LEU U 193 12.74 35.85 -58.91
C LEU U 193 13.79 35.43 -59.92
N ASN U 194 14.97 35.10 -59.42
CA ASN U 194 16.09 34.71 -60.26
C ASN U 194 16.02 33.24 -60.64
N TYR U 195 15.72 32.41 -59.64
CA TYR U 195 15.59 30.96 -59.82
C TYR U 195 14.88 30.36 -58.63
N PRO U 196 14.33 29.15 -58.79
CA PRO U 196 13.86 28.38 -57.64
C PRO U 196 15.05 27.85 -56.80
N VAL U 197 14.75 27.41 -55.59
CA VAL U 197 15.75 26.80 -54.75
C VAL U 197 15.09 25.57 -54.18
N VAL U 198 15.88 24.53 -53.92
CA VAL U 198 15.35 23.38 -53.19
C VAL U 198 16.23 23.09 -52.00
N THR U 199 15.62 22.54 -50.96
CA THR U 199 16.38 22.04 -49.83
C THR U 199 16.21 20.54 -49.78
N ILE U 200 17.33 19.84 -49.66
CA ILE U 200 17.31 18.38 -49.55
C ILE U 200 17.80 17.95 -48.19
N SER U 201 16.98 17.16 -47.49
CA SER U 201 17.33 16.65 -46.18
C SER U 201 17.82 15.20 -46.27
N VAL U 202 18.97 14.96 -45.63
CA VAL U 202 19.54 13.61 -45.55
C VAL U 202 19.65 13.20 -44.10
N ALA U 203 19.00 12.09 -43.76
CA ALA U 203 18.98 11.57 -42.39
C ALA U 203 19.98 10.46 -42.17
N LYS U 204 20.67 10.52 -41.03
CA LYS U 204 21.61 9.49 -40.62
C LYS U 204 20.86 8.54 -39.73
N VAL U 205 20.65 7.32 -40.20
CA VAL U 205 20.01 6.31 -39.37
C VAL U 205 20.96 5.11 -39.30
N ASP U 206 21.41 4.79 -38.10
CA ASP U 206 22.40 3.76 -37.88
C ASP U 206 23.62 4.13 -38.70
N LYS U 207 24.01 3.27 -39.62
CA LYS U 207 25.15 3.56 -40.51
C LYS U 207 24.69 3.92 -41.93
N TYR U 208 23.41 4.26 -42.06
CA TYR U 208 22.82 4.51 -43.37
C TYR U 208 22.42 5.97 -43.52
N LEU U 209 22.47 6.46 -44.75
CA LEU U 209 21.98 7.78 -45.07
C LEU U 209 20.73 7.64 -45.91
N VAL U 210 19.72 8.39 -45.53
CA VAL U 210 18.42 8.27 -46.15
C VAL U 210 17.90 9.66 -46.55
N VAL U 211 17.43 9.78 -47.80
CA VAL U 211 16.92 11.06 -48.33
C VAL U 211 15.46 11.23 -48.01
N ASP U 212 15.05 12.44 -47.62
CA ASP U 212 13.64 12.73 -47.34
C ASP U 212 13.05 11.73 -46.31
N PRO U 213 13.50 11.79 -45.04
CA PRO U 213 13.02 10.83 -44.05
C PRO U 213 11.56 11.01 -43.73
N ASP U 214 10.82 9.92 -43.58
CA ASP U 214 9.42 10.03 -43.18
C ASP U 214 9.30 10.12 -41.66
N LEU U 215 8.06 10.09 -41.17
CA LEU U 215 7.79 10.27 -39.75
C LEU U 215 8.54 9.25 -38.91
N ASP U 216 8.39 7.97 -39.25
CA ASP U 216 9.08 6.91 -38.52
C ASP U 216 10.59 7.07 -38.61
N GLU U 217 11.08 7.38 -39.81
CA GLU U 217 12.51 7.52 -40.02
C GLU U 217 13.10 8.64 -39.18
N GLU U 218 12.36 9.73 -39.06
CA GLU U 218 12.82 10.88 -38.28
C GLU U 218 12.92 10.58 -36.79
N SER U 219 12.04 9.70 -36.30
CA SER U 219 12.05 9.38 -34.88
C SER U 219 13.18 8.43 -34.46
N ILE U 220 13.80 7.77 -35.45
CA ILE U 220 14.87 6.82 -35.15
C ILE U 220 16.23 7.31 -35.59
N MET U 221 16.26 8.40 -36.34
CA MET U 221 17.52 8.92 -36.84
C MET U 221 18.44 9.41 -35.73
N ASP U 222 19.73 9.43 -35.99
CA ASP U 222 20.69 10.07 -35.10
C ASP U 222 20.55 11.57 -35.29
N ALA U 223 20.63 12.00 -36.54
CA ALA U 223 20.56 13.41 -36.89
C ALA U 223 20.23 13.52 -38.38
N LYS U 224 19.79 14.70 -38.80
CA LYS U 224 19.65 14.97 -40.23
C LYS U 224 20.37 16.26 -40.63
N ILE U 225 20.72 16.33 -41.90
CA ILE U 225 21.39 17.51 -42.43
C ILE U 225 20.70 17.98 -43.71
N SER U 226 20.39 19.27 -43.79
CA SER U 226 19.65 19.81 -44.93
C SER U 226 20.52 20.75 -45.74
N PHE U 227 20.60 20.47 -47.04
CA PHE U 227 21.36 21.30 -47.96
C PHE U 227 20.42 22.02 -48.90
N SER U 228 20.69 23.30 -49.12
CA SER U 228 19.92 24.10 -50.07
C SER U 228 20.74 24.37 -51.32
N TYR U 229 20.13 24.13 -52.47
CA TYR U 229 20.83 24.33 -53.76
C TYR U 229 20.11 25.28 -54.71
N THR U 230 20.92 25.96 -55.51
CA THR U 230 20.43 26.69 -56.66
C THR U 230 20.54 25.77 -57.87
N PRO U 231 19.83 26.12 -58.98
CA PRO U 231 19.83 25.28 -60.18
C PRO U 231 21.20 24.95 -60.76
N ASP U 232 22.17 25.84 -60.69
CA ASP U 232 23.50 25.41 -61.12
C ASP U 232 24.31 24.93 -59.91
N LEU U 233 23.58 24.38 -58.94
CA LEU U 233 24.10 23.51 -57.89
C LEU U 233 25.15 24.15 -57.00
N LYS U 234 24.93 25.43 -56.68
CA LYS U 234 25.68 26.08 -55.62
C LYS U 234 24.98 25.78 -54.29
N ILE U 235 25.78 25.48 -53.26
CA ILE U 235 25.25 25.31 -51.89
C ILE U 235 24.91 26.69 -51.35
N VAL U 236 23.70 26.81 -50.81
CA VAL U 236 23.13 28.11 -50.44
C VAL U 236 22.62 28.14 -48.99
N GLY U 237 22.63 26.97 -48.35
CA GLY U 237 22.40 26.86 -46.92
C GLY U 237 22.66 25.45 -46.47
N ILE U 238 23.20 25.30 -45.26
CA ILE U 238 23.27 24.02 -44.58
C ILE U 238 22.77 24.16 -43.13
N GLN U 239 21.95 23.18 -42.71
CA GLN U 239 21.48 23.10 -41.34
C GLN U 239 21.47 21.64 -40.84
N LYS U 240 22.30 21.36 -39.85
CA LYS U 240 22.22 20.08 -39.15
C LYS U 240 21.08 20.15 -38.13
N SER U 241 20.41 19.03 -37.96
CA SER U 241 19.25 18.95 -37.11
C SER U 241 19.28 17.63 -36.35
N GLY U 242 18.68 17.62 -35.16
CA GLY U 242 18.53 16.39 -34.40
C GLY U 242 19.45 16.28 -33.21
N LYS U 243 19.15 15.35 -32.33
CA LYS U 243 19.79 15.27 -31.02
C LYS U 243 21.02 14.37 -31.03
N GLY U 244 21.38 13.88 -32.22
CA GLY U 244 22.57 13.06 -32.34
C GLY U 244 23.63 13.73 -33.16
N SER U 245 24.75 13.04 -33.34
CA SER U 245 25.85 13.57 -34.11
C SER U 245 26.02 12.80 -35.42
N MET U 246 27.03 13.17 -36.19
CA MET U 246 27.26 12.66 -37.53
C MET U 246 28.74 12.79 -37.81
N SER U 247 29.33 11.80 -38.46
CA SER U 247 30.77 11.87 -38.78
C SER U 247 31.10 12.81 -39.94
N LEU U 248 32.39 13.12 -40.08
CA LEU U 248 32.87 13.95 -41.17
C LEU U 248 32.48 13.34 -42.50
N GLN U 249 32.76 12.06 -42.66
CA GLN U 249 32.48 11.37 -43.91
C GLN U 249 31.00 11.19 -44.18
N ASP U 250 30.20 11.11 -43.11
CA ASP U 250 28.75 11.06 -43.26
C ASP U 250 28.28 12.31 -44.00
N ILE U 251 28.79 13.46 -43.54
CA ILE U 251 28.42 14.77 -44.09
C ILE U 251 28.92 14.90 -45.54
N ASP U 252 30.16 14.45 -45.78
CA ASP U 252 30.70 14.40 -47.11
C ASP U 252 29.76 13.64 -48.07
N GLN U 253 29.41 12.40 -47.73
CA GLN U 253 28.51 11.59 -48.55
C GLN U 253 27.12 12.17 -48.67
N ALA U 254 26.64 12.75 -47.56
CA ALA U 254 25.31 13.32 -47.51
C ALA U 254 25.16 14.42 -48.56
N GLU U 255 26.18 15.27 -48.69
CA GLU U 255 26.10 16.40 -49.60
C GLU U 255 26.17 15.91 -51.04
N ASN U 256 27.04 14.93 -51.30
CA ASN U 256 27.06 14.25 -52.59
C ASN U 256 25.69 13.72 -52.98
N THR U 257 25.10 12.94 -52.08
CA THR U 257 23.77 12.40 -52.28
C THR U 257 22.77 13.53 -52.48
N ALA U 258 22.82 14.52 -51.60
CA ALA U 258 21.87 15.63 -51.64
C ALA U 258 21.89 16.32 -53.00
N ARG U 259 23.09 16.47 -53.55
CA ARG U 259 23.28 17.22 -54.77
C ARG U 259 22.65 16.53 -55.94
N SER U 260 22.92 15.23 -56.11
CA SER U 260 22.38 14.51 -57.24
C SER U 260 20.88 14.28 -57.10
N THR U 261 20.36 14.43 -55.88
CA THR U 261 18.93 14.44 -55.64
C THR U 261 18.32 15.78 -56.06
N ALA U 262 19.06 16.85 -55.79
CA ALA U 262 18.61 18.21 -56.05
C ALA U 262 18.23 18.40 -57.50
N VAL U 263 19.00 17.78 -58.40
CA VAL U 263 18.77 17.89 -59.83
C VAL U 263 17.38 17.38 -60.20
N LYS U 264 17.05 16.17 -59.79
CA LYS U 264 15.73 15.60 -60.02
C LYS U 264 14.62 16.45 -59.41
N LEU U 265 14.82 16.90 -58.17
CA LEU U 265 13.79 17.64 -57.46
C LEU U 265 13.55 18.99 -58.13
N LEU U 266 14.62 19.63 -58.60
CA LEU U 266 14.48 20.91 -59.30
C LEU U 266 13.70 20.79 -60.58
N GLU U 267 13.96 19.72 -61.32
CA GLU U 267 13.23 19.44 -62.54
C GLU U 267 11.75 19.27 -62.26
N GLU U 268 11.43 18.52 -61.22
CA GLU U 268 10.04 18.24 -60.87
C GLU U 268 9.33 19.49 -60.38
N LEU U 269 10.04 20.30 -59.60
CA LEU U 269 9.52 21.57 -59.12
C LEU U 269 9.16 22.47 -60.30
N LYS U 270 10.03 22.50 -61.30
CA LYS U 270 9.85 23.37 -62.45
C LYS U 270 8.63 22.95 -63.26
N LYS U 271 8.43 21.65 -63.42
CA LYS U 271 7.23 21.13 -64.07
C LYS U 271 5.98 21.62 -63.37
N HIS U 272 6.00 21.61 -62.04
CA HIS U 272 4.86 22.09 -61.28
C HIS U 272 4.64 23.59 -61.47
N LEU U 273 5.74 24.35 -61.48
CA LEU U 273 5.66 25.81 -61.61
C LEU U 273 5.38 26.30 -63.02
N GLY U 274 5.46 25.39 -64.00
CA GLY U 274 5.50 25.76 -65.41
C GLY U 274 6.86 26.40 -65.72
N ILE U 275 7.92 25.72 -65.24
CA ILE U 275 9.32 26.20 -65.19
C ILE U 275 9.48 27.58 -64.49
N LEU V 5 30.50 58.67 -50.45
CA LEU V 5 31.77 59.30 -49.94
C LEU V 5 32.52 58.26 -49.13
N GLN V 6 32.26 58.23 -47.82
CA GLN V 6 32.66 57.14 -46.97
C GLN V 6 32.18 55.85 -47.64
N VAL V 7 33.10 54.88 -47.80
CA VAL V 7 32.85 53.67 -48.60
C VAL V 7 32.10 52.62 -47.77
N GLU V 8 31.67 51.53 -48.40
CA GLU V 8 30.91 50.45 -47.73
C GLU V 8 31.77 49.19 -47.60
N ARG V 9 31.71 48.33 -48.63
CA ARG V 9 32.53 47.14 -48.73
C ARG V 9 33.97 47.48 -48.40
N PRO V 10 34.53 46.82 -47.37
CA PRO V 10 35.98 46.83 -47.19
C PRO V 10 36.64 45.63 -47.88
N LYS V 11 37.64 45.90 -48.72
CA LYS V 11 38.49 44.87 -49.27
C LYS V 11 38.91 43.97 -48.11
N LEU V 12 38.32 42.78 -48.02
CA LEU V 12 38.57 41.90 -46.88
C LEU V 12 39.93 41.22 -46.95
N ILE V 13 40.50 41.20 -48.16
CA ILE V 13 41.87 40.72 -48.38
C ILE V 13 42.66 41.82 -49.07
N LEU V 14 43.72 42.24 -48.40
CA LEU V 14 44.61 43.28 -48.91
C LEU V 14 45.66 42.63 -49.81
N ASP V 15 46.44 43.44 -50.49
CA ASP V 15 47.39 42.94 -51.49
C ASP V 15 48.42 41.95 -50.94
N ASP V 16 48.88 42.18 -49.72
CA ASP V 16 49.76 41.23 -49.03
C ASP V 16 49.06 39.92 -48.69
N GLY V 17 47.74 39.89 -48.90
CA GLY V 17 46.98 38.63 -48.79
C GLY V 17 46.26 38.48 -47.46
N LYS V 18 46.71 39.25 -46.50
CA LYS V 18 46.17 39.25 -45.15
C LYS V 18 44.79 39.87 -45.02
N ARG V 19 44.15 39.57 -43.90
CA ARG V 19 42.79 40.00 -43.62
C ARG V 19 42.75 41.36 -42.92
N THR V 20 41.55 41.89 -42.73
CA THR V 20 41.36 43.21 -42.13
C THR V 20 42.00 43.35 -40.75
N ASP V 21 42.13 42.25 -40.00
CA ASP V 21 42.80 42.29 -38.69
C ASP V 21 44.27 41.85 -38.73
N GLY V 22 44.81 41.69 -39.95
CA GLY V 22 46.21 41.33 -40.14
C GLY V 22 46.47 39.82 -40.14
N ARG V 23 45.42 39.02 -39.96
CA ARG V 23 45.57 37.57 -40.00
C ARG V 23 45.67 36.99 -41.41
N LYS V 24 46.37 35.87 -41.53
CA LYS V 24 46.37 35.07 -42.74
C LYS V 24 45.08 34.23 -42.77
N PRO V 25 44.70 33.69 -43.96
CA PRO V 25 43.48 32.89 -44.06
C PRO V 25 43.44 31.66 -43.18
N ASP V 26 44.60 31.14 -42.80
CA ASP V 26 44.68 29.94 -41.95
C ASP V 26 45.02 30.22 -40.48
N GLU V 27 44.72 31.42 -39.99
CA GLU V 27 45.07 31.75 -38.61
C GLU V 27 43.85 31.99 -37.71
N LEU V 28 43.89 31.38 -36.53
CA LEU V 28 42.87 31.61 -35.51
C LEU V 28 43.10 32.93 -34.80
N ARG V 29 42.02 33.48 -34.25
CA ARG V 29 42.13 34.60 -33.33
C ARG V 29 42.75 34.10 -32.01
N SER V 30 43.12 35.05 -31.15
CA SER V 30 43.63 34.71 -29.82
C SER V 30 42.53 34.05 -29.01
N ILE V 31 42.92 33.08 -28.20
CA ILE V 31 41.97 32.34 -27.39
C ILE V 31 42.30 32.46 -25.90
N LYS V 32 41.27 32.67 -25.10
CA LYS V 32 41.42 32.68 -23.66
C LYS V 32 40.28 31.86 -23.03
N ILE V 33 40.65 30.95 -22.14
CA ILE V 33 39.71 30.07 -21.47
C ILE V 33 40.01 30.02 -19.97
N GLU V 34 38.98 30.23 -19.15
CA GLU V 34 39.05 29.93 -17.71
C GLU V 34 37.82 29.25 -17.15
N LEU V 35 38.06 28.33 -16.22
CA LEU V 35 37.03 27.46 -15.63
C LEU V 35 36.81 27.79 -14.16
N GLY V 36 35.63 27.40 -13.66
CA GLY V 36 35.29 27.53 -12.23
C GLY V 36 35.29 28.98 -11.77
N VAL V 37 34.72 29.84 -12.59
CA VAL V 37 34.76 31.27 -12.38
C VAL V 37 33.55 31.76 -11.56
N LEU V 38 32.50 30.96 -11.54
CA LEU V 38 31.30 31.27 -10.77
C LEU V 38 31.16 30.35 -9.57
N LYS V 39 31.11 30.93 -8.39
CA LYS V 39 31.11 30.16 -7.16
C LYS V 39 29.82 29.38 -6.92
N ASN V 40 28.70 29.95 -7.32
CA ASN V 40 27.41 29.37 -6.99
C ASN V 40 26.82 28.46 -8.05
N ALA V 41 27.58 28.22 -9.11
CA ALA V 41 27.15 27.32 -10.16
C ALA V 41 27.84 25.99 -9.93
N ASP V 42 27.35 24.93 -10.56
CA ASP V 42 27.96 23.62 -10.42
C ASP V 42 29.18 23.49 -11.30
N GLY V 43 29.15 24.18 -12.43
CA GLY V 43 30.30 24.28 -13.32
C GLY V 43 30.20 25.59 -14.08
N SER V 44 31.33 26.18 -14.42
CA SER V 44 31.34 27.43 -15.16
C SER V 44 32.60 27.61 -16.00
N ALA V 45 32.47 28.39 -17.06
CA ALA V 45 33.59 28.69 -17.93
C ALA V 45 33.41 30.03 -18.62
N ILE V 46 34.52 30.75 -18.79
CA ILE V 46 34.58 31.90 -19.69
C ILE V 46 35.43 31.53 -20.88
N PHE V 47 34.94 31.80 -22.08
CA PHE V 47 35.65 31.51 -23.32
C PHE V 47 35.77 32.76 -24.18
N GLU V 48 36.95 32.97 -24.74
CA GLU V 48 37.19 34.15 -25.59
C GLU V 48 37.87 33.78 -26.89
N MET V 49 37.25 34.18 -28.00
CA MET V 49 37.88 34.11 -29.31
C MET V 49 37.96 35.49 -29.89
N GLY V 50 39.17 36.04 -29.94
CA GLY V 50 39.33 37.42 -30.28
C GLY V 50 38.47 38.24 -29.33
N ASN V 51 37.58 39.04 -29.89
CA ASN V 51 36.73 39.94 -29.12
C ASN V 51 35.35 39.37 -28.82
N THR V 52 35.17 38.07 -29.06
CA THR V 52 33.95 37.37 -28.67
C THR V 52 34.15 36.71 -27.29
N LYS V 53 33.41 37.20 -26.31
CA LYS V 53 33.43 36.69 -24.94
C LYS V 53 32.10 36.05 -24.58
N ALA V 54 32.16 34.84 -24.04
CA ALA V 54 30.96 34.21 -23.52
C ALA V 54 31.21 33.61 -22.14
N ILE V 55 30.18 33.63 -21.31
CA ILE V 55 30.24 32.99 -20.01
C ILE V 55 29.15 31.94 -19.95
N ALA V 56 29.46 30.80 -19.36
CA ALA V 56 28.50 29.72 -19.25
C ALA V 56 28.47 29.19 -17.84
N ALA V 57 27.27 28.96 -17.35
CA ALA V 57 27.03 28.42 -16.03
C ALA V 57 26.21 27.16 -16.18
N VAL V 58 26.56 26.14 -15.42
CA VAL V 58 25.81 24.90 -15.39
C VAL V 58 25.27 24.71 -13.99
N TYR V 59 23.96 24.47 -13.88
CA TYR V 59 23.36 24.08 -12.62
C TYR V 59 23.01 22.60 -12.73
N GLY V 60 23.79 21.80 -11.99
CA GLY V 60 24.03 20.38 -12.19
C GLY V 60 22.79 19.54 -12.18
N PRO V 61 22.94 18.21 -12.37
CA PRO V 61 21.78 17.33 -12.45
C PRO V 61 20.91 17.48 -11.18
N LYS V 62 19.63 17.77 -11.38
CA LYS V 62 18.71 18.04 -10.30
C LYS V 62 17.28 17.66 -10.68
N GLU V 63 16.51 17.17 -9.71
CA GLU V 63 15.09 16.85 -9.92
C GLU V 63 14.33 18.01 -10.53
N MET V 64 13.38 17.72 -11.42
CA MET V 64 12.79 18.80 -12.22
C MET V 64 11.51 19.37 -11.66
N HIS V 65 11.43 20.70 -11.72
CA HIS V 65 10.37 21.49 -11.11
C HIS V 65 8.97 20.91 -11.36
N PRO V 66 8.41 21.07 -12.59
CA PRO V 66 7.16 20.36 -12.86
C PRO V 66 7.46 18.99 -13.45
N ARG V 67 7.06 17.93 -12.75
CA ARG V 67 7.53 16.59 -13.10
C ARG V 67 7.07 16.08 -14.47
N HIS V 68 5.88 16.48 -14.91
CA HIS V 68 5.35 16.04 -16.21
C HIS V 68 6.26 16.44 -17.39
N LEU V 69 7.09 17.45 -17.16
CA LEU V 69 8.06 17.91 -18.16
C LEU V 69 9.37 17.13 -18.15
N SER V 70 9.56 16.27 -17.14
CA SER V 70 10.76 15.44 -17.04
C SER V 70 10.65 14.18 -17.91
N LEU V 71 11.77 13.50 -18.11
CA LEU V 71 11.82 12.28 -18.90
C LEU V 71 12.18 11.06 -18.04
N PRO V 72 11.53 9.92 -18.31
CA PRO V 72 11.70 8.70 -17.50
C PRO V 72 13.09 8.04 -17.62
N ASP V 73 13.80 8.31 -18.72
CA ASP V 73 15.04 7.59 -19.02
C ASP V 73 16.25 8.52 -19.17
N ARG V 74 16.01 9.82 -19.20
CA ARG V 74 17.04 10.80 -19.52
C ARG V 74 16.93 12.05 -18.66
N ALA V 75 17.99 12.84 -18.68
CA ALA V 75 17.94 14.20 -18.20
C ALA V 75 17.44 15.12 -19.30
N VAL V 76 16.69 16.13 -18.93
CA VAL V 76 16.30 17.17 -19.86
C VAL V 76 17.41 18.23 -19.82
N LEU V 77 17.89 18.63 -20.99
CA LEU V 77 18.78 19.78 -21.08
C LEU V 77 17.97 21.05 -21.28
N ARG V 78 18.23 22.05 -20.45
CA ARG V 78 17.65 23.38 -20.63
C ARG V 78 18.79 24.36 -20.95
N VAL V 79 18.75 24.88 -22.17
CA VAL V 79 19.83 25.72 -22.67
C VAL V 79 19.32 27.12 -22.99
N ARG V 80 20.07 28.14 -22.58
CA ARG V 80 19.73 29.51 -22.91
C ARG V 80 20.92 30.20 -23.56
N TYR V 81 20.74 30.59 -24.82
CA TYR V 81 21.70 31.43 -25.52
C TYR V 81 21.18 32.83 -25.44
N HIS V 82 22.00 33.73 -24.92
CA HIS V 82 21.58 35.09 -24.76
C HIS V 82 22.73 36.04 -24.95
N MET V 83 22.40 37.18 -25.56
CA MET V 83 23.35 38.27 -25.73
C MET V 83 22.99 39.43 -24.83
N THR V 84 23.96 39.93 -24.09
CA THR V 84 23.75 41.08 -23.23
C THR V 84 23.57 42.29 -24.13
N PRO V 85 22.78 43.28 -23.67
CA PRO V 85 22.50 44.45 -24.48
C PRO V 85 23.75 45.25 -24.89
N PHE V 86 24.85 45.10 -24.17
CA PHE V 86 26.07 45.87 -24.45
C PHE V 86 27.17 45.00 -25.07
N SER V 87 26.77 43.92 -25.73
CA SER V 87 27.71 43.01 -26.35
C SER V 87 28.07 43.46 -27.76
N THR V 88 27.23 44.32 -28.33
CA THR V 88 27.42 44.78 -29.72
C THR V 88 27.59 46.29 -29.76
N ASP V 89 27.70 46.84 -30.98
CA ASP V 89 27.93 48.26 -31.14
C ASP V 89 26.68 49.05 -30.87
N GLU V 90 25.59 48.70 -31.54
CA GLU V 90 24.28 49.26 -31.16
C GLU V 90 23.64 48.28 -30.18
N ARG V 91 22.94 48.86 -29.20
CA ARG V 91 22.33 48.11 -28.10
C ARG V 91 21.30 47.07 -28.56
N LYS V 92 21.56 45.80 -28.26
CA LYS V 92 20.62 44.73 -28.53
C LYS V 92 19.51 44.73 -27.47
N ASN V 93 18.29 44.49 -27.91
CA ASN V 93 17.16 44.33 -27.00
C ASN V 93 17.29 43.02 -26.21
N PRO V 94 17.19 43.12 -24.87
CA PRO V 94 17.33 41.95 -23.99
C PRO V 94 16.29 40.84 -24.25
N ALA V 95 15.11 41.22 -24.73
CA ALA V 95 14.08 40.25 -25.13
C ALA V 95 14.62 39.31 -26.17
N PRO V 96 14.35 38.01 -26.01
CA PRO V 96 14.92 37.00 -26.93
C PRO V 96 14.47 37.23 -28.35
N SER V 97 15.43 37.26 -29.28
CA SER V 97 15.17 37.43 -30.70
C SER V 97 14.95 36.07 -31.38
N ARG V 98 14.34 36.08 -32.56
CA ARG V 98 14.20 34.84 -33.31
C ARG V 98 15.56 34.16 -33.47
N ARG V 99 16.61 34.94 -33.76
CA ARG V 99 17.97 34.40 -33.81
C ARG V 99 18.37 33.68 -32.52
N GLU V 100 18.11 34.33 -31.38
CA GLU V 100 18.50 33.80 -30.07
C GLU V 100 17.76 32.51 -29.75
N ILE V 101 16.50 32.45 -30.17
CA ILE V 101 15.69 31.25 -30.03
C ILE V 101 16.24 30.06 -30.86
N GLU V 102 16.57 30.30 -32.13
CA GLU V 102 17.09 29.25 -32.98
C GLU V 102 18.44 28.76 -32.47
N LEU V 103 19.34 29.68 -32.14
CA LEU V 103 20.66 29.29 -31.69
C LEU V 103 20.59 28.50 -30.39
N SER V 104 19.63 28.85 -29.53
CA SER V 104 19.42 28.10 -28.30
C SER V 104 19.13 26.64 -28.61
N LYS V 105 18.26 26.42 -29.59
CA LYS V 105 17.92 25.07 -30.03
C LYS V 105 19.15 24.37 -30.64
N VAL V 106 19.78 25.02 -31.60
CA VAL V 106 20.96 24.47 -32.25
C VAL V 106 22.05 24.08 -31.25
N ILE V 107 22.32 24.97 -30.28
CA ILE V 107 23.30 24.68 -29.24
C ILE V 107 22.85 23.55 -28.30
N ARG V 108 21.56 23.52 -27.96
CA ARG V 108 21.03 22.44 -27.14
C ARG V 108 21.20 21.07 -27.80
N GLU V 109 20.84 20.97 -29.08
CA GLU V 109 21.00 19.72 -29.83
C GLU V 109 22.48 19.33 -29.89
N ALA V 110 23.34 20.32 -30.04
CA ALA V 110 24.78 20.05 -30.10
C ALA V 110 25.26 19.38 -28.81
N LEU V 111 24.84 19.93 -27.69
CA LEU V 111 25.20 19.38 -26.38
C LEU V 111 24.52 18.03 -26.12
N GLU V 112 23.29 17.88 -26.58
CA GLU V 112 22.58 16.61 -26.40
C GLU V 112 23.33 15.45 -27.00
N SER V 113 24.08 15.70 -28.06
CA SER V 113 24.84 14.65 -28.72
C SER V 113 26.11 14.28 -27.95
N ALA V 114 26.52 15.13 -27.01
CA ALA V 114 27.75 14.92 -26.24
C ALA V 114 27.48 14.43 -24.81
N VAL V 115 26.49 15.04 -24.17
CA VAL V 115 26.19 14.77 -22.79
C VAL V 115 25.45 13.46 -22.65
N LEU V 116 25.90 12.63 -21.71
CA LEU V 116 25.30 11.33 -21.44
C LEU V 116 24.09 11.48 -20.53
N VAL V 117 23.01 12.00 -21.10
CA VAL V 117 21.80 12.32 -20.37
C VAL V 117 21.08 11.09 -19.76
N GLU V 118 21.31 9.91 -20.33
CA GLU V 118 20.65 8.70 -19.86
C GLU V 118 21.01 8.38 -18.41
N LEU V 119 22.17 8.87 -17.99
CA LEU V 119 22.68 8.64 -16.64
C LEU V 119 21.86 9.31 -15.54
N PHE V 120 21.06 10.31 -15.90
CA PHE V 120 20.32 11.07 -14.91
C PHE V 120 18.84 11.19 -15.25
N PRO V 121 18.08 10.09 -15.14
CA PRO V 121 16.66 10.18 -15.46
C PRO V 121 15.91 11.10 -14.51
N ARG V 122 14.85 11.74 -14.99
CA ARG V 122 13.97 12.59 -14.18
C ARG V 122 14.64 13.87 -13.66
N THR V 123 15.81 14.18 -14.20
CA THR V 123 16.53 15.37 -13.78
C THR V 123 16.63 16.42 -14.88
N ALA V 124 16.98 17.64 -14.48
CA ALA V 124 17.24 18.73 -15.41
C ALA V 124 18.68 19.22 -15.26
N ILE V 125 19.32 19.48 -16.38
CA ILE V 125 20.63 20.11 -16.39
C ILE V 125 20.47 21.47 -17.06
N ASP V 126 20.75 22.52 -16.31
CA ASP V 126 20.61 23.88 -16.81
C ASP V 126 21.90 24.46 -17.28
N VAL V 127 21.88 24.96 -18.50
CA VAL V 127 23.05 25.58 -19.12
C VAL V 127 22.69 26.99 -19.59
N PHE V 128 23.21 27.99 -18.91
CA PHE V 128 22.97 29.38 -19.27
C PHE V 128 24.20 29.99 -19.88
N THR V 129 24.02 30.60 -21.05
CA THR V 129 25.10 31.21 -21.77
C THR V 129 24.82 32.69 -21.89
N GLU V 130 25.86 33.50 -21.70
CA GLU V 130 25.77 34.94 -21.95
C GLU V 130 26.93 35.44 -22.78
N ILE V 131 26.61 36.06 -23.92
CA ILE V 131 27.62 36.70 -24.72
C ILE V 131 27.82 38.10 -24.17
N LEU V 132 29.04 38.38 -23.77
CA LEU V 132 29.43 39.66 -23.17
C LEU V 132 29.96 40.63 -24.22
N GLN V 133 30.59 40.07 -25.25
CA GLN V 133 30.99 40.82 -26.43
C GLN V 133 30.83 39.95 -27.65
N ALA V 134 30.16 40.49 -28.66
CA ALA V 134 29.96 39.78 -29.91
C ALA V 134 30.93 40.31 -30.95
N ASP V 135 31.71 39.41 -31.56
CA ASP V 135 32.57 39.75 -32.69
C ASP V 135 32.56 38.59 -33.69
N ALA V 136 31.37 38.07 -33.96
CA ALA V 136 31.18 36.88 -34.79
C ALA V 136 31.62 35.57 -34.12
N GLY V 137 30.94 34.48 -34.45
CA GLY V 137 31.32 33.16 -33.95
C GLY V 137 30.83 32.94 -32.52
N SER V 138 29.97 33.84 -32.06
CA SER V 138 29.46 33.78 -30.69
C SER V 138 28.71 32.49 -30.39
N ARG V 139 27.97 31.98 -31.37
CA ARG V 139 27.24 30.75 -31.17
C ARG V 139 28.21 29.62 -30.84
N LEU V 140 29.39 29.65 -31.44
CA LEU V 140 30.40 28.62 -31.18
C LEU V 140 31.11 28.84 -29.86
N VAL V 141 31.47 30.09 -29.58
CA VAL V 141 32.08 30.44 -28.30
C VAL V 141 31.15 30.07 -27.14
N SER V 142 29.87 30.35 -27.31
CA SER V 142 28.87 29.96 -26.35
C SER V 142 28.86 28.42 -26.16
N LEU V 143 28.76 27.69 -27.27
CA LEU V 143 28.73 26.23 -27.22
C LEU V 143 29.95 25.63 -26.52
N MET V 144 31.12 26.18 -26.79
CA MET V 144 32.35 25.66 -26.20
C MET V 144 32.40 25.99 -24.72
N ALA V 145 32.03 27.20 -24.36
CA ALA V 145 31.98 27.59 -22.96
C ALA V 145 31.01 26.67 -22.22
N ALA V 146 29.89 26.37 -22.86
CA ALA V 146 28.92 25.44 -22.30
C ALA V 146 29.54 24.06 -22.09
N SER V 147 30.16 23.54 -23.13
CA SER V 147 30.81 22.25 -23.09
C SER V 147 31.79 22.21 -21.93
N LEU V 148 32.58 23.26 -21.80
CA LEU V 148 33.58 23.33 -20.75
C LEU V 148 32.96 23.49 -19.33
N ALA V 149 31.92 24.31 -19.21
CA ALA V 149 31.21 24.43 -17.94
C ALA V 149 30.63 23.09 -17.51
N LEU V 150 30.22 22.25 -18.47
CA LEU V 150 29.71 20.94 -18.16
C LEU V 150 30.81 20.02 -17.64
N ALA V 151 31.98 20.11 -18.25
CA ALA V 151 33.15 19.38 -17.79
C ALA V 151 33.54 19.84 -16.38
N ASP V 152 33.39 21.14 -16.12
CA ASP V 152 33.72 21.72 -14.83
C ASP V 152 32.76 21.20 -13.77
N ALA V 153 31.53 20.89 -14.18
CA ALA V 153 30.55 20.36 -13.24
C ALA V 153 30.73 18.85 -13.04
N GLY V 154 31.62 18.24 -13.82
CA GLY V 154 31.88 16.81 -13.74
C GLY V 154 30.77 15.99 -14.38
N ILE V 155 30.06 16.59 -15.32
CA ILE V 155 29.02 15.89 -16.03
C ILE V 155 29.64 15.06 -17.16
N PRO V 156 29.41 13.73 -17.12
CA PRO V 156 29.98 12.78 -18.06
C PRO V 156 29.53 13.06 -19.49
N MET V 157 30.48 13.10 -20.41
CA MET V 157 30.17 13.43 -21.81
C MET V 157 31.00 12.52 -22.70
N ARG V 158 30.57 12.37 -23.95
CA ARG V 158 31.31 11.55 -24.90
C ARG V 158 32.68 12.15 -25.17
N ASP V 159 32.73 13.48 -25.28
CA ASP V 159 33.94 14.20 -25.62
C ASP V 159 33.68 15.68 -25.37
N LEU V 160 34.73 16.49 -25.36
CA LEU V 160 34.55 17.94 -25.34
C LEU V 160 34.09 18.38 -26.73
N ILE V 161 33.52 19.58 -26.82
CA ILE V 161 33.15 20.15 -28.10
C ILE V 161 34.04 21.33 -28.44
N ALA V 162 34.63 21.32 -29.64
CA ALA V 162 35.41 22.45 -30.19
C ALA V 162 34.83 22.89 -31.53
N GLY V 163 34.77 24.20 -31.76
CA GLY V 163 34.20 24.76 -32.99
C GLY V 163 34.88 26.00 -33.57
N VAL V 164 34.76 26.18 -34.88
CA VAL V 164 35.11 27.43 -35.56
C VAL V 164 34.18 27.69 -36.72
N ALA V 165 33.95 28.98 -36.99
CA ALA V 165 33.32 29.42 -38.21
C ALA V 165 34.39 29.53 -39.30
N VAL V 166 34.24 28.71 -40.33
CA VAL V 166 35.08 28.79 -41.51
C VAL V 166 34.23 29.53 -42.57
N GLY V 167 34.88 30.16 -43.53
CA GLY V 167 34.12 30.99 -44.48
C GLY V 167 34.85 31.37 -45.76
N LYS V 168 34.21 32.22 -46.55
CA LYS V 168 34.75 32.70 -47.82
C LYS V 168 34.70 34.22 -47.90
N ALA V 169 35.87 34.83 -48.10
CA ALA V 169 36.01 36.26 -48.04
C ALA V 169 35.98 36.92 -49.43
N ASP V 170 37.11 36.97 -50.13
CA ASP V 170 37.10 37.50 -51.49
C ASP V 170 37.46 36.39 -52.46
N GLY V 171 36.62 35.35 -52.47
CA GLY V 171 36.90 34.13 -53.20
C GLY V 171 37.87 33.29 -52.41
N VAL V 172 38.31 33.79 -51.26
CA VAL V 172 39.34 33.13 -50.44
C VAL V 172 38.75 32.48 -49.20
N ILE V 173 39.05 31.19 -49.04
CA ILE V 173 38.56 30.45 -47.88
C ILE V 173 39.38 30.81 -46.63
N ILE V 174 38.67 31.23 -45.58
CA ILE V 174 39.30 31.77 -44.38
C ILE V 174 38.77 31.13 -43.09
N LEU V 175 39.60 31.19 -42.05
CA LEU V 175 39.33 30.49 -40.81
C LEU V 175 39.07 31.47 -39.69
N ASP V 176 37.94 31.30 -39.01
CA ASP V 176 37.58 32.02 -37.77
C ASP V 176 37.30 33.51 -38.01
N LEU V 177 36.02 33.82 -38.30
CA LEU V 177 35.63 35.12 -38.89
C LEU V 177 35.49 36.31 -37.93
N ASN V 178 35.86 37.50 -38.42
CA ASN V 178 35.53 38.81 -37.85
C ASN V 178 34.05 39.06 -37.96
N GLU V 179 33.57 40.08 -37.28
CA GLU V 179 32.26 40.59 -37.64
C GLU V 179 32.34 41.14 -39.07
N THR V 180 33.42 41.89 -39.37
CA THR V 180 33.62 42.44 -40.70
C THR V 180 33.45 41.37 -41.77
N GLU V 181 34.15 40.25 -41.55
CA GLU V 181 34.13 39.13 -42.48
C GLU V 181 32.77 38.46 -42.57
N ASP V 182 32.10 38.34 -41.42
CA ASP V 182 30.75 37.79 -41.34
C ASP V 182 29.79 38.64 -42.16
N MET V 183 29.87 39.94 -41.92
CA MET V 183 28.97 40.91 -42.51
C MET V 183 29.06 40.99 -44.02
N TRP V 184 30.29 40.92 -44.54
CA TRP V 184 30.55 41.20 -45.96
C TRP V 184 31.02 40.00 -46.77
N GLY V 185 31.26 38.88 -46.11
CA GLY V 185 31.70 37.66 -46.79
C GLY V 185 30.63 36.97 -47.61
N GLU V 186 31.06 36.07 -48.50
CA GLU V 186 30.12 35.28 -49.31
C GLU V 186 29.52 34.12 -48.52
N ALA V 187 30.27 33.64 -47.53
CA ALA V 187 29.88 32.49 -46.75
C ALA V 187 30.34 32.55 -45.31
N ASP V 188 29.56 31.90 -44.45
CA ASP V 188 29.81 31.80 -43.03
C ASP V 188 29.32 30.42 -42.61
N MET V 189 30.26 29.57 -42.20
CA MET V 189 29.97 28.17 -41.95
C MET V 189 30.48 27.75 -40.58
N PRO V 190 29.67 27.97 -39.54
CA PRO V 190 30.04 27.47 -38.21
C PRO V 190 29.99 25.94 -38.12
N ILE V 191 31.10 25.35 -37.69
CA ILE V 191 31.22 23.90 -37.54
C ILE V 191 31.75 23.55 -36.15
N ALA V 192 31.12 22.55 -35.51
CA ALA V 192 31.54 22.11 -34.17
C ALA V 192 31.60 20.61 -34.07
N MET V 193 32.65 20.10 -33.43
CA MET V 193 32.82 18.65 -33.32
C MET V 193 33.18 18.18 -31.93
N MET V 194 33.03 16.86 -31.75
CA MET V 194 33.71 16.08 -30.71
C MET V 194 34.93 15.48 -31.40
N PRO V 195 36.06 16.21 -31.35
CA PRO V 195 37.22 16.02 -32.20
C PRO V 195 37.84 14.65 -32.13
N SER V 196 37.85 14.06 -30.95
CA SER V 196 38.43 12.73 -30.76
C SER V 196 37.62 11.67 -31.46
N LEU V 197 36.31 11.91 -31.55
CA LEU V 197 35.40 10.96 -32.17
C LEU V 197 35.14 11.28 -33.63
N ASN V 198 35.68 12.41 -34.11
CA ASN V 198 35.37 12.93 -35.45
C ASN V 198 33.87 12.98 -35.71
N GLN V 199 33.13 13.42 -34.71
CA GLN V 199 31.70 13.54 -34.79
C GLN V 199 31.31 15.00 -34.82
N VAL V 200 30.56 15.38 -35.85
CA VAL V 200 30.12 16.76 -36.00
C VAL V 200 28.88 16.96 -35.16
N THR V 201 28.90 18.06 -34.41
CA THR V 201 27.94 18.34 -33.38
C THR V 201 27.02 19.49 -33.77
N LEU V 202 27.61 20.52 -34.38
CA LEU V 202 26.88 21.64 -34.97
C LEU V 202 27.40 21.85 -36.40
N PHE V 203 26.48 22.10 -37.32
CA PHE V 203 26.85 22.39 -38.69
C PHE V 203 25.86 23.30 -39.41
N GLN V 204 26.32 24.49 -39.72
CA GLN V 204 25.48 25.45 -40.43
C GLN V 204 26.24 26.22 -41.48
N LEU V 205 25.54 26.61 -42.53
CA LEU V 205 26.10 27.50 -43.54
C LEU V 205 25.07 28.53 -43.94
N ASN V 206 25.43 29.78 -43.78
CA ASN V 206 24.71 30.85 -44.45
C ASN V 206 25.61 31.52 -45.49
N GLY V 207 25.03 31.80 -46.65
CA GLY V 207 25.79 32.37 -47.73
C GLY V 207 25.79 31.37 -48.85
N SER V 208 26.93 31.27 -49.53
CA SER V 208 27.00 30.59 -50.81
C SER V 208 28.38 29.98 -51.03
N MET V 209 28.40 28.74 -51.53
CA MET V 209 29.65 28.01 -51.81
C MET V 209 29.45 26.95 -52.87
N THR V 210 30.48 26.68 -53.65
CA THR V 210 30.45 25.52 -54.55
C THR V 210 30.82 24.32 -53.72
N PRO V 211 30.39 23.12 -54.12
CA PRO V 211 30.74 21.92 -53.37
C PRO V 211 32.23 21.84 -53.05
N ASP V 212 33.07 22.20 -54.02
CA ASP V 212 34.54 22.22 -53.86
C ASP V 212 34.97 23.13 -52.73
N GLU V 213 34.48 24.36 -52.76
CA GLU V 213 34.76 25.34 -51.73
C GLU V 213 34.28 24.82 -50.39
N PHE V 214 33.10 24.21 -50.39
CA PHE V 214 32.53 23.60 -49.20
C PHE V 214 33.50 22.59 -48.61
N ARG V 215 34.04 21.71 -49.44
CA ARG V 215 34.97 20.69 -48.98
C ARG V 215 36.30 21.25 -48.47
N GLN V 216 36.83 22.26 -49.17
CA GLN V 216 38.08 22.91 -48.75
C GLN V 216 37.91 23.58 -47.40
N ALA V 217 36.82 24.32 -47.24
CA ALA V 217 36.53 25.07 -46.03
C ALA V 217 36.39 24.10 -44.86
N PHE V 218 35.70 22.99 -45.12
CA PHE V 218 35.49 21.90 -44.18
C PHE V 218 36.82 21.36 -43.62
N ASP V 219 37.79 21.09 -44.50
CA ASP V 219 39.14 20.67 -44.11
C ASP V 219 39.86 21.64 -43.18
N LEU V 220 39.72 22.93 -43.50
CA LEU V 220 40.35 24.01 -42.75
C LEU V 220 39.76 24.13 -41.35
N ALA V 221 38.45 23.93 -41.24
CA ALA V 221 37.77 23.95 -39.95
C ALA V 221 38.33 22.88 -39.02
N VAL V 222 38.62 21.72 -39.58
CA VAL V 222 39.12 20.59 -38.79
C VAL V 222 40.46 20.96 -38.15
N LYS V 223 41.36 21.56 -38.92
CA LYS V 223 42.67 21.91 -38.39
C LYS V 223 42.55 22.93 -37.26
N GLY V 224 41.68 23.91 -37.46
CA GLY V 224 41.40 24.90 -36.46
C GLY V 224 40.80 24.27 -35.22
N ILE V 225 39.81 23.41 -35.43
CA ILE V 225 39.12 22.73 -34.34
C ILE V 225 40.11 21.92 -33.52
N ASN V 226 41.03 21.24 -34.19
CA ASN V 226 42.04 20.42 -33.52
C ASN V 226 42.96 21.23 -32.61
N ILE V 227 43.27 22.45 -33.01
CA ILE V 227 44.10 23.33 -32.20
C ILE V 227 43.33 23.82 -30.96
N ILE V 228 42.10 24.25 -31.18
CA ILE V 228 41.22 24.68 -30.10
C ILE V 228 41.03 23.57 -29.10
N TYR V 229 40.80 22.36 -29.61
CA TYR V 229 40.60 21.19 -28.77
C TYR V 229 41.72 20.95 -27.74
N ASN V 230 42.97 21.06 -28.18
CA ASN V 230 44.12 20.92 -27.30
C ASN V 230 44.14 21.95 -26.21
N LEU V 231 43.71 23.16 -26.56
CA LEU V 231 43.61 24.23 -25.60
C LEU V 231 42.54 23.93 -24.55
N GLU V 232 41.40 23.40 -25.01
CA GLU V 232 40.32 23.02 -24.13
C GLU V 232 40.81 21.97 -23.15
N ARG V 233 41.51 20.97 -23.67
CA ARG V 233 42.09 19.91 -22.86
C ARG V 233 43.02 20.44 -21.79
N GLU V 234 43.83 21.42 -22.16
CA GLU V 234 44.76 22.04 -21.23
C GLU V 234 44.02 22.89 -20.18
N ALA V 235 42.96 23.59 -20.62
CA ALA V 235 42.12 24.39 -19.72
C ALA V 235 41.51 23.53 -18.62
N LEU V 236 41.26 22.28 -18.96
CA LEU V 236 40.70 21.32 -18.05
C LEU V 236 41.66 21.02 -16.89
N LYS V 237 42.95 20.91 -17.19
CA LYS V 237 43.96 20.60 -16.18
C LYS V 237 44.38 21.83 -15.37
N SER V 238 44.60 22.96 -16.04
CA SER V 238 45.16 24.15 -15.39
C SER V 238 44.13 25.24 -15.05
N LYS V 239 42.89 25.06 -15.51
CA LYS V 239 41.78 26.00 -15.24
C LYS V 239 41.93 27.35 -15.95
N TYR V 240 43.07 27.56 -16.60
CA TYR V 240 43.35 28.83 -17.27
C TYR V 240 44.31 28.63 -18.45
N VAL V 241 43.91 29.13 -19.62
CA VAL V 241 44.71 29.01 -20.82
C VAL V 241 44.69 30.31 -21.65
N GLU V 242 45.87 30.80 -22.04
CA GLU V 242 45.98 31.89 -22.99
C GLU V 242 46.72 31.42 -24.22
N PHE V 243 46.21 31.80 -25.38
CA PHE V 243 46.79 31.40 -26.65
C PHE V 243 46.79 32.60 -27.60
N LYS V 244 47.98 33.11 -27.92
CA LYS V 244 48.11 34.19 -28.90
C LYS V 244 47.86 33.63 -30.30
N GLU V 245 47.36 34.47 -31.21
CA GLU V 245 47.00 34.05 -32.58
C GLU V 245 48.16 33.39 -33.31
N GLU V 246 47.86 32.33 -34.06
CA GLU V 246 48.86 31.74 -34.97
C GLU V 246 48.24 30.82 -36.04
N GLY V 247 49.08 30.51 -37.04
CA GLY V 247 48.69 29.70 -38.18
C GLY V 247 48.38 28.24 -37.86
N VAL V 248 47.46 27.68 -38.64
CA VAL V 248 47.09 26.26 -38.55
C VAL V 248 48.22 25.34 -39.01
N MET W 1 -6.20 29.43 -28.12
CA MET W 1 -6.81 28.15 -27.63
C MET W 1 -7.89 28.38 -26.57
N SER W 2 -9.07 27.82 -26.80
CA SER W 2 -10.20 27.92 -25.87
C SER W 2 -10.55 26.53 -25.37
N SER W 3 -10.50 26.35 -24.05
CA SER W 3 -10.76 25.02 -23.46
C SER W 3 -11.77 25.04 -22.31
N THR W 4 -12.45 23.91 -22.13
CA THR W 4 -13.43 23.75 -21.07
C THR W 4 -12.80 24.08 -19.72
N PRO W 5 -13.39 25.03 -18.98
CA PRO W 5 -12.84 25.44 -17.68
C PRO W 5 -12.81 24.28 -16.68
N SER W 6 -11.62 24.01 -16.14
CA SER W 6 -11.39 22.90 -15.19
C SER W 6 -11.70 23.25 -13.72
N ASN W 7 -11.78 24.56 -13.44
CA ASN W 7 -12.18 25.09 -12.14
C ASN W 7 -13.70 25.05 -11.95
N GLN W 8 -14.41 25.17 -13.08
CA GLN W 8 -15.84 25.47 -13.13
C GLN W 8 -16.63 24.47 -12.31
N ASN W 9 -17.18 24.97 -11.21
CA ASN W 9 -17.68 24.13 -10.14
C ASN W 9 -19.00 23.42 -10.42
N ILE W 10 -18.92 22.10 -10.26
CA ILE W 10 -19.98 21.15 -10.52
C ILE W 10 -20.92 21.02 -9.31
N ILE W 11 -22.20 21.31 -9.54
CA ILE W 11 -23.19 21.43 -8.47
C ILE W 11 -24.12 20.19 -8.44
N PRO W 12 -24.10 19.44 -7.31
CA PRO W 12 -24.69 18.09 -7.19
C PRO W 12 -26.12 17.99 -7.67
N ILE W 13 -26.45 16.84 -8.23
CA ILE W 13 -27.78 16.59 -8.79
C ILE W 13 -28.87 16.89 -7.76
N ILE W 14 -28.61 16.51 -6.50
CA ILE W 14 -29.56 16.68 -5.40
C ILE W 14 -29.97 18.15 -5.19
N LYS W 15 -28.98 19.05 -5.23
CA LYS W 15 -29.27 20.47 -5.12
C LYS W 15 -29.98 21.00 -6.36
N LYS W 16 -29.64 20.46 -7.52
CA LYS W 16 -30.27 20.89 -8.76
C LYS W 16 -31.76 20.58 -8.75
N GLU W 17 -32.08 19.34 -8.37
CA GLU W 17 -33.47 18.90 -8.25
C GLU W 17 -34.24 19.77 -7.29
N SER W 18 -33.60 20.16 -6.18
CA SER W 18 -34.18 21.11 -5.23
C SER W 18 -34.71 22.35 -5.89
N ILE W 19 -33.84 22.95 -6.71
CA ILE W 19 -34.15 24.19 -7.38
C ILE W 19 -35.21 23.97 -8.45
N VAL W 20 -35.10 22.89 -9.21
CA VAL W 20 -36.10 22.57 -10.22
C VAL W 20 -37.48 22.37 -9.57
N SER W 21 -37.52 21.61 -8.49
CA SER W 21 -38.75 21.42 -7.73
C SER W 21 -39.47 22.74 -7.39
N LEU W 22 -38.69 23.80 -7.16
CA LEU W 22 -39.24 25.12 -6.87
C LEU W 22 -39.77 25.83 -8.12
N PHE W 23 -39.05 25.68 -9.22
CA PHE W 23 -39.45 26.20 -10.52
C PHE W 23 -40.81 25.65 -10.93
N GLU W 24 -41.02 24.38 -10.60
CA GLU W 24 -42.25 23.68 -10.92
C GLU W 24 -43.44 24.36 -10.26
N LYS W 25 -43.18 25.01 -9.13
CA LYS W 25 -44.19 25.77 -8.43
C LYS W 25 -44.09 27.23 -8.80
N GLY W 26 -43.17 27.56 -9.70
CA GLY W 26 -43.04 28.91 -10.24
C GLY W 26 -42.46 29.88 -9.23
N ILE W 27 -41.41 29.44 -8.53
CA ILE W 27 -40.74 30.28 -7.55
C ILE W 27 -39.28 29.86 -7.44
N ARG W 28 -38.43 30.77 -6.95
CA ARG W 28 -37.01 30.52 -6.84
C ARG W 28 -36.53 30.60 -5.40
N GLN W 29 -35.29 30.21 -5.17
CA GLN W 29 -34.70 30.18 -3.83
C GLN W 29 -34.88 31.52 -3.15
N ASP W 30 -34.56 32.62 -3.84
CA ASP W 30 -34.68 33.96 -3.24
C ASP W 30 -36.12 34.45 -3.15
N GLY W 31 -37.04 33.69 -3.73
CA GLY W 31 -38.47 33.98 -3.60
C GLY W 31 -39.10 34.74 -4.74
N ARG W 32 -38.33 35.07 -5.76
CA ARG W 32 -38.90 35.77 -6.91
C ARG W 32 -39.50 34.80 -7.94
N LYS W 33 -40.27 35.38 -8.86
CA LYS W 33 -40.90 34.62 -9.92
C LYS W 33 -39.90 34.34 -11.03
N LEU W 34 -40.26 33.42 -11.92
CA LEU W 34 -39.37 33.02 -13.02
C LEU W 34 -39.01 34.19 -13.93
N THR W 35 -39.86 35.21 -13.95
CA THR W 35 -39.66 36.36 -14.84
C THR W 35 -39.16 37.64 -14.13
N ASP W 36 -38.90 37.55 -12.84
CA ASP W 36 -38.46 38.70 -12.05
C ASP W 36 -36.97 38.98 -12.16
N TYR W 37 -36.62 40.25 -12.09
CA TYR W 37 -35.25 40.68 -11.90
C TYR W 37 -34.91 40.79 -10.43
N ARG W 38 -33.62 40.71 -10.11
CA ARG W 38 -33.16 40.93 -8.75
C ARG W 38 -33.26 42.42 -8.42
N PRO W 39 -33.16 42.77 -7.13
CA PRO W 39 -33.14 44.18 -6.74
C PRO W 39 -31.99 44.93 -7.41
N LEU W 40 -32.25 46.15 -7.86
CA LEU W 40 -31.27 46.94 -8.58
C LEU W 40 -30.91 48.27 -7.90
N SER W 41 -29.61 48.44 -7.64
CA SER W 41 -29.07 49.70 -7.12
C SER W 41 -28.18 50.31 -8.16
N ILE W 42 -28.32 51.60 -8.37
CA ILE W 42 -27.31 52.30 -9.14
C ILE W 42 -26.85 53.56 -8.42
N THR W 43 -25.53 53.65 -8.23
CA THR W 43 -24.87 54.82 -7.65
C THR W 43 -24.01 55.48 -8.71
N LEU W 44 -24.39 56.69 -9.10
CA LEU W 44 -23.67 57.45 -10.12
C LEU W 44 -22.50 58.20 -9.52
N ASP W 45 -21.48 58.43 -10.34
CA ASP W 45 -20.29 59.19 -9.96
C ASP W 45 -19.59 58.56 -8.74
N TYR W 46 -19.52 57.24 -8.72
CA TYR W 46 -18.92 56.54 -7.59
C TYR W 46 -17.41 56.69 -7.63
N ALA W 47 -16.84 56.66 -8.83
CA ALA W 47 -15.41 56.81 -9.02
C ALA W 47 -15.10 58.24 -9.43
N LYS W 48 -14.67 59.06 -8.46
CA LYS W 48 -14.64 60.52 -8.63
C LYS W 48 -13.71 61.03 -9.73
N LYS W 49 -12.54 60.37 -9.88
CA LYS W 49 -11.56 60.77 -10.89
C LYS W 49 -11.90 60.28 -12.29
N ALA W 50 -13.05 59.60 -12.41
CA ALA W 50 -13.60 59.21 -13.71
C ALA W 50 -14.44 60.35 -14.31
N ASP W 51 -14.49 60.43 -15.63
CA ASP W 51 -15.30 61.44 -16.31
C ASP W 51 -16.78 61.19 -16.06
N GLY W 52 -17.13 59.92 -15.96
CA GLY W 52 -18.47 59.50 -15.57
C GLY W 52 -18.33 58.08 -15.06
N SER W 53 -19.15 57.71 -14.07
CA SER W 53 -19.06 56.36 -13.50
C SER W 53 -20.35 55.92 -12.87
N ALA W 54 -20.46 54.62 -12.62
CA ALA W 54 -21.64 54.04 -11.98
C ALA W 54 -21.31 52.75 -11.27
N LEU W 55 -21.79 52.64 -10.03
CA LEU W 55 -21.75 51.37 -9.29
C LEU W 55 -23.12 50.70 -9.34
N VAL W 56 -23.17 49.52 -9.93
CA VAL W 56 -24.39 48.73 -10.08
C VAL W 56 -24.43 47.51 -9.14
N LYS W 57 -25.46 47.41 -8.33
CA LYS W 57 -25.69 46.20 -7.56
C LYS W 57 -26.95 45.54 -8.09
N LEU W 58 -26.80 44.38 -8.68
CA LEU W 58 -27.92 43.57 -9.13
C LEU W 58 -27.87 42.23 -8.40
N GLY W 59 -28.73 42.07 -7.39
CA GLY W 59 -28.60 40.95 -6.47
C GLY W 59 -27.25 41.11 -5.80
N THR W 60 -26.47 40.03 -5.81
CA THR W 60 -25.14 40.05 -5.20
C THR W 60 -24.03 40.39 -6.20
N THR W 61 -24.39 40.68 -7.44
CA THR W 61 -23.41 41.04 -8.47
C THR W 61 -23.12 42.52 -8.37
N MET W 62 -21.84 42.88 -8.37
CA MET W 62 -21.43 44.27 -8.37
C MET W 62 -20.53 44.60 -9.54
N VAL W 63 -20.87 45.68 -10.23
CA VAL W 63 -20.08 46.16 -11.36
C VAL W 63 -19.85 47.64 -11.25
N LEU W 64 -18.60 48.04 -11.36
CA LEU W 64 -18.25 49.44 -11.43
C LEU W 64 -17.70 49.73 -12.84
N ALA W 65 -18.41 50.62 -13.55
CA ALA W 65 -17.99 51.08 -14.86
C ALA W 65 -17.54 52.51 -14.75
N GLY W 66 -16.48 52.85 -15.49
CA GLY W 66 -15.96 54.21 -15.45
C GLY W 66 -15.51 54.63 -16.83
N THR W 67 -15.74 55.89 -17.18
CA THR W 67 -15.33 56.41 -18.48
C THR W 67 -14.17 57.36 -18.36
N LYS W 68 -13.40 57.45 -19.44
CA LYS W 68 -12.30 58.37 -19.52
C LYS W 68 -12.28 58.87 -20.95
N LEU W 69 -12.25 60.19 -21.13
CA LEU W 69 -12.25 60.77 -22.48
C LEU W 69 -10.91 61.34 -22.84
N GLU W 70 -10.44 61.02 -24.05
CA GLU W 70 -9.18 61.53 -24.57
C GLU W 70 -9.26 61.91 -26.04
N ILE W 71 -8.48 62.90 -26.43
CA ILE W 71 -8.43 63.36 -27.81
C ILE W 71 -7.42 62.55 -28.63
N ASP W 72 -7.91 61.99 -29.73
CA ASP W 72 -7.10 61.15 -30.61
C ASP W 72 -7.30 61.55 -32.06
N LYS W 73 -6.30 61.26 -32.89
CA LYS W 73 -6.48 61.27 -34.34
C LYS W 73 -7.45 60.13 -34.65
N PRO W 74 -8.44 60.35 -35.54
CA PRO W 74 -9.37 59.28 -35.89
C PRO W 74 -8.72 58.24 -36.76
N TYR W 75 -9.41 57.14 -37.02
CA TYR W 75 -8.89 56.16 -37.99
C TYR W 75 -9.10 56.64 -39.45
N GLU W 76 -8.54 55.90 -40.41
CA GLU W 76 -8.65 56.26 -41.83
C GLU W 76 -9.77 55.49 -42.51
N ASP W 77 -10.05 54.30 -41.99
CA ASP W 77 -11.28 53.58 -42.32
C ASP W 77 -12.48 54.27 -41.64
N THR W 78 -12.24 54.99 -40.53
CA THR W 78 -13.36 55.71 -39.88
C THR W 78 -13.05 57.19 -39.62
N PRO W 79 -12.97 57.99 -40.69
CA PRO W 79 -12.46 59.38 -40.59
C PRO W 79 -13.39 60.38 -39.88
N ASN W 80 -14.68 60.05 -39.82
CA ASN W 80 -15.68 60.95 -39.24
C ASN W 80 -16.42 60.29 -38.07
N GLN W 81 -15.64 59.63 -37.23
CA GLN W 81 -16.15 58.98 -36.05
C GLN W 81 -15.19 59.12 -34.88
N GLY W 82 -15.77 59.34 -33.69
CA GLY W 82 -15.03 59.20 -32.46
C GLY W 82 -14.86 57.71 -32.21
N ASN W 83 -14.22 57.37 -31.10
CA ASN W 83 -13.89 55.99 -30.80
C ASN W 83 -14.56 55.55 -29.51
N LEU W 84 -15.03 54.31 -29.50
CA LEU W 84 -15.47 53.69 -28.27
C LEU W 84 -14.60 52.47 -28.05
N ILE W 85 -14.01 52.37 -26.87
CA ILE W 85 -13.24 51.18 -26.50
C ILE W 85 -13.76 50.62 -25.19
N VAL W 86 -14.33 49.44 -25.26
CA VAL W 86 -14.94 48.82 -24.09
C VAL W 86 -13.99 47.77 -23.53
N ASN W 87 -13.87 47.74 -22.21
CA ASN W 87 -12.99 46.79 -21.58
C ASN W 87 -13.55 46.28 -20.27
N VAL W 88 -13.54 44.96 -20.12
CA VAL W 88 -14.12 44.34 -18.95
C VAL W 88 -13.08 43.57 -18.16
N GLU W 89 -13.13 43.69 -16.84
CA GLU W 89 -12.27 42.90 -15.98
C GLU W 89 -13.07 42.17 -14.90
N LEU W 90 -12.82 40.88 -14.80
CA LEU W 90 -13.32 40.07 -13.70
C LEU W 90 -12.19 39.96 -12.68
N LEU W 91 -12.52 40.10 -11.40
CA LEU W 91 -11.49 40.14 -10.36
C LEU W 91 -11.49 38.94 -9.39
N PRO W 92 -12.68 38.40 -9.04
CA PRO W 92 -12.72 37.22 -8.16
C PRO W 92 -11.89 36.01 -8.64
N ASP W 104 -8.58 37.81 -20.27
CA ASP W 104 -9.26 36.56 -19.92
C ASP W 104 -9.84 35.85 -21.16
N GLU W 105 -11.15 35.94 -21.38
CA GLU W 105 -11.89 35.26 -22.47
C GLU W 105 -13.38 35.52 -22.28
N ASN W 106 -13.87 35.22 -21.08
CA ASN W 106 -15.22 35.60 -20.70
C ASN W 106 -15.25 37.10 -20.61
N ALA W 107 -14.15 37.66 -20.10
CA ALA W 107 -13.99 39.11 -20.03
C ALA W 107 -14.05 39.75 -21.42
N ILE W 108 -13.38 39.11 -22.37
CA ILE W 108 -13.39 39.60 -23.73
C ILE W 108 -14.81 39.49 -24.33
N GLU W 109 -15.45 38.34 -24.15
CA GLU W 109 -16.80 38.15 -24.66
C GLU W 109 -17.72 39.24 -24.16
N LEU W 110 -17.75 39.42 -22.84
CA LEU W 110 -18.55 40.46 -22.20
C LEU W 110 -18.28 41.81 -22.81
N ALA W 111 -17.00 42.21 -22.86
CA ALA W 111 -16.62 43.48 -23.45
C ALA W 111 -17.19 43.66 -24.86
N ARG W 112 -17.06 42.63 -25.68
CA ARG W 112 -17.55 42.67 -27.05
C ARG W 112 -19.07 42.71 -27.19
N VAL W 113 -19.77 41.94 -26.36
CA VAL W 113 -21.23 41.91 -26.43
C VAL W 113 -21.76 43.29 -26.06
N VAL W 114 -21.24 43.84 -24.95
CA VAL W 114 -21.60 45.17 -24.50
C VAL W 114 -21.33 46.19 -25.59
N ASP W 115 -20.10 46.16 -26.11
CA ASP W 115 -19.67 47.03 -27.18
C ASP W 115 -20.68 46.96 -28.31
N ARG W 116 -20.92 45.76 -28.81
CA ARG W 116 -21.79 45.54 -29.94
C ARG W 116 -23.14 46.18 -29.76
N SER W 117 -23.71 46.03 -28.56
CA SER W 117 -25.05 46.52 -28.30
C SER W 117 -25.09 48.03 -28.20
N LEU W 118 -24.00 48.64 -27.74
CA LEU W 118 -23.90 50.10 -27.69
C LEU W 118 -23.63 50.72 -29.06
N ARG W 119 -22.82 50.05 -29.85
CA ARG W 119 -22.39 50.54 -31.15
C ARG W 119 -23.45 50.37 -32.24
N ASP W 120 -23.99 49.15 -32.36
CA ASP W 120 -24.97 48.81 -33.41
C ASP W 120 -26.29 49.53 -33.21
N SER W 121 -26.63 49.80 -31.94
CA SER W 121 -27.86 50.50 -31.62
C SER W 121 -27.75 51.98 -31.89
N LYS W 122 -26.52 52.51 -31.94
CA LYS W 122 -26.29 53.95 -32.01
C LYS W 122 -26.89 54.59 -30.76
N ALA W 123 -26.77 53.89 -29.64
CA ALA W 123 -27.13 54.50 -28.37
C ALA W 123 -26.16 55.65 -28.14
N LEU W 124 -24.87 55.39 -28.34
CA LEU W 124 -23.87 56.43 -28.40
C LEU W 124 -23.54 56.73 -29.86
N ASP W 125 -23.64 58.01 -30.22
CA ASP W 125 -23.40 58.42 -31.59
C ASP W 125 -21.96 58.85 -31.76
N LEU W 126 -21.16 58.01 -32.41
CA LEU W 126 -19.73 58.27 -32.59
C LEU W 126 -19.43 59.42 -33.53
N THR W 127 -20.34 59.67 -34.47
CA THR W 127 -20.14 60.70 -35.49
C THR W 127 -20.25 62.10 -34.91
N LYS W 128 -20.84 62.18 -33.71
CA LYS W 128 -20.94 63.43 -32.97
C LYS W 128 -19.78 63.65 -32.00
N LEU W 129 -18.79 62.77 -32.04
CA LEU W 129 -17.60 62.89 -31.19
C LEU W 129 -16.42 63.48 -31.97
N VAL W 130 -16.67 63.87 -33.21
CA VAL W 130 -15.67 64.52 -34.05
C VAL W 130 -15.46 65.95 -33.56
N ILE W 131 -14.20 66.36 -33.43
CA ILE W 131 -13.87 67.72 -33.08
C ILE W 131 -13.43 68.44 -34.36
N GLU W 132 -12.25 68.08 -34.84
CA GLU W 132 -11.76 68.54 -36.12
C GLU W 132 -11.75 67.33 -37.06
N PRO W 133 -12.62 67.34 -38.09
CA PRO W 133 -12.77 66.15 -38.94
C PRO W 133 -11.45 65.70 -39.55
N GLY W 134 -11.16 64.40 -39.42
CA GLY W 134 -9.90 63.85 -39.91
C GLY W 134 -8.69 64.17 -39.06
N LYS W 135 -8.74 65.31 -38.34
CA LYS W 135 -7.64 65.71 -37.45
C LYS W 135 -7.79 65.15 -36.01
N SER W 136 -8.91 65.41 -35.35
CA SER W 136 -9.05 65.05 -33.94
C SER W 136 -10.47 64.69 -33.50
N VAL W 137 -10.57 63.59 -32.76
CA VAL W 137 -11.86 63.08 -32.25
C VAL W 137 -11.75 62.69 -30.79
N TRP W 138 -12.90 62.51 -30.14
CA TRP W 138 -12.95 61.97 -28.79
C TRP W 138 -12.88 60.46 -28.81
N THR W 139 -12.03 59.92 -27.94
CA THR W 139 -12.01 58.49 -27.67
C THR W 139 -12.63 58.29 -26.31
N VAL W 140 -13.62 57.42 -26.25
CA VAL W 140 -14.29 57.09 -25.02
C VAL W 140 -13.82 55.73 -24.53
N TRP W 141 -12.95 55.74 -23.53
CA TRP W 141 -12.54 54.51 -22.88
C TRP W 141 -13.59 54.16 -21.84
N LEU W 142 -14.23 53.02 -22.04
CA LEU W 142 -15.17 52.50 -21.08
C LEU W 142 -14.55 51.28 -20.37
N ASP W 143 -14.22 51.44 -19.09
CA ASP W 143 -13.66 50.33 -18.30
C ASP W 143 -14.64 49.81 -17.26
N VAL W 144 -14.97 48.53 -17.37
CA VAL W 144 -16.01 47.91 -16.56
C VAL W 144 -15.40 46.85 -15.63
N TYR W 145 -15.55 47.05 -14.33
CA TYR W 145 -14.94 46.14 -13.34
C TYR W 145 -15.98 45.36 -12.59
N VAL W 146 -15.97 44.06 -12.79
CA VAL W 146 -16.83 43.15 -12.03
C VAL W 146 -16.13 42.90 -10.71
N LEU W 147 -16.75 43.42 -9.66
CA LEU W 147 -16.18 43.37 -8.32
C LEU W 147 -16.69 42.15 -7.55
N ASP W 148 -17.93 41.77 -7.81
CA ASP W 148 -18.56 40.68 -7.10
C ASP W 148 -19.34 39.81 -8.08
N TYR W 149 -18.94 38.56 -8.24
CA TYR W 149 -19.58 37.70 -9.22
C TYR W 149 -20.80 37.01 -8.62
N GLY W 150 -21.99 37.54 -8.90
CA GLY W 150 -23.23 36.97 -8.35
C GLY W 150 -24.13 36.33 -9.40
N GLY W 151 -23.59 36.05 -10.58
CA GLY W 151 -24.37 35.51 -11.69
C GLY W 151 -25.02 36.60 -12.51
N ASN W 152 -25.27 36.30 -13.78
CA ASN W 152 -25.81 37.26 -14.75
C ASN W 152 -25.02 38.57 -14.83
N VAL W 153 -23.73 38.42 -15.04
CA VAL W 153 -22.80 39.52 -15.00
C VAL W 153 -23.00 40.46 -16.18
N LEU W 154 -23.32 39.88 -17.33
CA LEU W 154 -23.58 40.64 -18.56
C LEU W 154 -24.61 41.74 -18.39
N ASP W 155 -25.76 41.38 -17.84
CA ASP W 155 -26.83 42.35 -17.66
C ASP W 155 -26.41 43.52 -16.76
N ALA W 156 -25.63 43.21 -15.73
CA ALA W 156 -25.15 44.25 -14.84
C ALA W 156 -24.10 45.12 -15.53
N CYS W 157 -23.30 44.51 -16.42
CA CYS W 157 -22.28 45.24 -17.19
C CYS W 157 -22.88 46.24 -18.14
N THR W 158 -23.98 45.84 -18.78
CA THR W 158 -24.69 46.73 -19.69
C THR W 158 -25.23 47.91 -18.90
N LEU W 159 -25.90 47.61 -17.80
CA LEU W 159 -26.46 48.65 -16.93
C LEU W 159 -25.38 49.60 -16.41
N ALA W 160 -24.27 49.03 -15.95
CA ALA W 160 -23.15 49.85 -15.47
C ALA W 160 -22.57 50.73 -16.58
N SER W 161 -22.47 50.17 -17.79
CA SER W 161 -21.88 50.88 -18.91
C SER W 161 -22.76 52.03 -19.35
N VAL W 162 -24.04 51.73 -19.52
CA VAL W 162 -25.01 52.73 -19.93
C VAL W 162 -25.02 53.86 -18.91
N ALA W 163 -25.12 53.52 -17.63
CA ALA W 163 -25.16 54.53 -16.57
C ALA W 163 -23.90 55.37 -16.52
N ALA W 164 -22.74 54.74 -16.71
CA ALA W 164 -21.49 55.49 -16.74
C ALA W 164 -21.49 56.48 -17.88
N LEU W 165 -21.94 56.06 -19.06
CA LEU W 165 -21.95 56.93 -20.23
C LEU W 165 -22.83 58.12 -19.97
N TYR W 166 -23.99 57.87 -19.39
CA TYR W 166 -24.91 58.93 -19.07
C TYR W 166 -24.40 59.89 -18.00
N ASN W 167 -23.48 59.40 -17.18
CA ASN W 167 -22.96 60.19 -16.09
C ASN W 167 -21.77 61.00 -16.56
N THR W 168 -21.28 60.69 -17.76
CA THR W 168 -20.05 61.27 -18.31
C THR W 168 -20.16 62.75 -18.62
N LYS W 169 -19.22 63.51 -18.07
CA LYS W 169 -19.07 64.91 -18.34
C LYS W 169 -18.05 65.12 -19.45
N VAL W 170 -18.35 66.03 -20.38
CA VAL W 170 -17.41 66.41 -21.45
C VAL W 170 -16.82 67.77 -21.12
N TYR W 171 -15.53 67.94 -21.37
CA TYR W 171 -14.81 69.17 -21.00
C TYR W 171 -14.52 70.12 -22.17
N LYS W 172 -14.14 71.36 -21.83
CA LYS W 172 -13.84 72.40 -22.82
C LYS W 172 -12.58 72.06 -23.60
N VAL W 173 -12.59 72.41 -24.89
CA VAL W 173 -11.50 72.08 -25.79
C VAL W 173 -10.76 73.33 -26.24
N GLU W 174 -9.59 73.59 -25.64
CA GLU W 174 -8.74 74.72 -26.03
C GLU W 174 -8.02 74.46 -27.37
N GLN W 175 -8.49 75.13 -28.43
CA GLN W 175 -7.93 74.97 -29.79
C GLN W 175 -7.16 76.21 -30.24
N ILE W 180 -6.49 71.18 -29.51
CA ILE W 180 -5.08 71.06 -29.13
C ILE W 180 -4.91 70.72 -27.65
N SER W 181 -5.75 71.31 -26.79
CA SER W 181 -5.66 71.09 -25.33
C SER W 181 -7.04 70.91 -24.66
N VAL W 182 -7.07 70.10 -23.59
CA VAL W 182 -8.30 69.90 -22.80
C VAL W 182 -8.25 70.72 -21.51
N ASN W 183 -9.39 71.30 -21.16
CA ASN W 183 -9.52 72.08 -19.91
C ASN W 183 -10.48 71.39 -18.95
N LYS W 184 -9.90 70.69 -17.97
CA LYS W 184 -10.66 69.75 -17.13
C LYS W 184 -11.41 70.37 -15.94
N ASN W 185 -11.58 71.69 -15.94
CA ASN W 185 -12.40 72.34 -14.92
C ASN W 185 -13.50 73.24 -15.50
N GLU W 186 -13.73 73.11 -16.80
CA GLU W 186 -14.91 73.68 -17.45
C GLU W 186 -15.67 72.55 -18.14
N VAL W 187 -16.82 72.19 -17.58
CA VAL W 187 -17.66 71.12 -18.13
C VAL W 187 -18.57 71.67 -19.22
N VAL W 188 -18.28 71.32 -20.47
CA VAL W 188 -19.00 71.82 -21.64
C VAL W 188 -20.39 71.16 -21.83
N GLY W 189 -20.49 69.86 -21.58
CA GLY W 189 -21.76 69.15 -21.76
C GLY W 189 -21.68 67.68 -21.43
N LYS W 190 -22.42 66.87 -22.18
CA LYS W 190 -22.49 65.43 -21.94
C LYS W 190 -22.26 64.66 -23.23
N LEU W 191 -22.28 63.33 -23.14
CA LEU W 191 -22.08 62.49 -24.29
C LEU W 191 -23.29 62.52 -25.21
N PRO W 192 -23.06 62.45 -26.54
CA PRO W 192 -24.15 62.38 -27.51
C PRO W 192 -24.83 61.03 -27.44
N LEU W 193 -25.70 60.86 -26.45
CA LEU W 193 -26.43 59.62 -26.27
C LEU W 193 -27.86 59.72 -26.75
N ASN W 194 -28.28 58.73 -27.53
CA ASN W 194 -29.62 58.71 -28.12
C ASN W 194 -30.65 58.16 -27.16
N TYR W 195 -30.27 57.06 -26.52
CA TYR W 195 -31.13 56.37 -25.56
C TYR W 195 -30.30 55.38 -24.77
N PRO W 196 -30.82 54.97 -23.60
CA PRO W 196 -30.22 53.85 -22.89
C PRO W 196 -30.54 52.54 -23.60
N VAL W 197 -29.81 51.51 -23.24
CA VAL W 197 -30.05 50.18 -23.76
C VAL W 197 -30.01 49.23 -22.58
N VAL W 198 -30.81 48.18 -22.62
CA VAL W 198 -30.70 47.13 -21.61
C VAL W 198 -30.49 45.80 -22.27
N THR W 199 -29.73 44.94 -21.60
CA THR W 199 -29.64 43.55 -21.99
C THR W 199 -30.36 42.70 -20.95
N ILE W 200 -31.17 41.77 -21.44
CA ILE W 200 -31.89 40.85 -20.57
C ILE W 200 -31.46 39.45 -20.88
N SER W 201 -31.00 38.74 -19.86
CA SER W 201 -30.56 37.34 -19.99
C SER W 201 -31.63 36.37 -19.50
N VAL W 202 -31.91 35.35 -20.32
CA VAL W 202 -32.90 34.33 -20.00
C VAL W 202 -32.23 32.97 -20.02
N ALA W 203 -32.27 32.28 -18.89
CA ALA W 203 -31.60 31.00 -18.72
C ALA W 203 -32.58 29.87 -18.90
N LYS W 204 -32.08 28.81 -19.53
CA LYS W 204 -32.82 27.60 -19.73
C LYS W 204 -32.36 26.64 -18.66
N VAL W 205 -33.26 26.31 -17.74
CA VAL W 205 -32.98 25.34 -16.68
C VAL W 205 -34.03 24.27 -16.75
N ASP W 206 -33.61 23.04 -17.03
CA ASP W 206 -34.53 21.92 -17.21
C ASP W 206 -35.48 22.29 -18.34
N LYS W 207 -36.78 22.37 -18.04
CA LYS W 207 -37.77 22.76 -19.04
C LYS W 207 -38.30 24.17 -18.78
N TYR W 208 -37.60 24.90 -17.93
CA TYR W 208 -38.05 26.23 -17.48
C TYR W 208 -37.19 27.36 -18.04
N LEU W 209 -37.79 28.52 -18.19
CA LEU W 209 -37.03 29.70 -18.56
C LEU W 209 -37.02 30.67 -17.39
N VAL W 210 -35.84 31.18 -17.06
CA VAL W 210 -35.68 32.01 -15.90
C VAL W 210 -34.94 33.30 -16.27
N VAL W 211 -35.50 34.44 -15.87
CA VAL W 211 -34.90 35.74 -16.14
C VAL W 211 -33.86 36.09 -15.08
N ASP W 212 -32.72 36.64 -15.50
CA ASP W 212 -31.69 37.14 -14.58
C ASP W 212 -31.27 36.03 -13.63
N PRO W 213 -30.56 35.00 -14.14
CA PRO W 213 -30.20 33.88 -13.28
C PRO W 213 -29.15 34.27 -12.26
N ASP W 214 -29.29 33.76 -11.04
CA ASP W 214 -28.28 33.97 -10.00
C ASP W 214 -27.13 32.99 -10.13
N LEU W 215 -26.24 32.99 -9.15
CA LEU W 215 -25.05 32.16 -9.20
C LEU W 215 -25.39 30.68 -9.28
N ASP W 216 -26.25 30.23 -8.37
CA ASP W 216 -26.71 28.83 -8.37
C ASP W 216 -27.43 28.45 -9.66
N GLU W 217 -28.29 29.34 -10.14
CA GLU W 217 -29.06 29.08 -11.34
C GLU W 217 -28.15 28.94 -12.55
N GLU W 218 -27.09 29.75 -12.60
CA GLU W 218 -26.18 29.71 -13.74
C GLU W 218 -25.42 28.43 -13.81
N SER W 219 -25.11 27.85 -12.65
CA SER W 219 -24.33 26.62 -12.61
C SER W 219 -25.12 25.38 -12.99
N ILE W 220 -26.45 25.48 -12.96
CA ILE W 220 -27.32 24.33 -13.31
C ILE W 220 -28.05 24.47 -14.65
N MET W 221 -27.96 25.66 -15.26
CA MET W 221 -28.63 25.92 -16.52
C MET W 221 -28.03 25.11 -17.66
N ASP W 222 -28.86 24.84 -18.67
CA ASP W 222 -28.36 24.24 -19.90
C ASP W 222 -27.57 25.29 -20.67
N ALA W 223 -28.21 26.44 -20.86
CA ALA W 223 -27.64 27.56 -21.60
C ALA W 223 -28.42 28.80 -21.26
N LYS W 224 -27.88 29.97 -21.57
CA LYS W 224 -28.64 31.21 -21.44
C LYS W 224 -28.54 32.04 -22.72
N ILE W 225 -29.50 32.94 -22.93
CA ILE W 225 -29.51 33.75 -24.13
C ILE W 225 -29.80 35.15 -23.67
N SER W 226 -29.03 36.11 -24.19
CA SER W 226 -29.16 37.51 -23.78
C SER W 226 -29.65 38.39 -24.93
N PHE W 227 -30.70 39.16 -24.70
CA PHE W 227 -31.24 40.04 -25.73
C PHE W 227 -31.02 41.49 -25.34
N SER W 228 -30.61 42.31 -26.31
CA SER W 228 -30.43 43.72 -26.02
C SER W 228 -31.51 44.49 -26.72
N TYR W 229 -32.11 45.44 -26.00
CA TYR W 229 -33.21 46.25 -26.52
C TYR W 229 -32.97 47.76 -26.42
N THR W 230 -33.57 48.47 -27.36
CA THR W 230 -33.67 49.93 -27.30
C THR W 230 -35.04 50.21 -26.71
N PRO W 231 -35.27 51.45 -26.22
CA PRO W 231 -36.55 51.82 -25.59
C PRO W 231 -37.78 51.61 -26.47
N ASP W 232 -37.59 51.73 -27.78
CA ASP W 232 -38.64 51.41 -28.75
C ASP W 232 -38.79 49.89 -28.97
N LEU W 233 -38.02 49.11 -28.22
CA LEU W 233 -38.09 47.63 -28.21
C LEU W 233 -37.65 46.97 -29.52
N LYS W 234 -36.61 47.54 -30.12
CA LYS W 234 -35.94 46.93 -31.25
C LYS W 234 -34.85 46.06 -30.67
N ILE W 235 -34.68 44.86 -31.24
CA ILE W 235 -33.60 43.95 -30.82
C ILE W 235 -32.29 44.46 -31.41
N VAL W 236 -31.25 44.50 -30.60
CA VAL W 236 -30.03 45.23 -30.93
C VAL W 236 -28.75 44.40 -30.69
N GLY W 237 -28.95 43.22 -30.12
CA GLY W 237 -27.91 42.23 -29.95
C GLY W 237 -28.52 40.98 -29.37
N ILE W 238 -28.00 39.83 -29.78
CA ILE W 238 -28.35 38.54 -29.17
C ILE W 238 -27.09 37.71 -28.98
N GLN W 239 -26.97 37.07 -27.82
CA GLN W 239 -25.83 36.21 -27.54
C GLN W 239 -26.25 35.01 -26.71
N LYS W 240 -26.16 33.83 -27.33
CA LYS W 240 -26.37 32.59 -26.62
C LYS W 240 -25.11 32.31 -25.83
N SER W 241 -25.27 31.71 -24.67
CA SER W 241 -24.18 31.47 -23.76
C SER W 241 -24.35 30.09 -23.11
N GLY W 242 -23.25 29.42 -22.79
CA GLY W 242 -23.34 28.18 -22.00
C GLY W 242 -23.05 26.90 -22.77
N LYS W 243 -22.76 25.83 -22.02
CA LYS W 243 -22.30 24.54 -22.55
C LYS W 243 -23.40 23.70 -23.19
N GLY W 244 -24.65 24.08 -22.97
CA GLY W 244 -25.74 23.29 -23.48
C GLY W 244 -26.47 23.97 -24.62
N SER W 245 -27.52 23.31 -25.09
CA SER W 245 -28.30 23.80 -26.20
C SER W 245 -29.70 24.25 -25.77
N MET W 246 -30.50 24.66 -26.73
CA MET W 246 -31.78 25.28 -26.47
C MET W 246 -32.63 25.07 -27.70
N SER W 247 -33.92 24.78 -27.52
CA SER W 247 -34.78 24.53 -28.67
C SER W 247 -35.22 25.82 -29.36
N LEU W 248 -35.79 25.67 -30.54
CA LEU W 248 -36.32 26.78 -31.32
C LEU W 248 -37.34 27.55 -30.50
N GLN W 249 -38.31 26.81 -29.96
CA GLN W 249 -39.39 27.42 -29.20
C GLN W 249 -38.96 28.00 -27.87
N ASP W 250 -37.89 27.44 -27.30
CA ASP W 250 -37.28 28.01 -26.11
C ASP W 250 -36.84 29.43 -26.42
N ILE W 251 -36.15 29.59 -27.54
CA ILE W 251 -35.65 30.90 -27.97
C ILE W 251 -36.79 31.89 -28.30
N ASP W 252 -37.80 31.37 -28.98
CA ASP W 252 -39.00 32.14 -29.23
C ASP W 252 -39.59 32.72 -27.91
N GLN W 253 -39.88 31.85 -26.94
CA GLN W 253 -40.47 32.29 -25.67
C GLN W 253 -39.53 33.19 -24.91
N ALA W 254 -38.24 32.88 -24.97
CA ALA W 254 -37.23 33.63 -24.24
C ALA W 254 -37.25 35.10 -24.65
N GLU W 255 -37.37 35.35 -25.96
CA GLU W 255 -37.34 36.72 -26.44
C GLU W 255 -38.62 37.46 -26.06
N ASN W 256 -39.76 36.78 -26.17
CA ASN W 256 -41.04 37.28 -25.67
C ASN W 256 -40.91 37.73 -24.23
N THR W 257 -40.42 36.81 -23.39
CA THR W 257 -40.19 37.08 -21.97
C THR W 257 -39.21 38.24 -21.80
N ALA W 258 -38.09 38.17 -22.52
CA ALA W 258 -37.06 39.19 -22.43
C ALA W 258 -37.61 40.58 -22.70
N ARG W 259 -38.46 40.65 -23.73
CA ARG W 259 -38.99 41.92 -24.17
C ARG W 259 -39.93 42.58 -23.16
N SER W 260 -40.84 41.82 -22.57
CA SER W 260 -41.74 42.43 -21.58
C SER W 260 -41.02 42.72 -20.27
N THR W 261 -39.87 42.08 -20.07
CA THR W 261 -39.00 42.40 -18.96
C THR W 261 -38.26 43.69 -19.25
N ALA W 262 -37.81 43.85 -20.48
CA ALA W 262 -37.05 45.01 -20.90
C ALA W 262 -37.74 46.33 -20.57
N VAL W 263 -39.05 46.37 -20.73
CA VAL W 263 -39.85 47.56 -20.43
C VAL W 263 -39.69 48.02 -18.98
N LYS W 264 -39.88 47.08 -18.04
CA LYS W 264 -39.72 47.34 -16.61
C LYS W 264 -38.32 47.82 -16.27
N LEU W 265 -37.33 47.13 -16.82
CA LEU W 265 -35.94 47.42 -16.52
C LEU W 265 -35.54 48.80 -17.03
N LEU W 266 -36.03 49.15 -18.21
CA LEU W 266 -35.70 50.43 -18.81
C LEU W 266 -36.29 51.55 -17.99
N GLU W 267 -37.50 51.35 -17.48
CA GLU W 267 -38.15 52.33 -16.62
C GLU W 267 -37.35 52.57 -15.36
N GLU W 268 -36.90 51.47 -14.75
CA GLU W 268 -36.14 51.53 -13.52
C GLU W 268 -34.78 52.16 -13.75
N LEU W 269 -34.14 51.79 -14.87
CA LEU W 269 -32.86 52.39 -15.28
C LEU W 269 -32.96 53.92 -15.38
N LYS W 270 -34.04 54.37 -16.01
CA LYS W 270 -34.27 55.78 -16.24
C LYS W 270 -34.42 56.55 -14.94
N LYS W 271 -35.20 55.99 -14.00
CA LYS W 271 -35.31 56.55 -12.65
C LYS W 271 -33.94 56.77 -12.03
N HIS W 272 -33.05 55.78 -12.15
CA HIS W 272 -31.71 55.88 -11.61
C HIS W 272 -30.90 56.96 -12.29
N LEU W 273 -31.05 57.06 -13.62
CA LEU W 273 -30.29 58.03 -14.39
C LEU W 273 -30.87 59.44 -14.33
N GLY W 274 -32.06 59.57 -13.76
CA GLY W 274 -32.83 60.81 -13.88
C GLY W 274 -33.35 60.94 -15.30
N ILE W 275 -33.94 59.84 -15.80
CA ILE W 275 -34.32 59.61 -17.20
C ILE W 275 -33.18 59.88 -18.19
N GLU X 8 -18.15 55.47 -50.70
CA GLU X 8 -19.24 55.66 -49.72
C GLU X 8 -20.25 54.49 -49.78
N ARG X 9 -21.37 54.57 -49.06
CA ARG X 9 -22.26 53.39 -48.82
C ARG X 9 -22.93 52.75 -50.06
N PRO X 10 -22.48 51.53 -50.45
CA PRO X 10 -23.04 50.80 -51.61
C PRO X 10 -24.42 50.15 -51.39
N LYS X 11 -25.16 49.98 -52.49
CA LYS X 11 -26.43 49.23 -52.51
C LYS X 11 -26.19 47.71 -52.36
N LEU X 12 -27.18 46.99 -51.83
CA LEU X 12 -27.02 45.58 -51.45
C LEU X 12 -28.06 44.64 -52.06
N ILE X 13 -29.22 45.18 -52.39
CA ILE X 13 -30.20 44.45 -53.16
C ILE X 13 -30.34 45.29 -54.41
N LEU X 14 -30.09 44.67 -55.56
CA LEU X 14 -30.05 45.44 -56.80
C LEU X 14 -31.45 45.79 -57.36
N ASP X 15 -31.48 46.73 -58.30
CA ASP X 15 -32.72 47.17 -58.93
C ASP X 15 -33.68 46.02 -59.34
N ASP X 16 -33.11 44.88 -59.73
CA ASP X 16 -33.90 43.68 -60.02
C ASP X 16 -34.23 42.79 -58.81
N GLY X 17 -33.80 43.20 -57.63
CA GLY X 17 -34.16 42.47 -56.40
C GLY X 17 -33.19 41.39 -55.96
N LYS X 18 -32.32 40.96 -56.86
CA LYS X 18 -31.19 40.08 -56.57
C LYS X 18 -30.06 40.79 -55.82
N ARG X 19 -29.16 39.98 -55.25
CA ARG X 19 -28.05 40.44 -54.41
C ARG X 19 -26.80 40.70 -55.23
N THR X 20 -25.78 41.27 -54.59
CA THR X 20 -24.56 41.69 -55.29
C THR X 20 -23.86 40.54 -56.02
N ASP X 21 -24.05 39.31 -55.55
CA ASP X 21 -23.48 38.14 -56.25
C ASP X 21 -24.49 37.44 -57.18
N GLY X 22 -25.65 38.03 -57.36
CA GLY X 22 -26.66 37.50 -58.27
C GLY X 22 -27.66 36.55 -57.62
N ARG X 23 -27.48 36.30 -56.33
CA ARG X 23 -28.39 35.43 -55.58
C ARG X 23 -29.69 36.10 -55.19
N LYS X 24 -30.75 35.30 -55.08
CA LYS X 24 -31.99 35.76 -54.48
C LYS X 24 -31.83 35.78 -52.95
N PRO X 25 -32.75 36.43 -52.23
CA PRO X 25 -32.68 36.44 -50.76
C PRO X 25 -32.76 35.07 -50.08
N ASP X 26 -33.39 34.08 -50.74
CA ASP X 26 -33.53 32.73 -50.21
C ASP X 26 -32.56 31.67 -50.79
N GLU X 27 -31.40 32.11 -51.28
CA GLU X 27 -30.44 31.19 -51.89
C GLU X 27 -29.12 31.09 -51.13
N LEU X 28 -28.68 29.85 -50.90
CA LEU X 28 -27.38 29.55 -50.32
C LEU X 28 -26.30 29.70 -51.34
N ARG X 29 -25.08 29.96 -50.87
CA ARG X 29 -23.91 29.89 -51.72
C ARG X 29 -23.60 28.44 -52.06
N SER X 30 -22.71 28.24 -53.02
CA SER X 30 -22.25 26.90 -53.33
C SER X 30 -21.54 26.28 -52.12
N ILE X 31 -21.70 24.97 -51.97
CA ILE X 31 -21.15 24.26 -50.83
C ILE X 31 -20.27 23.13 -51.32
N LYS X 32 -19.11 23.01 -50.68
CA LYS X 32 -18.19 21.89 -50.95
C LYS X 32 -17.65 21.32 -49.61
N ILE X 33 -17.78 20.00 -49.48
CA ILE X 33 -17.35 19.33 -48.26
C ILE X 33 -16.52 18.10 -48.62
N GLU X 34 -15.37 17.95 -47.97
CA GLU X 34 -14.61 16.68 -48.03
C GLU X 34 -14.00 16.27 -46.70
N LEU X 35 -13.99 14.95 -46.47
CA LEU X 35 -13.59 14.39 -45.18
C LEU X 35 -12.31 13.56 -45.29
N GLY X 36 -11.61 13.40 -44.17
CA GLY X 36 -10.44 12.53 -44.10
C GLY X 36 -9.32 13.03 -44.97
N VAL X 37 -9.10 14.32 -44.94
CA VAL X 37 -8.18 14.96 -45.87
C VAL X 37 -6.77 15.07 -45.26
N LEU X 38 -6.67 14.96 -43.94
CA LEU X 38 -5.39 14.96 -43.24
C LEU X 38 -5.08 13.57 -42.71
N LYS X 39 -3.94 13.05 -43.13
CA LYS X 39 -3.54 11.70 -42.80
C LYS X 39 -3.16 11.51 -41.33
N ASN X 40 -2.57 12.53 -40.73
CA ASN X 40 -2.04 12.40 -39.37
C ASN X 40 -2.99 12.86 -38.28
N ALA X 41 -4.21 13.25 -38.65
CA ALA X 41 -5.23 13.61 -37.68
C ALA X 41 -6.13 12.41 -37.46
N ASP X 42 -6.87 12.42 -36.36
CA ASP X 42 -7.83 11.35 -36.10
C ASP X 42 -9.09 11.52 -36.95
N GLY X 43 -9.46 12.77 -37.21
CA GLY X 43 -10.55 13.11 -38.09
C GLY X 43 -10.21 14.44 -38.70
N SER X 44 -10.65 14.66 -39.95
CA SER X 44 -10.46 15.95 -40.61
C SER X 44 -11.55 16.21 -41.63
N ALA X 45 -11.77 17.50 -41.90
CA ALA X 45 -12.76 17.95 -42.88
C ALA X 45 -12.35 19.31 -43.47
N ILE X 46 -12.61 19.48 -44.78
CA ILE X 46 -12.61 20.81 -45.40
C ILE X 46 -14.05 21.17 -45.73
N PHE X 47 -14.44 22.40 -45.36
CA PHE X 47 -15.78 22.92 -45.67
C PHE X 47 -15.70 24.25 -46.40
N GLU X 48 -16.53 24.39 -47.44
CA GLU X 48 -16.57 25.62 -48.23
C GLU X 48 -17.99 26.12 -48.41
N MET X 49 -18.18 27.39 -48.07
CA MET X 49 -19.42 28.09 -48.41
C MET X 49 -19.06 29.31 -49.25
N GLY X 50 -19.39 29.26 -50.54
CA GLY X 50 -18.92 30.27 -51.46
C GLY X 50 -17.43 30.35 -51.33
N ASN X 51 -16.92 31.55 -51.04
CA ASN X 51 -15.49 31.75 -50.93
C ASN X 51 -14.91 31.63 -49.52
N THR X 52 -15.71 31.08 -48.59
CA THR X 52 -15.23 30.82 -47.24
C THR X 52 -14.79 29.37 -47.15
N LYS X 53 -13.50 29.18 -46.90
CA LYS X 53 -12.87 27.87 -46.76
C LYS X 53 -12.34 27.70 -45.34
N ALA X 54 -12.71 26.59 -44.73
CA ALA X 54 -12.13 26.21 -43.44
C ALA X 54 -11.63 24.76 -43.45
N ILE X 55 -10.53 24.52 -42.76
CA ILE X 55 -10.06 23.17 -42.52
C ILE X 55 -10.08 22.88 -41.03
N ALA X 56 -10.51 21.68 -40.67
CA ALA X 56 -10.59 21.27 -39.27
C ALA X 56 -9.91 19.92 -39.06
N ALA X 57 -9.07 19.85 -38.04
CA ALA X 57 -8.39 18.62 -37.64
C ALA X 57 -8.81 18.30 -36.21
N VAL X 58 -9.09 17.02 -35.97
CA VAL X 58 -9.40 16.53 -34.63
C VAL X 58 -8.31 15.56 -34.22
N TYR X 59 -7.73 15.79 -33.05
CA TYR X 59 -6.78 14.82 -32.49
C TYR X 59 -7.48 14.17 -31.32
N GLY X 60 -7.82 12.90 -31.53
CA GLY X 60 -8.90 12.16 -30.85
C GLY X 60 -8.77 12.06 -29.36
N PRO X 61 -9.70 11.34 -28.70
CA PRO X 61 -9.68 11.29 -27.23
C PRO X 61 -8.34 10.72 -26.73
N LYS X 62 -7.66 11.48 -25.87
CA LYS X 62 -6.32 11.14 -25.39
C LYS X 62 -6.09 11.71 -23.99
N GLU X 63 -5.38 10.96 -23.16
CA GLU X 63 -5.00 11.42 -21.83
C GLU X 63 -4.40 12.82 -21.87
N MET X 64 -4.69 13.63 -20.86
CA MET X 64 -4.31 15.03 -20.93
C MET X 64 -2.97 15.37 -20.30
N HIS X 65 -2.21 16.22 -21.01
CA HIS X 65 -0.85 16.58 -20.66
C HIS X 65 -0.62 16.90 -19.17
N PRO X 66 -1.10 18.09 -18.69
CA PRO X 66 -1.07 18.30 -17.24
C PRO X 66 -2.39 17.84 -16.62
N ARG X 67 -2.32 16.85 -15.74
CA ARG X 67 -3.53 16.16 -15.28
C ARG X 67 -4.50 17.04 -14.49
N HIS X 68 -3.98 18.00 -13.73
CA HIS X 68 -4.84 18.89 -12.92
C HIS X 68 -5.85 19.68 -13.76
N LEU X 69 -5.55 19.80 -15.06
CA LEU X 69 -6.40 20.48 -16.01
C LEU X 69 -7.48 19.57 -16.61
N SER X 70 -7.41 18.28 -16.30
CA SER X 70 -8.38 17.31 -16.81
C SER X 70 -9.63 17.25 -15.91
N LEU X 71 -10.70 16.63 -16.41
CA LEU X 71 -11.92 16.50 -15.65
C LEU X 71 -12.22 15.04 -15.31
N PRO X 72 -12.72 14.77 -14.09
CA PRO X 72 -12.93 13.41 -13.60
C PRO X 72 -14.05 12.65 -14.31
N ASP X 73 -14.99 13.37 -14.91
CA ASP X 73 -16.21 12.77 -15.46
C ASP X 73 -16.37 12.98 -16.96
N ARG X 74 -15.53 13.85 -17.52
CA ARG X 74 -15.68 14.33 -18.89
C ARG X 74 -14.36 14.45 -19.62
N ALA X 75 -14.44 14.57 -20.94
CA ALA X 75 -13.33 15.01 -21.75
C ALA X 75 -13.33 16.53 -21.79
N VAL X 76 -12.13 17.11 -21.84
CA VAL X 76 -12.00 18.54 -22.05
C VAL X 76 -11.93 18.79 -23.55
N LEU X 77 -12.70 19.76 -24.01
CA LEU X 77 -12.60 20.17 -25.40
C LEU X 77 -11.61 21.31 -25.50
N ARG X 78 -10.63 21.18 -26.39
CA ARG X 78 -9.71 22.28 -26.69
C ARG X 78 -9.92 22.70 -28.12
N VAL X 79 -10.40 23.93 -28.28
CA VAL X 79 -10.82 24.42 -29.59
C VAL X 79 -9.99 25.64 -29.97
N ARG X 80 -9.51 25.66 -31.21
CA ARG X 80 -8.82 26.82 -31.76
C ARG X 80 -9.47 27.31 -33.06
N TYR X 81 -10.07 28.50 -33.01
CA TYR X 81 -10.51 29.18 -34.21
C TYR X 81 -9.40 30.12 -34.65
N HIS X 82 -8.93 29.94 -35.87
CA HIS X 82 -7.84 30.77 -36.36
C HIS X 82 -7.94 31.10 -37.85
N MET X 83 -7.62 32.34 -38.18
CA MET X 83 -7.60 32.81 -39.55
C MET X 83 -6.18 32.96 -40.03
N THR X 84 -5.89 32.37 -41.18
CA THR X 84 -4.55 32.46 -41.78
C THR X 84 -4.37 33.89 -42.26
N PRO X 85 -3.12 34.39 -42.22
CA PRO X 85 -2.85 35.77 -42.60
C PRO X 85 -3.30 36.12 -44.02
N PHE X 86 -3.45 35.11 -44.87
CA PHE X 86 -3.80 35.34 -46.27
C PHE X 86 -5.22 34.92 -46.61
N SER X 87 -6.07 34.90 -45.58
CA SER X 87 -7.47 34.54 -45.78
C SER X 87 -8.33 35.75 -46.19
N THR X 88 -7.85 36.96 -45.92
CA THR X 88 -8.61 38.16 -46.24
C THR X 88 -7.87 39.00 -47.28
N ASP X 89 -8.40 40.18 -47.58
CA ASP X 89 -7.79 41.09 -48.56
C ASP X 89 -6.55 41.78 -48.00
N GLU X 90 -6.73 42.43 -46.85
CA GLU X 90 -5.63 42.91 -46.04
C GLU X 90 -5.04 41.71 -45.30
N ARG X 91 -3.75 41.70 -45.08
CA ARG X 91 -3.13 40.64 -44.27
C ARG X 91 -3.55 40.72 -42.80
N LYS X 92 -4.17 39.67 -42.30
CA LYS X 92 -4.50 39.53 -40.87
C LYS X 92 -3.24 39.13 -40.07
N ASN X 93 -3.05 39.74 -38.90
CA ASN X 93 -1.96 39.36 -38.00
C ASN X 93 -2.24 37.98 -37.41
N PRO X 94 -1.25 37.05 -37.51
CA PRO X 94 -1.40 35.67 -37.03
C PRO X 94 -1.71 35.57 -35.53
N ALA X 95 -1.19 36.53 -34.75
CA ALA X 95 -1.50 36.64 -33.33
C ALA X 95 -3.01 36.70 -33.07
N PRO X 96 -3.51 35.87 -32.13
CA PRO X 96 -4.95 35.77 -31.89
C PRO X 96 -5.56 37.13 -31.54
N SER X 97 -6.61 37.51 -32.24
CA SER X 97 -7.31 38.76 -32.00
C SER X 97 -8.40 38.51 -30.98
N ARG X 98 -8.91 39.60 -30.39
CA ARG X 98 -10.05 39.49 -29.47
C ARG X 98 -11.20 38.75 -30.13
N ARG X 99 -11.47 39.06 -31.40
CA ARG X 99 -12.48 38.32 -32.18
C ARG X 99 -12.22 36.81 -32.24
N GLU X 100 -10.98 36.45 -32.50
CA GLU X 100 -10.60 35.04 -32.61
C GLU X 100 -10.76 34.31 -31.27
N ILE X 101 -10.52 35.03 -30.18
CA ILE X 101 -10.63 34.45 -28.84
C ILE X 101 -12.09 34.19 -28.46
N GLU X 102 -12.95 35.16 -28.77
CA GLU X 102 -14.39 35.03 -28.53
C GLU X 102 -14.99 33.89 -29.34
N LEU X 103 -14.71 33.89 -30.64
CA LEU X 103 -15.27 32.87 -31.51
C LEU X 103 -14.80 31.48 -31.13
N SER X 104 -13.55 31.36 -30.67
CA SER X 104 -13.04 30.05 -30.17
C SER X 104 -13.90 29.50 -29.05
N LYS X 105 -14.27 30.38 -28.12
CA LYS X 105 -15.16 30.05 -27.01
C LYS X 105 -16.55 29.68 -27.51
N VAL X 106 -17.13 30.58 -28.30
CA VAL X 106 -18.46 30.37 -28.87
C VAL X 106 -18.57 29.02 -29.62
N ILE X 107 -17.55 28.72 -30.43
CA ILE X 107 -17.49 27.47 -31.16
C ILE X 107 -17.33 26.30 -30.20
N ARG X 108 -16.51 26.48 -29.18
CA ARG X 108 -16.29 25.42 -28.21
C ARG X 108 -17.58 25.05 -27.51
N GLU X 109 -18.31 26.05 -27.07
CA GLU X 109 -19.53 25.79 -26.33
C GLU X 109 -20.51 25.12 -27.26
N ALA X 110 -20.52 25.55 -28.52
CA ALA X 110 -21.40 24.95 -29.51
C ALA X 110 -21.12 23.45 -29.57
N LEU X 111 -19.85 23.07 -29.66
CA LEU X 111 -19.48 21.68 -29.82
C LEU X 111 -19.73 20.88 -28.54
N GLU X 112 -19.54 21.54 -27.41
CA GLU X 112 -19.74 20.88 -26.13
C GLU X 112 -21.18 20.41 -26.00
N SER X 113 -22.10 21.11 -26.65
CA SER X 113 -23.52 20.75 -26.57
C SER X 113 -23.86 19.54 -27.42
N ALA X 114 -22.94 19.15 -28.30
CA ALA X 114 -23.17 18.06 -29.25
C ALA X 114 -22.37 16.84 -28.90
N VAL X 115 -21.11 17.07 -28.54
CA VAL X 115 -20.19 15.99 -28.24
C VAL X 115 -20.50 15.35 -26.89
N LEU X 116 -20.51 14.02 -26.88
CA LEU X 116 -20.76 13.24 -25.67
C LEU X 116 -19.48 13.08 -24.87
N VAL X 117 -19.05 14.16 -24.23
CA VAL X 117 -17.78 14.22 -23.53
C VAL X 117 -17.69 13.31 -22.30
N GLU X 118 -18.85 12.95 -21.73
CA GLU X 118 -18.91 12.11 -20.53
C GLU X 118 -18.29 10.75 -20.79
N LEU X 119 -18.32 10.32 -22.05
CA LEU X 119 -17.80 9.03 -22.44
C LEU X 119 -16.28 8.87 -22.29
N PHE X 120 -15.56 9.99 -22.17
CA PHE X 120 -14.10 9.94 -22.13
C PHE X 120 -13.55 10.79 -20.98
N PRO X 121 -13.69 10.31 -19.74
CA PRO X 121 -13.15 11.06 -18.61
C PRO X 121 -11.62 11.13 -18.66
N ARG X 122 -11.08 12.21 -18.11
CA ARG X 122 -9.64 12.45 -18.00
C ARG X 122 -8.91 12.60 -19.32
N THR X 123 -9.65 12.80 -20.40
CA THR X 123 -9.07 12.92 -21.73
C THR X 123 -9.28 14.32 -22.31
N ALA X 124 -8.48 14.64 -23.33
CA ALA X 124 -8.64 15.87 -24.10
C ALA X 124 -8.97 15.54 -25.55
N ILE X 125 -9.92 16.28 -26.11
CA ILE X 125 -10.21 16.25 -27.54
C ILE X 125 -9.81 17.57 -28.16
N ASP X 126 -8.84 17.53 -29.08
CA ASP X 126 -8.33 18.73 -29.74
C ASP X 126 -8.97 18.98 -31.07
N VAL X 127 -9.48 20.19 -31.24
CA VAL X 127 -10.13 20.59 -32.47
C VAL X 127 -9.47 21.86 -32.98
N PHE X 128 -8.72 21.75 -34.06
CA PHE X 128 -8.06 22.92 -34.63
C PHE X 128 -8.72 23.34 -35.94
N THR X 129 -9.07 24.61 -36.00
CA THR X 129 -9.76 25.16 -37.16
C THR X 129 -8.88 26.22 -37.82
N GLU X 130 -8.77 26.17 -39.15
CA GLU X 130 -8.08 27.23 -39.88
C GLU X 130 -8.92 27.75 -41.03
N ILE X 131 -9.25 29.04 -40.98
CA ILE X 131 -9.87 29.72 -42.13
C ILE X 131 -8.82 30.06 -43.17
N LEU X 132 -9.02 29.51 -44.36
CA LEU X 132 -8.06 29.67 -45.47
C LEU X 132 -8.49 30.82 -46.37
N GLN X 133 -9.80 31.04 -46.44
CA GLN X 133 -10.37 32.21 -47.09
C GLN X 133 -11.60 32.68 -46.32
N ALA X 134 -11.61 33.95 -45.98
CA ALA X 134 -12.73 34.53 -45.31
C ALA X 134 -13.61 35.29 -46.31
N ASP X 135 -14.89 34.93 -46.35
CA ASP X 135 -15.88 35.68 -47.12
C ASP X 135 -17.19 35.71 -46.32
N ALA X 136 -17.08 36.04 -45.02
CA ALA X 136 -18.22 36.02 -44.09
C ALA X 136 -18.73 34.61 -43.76
N GLY X 137 -19.29 34.44 -42.57
CA GLY X 137 -19.85 33.17 -42.14
C GLY X 137 -18.79 32.14 -41.77
N SER X 138 -17.56 32.63 -41.60
CA SER X 138 -16.41 31.78 -41.33
C SER X 138 -16.55 31.06 -39.99
N ARG X 139 -17.11 31.77 -39.00
CA ARG X 139 -17.35 31.16 -37.72
C ARG X 139 -18.24 29.91 -37.83
N LEU X 140 -19.20 29.94 -38.74
CA LEU X 140 -20.08 28.80 -38.96
C LEU X 140 -19.42 27.72 -39.77
N VAL X 141 -18.68 28.14 -40.80
CA VAL X 141 -17.97 27.18 -41.67
C VAL X 141 -16.95 26.43 -40.82
N SER X 142 -16.28 27.17 -39.93
CA SER X 142 -15.37 26.59 -38.98
C SER X 142 -16.05 25.54 -38.08
N LEU X 143 -17.17 25.94 -37.47
CA LEU X 143 -17.94 25.05 -36.62
C LEU X 143 -18.41 23.77 -37.34
N MET X 144 -18.89 23.90 -38.56
CA MET X 144 -19.38 22.73 -39.29
C MET X 144 -18.23 21.82 -39.63
N ALA X 145 -17.11 22.40 -40.06
CA ALA X 145 -15.93 21.62 -40.40
C ALA X 145 -15.50 20.81 -39.18
N ALA X 146 -15.50 21.49 -38.03
CA ALA X 146 -15.18 20.87 -36.75
C ALA X 146 -16.15 19.74 -36.44
N SER X 147 -17.44 20.01 -36.53
CA SER X 147 -18.44 18.99 -36.33
C SER X 147 -18.17 17.80 -37.22
N LEU X 148 -17.83 18.04 -38.48
CA LEU X 148 -17.63 16.94 -39.43
C LEU X 148 -16.33 16.21 -39.18
N ALA X 149 -15.27 16.94 -38.84
CA ALA X 149 -14.01 16.31 -38.46
C ALA X 149 -14.17 15.37 -37.24
N LEU X 150 -15.04 15.76 -36.32
CA LEU X 150 -15.34 14.93 -35.16
C LEU X 150 -16.02 13.64 -35.58
N ALA X 151 -16.98 13.75 -36.49
CA ALA X 151 -17.67 12.57 -37.04
C ALA X 151 -16.68 11.68 -37.79
N ASP X 152 -15.74 12.31 -38.49
CA ASP X 152 -14.70 11.59 -39.20
C ASP X 152 -13.79 10.83 -38.21
N ALA X 153 -13.61 11.38 -37.01
CA ALA X 153 -12.80 10.70 -35.98
C ALA X 153 -13.61 9.62 -35.24
N GLY X 154 -14.91 9.56 -35.53
CA GLY X 154 -15.80 8.58 -34.92
C GLY X 154 -16.12 8.93 -33.48
N ILE X 155 -16.07 10.22 -33.18
CA ILE X 155 -16.42 10.67 -31.85
C ILE X 155 -17.94 10.81 -31.75
N PRO X 156 -18.55 10.08 -30.80
CA PRO X 156 -19.99 10.03 -30.58
C PRO X 156 -20.56 11.40 -30.26
N MET X 157 -21.63 11.77 -30.95
CA MET X 157 -22.26 13.08 -30.81
C MET X 157 -23.77 12.94 -30.85
N ARG X 158 -24.46 13.90 -30.25
CA ARG X 158 -25.91 13.90 -30.28
C ARG X 158 -26.43 14.00 -31.71
N ASP X 159 -25.76 14.80 -32.53
CA ASP X 159 -26.19 15.08 -33.89
C ASP X 159 -25.06 15.83 -34.56
N LEU X 160 -25.11 15.97 -35.89
CA LEU X 160 -24.19 16.87 -36.60
C LEU X 160 -24.64 18.32 -36.39
N ILE X 161 -23.75 19.26 -36.62
CA ILE X 161 -24.11 20.66 -36.53
C ILE X 161 -24.09 21.30 -37.91
N ALA X 162 -25.15 22.07 -38.20
CA ALA X 162 -25.26 22.81 -39.46
C ALA X 162 -25.66 24.22 -39.15
N GLY X 163 -25.06 25.17 -39.85
CA GLY X 163 -25.39 26.59 -39.64
C GLY X 163 -25.38 27.52 -40.84
N VAL X 164 -26.08 28.65 -40.72
CA VAL X 164 -25.97 29.77 -41.65
C VAL X 164 -26.15 31.10 -40.96
N ALA X 165 -25.50 32.12 -41.51
CA ALA X 165 -25.78 33.48 -41.11
C ALA X 165 -26.95 33.99 -41.92
N VAL X 166 -28.02 34.33 -41.22
CA VAL X 166 -29.16 35.00 -41.84
C VAL X 166 -29.00 36.50 -41.51
N GLY X 167 -29.56 37.38 -42.32
CA GLY X 167 -29.37 38.80 -42.08
C GLY X 167 -30.39 39.71 -42.73
N LYS X 168 -30.14 41.02 -42.65
CA LYS X 168 -31.02 42.00 -43.26
C LYS X 168 -30.19 42.96 -44.11
N ALA X 169 -30.58 43.10 -45.38
CA ALA X 169 -29.80 43.86 -46.36
C ALA X 169 -30.34 45.26 -46.57
N ASP X 170 -31.33 45.44 -47.43
CA ASP X 170 -31.91 46.77 -47.61
C ASP X 170 -33.36 46.71 -47.16
N GLY X 171 -33.53 46.33 -45.90
CA GLY X 171 -34.84 46.10 -45.34
C GLY X 171 -35.26 44.70 -45.67
N VAL X 172 -34.42 44.00 -46.43
CA VAL X 172 -34.77 42.67 -46.93
C VAL X 172 -34.01 41.58 -46.18
N ILE X 173 -34.75 40.60 -45.68
CA ILE X 173 -34.17 39.46 -44.98
C ILE X 173 -33.55 38.48 -45.97
N ILE X 174 -32.26 38.21 -45.77
CA ILE X 174 -31.47 37.43 -46.71
C ILE X 174 -30.74 36.26 -46.03
N LEU X 175 -30.42 35.25 -46.83
CA LEU X 175 -29.82 34.01 -46.35
C LEU X 175 -28.39 33.84 -46.81
N ASP X 176 -27.48 33.62 -45.86
CA ASP X 176 -26.08 33.25 -46.13
C ASP X 176 -25.26 34.39 -46.73
N LEU X 177 -24.70 35.24 -45.88
CA LEU X 177 -24.16 36.54 -46.31
C LEU X 177 -22.78 36.55 -46.96
N ASN X 178 -22.63 37.50 -47.90
CA ASN X 178 -21.34 37.97 -48.43
C ASN X 178 -20.56 38.69 -47.38
N GLU X 179 -19.27 38.86 -47.61
CA GLU X 179 -18.54 39.88 -46.88
C GLU X 179 -19.12 41.27 -47.12
N THR X 180 -19.52 41.57 -48.38
CA THR X 180 -20.22 42.82 -48.72
C THR X 180 -21.46 43.00 -47.85
N GLU X 181 -22.33 41.99 -47.82
CA GLU X 181 -23.58 42.06 -47.07
C GLU X 181 -23.33 42.17 -45.55
N ASP X 182 -22.30 41.49 -45.06
CA ASP X 182 -21.89 41.58 -43.66
C ASP X 182 -21.45 43.00 -43.29
N MET X 183 -20.52 43.54 -44.06
CA MET X 183 -19.96 44.85 -43.82
C MET X 183 -20.95 46.02 -43.94
N TRP X 184 -21.99 45.88 -44.78
CA TRP X 184 -22.90 47.00 -45.04
C TRP X 184 -24.34 46.76 -44.62
N GLY X 185 -24.65 45.53 -44.22
CA GLY X 185 -26.01 45.16 -43.82
C GLY X 185 -26.41 45.73 -42.48
N GLU X 186 -27.72 45.70 -42.19
CA GLU X 186 -28.25 46.20 -40.91
C GLU X 186 -28.07 45.14 -39.84
N ALA X 187 -28.02 43.88 -40.24
CA ALA X 187 -28.01 42.77 -39.31
C ALA X 187 -27.28 41.55 -39.85
N ASP X 188 -26.67 40.82 -38.92
CA ASP X 188 -25.89 39.62 -39.19
C ASP X 188 -26.14 38.67 -38.04
N MET X 189 -26.81 37.56 -38.34
CA MET X 189 -27.29 36.67 -37.30
C MET X 189 -26.89 35.22 -37.56
N PRO X 190 -25.67 34.85 -37.16
CA PRO X 190 -25.24 33.48 -37.31
C PRO X 190 -26.06 32.55 -36.40
N ILE X 191 -26.58 31.47 -36.97
CA ILE X 191 -27.35 30.48 -36.23
C ILE X 191 -26.86 29.09 -36.60
N ALA X 192 -26.69 28.23 -35.60
CA ALA X 192 -26.27 26.86 -35.81
C ALA X 192 -27.11 25.89 -34.97
N MET X 193 -27.51 24.76 -35.56
CA MET X 193 -28.31 23.77 -34.86
C MET X 193 -27.83 22.33 -35.01
N MET X 194 -28.36 21.48 -34.13
CA MET X 194 -28.40 20.06 -34.33
C MET X 194 -29.79 19.79 -34.88
N PRO X 195 -29.90 19.80 -36.22
CA PRO X 195 -31.15 19.92 -36.96
C PRO X 195 -32.19 18.86 -36.67
N SER X 196 -31.75 17.64 -36.40
CA SER X 196 -32.67 16.54 -36.12
C SER X 196 -33.32 16.73 -34.78
N LEU X 197 -32.60 17.35 -33.87
CA LEU X 197 -33.08 17.57 -32.52
C LEU X 197 -33.75 18.93 -32.34
N ASN X 198 -33.68 19.77 -33.37
CA ASN X 198 -34.15 21.15 -33.32
C ASN X 198 -33.55 21.90 -32.14
N GLN X 199 -32.26 21.67 -31.92
CA GLN X 199 -31.54 22.27 -30.81
C GLN X 199 -30.54 23.27 -31.35
N VAL X 200 -30.66 24.51 -30.89
CA VAL X 200 -29.76 25.56 -31.34
C VAL X 200 -28.47 25.49 -30.52
N THR X 201 -27.38 25.53 -31.26
CA THR X 201 -26.06 25.26 -30.75
C THR X 201 -25.19 26.53 -30.68
N LEU X 202 -25.35 27.40 -31.67
CA LEU X 202 -24.75 28.74 -31.68
C LEU X 202 -25.84 29.73 -32.06
N PHE X 203 -25.91 30.86 -31.37
CA PHE X 203 -26.85 31.92 -31.75
C PHE X 203 -26.33 33.29 -31.42
N GLN X 204 -26.10 34.10 -32.44
CA GLN X 204 -25.61 35.48 -32.26
C GLN X 204 -26.29 36.42 -33.22
N LEU X 205 -26.44 37.67 -32.81
CA LEU X 205 -26.85 38.73 -33.70
C LEU X 205 -26.05 39.99 -33.45
N ASN X 206 -25.37 40.48 -34.48
CA ASN X 206 -24.85 41.84 -34.42
C ASN X 206 -25.60 42.67 -35.43
N GLY X 207 -25.97 43.88 -35.02
CA GLY X 207 -26.75 44.74 -35.85
C GLY X 207 -28.07 45.01 -35.18
N SER X 208 -29.13 45.11 -35.97
CA SER X 208 -30.39 45.63 -35.48
C SER X 208 -31.55 44.97 -36.22
N MET X 209 -32.59 44.59 -35.47
CA MET X 209 -33.80 43.97 -36.03
C MET X 209 -35.00 44.19 -35.12
N THR X 210 -36.17 44.30 -35.72
CA THR X 210 -37.40 44.29 -34.95
C THR X 210 -37.69 42.83 -34.62
N PRO X 211 -38.47 42.57 -33.52
CA PRO X 211 -38.83 41.21 -33.16
C PRO X 211 -39.39 40.41 -34.34
N ASP X 212 -40.22 41.07 -35.16
CA ASP X 212 -40.81 40.43 -36.34
C ASP X 212 -39.77 40.00 -37.33
N GLU X 213 -38.85 40.91 -37.66
CA GLU X 213 -37.74 40.62 -38.55
C GLU X 213 -36.91 39.47 -38.01
N PHE X 214 -36.67 39.50 -36.70
CA PHE X 214 -35.93 38.47 -36.02
C PHE X 214 -36.60 37.13 -36.26
N ARG X 215 -37.91 37.07 -36.09
CA ARG X 215 -38.62 35.81 -36.27
C ARG X 215 -38.60 35.31 -37.72
N GLN X 216 -38.78 36.23 -38.67
CA GLN X 216 -38.73 35.89 -40.09
C GLN X 216 -37.39 35.35 -40.50
N ALA X 217 -36.32 36.04 -40.08
CA ALA X 217 -34.96 35.63 -40.37
C ALA X 217 -34.65 34.26 -39.78
N PHE X 218 -35.15 34.04 -38.58
CA PHE X 218 -35.00 32.79 -37.87
C PHE X 218 -35.57 31.62 -38.68
N ASP X 219 -36.77 31.82 -39.26
CA ASP X 219 -37.43 30.80 -40.11
C ASP X 219 -36.63 30.47 -41.36
N LEU X 220 -36.06 31.51 -41.96
CA LEU X 220 -35.27 31.36 -43.16
C LEU X 220 -33.97 30.59 -42.91
N ALA X 221 -33.36 30.81 -41.74
CA ALA X 221 -32.15 30.09 -41.36
C ALA X 221 -32.40 28.58 -41.26
N VAL X 222 -33.57 28.22 -40.72
CA VAL X 222 -33.92 26.82 -40.53
C VAL X 222 -33.93 26.09 -41.86
N LYS X 223 -34.58 26.68 -42.87
CA LYS X 223 -34.66 26.05 -44.20
C LYS X 223 -33.27 25.88 -44.80
N GLY X 224 -32.44 26.91 -44.67
CA GLY X 224 -31.07 26.87 -45.11
C GLY X 224 -30.33 25.77 -44.37
N ILE X 225 -30.49 25.77 -43.04
CA ILE X 225 -29.82 24.79 -42.19
C ILE X 225 -30.19 23.36 -42.59
N ASN X 226 -31.47 23.13 -42.84
CA ASN X 226 -31.94 21.81 -43.29
C ASN X 226 -31.35 21.32 -44.60
N ILE X 227 -31.05 22.23 -45.52
CA ILE X 227 -30.43 21.87 -46.78
C ILE X 227 -28.96 21.51 -46.55
N ILE X 228 -28.27 22.35 -45.80
CA ILE X 228 -26.88 22.11 -45.45
C ILE X 228 -26.70 20.77 -44.72
N TYR X 229 -27.65 20.47 -43.84
CA TYR X 229 -27.63 19.24 -43.05
C TYR X 229 -27.62 17.98 -43.90
N ASN X 230 -28.49 17.94 -44.92
CA ASN X 230 -28.54 16.80 -45.84
C ASN X 230 -27.23 16.61 -46.57
N LEU X 231 -26.56 17.71 -46.88
CA LEU X 231 -25.28 17.67 -47.54
C LEU X 231 -24.22 17.11 -46.62
N GLU X 232 -24.28 17.51 -45.35
CA GLU X 232 -23.37 16.97 -44.34
C GLU X 232 -23.54 15.48 -44.20
N ARG X 233 -24.80 15.05 -44.09
CA ARG X 233 -25.14 13.63 -44.04
C ARG X 233 -24.58 12.84 -45.20
N GLU X 234 -24.68 13.40 -46.40
CA GLU X 234 -24.18 12.76 -47.62
C GLU X 234 -22.65 12.74 -47.62
N ALA X 235 -22.03 13.82 -47.12
CA ALA X 235 -20.57 13.91 -47.02
C ALA X 235 -20.02 12.82 -46.14
N LEU X 236 -20.82 12.43 -45.16
CA LEU X 236 -20.47 11.37 -44.22
C LEU X 236 -20.35 10.01 -44.91
N LYS X 237 -21.23 9.75 -45.88
CA LYS X 237 -21.21 8.49 -46.60
C LYS X 237 -20.18 8.47 -47.74
N SER X 238 -20.13 9.55 -48.52
CA SER X 238 -19.30 9.56 -49.73
C SER X 238 -17.95 10.27 -49.56
N LYS X 239 -17.73 10.90 -48.41
CA LYS X 239 -16.50 11.64 -48.12
C LYS X 239 -16.29 12.91 -48.96
N TYR X 240 -17.18 13.15 -49.93
CA TYR X 240 -17.05 14.29 -50.83
C TYR X 240 -18.41 14.73 -51.37
N VAL X 241 -18.70 16.02 -51.27
CA VAL X 241 -19.96 16.55 -51.72
C VAL X 241 -19.77 17.94 -52.36
N GLU X 242 -20.33 18.10 -53.56
CA GLU X 242 -20.43 19.40 -54.21
C GLU X 242 -21.89 19.79 -54.38
N PHE X 243 -22.19 21.05 -54.11
CA PHE X 243 -23.54 21.55 -54.23
C PHE X 243 -23.50 22.94 -54.84
N LYS X 244 -24.03 23.08 -56.05
CA LYS X 244 -24.13 24.38 -56.70
C LYS X 244 -25.25 25.18 -56.02
N GLU X 245 -25.12 26.51 -55.99
CA GLU X 245 -26.09 27.40 -55.35
C GLU X 245 -27.52 27.15 -55.82
N GLU X 246 -28.46 27.18 -54.89
CA GLU X 246 -29.89 27.18 -55.27
C GLU X 246 -30.82 27.66 -54.15
N GLY X 247 -32.08 27.91 -54.52
CA GLY X 247 -33.10 28.43 -53.61
C GLY X 247 -33.55 27.46 -52.55
N VAL X 248 -33.94 28.03 -51.41
CA VAL X 248 -34.48 27.26 -50.28
C VAL X 248 -35.85 26.65 -50.61
#